data_7ZDJ
#
_entry.id   7ZDJ
#
_cell.length_a   1.00
_cell.length_b   1.00
_cell.length_c   1.00
_cell.angle_alpha   90.00
_cell.angle_beta   90.00
_cell.angle_gamma   90.00
#
_symmetry.space_group_name_H-M   'P 1'
#
loop_
_entity.id
_entity.type
_entity.pdbx_description
1 polymer 'Complex I-49kD'
2 polymer 'NADH-ubiquinone oxidoreductase chain 3'
3 polymer 'NADH-ubiquinone oxidoreductase chain 1'
4 polymer 'NADH-ubiquinone oxidoreductase chain 6'
5 polymer 'NADH-ubiquinone oxidoreductase chain 4L'
6 polymer 'NADH-ubiquinone oxidoreductase chain 5'
7 polymer 'NADH-ubiquinone oxidoreductase chain 4'
8 polymer 'NADH-ubiquinone oxidoreductase chain 2'
9 polymer 'Complex I-B14.7'
10 polymer 'Complex I-SGDH'
11 polymer 'Acyl carrier protein'
12 polymer 'NADH dehydrogenase [ubiquinone] 1 alpha subcomplex subunit 8'
13 polymer 'Complex I-PDSW'
14 polymer 'NADH dehydrogenase [ubiquinone] 1 alpha subcomplex subunit 10, mitochondrial'
15 polymer 'NADH dehydrogenase [ubiquinone] iron-sulfur protein 5'
16 polymer 'Complex I-B9'
17 polymer 'Complex I-B12'
18 polymer 'NADH dehydrogenase [ubiquinone] 1 subunit C2'
19 polymer 'NADH:ubiquinone oxidoreductase subunit B4'
20 polymer 'NADH dehydrogenase [ubiquinone] 1 alpha subcomplex subunit 13'
21 polymer 'Mitochondrial complex I, B17 subunit'
22 polymer 'Complex I-B18'
23 polymer 'Complex I-B22'
24 polymer 'Complex I-AGGG'
25 polymer 'NADH dehydrogenase [ubiquinone] 1 beta subcomplex subunit 8, mitochondrial'
26 polymer 'Complex I-ESSS'
27 polymer 'Complex I-KFYI'
28 polymer 'Complex I-MNLL'
29 polymer 'Complex I-MWFE'
30 polymer 'NADH dehydrogenase [ubiquinone] flavoprotein 1, mitochondrial'
31 polymer 'NADH dehydrogenase [ubiquinone] flavoprotein 2, mitochondrial'
32 polymer 'NADH-ubiquinone oxidoreductase 75 kDa subunit, mitochondrial'
33 polymer 'Complex I-30kD'
34 polymer 'Complex I-20kD'
35 polymer 'Complex I-23kD'
36 polymer 'Complex I-9kD'
37 polymer 'NADH dehydrogenase [ubiquinone] iron-sulfur protein 6, mitochondrial'
38 polymer 'NADH dehydrogenase [ubiquinone] iron-sulfur protein 4, mitochondrial'
39 polymer 'NADH:ubiquinone oxidoreductase subunit A9'
40 polymer 'NADH dehydrogenase [ubiquinone] 1 alpha subcomplex subunit 2'
41 polymer 'Complex I subunit B13'
42 polymer 'Complex I-B14'
43 polymer 'Mitochondrial complex I, B14.5a subunit'
44 polymer 'NADH dehydrogenase [ubiquinone] 1 alpha subcomplex subunit 12'
45 non-polymer 'S-[2-({N-[(2S)-2-hydroxy-3,3-dimethyl-4-(phosphonooxy)butanoyl]-beta-alanyl}amino)ethyl] tetradecanethioate'
46 non-polymer 'MYRISTIC ACID'
47 non-polymer 'IRON/SULFUR CLUSTER'
48 non-polymer 'FLAVIN MONONUCLEOTIDE'
49 non-polymer '1,4-DIHYDRONICOTINAMIDE ADENINE DINUCLEOTIDE'
50 non-polymer 'FE2/S2 (INORGANIC) CLUSTER'
51 non-polymer 'POTASSIUM ION'
52 non-polymer 'ZINC ION'
53 non-polymer 'NADPH DIHYDRO-NICOTINAMIDE-ADENINE-DINUCLEOTIDE PHOSPHATE'
#
loop_
_entity_poly.entity_id
_entity_poly.type
_entity_poly.pdbx_seq_one_letter_code
_entity_poly.pdbx_strand_id
1 'polypeptide(L)'
;MAALRALRRLRGAAAQVLRPGAGARLPIQPSRGARQWQPDVEWAEQYGGAVMYPTKETAHWKPPPWNDVDPPKDTLVSNL
TLNFGPQHPAAHGVLRLVMELSGEMVRKCDPHIGLLH(2MR)GTEKLIEYKTYLQALPYFDRLDYVSMMCNEQAYSLAVE
KLLNIQPPPRAQWIRVLFGEITRLLNHIMAVTTHALDIGAMTPFFWMFEEREKMFEFYERVSGARMHAAYVRPGGVHQDL
PLGLMDDIYEFSKNFSLRIDELEEMLTNNRIWRNRTVDIGVVTAEDALNYGFSGVMLRGSGIQWDLRKTQPYDVYDQVEF
DVPIGSRGDCYDRYLCRVEEMRQSIRIISQCLNKMPPGEIKVDDAKVSPPKRAEMKTSMESLIHHFKLYTEGYQVPPGAT
YTAIEAPKGEFGVYLVSDGSSRPYRCKIKAPGFAHLAGLDKMSKGHMLADVVAIIGTQDIVFGEVDR
;
4
2 'polypeptide(L)'
;MNLMITLLTNFTLATLLVTIAFWLPQLNVYSEKTSPYECGFDPMGSARLPFSMKFFLVAITFLLFDLEIALLLPLPWASQ
TTNLNTMLTMALLLIFLLAVSLAYEWTQKGLEWTE
;
A
3 'polypeptide(L)'
;MFMINVLTLIIPILLAVAFLTLVERKVLGYMQFRKGPNVVGPYGLLQPIADAIKLFIKEPLRPATSSISMFILAPILALT
LALTMWIPLPMPYPLINMNLGVLFMLAMSSLAVYSILWSGWASNSKYALIGALRAVAQTISYEVTLAIILLSVLLMNGSF
TLSTLIITQEQVWLIFPAWPLAMMWFISTLAETNRAPFDLTEGESELVSGFNVEYAAGPFALFFMAEYANIIMMNIFTTT
LFLGAFHNPYMPELYTINFTIKSLLLSITFLWIRASYPRFRYDQLMHLLWKNFLPLTLALCMWHVSLPILLSSIPPQT
;
H
4 'polypeptide(L)'
;MMTYIVFILSIIFVMGFVGFSSKPSPIYGGLGLIVSGGVGCGIVLNFGGSFLGLMVFLIYLGGMMVVFGYTTAMATEQYP
EVWVSNKVVLGTFITGLLMEFLMVYYVLKDKEVEIVFKFNGMGDWVIYDTGDSGFFSEEAMGIAALYSYGTWLVIVTGWS
LLIGVVVIMEITRGN
;
J
5 'polypeptide(L)'
;(FME)SLVYMNIMMAFTVSLTGLLMYRSHLMSSLLCLEGMMLSLFILATLMILNSHFTLASMMPIILLVFAACEAALGLS
LLVMVSNTYGTDYVQNLNLLQC
;
K
6 'polypeptide(L)'
;(FME)NLFSSLTLVTLILLTMPIAAINFNTHKFTNYPLYVKTTISCAFITSMIPTMMFIHTGQEMIISNWHWLTIQTLKL
SLSFKMDFFSMMFVPVALFVTWSIMEFSMWYMHSDPNINQFFKYLLLFLITMLILVTANNLFQLFIGWEGVGIMSFLLIG
WWYGRTDANTAALQAILYNRIGDIGFILAMAWFLINLNTWDLQQIFMLNPNDSNLPLMGLILAATGKSAQFGLHPWLPSA
MEGPTPVSALLHSSTMVVAGIFLLIRFYPLTENNKFGQSIMLCLGAMTTLFTAMCALTQNDIKKIIAFSTSSQLGLMMVT
IGINQPHLAFLHICTHAFFKAMLFMCSGSIIHSLNDEQDIRKMGGLFKAMPFTTTALIIGSLALTGMPFLTGFYSKDLII
ESANTSYTNAWALLMTLVATSFTAIYSTRIIFFALLGQPRFPTLININENNPFLINSIKRLLIGSLFAGFIISNNIPPMT
IPQMTMPHYLKMTALTVTILGFILALEISNTTHYLKFNYPSNTFKFSNLLGYYPTIMHRLTPYMNLTMSQKSASSLLDLI
WLETILPKTISLAQMKMSTTITSQKGLIKLYFLSFLITILISTTLLNFHE
;
L
7 'polypeptide(L)'
;(FME)LKYIIPTMMLMPLTWLSKNSMIWINTTLHSLLISLTSLLLLNQFGDNSLNFSLTFFSDSLSTPLLILTMWLLPLM
LMASQHHLSKENLARKKLFISMLILLQLFLIMTFTATELIFFYIMFEATLVPTLIIITRWGNQTERLNAGLYFLFYTLAG
SLPLLVALIYIQNTMGSLNFLILQYWVQPMPNSWSNTFMWLACMMAFMVKMPLYGLHLWLPKAHVEAPIAGSMVLAAILL
KLGGYGMMRITLLLNPITDFMAYPFIMLSLWGMIMTSSICLRQTDLKSLIAYSSVSHMALVIVAILIQTPWSYMGATALM
IAHGLTSSMLFCLANSNYERVHSRTMILARGLQTLLPLMAAWWLLASLTNLALPPSINLIGELFVVMSTFSWSNITIILM
GLNMVITALYSLYMLITTQRGKHTHHINNILPSFTRENALMSLHMLPLLLLSLNPKIILGPLY
;
M
8 'polypeptide(L)'
;MNPIILIIILMTVMLGTIIVMISTHWLLIWIGFEMNMLAIIPIMMKKHNPRATEASTKYFLTQSTASMLLMMAIIINLMF
SGQWTVMKLFNPMASMLMTMALAMKLGMAPFHFWVPEVTQGIPLSSGLILLTWQKLAPMSVLYQILPSINLDLILTLSIL
SITIGGWGGLNQTQLRKIMAYSSIAHMGWMTAVLLYNPTMTLLNLIIYIIMTSTMFTLFMANSTTTTLSLSHTWNKAPIM
TILVLITLLSMGGLPPLSGFMPKWMIIQEMTKNDSIILPTLMAITALLNLYFYMRLTYSTALTMFPSTNNMKMKWQFPTT
KRMTLLPTMTVLSTMLLPLTPILSILE
;
N
9 'polypeptide(L)'
;(AYA)KTLLHQYWDIPEGTECHRKTYAATSIGGASGLVVSAYSVALKTPTSFLEGVARTGRYTFTAAAIGAIFGLTSCIS
AQVREKPDDPLNYLIGGCAGGLTLGARTRSYGIGAAACAYMGLTAALVKMGQLEGWKVFAEPKV
;
V
10 'polypeptide(L)'
;GKRLFIIKPSGFYDKRFLKLLRFYILLTGIPVVIGITLINVFIGEAELAEIPEGYVPEHWEYFKHPISRWIARTFFDAPE
KNYERTMAILQIESEKAELRLKELEVRRLMRAKGDGPWFQYPTIDKALIDHSPKATPDN
;
W
11 'polypeptide(L)'
;VEVKDFYTTNYQTAVSFSPLGPMPSMALMAVSLSGANVPKSGGRPEESRVPVLTQRKVPGRVTPLCRQYSDAPPLTLEGI
KDRVLYVLKLYDKIDPEKLSVNSHFMKDLGLDSLDQVEIIMAMEDEFGFEIPDIDAEKLMCPQEIVDYIADKKDVYE
;
X,j
12 'polypeptide(L)'
;PGIVELPSLEDLKVQEVKVSSSVLKAAAHHYGAQCDKPNKEFMLCRWEEKDPRRCLEEGKLVNQCALEFFRQIKRHCAEP
FTEYWTCIDYSGLQLFRRCRKEQAQFDKCVLDKLGWVRPDLGELSKVTKVKTDRPLPENPYHSRARPEPNPEVEGDLKPA
RHGSRLFFWTM
;
Y
13 'polypeptide(L)'
;SWDKDVYPEPPRRTPAPSPQTSLPNPITYLTKAFDLLVDRPVTLVREFIERQHAKNKYYYYHREFRRVPDITECHEKDVL
CMFEAEMQWKRDYKVDQEIVNIIQERLKACQQREGESHRQNCAKELQQFTQVVKAYQDRYHDLGAHYSARKCLAKQKQRM
LAERKATKEAA
;
Z
14 'polypeptide(L)'
;LQYGPLAYILGEKTTKKMTENSKLITVDGNICSGK(SEP)KLAKEVAEKLGLKHFPEAGIHYADSTTGDGKPLPVRFSGN
CSLEKFYDDPKSNDGNSYRLQAWLYASRLLQYADALEHLLSTGQGVVLERSIYSDFVFLEAMYRQGFIRKQCVDHYNQVK
KVTVCEYLPPHVVIYVDVPVSEVQSRIQKKGNPHEMKITSAYLQDIENVYKGTFLPEMSEKCEVLQYSAWEAEDAEKVVE
DIQYLKYDKGPWLDQDDRKLHNLRMLVQDKLEVLNYTSIPVFLPEVTIGAHQSDRVFQEFTELPGRKYRAGYNEDVGDKW
IWLK
;
k
15 'polypeptide(L)'
;PFFDVQKKLGVDLDHWMTIQSAEQPHRIPARCHAFEKEWIECAHGIGSIRAEKECKIEFEDFRECLLRQKTMKRLNAIKR
QRDKLIKEGKYTPPPHHSGQEDLRP
;
l
16 'polypeptide(L)' VAAFLKNVWAKEPVLVASFAIAGLAVILPTLSPYTKYSLMINRATPYNYPVPLRDDGNMPDVPSHPQDPQGPSLEWLKRL m
17 'polypeptide(L)' SKMELPDYKQWKIEGTPLETVQEKLAARGLRDPWGRNEAWRYMGGFANNVSFVGALLKGFKWGFAAFVVAVGAEYYLES n
18 'polypeptide(L)'
;MMTGRQARAPLQFLPDEARSLPPPKLTDPRLAYIGFLGYCSGLIDNAIRRRPVLSAGLHRQFLYITSFVFVGYYLLKRQD
YMYAVRDHDMFSYIKSHPEDFPEKDKKTYREVFEEFHPVR
;
o
19 'polypeptide(L)'
;SFPKYEPSRLASLPTTLDPAEYDISSETRKAQAERLAIRSRLKREYQLQYNDPSRRGVVEDPALIRWTCARSANVYPNFR
PNTKTSLLGALFGIGPLIFWYYVFKTDRDRKEKLIQEGKLDRTFNISY
;
p
20 'polypeptide(L)'
;MAASKVKQDMPPVGGYGPIDYKRNLPRRGLSGYSMFAVGIGALLFGYWSMMRWNRERRRLQIEDFEARIALMPLLQAEKD
RRVLQMLRENLEEEATIMKDVPGWKVGESVFHTTRWVTPMMGELYGLRTGEEILSSTYGFIWYT
;
q
21 'polypeptide(L)'
;MSGYTPDEKLRLQQLRELRRRWLKDQELSPREPVLPPRRVSPVERFWNKFLQDGALWKNVIYKTYRHSIFAFTHVLIPVW
IIHYYLKYHVTTKPYTIVEKKPRIFPGDTILETGEVIPPMKEFPDQHH
;
r
22 'polypeptide(L)'
;GAHLARRYLGDASVEPEPLRMPTFPPDYGFPERKEREMVATQQEMNDAQLVLQQRDYCAHYLIRFLKCKRDSFPNFLACK
HEQHDWDYCEHLDYVKRMKEFERERRLLQRKKRREQREADMA
;
s
23 'polypeptide(L)'
;AFLPSAAYLTHQQKVLQLYKRALRHLESRCVHRDKYRYFACLLRARFDEHKNEKDMVKATQLLREAEKEFWHGQHPQPYI
FPESPGGTSYERYECYKVPEWCLDDWHPSEKAMYPDYFAKREQWKKLRRESWEREVKQLQEETPVGGPRTEALPPARKQG
DLPPLWWHIVTRPRERP
;
t
24 'polypeptide(L)' AHIEPRYRQFPQLTRSQVIQAEFFSATMWFWILWRFWHDSDAVLGHFPYPDPSQWTDEELGIPPD u
25 'polypeptide(L)'
;ITKDMLPGPYPKTPEERAAAAKKYNMRVEDYEPYPDDGMGYGDYPKLPDRSQQERDPWYDWDHPDLRLNWGEPMHWDLDM
YIRNRVDTSPTPVNWNLMCKHLFGFVAFMLFMFWVGETYPTYQPVGPKQYPYNNLYLERGGDPNKEPEPVVHYEI
;
v
26 'polypeptide(L)'
;TLRWQEDPEPEDENLYEKNPDSHGYDKDPAVDVWNMRVVFFFGFSIVLVLGSTFVAYLPDYRMQEWARREAERLVKYREA
HGLPLMESNCFDPSKIQLPED
;
w
27 'polypeptide(L)' KFYIQEPPHGSPNWLKVGLTLGTSAFLWIYLIKQHNEDVLEYKRRNGLE x
28 'polypeptide(L)' RDHWIHVLVPVGFVFGYYLDRKNDEKLAAFRNKSLLYKRELKPQEEVTWK y
29 'polypeptide(L)' MWFEVLPGIAVMGVCLFIPGMATARIHRFSNGGREKRVAHYSYQWYLMERDRRVSGVNRYYVSKGLENID z
30 'polypeptide(L)'
;KTSFGSLKDEDRIFTNLYGRHDWRLKGAQSRGDWYKTKEILLKGPDWILGEVKTSGLRGRGGAGFPTGLKWSFMNKPSDG
RPKYLVVNADEGEPGTCKDREIIRHDPHKLVEGCLVGGRAMGARAAYIYIRGEFYNEASNLQVAIREAYEAGLIGKNACG
SGYDFDVFVVRGAGAYICGEETALIESIEGKQGKPRLKPPFPADVGVFGCPTTVANVETVAVSPTICRRGGAWFASFGRE
RNSGTKLFNISGHVNNPCTVEEEMSVPLKELIEKHAGGVTGGWDNLLAVIPGGSSTPLIPKSVCETVLMDFDALIQAQTG
LGTAAVIVMDRSTDIVKAIARLIEFYKHESCGQCTPCREGVDWMNKVMARFVRGDARPAEIDSLWEISKQIEGHTICALG
DGAAWPVQGLIRHFRPELEERMQRFAQQHQ
;
1
31 'polypeptide(L)'
;ALFVHRDTPKNNPETPFDFTPENYKRIEAIVKNYPEGHKAAAVLPVLDLAQRQNGWLPISAMNKVAEILQVPPMRVYEVA
TFYTMYNRKPVGKYHIQVCTTTPCMLRNSDSILEAIQKKLGIKVGETTPDKLFTLIEVECLGACVNAPMVQINDNYYEDL
TPKDIEEIIDELKAGKIPKPGPRSGRFSCEPAGGLTSLTEPPKGPGFGVQAGL
;
2
32 'polypeptide(L)'
;SNLIEVFVDGQSVMVEPGTTVLQACEKVGMQIPRFCYHERLSVAGNCRMCLVEIEKAPKVVAACAMPVMKGWNILTNSEK
TKKAREGVMEFLLANHPLDCPICDQGGECDLQDQSMMFGSDRSRFLEGKRAVEDKNIGPLVKTIMTRCIQCTRCIRFASE
IAGVDDLGTTGRGNDMQVGTYIEKMFMSELSGNIIDICPVGALTSKPYAFTARPWETRKTESIDVMDAVGSNIVVSTRTG
EVMRILPRMHEDINEEWISDKTRFAYDGLKRQRLTEPMVRNEKGLLTHTTWEDALSRVAGMLQSCQGNDVAAIAGGLVDA
EALIALKDLLNRVDSDTLCTEEVFPTAGAGTDLRSNYLLNTTIAGVEEADVVLLVGTNPRFEAPLFNARIRKSWLHNDLK
VALIGSPVDLTYRYDHLGDSPKILQDIASGSHPFSQVLQEAKKPMVVLGSSALQRNDGAAILAAVSNIAQKIRTSSGVTG
DWKVMNILHRIASQVAALDLGYKPGVEAIRKNPPKMLFLLGADGGCVTRQDLPKDCFIVYQGHHGDVGAPIADVILPGAA
YTEKSATYVNTEGRAQQTKVAVMPPGLAREDWKIIRALSEIAGMTLPYDTLDQVRNRLEEVSPNLVRYDDVEGANYFQQA
SELSKLVNQQLLADPLVPPQLTIKDFYMTDSISRASQTMAKCVKAVTE
;
3
33 'polypeptide(L)'
;TRPTVRPRNDVAHKQLSAFGEYVAEILPKYVQQVQVSCFSELEICIHPDGVIPVLTFLRDHSNAQFKSLADLTAVDIPTR
QNRFEIVYNLLSLRFNSRIRVKTYTDELTPVESSVSVYKAANWYEREIWDMFGVFFANHPDLRRILTDYGFEGHPFRKDF
PLSGYVELRYDDEVKRVVAEPVELAQEFRKFDLNSPWEAFPAYRQPPE
;
5
34 'polypeptide(L)'
;SRGEYVVAKLDDLINWARRSSLWPMTFGLACCAVEMMHMAAPRYDMDRFGVVFRASPRQSDVMIVAGTLTNKMAPALRKV
YDQMPEPRYVVSMGSCANGGGYYHYSYSVVRGCDRIVPVDIYVPGCPPTAEALLYGILQLQKKIKREKRLRIWYRR
;
6
35 'polypeptide(L)'
;TYKYVNLREPSMDMKSVTDRAAQTLLWTELIRGLGMTLSYLFREPATINYPFEKGPLSPRFRGEHALRRYPSGEERCIAC
KLCEAVCPAQAITIEAEPRADGSRRTTRYDIDMTKCIYCGFCQEACPVDAIVEGPNFEFSTETHEELLYNKEKLLNNGDK
WEAEIAANIQADYLYR
;
9
36 'polypeptide(L)' PFDNTTYKNLQHHDYSTYTFLDLNLDLSKFRMPQPSSGRESPRH a
37 'polypeptide(L)'
;GVRTSPTGEKVTHTGQVYDDEDYRRVRFVGRQKEVNENFAIDLIAEQPVSQVGSRVISCDGGGGALGHPRVYINLDKETK
TGTCGYCGLQFRQQH
;
b
38 'polypeptide(L)'
;TQLITVDEKLDITTLTGVPEEHIKTRKARIFVPARNNMQSGVNNTKKWKMEFDTRERWENPLMGWASTADPLSNLVLTFS
TKEDAIAFAEKNGWSYDVEERKVPKPKSKSYGANFSWNKRTRVSTK
;
c
39 'polypeptide(L)'
;MAAAVHLRVVRVLPMSRSSVPALAASVFHSPPQRQLHHAVIPHGKGGRSSVSGIVATVFGATGFLGRYLVNHLGRMGSQV
IVPYRCEPYDTMHLRPMGDLGQIIFMDWNGRDKDSIRRAVEHSNVVINLVGREWETKNFDFEDVFVKIPQAIAQVSKEAG
VEKFIHISHLNADIKSSSKYLRNKAVGEKEVRETFPEATIIKPADIFGREDRFLNYFANIRWFGGVPLISLGKKTVKQPV
YIVDVTKGIINAIKDPDARGKTFAFVGPNRYLLFDLVQYVFAVAHRPFLPYPMPHFAYRWIGRLFEISPFEPWTTRDKVE
RIHTTDRTLPHLPGLEDLGVQATPLELKAIEVLRRHRTYRWLSSEIEDVQPAKTVPASGP
;
d
40 'polypeptide(L)'
;LGLREIRIHLCQRSPGSQGVRDFIEKRYVELKKANPDLPILIRECSDVQPKLWARYAFGQEKNVSLNNFSADQVTRALEN
VLSSKA
;
e
41 'polypeptide(L)'
;LLKKTTGLVGLAVCETPHERLKILYTKILDVLGHIPKNAAYRKYTEQITNEKLSIVKAEPDVKKLEEQLQGGQIEEVILQ
AENELSLARKMIQWKPWEPLVEEPPASQWKWPI
;
f
42 'polypeptide(L)'
;TSVKPIFSRDMNEAKRRVRELYRAWYREVPNTVHLFQLDISVKQGRDKVREMFKKNAHVTDPRVVDLLVIKGKMELEETI
NVWKQRTHVMRFFHETEAPRPKDFLSKFYVGHDP
;
g
43 'polypeptide(L)'
;KM(AYA)SATRLIQGLRNWASGRDLQAKLQLRYQEISKRTQPPPKLPVGPSHRLSNNYYCARDGRREAMPPSIVMSSQKV
LVAGKPAESSAVAASEKKAVSPAPPIKRWELSQDEPYL
;
h
44 'polypeptide(L)'
;MELLQVLKRGLQQVSGHGGLRGYLRVLFRANDVRVGTLVGEDKYGNKYYEDNKQFFGRHRWVIYTTEMNGKNTFWDVDGS
MVPPEWHRWLHCMTDDPPTVKPPTARKFIWTNHKFNLSGTPQQYVPYSTTRKKIQEWVPPSTPYK
;
i
#
# COMPACT_ATOMS: atom_id res chain seq x y z
N ALA A 34 38.63 3.16 38.46
CA ALA A 34 38.50 4.12 39.55
C ALA A 34 37.07 4.20 40.06
N ARG A 35 36.18 4.72 39.22
CA ARG A 35 34.79 4.87 39.61
C ARG A 35 34.04 3.57 39.37
N GLN A 36 32.79 3.54 39.83
CA GLN A 36 31.96 2.35 39.69
C GLN A 36 31.54 2.14 38.25
N TRP A 37 31.69 0.91 37.76
CA TRP A 37 31.29 0.59 36.40
C TRP A 37 29.78 0.60 36.27
N GLN A 38 29.27 1.23 35.22
CA GLN A 38 27.86 1.24 34.87
C GLN A 38 27.71 0.83 33.42
N PRO A 39 26.57 0.24 33.05
CA PRO A 39 26.44 -0.34 31.70
C PRO A 39 26.56 0.71 30.60
N ASP A 40 27.33 0.35 29.56
CA ASP A 40 27.58 1.18 28.41
C ASP A 40 26.57 0.85 27.31
N VAL A 41 26.86 1.31 26.09
CA VAL A 41 25.91 1.19 24.98
C VAL A 41 25.73 -0.27 24.56
N GLU A 42 26.82 -1.03 24.46
CA GLU A 42 26.71 -2.40 23.98
C GLU A 42 26.02 -3.32 24.99
N TRP A 43 26.17 -3.05 26.28
CA TRP A 43 25.43 -3.80 27.29
C TRP A 43 23.93 -3.59 27.15
N ALA A 44 23.52 -2.33 26.97
CA ALA A 44 22.11 -2.04 26.77
C ALA A 44 21.61 -2.57 25.43
N GLU A 45 22.49 -2.67 24.44
CA GLU A 45 22.08 -3.20 23.14
C GLU A 45 21.87 -4.71 23.21
N GLN A 46 22.76 -5.43 23.89
CA GLN A 46 22.56 -6.87 24.05
C GLN A 46 21.45 -7.19 25.03
N TYR A 47 21.04 -6.23 25.86
CA TYR A 47 19.87 -6.40 26.70
C TYR A 47 18.58 -5.89 26.06
N GLY A 48 18.64 -5.36 24.85
CA GLY A 48 17.48 -4.73 24.25
C GLY A 48 17.16 -5.13 22.83
N GLY A 49 17.41 -6.38 22.48
CA GLY A 49 17.10 -6.89 21.16
C GLY A 49 15.67 -7.40 21.06
N ALA A 50 15.42 -8.18 20.01
CA ALA A 50 14.10 -8.80 19.86
C ALA A 50 13.92 -9.96 20.83
N VAL A 51 14.97 -10.77 21.02
CA VAL A 51 14.96 -11.88 21.98
C VAL A 51 16.28 -11.86 22.73
N MET A 52 16.27 -12.49 23.91
CA MET A 52 17.50 -12.59 24.70
C MET A 52 18.49 -13.55 24.07
N TYR A 53 18.01 -14.68 23.54
CA TYR A 53 18.88 -15.73 23.02
C TYR A 53 18.50 -16.00 21.57
N PRO A 54 19.03 -15.23 20.62
CA PRO A 54 18.68 -15.46 19.21
C PRO A 54 19.32 -16.73 18.67
N THR A 55 18.56 -17.45 17.84
CA THR A 55 19.03 -18.61 17.13
C THR A 55 18.91 -18.36 15.63
N LYS A 56 19.12 -19.41 14.85
CA LYS A 56 18.99 -19.31 13.40
C LYS A 56 17.55 -19.00 12.98
N GLU A 57 16.57 -19.62 13.65
CA GLU A 57 15.18 -19.42 13.28
C GLU A 57 14.71 -18.00 13.61
N THR A 58 14.99 -17.54 14.83
CA THR A 58 14.59 -16.20 15.25
C THR A 58 15.67 -15.15 14.99
N ALA A 59 16.18 -15.14 13.76
CA ALA A 59 17.18 -14.17 13.35
C ALA A 59 16.58 -12.98 12.61
N HIS A 60 15.44 -13.16 11.95
CA HIS A 60 14.79 -12.09 11.20
C HIS A 60 13.72 -11.37 12.00
N TRP A 61 13.55 -11.70 13.27
CA TRP A 61 12.47 -11.13 14.07
C TRP A 61 12.79 -9.68 14.41
N LYS A 62 11.92 -8.78 14.03
CA LYS A 62 12.13 -7.37 14.33
C LYS A 62 11.43 -6.99 15.62
N PRO A 63 11.95 -6.00 16.35
CA PRO A 63 11.25 -5.51 17.53
C PRO A 63 9.95 -4.83 17.15
N PRO A 64 8.93 -4.90 18.00
CA PRO A 64 7.67 -4.23 17.70
C PRO A 64 7.83 -2.71 17.76
N PRO A 65 6.97 -1.97 17.05
CA PRO A 65 7.05 -0.52 17.09
C PRO A 65 6.73 0.04 18.47
N TRP A 66 7.24 1.24 18.73
CA TRP A 66 7.13 1.84 20.05
C TRP A 66 5.69 2.17 20.40
N ASN A 67 4.91 2.65 19.43
CA ASN A 67 3.49 2.91 19.64
C ASN A 67 2.62 1.72 19.32
N ASP A 68 3.23 0.60 18.89
CA ASP A 68 2.53 -0.63 18.50
C ASP A 68 1.51 -0.38 17.40
N VAL A 69 1.86 0.50 16.47
CA VAL A 69 1.02 0.82 15.31
C VAL A 69 1.83 0.52 14.06
N ASP A 70 1.29 -0.33 13.21
CA ASP A 70 1.97 -0.69 11.97
C ASP A 70 1.58 0.25 10.85
N PRO A 71 2.42 0.37 9.83
CA PRO A 71 2.01 1.06 8.61
C PRO A 71 0.77 0.42 8.01
N PRO A 72 -0.15 1.23 7.46
CA PRO A 72 -1.42 0.69 6.97
C PRO A 72 -1.36 0.01 5.62
N LYS A 73 -0.16 -0.23 5.09
CA LYS A 73 0.07 -0.91 3.82
C LYS A 73 -0.66 -0.25 2.64
N SER A 78 -9.42 2.67 -1.92
CA SER A 78 -9.49 2.99 -3.34
C SER A 78 -10.88 3.46 -3.74
N ASN A 79 -10.99 4.09 -4.91
CA ASN A 79 -12.26 4.57 -5.43
C ASN A 79 -12.72 3.67 -6.56
N LEU A 80 -13.95 3.18 -6.45
CA LEU A 80 -14.53 2.32 -7.46
C LEU A 80 -14.81 3.11 -8.73
N THR A 81 -14.56 2.49 -9.89
CA THR A 81 -14.75 3.14 -11.17
C THR A 81 -15.63 2.25 -12.05
N LEU A 82 -16.70 2.84 -12.60
CA LEU A 82 -17.63 2.11 -13.44
C LEU A 82 -17.70 2.75 -14.82
N ASN A 83 -18.03 1.92 -15.82
CA ASN A 83 -18.08 2.33 -17.22
C ASN A 83 -19.43 1.89 -17.79
N PHE A 84 -20.41 2.78 -17.73
CA PHE A 84 -21.73 2.49 -18.29
C PHE A 84 -21.70 2.72 -19.79
N GLY A 85 -21.84 1.64 -20.56
CA GLY A 85 -21.71 1.71 -21.98
C GLY A 85 -22.96 2.22 -22.66
N PRO A 86 -22.92 2.26 -24.00
CA PRO A 86 -24.07 2.75 -24.77
C PRO A 86 -25.14 1.70 -25.01
N GLN A 87 -25.11 0.62 -24.24
CA GLN A 87 -26.11 -0.46 -24.34
C GLN A 87 -27.52 0.04 -24.04
N GLY A 93 -31.32 10.16 -25.49
CA GLY A 93 -30.78 9.27 -26.50
C GLY A 93 -29.86 8.21 -25.94
N VAL A 94 -28.62 8.20 -26.43
CA VAL A 94 -27.62 7.25 -25.97
C VAL A 94 -26.48 8.03 -25.33
N LEU A 95 -25.79 7.38 -24.39
CA LEU A 95 -24.80 8.07 -23.57
C LEU A 95 -23.84 7.06 -22.97
N ARG A 96 -22.56 7.44 -22.91
CA ARG A 96 -21.54 6.66 -22.22
C ARG A 96 -21.07 7.47 -21.02
N LEU A 97 -21.18 6.89 -19.83
CA LEU A 97 -20.83 7.55 -18.59
C LEU A 97 -19.72 6.78 -17.89
N VAL A 98 -18.67 7.48 -17.48
CA VAL A 98 -17.59 6.91 -16.69
C VAL A 98 -17.70 7.52 -15.29
N MET A 99 -18.06 6.70 -14.32
CA MET A 99 -18.39 7.16 -12.98
C MET A 99 -17.36 6.67 -11.98
N GLU A 100 -17.03 7.54 -11.02
CA GLU A 100 -16.09 7.21 -9.94
C GLU A 100 -16.85 7.35 -8.62
N LEU A 101 -17.05 6.24 -7.93
CA LEU A 101 -17.80 6.21 -6.69
C LEU A 101 -16.88 6.02 -5.50
N SER A 102 -17.45 6.20 -4.31
CA SER A 102 -16.79 5.94 -3.04
C SER A 102 -17.73 5.17 -2.12
N GLY A 103 -18.34 4.13 -2.65
CA GLY A 103 -19.38 3.42 -1.95
C GLY A 103 -20.72 3.61 -2.64
N GLU A 104 -21.62 4.37 -2.03
CA GLU A 104 -22.88 4.72 -2.67
C GLU A 104 -22.90 6.14 -3.21
N MET A 105 -21.94 6.98 -2.83
CA MET A 105 -21.86 8.35 -3.30
C MET A 105 -21.12 8.41 -4.64
N VAL A 106 -21.21 9.57 -5.28
CA VAL A 106 -20.55 9.82 -6.55
C VAL A 106 -19.55 10.95 -6.34
N ARG A 107 -18.27 10.68 -6.65
CA ARG A 107 -17.23 11.68 -6.48
C ARG A 107 -16.77 12.30 -7.80
N LYS A 108 -16.98 11.64 -8.93
CA LYS A 108 -16.59 12.18 -10.21
C LYS A 108 -17.51 11.64 -11.29
N CYS A 109 -17.87 12.50 -12.24
CA CYS A 109 -18.70 12.14 -13.38
C CYS A 109 -18.00 12.56 -14.66
N ASP A 110 -17.87 11.63 -15.60
CA ASP A 110 -17.21 11.87 -16.88
C ASP A 110 -18.12 11.42 -18.01
N PRO A 111 -19.05 12.26 -18.46
CA PRO A 111 -19.90 11.88 -19.60
C PRO A 111 -19.11 11.91 -20.89
N HIS A 112 -19.15 10.79 -21.62
CA HIS A 112 -18.46 10.67 -22.90
C HIS A 112 -19.48 10.80 -24.02
N ILE A 113 -19.30 11.80 -24.88
CA ILE A 113 -20.23 12.08 -25.96
C ILE A 113 -19.52 11.88 -27.29
N GLY A 114 -20.25 12.08 -28.39
CA GLY A 114 -19.74 11.78 -29.71
C GLY A 114 -20.37 10.57 -30.35
N LEU A 115 -21.27 9.89 -29.66
CA LEU A 115 -21.96 8.73 -30.22
C LEU A 115 -23.01 9.11 -31.25
N LEU A 116 -23.38 10.39 -31.32
CA LEU A 116 -24.31 10.88 -32.33
C LEU A 116 -23.75 12.09 -33.06
N HIS A 117 -22.43 12.13 -33.23
CA HIS A 117 -21.81 13.17 -34.03
C HIS A 117 -21.92 12.83 -35.49
N GLY A 119 -21.71 15.14 -37.79
CA GLY A 119 -20.97 16.17 -38.49
C GLY A 119 -21.92 17.02 -39.30
N THR A 120 -22.93 17.57 -38.62
CA THR A 120 -24.01 18.29 -39.30
C THR A 120 -23.50 19.60 -39.89
N GLU A 121 -22.73 20.36 -39.13
CA GLU A 121 -22.36 21.71 -39.54
C GLU A 121 -21.22 21.73 -40.56
N LYS A 122 -20.62 20.58 -40.88
CA LYS A 122 -19.75 20.53 -42.04
C LYS A 122 -20.56 20.32 -43.32
N LEU A 123 -21.64 19.54 -43.24
CA LEU A 123 -22.50 19.31 -44.40
C LEU A 123 -23.29 20.55 -44.78
N ILE A 124 -23.50 21.48 -43.85
CA ILE A 124 -24.21 22.71 -44.15
C ILE A 124 -23.41 23.59 -45.10
N GLU A 125 -22.08 23.57 -44.99
CA GLU A 125 -21.22 24.39 -45.84
C GLU A 125 -21.29 24.01 -47.31
N TYR A 126 -21.69 22.79 -47.64
CA TYR A 126 -21.76 22.32 -49.01
C TYR A 126 -23.16 22.38 -49.59
N LYS A 127 -24.10 23.00 -48.88
CA LYS A 127 -25.48 23.10 -49.33
C LYS A 127 -25.95 24.54 -49.19
N THR A 128 -26.97 24.88 -49.96
CA THR A 128 -27.50 26.24 -49.96
C THR A 128 -28.32 26.48 -48.69
N TYR A 129 -28.82 27.71 -48.56
CA TYR A 129 -29.56 28.09 -47.36
C TYR A 129 -30.91 27.37 -47.27
N LEU A 130 -31.56 27.12 -48.41
CA LEU A 130 -32.80 26.36 -48.38
C LEU A 130 -32.55 24.89 -48.10
N GLN A 131 -31.45 24.35 -48.64
CA GLN A 131 -31.14 22.93 -48.42
C GLN A 131 -30.68 22.67 -46.99
N ALA A 132 -30.12 23.68 -46.32
CA ALA A 132 -29.66 23.51 -44.96
C ALA A 132 -30.77 23.62 -43.93
N LEU A 133 -31.97 23.99 -44.35
CA LEU A 133 -33.09 24.13 -43.41
C LEU A 133 -33.51 22.82 -42.74
N PRO A 134 -33.68 21.68 -43.44
CA PRO A 134 -34.07 20.46 -42.71
C PRO A 134 -33.00 19.89 -41.79
N TYR A 135 -31.76 20.39 -41.84
CA TYR A 135 -30.75 19.96 -40.89
C TYR A 135 -31.09 20.39 -39.47
N PHE A 136 -31.73 21.54 -39.32
CA PHE A 136 -32.08 22.05 -38.00
C PHE A 136 -33.28 21.33 -37.41
N ASP A 137 -34.09 20.67 -38.24
CA ASP A 137 -35.18 19.85 -37.71
C ASP A 137 -34.65 18.65 -36.94
N ARG A 138 -33.52 18.10 -37.37
CA ARG A 138 -32.99 16.87 -36.81
C ARG A 138 -31.96 17.10 -35.71
N LEU A 139 -31.69 18.36 -35.36
CA LEU A 139 -30.83 18.61 -34.20
C LEU A 139 -31.56 18.30 -32.91
N ASP A 140 -32.65 19.01 -32.63
CA ASP A 140 -33.49 18.75 -31.48
C ASP A 140 -34.80 18.19 -32.03
N TYR A 141 -34.90 16.86 -32.05
CA TYR A 141 -36.01 16.19 -32.72
C TYR A 141 -37.27 16.11 -31.88
N VAL A 142 -37.35 16.88 -30.79
CA VAL A 142 -38.60 17.08 -30.07
C VAL A 142 -38.98 18.55 -29.99
N SER A 143 -38.18 19.43 -30.59
CA SER A 143 -38.44 20.87 -30.67
C SER A 143 -38.25 21.34 -32.11
N MET A 144 -38.91 20.64 -33.03
CA MET A 144 -38.58 20.72 -34.45
C MET A 144 -38.82 22.10 -35.02
N MET A 145 -40.01 22.66 -34.79
CA MET A 145 -40.34 23.95 -35.39
C MET A 145 -39.69 25.12 -34.67
N CYS A 146 -39.18 24.91 -33.45
CA CYS A 146 -38.46 25.97 -32.76
C CYS A 146 -37.06 26.17 -33.32
N ASN A 147 -36.40 25.09 -33.75
CA ASN A 147 -35.07 25.24 -34.35
C ASN A 147 -35.13 25.80 -35.75
N GLU A 148 -36.25 25.60 -36.46
CA GLU A 148 -36.44 26.25 -37.74
C GLU A 148 -36.52 27.76 -37.58
N GLN A 149 -37.19 28.22 -36.52
CA GLN A 149 -37.38 29.65 -36.30
C GLN A 149 -36.06 30.33 -35.94
N ALA A 150 -35.20 29.64 -35.20
CA ALA A 150 -33.89 30.21 -34.87
C ALA A 150 -33.02 30.37 -36.10
N TYR A 151 -33.07 29.40 -37.01
CA TYR A 151 -32.29 29.50 -38.24
C TYR A 151 -32.89 30.52 -39.19
N SER A 152 -34.23 30.58 -39.26
CA SER A 152 -34.89 31.53 -40.15
C SER A 152 -34.65 32.97 -39.72
N LEU A 153 -34.64 33.23 -38.41
CA LEU A 153 -34.41 34.58 -37.92
C LEU A 153 -32.98 35.02 -38.16
N ALA A 154 -32.03 34.08 -38.22
CA ALA A 154 -30.64 34.45 -38.48
C ALA A 154 -30.44 34.81 -39.95
N VAL A 155 -31.06 34.07 -40.87
CA VAL A 155 -30.93 34.35 -42.29
C VAL A 155 -31.67 35.64 -42.64
N GLU A 156 -32.86 35.84 -42.07
CA GLU A 156 -33.62 37.05 -42.35
C GLU A 156 -32.92 38.29 -41.80
N LYS A 157 -32.16 38.15 -40.73
CA LYS A 157 -31.36 39.27 -40.23
C LYS A 157 -30.26 39.65 -41.21
N LEU A 158 -29.60 38.65 -41.80
CA LEU A 158 -28.55 38.92 -42.77
C LEU A 158 -29.12 39.38 -44.11
N LEU A 159 -30.34 38.96 -44.44
CA LEU A 159 -30.97 39.37 -45.68
C LEU A 159 -31.62 40.74 -45.60
N ASN A 160 -31.70 41.34 -44.39
CA ASN A 160 -32.31 42.64 -44.15
C ASN A 160 -33.76 42.68 -44.62
N ILE A 161 -34.49 41.58 -44.40
CA ILE A 161 -35.91 41.48 -44.71
C ILE A 161 -36.65 41.03 -43.47
N GLN A 162 -37.96 41.22 -43.49
CA GLN A 162 -38.80 40.81 -42.37
C GLN A 162 -39.99 40.01 -42.87
N PRO A 163 -40.45 39.04 -42.09
CA PRO A 163 -41.62 38.25 -42.50
C PRO A 163 -42.89 39.07 -42.43
N PRO A 164 -43.92 38.68 -43.17
CA PRO A 164 -45.22 39.37 -43.08
C PRO A 164 -45.86 39.15 -41.72
N PRO A 165 -46.76 40.06 -41.32
CA PRO A 165 -47.37 39.94 -39.97
C PRO A 165 -48.16 38.65 -39.75
N ARG A 166 -48.81 38.09 -40.77
CA ARG A 166 -49.54 36.85 -40.57
C ARG A 166 -48.59 35.68 -40.33
N ALA A 167 -47.47 35.65 -41.06
CA ALA A 167 -46.48 34.59 -40.86
C ALA A 167 -45.82 34.68 -39.50
N GLN A 168 -45.71 35.90 -38.95
CA GLN A 168 -45.13 36.06 -37.62
C GLN A 168 -46.02 35.44 -36.55
N TRP A 169 -47.33 35.55 -36.70
CA TRP A 169 -48.25 34.98 -35.72
C TRP A 169 -48.34 33.46 -35.83
N ILE A 170 -48.16 32.92 -37.04
CA ILE A 170 -48.18 31.47 -37.21
C ILE A 170 -46.94 30.85 -36.59
N ARG A 171 -45.78 31.50 -36.73
CA ARG A 171 -44.54 30.98 -36.17
C ARG A 171 -44.58 30.97 -34.64
N VAL A 172 -45.14 32.01 -34.04
CA VAL A 172 -45.25 32.06 -32.58
C VAL A 172 -46.29 31.06 -32.08
N LEU A 173 -47.42 30.95 -32.80
CA LEU A 173 -48.45 29.99 -32.42
C LEU A 173 -47.94 28.56 -32.51
N PHE A 174 -47.24 28.23 -33.59
CA PHE A 174 -46.66 26.90 -33.71
C PHE A 174 -45.39 26.75 -32.88
N GLY A 175 -44.79 27.85 -32.45
CA GLY A 175 -43.71 27.77 -31.49
C GLY A 175 -44.19 27.33 -30.12
N GLU A 176 -45.36 27.81 -29.71
CA GLU A 176 -45.91 27.42 -28.41
C GLU A 176 -46.49 26.01 -28.42
N ILE A 177 -47.01 25.56 -29.56
CA ILE A 177 -47.38 24.15 -29.70
C ILE A 177 -46.15 23.27 -29.61
N THR A 178 -45.03 23.74 -30.18
CA THR A 178 -43.77 23.01 -30.08
C THR A 178 -43.26 22.96 -28.65
N ARG A 179 -43.48 24.03 -27.89
CA ARG A 179 -43.09 24.05 -26.48
C ARG A 179 -43.88 23.05 -25.67
N LEU A 180 -45.16 22.86 -26.01
CA LEU A 180 -45.95 21.82 -25.37
C LEU A 180 -45.46 20.43 -25.75
N LEU A 181 -44.97 20.27 -26.98
CA LEU A 181 -44.44 18.97 -27.42
C LEU A 181 -43.19 18.60 -26.63
N ASN A 182 -42.30 19.56 -26.41
CA ASN A 182 -41.03 19.25 -25.73
C ASN A 182 -41.25 19.03 -24.24
N HIS A 183 -42.07 19.87 -23.61
CA HIS A 183 -42.25 19.78 -22.16
C HIS A 183 -42.99 18.51 -21.77
N ILE A 184 -43.89 18.01 -22.62
CA ILE A 184 -44.52 16.72 -22.36
C ILE A 184 -43.49 15.61 -22.43
N MET A 185 -42.61 15.64 -23.42
CA MET A 185 -41.54 14.65 -23.52
C MET A 185 -40.53 14.80 -22.38
N ALA A 186 -40.19 16.03 -22.02
CA ALA A 186 -39.13 16.26 -21.04
C ALA A 186 -39.56 15.92 -19.62
N VAL A 187 -40.86 15.84 -19.35
CA VAL A 187 -41.37 15.55 -18.01
C VAL A 187 -41.79 14.10 -17.88
N THR A 188 -42.57 13.59 -18.84
CA THR A 188 -43.08 12.23 -18.75
C THR A 188 -41.97 11.20 -18.86
N THR A 189 -41.00 11.41 -19.77
CA THR A 189 -39.86 10.51 -19.85
C THR A 189 -38.90 10.70 -18.69
N HIS A 190 -38.91 11.87 -18.06
CA HIS A 190 -38.16 12.04 -16.81
C HIS A 190 -38.75 11.19 -15.70
N ALA A 191 -40.07 11.10 -15.64
CA ALA A 191 -40.73 10.21 -14.69
C ALA A 191 -40.64 8.76 -15.13
N LEU A 192 -40.52 8.51 -16.43
CA LEU A 192 -40.37 7.14 -16.92
C LEU A 192 -39.05 6.53 -16.47
N ASP A 193 -37.98 7.32 -16.49
CA ASP A 193 -36.68 6.83 -16.02
C ASP A 193 -36.68 6.66 -14.50
N ILE A 194 -37.39 7.54 -13.79
CA ILE A 194 -37.51 7.40 -12.34
C ILE A 194 -38.35 6.18 -11.99
N GLY A 195 -39.47 5.97 -12.69
CA GLY A 195 -40.29 4.81 -12.43
C GLY A 195 -41.77 5.04 -12.60
N ALA A 196 -42.22 6.29 -12.63
CA ALA A 196 -43.63 6.61 -12.85
C ALA A 196 -43.89 6.55 -14.35
N MET A 197 -44.26 5.36 -14.82
CA MET A 197 -44.43 5.12 -16.25
C MET A 197 -45.84 5.42 -16.74
N THR A 198 -46.79 5.64 -15.84
CA THR A 198 -48.19 5.77 -16.22
C THR A 198 -48.53 7.11 -16.87
N PRO A 199 -48.10 8.29 -16.37
CA PRO A 199 -48.41 9.54 -17.10
C PRO A 199 -47.69 9.69 -18.43
N PHE A 200 -46.73 8.82 -18.74
CA PHE A 200 -46.10 8.84 -20.06
C PHE A 200 -47.11 8.53 -21.16
N PHE A 201 -47.97 7.53 -20.92
CA PHE A 201 -48.95 7.11 -21.91
C PHE A 201 -50.14 8.06 -22.01
N TRP A 202 -50.50 8.72 -20.92
CA TRP A 202 -51.62 9.66 -20.95
C TRP A 202 -51.29 10.87 -21.81
N MET A 203 -50.13 11.49 -21.57
CA MET A 203 -49.76 12.72 -22.27
C MET A 203 -49.30 12.46 -23.69
N PHE A 204 -48.89 11.24 -24.03
CA PHE A 204 -48.49 10.96 -25.40
C PHE A 204 -49.69 10.85 -26.34
N GLU A 205 -50.88 10.62 -25.80
CA GLU A 205 -52.09 10.74 -26.62
C GLU A 205 -52.32 12.19 -27.04
N GLU A 206 -52.05 13.13 -26.12
CA GLU A 206 -52.12 14.54 -26.47
C GLU A 206 -50.96 14.94 -27.38
N ARG A 207 -49.81 14.26 -27.25
CA ARG A 207 -48.70 14.48 -28.16
C ARG A 207 -49.03 14.01 -29.56
N GLU A 208 -49.85 12.97 -29.69
CA GLU A 208 -50.26 12.48 -31.00
C GLU A 208 -51.22 13.44 -31.68
N LYS A 209 -52.07 14.13 -30.90
CA LYS A 209 -53.01 15.07 -31.49
C LYS A 209 -52.31 16.32 -32.02
N MET A 210 -51.23 16.76 -31.37
CA MET A 210 -50.46 17.86 -31.91
C MET A 210 -49.62 17.45 -33.11
N PHE A 211 -49.28 16.16 -33.24
CA PHE A 211 -48.61 15.68 -34.44
C PHE A 211 -49.54 15.76 -35.65
N GLU A 212 -50.85 15.70 -35.42
CA GLU A 212 -51.80 15.91 -36.51
C GLU A 212 -51.81 17.36 -36.96
N PHE A 213 -51.55 18.30 -36.05
CA PHE A 213 -51.48 19.70 -36.43
C PHE A 213 -50.27 19.98 -37.31
N TYR A 214 -49.13 19.32 -37.03
CA TYR A 214 -47.95 19.48 -37.87
C TYR A 214 -48.19 18.92 -39.26
N GLU A 215 -48.78 17.74 -39.36
CA GLU A 215 -48.91 17.07 -40.65
C GLU A 215 -50.03 17.69 -41.47
N ARG A 216 -51.05 18.27 -40.82
CA ARG A 216 -52.11 18.94 -41.57
C ARG A 216 -51.69 20.29 -42.14
N VAL A 217 -50.61 20.87 -41.64
CA VAL A 217 -50.15 22.17 -42.11
C VAL A 217 -48.88 22.08 -42.95
N SER A 218 -48.10 21.01 -42.82
CA SER A 218 -46.83 20.92 -43.52
C SER A 218 -46.74 19.64 -44.35
N GLY A 219 -47.36 18.57 -43.87
CA GLY A 219 -47.36 17.30 -44.55
C GLY A 219 -46.58 16.21 -43.85
N ALA A 220 -45.71 16.56 -42.91
CA ALA A 220 -44.94 15.59 -42.16
C ALA A 220 -45.30 15.68 -40.69
N ARG A 221 -45.29 14.53 -40.02
CA ARG A 221 -45.70 14.49 -38.62
C ARG A 221 -44.68 15.16 -37.71
N MET A 222 -43.40 14.93 -37.95
CA MET A 222 -42.37 15.43 -37.03
C MET A 222 -41.46 16.46 -37.68
N HIS A 223 -40.76 16.12 -38.76
CA HIS A 223 -39.82 17.05 -39.39
C HIS A 223 -40.57 17.81 -40.47
N ALA A 224 -41.13 18.95 -40.08
CA ALA A 224 -42.05 19.67 -40.96
C ALA A 224 -41.34 20.40 -42.09
N ALA A 225 -40.18 21.02 -41.81
CA ALA A 225 -39.52 21.97 -42.71
C ALA A 225 -40.49 23.06 -43.15
N TYR A 226 -41.26 23.56 -42.19
CA TYR A 226 -42.35 24.51 -42.44
C TYR A 226 -41.88 25.96 -42.35
N VAL A 227 -41.25 26.33 -41.24
CA VAL A 227 -40.78 27.70 -41.06
C VAL A 227 -39.51 27.88 -41.90
N ARG A 228 -39.56 28.81 -42.84
CA ARG A 228 -38.49 29.07 -43.79
C ARG A 228 -38.09 30.54 -43.71
N PRO A 229 -36.85 30.88 -44.14
CA PRO A 229 -36.44 32.28 -44.13
C PRO A 229 -37.28 33.15 -45.04
N GLY A 230 -38.05 34.05 -44.45
CA GLY A 230 -39.01 34.88 -45.16
C GLY A 230 -40.45 34.65 -44.78
N GLY A 231 -40.75 33.73 -43.88
CA GLY A 231 -42.13 33.46 -43.48
C GLY A 231 -42.39 31.99 -43.23
N VAL A 232 -43.44 31.45 -43.84
CA VAL A 232 -43.75 30.04 -43.78
C VAL A 232 -44.01 29.55 -45.19
N HIS A 233 -43.90 28.22 -45.38
CA HIS A 233 -44.00 27.65 -46.72
C HIS A 233 -45.43 27.67 -47.24
N GLN A 234 -46.39 27.26 -46.42
CA GLN A 234 -47.76 27.10 -46.86
C GLN A 234 -48.70 27.69 -45.82
N ASP A 235 -49.87 28.13 -46.28
CA ASP A 235 -50.84 28.72 -45.37
C ASP A 235 -51.56 27.62 -44.58
N LEU A 236 -52.24 28.04 -43.52
CA LEU A 236 -53.04 27.11 -42.75
C LEU A 236 -54.24 26.64 -43.57
N PRO A 237 -54.53 25.35 -43.56
CA PRO A 237 -55.73 24.87 -44.24
C PRO A 237 -56.98 25.30 -43.49
N LEU A 238 -58.11 25.27 -44.20
CA LEU A 238 -59.37 25.72 -43.61
C LEU A 238 -59.81 24.77 -42.50
N GLY A 239 -60.26 25.36 -41.39
CA GLY A 239 -60.69 24.58 -40.25
C GLY A 239 -59.59 24.07 -39.36
N LEU A 240 -58.34 24.51 -39.57
CA LEU A 240 -57.26 24.05 -38.71
C LEU A 240 -57.31 24.71 -37.34
N MET A 241 -57.57 26.02 -37.30
CA MET A 241 -57.58 26.73 -36.03
C MET A 241 -58.79 26.37 -35.17
N ASP A 242 -59.86 25.85 -35.76
CA ASP A 242 -60.96 25.33 -34.97
C ASP A 242 -60.54 24.09 -34.19
N ASP A 243 -59.74 23.22 -34.81
CA ASP A 243 -59.26 22.03 -34.12
C ASP A 243 -58.22 22.38 -33.06
N ILE A 244 -57.43 23.43 -33.28
CA ILE A 244 -56.47 23.86 -32.27
C ILE A 244 -57.20 24.40 -31.05
N TYR A 245 -58.29 25.14 -31.26
CA TYR A 245 -59.10 25.63 -30.15
C TYR A 245 -59.75 24.48 -29.39
N GLU A 246 -60.23 23.45 -30.11
CA GLU A 246 -60.84 22.31 -29.46
C GLU A 246 -59.83 21.52 -28.64
N PHE A 247 -58.59 21.42 -29.14
CA PHE A 247 -57.55 20.70 -28.40
C PHE A 247 -57.13 21.47 -27.15
N SER A 248 -56.88 22.77 -27.29
CA SER A 248 -56.37 23.54 -26.16
C SER A 248 -57.44 23.85 -25.13
N LYS A 249 -58.72 23.69 -25.48
CA LYS A 249 -59.79 23.90 -24.51
C LYS A 249 -59.77 22.83 -23.43
N ASN A 250 -59.49 21.59 -23.81
CA ASN A 250 -59.49 20.47 -22.88
C ASN A 250 -58.10 20.16 -22.31
N PHE A 251 -57.06 20.87 -22.76
CA PHE A 251 -55.70 20.50 -22.37
C PHE A 251 -55.36 20.87 -20.94
N SER A 252 -56.05 21.85 -20.36
CA SER A 252 -55.78 22.22 -18.97
C SER A 252 -56.16 21.11 -18.01
N LEU A 253 -57.11 20.25 -18.39
CA LEU A 253 -57.43 19.09 -17.59
C LEU A 253 -56.32 18.05 -17.64
N ARG A 254 -55.64 17.93 -18.78
CA ARG A 254 -54.61 16.90 -18.93
C ARG A 254 -53.37 17.21 -18.10
N ILE A 255 -53.03 18.49 -17.95
CA ILE A 255 -51.91 18.86 -17.07
C ILE A 255 -52.26 18.57 -15.61
N ASP A 256 -53.53 18.77 -15.24
CA ASP A 256 -53.96 18.53 -13.86
C ASP A 256 -53.90 17.06 -13.49
N GLU A 257 -54.19 16.17 -14.43
CA GLU A 257 -54.09 14.73 -14.15
C GLU A 257 -52.64 14.32 -13.91
N LEU A 258 -51.71 14.86 -14.71
CA LEU A 258 -50.29 14.59 -14.47
C LEU A 258 -49.83 15.26 -13.18
N GLU A 259 -50.35 16.45 -12.89
CA GLU A 259 -49.97 17.16 -11.67
C GLU A 259 -50.50 16.46 -10.43
N GLU A 260 -51.63 15.75 -10.55
CA GLU A 260 -52.16 15.01 -9.41
C GLU A 260 -51.29 13.81 -9.07
N MET A 261 -50.67 13.19 -10.07
CA MET A 261 -49.87 12.00 -9.84
C MET A 261 -48.50 12.30 -9.24
N LEU A 262 -47.96 13.51 -9.46
CA LEU A 262 -46.56 13.75 -9.19
C LEU A 262 -46.29 14.86 -8.20
N THR A 263 -47.04 15.97 -8.26
CA THR A 263 -46.66 17.17 -7.52
C THR A 263 -46.79 16.98 -6.01
N ASN A 264 -47.92 16.44 -5.55
CA ASN A 264 -48.12 16.22 -4.14
C ASN A 264 -47.70 14.82 -3.70
N ASN A 265 -47.25 13.98 -4.62
CA ASN A 265 -46.82 12.63 -4.27
C ASN A 265 -45.50 12.68 -3.51
N ARG A 266 -45.46 11.98 -2.37
CA ARG A 266 -44.27 12.05 -1.52
C ARG A 266 -43.10 11.26 -2.08
N ILE A 267 -43.36 10.24 -2.91
CA ILE A 267 -42.28 9.49 -3.52
C ILE A 267 -41.59 10.32 -4.60
N TRP A 268 -42.36 11.09 -5.36
CA TRP A 268 -41.78 11.94 -6.39
C TRP A 268 -40.96 13.07 -5.78
N ARG A 269 -41.44 13.64 -4.68
CA ARG A 269 -40.69 14.70 -4.02
C ARG A 269 -39.39 14.18 -3.43
N ASN A 270 -39.41 12.98 -2.86
CA ASN A 270 -38.20 12.40 -2.26
C ASN A 270 -37.11 12.15 -3.29
N ARG A 271 -37.49 11.94 -4.55
CA ARG A 271 -36.52 11.82 -5.62
C ARG A 271 -36.06 13.17 -6.17
N THR A 272 -36.69 14.27 -5.77
CA THR A 272 -36.44 15.55 -6.43
C THR A 272 -36.30 16.76 -5.50
N VAL A 273 -36.47 16.62 -4.18
CA VAL A 273 -36.51 17.80 -3.32
C VAL A 273 -35.13 18.44 -3.19
N ASP A 274 -34.09 17.65 -2.97
CA ASP A 274 -32.76 18.19 -2.72
C ASP A 274 -31.73 17.54 -3.63
N ILE A 275 -32.05 17.46 -4.91
CA ILE A 275 -31.17 16.84 -5.91
C ILE A 275 -30.78 17.92 -6.91
N GLY A 276 -29.48 18.02 -7.19
CA GLY A 276 -28.98 18.92 -8.20
C GLY A 276 -29.20 20.40 -7.91
N VAL A 277 -28.90 20.81 -6.68
CA VAL A 277 -29.04 22.21 -6.31
C VAL A 277 -27.87 23.00 -6.89
N VAL A 278 -28.18 24.00 -7.70
CA VAL A 278 -27.16 24.84 -8.32
C VAL A 278 -27.42 26.29 -7.90
N THR A 279 -26.33 27.01 -7.62
CA THR A 279 -26.44 28.39 -7.18
C THR A 279 -26.62 29.31 -8.38
N ALA A 280 -27.02 30.55 -8.10
CA ALA A 280 -27.26 31.51 -9.17
C ALA A 280 -25.95 32.00 -9.79
N GLU A 281 -24.91 32.16 -8.97
CA GLU A 281 -23.63 32.64 -9.49
C GLU A 281 -22.94 31.58 -10.33
N ASP A 282 -23.03 30.31 -9.94
CA ASP A 282 -22.40 29.24 -10.70
C ASP A 282 -23.20 28.83 -11.92
N ALA A 283 -24.50 29.17 -11.97
CA ALA A 283 -25.29 28.82 -13.15
C ALA A 283 -24.93 29.71 -14.33
N LEU A 284 -24.62 30.98 -14.06
CA LEU A 284 -24.25 31.90 -15.14
C LEU A 284 -22.88 31.56 -15.69
N ASN A 285 -21.93 31.21 -14.82
CA ASN A 285 -20.57 30.95 -15.27
C ASN A 285 -20.45 29.64 -16.03
N TYR A 286 -21.33 28.69 -15.76
CA TYR A 286 -21.31 27.40 -16.44
C TYR A 286 -22.10 27.41 -17.74
N GLY A 287 -22.61 28.57 -18.16
CA GLY A 287 -23.31 28.66 -19.41
C GLY A 287 -24.71 28.08 -19.41
N PHE A 288 -25.31 27.95 -18.24
CA PHE A 288 -26.67 27.43 -18.16
C PHE A 288 -27.66 28.45 -18.71
N SER A 289 -28.80 27.96 -19.19
CA SER A 289 -29.80 28.82 -19.78
C SER A 289 -31.16 28.16 -19.66
N GLY A 290 -32.20 28.96 -19.84
CA GLY A 290 -33.55 28.43 -19.84
C GLY A 290 -34.02 28.15 -18.43
N VAL A 291 -34.53 26.95 -18.21
CA VAL A 291 -35.08 26.58 -16.91
C VAL A 291 -33.98 26.45 -15.86
N MET A 292 -32.76 26.14 -16.28
CA MET A 292 -31.65 26.01 -15.34
C MET A 292 -31.34 27.34 -14.67
N LEU A 293 -31.37 28.44 -15.43
CA LEU A 293 -31.30 29.76 -14.81
C LEU A 293 -32.59 30.10 -14.09
N ARG A 294 -33.73 29.74 -14.71
CA ARG A 294 -35.04 30.14 -14.17
C ARG A 294 -35.35 29.43 -12.86
N GLY A 295 -34.96 28.15 -12.75
CA GLY A 295 -35.22 27.41 -11.54
C GLY A 295 -34.36 27.84 -10.37
N SER A 296 -33.26 28.54 -10.63
CA SER A 296 -32.36 29.02 -9.60
C SER A 296 -32.69 30.43 -9.11
N GLY A 297 -33.82 30.98 -9.55
CA GLY A 297 -34.25 32.29 -9.12
C GLY A 297 -33.77 33.45 -9.97
N ILE A 298 -33.09 33.19 -11.08
CA ILE A 298 -32.62 34.25 -11.95
C ILE A 298 -33.75 34.63 -12.90
N GLN A 299 -34.11 35.91 -12.92
CA GLN A 299 -35.21 36.41 -13.73
C GLN A 299 -34.68 36.72 -15.13
N TRP A 300 -34.83 35.76 -16.05
CA TRP A 300 -34.33 35.91 -17.40
C TRP A 300 -35.16 35.06 -18.35
N ASP A 301 -35.58 35.67 -19.46
CA ASP A 301 -36.29 34.96 -20.52
C ASP A 301 -36.07 35.73 -21.81
N LEU A 302 -35.70 35.01 -22.87
CA LEU A 302 -35.39 35.68 -24.12
C LEU A 302 -36.64 36.22 -24.80
N ARG A 303 -37.81 35.62 -24.55
CA ARG A 303 -39.04 36.14 -25.11
C ARG A 303 -39.52 37.41 -24.41
N LYS A 304 -38.98 37.73 -23.25
CA LYS A 304 -39.34 38.94 -22.51
C LYS A 304 -38.27 40.02 -22.57
N THR A 305 -37.00 39.64 -22.68
CA THR A 305 -35.88 40.58 -22.64
C THR A 305 -35.39 40.99 -24.02
N GLN A 306 -35.26 40.03 -24.94
CA GLN A 306 -34.86 40.30 -26.31
C GLN A 306 -35.91 39.70 -27.24
N PRO A 307 -37.08 40.34 -27.34
CA PRO A 307 -38.22 39.69 -27.99
C PRO A 307 -38.06 39.61 -29.50
N TYR A 308 -38.74 38.61 -30.07
CA TYR A 308 -38.83 38.45 -31.51
C TYR A 308 -40.31 38.38 -31.90
N ASP A 309 -40.60 37.91 -33.12
CA ASP A 309 -41.59 38.48 -34.03
C ASP A 309 -42.83 39.14 -33.41
N VAL A 310 -43.65 38.39 -32.66
CA VAL A 310 -44.82 39.00 -32.04
C VAL A 310 -44.91 38.60 -30.58
N TYR A 311 -43.77 38.26 -29.97
CA TYR A 311 -43.78 37.89 -28.56
C TYR A 311 -43.96 39.08 -27.65
N ASP A 312 -43.74 40.30 -28.14
CA ASP A 312 -43.96 41.49 -27.34
C ASP A 312 -45.41 41.95 -27.35
N GLN A 313 -46.27 41.32 -28.15
CA GLN A 313 -47.67 41.68 -28.22
C GLN A 313 -48.57 40.71 -27.46
N VAL A 314 -48.02 39.63 -26.92
CA VAL A 314 -48.78 38.67 -26.15
C VAL A 314 -48.46 38.85 -24.68
N GLU A 315 -49.31 38.31 -23.82
CA GLU A 315 -49.15 38.41 -22.37
C GLU A 315 -48.99 37.02 -21.79
N PHE A 316 -47.92 36.81 -21.02
CA PHE A 316 -47.68 35.54 -20.35
C PHE A 316 -46.76 35.80 -19.16
N ASP A 317 -46.69 34.80 -18.28
CA ASP A 317 -45.89 34.89 -17.07
C ASP A 317 -44.68 33.98 -17.17
N VAL A 318 -43.65 34.32 -16.39
CA VAL A 318 -42.38 33.62 -16.39
C VAL A 318 -42.22 32.96 -15.02
N PRO A 319 -42.36 31.64 -14.91
CA PRO A 319 -42.24 30.99 -13.59
C PRO A 319 -40.80 31.01 -13.08
N ILE A 320 -40.64 31.44 -11.84
CA ILE A 320 -39.33 31.62 -11.23
C ILE A 320 -39.22 30.70 -10.02
N GLY A 321 -38.21 29.83 -10.03
CA GLY A 321 -37.99 28.94 -8.92
C GLY A 321 -37.34 29.63 -7.73
N SER A 322 -37.18 28.87 -6.65
CA SER A 322 -36.68 29.43 -5.40
C SER A 322 -35.56 28.63 -4.75
N ARG A 323 -35.35 27.36 -5.11
CA ARG A 323 -34.32 26.55 -4.49
C ARG A 323 -33.35 25.92 -5.47
N GLY A 324 -33.60 25.96 -6.77
CA GLY A 324 -32.65 25.47 -7.74
C GLY A 324 -32.52 23.97 -7.81
N ASP A 325 -33.49 23.23 -7.31
CA ASP A 325 -33.42 21.78 -7.25
C ASP A 325 -34.18 21.17 -8.44
N CYS A 326 -34.28 19.83 -8.42
CA CYS A 326 -35.02 19.14 -9.47
C CYS A 326 -36.52 19.39 -9.35
N TYR A 327 -37.01 19.62 -8.14
CA TYR A 327 -38.45 19.83 -7.95
C TYR A 327 -38.88 21.19 -8.48
N ASP A 328 -38.07 22.22 -8.28
CA ASP A 328 -38.41 23.55 -8.79
C ASP A 328 -38.33 23.59 -10.31
N ARG A 329 -37.39 22.88 -10.90
CA ARG A 329 -37.32 22.81 -12.36
C ARG A 329 -38.45 21.98 -12.94
N TYR A 330 -38.93 20.99 -12.19
CA TYR A 330 -40.13 20.27 -12.61
C TYR A 330 -41.35 21.17 -12.56
N LEU A 331 -41.48 21.97 -11.50
CA LEU A 331 -42.63 22.86 -11.38
C LEU A 331 -42.57 24.00 -12.41
N CYS A 332 -41.36 24.45 -12.75
CA CYS A 332 -41.23 25.48 -13.78
C CYS A 332 -41.63 24.95 -15.14
N ARG A 333 -41.29 23.71 -15.44
CA ARG A 333 -41.64 23.13 -16.74
C ARG A 333 -43.13 22.87 -16.86
N VAL A 334 -43.79 22.52 -15.74
CA VAL A 334 -45.24 22.32 -15.78
C VAL A 334 -45.95 23.66 -15.94
N GLU A 335 -45.47 24.69 -15.25
CA GLU A 335 -46.09 26.02 -15.35
C GLU A 335 -45.90 26.63 -16.73
N GLU A 336 -44.81 26.27 -17.43
CA GLU A 336 -44.61 26.77 -18.79
C GLU A 336 -45.62 26.17 -19.76
N MET A 337 -46.12 24.96 -19.46
CA MET A 337 -47.18 24.40 -20.28
C MET A 337 -48.49 25.17 -20.08
N ARG A 338 -48.76 25.63 -18.85
CA ARG A 338 -49.93 26.45 -18.60
C ARG A 338 -49.83 27.80 -19.30
N GLN A 339 -48.63 28.39 -19.29
CA GLN A 339 -48.44 29.68 -19.95
C GLN A 339 -48.46 29.55 -21.47
N SER A 340 -48.09 28.38 -21.99
CA SER A 340 -48.15 28.15 -23.43
C SER A 340 -49.59 28.08 -23.92
N ILE A 341 -50.50 27.59 -23.09
CA ILE A 341 -51.93 27.61 -23.41
C ILE A 341 -52.43 29.06 -23.43
N ARG A 342 -51.90 29.89 -22.54
CA ARG A 342 -52.30 31.29 -22.47
C ARG A 342 -51.91 32.06 -23.73
N ILE A 343 -50.72 31.78 -24.27
CA ILE A 343 -50.31 32.43 -25.52
C ILE A 343 -51.10 31.89 -26.70
N ILE A 344 -51.45 30.60 -26.67
CA ILE A 344 -52.19 29.98 -27.78
C ILE A 344 -53.57 30.60 -27.93
N SER A 345 -54.25 30.85 -26.80
CA SER A 345 -55.56 31.50 -26.85
C SER A 345 -55.47 32.93 -27.36
N GLN A 346 -54.37 33.62 -27.08
CA GLN A 346 -54.19 34.97 -27.61
C GLN A 346 -53.85 34.96 -29.08
N CYS A 347 -53.10 33.96 -29.54
CA CYS A 347 -52.72 33.89 -30.95
C CYS A 347 -53.91 33.56 -31.85
N LEU A 348 -54.85 32.74 -31.34
CA LEU A 348 -56.01 32.37 -32.14
C LEU A 348 -56.95 33.57 -32.33
N ASN A 349 -57.11 34.40 -31.30
CA ASN A 349 -58.02 35.53 -31.38
C ASN A 349 -57.40 36.75 -32.05
N LYS A 350 -56.09 36.76 -32.28
CA LYS A 350 -55.42 37.92 -32.85
C LYS A 350 -54.70 37.60 -34.16
N MET A 351 -55.12 36.55 -34.87
CA MET A 351 -54.49 36.20 -36.12
C MET A 351 -54.93 37.15 -37.22
N PRO A 352 -54.03 37.85 -37.88
CA PRO A 352 -54.44 38.84 -38.88
C PRO A 352 -54.49 38.21 -40.27
N PRO A 353 -55.28 38.77 -41.18
CA PRO A 353 -55.27 38.30 -42.56
C PRO A 353 -54.08 38.87 -43.32
N GLY A 354 -53.72 38.20 -44.41
CA GLY A 354 -52.64 38.65 -45.25
C GLY A 354 -51.89 37.47 -45.84
N GLU A 355 -50.71 37.77 -46.37
CA GLU A 355 -49.87 36.78 -47.02
C GLU A 355 -48.99 36.05 -46.02
N ILE A 356 -48.30 35.03 -46.50
CA ILE A 356 -47.51 34.13 -45.65
C ILE A 356 -46.02 34.20 -45.93
N LYS A 357 -45.59 34.79 -47.05
CA LYS A 357 -44.19 34.92 -47.37
C LYS A 357 -43.86 36.39 -47.57
N VAL A 358 -42.57 36.72 -47.48
CA VAL A 358 -42.13 38.05 -47.84
C VAL A 358 -42.34 38.25 -49.34
N ASP A 359 -42.83 39.44 -49.71
CA ASP A 359 -43.20 39.71 -51.09
C ASP A 359 -42.00 39.98 -51.99
N ASP A 360 -40.79 39.94 -51.45
CA ASP A 360 -39.58 39.98 -52.26
C ASP A 360 -39.44 38.62 -52.93
N ALA A 361 -39.75 38.57 -54.22
CA ALA A 361 -39.72 37.30 -54.94
C ALA A 361 -38.29 36.83 -55.23
N LYS A 362 -37.29 37.66 -54.99
CA LYS A 362 -35.90 37.24 -55.12
C LYS A 362 -35.38 36.50 -53.88
N VAL A 363 -36.20 36.38 -52.84
CA VAL A 363 -35.84 35.63 -51.65
C VAL A 363 -36.81 34.46 -51.50
N SER A 364 -38.10 34.76 -51.44
CA SER A 364 -39.12 33.73 -51.34
C SER A 364 -39.65 33.37 -52.73
N PRO A 365 -39.91 32.09 -52.98
CA PRO A 365 -40.41 31.69 -54.30
C PRO A 365 -41.82 32.19 -54.52
N PRO A 366 -42.19 32.50 -55.76
CA PRO A 366 -43.55 32.97 -56.04
C PRO A 366 -44.55 31.83 -56.02
N LYS A 367 -45.82 32.21 -56.12
CA LYS A 367 -46.90 31.22 -56.18
C LYS A 367 -46.83 30.44 -57.48
N ARG A 368 -47.34 29.20 -57.43
CA ARG A 368 -47.33 28.35 -58.61
C ARG A 368 -48.30 28.82 -59.68
N ALA A 369 -49.31 29.62 -59.31
CA ALA A 369 -50.22 30.16 -60.32
C ALA A 369 -49.53 31.21 -61.18
N GLU A 370 -48.76 32.10 -60.56
CA GLU A 370 -48.04 33.12 -61.30
C GLU A 370 -46.69 32.64 -61.82
N MET A 371 -46.20 31.50 -61.35
CA MET A 371 -44.99 30.92 -61.93
C MET A 371 -45.26 30.41 -63.34
N LYS A 372 -46.44 29.85 -63.57
CA LYS A 372 -46.80 29.29 -64.86
C LYS A 372 -47.43 30.29 -65.81
N THR A 373 -47.53 31.56 -65.40
CA THR A 373 -48.12 32.59 -66.23
C THR A 373 -47.14 33.69 -66.62
N SER A 374 -46.46 34.29 -65.65
CA SER A 374 -45.57 35.41 -65.91
C SER A 374 -44.13 34.95 -66.01
N MET A 375 -43.37 35.61 -66.86
CA MET A 375 -41.98 35.20 -67.10
C MET A 375 -41.06 35.53 -65.93
N GLU A 376 -41.25 36.69 -65.30
CA GLU A 376 -40.38 37.10 -64.19
C GLU A 376 -40.48 36.14 -63.01
N SER A 377 -41.65 35.54 -62.79
CA SER A 377 -41.79 34.57 -61.71
C SER A 377 -41.15 33.23 -62.05
N LEU A 378 -41.15 32.84 -63.33
CA LEU A 378 -40.54 31.57 -63.70
C LEU A 378 -39.02 31.62 -63.61
N ILE A 379 -38.44 32.77 -63.97
CA ILE A 379 -37.00 32.96 -63.83
C ILE A 379 -36.60 32.90 -62.35
N HIS A 380 -37.38 33.57 -61.50
CA HIS A 380 -37.09 33.57 -60.07
C HIS A 380 -37.31 32.20 -59.45
N HIS A 381 -38.33 31.48 -59.90
CA HIS A 381 -38.52 30.11 -59.43
C HIS A 381 -37.41 29.19 -59.90
N PHE A 382 -36.85 29.45 -61.08
CA PHE A 382 -35.74 28.65 -61.58
C PHE A 382 -34.48 28.88 -60.76
N LYS A 383 -34.15 30.15 -60.49
CA LYS A 383 -32.88 30.45 -59.83
C LYS A 383 -32.92 30.18 -58.34
N LEU A 384 -34.09 30.32 -57.69
CA LEU A 384 -34.15 30.11 -56.25
C LEU A 384 -34.05 28.64 -55.88
N TYR A 385 -34.54 27.75 -56.74
CA TYR A 385 -34.53 26.33 -56.45
C TYR A 385 -33.31 25.61 -57.01
N THR A 386 -32.43 26.31 -57.70
CA THR A 386 -31.18 25.73 -58.17
C THR A 386 -29.97 26.39 -57.53
N GLU A 387 -29.84 27.71 -57.63
CA GLU A 387 -28.75 28.42 -57.00
C GLU A 387 -29.10 28.90 -55.60
N GLY A 388 -30.29 29.47 -55.44
CA GLY A 388 -30.70 30.05 -54.18
C GLY A 388 -30.38 31.53 -54.10
N TYR A 389 -30.97 32.19 -53.11
CA TYR A 389 -30.76 33.62 -52.91
C TYR A 389 -29.38 33.88 -52.33
N GLN A 390 -28.75 34.95 -52.81
CA GLN A 390 -27.45 35.35 -52.29
C GLN A 390 -27.64 36.18 -51.02
N VAL A 391 -26.95 35.78 -49.96
CA VAL A 391 -26.99 36.47 -48.67
C VAL A 391 -25.80 37.43 -48.62
N PRO A 392 -26.00 38.68 -48.20
CA PRO A 392 -24.86 39.61 -48.14
C PRO A 392 -23.84 39.16 -47.13
N PRO A 393 -22.57 39.50 -47.32
CA PRO A 393 -21.53 39.06 -46.40
C PRO A 393 -21.68 39.66 -45.01
N GLY A 394 -21.28 38.88 -44.02
CA GLY A 394 -21.39 39.30 -42.63
C GLY A 394 -21.57 38.09 -41.73
N ALA A 395 -21.51 38.36 -40.43
CA ALA A 395 -21.67 37.34 -39.40
C ALA A 395 -22.64 37.85 -38.34
N THR A 396 -23.40 36.91 -37.78
CA THR A 396 -24.38 37.26 -36.76
C THR A 396 -24.59 36.08 -35.83
N TYR A 397 -25.10 36.39 -34.64
CA TYR A 397 -25.45 35.38 -33.64
C TYR A 397 -26.87 35.65 -33.19
N THR A 398 -27.82 34.84 -33.68
CA THR A 398 -29.23 34.99 -33.36
C THR A 398 -29.65 33.84 -32.48
N ALA A 399 -30.19 34.15 -31.31
CA ALA A 399 -30.60 33.15 -30.33
C ALA A 399 -32.04 33.39 -29.93
N ILE A 400 -32.81 32.30 -29.81
CA ILE A 400 -34.19 32.35 -29.38
C ILE A 400 -34.33 31.49 -28.12
N GLU A 401 -35.48 31.64 -27.46
CA GLU A 401 -35.77 30.86 -26.26
C GLU A 401 -36.40 29.54 -26.69
N ALA A 402 -35.53 28.56 -26.96
CA ALA A 402 -35.98 27.20 -27.22
C ALA A 402 -36.55 26.60 -25.93
N PRO A 403 -37.38 25.55 -26.04
CA PRO A 403 -37.85 24.88 -24.82
C PRO A 403 -36.75 24.32 -23.95
N LYS A 404 -35.63 23.89 -24.54
CA LYS A 404 -34.49 23.46 -23.75
C LYS A 404 -33.80 24.64 -23.08
N GLY A 405 -33.68 25.75 -23.80
CA GLY A 405 -32.98 26.92 -23.29
C GLY A 405 -32.68 27.91 -24.39
N GLU A 406 -31.45 28.41 -24.43
CA GLU A 406 -31.03 29.38 -25.44
C GLU A 406 -30.44 28.63 -26.62
N PHE A 407 -31.11 28.66 -27.76
CA PHE A 407 -30.66 28.01 -28.99
C PHE A 407 -30.18 29.10 -29.94
N GLY A 408 -28.87 29.21 -30.11
CA GLY A 408 -28.29 30.23 -30.94
C GLY A 408 -27.57 29.63 -32.13
N VAL A 409 -27.55 30.38 -33.23
CA VAL A 409 -26.86 29.98 -34.46
C VAL A 409 -25.92 31.10 -34.85
N TYR A 410 -24.62 30.80 -34.94
CA TYR A 410 -23.63 31.75 -35.41
C TYR A 410 -23.40 31.47 -36.89
N LEU A 411 -23.97 32.32 -37.74
CA LEU A 411 -23.97 32.13 -39.18
C LEU A 411 -23.04 33.13 -39.84
N VAL A 412 -22.18 32.63 -40.74
CA VAL A 412 -21.25 33.46 -41.50
C VAL A 412 -21.57 33.29 -42.98
N SER A 413 -21.67 34.41 -43.69
CA SER A 413 -21.92 34.41 -45.13
C SER A 413 -20.78 35.13 -45.83
N ASP A 414 -20.40 34.61 -47.00
CA ASP A 414 -19.31 35.19 -47.78
C ASP A 414 -19.82 35.85 -49.07
N GLY A 415 -21.12 36.14 -49.13
CA GLY A 415 -21.69 36.75 -50.31
C GLY A 415 -22.19 35.77 -51.36
N SER A 416 -21.93 34.48 -51.18
CA SER A 416 -22.39 33.48 -52.13
C SER A 416 -23.76 32.96 -51.68
N SER A 417 -24.21 31.87 -52.30
CA SER A 417 -25.50 31.28 -51.99
C SER A 417 -25.39 30.13 -50.99
N ARG A 418 -24.22 29.94 -50.40
CA ARG A 418 -23.99 28.89 -49.41
C ARG A 418 -23.34 29.50 -48.17
N PRO A 419 -23.64 28.95 -46.98
CA PRO A 419 -23.02 29.48 -45.77
C PRO A 419 -21.55 29.10 -45.69
N TYR A 420 -20.73 30.06 -45.28
CA TYR A 420 -19.31 29.77 -45.07
C TYR A 420 -19.10 28.98 -43.79
N ARG A 421 -19.83 29.32 -42.73
CA ARG A 421 -19.71 28.64 -41.44
C ARG A 421 -21.02 28.80 -40.71
N CYS A 422 -21.53 27.69 -40.15
CA CYS A 422 -22.81 27.69 -39.44
C CYS A 422 -22.62 26.95 -38.13
N LYS A 423 -22.28 27.69 -37.07
CA LYS A 423 -22.11 27.12 -35.75
C LYS A 423 -23.46 27.04 -35.05
N ILE A 424 -23.76 25.89 -34.45
CA ILE A 424 -25.02 25.67 -33.76
C ILE A 424 -24.73 25.60 -32.27
N LYS A 425 -25.25 26.56 -31.53
CA LYS A 425 -25.15 26.55 -30.08
C LYS A 425 -26.39 25.88 -29.51
N ALA A 426 -26.19 24.78 -28.79
CA ALA A 426 -27.32 24.07 -28.24
C ALA A 426 -27.40 24.27 -26.73
N PRO A 427 -28.61 24.37 -26.18
CA PRO A 427 -28.73 24.50 -24.72
C PRO A 427 -28.23 23.28 -23.96
N GLY A 428 -28.35 22.09 -24.55
CA GLY A 428 -27.95 20.87 -23.87
C GLY A 428 -26.47 20.62 -23.82
N PHE A 429 -25.68 21.33 -24.62
CA PHE A 429 -24.23 21.13 -24.60
C PHE A 429 -23.61 21.72 -23.33
N ALA A 430 -24.03 22.92 -22.95
CA ALA A 430 -23.52 23.55 -21.74
C ALA A 430 -24.12 22.94 -20.48
N HIS A 431 -25.33 22.38 -20.57
CA HIS A 431 -25.96 21.78 -19.41
C HIS A 431 -25.29 20.46 -19.04
N LEU A 432 -24.87 19.69 -20.03
CA LEU A 432 -24.21 18.42 -19.77
C LEU A 432 -22.81 18.61 -19.18
N ALA A 433 -22.17 19.75 -19.44
CA ALA A 433 -20.87 20.02 -18.85
C ALA A 433 -20.96 20.19 -17.35
N GLY A 434 -22.08 20.70 -16.85
CA GLY A 434 -22.31 20.86 -15.43
C GLY A 434 -22.88 19.66 -14.74
N LEU A 435 -22.99 18.53 -15.43
CA LEU A 435 -23.48 17.30 -14.81
C LEU A 435 -22.52 16.80 -13.73
N ASP A 436 -21.22 16.93 -13.96
CA ASP A 436 -20.24 16.51 -12.98
C ASP A 436 -20.31 17.35 -11.72
N LYS A 437 -20.58 18.65 -11.86
CA LYS A 437 -20.68 19.53 -10.69
C LYS A 437 -21.97 19.29 -9.93
N MET A 438 -23.09 19.11 -10.64
CA MET A 438 -24.38 18.99 -9.99
C MET A 438 -24.56 17.63 -9.31
N SER A 439 -23.91 16.60 -9.80
CA SER A 439 -24.06 15.25 -9.27
C SER A 439 -23.04 14.91 -8.20
N LYS A 440 -22.23 15.88 -7.77
CA LYS A 440 -21.23 15.62 -6.75
C LYS A 440 -21.90 15.41 -5.40
N GLY A 441 -21.50 14.34 -4.71
CA GLY A 441 -22.05 14.03 -3.41
C GLY A 441 -23.40 13.37 -3.42
N HIS A 442 -23.91 12.98 -4.58
CA HIS A 442 -25.21 12.33 -4.71
C HIS A 442 -25.02 10.84 -4.97
N MET A 443 -26.13 10.11 -4.91
CA MET A 443 -26.10 8.67 -5.08
C MET A 443 -26.14 8.30 -6.55
N LEU A 444 -26.01 7.00 -6.84
CA LEU A 444 -26.05 6.51 -8.21
C LEU A 444 -27.42 6.68 -8.83
N ALA A 445 -28.48 6.46 -8.04
CA ALA A 445 -29.83 6.63 -8.56
C ALA A 445 -30.24 8.09 -8.66
N ASP A 446 -29.58 8.99 -7.95
CA ASP A 446 -29.87 10.41 -8.06
C ASP A 446 -29.30 11.01 -9.34
N VAL A 447 -28.35 10.33 -9.98
CA VAL A 447 -27.75 10.85 -11.20
C VAL A 447 -28.74 10.81 -12.35
N VAL A 448 -29.50 9.72 -12.46
CA VAL A 448 -30.45 9.56 -13.56
C VAL A 448 -31.59 10.57 -13.48
N ALA A 449 -31.84 11.15 -12.30
CA ALA A 449 -32.78 12.25 -12.20
C ALA A 449 -32.16 13.56 -12.68
N ILE A 450 -30.85 13.75 -12.46
CA ILE A 450 -30.19 14.97 -12.89
C ILE A 450 -30.07 15.02 -14.41
N ILE A 451 -29.79 13.87 -15.04
CA ILE A 451 -29.84 13.80 -16.50
C ILE A 451 -31.27 13.90 -17.00
N GLY A 452 -32.26 13.68 -16.14
CA GLY A 452 -33.64 13.91 -16.49
C GLY A 452 -34.10 15.32 -16.24
N THR A 453 -33.62 15.94 -15.16
CA THR A 453 -34.02 17.31 -14.85
C THR A 453 -33.39 18.33 -15.79
N GLN A 454 -32.33 17.94 -16.51
CA GLN A 454 -31.85 18.68 -17.67
C GLN A 454 -32.40 17.96 -18.88
N ASP A 455 -33.28 18.61 -19.63
CA ASP A 455 -33.85 17.98 -20.80
C ASP A 455 -32.78 17.84 -21.88
N ILE A 456 -32.13 16.68 -21.90
CA ILE A 456 -30.97 16.45 -22.75
C ILE A 456 -31.39 15.58 -23.93
N VAL A 457 -31.26 16.14 -25.12
CA VAL A 457 -31.43 15.41 -26.37
C VAL A 457 -30.07 15.36 -27.04
N PHE A 458 -29.57 14.15 -27.30
CA PHE A 458 -28.21 13.99 -27.76
C PHE A 458 -28.04 14.28 -29.25
N GLY A 459 -29.13 14.57 -29.97
CA GLY A 459 -28.98 15.11 -31.30
C GLY A 459 -28.36 16.49 -31.30
N GLU A 460 -28.69 17.31 -30.30
CA GLU A 460 -28.16 18.65 -30.19
C GLU A 460 -26.88 18.73 -29.37
N VAL A 461 -26.62 17.76 -28.49
CA VAL A 461 -25.39 17.78 -27.72
C VAL A 461 -24.19 17.48 -28.61
N ASP A 462 -24.31 16.48 -29.48
CA ASP A 462 -23.22 16.09 -30.35
C ASP A 462 -23.27 16.76 -31.71
N ARG A 463 -24.45 17.25 -32.13
CA ARG A 463 -24.67 17.91 -33.42
C ARG A 463 -24.22 17.06 -34.61
N MET B 1 -46.13 -38.40 6.96
CA MET B 1 -45.87 -39.01 5.66
C MET B 1 -46.44 -38.17 4.52
N ASN B 2 -47.53 -37.45 4.81
CA ASN B 2 -48.12 -36.58 3.81
C ASN B 2 -47.22 -35.40 3.48
N LEU B 3 -46.61 -34.80 4.52
CA LEU B 3 -45.73 -33.66 4.31
C LEU B 3 -44.47 -34.06 3.54
N MET B 4 -43.91 -35.23 3.83
CA MET B 4 -42.74 -35.71 3.10
C MET B 4 -43.08 -35.98 1.65
N ILE B 5 -44.26 -36.55 1.39
CA ILE B 5 -44.70 -36.82 0.03
C ILE B 5 -44.89 -35.51 -0.73
N THR B 6 -45.50 -34.51 -0.09
CA THR B 6 -45.68 -33.22 -0.74
C THR B 6 -44.36 -32.52 -1.02
N LEU B 7 -43.42 -32.59 -0.08
CA LEU B 7 -42.09 -32.01 -0.29
C LEU B 7 -41.36 -32.70 -1.43
N LEU B 8 -41.43 -34.03 -1.49
CA LEU B 8 -40.78 -34.77 -2.56
C LEU B 8 -41.42 -34.47 -3.91
N THR B 9 -42.74 -34.33 -3.94
CA THR B 9 -43.44 -34.01 -5.19
C THR B 9 -43.06 -32.62 -5.70
N ASN B 10 -43.02 -31.63 -4.79
CA ASN B 10 -42.62 -30.29 -5.18
C ASN B 10 -41.18 -30.26 -5.66
N PHE B 11 -40.29 -30.97 -4.96
CA PHE B 11 -38.89 -31.02 -5.35
C PHE B 11 -38.70 -31.69 -6.70
N THR B 12 -39.40 -32.81 -6.95
CA THR B 12 -39.21 -33.50 -8.21
C THR B 12 -39.84 -32.75 -9.38
N LEU B 13 -40.95 -32.03 -9.14
CA LEU B 13 -41.49 -31.17 -10.19
C LEU B 13 -40.53 -30.03 -10.49
N ALA B 14 -39.91 -29.46 -9.46
CA ALA B 14 -38.94 -28.39 -9.67
C ALA B 14 -37.73 -28.86 -10.46
N THR B 15 -37.18 -30.04 -10.15
CA THR B 15 -36.01 -30.45 -10.92
C THR B 15 -36.37 -30.94 -12.30
N LEU B 16 -37.58 -31.50 -12.49
CA LEU B 16 -38.03 -31.81 -13.84
C LEU B 16 -38.15 -30.57 -14.70
N LEU B 17 -38.73 -29.50 -14.13
CA LEU B 17 -38.86 -28.24 -14.87
C LEU B 17 -37.50 -27.62 -15.16
N VAL B 18 -36.57 -27.68 -14.19
CA VAL B 18 -35.24 -27.12 -14.41
C VAL B 18 -34.48 -27.91 -15.48
N THR B 19 -34.57 -29.24 -15.44
CA THR B 19 -33.92 -30.07 -16.46
C THR B 19 -34.50 -29.81 -17.84
N ILE B 20 -35.82 -29.68 -17.93
CA ILE B 20 -36.47 -29.39 -19.22
C ILE B 20 -36.03 -28.02 -19.73
N ALA B 21 -36.02 -27.02 -18.85
CA ALA B 21 -35.64 -25.67 -19.28
C ALA B 21 -34.17 -25.58 -19.66
N PHE B 22 -33.32 -26.39 -19.03
CA PHE B 22 -31.89 -26.33 -19.26
C PHE B 22 -31.40 -27.26 -20.36
N TRP B 23 -32.21 -28.22 -20.80
CA TRP B 23 -31.75 -29.21 -21.76
C TRP B 23 -32.57 -29.31 -23.04
N LEU B 24 -33.83 -28.87 -23.06
CA LEU B 24 -34.64 -28.99 -24.26
C LEU B 24 -34.11 -28.20 -25.46
N PRO B 25 -33.72 -26.92 -25.36
CA PRO B 25 -33.11 -26.28 -26.54
C PRO B 25 -31.63 -26.55 -26.69
N GLN B 26 -31.03 -27.35 -25.80
CA GLN B 26 -29.64 -27.77 -25.99
C GLN B 26 -29.50 -28.73 -27.15
N LEU B 27 -30.53 -29.51 -27.44
CA LEU B 27 -30.50 -30.44 -28.58
C LEU B 27 -30.66 -29.74 -29.91
N ASN B 28 -31.06 -28.47 -29.92
CA ASN B 28 -31.07 -27.69 -31.15
C ASN B 28 -29.65 -27.37 -31.58
N VAL B 29 -29.49 -27.07 -32.87
CA VAL B 29 -28.18 -26.79 -33.46
C VAL B 29 -28.08 -25.30 -33.69
N TYR B 30 -27.05 -24.68 -33.12
CA TYR B 30 -26.82 -23.24 -33.25
C TYR B 30 -25.31 -23.01 -33.36
N SER B 31 -24.90 -21.76 -33.22
CA SER B 31 -23.50 -21.36 -33.30
C SER B 31 -23.04 -20.84 -31.94
N GLU B 32 -21.78 -21.15 -31.59
CA GLU B 32 -21.26 -20.80 -30.28
C GLU B 32 -20.87 -19.33 -30.22
N LYS B 33 -20.45 -18.91 -29.02
CA LYS B 33 -20.14 -17.52 -28.74
C LYS B 33 -18.78 -17.44 -28.04
N THR B 34 -18.13 -16.28 -28.17
CA THR B 34 -16.85 -16.05 -27.52
C THR B 34 -17.01 -15.97 -26.00
N SER B 35 -15.89 -16.16 -25.30
CA SER B 35 -15.86 -16.20 -23.84
C SER B 35 -16.20 -14.87 -23.18
N PRO B 36 -15.82 -13.70 -23.75
CA PRO B 36 -16.46 -12.50 -23.17
C PRO B 36 -17.97 -12.46 -23.38
N ASP B 42 -20.11 -5.71 -18.55
CA ASP B 42 -20.16 -5.40 -17.13
C ASP B 42 -19.21 -4.24 -16.80
N PRO B 43 -19.73 -3.23 -16.10
CA PRO B 43 -18.94 -2.00 -15.89
C PRO B 43 -17.69 -2.17 -15.04
N MET B 44 -17.59 -3.23 -14.24
CA MET B 44 -16.54 -3.39 -13.24
C MET B 44 -15.79 -4.70 -13.43
N GLY B 45 -15.52 -5.05 -14.69
CA GLY B 45 -14.85 -6.31 -14.97
C GLY B 45 -13.42 -6.37 -14.48
N SER B 46 -12.66 -5.30 -14.67
CA SER B 46 -11.26 -5.27 -14.24
C SER B 46 -11.11 -4.78 -12.81
N ALA B 47 -12.02 -3.96 -12.31
CA ALA B 47 -11.92 -3.42 -10.97
C ALA B 47 -12.31 -4.46 -9.94
N ARG B 48 -11.60 -4.49 -8.82
CA ARG B 48 -11.96 -5.35 -7.71
C ARG B 48 -13.17 -4.78 -6.98
N LEU B 49 -13.82 -5.65 -6.21
CA LEU B 49 -14.98 -5.22 -5.43
C LEU B 49 -14.53 -4.56 -4.15
N PRO B 50 -14.85 -3.29 -3.91
CA PRO B 50 -14.49 -2.67 -2.64
C PRO B 50 -15.48 -2.98 -1.55
N PHE B 51 -14.96 -3.11 -0.33
CA PHE B 51 -15.81 -3.42 0.82
C PHE B 51 -16.62 -2.20 1.24
N SER B 52 -17.86 -2.44 1.64
CA SER B 52 -18.73 -1.40 2.17
C SER B 52 -19.19 -1.81 3.56
N MET B 53 -18.96 -0.95 4.54
CA MET B 53 -19.31 -1.26 5.91
C MET B 53 -20.82 -1.21 6.15
N LYS B 54 -21.56 -0.48 5.32
CA LYS B 54 -22.98 -0.26 5.58
C LYS B 54 -23.80 -1.52 5.38
N PHE B 55 -23.51 -2.29 4.33
CA PHE B 55 -24.23 -3.52 4.07
C PHE B 55 -23.98 -4.56 5.14
N PHE B 56 -22.72 -4.69 5.59
CA PHE B 56 -22.41 -5.60 6.67
C PHE B 56 -23.06 -5.15 7.98
N LEU B 57 -23.11 -3.84 8.20
CA LEU B 57 -23.75 -3.31 9.41
C LEU B 57 -25.25 -3.60 9.42
N VAL B 58 -25.94 -3.43 8.29
CA VAL B 58 -27.38 -3.71 8.29
C VAL B 58 -27.61 -5.21 8.36
N ALA B 59 -26.66 -6.02 7.86
CA ALA B 59 -26.77 -7.47 8.02
C ALA B 59 -26.70 -7.89 9.48
N ILE B 60 -25.71 -7.37 10.22
CA ILE B 60 -25.61 -7.74 11.63
C ILE B 60 -26.75 -7.14 12.45
N THR B 61 -27.23 -5.94 12.07
CA THR B 61 -28.40 -5.38 12.74
C THR B 61 -29.64 -6.26 12.53
N PHE B 62 -29.81 -6.77 11.31
CA PHE B 62 -30.88 -7.73 11.04
C PHE B 62 -30.72 -8.99 11.88
N LEU B 63 -29.48 -9.48 12.01
CA LEU B 63 -29.25 -10.71 12.78
C LEU B 63 -29.61 -10.51 14.25
N LEU B 64 -29.22 -9.38 14.83
CA LEU B 64 -29.50 -9.13 16.24
C LEU B 64 -30.98 -8.90 16.48
N PHE B 65 -31.63 -8.14 15.60
CA PHE B 65 -33.09 -7.97 15.72
C PHE B 65 -33.83 -9.27 15.49
N ASP B 66 -33.28 -10.16 14.66
CA ASP B 66 -33.89 -11.46 14.41
C ASP B 66 -33.77 -12.33 15.66
N LEU B 67 -32.63 -12.26 16.36
CA LEU B 67 -32.48 -13.00 17.61
C LEU B 67 -33.45 -12.51 18.68
N GLU B 68 -33.62 -11.19 18.78
CA GLU B 68 -34.60 -10.68 19.74
C GLU B 68 -36.04 -10.99 19.31
N ILE B 69 -36.29 -11.12 18.00
CA ILE B 69 -37.57 -11.59 17.51
C ILE B 69 -37.81 -13.03 17.95
N ALA B 70 -36.77 -13.86 17.87
CA ALA B 70 -36.87 -15.24 18.33
C ALA B 70 -37.16 -15.31 19.82
N LEU B 71 -36.57 -14.40 20.60
CA LEU B 71 -36.88 -14.33 22.02
C LEU B 71 -38.33 -13.89 22.26
N LEU B 72 -38.83 -12.95 21.44
CA LEU B 72 -40.16 -12.41 21.61
C LEU B 72 -41.27 -13.30 21.06
N LEU B 73 -40.93 -14.29 20.24
CA LEU B 73 -41.93 -15.08 19.53
C LEU B 73 -42.97 -15.84 20.37
N PRO B 74 -42.66 -16.54 21.51
CA PRO B 74 -43.68 -17.41 22.09
C PRO B 74 -44.75 -16.71 22.93
N LEU B 75 -44.91 -15.41 22.73
CA LEU B 75 -45.94 -14.64 23.43
C LEU B 75 -47.38 -15.16 23.27
N PRO B 76 -47.85 -15.62 22.09
CA PRO B 76 -49.20 -16.20 22.05
C PRO B 76 -49.41 -17.40 22.97
N TRP B 77 -48.41 -18.28 23.10
CA TRP B 77 -48.52 -19.35 24.06
C TRP B 77 -48.40 -18.83 25.49
N ALA B 78 -47.56 -17.82 25.70
CA ALA B 78 -47.26 -17.34 27.05
C ALA B 78 -48.38 -16.47 27.62
N SER B 79 -49.28 -15.96 26.79
CA SER B 79 -50.36 -15.12 27.30
C SER B 79 -51.40 -15.89 28.10
N GLN B 80 -51.37 -17.22 28.08
CA GLN B 80 -52.34 -18.04 28.79
C GLN B 80 -51.84 -18.48 30.17
N THR B 81 -50.94 -17.70 30.77
CA THR B 81 -50.33 -18.08 32.03
C THR B 81 -51.18 -17.63 33.21
N THR B 82 -50.67 -17.89 34.42
CA THR B 82 -51.33 -17.48 35.65
C THR B 82 -50.63 -16.31 36.33
N ASN B 83 -49.34 -16.12 36.07
CA ASN B 83 -48.63 -14.92 36.53
C ASN B 83 -48.72 -13.89 35.41
N LEU B 84 -49.89 -13.25 35.32
CA LEU B 84 -50.13 -12.31 34.24
C LEU B 84 -49.32 -11.02 34.40
N ASN B 85 -49.13 -10.57 35.64
CA ASN B 85 -48.33 -9.37 35.88
C ASN B 85 -46.88 -9.56 35.48
N THR B 86 -46.30 -10.71 35.84
CA THR B 86 -44.91 -10.99 35.49
C THR B 86 -44.75 -11.18 33.99
N MET B 87 -45.70 -11.87 33.34
CA MET B 87 -45.63 -12.05 31.90
C MET B 87 -45.73 -10.72 31.16
N LEU B 88 -46.65 -9.85 31.60
CA LEU B 88 -46.79 -8.54 30.97
C LEU B 88 -45.53 -7.70 31.17
N THR B 89 -44.96 -7.74 32.38
CA THR B 89 -43.73 -7.00 32.65
C THR B 89 -42.57 -7.48 31.80
N MET B 90 -42.42 -8.80 31.65
CA MET B 90 -41.29 -9.32 30.88
C MET B 90 -41.46 -9.07 29.40
N ALA B 91 -42.70 -9.17 28.88
CA ALA B 91 -42.93 -8.86 27.48
C ALA B 91 -42.66 -7.40 27.18
N LEU B 92 -43.15 -6.49 28.04
CA LEU B 92 -42.90 -5.07 27.84
C LEU B 92 -41.42 -4.75 27.98
N LEU B 93 -40.71 -5.44 28.87
CA LEU B 93 -39.28 -5.22 29.02
C LEU B 93 -38.52 -5.68 27.78
N LEU B 94 -38.93 -6.80 27.19
CA LEU B 94 -38.27 -7.29 25.98
C LEU B 94 -38.45 -6.32 24.82
N ILE B 95 -39.68 -5.86 24.60
CA ILE B 95 -39.91 -4.92 23.51
C ILE B 95 -39.25 -3.57 23.80
N PHE B 96 -39.19 -3.17 25.08
CA PHE B 96 -38.51 -1.92 25.43
C PHE B 96 -37.02 -2.00 25.19
N LEU B 97 -36.40 -3.16 25.48
CA LEU B 97 -34.98 -3.32 25.19
C LEU B 97 -34.72 -3.36 23.69
N LEU B 98 -35.64 -3.94 22.92
CA LEU B 98 -35.53 -3.89 21.47
C LEU B 98 -35.59 -2.45 20.95
N ALA B 99 -36.53 -1.66 21.47
CA ALA B 99 -36.63 -0.25 21.08
C ALA B 99 -35.43 0.55 21.54
N VAL B 100 -34.86 0.21 22.70
CA VAL B 100 -33.67 0.90 23.20
C VAL B 100 -32.48 0.62 22.30
N SER B 101 -32.33 -0.63 21.85
CA SER B 101 -31.28 -0.97 20.90
C SER B 101 -31.47 -0.22 19.58
N LEU B 102 -32.71 -0.14 19.10
CA LEU B 102 -32.99 0.60 17.87
C LEU B 102 -32.66 2.09 18.01
N ALA B 103 -33.04 2.69 19.14
CA ALA B 103 -32.77 4.11 19.34
C ALA B 103 -31.29 4.39 19.52
N TYR B 104 -30.55 3.47 20.17
CA TYR B 104 -29.12 3.67 20.32
C TYR B 104 -28.41 3.51 18.98
N GLU B 105 -28.87 2.60 18.13
CA GLU B 105 -28.32 2.53 16.77
C GLU B 105 -28.68 3.77 15.97
N TRP B 106 -29.85 4.36 16.23
CA TRP B 106 -30.26 5.60 15.56
C TRP B 106 -29.35 6.76 15.95
N THR B 107 -29.06 6.89 17.26
CA THR B 107 -28.37 8.07 17.73
C THR B 107 -26.89 8.09 17.35
N GLN B 108 -26.24 6.92 17.28
CA GLN B 108 -24.81 6.85 17.01
C GLN B 108 -24.50 6.74 15.52
N LYS B 109 -25.38 7.27 14.65
CA LYS B 109 -25.21 7.29 13.19
C LYS B 109 -25.03 5.88 12.63
N GLY B 110 -25.71 4.91 13.21
CA GLY B 110 -25.61 3.54 12.73
C GLY B 110 -26.37 3.31 11.44
N LEU B 111 -27.50 3.97 11.27
CA LEU B 111 -28.33 3.82 10.07
C LEU B 111 -28.07 4.96 9.10
N GLU B 112 -26.84 5.01 8.59
CA GLU B 112 -26.41 6.10 7.70
C GLU B 112 -26.16 5.57 6.30
N TRP B 113 -26.82 6.21 5.33
CA TRP B 113 -26.74 6.01 3.87
C TRP B 113 -27.40 4.70 3.44
N THR B 114 -27.75 3.86 4.42
CA THR B 114 -28.78 2.83 4.30
C THR B 114 -29.61 3.05 5.55
N GLU B 115 -30.53 4.00 5.49
CA GLU B 115 -31.18 4.51 6.69
C GLU B 115 -32.24 3.55 7.21
N MET C 1 -54.27 -41.30 -3.82
CA MET C 1 -55.42 -40.46 -3.51
C MET C 1 -54.96 -39.10 -3.00
N PHE C 2 -53.94 -39.10 -2.14
CA PHE C 2 -53.39 -37.85 -1.66
C PHE C 2 -52.55 -37.15 -2.73
N MET C 3 -51.90 -37.92 -3.61
CA MET C 3 -51.14 -37.32 -4.70
C MET C 3 -52.06 -36.61 -5.69
N ILE C 4 -53.30 -37.07 -5.82
CA ILE C 4 -54.29 -36.34 -6.61
C ILE C 4 -54.55 -34.97 -6.00
N ASN C 5 -54.65 -34.91 -4.66
CA ASN C 5 -54.82 -33.64 -3.97
C ASN C 5 -53.61 -32.73 -4.18
N VAL C 6 -52.40 -33.31 -4.14
CA VAL C 6 -51.18 -32.53 -4.35
C VAL C 6 -51.15 -31.96 -5.77
N LEU C 7 -51.49 -32.77 -6.77
CA LEU C 7 -51.48 -32.29 -8.15
C LEU C 7 -52.54 -31.23 -8.39
N THR C 8 -53.75 -31.42 -7.84
CA THR C 8 -54.79 -30.40 -7.95
C THR C 8 -54.47 -29.16 -7.14
N LEU C 9 -53.51 -29.23 -6.22
CA LEU C 9 -53.00 -28.01 -5.61
C LEU C 9 -51.98 -27.31 -6.51
N ILE C 10 -51.05 -28.08 -7.09
CA ILE C 10 -49.87 -27.45 -7.69
C ILE C 10 -50.03 -27.06 -9.16
N ILE C 11 -50.89 -27.75 -9.91
CA ILE C 11 -51.07 -27.40 -11.33
C ILE C 11 -51.91 -26.13 -11.50
N PRO C 12 -53.00 -25.92 -10.75
CA PRO C 12 -53.68 -24.61 -10.82
C PRO C 12 -52.81 -23.44 -10.40
N ILE C 13 -51.75 -23.64 -9.61
CA ILE C 13 -50.83 -22.55 -9.30
C ILE C 13 -50.14 -22.07 -10.57
N LEU C 14 -49.67 -23.01 -11.39
CA LEU C 14 -49.00 -22.64 -12.64
C LEU C 14 -49.97 -21.99 -13.62
N LEU C 15 -51.19 -22.54 -13.71
CA LEU C 15 -52.19 -21.91 -14.57
C LEU C 15 -52.53 -20.51 -14.11
N ALA C 16 -52.65 -20.32 -12.79
CA ALA C 16 -53.00 -19.02 -12.22
C ALA C 16 -51.89 -18.02 -12.44
N VAL C 17 -50.62 -18.43 -12.37
CA VAL C 17 -49.56 -17.44 -12.57
C VAL C 17 -49.41 -17.08 -14.05
N ALA C 18 -49.65 -18.03 -14.97
CA ALA C 18 -49.64 -17.67 -16.39
C ALA C 18 -50.76 -16.68 -16.71
N PHE C 19 -51.97 -16.97 -16.26
CA PHE C 19 -53.02 -16.01 -16.50
C PHE C 19 -52.91 -14.77 -15.61
N LEU C 20 -52.08 -14.81 -14.57
CA LEU C 20 -51.76 -13.59 -13.85
C LEU C 20 -50.86 -12.68 -14.67
N THR C 21 -49.93 -13.26 -15.43
CA THR C 21 -49.16 -12.45 -16.38
C THR C 21 -50.09 -11.80 -17.41
N LEU C 22 -51.05 -12.58 -17.92
CA LEU C 22 -52.02 -12.02 -18.87
C LEU C 22 -52.86 -10.91 -18.23
N VAL C 23 -53.36 -11.15 -17.02
CA VAL C 23 -54.21 -10.19 -16.33
C VAL C 23 -53.43 -8.93 -15.98
N GLU C 24 -52.15 -9.09 -15.60
CA GLU C 24 -51.29 -7.95 -15.34
C GLU C 24 -51.13 -7.09 -16.58
N ARG C 25 -50.86 -7.71 -17.72
CA ARG C 25 -50.69 -6.93 -18.95
C ARG C 25 -51.98 -6.22 -19.34
N LYS C 26 -53.12 -6.90 -19.24
CA LYS C 26 -54.40 -6.29 -19.64
C LYS C 26 -54.80 -5.16 -18.69
N VAL C 27 -54.71 -5.39 -17.37
CA VAL C 27 -55.15 -4.40 -16.39
C VAL C 27 -54.20 -3.22 -16.38
N LEU C 28 -52.89 -3.47 -16.50
CA LEU C 28 -51.92 -2.39 -16.62
C LEU C 28 -52.17 -1.56 -17.86
N GLY C 29 -52.46 -2.21 -18.99
CA GLY C 29 -52.71 -1.47 -20.21
C GLY C 29 -53.98 -0.63 -20.16
N TYR C 30 -55.04 -1.18 -19.59
CA TYR C 30 -56.30 -0.43 -19.54
C TYR C 30 -56.24 0.73 -18.56
N MET C 31 -55.28 0.74 -17.64
CA MET C 31 -55.14 1.84 -16.70
C MET C 31 -54.34 3.00 -17.28
N GLN C 32 -53.69 2.81 -18.43
CA GLN C 32 -52.96 3.88 -19.09
C GLN C 32 -53.49 4.07 -20.50
N PHE C 33 -54.81 4.01 -20.63
CA PHE C 33 -55.58 4.52 -21.77
C PHE C 33 -55.37 3.71 -23.04
N ARG C 34 -54.85 2.48 -22.92
CA ARG C 34 -54.71 1.60 -24.07
C ARG C 34 -55.32 0.23 -23.77
N LYS C 35 -55.09 -0.74 -24.66
CA LYS C 35 -55.54 -2.11 -24.46
C LYS C 35 -54.35 -3.00 -24.15
N GLY C 36 -54.65 -4.15 -23.56
CA GLY C 36 -53.66 -5.20 -23.43
C GLY C 36 -53.70 -6.10 -24.63
N PRO C 37 -53.07 -7.27 -24.55
CA PRO C 37 -53.09 -8.21 -25.68
C PRO C 37 -54.50 -8.70 -25.99
N ASN C 38 -54.93 -8.47 -27.23
CA ASN C 38 -56.22 -8.96 -27.69
C ASN C 38 -56.17 -9.46 -29.13
N VAL C 39 -54.99 -9.83 -29.63
CA VAL C 39 -54.82 -10.26 -31.01
C VAL C 39 -54.48 -11.74 -31.10
N VAL C 40 -53.68 -12.25 -30.15
CA VAL C 40 -53.20 -13.62 -30.24
C VAL C 40 -54.34 -14.61 -30.04
N GLY C 41 -55.17 -14.39 -29.03
CA GLY C 41 -56.35 -15.20 -28.83
C GLY C 41 -57.58 -14.34 -28.75
N PRO C 42 -58.73 -14.94 -28.45
CA PRO C 42 -59.93 -14.14 -28.16
C PRO C 42 -59.74 -13.36 -26.87
N TYR C 43 -59.62 -12.03 -26.98
CA TYR C 43 -59.22 -11.14 -25.89
C TYR C 43 -57.89 -11.57 -25.27
N GLY C 44 -56.99 -12.08 -26.11
CA GLY C 44 -55.65 -12.42 -25.67
C GLY C 44 -55.55 -13.61 -24.74
N LEU C 45 -56.54 -14.50 -24.76
CA LEU C 45 -56.52 -15.65 -23.85
C LEU C 45 -55.42 -16.65 -24.18
N LEU C 46 -54.88 -16.62 -25.40
CA LEU C 46 -53.82 -17.53 -25.80
C LEU C 46 -52.44 -16.91 -25.66
N GLN C 47 -52.34 -15.73 -25.07
CA GLN C 47 -51.04 -15.07 -24.90
C GLN C 47 -50.07 -15.82 -23.98
N PRO C 48 -50.45 -16.29 -22.77
CA PRO C 48 -49.45 -17.01 -21.96
C PRO C 48 -48.94 -18.30 -22.57
N ILE C 49 -49.78 -19.00 -23.34
CA ILE C 49 -49.35 -20.22 -23.99
C ILE C 49 -48.28 -19.91 -25.04
N ALA C 50 -48.52 -18.88 -25.84
CA ALA C 50 -47.54 -18.46 -26.85
C ALA C 50 -46.25 -18.01 -26.20
N ASP C 51 -46.35 -17.27 -25.09
CA ASP C 51 -45.15 -16.82 -24.39
C ASP C 51 -44.36 -18.00 -23.82
N ALA C 52 -45.05 -19.00 -23.28
CA ALA C 52 -44.36 -20.17 -22.73
C ALA C 52 -43.66 -20.98 -23.81
N ILE C 53 -44.35 -21.24 -24.93
CA ILE C 53 -43.73 -22.00 -26.00
C ILE C 53 -42.58 -21.21 -26.64
N LYS C 54 -42.70 -19.88 -26.73
CA LYS C 54 -41.58 -19.08 -27.20
C LYS C 54 -40.39 -19.15 -26.26
N LEU C 55 -40.64 -19.05 -24.95
CA LEU C 55 -39.54 -19.03 -23.99
C LEU C 55 -38.88 -20.37 -23.82
N PHE C 56 -39.57 -21.47 -24.10
CA PHE C 56 -38.98 -22.78 -23.90
C PHE C 56 -38.25 -23.30 -25.12
N ILE C 57 -38.25 -22.59 -26.25
CA ILE C 57 -37.51 -22.99 -27.43
C ILE C 57 -36.45 -21.97 -27.82
N LYS C 58 -36.28 -20.90 -27.04
CA LYS C 58 -35.20 -19.96 -27.27
C LYS C 58 -33.86 -20.61 -26.92
N GLU C 59 -32.80 -20.11 -27.55
CA GLU C 59 -31.47 -20.62 -27.26
C GLU C 59 -31.04 -20.21 -25.85
N PRO C 60 -30.55 -21.15 -25.03
CA PRO C 60 -30.04 -20.76 -23.72
C PRO C 60 -28.80 -19.90 -23.82
N LEU C 61 -28.65 -18.99 -22.86
CA LEU C 61 -27.53 -18.06 -22.86
C LEU C 61 -26.19 -18.78 -22.75
N ARG C 62 -26.08 -19.76 -21.87
CA ARG C 62 -24.86 -20.41 -21.43
C ARG C 62 -23.87 -19.34 -20.97
N PRO C 63 -24.07 -18.75 -19.80
CA PRO C 63 -23.09 -17.80 -19.27
C PRO C 63 -21.87 -18.50 -18.71
N ALA C 64 -20.79 -17.73 -18.57
CA ALA C 64 -19.55 -18.24 -17.99
C ALA C 64 -19.62 -18.13 -16.47
N THR C 65 -20.41 -19.03 -15.88
CA THR C 65 -20.61 -19.01 -14.45
C THR C 65 -19.38 -19.53 -13.71
N SER C 66 -19.10 -18.95 -12.55
CA SER C 66 -18.04 -19.45 -11.69
C SER C 66 -18.37 -20.84 -11.16
N SER C 67 -19.63 -21.05 -10.78
CA SER C 67 -20.11 -22.34 -10.29
C SER C 67 -21.39 -22.70 -11.04
N ILE C 68 -21.52 -23.97 -11.40
CA ILE C 68 -22.73 -24.45 -12.05
C ILE C 68 -23.71 -25.04 -11.05
N SER C 69 -23.24 -25.42 -9.85
CA SER C 69 -24.12 -26.01 -8.86
C SER C 69 -25.11 -24.99 -8.32
N MET C 70 -24.62 -23.79 -7.96
CA MET C 70 -25.51 -22.73 -7.50
C MET C 70 -26.42 -22.25 -8.62
N PHE C 71 -25.88 -22.19 -9.85
CA PHE C 71 -26.67 -21.78 -11.00
C PHE C 71 -27.85 -22.69 -11.24
N ILE C 72 -27.64 -24.01 -11.11
CA ILE C 72 -28.74 -24.95 -11.21
C ILE C 72 -29.65 -24.86 -9.99
N LEU C 73 -29.06 -24.70 -8.80
CA LEU C 73 -29.80 -24.88 -7.55
C LEU C 73 -30.71 -23.71 -7.23
N ALA C 74 -30.40 -22.51 -7.71
CA ALA C 74 -31.24 -21.36 -7.38
C ALA C 74 -32.67 -21.46 -7.94
N PRO C 75 -32.91 -21.83 -9.21
CA PRO C 75 -34.31 -22.11 -9.60
C PRO C 75 -34.93 -23.28 -8.87
N ILE C 76 -34.14 -24.28 -8.49
CA ILE C 76 -34.66 -25.44 -7.74
C ILE C 76 -35.26 -24.97 -6.42
N LEU C 77 -34.48 -24.22 -5.65
CA LEU C 77 -34.94 -23.73 -4.36
C LEU C 77 -36.07 -22.72 -4.51
N ALA C 78 -35.98 -21.87 -5.54
CA ALA C 78 -37.02 -20.86 -5.75
C ALA C 78 -38.37 -21.51 -6.03
N LEU C 79 -38.41 -22.47 -6.96
CA LEU C 79 -39.67 -23.14 -7.28
C LEU C 79 -40.15 -24.01 -6.13
N THR C 80 -39.22 -24.69 -5.44
CA THR C 80 -39.62 -25.56 -4.33
C THR C 80 -40.22 -24.76 -3.18
N LEU C 81 -39.61 -23.63 -2.81
CA LEU C 81 -40.17 -22.82 -1.75
C LEU C 81 -41.34 -21.96 -2.22
N ALA C 82 -41.55 -21.82 -3.52
CA ALA C 82 -42.77 -21.19 -3.99
C ALA C 82 -43.95 -22.14 -3.90
N LEU C 83 -43.74 -23.42 -4.20
CA LEU C 83 -44.84 -24.38 -4.23
C LEU C 83 -45.11 -25.06 -2.90
N THR C 84 -44.08 -25.29 -2.08
CA THR C 84 -44.26 -25.89 -0.77
C THR C 84 -45.05 -24.96 0.15
N MET C 85 -44.88 -23.66 -0.04
CA MET C 85 -45.44 -22.63 0.81
C MET C 85 -46.95 -22.46 0.66
N TRP C 86 -47.58 -23.15 -0.29
CA TRP C 86 -49.02 -23.08 -0.45
C TRP C 86 -49.78 -24.09 0.39
N ILE C 87 -49.12 -25.13 0.89
CA ILE C 87 -49.81 -26.28 1.49
C ILE C 87 -50.54 -26.02 2.82
N PRO C 88 -50.12 -25.09 3.76
CA PRO C 88 -50.90 -25.00 4.99
C PRO C 88 -52.04 -24.00 4.90
N LEU C 89 -52.38 -23.58 3.68
CA LEU C 89 -53.40 -22.55 3.50
C LEU C 89 -54.79 -23.09 3.75
N PRO C 90 -55.55 -22.53 4.68
CA PRO C 90 -56.88 -23.04 4.99
C PRO C 90 -57.94 -22.52 4.04
N MET C 91 -58.17 -23.20 2.91
CA MET C 91 -59.08 -22.72 1.88
C MET C 91 -60.30 -23.62 1.67
N PRO C 92 -61.18 -23.80 2.67
CA PRO C 92 -61.20 -23.50 4.10
C PRO C 92 -60.51 -24.61 4.88
N TYR C 93 -60.21 -25.72 4.19
CA TYR C 93 -59.50 -26.85 4.74
C TYR C 93 -58.13 -26.95 4.09
N PRO C 94 -57.06 -27.04 4.87
CA PRO C 94 -55.72 -27.07 4.28
C PRO C 94 -55.36 -28.45 3.76
N LEU C 95 -54.36 -28.47 2.88
CA LEU C 95 -53.80 -29.74 2.42
C LEU C 95 -53.11 -30.46 3.58
N ILE C 96 -52.23 -29.76 4.30
CA ILE C 96 -51.57 -30.28 5.48
C ILE C 96 -51.99 -29.39 6.65
N ASN C 97 -52.76 -29.96 7.57
CA ASN C 97 -53.24 -29.22 8.74
C ASN C 97 -52.16 -29.30 9.81
N MET C 98 -51.53 -28.17 10.10
CA MET C 98 -50.39 -28.11 11.00
C MET C 98 -50.66 -27.14 12.15
N ASN C 99 -50.00 -27.39 13.28
CA ASN C 99 -50.20 -26.57 14.46
C ASN C 99 -49.53 -25.20 14.32
N LEU C 100 -48.46 -25.12 13.55
CA LEU C 100 -47.62 -23.92 13.46
C LEU C 100 -47.45 -23.48 12.01
N GLY C 101 -48.57 -23.36 11.28
CA GLY C 101 -48.50 -23.01 9.87
C GLY C 101 -47.93 -21.64 9.61
N VAL C 102 -48.24 -20.67 10.48
CA VAL C 102 -47.69 -19.32 10.35
C VAL C 102 -46.18 -19.34 10.49
N LEU C 103 -45.68 -20.08 11.49
CA LEU C 103 -44.25 -20.19 11.69
C LEU C 103 -43.59 -20.91 10.51
N PHE C 104 -44.29 -21.88 9.93
CA PHE C 104 -43.80 -22.57 8.73
C PHE C 104 -43.64 -21.62 7.56
N MET C 105 -44.65 -20.77 7.33
CA MET C 105 -44.59 -19.82 6.22
C MET C 105 -43.52 -18.76 6.47
N LEU C 106 -43.35 -18.33 7.72
CA LEU C 106 -42.29 -17.38 8.02
C LEU C 106 -40.91 -18.00 7.83
N ALA C 107 -40.78 -19.29 8.16
CA ALA C 107 -39.50 -19.99 7.96
C ALA C 107 -39.15 -20.09 6.48
N MET C 108 -40.13 -20.44 5.64
CA MET C 108 -39.85 -20.46 4.20
C MET C 108 -39.63 -19.07 3.64
N SER C 109 -40.26 -18.04 4.22
CA SER C 109 -39.98 -16.67 3.78
C SER C 109 -38.54 -16.30 4.06
N SER C 110 -38.05 -16.64 5.24
CA SER C 110 -36.65 -16.39 5.57
C SER C 110 -35.71 -17.23 4.70
N LEU C 111 -36.14 -18.44 4.34
CA LEU C 111 -35.29 -19.34 3.58
C LEU C 111 -35.24 -19.01 2.09
N ALA C 112 -36.21 -18.24 1.58
CA ALA C 112 -36.28 -17.98 0.14
C ALA C 112 -35.18 -17.07 -0.40
N VAL C 113 -34.40 -16.40 0.46
CA VAL C 113 -33.39 -15.46 -0.04
C VAL C 113 -32.16 -16.13 -0.58
N TYR C 114 -31.99 -17.44 -0.35
CA TYR C 114 -30.81 -18.13 -0.83
C TYR C 114 -30.82 -18.26 -2.35
N SER C 115 -32.00 -18.26 -2.97
CA SER C 115 -32.06 -18.24 -4.43
C SER C 115 -31.47 -16.95 -4.98
N ILE C 116 -31.80 -15.81 -4.37
CA ILE C 116 -31.21 -14.53 -4.77
C ILE C 116 -29.71 -14.53 -4.54
N LEU C 117 -29.28 -15.02 -3.37
CA LEU C 117 -27.86 -15.01 -3.04
C LEU C 117 -27.04 -15.90 -3.97
N TRP C 118 -27.53 -17.11 -4.23
CA TRP C 118 -26.81 -18.03 -5.12
C TRP C 118 -26.86 -17.58 -6.57
N SER C 119 -27.97 -16.96 -6.99
CA SER C 119 -28.02 -16.40 -8.34
C SER C 119 -27.04 -15.24 -8.51
N GLY C 120 -26.91 -14.41 -7.48
CA GLY C 120 -25.93 -13.34 -7.54
C GLY C 120 -24.50 -13.84 -7.52
N TRP C 121 -24.25 -14.91 -6.75
CA TRP C 121 -22.88 -15.42 -6.66
C TRP C 121 -22.48 -16.16 -7.92
N ALA C 122 -23.38 -16.95 -8.49
CA ALA C 122 -23.05 -17.81 -9.63
C ALA C 122 -22.73 -17.00 -10.88
N SER C 123 -23.38 -15.85 -11.07
CA SER C 123 -23.06 -14.99 -12.19
C SER C 123 -21.68 -14.37 -12.02
N ASN C 124 -20.91 -14.35 -13.11
CA ASN C 124 -19.54 -13.86 -13.02
C ASN C 124 -19.47 -12.34 -12.92
N SER C 125 -20.55 -11.63 -13.22
CA SER C 125 -20.56 -10.18 -13.13
C SER C 125 -20.73 -9.75 -11.69
N LYS C 126 -19.82 -8.90 -11.22
CA LYS C 126 -19.86 -8.44 -9.83
C LYS C 126 -20.95 -7.39 -9.61
N TYR C 127 -21.39 -6.70 -10.67
CA TYR C 127 -22.52 -5.78 -10.55
C TYR C 127 -23.79 -6.53 -10.20
N ALA C 128 -23.99 -7.71 -10.79
CA ALA C 128 -25.10 -8.56 -10.40
C ALA C 128 -24.98 -9.00 -8.95
N LEU C 129 -23.75 -9.22 -8.48
CA LEU C 129 -23.54 -9.54 -7.07
C LEU C 129 -23.96 -8.39 -6.17
N ILE C 130 -23.63 -7.16 -6.55
CA ILE C 130 -24.02 -5.99 -5.76
C ILE C 130 -25.54 -5.86 -5.71
N GLY C 131 -26.19 -6.03 -6.86
CA GLY C 131 -27.64 -5.98 -6.89
C GLY C 131 -28.29 -7.05 -6.05
N ALA C 132 -27.72 -8.26 -6.08
CA ALA C 132 -28.22 -9.34 -5.24
C ALA C 132 -28.05 -9.06 -3.76
N LEU C 133 -26.92 -8.43 -3.38
CA LEU C 133 -26.73 -8.07 -1.97
C LEU C 133 -27.76 -7.05 -1.51
N ARG C 134 -28.05 -6.05 -2.35
CA ARG C 134 -29.07 -5.06 -1.99
C ARG C 134 -30.45 -5.69 -1.88
N ALA C 135 -30.80 -6.59 -2.81
CA ALA C 135 -32.09 -7.27 -2.75
C ALA C 135 -32.20 -8.14 -1.50
N VAL C 136 -31.12 -8.82 -1.12
CA VAL C 136 -31.10 -9.65 0.07
C VAL C 136 -31.32 -8.80 1.32
N ALA C 137 -30.65 -7.64 1.39
CA ALA C 137 -30.81 -6.76 2.55
C ALA C 137 -32.24 -6.25 2.66
N GLN C 138 -32.84 -5.86 1.55
CA GLN C 138 -34.23 -5.42 1.56
C GLN C 138 -35.17 -6.52 2.03
N THR C 139 -34.96 -7.75 1.52
CA THR C 139 -35.83 -8.86 1.87
C THR C 139 -35.72 -9.21 3.35
N ILE C 140 -34.51 -9.22 3.92
CA ILE C 140 -34.37 -9.60 5.32
C ILE C 140 -34.91 -8.51 6.25
N SER C 141 -34.76 -7.23 5.88
CA SER C 141 -35.34 -6.16 6.69
C SER C 141 -36.87 -6.25 6.73
N TYR C 142 -37.49 -6.45 5.57
CA TYR C 142 -38.94 -6.58 5.60
C TYR C 142 -39.38 -7.93 6.17
N GLU C 143 -38.49 -8.92 6.20
CA GLU C 143 -38.75 -10.14 6.96
C GLU C 143 -38.89 -9.84 8.45
N VAL C 144 -38.02 -8.98 8.98
CA VAL C 144 -38.11 -8.59 10.39
C VAL C 144 -39.46 -7.93 10.68
N THR C 145 -39.85 -6.97 9.83
CA THR C 145 -41.11 -6.29 10.12
C THR C 145 -42.33 -7.21 9.91
N LEU C 146 -42.24 -8.16 8.97
CA LEU C 146 -43.29 -9.15 8.78
C LEU C 146 -43.44 -10.03 10.01
N ALA C 147 -42.31 -10.45 10.59
CA ALA C 147 -42.35 -11.31 11.78
C ALA C 147 -43.00 -10.60 12.96
N ILE C 148 -42.65 -9.32 13.18
CA ILE C 148 -43.24 -8.63 14.33
C ILE C 148 -44.73 -8.40 14.14
N ILE C 149 -45.16 -8.00 12.93
CA ILE C 149 -46.57 -7.78 12.67
C ILE C 149 -47.37 -9.07 12.82
N LEU C 150 -46.82 -10.18 12.29
CA LEU C 150 -47.47 -11.47 12.41
C LEU C 150 -47.57 -11.92 13.86
N LEU C 151 -46.53 -11.64 14.66
CA LEU C 151 -46.57 -11.98 16.08
C LEU C 151 -47.69 -11.25 16.80
N SER C 152 -47.84 -9.95 16.53
CA SER C 152 -48.89 -9.19 17.20
C SER C 152 -50.29 -9.64 16.78
N VAL C 153 -50.48 -9.90 15.48
CA VAL C 153 -51.79 -10.34 15.00
C VAL C 153 -52.14 -11.72 15.58
N LEU C 154 -51.16 -12.62 15.63
CA LEU C 154 -51.42 -13.94 16.20
C LEU C 154 -51.61 -13.88 17.70
N LEU C 155 -51.01 -12.89 18.37
CA LEU C 155 -51.28 -12.69 19.78
C LEU C 155 -52.72 -12.26 20.00
N MET C 156 -53.28 -11.50 19.06
CA MET C 156 -54.72 -11.31 19.06
C MET C 156 -55.45 -12.63 18.78
N ASN C 157 -54.91 -13.45 17.88
CA ASN C 157 -55.57 -14.71 17.54
C ASN C 157 -55.43 -15.75 18.65
N GLY C 158 -54.22 -15.91 19.20
CA GLY C 158 -53.99 -16.78 20.34
C GLY C 158 -53.30 -18.09 20.03
N SER C 159 -53.16 -18.47 18.76
CA SER C 159 -52.46 -19.70 18.42
C SER C 159 -51.87 -19.57 17.03
N PHE C 160 -50.90 -20.42 16.74
CA PHE C 160 -50.21 -20.39 15.46
C PHE C 160 -50.95 -21.15 14.37
N THR C 161 -52.07 -21.80 14.69
CA THR C 161 -52.81 -22.54 13.70
C THR C 161 -53.46 -21.60 12.70
N LEU C 162 -53.28 -21.88 11.41
CA LEU C 162 -53.80 -21.01 10.37
C LEU C 162 -55.31 -21.16 10.19
N SER C 163 -55.85 -22.34 10.47
CA SER C 163 -57.29 -22.56 10.34
C SER C 163 -58.08 -21.89 11.46
N THR C 164 -57.44 -21.60 12.59
CA THR C 164 -58.11 -20.91 13.69
C THR C 164 -58.43 -19.46 13.33
N LEU C 165 -57.72 -18.90 12.33
CA LEU C 165 -57.96 -17.53 11.91
C LEU C 165 -59.35 -17.36 11.31
N ILE C 166 -59.93 -18.42 10.75
CA ILE C 166 -61.30 -18.37 10.29
C ILE C 166 -62.26 -18.30 11.46
N ILE C 167 -61.96 -19.04 12.53
CA ILE C 167 -62.83 -19.07 13.71
C ILE C 167 -62.79 -17.73 14.44
N THR C 168 -61.60 -17.16 14.59
CA THR C 168 -61.46 -15.91 15.34
C THR C 168 -62.00 -14.70 14.59
N GLN C 169 -62.35 -14.85 13.32
CA GLN C 169 -62.87 -13.76 12.51
C GLN C 169 -64.33 -13.98 12.13
N GLU C 170 -65.06 -14.75 12.93
CA GLU C 170 -66.44 -15.09 12.60
C GLU C 170 -67.35 -13.89 12.76
N GLN C 171 -67.15 -13.09 13.81
CA GLN C 171 -68.00 -11.92 14.04
C GLN C 171 -67.58 -10.77 13.16
N VAL C 172 -66.34 -10.29 13.31
CA VAL C 172 -65.86 -9.13 12.59
C VAL C 172 -64.46 -9.43 12.04
N TRP C 173 -64.07 -8.66 11.02
CA TRP C 173 -62.77 -8.79 10.42
C TRP C 173 -61.68 -8.29 11.37
N LEU C 174 -60.45 -8.76 11.16
CA LEU C 174 -59.33 -8.22 11.92
C LEU C 174 -58.74 -6.95 11.31
N ILE C 175 -59.29 -6.46 10.20
CA ILE C 175 -58.85 -5.16 9.72
C ILE C 175 -59.47 -4.04 10.52
N PHE C 176 -60.50 -4.32 11.30
CA PHE C 176 -61.13 -3.30 12.13
C PHE C 176 -60.36 -3.03 13.42
N PRO C 177 -59.87 -4.03 14.18
CA PRO C 177 -59.01 -3.70 15.32
C PRO C 177 -57.53 -3.57 14.97
N ALA C 178 -57.12 -3.86 13.74
CA ALA C 178 -55.70 -3.86 13.40
C ALA C 178 -55.45 -3.26 12.02
N TRP C 179 -56.08 -2.13 11.73
CA TRP C 179 -55.81 -1.50 10.44
C TRP C 179 -54.42 -0.87 10.26
N PRO C 180 -53.73 -0.31 11.29
CA PRO C 180 -52.34 0.10 11.03
C PRO C 180 -51.43 -1.08 10.76
N LEU C 181 -51.63 -2.17 11.49
CA LEU C 181 -50.91 -3.41 11.21
C LEU C 181 -51.27 -3.95 9.84
N ALA C 182 -52.52 -3.79 9.41
CA ALA C 182 -52.92 -4.22 8.07
C ALA C 182 -52.20 -3.44 7.00
N MET C 183 -52.15 -2.11 7.13
CA MET C 183 -51.47 -1.27 6.16
C MET C 183 -49.98 -1.59 6.08
N MET C 184 -49.34 -1.71 7.25
CA MET C 184 -47.91 -1.97 7.28
C MET C 184 -47.58 -3.39 6.80
N TRP C 185 -48.47 -4.35 7.08
CA TRP C 185 -48.31 -5.71 6.57
C TRP C 185 -48.41 -5.73 5.05
N PHE C 186 -49.37 -4.98 4.50
CA PHE C 186 -49.53 -4.94 3.05
C PHE C 186 -48.31 -4.34 2.38
N ILE C 187 -47.78 -3.25 2.94
CA ILE C 187 -46.58 -2.63 2.36
C ILE C 187 -45.37 -3.55 2.52
N SER C 188 -45.29 -4.27 3.64
CA SER C 188 -44.17 -5.16 3.86
C SER C 188 -44.20 -6.35 2.91
N THR C 189 -45.39 -6.90 2.64
CA THR C 189 -45.48 -7.97 1.64
C THR C 189 -45.25 -7.44 0.24
N LEU C 190 -45.58 -6.17 -0.01
CA LEU C 190 -45.25 -5.55 -1.28
C LEU C 190 -43.74 -5.45 -1.47
N ALA C 191 -43.02 -5.04 -0.43
CA ALA C 191 -41.58 -4.89 -0.51
C ALA C 191 -40.85 -6.22 -0.40
N GLU C 192 -41.50 -7.27 0.10
CA GLU C 192 -40.87 -8.58 0.22
C GLU C 192 -40.62 -9.22 -1.13
N THR C 193 -41.59 -9.14 -2.04
CA THR C 193 -41.53 -9.84 -3.32
C THR C 193 -40.93 -8.99 -4.43
N ASN C 194 -40.20 -7.93 -4.08
CA ASN C 194 -39.58 -6.99 -5.03
C ASN C 194 -40.62 -6.42 -5.99
N ARG C 195 -41.74 -6.00 -5.43
CA ARG C 195 -42.85 -5.46 -6.18
C ARG C 195 -42.82 -3.93 -6.13
N ALA C 196 -43.34 -3.31 -7.19
CA ALA C 196 -43.30 -1.86 -7.28
C ALA C 196 -44.18 -1.23 -6.21
N PRO C 197 -43.74 -0.11 -5.60
CA PRO C 197 -42.53 0.65 -5.90
C PRO C 197 -41.28 0.27 -5.09
N PHE C 198 -40.99 -1.02 -4.93
CA PHE C 198 -39.84 -1.45 -4.17
C PHE C 198 -38.87 -2.30 -4.96
N ASP C 199 -39.09 -2.51 -6.26
CA ASP C 199 -38.14 -3.24 -7.08
C ASP C 199 -36.97 -2.32 -7.41
N LEU C 200 -35.77 -2.91 -7.47
CA LEU C 200 -34.56 -2.14 -7.68
C LEU C 200 -33.78 -2.64 -8.88
N THR C 201 -33.85 -3.95 -9.15
CA THR C 201 -33.06 -4.55 -10.21
C THR C 201 -33.48 -4.10 -11.60
N GLU C 202 -34.73 -3.69 -11.77
CA GLU C 202 -35.16 -3.13 -13.05
C GLU C 202 -34.53 -1.76 -13.28
N GLY C 203 -34.47 -0.94 -12.24
CA GLY C 203 -33.84 0.37 -12.35
C GLY C 203 -32.34 0.30 -12.24
N GLU C 204 -31.70 1.43 -12.54
CA GLU C 204 -30.25 1.54 -12.45
C GLU C 204 -29.77 1.63 -11.01
N SER C 209 -27.58 -3.57 -11.45
CA SER C 209 -28.10 -4.46 -12.48
C SER C 209 -28.87 -5.62 -11.84
N GLY C 210 -29.55 -6.40 -12.67
CA GLY C 210 -30.29 -7.53 -12.17
C GLY C 210 -29.38 -8.67 -11.75
N PHE C 211 -29.89 -9.50 -10.85
CA PHE C 211 -29.13 -10.68 -10.41
C PHE C 211 -29.36 -11.88 -11.32
N ASN C 212 -30.52 -11.95 -11.97
CA ASN C 212 -30.91 -13.09 -12.78
C ASN C 212 -30.89 -12.77 -14.28
N VAL C 213 -30.14 -11.73 -14.67
CA VAL C 213 -30.04 -11.40 -16.09
C VAL C 213 -29.24 -12.46 -16.84
N GLU C 214 -28.28 -13.09 -16.16
CA GLU C 214 -27.41 -14.07 -16.80
C GLU C 214 -28.09 -15.42 -17.04
N TYR C 215 -29.25 -15.66 -16.44
CA TYR C 215 -29.95 -16.92 -16.63
C TYR C 215 -30.54 -17.00 -18.03
N ALA C 216 -30.74 -18.23 -18.49
CA ALA C 216 -31.33 -18.47 -19.79
C ALA C 216 -32.82 -18.15 -19.77
N ALA C 217 -33.48 -18.32 -20.92
CA ALA C 217 -34.90 -18.01 -21.01
C ALA C 217 -35.74 -18.93 -20.13
N GLY C 218 -35.40 -20.20 -20.10
CA GLY C 218 -36.08 -21.17 -19.25
C GLY C 218 -35.96 -20.91 -17.76
N PRO C 219 -34.72 -20.82 -17.24
CA PRO C 219 -34.55 -20.46 -15.83
C PRO C 219 -35.11 -19.09 -15.45
N PHE C 220 -35.06 -18.11 -16.34
CA PHE C 220 -35.72 -16.83 -16.08
C PHE C 220 -37.24 -17.02 -15.98
N ALA C 221 -37.80 -17.87 -16.84
CA ALA C 221 -39.21 -18.16 -16.76
C ALA C 221 -39.56 -18.85 -15.44
N LEU C 222 -38.71 -19.75 -14.97
CA LEU C 222 -38.96 -20.43 -13.70
C LEU C 222 -38.87 -19.47 -12.52
N PHE C 223 -37.92 -18.53 -12.56
CA PHE C 223 -37.85 -17.49 -11.55
C PHE C 223 -39.11 -16.62 -11.56
N PHE C 224 -39.60 -16.31 -12.77
CA PHE C 224 -40.84 -15.55 -12.91
C PHE C 224 -42.02 -16.30 -12.31
N MET C 225 -42.11 -17.61 -12.56
CA MET C 225 -43.19 -18.42 -11.99
C MET C 225 -43.13 -18.43 -10.48
N ALA C 226 -41.92 -18.57 -9.92
CA ALA C 226 -41.76 -18.57 -8.47
C ALA C 226 -42.16 -17.24 -7.86
N GLU C 227 -41.74 -16.12 -8.47
CA GLU C 227 -42.08 -14.80 -7.96
C GLU C 227 -43.58 -14.54 -8.01
N TYR C 228 -44.23 -14.92 -9.12
CA TYR C 228 -45.65 -14.64 -9.24
C TYR C 228 -46.48 -15.55 -8.35
N ALA C 229 -46.04 -16.79 -8.14
CA ALA C 229 -46.70 -17.66 -7.17
C ALA C 229 -46.58 -17.10 -5.76
N ASN C 230 -45.41 -16.54 -5.44
CA ASN C 230 -45.23 -15.88 -4.15
C ASN C 230 -46.18 -14.69 -4.00
N ILE C 231 -46.37 -13.92 -5.08
CA ILE C 231 -47.27 -12.76 -5.04
C ILE C 231 -48.70 -13.20 -4.76
N ILE C 232 -49.17 -14.22 -5.50
CA ILE C 232 -50.54 -14.71 -5.34
C ILE C 232 -50.75 -15.27 -3.94
N MET C 233 -49.78 -16.06 -3.45
CA MET C 233 -49.93 -16.67 -2.15
C MET C 233 -49.88 -15.63 -1.04
N MET C 234 -49.04 -14.60 -1.20
CA MET C 234 -48.97 -13.53 -0.20
C MET C 234 -50.28 -12.76 -0.13
N ASN C 235 -50.92 -12.53 -1.28
CA ASN C 235 -52.24 -11.91 -1.27
C ASN C 235 -53.27 -12.81 -0.60
N ILE C 236 -53.20 -14.13 -0.84
CA ILE C 236 -54.10 -15.07 -0.19
C ILE C 236 -53.86 -15.08 1.33
N PHE C 237 -52.61 -14.97 1.74
CA PHE C 237 -52.25 -14.92 3.15
C PHE C 237 -52.78 -13.66 3.81
N THR C 238 -52.69 -12.52 3.12
CA THR C 238 -53.28 -11.29 3.65
C THR C 238 -54.79 -11.39 3.76
N THR C 239 -55.43 -12.02 2.77
CA THR C 239 -56.88 -12.23 2.81
C THR C 239 -57.29 -13.11 3.99
N THR C 240 -56.56 -14.21 4.21
CA THR C 240 -56.87 -15.08 5.34
C THR C 240 -56.58 -14.39 6.68
N LEU C 241 -55.52 -13.59 6.74
CA LEU C 241 -55.07 -13.02 7.98
C LEU C 241 -55.94 -11.84 8.43
N PHE C 242 -56.41 -11.02 7.50
CA PHE C 242 -57.11 -9.79 7.85
C PHE C 242 -58.55 -9.72 7.37
N LEU C 243 -58.90 -10.40 6.28
CA LEU C 243 -60.19 -10.23 5.64
C LEU C 243 -60.90 -11.57 5.51
N GLY C 244 -61.00 -12.30 6.61
CA GLY C 244 -61.53 -13.65 6.57
C GLY C 244 -63.01 -13.68 6.23
N ALA C 245 -63.41 -14.77 5.59
CA ALA C 245 -64.74 -14.92 5.04
C ALA C 245 -65.63 -15.75 5.95
N PHE C 246 -66.91 -15.78 5.61
CA PHE C 246 -67.88 -16.59 6.34
C PHE C 246 -67.75 -18.04 5.90
N HIS C 247 -67.54 -18.93 6.86
CA HIS C 247 -67.32 -20.34 6.58
C HIS C 247 -68.49 -21.17 7.09
N ASN C 248 -69.08 -21.94 6.18
CA ASN C 248 -70.14 -22.88 6.52
C ASN C 248 -69.58 -24.29 6.41
N PRO C 249 -69.60 -25.09 7.48
CA PRO C 249 -69.01 -26.43 7.40
C PRO C 249 -69.72 -27.37 6.44
N TYR C 250 -70.94 -27.07 6.04
CA TYR C 250 -71.67 -27.91 5.10
C TYR C 250 -71.52 -27.46 3.65
N MET C 251 -71.13 -26.21 3.41
CA MET C 251 -70.87 -25.68 2.08
C MET C 251 -69.54 -24.94 2.07
N PRO C 252 -68.42 -25.66 1.91
CA PRO C 252 -67.12 -24.99 1.84
C PRO C 252 -66.94 -24.12 0.61
N GLU C 253 -67.73 -24.33 -0.45
CA GLU C 253 -67.60 -23.55 -1.67
C GLU C 253 -67.95 -22.08 -1.47
N LEU C 254 -68.79 -21.78 -0.47
CA LEU C 254 -69.06 -20.37 -0.13
C LEU C 254 -67.79 -19.67 0.32
N TYR C 255 -67.05 -20.27 1.25
CA TYR C 255 -65.79 -19.71 1.69
C TYR C 255 -64.77 -19.65 0.56
N THR C 256 -64.75 -20.70 -0.28
CA THR C 256 -63.80 -20.73 -1.40
C THR C 256 -64.05 -19.58 -2.36
N ILE C 257 -65.32 -19.36 -2.74
CA ILE C 257 -65.67 -18.28 -3.66
C ILE C 257 -65.39 -16.93 -3.03
N ASN C 258 -65.71 -16.77 -1.74
CA ASN C 258 -65.54 -15.49 -1.07
C ASN C 258 -64.06 -15.09 -0.97
N PHE C 259 -63.21 -16.00 -0.46
CA PHE C 259 -61.82 -15.60 -0.32
C PHE C 259 -61.11 -15.58 -1.66
N THR C 260 -61.60 -16.31 -2.66
CA THR C 260 -61.06 -16.19 -4.01
C THR C 260 -61.32 -14.80 -4.57
N ILE C 261 -62.54 -14.29 -4.38
CA ILE C 261 -62.86 -12.94 -4.84
C ILE C 261 -62.01 -11.90 -4.11
N LYS C 262 -61.84 -12.07 -2.80
CA LYS C 262 -61.04 -11.11 -2.03
C LYS C 262 -59.56 -11.13 -2.44
N SER C 263 -58.99 -12.32 -2.64
CA SER C 263 -57.59 -12.39 -3.03
C SER C 263 -57.38 -11.92 -4.46
N LEU C 264 -58.36 -12.13 -5.34
CA LEU C 264 -58.29 -11.56 -6.68
C LEU C 264 -58.29 -10.03 -6.63
N LEU C 265 -59.12 -9.46 -5.76
CA LEU C 265 -59.14 -8.01 -5.61
C LEU C 265 -57.82 -7.50 -5.05
N LEU C 266 -57.20 -8.25 -4.14
CA LEU C 266 -55.92 -7.82 -3.58
C LEU C 266 -54.79 -7.91 -4.61
N SER C 267 -54.81 -8.93 -5.47
CA SER C 267 -53.81 -9.03 -6.54
C SER C 267 -53.99 -7.91 -7.57
N ILE C 268 -55.25 -7.59 -7.90
CA ILE C 268 -55.53 -6.45 -8.77
C ILE C 268 -55.05 -5.15 -8.11
N THR C 269 -55.17 -5.06 -6.78
CA THR C 269 -54.62 -3.91 -6.06
C THR C 269 -53.10 -3.85 -6.15
N PHE C 270 -52.44 -5.00 -6.15
CA PHE C 270 -50.99 -5.04 -6.38
C PHE C 270 -50.63 -4.45 -7.75
N LEU C 271 -51.32 -4.91 -8.80
CA LEU C 271 -51.07 -4.36 -10.14
C LEU C 271 -51.42 -2.88 -10.22
N TRP C 272 -52.46 -2.47 -9.50
CA TRP C 272 -52.90 -1.08 -9.45
C TRP C 272 -51.85 -0.20 -8.80
N ILE C 273 -51.23 -0.69 -7.72
CA ILE C 273 -50.14 0.03 -7.07
C ILE C 273 -48.93 0.11 -7.99
N ARG C 274 -48.69 -0.94 -8.80
CA ARG C 274 -47.55 -0.93 -9.72
C ARG C 274 -47.62 0.23 -10.73
N ALA C 275 -48.82 0.62 -11.14
CA ALA C 275 -49.00 1.63 -12.18
C ALA C 275 -49.43 2.98 -11.63
N SER C 276 -48.96 3.36 -10.44
CA SER C 276 -49.38 4.63 -9.87
C SER C 276 -48.22 5.46 -9.32
N TYR C 277 -47.13 4.81 -8.92
CA TYR C 277 -46.10 5.53 -8.17
C TYR C 277 -44.73 5.36 -8.82
N PRO C 278 -43.86 6.35 -8.65
CA PRO C 278 -42.46 6.18 -9.07
C PRO C 278 -41.72 5.23 -8.14
N ARG C 279 -40.54 4.81 -8.59
CA ARG C 279 -39.73 3.86 -7.86
C ARG C 279 -39.05 4.52 -6.66
N PHE C 280 -38.97 3.77 -5.57
CA PHE C 280 -38.20 4.21 -4.41
C PHE C 280 -36.70 4.07 -4.67
N ARG C 281 -35.92 4.89 -3.95
CA ARG C 281 -34.50 4.63 -3.87
C ARG C 281 -34.23 3.56 -2.82
N TYR C 282 -33.02 3.01 -2.85
CA TYR C 282 -32.66 1.96 -1.89
C TYR C 282 -32.57 2.50 -0.48
N ASP C 283 -31.84 3.60 -0.32
CA ASP C 283 -31.73 4.22 1.00
C ASP C 283 -33.05 4.79 1.47
N GLN C 284 -33.93 5.17 0.54
CA GLN C 284 -35.24 5.67 0.92
C GLN C 284 -36.11 4.55 1.49
N LEU C 285 -36.04 3.35 0.92
CA LEU C 285 -36.82 2.24 1.48
C LEU C 285 -36.20 1.71 2.78
N MET C 286 -34.87 1.77 2.91
CA MET C 286 -34.25 1.52 4.22
C MET C 286 -34.72 2.53 5.26
N HIS C 287 -34.84 3.81 4.87
CA HIS C 287 -35.35 4.84 5.77
C HIS C 287 -36.80 4.59 6.12
N LEU C 288 -37.58 4.11 5.15
CA LEU C 288 -38.98 3.78 5.40
C LEU C 288 -39.11 2.66 6.40
N LEU C 289 -38.25 1.65 6.32
CA LEU C 289 -38.35 0.56 7.28
C LEU C 289 -37.80 0.95 8.65
N TRP C 290 -36.51 1.25 8.71
CA TRP C 290 -35.82 1.32 9.99
C TRP C 290 -36.17 2.56 10.82
N LYS C 291 -36.65 3.62 10.20
CA LYS C 291 -36.96 4.84 10.92
C LYS C 291 -38.44 5.17 10.97
N ASN C 292 -39.27 4.53 10.15
CA ASN C 292 -40.71 4.77 10.18
C ASN C 292 -41.51 3.54 10.56
N PHE C 293 -41.27 2.41 9.90
CA PHE C 293 -42.10 1.22 10.15
C PHE C 293 -41.77 0.56 11.47
N LEU C 294 -40.48 0.43 11.79
CA LEU C 294 -40.07 -0.31 12.99
C LEU C 294 -40.51 0.31 14.31
N PRO C 295 -40.37 1.64 14.55
CA PRO C 295 -40.90 2.17 15.82
C PRO C 295 -42.39 1.99 16.00
N LEU C 296 -43.17 2.18 14.94
CA LEU C 296 -44.60 1.94 15.03
C LEU C 296 -44.91 0.46 15.22
N THR C 297 -44.11 -0.42 14.63
CA THR C 297 -44.30 -1.85 14.83
C THR C 297 -44.06 -2.25 16.28
N LEU C 298 -43.00 -1.71 16.88
CA LEU C 298 -42.72 -2.01 18.29
C LEU C 298 -43.78 -1.42 19.21
N ALA C 299 -44.25 -0.21 18.91
CA ALA C 299 -45.30 0.41 19.73
C ALA C 299 -46.60 -0.38 19.63
N LEU C 300 -46.99 -0.78 18.42
CA LEU C 300 -48.22 -1.56 18.27
C LEU C 300 -48.06 -2.97 18.83
N CYS C 301 -46.83 -3.49 18.85
CA CYS C 301 -46.58 -4.77 19.50
C CYS C 301 -46.78 -4.68 21.01
N MET C 302 -46.28 -3.60 21.62
CA MET C 302 -46.55 -3.38 23.05
C MET C 302 -48.03 -3.21 23.31
N TRP C 303 -48.71 -2.46 22.44
CA TRP C 303 -50.14 -2.23 22.60
C TRP C 303 -50.93 -3.52 22.49
N HIS C 304 -50.58 -4.39 21.56
CA HIS C 304 -51.32 -5.63 21.39
C HIS C 304 -50.88 -6.71 22.37
N VAL C 305 -49.72 -6.56 23.01
CA VAL C 305 -49.41 -7.40 24.16
C VAL C 305 -50.31 -7.02 25.33
N SER C 306 -50.42 -5.71 25.61
CA SER C 306 -51.12 -5.28 26.81
C SER C 306 -52.63 -5.21 26.66
N LEU C 307 -53.15 -5.12 25.42
CA LEU C 307 -54.58 -4.87 25.23
C LEU C 307 -55.48 -6.03 25.68
N PRO C 308 -55.23 -7.30 25.32
CA PRO C 308 -56.10 -8.36 25.85
C PRO C 308 -56.02 -8.54 27.36
N ILE C 309 -54.93 -8.12 28.00
CA ILE C 309 -54.82 -8.24 29.44
C ILE C 309 -55.75 -7.26 30.14
N LEU C 310 -55.80 -6.02 29.65
CA LEU C 310 -56.58 -4.98 30.31
C LEU C 310 -58.05 -4.99 29.88
N LEU C 311 -58.43 -5.83 28.93
CA LEU C 311 -59.79 -5.87 28.44
C LEU C 311 -60.49 -7.19 28.72
N SER C 312 -59.82 -8.12 29.41
CA SER C 312 -60.30 -9.50 29.62
C SER C 312 -60.67 -10.17 28.31
N SER C 313 -59.79 -10.01 27.32
CA SER C 313 -60.03 -10.49 25.96
C SER C 313 -58.97 -11.47 25.50
N ILE C 314 -58.44 -12.28 26.42
CA ILE C 314 -57.43 -13.27 26.07
C ILE C 314 -58.10 -14.42 25.31
N PRO C 315 -57.64 -14.74 24.10
CA PRO C 315 -58.25 -15.82 23.34
C PRO C 315 -57.83 -17.18 23.87
N PRO C 316 -58.59 -18.24 23.58
CA PRO C 316 -58.20 -19.56 24.06
C PRO C 316 -57.00 -20.11 23.32
N GLN C 317 -56.27 -20.98 24.01
CA GLN C 317 -55.12 -21.64 23.40
C GLN C 317 -55.57 -22.61 22.31
N THR C 318 -56.65 -23.35 22.56
CA THR C 318 -57.16 -24.32 21.60
C THR C 318 -58.32 -23.74 20.79
N MET D 1 -37.79 -50.99 7.35
CA MET D 1 -36.73 -50.00 7.24
C MET D 1 -37.26 -48.60 7.51
N MET D 2 -38.58 -48.48 7.63
CA MET D 2 -39.18 -47.19 7.95
C MET D 2 -38.93 -46.80 9.40
N THR D 3 -38.94 -47.80 10.30
CA THR D 3 -38.82 -47.52 11.74
C THR D 3 -37.48 -46.94 12.13
N TYR D 4 -36.48 -47.02 11.26
CA TYR D 4 -35.18 -46.41 11.50
C TYR D 4 -35.07 -45.01 10.92
N ILE D 5 -36.21 -44.35 10.66
CA ILE D 5 -36.23 -43.13 9.85
C ILE D 5 -35.35 -42.05 10.47
N VAL D 6 -35.49 -41.82 11.78
CA VAL D 6 -34.68 -40.82 12.48
C VAL D 6 -33.21 -41.18 12.36
N PHE D 7 -32.89 -42.46 12.58
CA PHE D 7 -31.52 -42.94 12.44
C PHE D 7 -31.03 -42.70 11.01
N ILE D 8 -31.87 -42.97 10.02
CA ILE D 8 -31.51 -42.72 8.64
C ILE D 8 -31.22 -41.25 8.44
N LEU D 9 -32.10 -40.38 8.99
CA LEU D 9 -31.89 -38.95 8.91
C LEU D 9 -30.57 -38.56 9.55
N SER D 10 -30.26 -39.20 10.69
CA SER D 10 -29.03 -38.87 11.41
C SER D 10 -27.80 -39.14 10.57
N ILE D 11 -27.86 -40.15 9.70
CA ILE D 11 -26.73 -40.43 8.81
C ILE D 11 -26.46 -39.24 7.92
N ILE D 12 -27.52 -38.71 7.30
CA ILE D 12 -27.38 -37.55 6.43
C ILE D 12 -26.83 -36.38 7.23
N PHE D 13 -27.26 -36.27 8.49
CA PHE D 13 -26.78 -35.21 9.37
C PHE D 13 -25.27 -35.25 9.48
N VAL D 14 -24.72 -36.41 9.84
CA VAL D 14 -23.27 -36.45 10.02
C VAL D 14 -22.60 -36.38 8.66
N MET D 15 -23.28 -36.85 7.62
CA MET D 15 -22.75 -36.71 6.26
C MET D 15 -22.63 -35.25 5.90
N GLY D 16 -23.64 -34.46 6.25
CA GLY D 16 -23.58 -33.03 5.98
C GLY D 16 -22.45 -32.36 6.72
N PHE D 17 -22.08 -32.89 7.89
CA PHE D 17 -20.97 -32.30 8.63
C PHE D 17 -19.66 -32.52 7.89
N VAL D 18 -19.48 -33.68 7.27
CA VAL D 18 -18.30 -33.89 6.44
C VAL D 18 -18.35 -33.04 5.19
N GLY D 19 -19.52 -32.49 4.86
CA GLY D 19 -19.60 -31.51 3.81
C GLY D 19 -18.85 -30.23 4.13
N PHE D 20 -18.83 -29.81 5.40
CA PHE D 20 -18.14 -28.58 5.74
C PHE D 20 -16.99 -28.76 6.72
N SER D 21 -16.80 -29.96 7.29
CA SER D 21 -15.61 -30.20 8.10
C SER D 21 -14.36 -30.30 7.22
N SER D 22 -14.52 -30.75 5.98
CA SER D 22 -13.41 -30.76 5.04
C SER D 22 -13.05 -29.37 4.55
N LYS D 23 -13.99 -28.42 4.66
CA LYS D 23 -13.86 -27.01 4.29
C LYS D 23 -13.47 -26.85 2.83
N PRO D 24 -14.38 -27.15 1.89
CA PRO D 24 -14.03 -26.98 0.47
C PRO D 24 -14.00 -25.52 0.03
N SER D 25 -15.01 -24.77 0.45
CA SER D 25 -15.21 -23.36 0.10
C SER D 25 -16.32 -22.85 0.99
N PRO D 26 -16.34 -21.56 1.34
CA PRO D 26 -17.41 -21.04 2.20
C PRO D 26 -18.81 -21.18 1.62
N ILE D 27 -18.97 -21.12 0.29
CA ILE D 27 -20.29 -21.32 -0.30
C ILE D 27 -20.73 -22.77 -0.18
N TYR D 28 -19.83 -23.71 -0.46
CA TYR D 28 -20.17 -25.13 -0.35
C TYR D 28 -20.27 -25.56 1.10
N GLY D 29 -19.44 -24.98 1.97
CA GLY D 29 -19.60 -25.22 3.40
C GLY D 29 -20.93 -24.70 3.93
N GLY D 30 -21.36 -23.53 3.45
CA GLY D 30 -22.67 -23.04 3.82
C GLY D 30 -23.80 -23.90 3.30
N LEU D 31 -23.65 -24.43 2.08
CA LEU D 31 -24.66 -25.34 1.54
C LEU D 31 -24.74 -26.63 2.38
N GLY D 32 -23.58 -27.17 2.76
CA GLY D 32 -23.57 -28.34 3.62
C GLY D 32 -24.19 -28.08 4.98
N LEU D 33 -23.93 -26.89 5.54
CA LEU D 33 -24.54 -26.52 6.82
C LEU D 33 -26.04 -26.34 6.69
N ILE D 34 -26.51 -25.84 5.54
CA ILE D 34 -27.93 -25.70 5.29
C ILE D 34 -28.61 -27.07 5.24
N VAL D 35 -27.99 -28.01 4.54
CA VAL D 35 -28.53 -29.37 4.46
C VAL D 35 -28.54 -30.02 5.84
N SER D 36 -27.47 -29.84 6.61
CA SER D 36 -27.40 -30.39 7.96
C SER D 36 -28.45 -29.77 8.87
N GLY D 37 -28.69 -28.46 8.74
CA GLY D 37 -29.71 -27.82 9.55
C GLY D 37 -31.11 -28.29 9.22
N GLY D 38 -31.41 -28.47 7.93
CA GLY D 38 -32.70 -29.04 7.56
C GLY D 38 -32.90 -30.46 8.07
N VAL D 39 -31.84 -31.26 7.98
CA VAL D 39 -31.91 -32.64 8.47
C VAL D 39 -32.09 -32.68 9.98
N GLY D 40 -31.38 -31.80 10.71
CA GLY D 40 -31.55 -31.75 12.16
C GLY D 40 -32.93 -31.25 12.57
N CYS D 41 -33.48 -30.32 11.79
CA CYS D 41 -34.86 -29.89 12.04
C CYS D 41 -35.83 -31.04 11.84
N GLY D 42 -35.60 -31.87 10.80
CA GLY D 42 -36.43 -33.06 10.64
C GLY D 42 -36.28 -34.05 11.79
N ILE D 43 -35.06 -34.19 12.30
CA ILE D 43 -34.80 -35.09 13.42
C ILE D 43 -35.56 -34.66 14.66
N VAL D 44 -35.49 -33.36 14.99
CA VAL D 44 -36.22 -32.88 16.15
C VAL D 44 -37.72 -32.80 15.87
N LEU D 45 -38.13 -32.72 14.61
CA LEU D 45 -39.55 -32.83 14.26
C LEU D 45 -40.09 -34.22 14.58
N ASN D 46 -39.29 -35.25 14.33
CA ASN D 46 -39.73 -36.61 14.63
C ASN D 46 -39.75 -36.93 16.12
N PHE D 47 -39.23 -36.05 16.97
CA PHE D 47 -39.30 -36.24 18.41
C PHE D 47 -40.38 -35.39 19.07
N GLY D 48 -41.14 -34.62 18.30
CA GLY D 48 -42.19 -33.79 18.84
C GLY D 48 -41.84 -32.33 19.03
N GLY D 49 -40.60 -31.94 18.74
CA GLY D 49 -40.20 -30.55 18.90
C GLY D 49 -40.49 -29.71 17.67
N SER D 50 -41.76 -29.38 17.46
CA SER D 50 -42.14 -28.63 16.26
C SER D 50 -41.68 -27.18 16.34
N PHE D 51 -41.88 -26.55 17.50
CA PHE D 51 -41.47 -25.15 17.66
C PHE D 51 -39.96 -25.01 17.58
N LEU D 52 -39.22 -25.98 18.14
CA LEU D 52 -37.77 -25.91 18.06
C LEU D 52 -37.26 -26.20 16.66
N GLY D 53 -37.93 -27.08 15.92
CA GLY D 53 -37.56 -27.29 14.53
C GLY D 53 -37.80 -26.06 13.67
N LEU D 54 -38.91 -25.38 13.89
CA LEU D 54 -39.15 -24.14 13.16
C LEU D 54 -38.27 -23.01 13.68
N MET D 55 -37.76 -23.10 14.91
CA MET D 55 -36.71 -22.21 15.36
C MET D 55 -35.43 -22.43 14.58
N VAL D 56 -35.10 -23.69 14.32
CA VAL D 56 -33.93 -24.02 13.52
C VAL D 56 -34.08 -23.48 12.09
N PHE D 57 -35.26 -23.66 11.50
CA PHE D 57 -35.47 -23.15 10.15
C PHE D 57 -35.54 -21.62 10.10
N LEU D 58 -36.13 -20.99 11.11
CA LEU D 58 -36.37 -19.56 11.04
C LEU D 58 -35.15 -18.73 11.45
N ILE D 59 -34.40 -19.20 12.44
CA ILE D 59 -33.38 -18.38 13.08
C ILE D 59 -31.96 -18.83 12.68
N TYR D 60 -31.73 -20.14 12.60
CA TYR D 60 -30.42 -20.62 12.19
C TYR D 60 -30.23 -20.46 10.69
N LEU D 61 -31.11 -21.06 9.90
CA LEU D 61 -30.94 -21.05 8.45
C LEU D 61 -31.30 -19.70 7.86
N GLY D 62 -32.53 -19.22 8.13
CA GLY D 62 -32.98 -17.97 7.55
C GLY D 62 -32.46 -16.73 8.23
N GLY D 63 -31.95 -16.86 9.46
CA GLY D 63 -31.45 -15.70 10.16
C GLY D 63 -29.94 -15.53 10.18
N MET D 64 -29.21 -16.59 10.53
CA MET D 64 -27.78 -16.48 10.79
C MET D 64 -26.93 -16.97 9.63
N MET D 65 -27.26 -18.11 9.04
CA MET D 65 -26.52 -18.58 7.89
C MET D 65 -26.72 -17.69 6.66
N VAL D 66 -27.83 -16.94 6.61
CA VAL D 66 -27.99 -15.93 5.58
C VAL D 66 -26.93 -14.85 5.72
N VAL D 67 -26.69 -14.38 6.94
CA VAL D 67 -25.65 -13.39 7.18
C VAL D 67 -24.27 -13.98 6.92
N PHE D 68 -24.08 -15.26 7.24
CA PHE D 68 -22.80 -15.91 6.99
C PHE D 68 -22.49 -15.97 5.49
N GLY D 69 -23.47 -16.39 4.68
CA GLY D 69 -23.27 -16.40 3.25
C GLY D 69 -23.21 -15.01 2.65
N TYR D 70 -23.89 -14.05 3.27
CA TYR D 70 -23.89 -12.67 2.80
C TYR D 70 -22.52 -12.04 2.99
N THR D 71 -21.87 -12.34 4.12
CA THR D 71 -20.48 -11.92 4.33
C THR D 71 -19.50 -12.76 3.53
N THR D 72 -19.85 -14.01 3.24
CA THR D 72 -19.05 -14.84 2.34
C THR D 72 -18.98 -14.23 0.95
N ALA D 73 -20.10 -13.68 0.47
CA ALA D 73 -20.14 -13.03 -0.84
C ALA D 73 -19.29 -11.77 -0.92
N MET D 74 -18.83 -11.23 0.21
CA MET D 74 -17.91 -10.10 0.23
C MET D 74 -16.46 -10.51 0.42
N ALA D 75 -16.19 -11.81 0.39
CA ALA D 75 -14.82 -12.35 0.46
C ALA D 75 -14.77 -13.53 -0.50
N THR D 76 -13.73 -14.38 -0.34
CA THR D 76 -13.43 -15.59 -1.12
C THR D 76 -13.73 -15.45 -2.60
N GLU D 77 -12.97 -14.57 -3.26
CA GLU D 77 -13.26 -14.11 -4.62
C GLU D 77 -13.37 -15.28 -5.60
N GLN D 78 -14.39 -15.20 -6.46
CA GLN D 78 -14.71 -16.29 -7.37
C GLN D 78 -13.66 -16.43 -8.47
N TYR D 79 -13.63 -17.61 -9.07
CA TYR D 79 -12.63 -17.93 -10.09
C TYR D 79 -13.30 -18.21 -11.44
N ASN D 86 -10.04 -29.83 -4.30
CA ASN D 86 -8.65 -30.11 -3.98
C ASN D 86 -8.47 -31.55 -3.54
N LYS D 87 -7.21 -31.98 -3.44
CA LYS D 87 -6.91 -33.34 -3.00
C LYS D 87 -7.30 -33.55 -1.54
N VAL D 88 -7.01 -32.56 -0.68
CA VAL D 88 -7.19 -32.74 0.76
C VAL D 88 -8.68 -32.79 1.10
N VAL D 89 -9.51 -31.98 0.44
CA VAL D 89 -10.94 -31.93 0.74
C VAL D 89 -11.59 -33.27 0.43
N LEU D 90 -11.32 -33.79 -0.78
CA LEU D 90 -11.85 -35.09 -1.17
C LEU D 90 -11.28 -36.21 -0.29
N GLY D 91 -10.01 -36.08 0.10
CA GLY D 91 -9.39 -37.12 0.91
C GLY D 91 -10.03 -37.25 2.28
N THR D 92 -10.20 -36.13 2.99
CA THR D 92 -10.84 -36.23 4.30
C THR D 92 -12.34 -36.48 4.18
N PHE D 93 -12.98 -36.08 3.08
CA PHE D 93 -14.37 -36.44 2.86
C PHE D 93 -14.53 -37.95 2.73
N ILE D 94 -13.67 -38.57 1.93
CA ILE D 94 -13.70 -40.02 1.74
C ILE D 94 -13.37 -40.73 3.04
N THR D 95 -12.39 -40.21 3.79
CA THR D 95 -12.02 -40.81 5.07
C THR D 95 -13.16 -40.76 6.08
N GLY D 96 -13.79 -39.60 6.23
CA GLY D 96 -14.90 -39.47 7.17
C GLY D 96 -16.10 -40.31 6.77
N LEU D 97 -16.38 -40.38 5.47
CA LEU D 97 -17.48 -41.23 5.00
C LEU D 97 -17.20 -42.70 5.27
N LEU D 98 -15.94 -43.12 5.11
CA LEU D 98 -15.57 -44.51 5.36
C LEU D 98 -15.71 -44.87 6.83
N MET D 99 -15.22 -44.01 7.74
CA MET D 99 -15.41 -44.29 9.17
C MET D 99 -16.88 -44.26 9.55
N GLU D 100 -17.66 -43.34 8.99
CA GLU D 100 -19.08 -43.24 9.32
C GLU D 100 -19.84 -44.50 8.90
N PHE D 101 -19.56 -45.00 7.68
CA PHE D 101 -20.19 -46.25 7.28
C PHE D 101 -19.65 -47.44 8.05
N LEU D 102 -18.42 -47.35 8.56
CA LEU D 102 -17.93 -48.41 9.44
C LEU D 102 -18.73 -48.48 10.74
N MET D 103 -19.03 -47.32 11.35
CA MET D 103 -19.92 -47.33 12.52
C MET D 103 -21.30 -47.86 12.17
N VAL D 104 -21.83 -47.46 11.00
CA VAL D 104 -23.16 -47.91 10.58
C VAL D 104 -23.20 -49.42 10.44
N TYR D 105 -22.20 -49.99 9.75
CA TYR D 105 -22.14 -51.42 9.52
C TYR D 105 -21.95 -52.18 10.82
N TYR D 106 -21.08 -51.69 11.70
CA TYR D 106 -20.82 -52.40 12.95
C TYR D 106 -22.04 -52.39 13.87
N VAL D 107 -22.70 -51.23 14.02
CA VAL D 107 -23.84 -51.17 14.92
C VAL D 107 -25.08 -51.79 14.28
N LEU D 108 -25.11 -51.97 12.96
CA LEU D 108 -26.17 -52.75 12.35
C LEU D 108 -25.86 -54.24 12.35
N LYS D 109 -24.61 -54.61 12.59
CA LYS D 109 -24.23 -56.02 12.66
C LYS D 109 -24.40 -56.60 14.06
N ASP D 110 -23.67 -56.05 15.04
CA ASP D 110 -23.66 -56.66 16.36
C ASP D 110 -24.55 -55.95 17.37
N LYS D 111 -25.26 -54.90 16.95
CA LYS D 111 -26.34 -54.22 17.69
C LYS D 111 -25.90 -53.56 19.00
N GLU D 112 -24.61 -53.57 19.31
CA GLU D 112 -24.10 -52.95 20.53
C GLU D 112 -22.63 -52.63 20.32
N VAL D 113 -22.31 -51.35 20.16
CA VAL D 113 -20.91 -50.96 19.96
C VAL D 113 -20.47 -50.03 21.09
N GLU D 114 -19.20 -49.65 21.08
CA GLU D 114 -18.71 -48.64 22.01
C GLU D 114 -17.51 -47.95 21.42
N ILE D 115 -17.43 -46.63 21.64
CA ILE D 115 -16.24 -45.85 21.32
C ILE D 115 -15.80 -45.15 22.60
N VAL D 116 -16.67 -44.29 23.11
CA VAL D 116 -16.53 -43.72 24.44
C VAL D 116 -17.67 -44.17 25.36
N PHE D 117 -18.89 -44.18 24.84
CA PHE D 117 -20.06 -44.70 25.54
C PHE D 117 -20.61 -45.90 24.79
N LYS D 118 -21.36 -46.73 25.51
CA LYS D 118 -21.98 -47.90 24.90
C LYS D 118 -23.22 -47.48 24.13
N PHE D 119 -23.24 -47.78 22.83
CA PHE D 119 -24.34 -47.40 21.95
C PHE D 119 -25.09 -48.65 21.52
N ASN D 120 -26.42 -48.54 21.49
CA ASN D 120 -27.29 -49.66 21.15
C ASN D 120 -27.68 -49.59 19.67
N GLY D 121 -27.88 -50.76 19.08
CA GLY D 121 -28.17 -50.88 17.67
C GLY D 121 -29.63 -50.96 17.29
N MET D 122 -30.55 -50.85 18.25
CA MET D 122 -31.97 -50.87 17.93
C MET D 122 -32.40 -49.53 17.36
N GLY D 123 -33.67 -49.45 16.97
CA GLY D 123 -34.21 -48.21 16.44
C GLY D 123 -34.40 -47.17 17.52
N ASP D 124 -34.76 -45.96 17.08
CA ASP D 124 -35.03 -44.88 18.00
C ASP D 124 -36.42 -44.96 18.61
N TRP D 125 -37.29 -45.81 18.08
CA TRP D 125 -38.68 -45.85 18.50
C TRP D 125 -38.88 -46.50 19.86
N VAL D 126 -37.87 -47.21 20.37
CA VAL D 126 -38.07 -48.00 21.58
C VAL D 126 -38.22 -47.09 22.80
N ILE D 127 -37.45 -46.01 22.86
CA ILE D 127 -37.34 -45.20 24.07
C ILE D 127 -38.45 -44.17 24.16
N TYR D 128 -39.43 -44.26 23.27
CA TYR D 128 -40.52 -43.31 23.26
C TYR D 128 -41.48 -43.56 24.43
N ASP D 129 -42.33 -42.58 24.68
CA ASP D 129 -43.30 -42.66 25.76
C ASP D 129 -44.64 -43.15 25.24
N THR D 130 -45.33 -43.91 26.07
CA THR D 130 -46.60 -44.51 25.71
C THR D 130 -47.81 -43.68 26.12
N GLY D 131 -47.60 -42.58 26.85
CA GLY D 131 -48.69 -41.78 27.34
C GLY D 131 -49.15 -40.72 26.34
N ASP D 132 -50.16 -39.97 26.75
CA ASP D 132 -50.67 -38.84 25.99
C ASP D 132 -50.56 -37.57 26.82
N SER D 133 -50.25 -36.46 26.16
CA SER D 133 -50.00 -35.21 26.84
C SER D 133 -51.26 -34.44 27.19
N GLY D 134 -52.42 -34.83 26.65
CA GLY D 134 -53.64 -34.13 26.94
C GLY D 134 -53.99 -33.07 25.93
N PHE D 135 -54.54 -31.94 26.38
CA PHE D 135 -54.97 -30.87 25.50
C PHE D 135 -53.91 -29.79 25.33
N PHE D 136 -52.63 -30.12 25.50
CA PHE D 136 -51.56 -29.16 25.29
C PHE D 136 -50.31 -29.90 24.86
N SER D 137 -49.39 -29.15 24.26
CA SER D 137 -48.07 -29.66 23.93
C SER D 137 -47.11 -29.27 25.05
N GLU D 138 -46.44 -30.26 25.64
CA GLU D 138 -45.61 -30.02 26.82
C GLU D 138 -44.44 -29.10 26.50
N GLU D 139 -43.82 -29.29 25.34
CA GLU D 139 -42.72 -28.43 24.92
C GLU D 139 -43.18 -27.01 24.65
N ALA D 140 -44.42 -26.86 24.15
CA ALA D 140 -44.96 -25.53 23.88
C ALA D 140 -45.14 -24.74 25.17
N MET D 141 -45.72 -25.35 26.21
CA MET D 141 -45.84 -24.66 27.49
C MET D 141 -44.50 -24.52 28.20
N GLY D 142 -43.56 -25.43 27.96
CA GLY D 142 -42.23 -25.25 28.50
C GLY D 142 -41.53 -24.02 27.96
N ILE D 143 -41.68 -23.77 26.65
CA ILE D 143 -41.16 -22.52 26.09
C ILE D 143 -41.99 -21.34 26.55
N ALA D 144 -43.31 -21.50 26.65
CA ALA D 144 -44.19 -20.43 27.08
C ALA D 144 -43.94 -19.99 28.52
N ALA D 145 -43.32 -20.85 29.33
CA ALA D 145 -42.92 -20.48 30.68
C ALA D 145 -41.67 -19.61 30.72
N LEU D 146 -41.24 -19.06 29.60
CA LEU D 146 -40.08 -18.17 29.59
C LEU D 146 -40.35 -16.87 30.32
N TYR D 147 -41.58 -16.37 30.24
CA TYR D 147 -41.92 -15.12 30.89
C TYR D 147 -42.47 -15.30 32.30
N SER D 148 -43.19 -16.40 32.54
CA SER D 148 -43.76 -16.63 33.87
C SER D 148 -42.69 -17.08 34.86
N TYR D 149 -41.77 -17.94 34.43
CA TYR D 149 -40.74 -18.48 35.29
C TYR D 149 -39.36 -17.88 35.06
N GLY D 150 -38.95 -17.75 33.80
CA GLY D 150 -37.61 -17.30 33.49
C GLY D 150 -37.45 -15.80 33.43
N THR D 151 -37.68 -15.13 34.55
CA THR D 151 -37.45 -13.69 34.62
C THR D 151 -35.97 -13.36 34.51
N TRP D 152 -35.14 -14.07 35.29
CA TRP D 152 -33.70 -13.80 35.30
C TRP D 152 -33.06 -14.13 33.97
N LEU D 153 -33.49 -15.21 33.33
CA LEU D 153 -32.98 -15.59 32.02
C LEU D 153 -33.34 -14.55 30.96
N VAL D 154 -34.57 -14.04 31.00
CA VAL D 154 -35.01 -13.00 30.08
C VAL D 154 -34.17 -11.74 30.28
N ILE D 155 -33.92 -11.37 31.55
CA ILE D 155 -33.16 -10.17 31.85
C ILE D 155 -31.73 -10.28 31.33
N VAL D 156 -31.07 -11.40 31.60
CA VAL D 156 -29.67 -11.53 31.18
C VAL D 156 -29.57 -11.67 29.67
N THR D 157 -30.54 -12.32 29.01
CA THR D 157 -30.50 -12.45 27.56
C THR D 157 -30.73 -11.10 26.87
N GLY D 158 -31.70 -10.32 27.37
CA GLY D 158 -31.93 -9.01 26.78
C GLY D 158 -30.77 -8.06 26.98
N TRP D 159 -30.16 -8.09 28.18
CA TRP D 159 -28.99 -7.26 28.42
C TRP D 159 -27.83 -7.70 27.54
N SER D 160 -27.69 -9.01 27.32
CA SER D 160 -26.64 -9.51 26.45
C SER D 160 -26.84 -9.05 25.02
N LEU D 161 -28.07 -9.08 24.53
CA LEU D 161 -28.33 -8.66 23.14
C LEU D 161 -28.11 -7.16 22.97
N LEU D 162 -28.52 -6.36 23.96
CA LEU D 162 -28.27 -4.91 23.90
C LEU D 162 -26.77 -4.61 23.93
N ILE D 163 -26.03 -5.28 24.81
CA ILE D 163 -24.59 -5.12 24.89
C ILE D 163 -23.93 -5.57 23.61
N GLY D 164 -24.45 -6.64 23.00
CA GLY D 164 -23.92 -7.10 21.72
C GLY D 164 -24.12 -6.10 20.60
N VAL D 165 -25.27 -5.43 20.57
CA VAL D 165 -25.51 -4.38 19.59
C VAL D 165 -24.51 -3.24 19.77
N VAL D 166 -24.30 -2.83 21.03
CA VAL D 166 -23.35 -1.75 21.33
C VAL D 166 -21.95 -2.15 20.92
N VAL D 167 -21.54 -3.38 21.25
CA VAL D 167 -20.21 -3.88 20.96
C VAL D 167 -19.98 -3.96 19.46
N ILE D 168 -20.96 -4.48 18.72
CA ILE D 168 -20.83 -4.64 17.28
C ILE D 168 -20.68 -3.30 16.60
N MET D 169 -21.53 -2.32 16.94
CA MET D 169 -21.39 -1.06 16.23
C MET D 169 -20.20 -0.26 16.76
N GLU D 170 -19.67 -0.58 17.94
CA GLU D 170 -18.48 0.10 18.44
C GLU D 170 -17.22 -0.41 17.75
N ILE D 171 -17.04 -1.73 17.65
CA ILE D 171 -15.74 -2.24 17.23
C ILE D 171 -15.50 -2.11 15.72
N THR D 172 -16.54 -1.95 14.92
CA THR D 172 -16.36 -1.79 13.47
C THR D 172 -16.29 -0.32 13.05
N ARG D 173 -16.27 0.61 13.99
CA ARG D 173 -16.08 2.01 13.63
C ARG D 173 -14.67 2.27 13.13
N GLY D 174 -13.68 1.62 13.74
CA GLY D 174 -12.29 1.80 13.35
C GLY D 174 -11.64 3.05 13.88
N ASN D 175 -12.34 3.83 14.69
CA ASN D 175 -11.79 5.08 15.21
C ASN D 175 -11.96 5.15 16.73
N SER E 2 -29.08 -44.59 22.88
CA SER E 2 -29.69 -44.68 21.56
C SER E 2 -28.71 -44.45 20.42
N LEU E 3 -29.16 -44.73 19.20
CA LEU E 3 -28.31 -44.64 18.02
C LEU E 3 -28.07 -43.19 17.62
N VAL E 4 -29.11 -42.36 17.74
CA VAL E 4 -29.00 -40.97 17.33
C VAL E 4 -28.04 -40.21 18.24
N TYR E 5 -27.87 -40.66 19.49
CA TYR E 5 -26.88 -40.04 20.36
C TYR E 5 -25.47 -40.26 19.81
N MET E 6 -25.20 -41.48 19.32
CA MET E 6 -23.92 -41.76 18.69
C MET E 6 -23.72 -40.89 17.45
N ASN E 7 -24.76 -40.77 16.63
CA ASN E 7 -24.63 -39.99 15.40
C ASN E 7 -24.40 -38.51 15.68
N ILE E 8 -25.10 -37.94 16.67
CA ILE E 8 -24.93 -36.52 16.99
C ILE E 8 -23.57 -36.28 17.63
N MET E 9 -23.11 -37.20 18.49
CA MET E 9 -21.78 -37.05 19.07
C MET E 9 -20.69 -37.16 18.02
N MET E 10 -20.86 -38.05 17.04
CA MET E 10 -19.90 -38.15 15.95
C MET E 10 -19.91 -36.89 15.10
N ALA E 11 -21.09 -36.29 14.89
CA ALA E 11 -21.16 -35.02 14.16
C ALA E 11 -20.41 -33.92 14.90
N PHE E 12 -20.58 -33.85 16.22
CA PHE E 12 -19.84 -32.89 17.03
C PHE E 12 -18.34 -33.13 16.95
N THR E 13 -17.93 -34.40 16.96
CA THR E 13 -16.51 -34.75 16.91
C THR E 13 -15.88 -34.35 15.58
N VAL E 14 -16.56 -34.64 14.46
CA VAL E 14 -15.99 -34.29 13.17
C VAL E 14 -16.02 -32.78 12.96
N SER E 15 -16.99 -32.06 13.52
CA SER E 15 -16.94 -30.60 13.42
C SER E 15 -15.83 -30.02 14.29
N LEU E 16 -15.55 -30.65 15.44
CA LEU E 16 -14.43 -30.21 16.28
C LEU E 16 -13.10 -30.44 15.58
N THR E 17 -12.92 -31.60 14.95
CA THR E 17 -11.69 -31.85 14.20
C THR E 17 -11.61 -30.95 12.97
N GLY E 18 -12.74 -30.57 12.40
CA GLY E 18 -12.72 -29.59 11.33
C GLY E 18 -12.29 -28.22 11.80
N LEU E 19 -12.71 -27.82 13.01
CA LEU E 19 -12.31 -26.53 13.54
C LEU E 19 -10.81 -26.49 13.85
N LEU E 20 -10.27 -27.57 14.42
CA LEU E 20 -8.93 -27.57 14.94
C LEU E 20 -7.85 -27.64 13.86
N MET E 21 -8.21 -27.92 12.61
CA MET E 21 -7.25 -27.99 11.51
C MET E 21 -7.65 -26.94 10.47
N TYR E 22 -7.12 -25.74 10.62
CA TYR E 22 -7.37 -24.65 9.68
C TYR E 22 -6.75 -24.97 8.34
N ARG E 23 -7.51 -24.74 7.25
CA ARG E 23 -6.92 -24.97 5.95
C ARG E 23 -6.35 -23.70 5.33
N SER E 24 -7.22 -22.77 4.94
CA SER E 24 -6.77 -21.50 4.37
C SER E 24 -7.53 -20.31 4.94
N HIS E 25 -8.82 -20.49 5.19
CA HIS E 25 -9.73 -19.40 5.49
C HIS E 25 -10.08 -19.37 6.98
N LEU E 26 -10.76 -18.30 7.37
CA LEU E 26 -11.33 -18.15 8.70
C LEU E 26 -12.83 -18.31 8.72
N MET E 27 -13.50 -17.99 7.61
CA MET E 27 -14.94 -18.20 7.48
C MET E 27 -15.28 -19.68 7.60
N SER E 28 -14.43 -20.55 7.08
CA SER E 28 -14.66 -21.98 7.18
C SER E 28 -14.59 -22.44 8.63
N SER E 29 -13.66 -21.90 9.41
CA SER E 29 -13.58 -22.23 10.83
C SER E 29 -14.78 -21.70 11.60
N LEU E 30 -15.26 -20.51 11.22
CA LEU E 30 -16.48 -19.98 11.84
C LEU E 30 -17.68 -20.86 11.53
N LEU E 31 -17.77 -21.35 10.30
CA LEU E 31 -18.84 -22.27 9.92
C LEU E 31 -18.75 -23.58 10.70
N CYS E 32 -17.52 -24.08 10.91
CA CYS E 32 -17.33 -25.27 11.73
C CYS E 32 -17.80 -25.04 13.16
N LEU E 33 -17.52 -23.85 13.71
CA LEU E 33 -17.98 -23.52 15.06
C LEU E 33 -19.50 -23.49 15.15
N GLU E 34 -20.16 -22.92 14.14
CA GLU E 34 -21.62 -22.94 14.15
C GLU E 34 -22.18 -24.34 13.94
N GLY E 35 -21.45 -25.20 13.21
CA GLY E 35 -21.86 -26.60 13.13
C GLY E 35 -21.78 -27.30 14.47
N MET E 36 -20.74 -26.99 15.25
CA MET E 36 -20.63 -27.52 16.61
C MET E 36 -21.79 -27.04 17.47
N MET E 37 -22.16 -25.76 17.33
CA MET E 37 -23.27 -25.23 18.12
C MET E 37 -24.58 -25.90 17.72
N LEU E 38 -24.77 -26.16 16.42
CA LEU E 38 -25.98 -26.83 15.96
C LEU E 38 -26.07 -28.26 16.48
N SER E 39 -24.94 -28.98 16.50
CA SER E 39 -24.95 -30.33 17.05
C SER E 39 -25.25 -30.33 18.55
N LEU E 40 -24.72 -29.33 19.27
CA LEU E 40 -25.08 -29.18 20.68
C LEU E 40 -26.56 -28.93 20.87
N PHE E 41 -27.13 -28.08 20.01
CA PHE E 41 -28.57 -27.81 20.03
C PHE E 41 -29.37 -29.08 19.85
N ILE E 42 -29.02 -29.87 18.84
CA ILE E 42 -29.77 -31.08 18.52
C ILE E 42 -29.66 -32.10 19.65
N LEU E 43 -28.45 -32.30 20.20
CA LEU E 43 -28.26 -33.25 21.28
C LEU E 43 -29.07 -32.83 22.52
N ALA E 44 -29.01 -31.55 22.87
CA ALA E 44 -29.70 -31.06 24.05
C ALA E 44 -31.21 -31.18 23.91
N THR E 45 -31.76 -30.83 22.74
CA THR E 45 -33.20 -30.92 22.61
C THR E 45 -33.68 -32.36 22.49
N LEU E 46 -32.86 -33.26 21.93
CA LEU E 46 -33.24 -34.68 21.92
C LEU E 46 -33.30 -35.24 23.33
N MET E 47 -32.29 -34.92 24.15
CA MET E 47 -32.29 -35.39 25.53
C MET E 47 -33.44 -34.79 26.33
N ILE E 48 -33.76 -33.52 26.07
CA ILE E 48 -34.80 -32.84 26.82
C ILE E 48 -36.18 -33.38 26.46
N LEU E 49 -36.45 -33.53 25.16
CA LEU E 49 -37.76 -34.00 24.73
C LEU E 49 -37.96 -35.48 24.97
N ASN E 50 -36.88 -36.26 25.05
CA ASN E 50 -37.01 -37.68 25.36
C ASN E 50 -37.55 -37.87 26.78
N SER E 51 -37.01 -37.14 27.74
CA SER E 51 -37.31 -37.36 29.15
C SER E 51 -38.47 -36.52 29.66
N HIS E 52 -39.15 -35.77 28.78
CA HIS E 52 -40.29 -34.92 29.10
C HIS E 52 -39.94 -33.89 30.17
N PHE E 53 -38.72 -33.38 30.14
CA PHE E 53 -38.32 -32.24 30.97
C PHE E 53 -39.03 -31.00 30.42
N THR E 54 -40.06 -30.54 31.13
CA THR E 54 -40.93 -29.51 30.58
C THR E 54 -40.26 -28.14 30.59
N LEU E 55 -39.79 -27.70 31.75
CA LEU E 55 -39.22 -26.35 31.86
C LEU E 55 -37.95 -26.21 31.03
N ALA E 56 -37.15 -27.28 30.97
CA ALA E 56 -35.87 -27.23 30.26
C ALA E 56 -36.01 -26.99 28.78
N SER E 57 -37.23 -27.13 28.23
CA SER E 57 -37.49 -26.78 26.83
C SER E 57 -37.25 -25.30 26.54
N MET E 58 -37.21 -24.45 27.57
CA MET E 58 -36.87 -23.06 27.34
C MET E 58 -35.39 -22.87 27.04
N MET E 59 -34.56 -23.88 27.30
CA MET E 59 -33.11 -23.75 27.32
C MET E 59 -32.47 -23.65 25.93
N PRO E 60 -32.72 -24.58 24.97
CA PRO E 60 -31.90 -24.56 23.75
C PRO E 60 -32.04 -23.30 22.92
N ILE E 61 -33.18 -22.63 23.00
CA ILE E 61 -33.37 -21.34 22.32
C ILE E 61 -32.32 -20.35 22.80
N ILE E 62 -32.14 -20.26 24.12
CA ILE E 62 -31.05 -19.46 24.68
C ILE E 62 -29.71 -19.95 24.16
N LEU E 63 -29.52 -21.28 24.12
CA LEU E 63 -28.29 -21.87 23.58
C LEU E 63 -28.08 -21.46 22.13
N LEU E 64 -29.17 -21.25 21.39
CA LEU E 64 -29.04 -20.66 20.07
C LEU E 64 -28.59 -19.21 20.20
N VAL E 65 -29.41 -18.40 20.89
CA VAL E 65 -29.38 -16.95 20.71
C VAL E 65 -28.03 -16.38 21.12
N PHE E 66 -27.59 -16.74 22.33
CA PHE E 66 -26.28 -16.31 22.84
C PHE E 66 -25.17 -16.68 21.88
N ALA E 67 -25.13 -17.96 21.49
CA ALA E 67 -24.08 -18.40 20.58
C ALA E 67 -24.21 -17.74 19.22
N ALA E 68 -25.47 -17.53 18.78
CA ALA E 68 -25.68 -16.83 17.52
C ALA E 68 -25.17 -15.40 17.61
N CYS E 69 -25.39 -14.76 18.76
CA CYS E 69 -24.83 -13.42 18.99
C CYS E 69 -23.32 -13.45 18.88
N GLU E 70 -22.71 -14.50 19.45
CA GLU E 70 -21.26 -14.65 19.38
C GLU E 70 -20.81 -14.76 17.92
N ALA E 71 -21.60 -15.46 17.11
CA ALA E 71 -21.26 -15.61 15.69
C ALA E 71 -21.18 -14.26 15.01
N ALA E 72 -22.13 -13.37 15.33
CA ALA E 72 -22.10 -12.03 14.76
C ALA E 72 -20.81 -11.31 15.11
N LEU E 73 -20.39 -11.44 16.37
CA LEU E 73 -19.13 -10.82 16.80
C LEU E 73 -17.97 -11.36 16.00
N GLY E 74 -17.95 -12.69 15.78
CA GLY E 74 -16.87 -13.28 15.02
C GLY E 74 -16.81 -12.74 13.61
N LEU E 75 -17.99 -12.54 12.99
CA LEU E 75 -18.03 -12.02 11.63
C LEU E 75 -17.41 -10.65 11.56
N SER E 76 -17.69 -9.81 12.57
CA SER E 76 -17.14 -8.47 12.59
C SER E 76 -15.62 -8.51 12.64
N LEU E 77 -15.07 -9.42 13.45
CA LEU E 77 -13.62 -9.54 13.55
C LEU E 77 -13.03 -9.93 12.20
N LEU E 78 -13.70 -10.85 11.50
CA LEU E 78 -13.24 -11.26 10.18
C LEU E 78 -13.22 -10.08 9.23
N VAL E 79 -14.26 -9.24 9.30
CA VAL E 79 -14.34 -8.07 8.43
C VAL E 79 -13.19 -7.13 8.71
N MET E 80 -12.84 -6.97 10.00
CA MET E 80 -11.70 -6.13 10.36
C MET E 80 -10.41 -6.69 9.77
N VAL E 81 -10.26 -8.02 9.81
CA VAL E 81 -9.12 -8.65 9.17
C VAL E 81 -9.15 -8.40 7.67
N SER E 82 -10.34 -8.51 7.07
CA SER E 82 -10.49 -8.24 5.65
C SER E 82 -10.27 -6.77 5.32
N ASN E 83 -10.35 -5.89 6.32
CA ASN E 83 -10.04 -4.49 6.06
C ASN E 83 -8.55 -4.19 6.11
N THR E 84 -7.74 -5.12 6.62
CA THR E 84 -6.31 -4.88 6.77
C THR E 84 -5.50 -5.52 5.64
N TYR E 85 -5.62 -6.83 5.48
CA TYR E 85 -4.84 -7.57 4.50
C TYR E 85 -5.64 -7.89 3.23
N GLY E 86 -6.90 -7.45 3.16
CA GLY E 86 -7.70 -7.64 1.97
C GLY E 86 -8.26 -9.04 1.80
N THR E 87 -7.94 -9.97 2.68
CA THR E 87 -8.42 -11.34 2.57
C THR E 87 -8.51 -11.95 3.96
N ASP E 88 -9.33 -12.98 4.08
CA ASP E 88 -9.57 -13.67 5.34
C ASP E 88 -8.63 -14.85 5.56
N TYR E 89 -7.46 -14.84 4.93
CA TYR E 89 -6.49 -15.91 5.13
C TYR E 89 -5.95 -15.88 6.55
N VAL E 90 -5.74 -17.06 7.13
CA VAL E 90 -5.22 -17.15 8.48
C VAL E 90 -3.71 -16.93 8.53
N GLN E 91 -3.03 -17.01 7.39
CA GLN E 91 -1.58 -16.86 7.35
C GLN E 91 -1.14 -15.40 7.29
N ASN E 92 -2.03 -14.46 7.56
CA ASN E 92 -1.68 -13.06 7.75
C ASN E 92 -1.76 -12.64 9.22
N LEU E 93 -2.28 -13.49 10.09
CA LEU E 93 -2.42 -13.19 11.50
C LEU E 93 -1.22 -13.72 12.29
N ASN E 94 -0.03 -13.18 11.95
CA ASN E 94 1.19 -13.59 12.61
C ASN E 94 2.08 -12.40 12.93
N LEU E 95 1.49 -11.25 13.23
CA LEU E 95 2.24 -10.06 13.57
C LEU E 95 2.76 -10.08 15.00
N LEU E 96 2.35 -11.05 15.82
CA LEU E 96 2.68 -11.08 17.24
C LEU E 96 3.66 -12.20 17.58
N GLN E 97 4.33 -12.76 16.57
CA GLN E 97 5.37 -13.74 16.83
C GLN E 97 6.59 -13.11 17.49
N CYS E 98 6.82 -11.81 17.25
CA CYS E 98 7.96 -11.12 17.83
C CYS E 98 7.52 -9.86 18.57
N ASN F 2 59.56 -20.18 99.79
CA ASN F 2 58.97 -18.90 99.40
C ASN F 2 59.97 -18.01 98.68
N LEU F 3 61.25 -18.12 99.04
CA LEU F 3 62.30 -17.36 98.37
C LEU F 3 62.50 -17.86 96.93
N PHE F 4 62.48 -19.17 96.75
CA PHE F 4 62.67 -19.88 95.50
C PHE F 4 61.71 -19.42 94.40
N SER F 5 60.42 -19.67 94.61
CA SER F 5 59.41 -19.37 93.60
C SER F 5 59.33 -17.88 93.33
N SER F 6 59.44 -17.06 94.38
CA SER F 6 59.39 -15.61 94.23
C SER F 6 60.53 -15.12 93.35
N LEU F 7 61.75 -15.62 93.59
CA LEU F 7 62.88 -15.13 92.81
C LEU F 7 62.82 -15.61 91.36
N THR F 8 62.34 -16.83 91.14
CA THR F 8 62.23 -17.34 89.77
C THR F 8 61.19 -16.57 88.96
N LEU F 9 60.00 -16.37 89.53
CA LEU F 9 59.01 -15.60 88.80
C LEU F 9 59.36 -14.12 88.73
N VAL F 10 60.19 -13.62 89.65
CA VAL F 10 60.75 -12.27 89.50
C VAL F 10 61.67 -12.20 88.30
N THR F 11 62.48 -13.25 88.08
CA THR F 11 63.31 -13.30 86.88
C THR F 11 62.45 -13.23 85.62
N LEU F 12 61.37 -13.99 85.58
CA LEU F 12 60.49 -13.98 84.40
C LEU F 12 59.81 -12.63 84.20
N ILE F 13 59.28 -12.04 85.28
CA ILE F 13 58.57 -10.76 85.18
C ILE F 13 59.54 -9.64 84.85
N LEU F 14 60.76 -9.69 85.40
CA LEU F 14 61.78 -8.72 85.07
C LEU F 14 62.16 -8.79 83.60
N LEU F 15 62.21 -10.01 83.05
CA LEU F 15 62.47 -10.13 81.62
C LEU F 15 61.34 -9.55 80.78
N THR F 16 60.08 -9.75 81.20
CA THR F 16 58.99 -9.26 80.37
C THR F 16 58.66 -7.79 80.60
N MET F 17 59.26 -7.14 81.61
CA MET F 17 59.02 -5.72 81.86
C MET F 17 59.44 -4.77 80.73
N PRO F 18 60.66 -4.84 80.15
CA PRO F 18 61.03 -3.85 79.12
C PRO F 18 60.19 -3.91 77.85
N ILE F 19 59.52 -5.04 77.56
CA ILE F 19 58.60 -5.09 76.44
C ILE F 19 57.44 -4.13 76.64
N ALA F 20 56.86 -4.15 77.86
CA ALA F 20 55.83 -3.17 78.20
C ALA F 20 56.40 -1.76 78.23
N ALA F 21 57.65 -1.62 78.66
CA ALA F 21 58.28 -0.31 78.73
C ALA F 21 58.43 0.33 77.35
N ILE F 22 58.80 -0.47 76.34
CA ILE F 22 58.94 0.10 75.01
C ILE F 22 57.57 0.24 74.34
N ASN F 23 56.63 -0.66 74.65
CA ASN F 23 55.31 -0.56 74.03
C ASN F 23 54.50 0.61 74.57
N PHE F 24 54.80 1.08 75.79
CA PHE F 24 54.12 2.23 76.37
C PHE F 24 54.94 3.51 76.25
N ASN F 25 55.77 3.61 75.21
CA ASN F 25 56.69 4.73 75.05
C ASN F 25 56.06 5.83 74.21
N THR F 26 56.46 7.07 74.50
CA THR F 26 56.07 8.25 73.74
C THR F 26 57.26 9.02 73.20
N HIS F 27 58.33 9.13 73.98
CA HIS F 27 59.49 9.93 73.63
C HIS F 27 60.54 9.08 72.93
N LYS F 28 61.71 9.65 72.70
CA LYS F 28 62.86 8.91 72.19
C LYS F 28 63.64 8.38 73.38
N PHE F 29 63.73 7.05 73.50
CA PHE F 29 64.24 6.42 74.72
C PHE F 29 65.72 6.72 74.92
N THR F 30 66.07 7.08 76.16
CA THR F 30 67.44 7.43 76.52
C THR F 30 68.26 6.15 76.65
N ASN F 31 68.72 5.67 75.50
CA ASN F 31 69.55 4.47 75.35
C ASN F 31 68.85 3.24 75.95
N TYR F 32 67.74 2.90 75.29
CA TYR F 32 67.01 1.66 75.57
C TYR F 32 67.87 0.38 75.54
N PRO F 33 68.85 0.19 74.63
CA PRO F 33 69.70 -1.00 74.74
C PRO F 33 70.44 -1.15 76.06
N LEU F 34 70.86 -0.04 76.67
CA LEU F 34 71.49 -0.11 77.98
C LEU F 34 70.50 -0.60 79.03
N TYR F 35 69.25 -0.14 78.93
CA TYR F 35 68.21 -0.58 79.84
C TYR F 35 67.95 -2.08 79.71
N VAL F 36 67.91 -2.59 78.47
CA VAL F 36 67.68 -4.01 78.25
C VAL F 36 68.86 -4.84 78.76
N LYS F 37 70.09 -4.38 78.52
CA LYS F 37 71.27 -5.10 78.97
C LYS F 37 71.34 -5.15 80.50
N THR F 38 71.03 -4.02 81.16
CA THR F 38 71.01 -3.99 82.62
C THR F 38 69.94 -4.91 83.17
N THR F 39 68.76 -4.91 82.53
CA THR F 39 67.67 -5.78 82.95
C THR F 39 68.05 -7.25 82.86
N ILE F 40 68.70 -7.63 81.76
CA ILE F 40 69.06 -9.04 81.58
C ILE F 40 70.20 -9.45 82.52
N SER F 41 71.15 -8.56 82.81
CA SER F 41 72.17 -8.88 83.80
C SER F 41 71.57 -9.07 85.20
N CYS F 42 70.65 -8.20 85.58
CA CYS F 42 69.99 -8.34 86.87
C CYS F 42 69.15 -9.62 86.94
N ALA F 43 68.49 -9.97 85.84
CA ALA F 43 67.76 -11.23 85.78
C ALA F 43 68.70 -12.43 85.85
N PHE F 44 69.91 -12.28 85.32
CA PHE F 44 70.91 -13.35 85.44
C PHE F 44 71.28 -13.58 86.90
N ILE F 45 71.46 -12.50 87.65
CA ILE F 45 71.74 -12.65 89.10
C ILE F 45 70.55 -13.30 89.81
N THR F 46 69.35 -12.81 89.49
CA THR F 46 68.14 -13.28 90.16
C THR F 46 67.85 -14.74 89.86
N SER F 47 68.28 -15.24 88.70
CA SER F 47 68.17 -16.66 88.39
C SER F 47 69.39 -17.45 88.84
N MET F 48 70.51 -16.78 89.09
CA MET F 48 71.67 -17.45 89.70
C MET F 48 71.39 -17.88 91.12
N ILE F 49 70.57 -17.11 91.85
CA ILE F 49 70.27 -17.49 93.24
C ILE F 49 69.58 -18.86 93.39
N PRO F 50 68.47 -19.16 92.68
CA PRO F 50 67.85 -20.48 92.88
C PRO F 50 68.64 -21.63 92.26
N THR F 51 69.50 -21.35 91.28
CA THR F 51 70.42 -22.38 90.80
C THR F 51 71.38 -22.79 91.91
N MET F 52 71.88 -21.81 92.66
CA MET F 52 72.72 -22.09 93.82
C MET F 52 71.94 -22.84 94.89
N MET F 53 70.66 -22.50 95.09
CA MET F 53 69.84 -23.23 96.05
C MET F 53 69.64 -24.69 95.64
N PHE F 54 69.43 -24.93 94.33
CA PHE F 54 69.28 -26.29 93.83
C PHE F 54 70.58 -27.07 93.96
N ILE F 55 71.72 -26.41 93.73
CA ILE F 55 73.01 -27.04 93.91
C ILE F 55 73.21 -27.45 95.36
N HIS F 56 72.82 -26.57 96.29
CA HIS F 56 72.98 -26.87 97.71
C HIS F 56 72.08 -28.02 98.15
N THR F 57 70.79 -27.96 97.82
CA THR F 57 69.82 -28.90 98.36
C THR F 57 69.38 -29.95 97.36
N GLY F 58 69.01 -29.54 96.15
CA GLY F 58 68.40 -30.46 95.21
C GLY F 58 66.90 -30.28 95.15
N GLN F 59 66.47 -29.02 95.06
CA GLN F 59 65.05 -28.67 95.07
C GLN F 59 64.52 -28.58 93.65
N GLU F 60 63.44 -29.31 93.38
CA GLU F 60 62.69 -29.18 92.14
C GLU F 60 61.26 -28.82 92.49
N MET F 61 60.70 -27.84 91.76
CA MET F 61 59.39 -27.32 92.12
C MET F 61 58.51 -27.21 90.89
N ILE F 62 57.20 -27.20 91.14
CA ILE F 62 56.19 -27.01 90.09
C ILE F 62 55.17 -26.02 90.60
N ILE F 63 54.98 -24.92 89.87
CA ILE F 63 54.05 -23.86 90.25
C ILE F 63 52.96 -23.81 89.19
N SER F 64 51.78 -24.32 89.53
CA SER F 64 50.60 -24.20 88.67
C SER F 64 49.81 -23.00 89.15
N ASN F 65 50.28 -21.82 88.77
CA ASN F 65 49.84 -20.60 89.47
C ASN F 65 48.55 -20.02 88.94
N TRP F 66 48.24 -20.21 87.66
CA TRP F 66 47.04 -19.63 87.07
C TRP F 66 46.28 -20.71 86.32
N HIS F 67 45.10 -21.08 86.82
CA HIS F 67 44.22 -21.98 86.11
C HIS F 67 43.68 -21.28 84.87
N TRP F 68 43.82 -21.93 83.72
CA TRP F 68 43.47 -21.31 82.44
C TRP F 68 42.18 -21.87 81.85
N LEU F 69 42.07 -23.17 81.67
CA LEU F 69 40.96 -23.72 80.89
C LEU F 69 40.70 -25.16 81.28
N THR F 70 39.48 -25.45 81.70
CA THR F 70 39.08 -26.81 82.04
C THR F 70 38.26 -27.37 80.90
N ILE F 71 38.90 -28.16 80.04
CA ILE F 71 38.23 -28.82 78.92
C ILE F 71 37.74 -30.16 79.47
N GLN F 72 36.55 -30.14 80.08
CA GLN F 72 35.95 -31.20 80.88
C GLN F 72 36.96 -31.95 81.74
N THR F 73 37.40 -33.13 81.30
CA THR F 73 38.35 -33.92 82.08
C THR F 73 39.72 -33.25 82.14
N LEU F 74 40.18 -32.70 81.01
CA LEU F 74 41.49 -32.05 80.98
C LEU F 74 41.45 -30.71 81.71
N LYS F 75 42.53 -30.40 82.41
CA LYS F 75 42.72 -29.12 83.06
C LYS F 75 44.04 -28.52 82.62
N LEU F 76 43.99 -27.30 82.08
CA LEU F 76 45.17 -26.60 81.61
C LEU F 76 45.38 -25.39 82.51
N SER F 77 46.56 -25.32 83.13
CA SER F 77 46.93 -24.21 83.99
C SER F 77 48.29 -23.70 83.57
N LEU F 78 48.56 -22.44 83.91
CA LEU F 78 49.90 -21.89 83.72
C LEU F 78 50.81 -22.53 84.73
N SER F 79 51.55 -23.55 84.29
CA SER F 79 52.38 -24.36 85.17
C SER F 79 53.83 -24.24 84.73
N PHE F 80 54.69 -23.89 85.68
CA PHE F 80 56.13 -23.83 85.48
C PHE F 80 56.77 -24.96 86.27
N LYS F 81 57.48 -25.84 85.58
CA LYS F 81 58.22 -26.92 86.20
C LYS F 81 59.70 -26.57 86.15
N MET F 82 60.31 -26.37 87.30
CA MET F 82 61.74 -26.07 87.35
C MET F 82 62.47 -27.20 88.08
N ASP F 83 63.30 -27.89 87.31
CA ASP F 83 64.01 -29.09 87.72
C ASP F 83 65.48 -28.83 87.41
N PHE F 84 66.27 -29.91 87.36
CA PHE F 84 67.67 -29.83 86.97
C PHE F 84 67.87 -29.08 85.64
N PHE F 85 67.11 -29.48 84.61
CA PHE F 85 67.32 -28.96 83.27
C PHE F 85 67.00 -27.46 83.17
N SER F 86 65.82 -27.06 83.64
CA SER F 86 65.41 -25.66 83.52
C SER F 86 66.30 -24.75 84.35
N MET F 87 66.61 -25.17 85.57
CA MET F 87 67.36 -24.33 86.49
C MET F 87 68.84 -24.24 86.11
N MET F 88 69.37 -25.23 85.41
CA MET F 88 70.74 -25.10 84.92
C MET F 88 70.84 -24.54 83.51
N PHE F 89 69.73 -24.46 82.78
CA PHE F 89 69.78 -23.87 81.45
C PHE F 89 69.38 -22.40 81.42
N VAL F 90 68.57 -21.93 82.36
CA VAL F 90 68.20 -20.51 82.38
C VAL F 90 69.40 -19.56 82.56
N PRO F 91 70.28 -19.75 83.57
CA PRO F 91 71.34 -18.74 83.76
C PRO F 91 72.42 -18.78 82.68
N VAL F 92 72.69 -19.95 82.09
CA VAL F 92 73.65 -20.00 80.99
C VAL F 92 73.15 -19.20 79.80
N ALA F 93 71.86 -19.35 79.48
CA ALA F 93 71.25 -18.59 78.40
C ALA F 93 71.24 -17.10 78.73
N LEU F 94 71.01 -16.75 80.00
CA LEU F 94 71.01 -15.35 80.38
C LEU F 94 72.41 -14.73 80.27
N PHE F 95 73.44 -15.47 80.67
CA PHE F 95 74.83 -14.99 80.53
C PHE F 95 75.20 -14.80 79.07
N VAL F 96 74.86 -15.79 78.23
CA VAL F 96 75.14 -15.71 76.81
C VAL F 96 74.41 -14.54 76.17
N THR F 97 73.14 -14.34 76.53
CA THR F 97 72.37 -13.23 75.99
C THR F 97 72.90 -11.88 76.45
N TRP F 98 73.42 -11.81 77.68
CA TRP F 98 74.07 -10.59 78.15
C TRP F 98 75.27 -10.24 77.28
N SER F 99 76.13 -11.22 77.01
CA SER F 99 77.28 -10.97 76.14
C SER F 99 76.85 -10.61 74.72
N ILE F 100 75.82 -11.30 74.21
CA ILE F 100 75.35 -11.07 72.85
C ILE F 100 74.75 -9.67 72.72
N MET F 101 74.03 -9.21 73.74
CA MET F 101 73.45 -7.86 73.66
C MET F 101 74.50 -6.78 73.81
N GLU F 102 75.55 -7.00 74.60
CA GLU F 102 76.63 -6.01 74.62
C GLU F 102 77.33 -5.95 73.26
N PHE F 103 77.59 -7.11 72.64
CA PHE F 103 78.15 -7.13 71.30
C PHE F 103 77.20 -6.52 70.28
N SER F 104 75.89 -6.63 70.51
CA SER F 104 74.92 -6.05 69.58
C SER F 104 74.87 -4.53 69.71
N MET F 105 74.95 -4.02 70.94
CA MET F 105 74.94 -2.56 71.12
C MET F 105 76.23 -1.94 70.63
N TRP F 106 77.33 -2.70 70.53
CA TRP F 106 78.46 -2.15 69.78
C TRP F 106 78.27 -2.33 68.28
N TYR F 107 77.84 -3.51 67.85
CA TYR F 107 77.89 -3.90 66.45
C TYR F 107 76.82 -3.19 65.62
N MET F 108 75.62 -3.04 66.17
CA MET F 108 74.49 -2.47 65.45
C MET F 108 74.26 -1.00 65.80
N HIS F 109 75.34 -0.25 66.03
CA HIS F 109 75.22 1.14 66.47
C HIS F 109 74.69 2.04 65.35
N SER F 110 75.00 1.72 64.10
CA SER F 110 74.58 2.57 62.99
C SER F 110 73.17 2.28 62.50
N ASP F 111 72.51 1.26 63.05
CA ASP F 111 71.14 0.95 62.64
C ASP F 111 70.16 1.96 63.22
N PRO F 112 69.35 2.63 62.41
CA PRO F 112 68.32 3.52 62.97
C PRO F 112 67.17 2.78 63.67
N ASN F 113 67.07 1.47 63.52
CA ASN F 113 66.01 0.67 64.13
C ASN F 113 66.57 -0.23 65.23
N ILE F 114 67.51 0.29 66.01
CA ILE F 114 68.20 -0.53 67.01
C ILE F 114 67.27 -0.90 68.17
N ASN F 115 66.32 -0.03 68.51
CA ASN F 115 65.37 -0.32 69.57
C ASN F 115 64.48 -1.49 69.20
N GLN F 116 64.02 -1.55 67.94
CA GLN F 116 63.25 -2.69 67.46
C GLN F 116 64.08 -3.97 67.50
N PHE F 117 65.37 -3.87 67.17
CA PHE F 117 66.25 -5.03 67.22
C PHE F 117 66.38 -5.57 68.64
N PHE F 118 66.58 -4.68 69.61
CA PHE F 118 66.72 -5.13 70.99
C PHE F 118 65.40 -5.68 71.53
N LYS F 119 64.28 -5.09 71.13
CA LYS F 119 62.97 -5.62 71.51
C LYS F 119 62.75 -7.02 70.93
N TYR F 120 63.16 -7.23 69.68
CA TYR F 120 63.02 -8.55 69.06
C TYR F 120 63.89 -9.59 69.75
N LEU F 121 65.12 -9.23 70.11
CA LEU F 121 65.99 -10.15 70.83
C LEU F 121 65.42 -10.50 72.20
N LEU F 122 64.87 -9.50 72.89
CA LEU F 122 64.24 -9.75 74.17
C LEU F 122 63.03 -10.67 74.03
N LEU F 123 62.24 -10.47 72.97
CA LEU F 123 61.07 -11.32 72.74
C LEU F 123 61.48 -12.77 72.47
N PHE F 124 62.57 -12.95 71.73
CA PHE F 124 63.07 -14.31 71.50
C PHE F 124 63.52 -14.96 72.81
N LEU F 125 64.22 -14.21 73.65
CA LEU F 125 64.64 -14.76 74.94
C LEU F 125 63.44 -15.10 75.82
N ILE F 126 62.39 -14.27 75.77
CA ILE F 126 61.17 -14.52 76.54
C ILE F 126 60.52 -15.82 76.07
N THR F 127 60.42 -16.01 74.74
CA THR F 127 59.80 -17.24 74.23
C THR F 127 60.65 -18.47 74.55
N MET F 128 61.98 -18.33 74.49
CA MET F 128 62.85 -19.45 74.84
C MET F 128 62.72 -19.85 76.30
N LEU F 129 62.67 -18.87 77.21
CA LEU F 129 62.50 -19.21 78.62
C LEU F 129 61.09 -19.65 78.95
N ILE F 130 60.09 -19.29 78.13
CA ILE F 130 58.78 -19.90 78.25
C ILE F 130 58.87 -21.37 77.85
N LEU F 131 59.63 -21.67 76.80
CA LEU F 131 59.78 -23.05 76.34
C LEU F 131 60.47 -23.93 77.38
N VAL F 132 61.61 -23.47 77.92
CA VAL F 132 62.41 -24.35 78.76
C VAL F 132 61.83 -24.54 80.16
N THR F 133 60.92 -23.67 80.60
CA THR F 133 60.33 -23.77 81.93
C THR F 133 58.89 -24.27 81.86
N ALA F 134 58.43 -24.75 80.72
CA ALA F 134 57.06 -25.19 80.57
C ALA F 134 56.85 -26.56 81.18
N ASN F 135 55.65 -26.78 81.72
CA ASN F 135 55.26 -28.07 82.26
C ASN F 135 54.28 -28.82 81.37
N ASN F 136 53.15 -28.21 81.03
CA ASN F 136 52.26 -28.83 80.08
C ASN F 136 52.77 -28.63 78.65
N LEU F 137 52.21 -29.42 77.73
CA LEU F 137 52.66 -29.37 76.34
C LEU F 137 52.19 -28.12 75.62
N PHE F 138 51.10 -27.51 76.07
CA PHE F 138 50.59 -26.31 75.41
C PHE F 138 51.56 -25.14 75.57
N GLN F 139 52.11 -24.94 76.76
CA GLN F 139 53.04 -23.85 77.00
C GLN F 139 54.34 -24.05 76.24
N LEU F 140 54.81 -25.30 76.16
CA LEU F 140 56.02 -25.57 75.42
C LEU F 140 55.80 -25.41 73.92
N PHE F 141 54.58 -25.71 73.45
CA PHE F 141 54.21 -25.43 72.06
C PHE F 141 54.19 -23.93 71.79
N ILE F 142 53.71 -23.15 72.78
CA ILE F 142 53.71 -21.70 72.66
C ILE F 142 55.14 -21.18 72.49
N GLY F 143 56.06 -21.69 73.32
CA GLY F 143 57.46 -21.30 73.18
C GLY F 143 58.08 -21.75 71.87
N TRP F 144 57.70 -22.94 71.39
CA TRP F 144 58.18 -23.46 70.12
C TRP F 144 57.81 -22.54 68.96
N GLU F 145 56.53 -22.21 68.84
CA GLU F 145 56.10 -21.34 67.76
C GLU F 145 56.61 -19.91 67.94
N GLY F 146 56.77 -19.47 69.20
CA GLY F 146 57.30 -18.14 69.43
C GLY F 146 58.73 -17.98 68.96
N VAL F 147 59.58 -18.96 69.28
CA VAL F 147 60.96 -18.86 68.81
C VAL F 147 61.04 -19.06 67.31
N GLY F 148 60.11 -19.84 66.72
CA GLY F 148 60.07 -19.93 65.27
C GLY F 148 59.75 -18.61 64.60
N ILE F 149 58.73 -17.91 65.11
CA ILE F 149 58.33 -16.63 64.52
C ILE F 149 59.40 -15.56 64.74
N MET F 150 60.00 -15.54 65.94
CA MET F 150 61.07 -14.58 66.19
C MET F 150 62.30 -14.86 65.34
N SER F 151 62.59 -16.14 65.06
CA SER F 151 63.65 -16.46 64.12
C SER F 151 63.33 -15.97 62.72
N PHE F 152 62.07 -16.11 62.30
CA PHE F 152 61.65 -15.59 61.01
C PHE F 152 61.89 -14.08 60.92
N LEU F 153 61.45 -13.34 61.93
CA LEU F 153 61.59 -11.88 61.91
C LEU F 153 63.05 -11.45 61.96
N LEU F 154 63.86 -12.10 62.80
CA LEU F 154 65.26 -11.71 62.92
C LEU F 154 66.08 -12.10 61.71
N ILE F 155 65.73 -13.19 61.02
CA ILE F 155 66.41 -13.49 59.76
C ILE F 155 65.99 -12.51 58.67
N GLY F 156 64.69 -12.21 58.59
CA GLY F 156 64.23 -11.22 57.63
C GLY F 156 64.26 -9.81 58.20
N TRP F 157 65.23 -9.54 59.08
CA TRP F 157 65.45 -8.19 59.59
C TRP F 157 65.72 -7.19 58.46
N TRP F 158 66.67 -7.50 57.58
CA TRP F 158 66.92 -6.66 56.41
C TRP F 158 65.92 -7.05 55.33
N TYR F 159 64.70 -6.50 55.46
CA TYR F 159 63.59 -6.93 54.63
C TYR F 159 63.67 -6.43 53.19
N GLY F 160 64.59 -5.51 52.88
CA GLY F 160 64.80 -5.13 51.50
C GLY F 160 65.57 -6.15 50.68
N ARG F 161 66.26 -7.06 51.35
CA ARG F 161 67.06 -8.08 50.69
C ARG F 161 66.20 -9.32 50.48
N THR F 162 66.15 -9.81 49.24
CA THR F 162 65.29 -10.95 48.91
C THR F 162 65.83 -12.25 49.49
N ASP F 163 67.16 -12.35 49.65
CA ASP F 163 67.75 -13.56 50.20
C ASP F 163 67.37 -13.76 51.67
N ALA F 164 67.26 -12.65 52.41
CA ALA F 164 66.82 -12.74 53.80
C ALA F 164 65.39 -13.25 53.89
N ASN F 165 64.51 -12.76 53.01
CA ASN F 165 63.12 -13.23 53.00
C ASN F 165 63.04 -14.71 52.60
N THR F 166 63.84 -15.12 51.61
CA THR F 166 63.85 -16.52 51.21
C THR F 166 64.35 -17.43 52.33
N ALA F 167 65.42 -17.02 53.01
CA ALA F 167 65.95 -17.81 54.13
C ALA F 167 64.95 -17.89 55.28
N ALA F 168 64.28 -16.78 55.59
CA ALA F 168 63.29 -16.78 56.65
C ALA F 168 62.10 -17.68 56.33
N LEU F 169 61.62 -17.64 55.08
CA LEU F 169 60.51 -18.51 54.69
C LEU F 169 60.93 -19.97 54.69
N GLN F 170 62.16 -20.27 54.28
CA GLN F 170 62.65 -21.65 54.32
C GLN F 170 62.75 -22.18 55.74
N ALA F 171 63.25 -21.35 56.67
CA ALA F 171 63.31 -21.73 58.07
C ALA F 171 61.92 -21.97 58.64
N ILE F 172 60.95 -21.13 58.25
CA ILE F 172 59.57 -21.33 58.66
C ILE F 172 59.03 -22.66 58.14
N LEU F 173 59.33 -23.00 56.89
CA LEU F 173 58.84 -24.25 56.31
C LEU F 173 59.37 -25.47 57.07
N TYR F 174 60.68 -25.49 57.34
CA TYR F 174 61.25 -26.63 58.04
C TYR F 174 60.76 -26.71 59.49
N ASN F 175 60.61 -25.55 60.15
CA ASN F 175 60.07 -25.54 61.50
C ASN F 175 58.60 -25.97 61.52
N ARG F 176 57.85 -25.72 60.44
CA ARG F 176 56.47 -26.19 60.41
C ARG F 176 56.37 -27.69 60.18
N ILE F 177 57.34 -28.28 59.47
CA ILE F 177 57.37 -29.75 59.40
C ILE F 177 57.70 -30.33 60.78
N GLY F 178 58.62 -29.69 61.50
CA GLY F 178 58.82 -30.06 62.91
C GLY F 178 57.56 -29.92 63.74
N ASP F 179 56.77 -28.88 63.45
CA ASP F 179 55.49 -28.70 64.13
C ASP F 179 54.49 -29.80 63.78
N ILE F 180 54.55 -30.34 62.55
CA ILE F 180 53.73 -31.50 62.21
C ILE F 180 54.05 -32.67 63.13
N GLY F 181 55.35 -32.94 63.30
CA GLY F 181 55.75 -34.01 64.21
C GLY F 181 55.32 -33.76 65.65
N PHE F 182 55.49 -32.52 66.11
CA PHE F 182 55.09 -32.16 67.48
C PHE F 182 53.60 -32.30 67.69
N ILE F 183 52.80 -31.91 66.69
CA ILE F 183 51.35 -32.02 66.77
C ILE F 183 50.93 -33.48 66.85
N LEU F 184 51.57 -34.34 66.05
CA LEU F 184 51.26 -35.77 66.11
C LEU F 184 51.58 -36.35 67.49
N ALA F 185 52.72 -35.95 68.07
CA ALA F 185 53.07 -36.43 69.41
C ALA F 185 52.06 -35.98 70.46
N MET F 186 51.63 -34.71 70.39
CA MET F 186 50.62 -34.21 71.33
C MET F 186 49.29 -34.93 71.14
N ALA F 187 48.95 -35.25 69.90
CA ALA F 187 47.70 -35.96 69.60
C ALA F 187 47.70 -37.34 70.23
N TRP F 188 48.80 -38.08 70.06
CA TRP F 188 48.88 -39.40 70.67
C TRP F 188 48.82 -39.31 72.19
N PHE F 189 49.52 -38.33 72.77
CA PHE F 189 49.55 -38.21 74.22
C PHE F 189 48.18 -37.92 74.80
N LEU F 190 47.42 -37.01 74.17
CA LEU F 190 46.07 -36.71 74.66
C LEU F 190 45.15 -37.91 74.47
N ILE F 191 45.18 -38.55 73.30
CA ILE F 191 44.21 -39.61 73.02
C ILE F 191 44.47 -40.83 73.91
N ASN F 192 45.74 -41.18 74.13
CA ASN F 192 46.04 -42.43 74.81
C ASN F 192 46.36 -42.28 76.29
N LEU F 193 46.81 -41.12 76.75
CA LEU F 193 47.16 -40.94 78.17
C LEU F 193 46.28 -39.93 78.88
N ASN F 194 45.37 -39.26 78.17
CA ASN F 194 44.39 -38.32 78.74
C ASN F 194 45.07 -37.18 79.51
N THR F 195 46.19 -36.68 78.97
CA THR F 195 46.91 -35.61 79.65
C THR F 195 47.80 -34.89 78.65
N TRP F 196 48.19 -33.68 79.06
CA TRP F 196 49.24 -32.93 78.39
C TRP F 196 50.41 -32.59 79.30
N ASP F 197 50.22 -32.63 80.62
CA ASP F 197 51.30 -32.37 81.56
C ASP F 197 52.26 -33.56 81.60
N LEU F 198 53.51 -33.29 81.97
CA LEU F 198 54.54 -34.32 81.95
C LEU F 198 54.41 -35.29 83.10
N GLN F 199 53.80 -34.89 84.21
CA GLN F 199 53.74 -35.74 85.40
C GLN F 199 52.92 -37.00 85.14
N GLN F 200 51.73 -36.83 84.57
CA GLN F 200 50.89 -37.96 84.24
C GLN F 200 51.50 -38.80 83.12
N ILE F 201 52.22 -38.17 82.20
CA ILE F 201 52.88 -38.89 81.11
C ILE F 201 53.94 -39.83 81.69
N PHE F 202 54.74 -39.33 82.63
CA PHE F 202 55.78 -40.16 83.21
C PHE F 202 55.21 -41.18 84.19
N MET F 203 54.09 -40.86 84.84
CA MET F 203 53.52 -41.79 85.80
C MET F 203 52.84 -42.96 85.10
N LEU F 204 52.08 -42.68 84.04
CA LEU F 204 51.39 -43.74 83.34
C LEU F 204 52.36 -44.65 82.59
N ASN F 205 53.41 -44.06 81.98
CA ASN F 205 54.53 -44.75 81.34
C ASN F 205 54.09 -45.77 80.31
N PRO F 206 53.63 -45.36 79.14
CA PRO F 206 53.14 -46.32 78.14
C PRO F 206 54.27 -47.17 77.57
N ASN F 207 53.89 -48.37 77.13
CA ASN F 207 54.83 -49.29 76.50
C ASN F 207 54.76 -49.27 74.98
N ASP F 208 53.59 -49.03 74.41
CA ASP F 208 53.42 -48.94 72.96
C ASP F 208 53.61 -47.51 72.46
N SER F 209 54.76 -46.92 72.82
CA SER F 209 55.03 -45.50 72.60
C SER F 209 55.91 -45.27 71.38
N ASN F 210 55.73 -46.05 70.32
CA ASN F 210 56.52 -45.83 69.12
C ASN F 210 56.11 -44.55 68.41
N LEU F 211 54.80 -44.35 68.23
CA LEU F 211 54.29 -43.19 67.49
C LEU F 211 54.59 -41.84 68.16
N PRO F 212 54.36 -41.63 69.47
CA PRO F 212 54.75 -40.33 70.05
C PRO F 212 56.25 -40.07 70.00
N LEU F 213 57.06 -41.12 70.14
CA LEU F 213 58.51 -40.92 70.01
C LEU F 213 58.88 -40.59 68.57
N MET F 214 58.16 -41.15 67.59
CA MET F 214 58.41 -40.78 66.20
C MET F 214 58.07 -39.31 65.97
N GLY F 215 56.95 -38.85 66.54
CA GLY F 215 56.58 -37.45 66.39
C GLY F 215 57.56 -36.51 67.06
N LEU F 216 58.03 -36.87 68.25
CA LEU F 216 59.02 -36.04 68.94
C LEU F 216 60.35 -36.02 68.19
N ILE F 217 60.75 -37.15 67.63
CA ILE F 217 61.99 -37.20 66.86
C ILE F 217 61.86 -36.38 65.59
N LEU F 218 60.68 -36.37 64.95
CA LEU F 218 60.44 -35.51 63.80
C LEU F 218 60.51 -34.04 64.18
N ALA F 219 59.93 -33.68 65.33
CA ALA F 219 60.00 -32.29 65.80
C ALA F 219 61.43 -31.87 66.11
N ALA F 220 62.21 -32.76 66.73
CA ALA F 220 63.61 -32.45 67.03
C ALA F 220 64.45 -32.38 65.76
N THR F 221 64.11 -33.18 64.75
CA THR F 221 64.78 -33.08 63.46
C THR F 221 64.49 -31.74 62.79
N GLY F 222 63.24 -31.29 62.85
CA GLY F 222 62.89 -30.02 62.26
C GLY F 222 63.53 -28.83 62.97
N LYS F 223 63.49 -28.83 64.30
CA LYS F 223 63.97 -27.66 65.04
C LYS F 223 65.49 -27.60 65.13
N SER F 224 66.13 -28.73 65.41
CA SER F 224 67.59 -28.75 65.57
C SER F 224 68.33 -28.94 64.26
N ALA F 225 67.61 -29.03 63.14
CA ALA F 225 68.16 -29.15 61.79
C ALA F 225 69.08 -30.37 61.66
N GLN F 226 68.49 -31.55 61.85
CA GLN F 226 69.18 -32.79 61.58
C GLN F 226 69.11 -33.09 60.09
N PHE F 227 69.53 -34.27 59.68
CA PHE F 227 69.55 -34.61 58.26
C PHE F 227 68.13 -34.73 57.72
N GLY F 228 67.95 -34.34 56.46
CA GLY F 228 66.66 -34.28 55.81
C GLY F 228 66.05 -32.90 55.89
N LEU F 229 66.16 -32.26 57.05
CA LEU F 229 65.65 -30.92 57.27
C LEU F 229 66.75 -29.98 57.76
N HIS F 230 67.97 -30.18 57.28
CA HIS F 230 69.13 -29.39 57.68
C HIS F 230 69.32 -28.00 57.04
N PRO F 231 69.11 -27.79 55.73
CA PRO F 231 69.78 -26.65 55.06
C PRO F 231 69.30 -25.27 55.48
N TRP F 232 68.20 -25.17 56.24
CA TRP F 232 67.77 -23.88 56.74
C TRP F 232 68.79 -23.31 57.73
N LEU F 233 69.41 -24.17 58.54
CA LEU F 233 70.40 -23.69 59.49
C LEU F 233 71.64 -23.06 58.83
N PRO F 234 72.27 -23.64 57.79
CA PRO F 234 73.31 -22.86 57.10
C PRO F 234 72.77 -21.72 56.27
N SER F 235 71.65 -21.92 55.56
CA SER F 235 71.19 -20.90 54.63
C SER F 235 70.53 -19.71 55.32
N ALA F 236 70.28 -19.77 56.62
CA ALA F 236 69.58 -18.72 57.34
C ALA F 236 70.51 -17.85 58.15
N MET F 237 71.67 -17.49 57.61
CA MET F 237 72.51 -16.48 58.23
C MET F 237 72.68 -15.28 57.31
N GLU F 238 71.57 -14.87 56.70
CA GLU F 238 71.52 -13.59 56.01
C GLU F 238 71.30 -12.42 56.95
N GLY F 239 70.95 -12.69 58.21
CA GLY F 239 70.70 -11.66 59.18
C GLY F 239 71.98 -11.16 59.82
N PRO F 240 71.85 -10.30 60.83
CA PRO F 240 73.03 -9.76 61.49
C PRO F 240 73.76 -10.83 62.29
N THR F 241 75.04 -10.55 62.54
CA THR F 241 75.87 -11.48 63.31
C THR F 241 75.40 -11.73 64.75
N PRO F 242 74.92 -10.73 65.52
CA PRO F 242 74.30 -11.09 66.81
C PRO F 242 73.11 -12.02 66.70
N VAL F 243 72.33 -11.90 65.62
CA VAL F 243 71.20 -12.80 65.39
C VAL F 243 71.70 -14.22 65.21
N SER F 244 72.70 -14.41 64.36
CA SER F 244 73.29 -15.75 64.18
C SER F 244 74.01 -16.23 65.42
N ALA F 245 74.47 -15.31 66.28
CA ALA F 245 75.16 -15.70 67.49
C ALA F 245 74.18 -16.22 68.54
N LEU F 246 73.02 -15.60 68.65
CA LEU F 246 72.08 -16.00 69.70
C LEU F 246 71.08 -17.04 69.22
N LEU F 247 70.51 -16.83 68.03
CA LEU F 247 69.47 -17.73 67.53
C LEU F 247 70.05 -19.06 67.10
N HIS F 248 70.88 -19.05 66.06
CA HIS F 248 71.34 -20.25 65.37
C HIS F 248 72.69 -20.72 65.87
N SER F 249 73.07 -20.40 67.08
CA SER F 249 74.30 -20.96 67.59
C SER F 249 74.16 -21.56 68.98
N SER F 250 73.38 -20.97 69.85
CA SER F 250 73.49 -21.37 71.25
C SER F 250 72.17 -21.71 71.92
N THR F 251 71.08 -21.02 71.57
CA THR F 251 69.84 -21.11 72.33
C THR F 251 68.70 -21.76 71.58
N MET F 252 68.35 -21.27 70.38
CA MET F 252 67.16 -21.76 69.70
C MET F 252 67.36 -23.17 69.17
N VAL F 253 68.50 -23.45 68.53
CA VAL F 253 68.68 -24.69 67.80
C VAL F 253 68.82 -25.91 68.69
N VAL F 254 68.94 -25.73 70.00
CA VAL F 254 69.04 -26.86 70.92
C VAL F 254 67.67 -27.19 71.50
N ALA F 255 66.62 -26.59 70.93
CA ALA F 255 65.27 -26.83 71.43
C ALA F 255 64.78 -28.24 71.14
N GLY F 256 65.16 -28.82 70.00
CA GLY F 256 64.79 -30.19 69.73
C GLY F 256 65.48 -31.18 70.66
N ILE F 257 66.78 -30.97 70.90
CA ILE F 257 67.51 -31.81 71.84
C ILE F 257 66.97 -31.62 73.25
N PHE F 258 66.57 -30.39 73.59
CA PHE F 258 65.97 -30.14 74.90
C PHE F 258 64.62 -30.85 75.04
N LEU F 259 63.82 -30.85 73.97
CA LEU F 259 62.54 -31.56 73.99
C LEU F 259 62.74 -33.05 74.18
N LEU F 260 63.74 -33.62 73.51
CA LEU F 260 64.04 -35.03 73.73
C LEU F 260 64.62 -35.28 75.12
N ILE F 261 65.31 -34.28 75.69
CA ILE F 261 65.83 -34.41 77.05
C ILE F 261 64.70 -34.46 78.07
N ARG F 262 63.66 -33.66 77.85
CA ARG F 262 62.52 -33.66 78.78
C ARG F 262 61.81 -35.00 78.80
N PHE F 263 61.76 -35.69 77.66
CA PHE F 263 61.06 -36.97 77.53
C PHE F 263 61.99 -38.16 77.67
N TYR F 264 63.02 -38.04 78.50
CA TYR F 264 64.03 -39.09 78.62
C TYR F 264 63.57 -40.43 79.20
N PRO F 265 62.54 -40.54 80.07
CA PRO F 265 62.10 -41.90 80.43
C PRO F 265 61.46 -42.65 79.29
N LEU F 266 60.69 -41.98 78.44
CA LEU F 266 60.05 -42.66 77.31
C LEU F 266 61.09 -43.13 76.30
N THR F 267 62.15 -42.35 76.09
CA THR F 267 63.22 -42.79 75.21
C THR F 267 64.09 -43.85 75.87
N GLU F 268 64.23 -43.81 77.19
CA GLU F 268 65.02 -44.82 77.88
C GLU F 268 64.30 -46.16 77.98
N ASN F 269 62.98 -46.17 77.82
CA ASN F 269 62.21 -47.42 77.81
C ASN F 269 61.82 -47.86 76.41
N ASN F 270 62.65 -47.56 75.41
CA ASN F 270 62.37 -47.92 74.03
C ASN F 270 63.67 -47.92 73.24
N LYS F 271 63.93 -48.99 72.49
CA LYS F 271 65.20 -49.15 71.80
C LYS F 271 65.15 -48.75 70.33
N PHE F 272 63.98 -48.88 69.69
CA PHE F 272 63.84 -48.54 68.28
C PHE F 272 64.06 -47.05 68.04
N GLY F 273 63.45 -46.21 68.87
CA GLY F 273 63.65 -44.78 68.75
C GLY F 273 65.08 -44.37 69.05
N GLN F 274 65.69 -45.00 70.05
CA GLN F 274 67.09 -44.74 70.38
C GLN F 274 68.00 -45.07 69.21
N SER F 275 67.77 -46.23 68.58
CA SER F 275 68.59 -46.64 67.44
C SER F 275 68.44 -45.69 66.27
N ILE F 276 67.19 -45.34 65.92
CA ILE F 276 67.01 -44.53 64.72
C ILE F 276 67.47 -43.09 64.96
N MET F 277 67.32 -42.56 66.17
CA MET F 277 67.80 -41.20 66.39
C MET F 277 69.31 -41.15 66.54
N LEU F 278 69.93 -42.25 67.01
CA LEU F 278 71.39 -42.34 66.98
C LEU F 278 71.90 -42.34 65.54
N CYS F 279 71.26 -43.11 64.66
CA CYS F 279 71.65 -43.14 63.26
C CYS F 279 71.45 -41.78 62.60
N LEU F 280 70.33 -41.12 62.89
CA LEU F 280 70.05 -39.80 62.33
C LEU F 280 71.07 -38.77 62.79
N GLY F 281 71.44 -38.80 64.07
CA GLY F 281 72.43 -37.86 64.58
C GLY F 281 73.81 -38.07 63.98
N ALA F 282 74.23 -39.34 63.84
CA ALA F 282 75.53 -39.62 63.24
C ALA F 282 75.56 -39.20 61.77
N MET F 283 74.48 -39.47 61.04
CA MET F 283 74.37 -39.03 59.66
C MET F 283 74.45 -37.52 59.55
N THR F 284 73.76 -36.81 60.46
CA THR F 284 73.75 -35.35 60.44
C THR F 284 75.14 -34.78 60.71
N THR F 285 75.83 -35.29 61.73
CA THR F 285 77.12 -34.71 62.08
C THR F 285 78.16 -35.01 61.01
N LEU F 286 78.14 -36.21 60.41
CA LEU F 286 79.08 -36.51 59.33
C LEU F 286 78.80 -35.65 58.11
N PHE F 287 77.52 -35.53 57.71
CA PHE F 287 77.16 -34.76 56.52
C PHE F 287 77.54 -33.30 56.67
N THR F 288 77.23 -32.72 57.83
CA THR F 288 77.51 -31.30 58.04
C THR F 288 79.01 -31.02 58.16
N ALA F 289 79.76 -31.93 58.81
CA ALA F 289 81.20 -31.75 58.89
C ALA F 289 81.86 -31.85 57.52
N MET F 290 81.44 -32.83 56.71
CA MET F 290 82.01 -32.99 55.38
C MET F 290 81.65 -31.81 54.49
N CYS F 291 80.46 -31.23 54.66
CA CYS F 291 80.13 -29.99 53.97
C CYS F 291 81.01 -28.85 54.43
N ALA F 292 81.29 -28.76 55.74
CA ALA F 292 82.11 -27.68 56.28
C ALA F 292 83.58 -27.81 55.95
N LEU F 293 84.02 -28.95 55.42
CA LEU F 293 85.43 -29.12 55.09
C LEU F 293 85.92 -28.12 54.05
N THR F 294 85.12 -27.89 53.00
CA THR F 294 85.55 -27.05 51.88
C THR F 294 84.72 -25.78 51.74
N GLN F 295 84.08 -25.30 52.81
CA GLN F 295 83.34 -24.07 52.72
C GLN F 295 84.27 -22.87 52.83
N ASN F 296 83.81 -21.73 52.29
CA ASN F 296 84.62 -20.52 52.23
C ASN F 296 84.00 -19.32 52.91
N ASP F 297 82.72 -19.38 53.28
CA ASP F 297 82.10 -18.32 54.07
C ASP F 297 82.24 -18.68 55.54
N ILE F 298 82.73 -17.73 56.34
CA ILE F 298 83.06 -18.02 57.74
C ILE F 298 81.80 -18.34 58.54
N LYS F 299 80.73 -17.57 58.34
CA LYS F 299 79.48 -17.84 59.05
C LYS F 299 78.85 -19.15 58.60
N LYS F 300 79.02 -19.52 57.33
CA LYS F 300 78.57 -20.82 56.87
C LYS F 300 79.34 -21.94 57.54
N ILE F 301 80.65 -21.74 57.74
CA ILE F 301 81.47 -22.74 58.43
C ILE F 301 81.01 -22.92 59.87
N ILE F 302 80.74 -21.81 60.56
CA ILE F 302 80.30 -21.93 61.95
C ILE F 302 78.88 -22.50 62.03
N ALA F 303 78.03 -22.24 61.02
CA ALA F 303 76.71 -22.85 60.96
C ALA F 303 76.81 -24.37 60.83
N PHE F 304 77.69 -24.83 59.94
CA PHE F 304 77.87 -26.27 59.80
C PHE F 304 78.52 -26.86 61.04
N SER F 305 79.37 -26.10 61.72
CA SER F 305 79.97 -26.56 62.96
C SER F 305 78.93 -26.78 64.05
N THR F 306 78.01 -25.83 64.22
CA THR F 306 77.02 -26.01 65.27
C THR F 306 75.98 -27.06 64.89
N SER F 307 75.72 -27.25 63.59
CA SER F 307 74.84 -28.36 63.21
C SER F 307 75.51 -29.72 63.47
N SER F 308 76.82 -29.81 63.25
CA SER F 308 77.54 -31.03 63.59
C SER F 308 77.55 -31.27 65.10
N GLN F 309 77.67 -30.20 65.88
CA GLN F 309 77.58 -30.33 67.33
C GLN F 309 76.19 -30.82 67.75
N LEU F 310 75.13 -30.32 67.11
CA LEU F 310 73.79 -30.80 67.40
C LEU F 310 73.63 -32.26 67.01
N GLY F 311 74.28 -32.69 65.92
CA GLY F 311 74.30 -34.10 65.58
C GLY F 311 74.98 -34.95 66.64
N LEU F 312 76.05 -34.44 67.23
CA LEU F 312 76.70 -35.15 68.33
C LEU F 312 75.79 -35.22 69.56
N MET F 313 75.02 -34.15 69.81
CA MET F 313 74.03 -34.19 70.89
C MET F 313 72.96 -35.23 70.64
N MET F 314 72.50 -35.35 69.39
CA MET F 314 71.56 -36.39 69.03
C MET F 314 72.15 -37.77 69.25
N VAL F 315 73.44 -37.94 68.91
CA VAL F 315 74.13 -39.22 69.08
C VAL F 315 74.18 -39.59 70.56
N THR F 316 74.57 -38.65 71.41
CA THR F 316 74.69 -38.99 72.83
C THR F 316 73.33 -39.08 73.52
N ILE F 317 72.27 -38.54 72.92
CA ILE F 317 70.93 -38.88 73.38
C ILE F 317 70.60 -40.32 73.01
N GLY F 318 70.97 -40.74 71.80
CA GLY F 318 70.63 -42.06 71.31
C GLY F 318 71.31 -43.22 72.03
N ILE F 319 72.32 -42.96 72.85
CA ILE F 319 72.99 -44.01 73.60
C ILE F 319 72.64 -43.93 75.09
N ASN F 320 71.47 -43.37 75.41
CA ASN F 320 70.93 -43.27 76.77
C ASN F 320 71.88 -42.49 77.68
N GLN F 321 72.30 -41.32 77.20
CA GLN F 321 73.08 -40.36 78.00
C GLN F 321 72.46 -38.98 77.84
N PRO F 322 71.30 -38.73 78.46
CA PRO F 322 70.64 -37.44 78.26
C PRO F 322 71.27 -36.30 79.07
N HIS F 323 71.75 -36.61 80.27
CA HIS F 323 72.40 -35.59 81.08
C HIS F 323 73.72 -35.16 80.49
N LEU F 324 74.43 -36.08 79.83
CA LEU F 324 75.63 -35.69 79.09
C LEU F 324 75.28 -34.77 77.93
N ALA F 325 74.14 -35.01 77.28
CA ALA F 325 73.70 -34.13 76.21
C ALA F 325 73.36 -32.73 76.73
N PHE F 326 72.70 -32.67 77.90
CA PHE F 326 72.40 -31.36 78.49
C PHE F 326 73.67 -30.62 78.89
N LEU F 327 74.63 -31.35 79.47
CA LEU F 327 75.92 -30.76 79.80
C LEU F 327 76.64 -30.28 78.54
N HIS F 328 76.51 -31.03 77.45
CA HIS F 328 77.09 -30.60 76.18
C HIS F 328 76.41 -29.37 75.62
N ILE F 329 75.10 -29.22 75.84
CA ILE F 329 74.40 -27.99 75.46
C ILE F 329 74.99 -26.80 76.21
N CYS F 330 75.07 -26.94 77.54
CA CYS F 330 75.56 -25.84 78.37
C CYS F 330 77.03 -25.52 78.09
N THR F 331 77.80 -26.53 77.72
CA THR F 331 79.20 -26.32 77.35
C THR F 331 79.32 -25.65 75.99
N HIS F 332 78.53 -26.11 75.02
CA HIS F 332 78.70 -25.69 73.63
C HIS F 332 78.20 -24.28 73.39
N ALA F 333 77.21 -23.83 74.17
CA ALA F 333 76.64 -22.51 73.96
C ALA F 333 77.70 -21.42 74.12
N PHE F 334 78.58 -21.57 75.12
CA PHE F 334 79.60 -20.56 75.42
C PHE F 334 80.53 -20.33 74.25
N PHE F 335 81.27 -21.36 73.84
CA PHE F 335 82.26 -21.13 72.80
C PHE F 335 81.64 -20.99 71.41
N LYS F 336 80.44 -21.52 71.16
CA LYS F 336 79.80 -21.26 69.86
C LYS F 336 79.40 -19.79 69.74
N ALA F 337 78.79 -19.24 70.79
CA ALA F 337 78.46 -17.82 70.79
C ALA F 337 79.72 -16.97 70.71
N MET F 338 80.77 -17.35 71.43
CA MET F 338 82.01 -16.58 71.44
C MET F 338 82.70 -16.60 70.08
N LEU F 339 82.67 -17.75 69.39
CA LEU F 339 83.18 -17.82 68.02
C LEU F 339 82.41 -16.90 67.10
N PHE F 340 81.10 -16.81 67.29
CA PHE F 340 80.31 -15.92 66.44
C PHE F 340 80.61 -14.45 66.73
N MET F 341 80.84 -14.10 68.01
CA MET F 341 81.26 -12.73 68.32
C MET F 341 82.61 -12.40 67.69
N CYS F 342 83.55 -13.34 67.72
CA CYS F 342 84.85 -13.11 67.08
C CYS F 342 84.69 -12.93 65.58
N SER F 343 83.84 -13.75 64.96
CA SER F 343 83.55 -13.61 63.53
C SER F 343 82.95 -12.25 63.22
N GLY F 344 82.01 -11.79 64.05
CA GLY F 344 81.43 -10.47 63.83
C GLY F 344 82.43 -9.34 64.00
N SER F 345 83.36 -9.50 64.95
CA SER F 345 84.42 -8.51 65.12
C SER F 345 85.29 -8.42 63.87
N ILE F 346 85.67 -9.57 63.30
CA ILE F 346 86.48 -9.54 62.08
C ILE F 346 85.68 -8.97 60.91
N ILE F 347 84.37 -9.26 60.86
CA ILE F 347 83.52 -8.73 59.78
C ILE F 347 83.45 -7.21 59.87
N HIS F 348 83.24 -6.69 61.08
CA HIS F 348 83.14 -5.25 61.26
C HIS F 348 84.47 -4.54 61.02
N SER F 349 85.58 -5.18 61.38
CA SER F 349 86.87 -4.55 61.16
C SER F 349 87.31 -4.58 59.70
N LEU F 350 86.67 -5.37 58.85
CA LEU F 350 87.05 -5.48 57.44
C LEU F 350 85.94 -5.03 56.50
N ASN F 351 84.99 -4.24 57.01
CA ASN F 351 83.92 -3.60 56.21
C ASN F 351 83.04 -4.63 55.51
N ASP F 352 82.44 -5.50 56.32
CA ASP F 352 81.41 -6.46 55.89
C ASP F 352 81.90 -7.41 54.80
N GLU F 353 83.15 -7.86 54.93
CA GLU F 353 83.74 -8.81 54.00
C GLU F 353 83.80 -10.17 54.68
N GLN F 354 82.95 -11.10 54.24
CA GLN F 354 82.78 -12.38 54.89
C GLN F 354 83.52 -13.53 54.22
N ASP F 355 84.00 -13.33 52.99
CA ASP F 355 84.74 -14.39 52.32
C ASP F 355 86.08 -14.62 52.97
N ILE F 356 86.47 -15.89 53.11
CA ILE F 356 87.71 -16.22 53.82
C ILE F 356 88.93 -16.07 52.93
N ARG F 357 88.74 -15.90 51.63
CA ARG F 357 89.86 -15.73 50.72
C ARG F 357 90.34 -14.30 50.63
N LYS F 358 89.69 -13.37 51.33
CA LYS F 358 90.06 -11.96 51.30
C LYS F 358 90.54 -11.45 52.65
N MET F 359 90.86 -12.35 53.57
CA MET F 359 91.35 -11.97 54.90
C MET F 359 92.60 -12.79 55.22
N GLY F 360 93.48 -12.19 56.02
CA GLY F 360 94.69 -12.87 56.40
C GLY F 360 95.59 -11.93 57.17
N GLY F 361 96.56 -12.53 57.86
CA GLY F 361 97.53 -11.75 58.62
C GLY F 361 96.92 -10.94 59.75
N LEU F 362 95.87 -11.46 60.37
CA LEU F 362 95.18 -10.77 61.45
C LEU F 362 95.61 -11.26 62.82
N PHE F 363 96.72 -11.98 62.90
CA PHE F 363 97.20 -12.48 64.18
C PHE F 363 97.66 -11.33 65.08
N LYS F 364 98.46 -10.42 64.53
CA LYS F 364 99.01 -9.31 65.31
C LYS F 364 98.14 -8.07 65.26
N ALA F 365 97.35 -7.91 64.20
CA ALA F 365 96.57 -6.67 64.05
C ALA F 365 95.43 -6.60 65.05
N MET F 366 94.79 -7.74 65.34
CA MET F 366 93.65 -7.80 66.25
C MET F 366 93.96 -8.85 67.31
N PRO F 367 94.74 -8.50 68.34
CA PRO F 367 95.26 -9.53 69.25
C PRO F 367 94.20 -10.14 70.16
N PHE F 368 93.24 -9.36 70.65
CA PHE F 368 92.23 -9.92 71.56
C PHE F 368 91.27 -10.84 70.82
N THR F 369 90.85 -10.45 69.62
CA THR F 369 90.03 -11.33 68.79
C THR F 369 90.78 -12.59 68.41
N THR F 370 92.08 -12.44 68.13
CA THR F 370 92.92 -13.60 67.82
C THR F 370 92.98 -14.57 69.00
N THR F 371 93.20 -14.04 70.21
CA THR F 371 93.30 -14.88 71.40
C THR F 371 91.98 -15.58 71.69
N ALA F 372 90.87 -14.84 71.61
CA ALA F 372 89.56 -15.44 71.86
C ALA F 372 89.20 -16.47 70.81
N LEU F 373 89.52 -16.21 69.54
CA LEU F 373 89.22 -17.17 68.48
C LEU F 373 90.07 -18.43 68.61
N ILE F 374 91.33 -18.28 69.01
CA ILE F 374 92.19 -19.45 69.23
C ILE F 374 91.66 -20.29 70.38
N ILE F 375 91.27 -19.65 71.49
CA ILE F 375 90.73 -20.39 72.63
C ILE F 375 89.41 -21.06 72.26
N GLY F 376 88.58 -20.37 71.48
CA GLY F 376 87.31 -20.98 71.07
C GLY F 376 87.49 -22.16 70.15
N SER F 377 88.44 -22.08 69.21
CA SER F 377 88.72 -23.21 68.34
C SER F 377 89.29 -24.38 69.12
N LEU F 378 90.17 -24.11 70.09
CA LEU F 378 90.72 -25.18 70.91
C LEU F 378 89.64 -25.84 71.77
N ALA F 379 88.71 -25.05 72.30
CA ALA F 379 87.61 -25.62 73.08
C ALA F 379 86.66 -26.42 72.20
N LEU F 380 86.43 -25.96 70.97
CA LEU F 380 85.55 -26.68 70.05
C LEU F 380 86.15 -28.00 69.63
N THR F 381 87.47 -28.04 69.39
CA THR F 381 88.12 -29.27 68.97
C THR F 381 88.19 -30.31 70.09
N GLY F 382 88.18 -29.88 71.34
CA GLY F 382 88.25 -30.82 72.44
C GLY F 382 89.60 -30.85 73.11
N MET F 383 90.22 -29.67 73.26
CA MET F 383 91.48 -29.57 73.99
C MET F 383 91.25 -29.95 75.46
N PRO F 384 92.15 -30.74 76.05
CA PRO F 384 91.94 -31.20 77.44
C PRO F 384 91.85 -30.06 78.44
N PHE F 385 90.93 -30.23 79.40
CA PHE F 385 90.69 -29.32 80.52
C PHE F 385 90.25 -27.93 80.09
N LEU F 386 89.75 -27.80 78.86
CA LEU F 386 88.93 -26.66 78.48
C LEU F 386 87.48 -27.04 78.74
N THR F 387 86.52 -26.26 78.24
CA THR F 387 85.13 -26.55 78.54
C THR F 387 84.62 -27.76 77.77
N GLY F 388 84.98 -27.87 76.48
CA GLY F 388 84.48 -28.96 75.66
C GLY F 388 84.94 -30.32 76.12
N PHE F 389 86.17 -30.40 76.64
CA PHE F 389 86.70 -31.63 77.20
C PHE F 389 85.83 -32.16 78.34
N TYR F 390 85.14 -31.27 79.06
CA TYR F 390 84.34 -31.76 80.16
C TYR F 390 83.00 -32.35 79.70
N SER F 391 82.61 -32.13 78.45
CA SER F 391 81.42 -32.79 77.92
C SER F 391 81.74 -33.68 76.73
N LYS F 392 82.32 -33.12 75.68
CA LYS F 392 82.36 -33.77 74.37
C LYS F 392 83.16 -35.07 74.41
N ASP F 393 84.34 -35.03 75.03
CA ASP F 393 85.16 -36.22 75.16
C ASP F 393 84.42 -37.31 75.93
N LEU F 394 83.69 -36.92 76.98
CA LEU F 394 82.91 -37.89 77.76
C LEU F 394 81.87 -38.58 76.89
N ILE F 395 81.32 -37.86 75.91
CA ILE F 395 80.36 -38.46 74.98
C ILE F 395 81.01 -39.61 74.23
N ILE F 396 82.23 -39.38 73.74
CA ILE F 396 82.97 -40.45 73.06
C ILE F 396 83.32 -41.56 74.05
N GLU F 397 83.52 -41.21 75.33
CA GLU F 397 83.76 -42.23 76.34
C GLU F 397 82.55 -43.15 76.52
N SER F 398 81.35 -42.65 76.22
CA SER F 398 80.19 -43.52 76.19
C SER F 398 79.88 -44.04 74.80
N ALA F 399 80.45 -43.43 73.75
CA ALA F 399 80.18 -43.89 72.40
C ALA F 399 80.92 -45.16 72.04
N ASN F 400 82.06 -45.43 72.69
CA ASN F 400 82.85 -46.62 72.40
C ASN F 400 82.41 -47.81 73.25
N THR F 401 82.27 -47.62 74.55
CA THR F 401 81.99 -48.72 75.47
C THR F 401 80.49 -48.83 75.75
N SER F 402 79.73 -49.06 74.68
CA SER F 402 78.29 -49.22 74.81
C SER F 402 77.77 -50.00 73.61
N TYR F 403 76.53 -50.49 73.74
CA TYR F 403 75.88 -51.33 72.74
C TYR F 403 75.31 -50.45 71.63
N THR F 404 76.21 -49.92 70.81
CA THR F 404 75.86 -48.93 69.79
C THR F 404 75.97 -49.52 68.39
N ASN F 405 75.45 -48.75 67.44
CA ASN F 405 75.69 -49.01 66.02
C ASN F 405 77.16 -48.81 65.71
N ALA F 406 77.73 -49.74 64.94
CA ALA F 406 79.15 -49.65 64.61
C ALA F 406 79.41 -48.54 63.58
N TRP F 407 78.55 -48.46 62.57
CA TRP F 407 78.72 -47.45 61.53
C TRP F 407 78.54 -46.05 62.10
N ALA F 408 77.59 -45.87 63.01
CA ALA F 408 77.37 -44.56 63.63
C ALA F 408 78.60 -44.13 64.42
N LEU F 409 79.21 -45.06 65.15
CA LEU F 409 80.44 -44.75 65.90
C LEU F 409 81.59 -44.39 64.96
N LEU F 410 81.73 -45.14 63.86
CA LEU F 410 82.82 -44.85 62.93
C LEU F 410 82.65 -43.48 62.28
N MET F 411 81.41 -43.15 61.85
CA MET F 411 81.21 -41.85 61.22
C MET F 411 81.23 -40.70 62.21
N THR F 412 80.91 -40.94 63.49
CA THR F 412 81.07 -39.83 64.43
C THR F 412 82.55 -39.61 64.80
N LEU F 413 83.37 -40.66 64.74
CA LEU F 413 84.82 -40.44 64.90
C LEU F 413 85.40 -39.68 63.71
N VAL F 414 84.98 -40.06 62.50
CA VAL F 414 85.40 -39.33 61.29
C VAL F 414 84.91 -37.89 61.36
N ALA F 415 83.70 -37.67 61.89
CA ALA F 415 83.17 -36.33 62.05
C ALA F 415 84.01 -35.52 63.04
N THR F 416 84.47 -36.16 64.12
CA THR F 416 85.34 -35.48 65.08
C THR F 416 86.65 -35.02 64.42
N SER F 417 87.25 -35.90 63.62
CA SER F 417 88.44 -35.51 62.85
C SER F 417 88.13 -34.36 61.90
N PHE F 418 86.94 -34.36 61.30
CA PHE F 418 86.56 -33.28 60.39
C PHE F 418 86.36 -31.97 61.13
N THR F 419 85.85 -32.01 62.36
CA THR F 419 85.74 -30.80 63.17
C THR F 419 87.12 -30.22 63.45
N ALA F 420 88.08 -31.08 63.78
CA ALA F 420 89.46 -30.62 63.94
C ALA F 420 89.98 -29.97 62.66
N ILE F 421 89.69 -30.60 61.51
CA ILE F 421 90.19 -30.12 60.22
C ILE F 421 89.62 -28.73 59.91
N TYR F 422 88.31 -28.56 60.04
CA TYR F 422 87.76 -27.25 59.67
C TYR F 422 88.07 -26.18 60.71
N SER F 423 88.29 -26.56 61.98
CA SER F 423 88.72 -25.57 62.97
C SER F 423 90.09 -25.00 62.62
N THR F 424 91.05 -25.88 62.29
CA THR F 424 92.34 -25.32 61.91
C THR F 424 92.33 -24.70 60.52
N ARG F 425 91.38 -25.07 59.66
CA ARG F 425 91.18 -24.35 58.41
C ARG F 425 90.76 -22.90 58.68
N ILE F 426 89.83 -22.71 59.61
CA ILE F 426 89.38 -21.38 60.02
C ILE F 426 90.56 -20.60 60.58
N ILE F 427 91.36 -21.24 61.43
CA ILE F 427 92.50 -20.58 62.07
C ILE F 427 93.54 -20.17 61.04
N PHE F 428 93.86 -21.06 60.10
CA PHE F 428 94.91 -20.77 59.12
C PHE F 428 94.46 -19.70 58.14
N PHE F 429 93.27 -19.82 57.58
CA PHE F 429 92.86 -18.88 56.55
C PHE F 429 92.48 -17.52 57.12
N ALA F 430 91.83 -17.49 58.28
CA ALA F 430 91.40 -16.21 58.82
C ALA F 430 92.54 -15.43 59.46
N LEU F 431 93.45 -16.11 60.16
CA LEU F 431 94.39 -15.46 61.04
C LEU F 431 95.83 -15.45 60.52
N LEU F 432 96.34 -16.59 60.06
CA LEU F 432 97.74 -16.71 59.69
C LEU F 432 97.94 -16.31 58.23
N GLY F 433 99.20 -16.26 57.81
CA GLY F 433 99.54 -15.97 56.44
C GLY F 433 99.81 -14.51 56.16
N GLN F 434 99.33 -14.02 55.03
CA GLN F 434 99.55 -12.66 54.58
C GLN F 434 98.22 -11.99 54.30
N PRO F 435 98.14 -10.67 54.40
CA PRO F 435 96.87 -9.98 54.17
C PRO F 435 96.37 -10.12 52.75
N ARG F 436 95.04 -10.07 52.60
CA ARG F 436 94.41 -10.03 51.30
C ARG F 436 93.29 -9.00 51.22
N PHE F 437 93.04 -8.25 52.29
CA PHE F 437 92.00 -7.24 52.29
C PHE F 437 92.46 -6.02 51.48
N PRO F 438 91.51 -5.14 51.07
CA PRO F 438 91.88 -3.90 50.36
C PRO F 438 92.90 -3.02 51.07
N THR F 439 93.45 -2.06 50.31
CA THR F 439 94.64 -1.34 50.75
C THR F 439 94.35 -0.38 51.91
N LEU F 440 93.16 0.24 51.91
CA LEU F 440 92.79 1.10 53.03
C LEU F 440 92.46 0.24 54.24
N ILE F 441 93.20 0.42 55.32
CA ILE F 441 93.12 -0.43 56.49
C ILE F 441 92.43 0.34 57.61
N ASN F 442 91.29 -0.17 58.06
CA ASN F 442 90.51 0.43 59.13
C ASN F 442 90.33 -0.56 60.27
N ILE F 443 91.40 -1.26 60.62
CA ILE F 443 91.34 -2.30 61.64
C ILE F 443 91.30 -1.64 63.02
N ASN F 444 90.26 -1.96 63.78
CA ASN F 444 90.12 -1.42 65.13
C ASN F 444 89.21 -2.35 65.93
N GLU F 445 89.57 -2.58 67.18
CA GLU F 445 88.72 -3.34 68.09
C GLU F 445 88.73 -2.74 69.49
N ASN F 446 88.95 -1.43 69.62
CA ASN F 446 89.04 -0.78 70.92
C ASN F 446 87.72 -0.13 71.27
N ASN F 447 86.77 -0.96 71.68
CA ASN F 447 85.52 -0.48 72.25
C ASN F 447 85.24 -1.23 73.54
N PRO F 448 84.81 -0.53 74.60
CA PRO F 448 84.59 -1.21 75.89
C PRO F 448 83.53 -2.30 75.84
N PHE F 449 82.48 -2.14 75.02
CA PHE F 449 81.41 -3.12 74.97
C PHE F 449 81.89 -4.45 74.39
N LEU F 450 82.55 -4.38 73.22
CA LEU F 450 83.02 -5.59 72.55
C LEU F 450 84.09 -6.30 73.38
N ILE F 451 85.03 -5.54 73.93
CA ILE F 451 86.11 -6.12 74.73
C ILE F 451 85.54 -6.76 76.00
N ASN F 452 84.60 -6.07 76.66
CA ASN F 452 84.03 -6.61 77.90
C ASN F 452 83.22 -7.87 77.64
N SER F 453 82.41 -7.90 76.59
CA SER F 453 81.60 -9.07 76.31
C SER F 453 82.46 -10.26 75.87
N ILE F 454 83.48 -10.00 75.03
CA ILE F 454 84.39 -11.06 74.63
C ILE F 454 85.17 -11.59 75.83
N LYS F 455 85.55 -10.70 76.74
CA LYS F 455 86.25 -11.13 77.96
C LYS F 455 85.36 -12.01 78.84
N ARG F 456 84.08 -11.64 78.98
CA ARG F 456 83.15 -12.43 79.78
C ARG F 456 82.96 -13.81 79.19
N LEU F 457 82.76 -13.89 77.87
CA LEU F 457 82.59 -15.22 77.28
C LEU F 457 83.91 -15.99 77.21
N LEU F 458 85.05 -15.30 77.24
CA LEU F 458 86.34 -15.99 77.31
C LEU F 458 86.53 -16.64 78.68
N ILE F 459 86.19 -15.92 79.75
CA ILE F 459 86.22 -16.50 81.09
C ILE F 459 85.24 -17.66 81.19
N GLY F 460 84.07 -17.51 80.57
CA GLY F 460 83.10 -18.61 80.55
C GLY F 460 83.64 -19.84 79.83
N SER F 461 84.16 -19.65 78.61
CA SER F 461 84.71 -20.77 77.85
C SER F 461 85.99 -21.33 78.46
N LEU F 462 86.62 -20.62 79.38
CA LEU F 462 87.75 -21.19 80.10
C LEU F 462 87.33 -22.02 81.31
N PHE F 463 86.35 -21.56 82.10
CA PHE F 463 86.11 -22.15 83.40
C PHE F 463 84.72 -22.75 83.63
N ALA F 464 83.73 -22.40 82.82
CA ALA F 464 82.35 -22.79 83.11
C ALA F 464 82.13 -24.28 82.95
N GLY F 465 82.84 -24.92 82.02
CA GLY F 465 82.74 -26.37 81.89
C GLY F 465 83.22 -27.08 83.14
N PHE F 466 84.35 -26.65 83.69
CA PHE F 466 84.86 -27.19 84.95
C PHE F 466 83.88 -26.95 86.09
N ILE F 467 83.33 -25.74 86.18
CA ILE F 467 82.44 -25.38 87.28
C ILE F 467 81.16 -26.22 87.22
N ILE F 468 80.56 -26.31 86.04
CA ILE F 468 79.30 -27.04 85.90
C ILE F 468 79.52 -28.54 86.06
N SER F 469 80.61 -29.07 85.51
CA SER F 469 80.88 -30.50 85.62
C SER F 469 81.18 -30.91 87.06
N ASN F 470 81.75 -30.02 87.85
CA ASN F 470 81.98 -30.33 89.26
C ASN F 470 80.84 -29.90 90.16
N ASN F 471 79.82 -29.23 89.64
CA ASN F 471 78.72 -28.78 90.49
C ASN F 471 77.43 -29.59 90.32
N ILE F 472 77.22 -30.22 89.17
CA ILE F 472 75.99 -30.97 88.93
C ILE F 472 76.02 -32.29 89.69
N PRO F 473 74.88 -32.81 90.13
CA PRO F 473 74.88 -34.10 90.85
C PRO F 473 74.92 -35.26 89.88
N PRO F 474 75.46 -36.41 90.29
CA PRO F 474 75.52 -37.57 89.40
C PRO F 474 74.14 -38.18 89.20
N MET F 475 73.65 -38.16 87.96
CA MET F 475 72.36 -38.72 87.61
C MET F 475 72.47 -40.05 86.90
N THR F 476 73.68 -40.60 86.79
CA THR F 476 73.91 -41.86 86.09
C THR F 476 75.18 -42.50 86.64
N ILE F 477 75.47 -43.70 86.14
CA ILE F 477 76.69 -44.41 86.50
C ILE F 477 77.76 -44.07 85.46
N PRO F 478 78.85 -43.41 85.83
CA PRO F 478 79.89 -43.09 84.86
C PRO F 478 80.71 -44.31 84.49
N GLN F 479 81.02 -44.43 83.21
CA GLN F 479 81.80 -45.55 82.68
C GLN F 479 83.25 -45.12 82.54
N MET F 480 84.13 -45.70 83.37
CA MET F 480 85.53 -45.31 83.36
C MET F 480 86.50 -46.47 83.17
N THR F 481 86.06 -47.72 83.33
CA THR F 481 86.93 -48.87 83.13
C THR F 481 86.90 -49.25 81.66
N MET F 482 87.98 -48.90 80.95
CA MET F 482 88.02 -49.08 79.50
C MET F 482 89.49 -49.18 79.09
N PRO F 483 89.79 -49.85 77.98
CA PRO F 483 91.19 -49.99 77.55
C PRO F 483 91.78 -48.67 77.10
N HIS F 484 93.11 -48.65 77.01
CA HIS F 484 93.82 -47.42 76.70
C HIS F 484 93.58 -46.96 75.28
N TYR F 485 93.30 -47.88 74.35
CA TYR F 485 93.03 -47.48 72.98
C TYR F 485 91.58 -47.07 72.76
N LEU F 486 90.74 -47.17 73.78
CA LEU F 486 89.43 -46.52 73.78
C LEU F 486 89.42 -45.23 74.58
N LYS F 487 90.30 -45.08 75.56
CA LYS F 487 90.34 -43.86 76.37
C LYS F 487 90.86 -42.68 75.57
N MET F 488 91.92 -42.89 74.78
CA MET F 488 92.56 -41.82 74.03
C MET F 488 92.19 -41.85 72.56
N THR F 489 90.97 -42.28 72.23
CA THR F 489 90.53 -42.31 70.85
C THR F 489 90.29 -40.90 70.32
N ALA F 490 89.57 -40.07 71.10
CA ALA F 490 89.19 -38.74 70.64
C ALA F 490 90.40 -37.83 70.47
N LEU F 491 91.33 -37.86 71.42
CA LEU F 491 92.51 -37.02 71.35
C LEU F 491 93.40 -37.39 70.16
N THR F 492 93.57 -38.70 69.92
CA THR F 492 94.35 -39.15 68.77
C THR F 492 93.67 -38.78 67.45
N VAL F 493 92.34 -38.90 67.41
CA VAL F 493 91.59 -38.53 66.20
C VAL F 493 91.75 -37.03 65.92
N THR F 494 91.66 -36.21 66.96
CA THR F 494 91.83 -34.77 66.80
C THR F 494 93.25 -34.43 66.36
N ILE F 495 94.25 -35.11 66.92
CA ILE F 495 95.65 -34.84 66.57
C ILE F 495 95.91 -35.21 65.11
N LEU F 496 95.43 -36.38 64.68
CA LEU F 496 95.65 -36.78 63.29
C LEU F 496 94.89 -35.87 62.32
N GLY F 497 93.70 -35.41 62.71
CA GLY F 497 93.00 -34.43 61.89
C GLY F 497 93.76 -33.12 61.77
N PHE F 498 94.38 -32.69 62.88
CA PHE F 498 95.23 -31.49 62.84
C PHE F 498 96.39 -31.67 61.88
N ILE F 499 97.02 -32.85 61.91
CA ILE F 499 98.17 -33.11 61.03
C ILE F 499 97.75 -33.12 59.57
N LEU F 500 96.64 -33.81 59.26
CA LEU F 500 96.17 -33.88 57.87
C LEU F 500 95.76 -32.50 57.34
N ALA F 501 95.08 -31.71 58.17
CA ALA F 501 94.65 -30.41 57.68
C ALA F 501 95.79 -29.40 57.59
N LEU F 502 96.79 -29.52 58.46
CA LEU F 502 98.00 -28.72 58.30
C LEU F 502 98.73 -29.07 57.02
N GLU F 503 98.80 -30.38 56.69
CA GLU F 503 99.36 -30.80 55.42
C GLU F 503 98.56 -30.26 54.24
N ILE F 504 97.23 -30.24 54.38
CA ILE F 504 96.37 -29.73 53.32
C ILE F 504 96.61 -28.25 53.07
N SER F 505 96.70 -27.47 54.15
CA SER F 505 96.97 -26.03 54.02
C SER F 505 98.35 -25.78 53.43
N ASN F 506 99.34 -26.57 53.85
CA ASN F 506 100.68 -26.44 53.27
C ASN F 506 100.70 -26.80 51.80
N THR F 507 99.84 -27.73 51.36
CA THR F 507 99.74 -28.01 49.93
C THR F 507 99.01 -26.91 49.18
N THR F 508 98.10 -26.19 49.85
CA THR F 508 97.57 -24.97 49.25
C THR F 508 98.66 -23.91 49.11
N HIS F 509 99.65 -23.92 50.00
CA HIS F 509 100.78 -23.00 49.85
C HIS F 509 101.67 -23.34 48.66
N TYR F 510 101.57 -24.55 48.12
CA TYR F 510 102.43 -24.95 47.01
C TYR F 510 102.05 -24.22 45.73
N LEU F 511 102.99 -24.16 44.80
CA LEU F 511 102.83 -23.40 43.55
C LEU F 511 102.35 -24.30 42.42
N LYS F 512 101.21 -24.96 42.64
CA LYS F 512 100.63 -25.86 41.66
C LYS F 512 99.15 -25.58 41.51
N PHE F 513 98.65 -25.79 40.30
CA PHE F 513 97.23 -25.61 39.97
C PHE F 513 96.62 -26.95 39.59
N ASN F 514 95.50 -27.28 40.22
CA ASN F 514 94.81 -28.54 39.96
C ASN F 514 93.32 -28.29 39.81
N TYR F 515 92.69 -29.06 38.92
CA TYR F 515 91.26 -28.99 38.70
C TYR F 515 90.51 -29.74 39.80
N PRO F 516 89.32 -29.28 40.18
CA PRO F 516 88.59 -29.95 41.27
C PRO F 516 88.01 -31.28 40.84
N SER F 517 87.89 -32.19 41.81
CA SER F 517 87.35 -33.52 41.57
C SER F 517 85.85 -33.53 41.87
N ASN F 518 85.25 -34.71 41.84
CA ASN F 518 83.83 -34.84 42.16
C ASN F 518 83.59 -34.72 43.66
N THR F 519 84.55 -35.15 44.48
CA THR F 519 84.38 -35.07 45.93
C THR F 519 84.41 -33.62 46.39
N PHE F 520 85.29 -32.80 45.80
CA PHE F 520 85.36 -31.38 46.16
C PHE F 520 84.07 -30.66 45.77
N LYS F 521 83.53 -30.96 44.59
CA LYS F 521 82.30 -30.31 44.16
C LYS F 521 81.08 -30.84 44.93
N PHE F 522 81.16 -32.08 45.42
CA PHE F 522 80.11 -32.60 46.27
C PHE F 522 80.13 -31.93 47.65
N SER F 523 81.31 -31.73 48.21
CA SER F 523 81.42 -31.10 49.53
C SER F 523 81.30 -29.59 49.47
N ASN F 524 81.43 -28.98 48.29
CA ASN F 524 81.32 -27.54 48.17
C ASN F 524 79.91 -27.08 47.87
N LEU F 525 79.14 -27.86 47.10
CA LEU F 525 77.77 -27.50 46.76
C LEU F 525 76.75 -28.09 47.72
N LEU F 526 77.16 -28.32 48.98
CA LEU F 526 76.27 -28.73 50.08
C LEU F 526 75.59 -30.06 49.79
N GLY F 527 76.38 -31.02 49.33
CA GLY F 527 75.89 -32.36 49.03
C GLY F 527 74.85 -32.42 47.94
N TYR F 528 74.74 -31.36 47.13
CA TYR F 528 73.68 -31.13 46.15
C TYR F 528 72.27 -31.16 46.79
N TYR F 529 72.17 -30.96 48.10
CA TYR F 529 70.86 -31.03 48.73
C TYR F 529 70.03 -29.75 48.55
N PRO F 530 70.54 -28.53 48.80
CA PRO F 530 69.72 -27.35 48.53
C PRO F 530 69.67 -26.93 47.06
N THR F 531 70.22 -27.74 46.15
CA THR F 531 70.16 -27.45 44.72
C THR F 531 69.12 -28.29 44.00
N ILE F 532 68.89 -29.52 44.43
CA ILE F 532 67.91 -30.39 43.79
C ILE F 532 66.54 -30.12 44.39
N MET F 533 66.41 -30.39 45.70
CA MET F 533 65.11 -30.33 46.37
C MET F 533 64.51 -28.93 46.32
N HIS F 534 65.30 -27.90 46.58
CA HIS F 534 64.83 -26.52 46.53
C HIS F 534 64.47 -26.07 45.12
N ARG F 535 64.85 -26.84 44.10
CA ARG F 535 64.36 -26.60 42.74
C ARG F 535 63.29 -27.58 42.32
N LEU F 536 63.15 -28.71 43.02
CA LEU F 536 62.21 -29.74 42.59
C LEU F 536 60.92 -29.70 43.40
N THR F 537 61.05 -29.66 44.73
CA THR F 537 59.86 -29.61 45.59
C THR F 537 59.00 -28.35 45.40
N PRO F 538 59.54 -27.13 45.22
CA PRO F 538 58.64 -26.02 44.84
C PRO F 538 57.97 -26.22 43.49
N TYR F 539 58.74 -26.61 42.46
CA TYR F 539 58.21 -26.74 41.11
C TYR F 539 57.04 -27.72 41.05
N MET F 540 57.27 -28.94 41.53
CA MET F 540 56.22 -29.96 41.56
C MET F 540 55.06 -29.58 42.46
N ASN F 541 55.25 -28.60 43.36
CA ASN F 541 54.12 -28.06 44.08
C ASN F 541 53.42 -26.99 43.25
N LEU F 542 54.19 -26.01 42.75
CA LEU F 542 53.57 -24.76 42.32
C LEU F 542 52.80 -24.93 41.01
N THR F 543 53.34 -25.71 40.07
CA THR F 543 52.56 -26.07 38.88
C THR F 543 51.31 -26.84 39.27
N MET F 544 51.44 -27.78 40.22
CA MET F 544 50.27 -28.47 40.74
C MET F 544 49.32 -27.50 41.42
N SER F 545 49.86 -26.42 41.98
CA SER F 545 49.03 -25.39 42.60
C SER F 545 48.39 -24.46 41.57
N GLN F 546 48.81 -24.50 40.31
CA GLN F 546 48.27 -23.59 39.32
C GLN F 546 47.58 -24.30 38.17
N LYS F 547 48.22 -25.32 37.60
CA LYS F 547 47.63 -25.99 36.43
C LYS F 547 46.43 -26.83 36.82
N SER F 548 46.51 -27.53 37.96
CA SER F 548 45.45 -28.45 38.35
C SER F 548 44.40 -27.80 39.25
N ALA F 549 44.82 -27.32 40.42
CA ALA F 549 43.88 -26.81 41.40
C ALA F 549 43.29 -25.46 40.97
N SER F 550 44.15 -24.54 40.53
CA SER F 550 43.68 -23.20 40.21
C SER F 550 42.92 -23.16 38.89
N SER F 551 43.43 -23.84 37.86
CA SER F 551 42.90 -23.70 36.51
C SER F 551 41.97 -24.84 36.11
N LEU F 552 42.47 -26.08 36.17
CA LEU F 552 41.73 -27.20 35.61
C LEU F 552 40.49 -27.54 36.43
N LEU F 553 40.61 -27.49 37.76
CA LEU F 553 39.50 -27.90 38.61
C LEU F 553 38.59 -26.73 38.95
N ASP F 554 39.14 -25.69 39.60
CA ASP F 554 38.29 -24.62 40.11
C ASP F 554 37.79 -23.70 38.99
N LEU F 555 38.65 -23.36 38.04
CA LEU F 555 38.28 -22.40 37.02
C LEU F 555 37.64 -23.04 35.79
N ILE F 556 37.70 -24.36 35.65
CA ILE F 556 37.19 -24.99 34.43
C ILE F 556 36.12 -26.03 34.72
N TRP F 557 36.46 -27.08 35.49
CA TRP F 557 35.58 -28.24 35.54
C TRP F 557 34.47 -28.07 36.56
N LEU F 558 34.78 -27.55 37.76
CA LEU F 558 33.75 -27.27 38.73
C LEU F 558 32.85 -26.13 38.25
N GLU F 559 33.40 -25.22 37.46
CA GLU F 559 32.60 -24.21 36.78
C GLU F 559 31.76 -24.83 35.67
N THR F 560 32.19 -25.97 35.11
CA THR F 560 31.47 -26.58 34.00
C THR F 560 30.28 -27.40 34.47
N ILE F 561 30.51 -28.36 35.38
CA ILE F 561 29.53 -29.42 35.57
C ILE F 561 28.29 -28.91 36.31
N LEU F 562 28.47 -28.17 37.42
CA LEU F 562 27.27 -27.78 38.15
C LEU F 562 26.56 -26.58 37.54
N PRO F 563 27.16 -25.35 37.44
CA PRO F 563 26.33 -24.21 37.02
C PRO F 563 26.13 -24.06 35.52
N LYS F 564 27.17 -24.31 34.72
CA LYS F 564 27.14 -23.89 33.33
C LYS F 564 26.45 -24.88 32.42
N THR F 565 26.56 -26.18 32.67
CA THR F 565 25.78 -27.15 31.92
C THR F 565 24.29 -26.97 32.18
N ILE F 566 23.92 -26.69 33.42
CA ILE F 566 22.53 -26.40 33.76
C ILE F 566 22.06 -25.13 33.07
N SER F 567 22.89 -24.09 33.07
CA SER F 567 22.52 -22.84 32.40
C SER F 567 22.34 -23.02 30.90
N LEU F 568 23.23 -23.81 30.28
CA LEU F 568 23.10 -24.12 28.86
C LEU F 568 21.84 -24.93 28.58
N ALA F 569 21.50 -25.86 29.47
CA ALA F 569 20.28 -26.66 29.30
C ALA F 569 19.03 -25.80 29.34
N GLN F 570 18.96 -24.87 30.32
CA GLN F 570 17.79 -23.99 30.38
C GLN F 570 17.76 -23.01 29.22
N MET F 571 18.92 -22.53 28.75
CA MET F 571 18.93 -21.66 27.58
C MET F 571 18.44 -22.39 26.33
N LYS F 572 18.89 -23.64 26.14
CA LYS F 572 18.45 -24.42 24.98
C LYS F 572 16.95 -24.72 25.06
N MET F 573 16.46 -25.07 26.25
CA MET F 573 15.03 -25.35 26.40
C MET F 573 14.21 -24.09 26.17
N SER F 574 14.70 -22.94 26.64
CA SER F 574 14.00 -21.68 26.42
C SER F 574 13.95 -21.30 24.94
N THR F 575 15.04 -21.56 24.21
CA THR F 575 15.04 -21.28 22.78
C THR F 575 14.10 -22.22 22.03
N THR F 576 14.04 -23.49 22.44
CA THR F 576 13.14 -24.42 21.75
C THR F 576 11.68 -24.14 22.06
N ILE F 577 11.38 -23.66 23.27
CA ILE F 577 9.99 -23.39 23.64
C ILE F 577 9.43 -22.20 22.86
N THR F 578 10.22 -21.11 22.78
CA THR F 578 9.74 -19.86 22.21
C THR F 578 10.22 -19.68 20.77
N SER F 579 10.28 -20.76 20.00
CA SER F 579 10.56 -20.68 18.57
C SER F 579 9.29 -20.75 17.74
N GLN F 580 8.18 -20.22 18.27
CA GLN F 580 6.90 -20.29 17.59
C GLN F 580 6.76 -19.17 16.56
N LYS F 581 6.10 -19.48 15.45
CA LYS F 581 5.92 -18.53 14.37
C LYS F 581 4.63 -17.72 14.50
N GLY F 582 3.88 -17.91 15.57
CA GLY F 582 2.63 -17.18 15.76
C GLY F 582 1.54 -17.55 14.77
N LEU F 583 1.38 -18.84 14.48
CA LEU F 583 0.36 -19.32 13.56
C LEU F 583 -0.71 -20.05 14.37
N ILE F 584 -1.97 -19.64 14.19
CA ILE F 584 -3.06 -20.21 14.96
C ILE F 584 -3.36 -21.63 14.51
N LYS F 585 -3.08 -21.94 13.24
CA LYS F 585 -3.35 -23.28 12.71
C LYS F 585 -2.51 -24.34 13.41
N LEU F 586 -1.23 -24.05 13.64
CA LEU F 586 -0.36 -25.00 14.33
C LEU F 586 -0.75 -25.12 15.80
N TYR F 587 -1.19 -24.02 16.42
CA TYR F 587 -1.65 -24.07 17.80
C TYR F 587 -2.87 -24.97 17.93
N PHE F 588 -3.82 -24.87 17.01
CA PHE F 588 -5.02 -25.67 17.11
C PHE F 588 -4.76 -27.12 16.71
N LEU F 589 -3.79 -27.36 15.82
CA LEU F 589 -3.33 -28.74 15.59
C LEU F 589 -2.73 -29.33 16.86
N SER F 590 -1.96 -28.53 17.60
CA SER F 590 -1.44 -29.00 18.88
C SER F 590 -2.55 -29.26 19.89
N PHE F 591 -3.62 -28.46 19.85
CA PHE F 591 -4.78 -28.70 20.72
C PHE F 591 -5.42 -30.05 20.39
N LEU F 592 -5.57 -30.34 19.09
CA LEU F 592 -6.13 -31.62 18.68
C LEU F 592 -5.23 -32.79 19.09
N ILE F 593 -3.92 -32.62 18.95
CA ILE F 593 -2.96 -33.65 19.35
C ILE F 593 -3.05 -33.90 20.86
N THR F 594 -3.15 -32.82 21.64
CA THR F 594 -3.26 -32.94 23.10
C THR F 594 -4.54 -33.67 23.50
N ILE F 595 -5.67 -33.33 22.86
CA ILE F 595 -6.94 -33.98 23.18
C ILE F 595 -6.89 -35.46 22.81
N LEU F 596 -6.33 -35.79 21.64
CA LEU F 596 -6.23 -37.18 21.21
C LEU F 596 -5.31 -37.98 22.13
N ILE F 597 -4.21 -37.39 22.57
CA ILE F 597 -3.30 -38.08 23.48
C ILE F 597 -3.95 -38.31 24.84
N SER F 598 -4.66 -37.29 25.36
CA SER F 598 -5.31 -37.43 26.66
C SER F 598 -6.46 -38.41 26.62
N THR F 599 -7.12 -38.57 25.47
CA THR F 599 -8.23 -39.51 25.40
C THR F 599 -7.75 -40.93 25.14
N THR F 600 -6.92 -41.14 24.13
CA THR F 600 -6.56 -42.49 23.71
C THR F 600 -5.42 -43.10 24.51
N LEU F 601 -4.34 -42.35 24.73
CA LEU F 601 -3.13 -42.92 25.31
C LEU F 601 -3.10 -42.79 26.84
N LEU F 602 -3.19 -41.56 27.35
CA LEU F 602 -3.04 -41.33 28.78
C LEU F 602 -4.25 -41.78 29.58
N ASN F 603 -5.40 -41.94 28.93
CA ASN F 603 -6.66 -42.41 29.55
C ASN F 603 -7.07 -41.51 30.72
N PHE F 604 -7.31 -40.24 30.40
CA PHE F 604 -7.77 -39.28 31.38
C PHE F 604 -9.28 -39.22 31.48
N HIS F 605 -10.01 -39.91 30.61
CA HIS F 605 -11.47 -39.89 30.60
C HIS F 605 -12.08 -41.11 31.27
N GLU F 606 -11.28 -41.90 31.98
CA GLU F 606 -11.82 -42.98 32.79
C GLU F 606 -11.40 -42.81 34.25
N LEU G 2 13.91 -9.05 72.83
CA LEU G 2 13.25 -7.85 72.32
C LEU G 2 14.07 -6.60 72.66
N LYS G 3 14.97 -6.73 73.63
CA LYS G 3 15.81 -5.61 74.03
C LYS G 3 16.93 -5.32 73.04
N TYR G 4 17.17 -6.21 72.07
CA TYR G 4 18.15 -5.98 71.01
C TYR G 4 17.51 -5.76 69.64
N ILE G 5 16.34 -6.35 69.40
CA ILE G 5 15.66 -6.18 68.12
C ILE G 5 15.11 -4.76 67.99
N ILE G 6 14.48 -4.26 69.04
CA ILE G 6 13.85 -2.93 68.98
C ILE G 6 14.84 -1.80 68.78
N PRO G 7 15.98 -1.71 69.49
CA PRO G 7 16.95 -0.65 69.15
C PRO G 7 17.55 -0.80 67.76
N THR G 8 17.74 -2.02 67.28
CA THR G 8 18.24 -2.22 65.93
C THR G 8 17.24 -1.70 64.90
N MET G 9 15.95 -1.93 65.12
CA MET G 9 14.95 -1.41 64.20
C MET G 9 14.68 0.08 64.42
N MET G 10 15.05 0.64 65.57
CA MET G 10 15.00 2.08 65.76
C MET G 10 16.23 2.79 65.24
N LEU G 11 17.28 2.05 64.86
CA LEU G 11 18.41 2.66 64.17
C LEU G 11 18.02 3.24 62.81
N MET G 12 16.92 2.77 62.20
CA MET G 12 16.52 3.30 60.89
C MET G 12 15.96 4.72 60.98
N PRO G 13 15.06 5.07 61.92
CA PRO G 13 14.75 6.49 62.09
C PRO G 13 15.95 7.32 62.51
N LEU G 14 16.90 6.72 63.22
CA LEU G 14 18.12 7.42 63.61
C LEU G 14 18.95 7.80 62.40
N THR G 15 19.05 6.89 61.42
CA THR G 15 19.85 7.16 60.23
C THR G 15 19.06 7.83 59.11
N TRP G 16 17.74 7.94 59.23
CA TRP G 16 16.95 8.57 58.20
C TRP G 16 16.52 9.99 58.54
N LEU G 17 16.60 10.39 59.80
CA LEU G 17 16.26 11.74 60.21
C LEU G 17 17.48 12.57 60.58
N SER G 18 18.69 12.01 60.47
CA SER G 18 19.90 12.73 60.81
C SER G 18 20.26 13.72 59.71
N LYS G 19 21.19 14.61 60.04
CA LYS G 19 21.66 15.60 59.08
C LYS G 19 22.55 14.96 58.03
N ASN G 20 22.87 15.74 56.99
CA ASN G 20 23.71 15.25 55.91
C ASN G 20 25.17 15.11 56.29
N SER G 21 25.57 15.62 57.46
CA SER G 21 26.96 15.55 57.89
C SER G 21 27.19 14.69 59.12
N MET G 22 26.13 14.22 59.78
CA MET G 22 26.29 13.49 61.03
C MET G 22 25.60 12.13 61.02
N ILE G 23 25.42 11.53 59.85
CA ILE G 23 24.84 10.18 59.82
C ILE G 23 25.85 9.16 60.34
N TRP G 24 27.12 9.30 59.94
CA TRP G 24 28.15 8.33 60.34
C TRP G 24 28.39 8.38 61.84
N ILE G 25 28.45 9.59 62.41
CA ILE G 25 28.74 9.74 63.84
C ILE G 25 27.63 9.13 64.67
N ASN G 26 26.38 9.46 64.35
CA ASN G 26 25.23 8.96 65.11
C ASN G 26 25.10 7.45 64.97
N THR G 27 25.23 6.93 63.76
CA THR G 27 25.10 5.49 63.55
C THR G 27 26.20 4.72 64.25
N THR G 28 27.45 5.20 64.16
CA THR G 28 28.56 4.52 64.83
C THR G 28 28.40 4.56 66.35
N LEU G 29 27.98 5.71 66.89
CA LEU G 29 27.78 5.84 68.32
C LEU G 29 26.71 4.88 68.84
N HIS G 30 25.57 4.84 68.17
CA HIS G 30 24.49 4.02 68.69
C HIS G 30 24.71 2.53 68.43
N SER G 31 25.38 2.18 67.33
CA SER G 31 25.73 0.78 67.14
C SER G 31 26.79 0.32 68.14
N LEU G 32 27.71 1.20 68.55
CA LEU G 32 28.64 0.85 69.61
C LEU G 32 27.92 0.69 70.95
N LEU G 33 26.89 1.52 71.18
CA LEU G 33 26.06 1.33 72.37
C LEU G 33 25.35 -0.02 72.36
N ILE G 34 24.85 -0.44 71.20
CA ILE G 34 24.21 -1.75 71.11
C ILE G 34 25.21 -2.88 71.31
N SER G 35 26.43 -2.70 70.79
CA SER G 35 27.49 -3.69 71.02
C SER G 35 27.83 -3.80 72.50
N LEU G 36 27.85 -2.69 73.22
CA LEU G 36 28.03 -2.74 74.67
C LEU G 36 26.86 -3.43 75.36
N THR G 37 25.64 -3.16 74.90
CA THR G 37 24.45 -3.79 75.46
C THR G 37 24.46 -5.30 75.26
N SER G 38 25.12 -5.76 74.19
CA SER G 38 25.11 -7.18 73.82
C SER G 38 25.74 -8.11 74.85
N LEU G 39 26.50 -7.57 75.81
CA LEU G 39 27.21 -8.40 76.77
C LEU G 39 26.29 -9.05 77.81
N LEU G 40 25.01 -8.69 77.85
CA LEU G 40 24.09 -9.28 78.81
C LEU G 40 23.59 -10.65 78.39
N LEU G 41 24.09 -11.21 77.31
CA LEU G 41 23.75 -12.56 76.88
C LEU G 41 24.69 -13.61 77.44
N LEU G 42 25.63 -13.22 78.29
CA LEU G 42 26.59 -14.16 78.85
C LEU G 42 26.05 -14.90 80.07
N ASN G 43 24.80 -14.66 80.45
CA ASN G 43 24.16 -15.36 81.57
C ASN G 43 23.82 -16.77 81.11
N GLN G 44 24.84 -17.63 81.08
CA GLN G 44 24.70 -19.01 80.66
C GLN G 44 24.87 -19.93 81.85
N PHE G 45 24.10 -21.00 81.89
CA PHE G 45 24.12 -21.96 82.97
C PHE G 45 24.67 -23.28 82.47
N GLY G 46 25.25 -24.05 83.39
CA GLY G 46 25.94 -25.27 83.02
C GLY G 46 25.05 -26.39 82.54
N ASP G 47 23.76 -26.33 82.86
CA ASP G 47 22.80 -27.33 82.44
C ASP G 47 21.76 -26.76 81.47
N ASN G 48 21.12 -25.66 81.81
CA ASN G 48 20.04 -25.10 81.03
C ASN G 48 20.51 -23.90 80.22
N SER G 49 19.92 -23.75 79.03
CA SER G 49 20.17 -22.59 78.20
C SER G 49 19.34 -21.41 78.68
N LEU G 50 19.54 -20.25 78.05
CA LEU G 50 18.80 -19.05 78.39
C LEU G 50 17.60 -18.93 77.45
N ASN G 51 16.41 -19.15 77.97
CA ASN G 51 15.17 -19.11 77.20
C ASN G 51 14.40 -17.85 77.58
N PHE G 52 14.08 -17.03 76.57
CA PHE G 52 13.41 -15.76 76.82
C PHE G 52 11.90 -15.86 76.68
N SER G 53 11.42 -16.49 75.62
CA SER G 53 10.00 -16.65 75.38
C SER G 53 9.79 -17.87 74.51
N LEU G 54 8.58 -18.00 73.95
CA LEU G 54 8.29 -19.10 73.04
C LEU G 54 8.98 -18.93 71.69
N THR G 55 9.43 -17.72 71.36
CA THR G 55 9.97 -17.42 70.04
C THR G 55 11.49 -17.35 70.01
N PHE G 56 12.14 -16.94 71.10
CA PHE G 56 13.58 -16.71 71.08
C PHE G 56 14.25 -17.39 72.25
N PHE G 57 15.49 -17.82 72.01
CA PHE G 57 16.35 -18.41 73.03
C PHE G 57 17.79 -18.23 72.57
N SER G 58 18.72 -18.42 73.51
CA SER G 58 20.14 -18.27 73.19
C SER G 58 20.95 -19.13 74.14
N ASP G 59 21.54 -20.20 73.61
CA ASP G 59 22.50 -20.99 74.37
C ASP G 59 23.90 -20.44 74.16
N SER G 60 24.92 -21.18 74.57
CA SER G 60 26.29 -20.70 74.52
C SER G 60 26.91 -20.79 73.13
N LEU G 61 26.21 -21.34 72.15
CA LEU G 61 26.70 -21.34 70.78
C LEU G 61 26.31 -20.07 70.03
N SER G 62 25.07 -19.61 70.21
CA SER G 62 24.60 -18.42 69.50
C SER G 62 25.16 -17.14 70.09
N THR G 63 25.50 -17.16 71.39
CA THR G 63 25.95 -15.95 72.07
C THR G 63 27.23 -15.34 71.50
N PRO G 64 28.32 -16.08 71.24
CA PRO G 64 29.48 -15.43 70.61
C PRO G 64 29.19 -14.90 69.22
N LEU G 65 28.32 -15.57 68.46
CA LEU G 65 27.96 -15.09 67.12
C LEU G 65 27.17 -13.79 67.21
N LEU G 66 26.25 -13.69 68.17
CA LEU G 66 25.50 -12.46 68.36
C LEU G 66 26.41 -11.30 68.77
N ILE G 67 27.33 -11.56 69.70
CA ILE G 67 28.25 -10.52 70.13
C ILE G 67 29.16 -10.09 68.99
N LEU G 68 29.61 -11.06 68.17
CA LEU G 68 30.44 -10.75 67.02
C LEU G 68 29.68 -9.91 65.98
N THR G 69 28.41 -10.22 65.74
CA THR G 69 27.63 -9.48 64.75
C THR G 69 27.39 -8.04 65.19
N MET G 70 26.92 -7.86 66.43
CA MET G 70 26.65 -6.51 66.91
C MET G 70 27.92 -5.74 67.23
N TRP G 71 29.07 -6.40 67.37
CA TRP G 71 30.33 -5.70 67.39
C TRP G 71 30.82 -5.37 65.98
N LEU G 72 30.45 -6.17 64.99
CA LEU G 72 30.95 -5.99 63.63
C LEU G 72 30.27 -4.85 62.90
N LEU G 73 29.00 -4.57 63.22
CA LEU G 73 28.31 -3.48 62.51
C LEU G 73 29.00 -2.11 62.59
N PRO G 74 29.42 -1.60 63.77
CA PRO G 74 30.15 -0.31 63.74
C PRO G 74 31.44 -0.34 62.95
N LEU G 75 32.09 -1.51 62.89
CA LEU G 75 33.32 -1.63 62.13
C LEU G 75 33.05 -1.44 60.64
N MET G 76 31.95 -2.02 60.14
CA MET G 76 31.54 -1.79 58.76
C MET G 76 31.17 -0.33 58.53
N LEU G 77 30.51 0.30 59.51
CA LEU G 77 30.15 1.70 59.36
C LEU G 77 31.39 2.59 59.26
N MET G 78 32.43 2.28 60.02
CA MET G 78 33.66 3.06 59.92
C MET G 78 34.44 2.75 58.65
N ALA G 79 34.37 1.50 58.17
CA ALA G 79 35.15 1.15 56.97
C ALA G 79 34.53 1.72 55.71
N SER G 80 33.21 1.65 55.58
CA SER G 80 32.53 1.95 54.33
C SER G 80 32.16 3.42 54.19
N GLN G 81 32.87 4.32 54.87
CA GLN G 81 32.56 5.75 54.81
C GLN G 81 33.59 6.56 54.05
N HIS G 82 34.48 5.91 53.30
CA HIS G 82 35.44 6.62 52.46
C HIS G 82 35.17 6.45 50.97
N HIS G 83 34.77 5.27 50.53
CA HIS G 83 34.37 5.10 49.13
C HIS G 83 32.93 5.51 48.89
N LEU G 84 32.23 5.96 49.93
CA LEU G 84 30.90 6.56 49.80
C LEU G 84 30.89 8.01 50.24
N SER G 85 32.05 8.67 50.28
CA SER G 85 32.12 10.05 50.73
C SER G 85 31.52 11.00 49.69
N LYS G 86 31.68 10.68 48.41
CA LYS G 86 31.15 11.51 47.34
C LYS G 86 29.75 11.09 46.92
N GLU G 87 29.19 10.07 47.58
CA GLU G 87 27.91 9.50 47.18
C GLU G 87 26.78 10.45 47.57
N ASN G 88 25.65 10.32 46.87
CA ASN G 88 24.45 11.05 47.21
C ASN G 88 23.95 10.66 48.60
N LEU G 89 23.31 11.62 49.28
CA LEU G 89 22.91 11.41 50.67
C LEU G 89 21.85 10.32 50.79
N ALA G 90 20.88 10.29 49.88
CA ALA G 90 19.82 9.29 49.93
C ALA G 90 20.37 7.88 49.72
N ARG G 91 21.33 7.73 48.80
CA ARG G 91 21.94 6.43 48.60
C ARG G 91 22.82 6.03 49.78
N LYS G 92 23.45 7.00 50.44
CA LYS G 92 24.19 6.73 51.66
C LYS G 92 23.28 6.19 52.75
N LYS G 93 22.12 6.84 52.92
CA LYS G 93 21.15 6.38 53.92
C LYS G 93 20.59 5.01 53.55
N LEU G 94 20.42 4.74 52.25
CA LEU G 94 19.95 3.42 51.81
C LEU G 94 20.98 2.34 52.11
N PHE G 95 22.27 2.66 51.92
CA PHE G 95 23.32 1.71 52.26
C PHE G 95 23.35 1.41 53.76
N ILE G 96 23.22 2.46 54.58
CA ILE G 96 23.22 2.26 56.03
C ILE G 96 21.98 1.47 56.45
N SER G 97 20.84 1.70 55.79
CA SER G 97 19.64 0.95 56.09
C SER G 97 19.78 -0.52 55.69
N MET G 98 20.48 -0.78 54.58
CA MET G 98 20.74 -2.17 54.19
C MET G 98 21.60 -2.87 55.23
N LEU G 99 22.63 -2.19 55.74
CA LEU G 99 23.46 -2.78 56.80
C LEU G 99 22.66 -3.03 58.07
N ILE G 100 21.79 -2.09 58.45
CA ILE G 100 20.98 -2.24 59.65
C ILE G 100 20.01 -3.40 59.51
N LEU G 101 19.37 -3.52 58.34
CA LEU G 101 18.44 -4.63 58.08
C LEU G 101 19.16 -5.96 58.11
N LEU G 102 20.38 -6.01 57.55
CA LEU G 102 21.16 -7.25 57.58
C LEU G 102 21.50 -7.65 59.01
N GLN G 103 21.90 -6.68 59.85
CA GLN G 103 22.19 -7.01 61.24
C GLN G 103 20.94 -7.49 61.97
N LEU G 104 19.80 -6.84 61.73
CA LEU G 104 18.56 -7.22 62.40
C LEU G 104 18.16 -8.65 62.03
N PHE G 105 18.24 -8.97 60.74
CA PHE G 105 17.92 -10.31 60.28
C PHE G 105 18.87 -11.35 60.86
N LEU G 106 20.17 -11.02 60.94
CA LEU G 106 21.14 -11.98 61.48
C LEU G 106 20.92 -12.22 62.97
N ILE G 107 20.76 -11.17 63.77
CA ILE G 107 20.62 -11.36 65.20
C ILE G 107 19.27 -11.93 65.60
N MET G 108 18.26 -11.90 64.71
CA MET G 108 17.10 -12.71 65.05
C MET G 108 17.10 -14.07 64.36
N THR G 109 18.02 -14.30 63.42
CA THR G 109 18.24 -15.65 62.92
C THR G 109 18.98 -16.51 63.93
N PHE G 110 19.97 -15.94 64.61
CA PHE G 110 20.76 -16.74 65.56
C PHE G 110 19.99 -17.10 66.83
N THR G 111 18.82 -16.52 67.07
CA THR G 111 18.10 -16.73 68.31
C THR G 111 16.75 -17.43 68.15
N ALA G 112 16.37 -17.82 66.95
CA ALA G 112 15.07 -18.43 66.72
C ALA G 112 15.09 -19.87 67.23
N THR G 113 14.21 -20.17 68.19
CA THR G 113 14.12 -21.55 68.67
C THR G 113 13.41 -22.46 67.68
N GLU G 114 12.49 -21.91 66.89
CA GLU G 114 11.77 -22.69 65.90
C GLU G 114 12.54 -22.70 64.60
N LEU G 115 12.53 -23.84 63.91
CA LEU G 115 13.42 -24.03 62.77
C LEU G 115 12.94 -23.32 61.51
N ILE G 116 11.63 -23.22 61.28
CA ILE G 116 11.20 -22.56 60.05
C ILE G 116 11.38 -21.05 60.16
N PHE G 117 11.34 -20.49 61.37
CA PHE G 117 11.68 -19.08 61.56
C PHE G 117 13.15 -18.84 61.25
N PHE G 118 13.99 -19.78 61.69
CA PHE G 118 15.41 -19.74 61.37
C PHE G 118 15.64 -19.80 59.88
N TYR G 119 14.90 -20.65 59.17
CA TYR G 119 15.01 -20.72 57.71
C TYR G 119 14.56 -19.42 57.05
N ILE G 120 13.44 -18.85 57.53
CA ILE G 120 12.88 -17.65 56.93
C ILE G 120 13.85 -16.49 57.03
N MET G 121 14.44 -16.28 58.20
CA MET G 121 15.38 -15.17 58.27
C MET G 121 16.78 -15.52 57.78
N PHE G 122 17.13 -16.80 57.77
CA PHE G 122 18.35 -17.28 57.12
C PHE G 122 18.31 -16.99 55.63
N GLU G 123 17.12 -16.95 55.03
CA GLU G 123 16.98 -16.54 53.64
C GLU G 123 16.61 -15.07 53.47
N ALA G 124 16.09 -14.43 54.51
CA ALA G 124 15.92 -12.99 54.49
C ALA G 124 17.25 -12.27 54.51
N THR G 125 18.31 -12.91 55.02
CA THR G 125 19.64 -12.35 54.94
C THR G 125 20.19 -12.28 53.52
N LEU G 126 19.54 -12.91 52.54
CA LEU G 126 20.01 -12.88 51.17
C LEU G 126 19.82 -11.50 50.54
N VAL G 127 18.66 -10.87 50.80
CA VAL G 127 18.28 -9.67 50.05
C VAL G 127 19.18 -8.47 50.30
N PRO G 128 19.47 -8.06 51.56
CA PRO G 128 20.37 -6.90 51.71
C PRO G 128 21.79 -7.17 51.27
N THR G 129 22.28 -8.40 51.48
CA THR G 129 23.62 -8.76 51.03
C THR G 129 23.74 -8.68 49.51
N LEU G 130 22.76 -9.25 48.81
CA LEU G 130 22.77 -9.24 47.35
C LEU G 130 22.62 -7.83 46.81
N ILE G 131 21.75 -7.02 47.44
CA ILE G 131 21.57 -5.64 47.02
C ILE G 131 22.86 -4.85 47.18
N ILE G 132 23.56 -5.05 48.30
CA ILE G 132 24.82 -4.35 48.54
C ILE G 132 25.87 -4.77 47.51
N ILE G 133 25.98 -6.07 47.25
CA ILE G 133 26.98 -6.58 46.31
C ILE G 133 26.73 -6.06 44.90
N THR G 134 25.48 -6.12 44.45
CA THR G 134 25.19 -5.76 43.07
C THR G 134 24.95 -4.27 42.88
N ARG G 135 24.83 -3.49 43.95
CA ARG G 135 24.67 -2.05 43.81
C ARG G 135 25.98 -1.31 44.00
N TRP G 136 26.68 -1.56 45.11
CA TRP G 136 27.87 -0.79 45.43
C TRP G 136 29.16 -1.53 45.11
N GLY G 137 29.08 -2.65 44.41
CA GLY G 137 30.26 -3.24 43.82
C GLY G 137 30.80 -2.38 42.70
N ASN G 138 32.10 -2.52 42.44
CA ASN G 138 32.77 -1.59 41.54
C ASN G 138 32.72 -2.03 40.08
N GLN G 139 33.26 -3.20 39.77
CA GLN G 139 33.51 -3.60 38.39
C GLN G 139 32.32 -4.33 37.80
N THR G 140 32.51 -4.82 36.57
CA THR G 140 31.41 -5.39 35.78
C THR G 140 30.90 -6.69 36.38
N GLU G 141 31.79 -7.49 36.96
CA GLU G 141 31.46 -8.85 37.36
C GLU G 141 30.70 -8.93 38.68
N ARG G 142 30.19 -7.81 39.20
CA ARG G 142 29.37 -7.88 40.41
C ARG G 142 28.01 -8.52 40.13
N LEU G 143 27.47 -8.32 38.93
CA LEU G 143 26.17 -8.88 38.58
C LEU G 143 26.23 -10.40 38.47
N ASN G 144 27.25 -10.93 37.80
CA ASN G 144 27.43 -12.37 37.70
C ASN G 144 27.70 -12.99 39.06
N ALA G 145 28.49 -12.30 39.90
CA ALA G 145 28.76 -12.77 41.25
C ALA G 145 27.49 -12.85 42.08
N GLY G 146 26.64 -11.82 41.97
CA GLY G 146 25.38 -11.84 42.69
C GLY G 146 24.45 -12.95 42.23
N LEU G 147 24.38 -13.16 40.91
CA LEU G 147 23.57 -14.27 40.38
C LEU G 147 24.07 -15.61 40.88
N TYR G 148 25.39 -15.83 40.85
CA TYR G 148 25.98 -17.08 41.31
C TYR G 148 25.68 -17.33 42.77
N PHE G 149 25.88 -16.30 43.60
CA PHE G 149 25.67 -16.43 45.05
C PHE G 149 24.21 -16.74 45.37
N LEU G 150 23.29 -15.95 44.81
CA LEU G 150 21.87 -16.13 45.08
C LEU G 150 21.38 -17.49 44.61
N PHE G 151 21.79 -17.92 43.41
CA PHE G 151 21.25 -19.16 42.89
C PHE G 151 21.87 -20.39 43.53
N TYR G 152 23.15 -20.36 43.88
CA TYR G 152 23.73 -21.45 44.66
C TYR G 152 23.00 -21.61 45.98
N THR G 153 22.77 -20.50 46.69
CA THR G 153 22.10 -20.57 47.99
C THR G 153 20.68 -21.11 47.88
N LEU G 154 19.89 -20.56 46.95
CA LEU G 154 18.48 -20.95 46.88
C LEU G 154 18.32 -22.36 46.32
N ALA G 155 19.09 -22.72 45.29
CA ALA G 155 19.01 -24.06 44.74
C ALA G 155 19.52 -25.12 45.70
N GLY G 156 20.40 -24.74 46.64
CA GLY G 156 20.76 -25.67 47.69
C GLY G 156 19.75 -25.74 48.82
N SER G 157 18.98 -24.66 49.04
CA SER G 157 18.22 -24.56 50.27
C SER G 157 16.71 -24.71 50.15
N LEU G 158 16.15 -24.79 48.94
CA LEU G 158 14.74 -25.15 48.82
C LEU G 158 14.41 -26.56 49.34
N PRO G 159 15.18 -27.62 49.05
CA PRO G 159 14.91 -28.91 49.71
C PRO G 159 15.03 -28.89 51.22
N LEU G 160 15.81 -27.96 51.78
CA LEU G 160 15.82 -27.80 53.23
C LEU G 160 14.46 -27.36 53.75
N LEU G 161 13.80 -26.45 53.03
CA LEU G 161 12.45 -26.04 53.40
C LEU G 161 11.47 -27.21 53.29
N VAL G 162 11.59 -28.00 52.21
CA VAL G 162 10.71 -29.16 52.06
C VAL G 162 10.91 -30.16 53.20
N ALA G 163 12.18 -30.43 53.55
CA ALA G 163 12.48 -31.36 54.63
C ALA G 163 11.99 -30.84 55.97
N LEU G 164 12.11 -29.53 56.21
CA LEU G 164 11.66 -28.96 57.48
C LEU G 164 10.15 -29.04 57.63
N ILE G 165 9.42 -28.81 56.53
CA ILE G 165 7.95 -28.96 56.60
C ILE G 165 7.59 -30.43 56.80
N TYR G 166 8.36 -31.34 56.20
CA TYR G 166 8.13 -32.77 56.46
C TYR G 166 8.38 -33.13 57.92
N ILE G 167 9.41 -32.54 58.53
CA ILE G 167 9.68 -32.75 59.95
C ILE G 167 8.53 -32.23 60.80
N GLN G 168 8.02 -31.05 60.45
CA GLN G 168 6.90 -30.48 61.21
C GLN G 168 5.65 -31.35 61.09
N ASN G 169 5.42 -31.94 59.92
CA ASN G 169 4.26 -32.81 59.75
C ASN G 169 4.45 -34.17 60.44
N THR G 170 5.68 -34.65 60.52
CA THR G 170 5.94 -35.98 61.07
C THR G 170 6.09 -35.97 62.59
N MET G 171 7.06 -35.21 63.08
CA MET G 171 7.31 -35.16 64.52
C MET G 171 6.22 -34.40 65.26
N GLY G 172 5.62 -33.40 64.61
CA GLY G 172 4.57 -32.60 65.21
C GLY G 172 5.01 -31.24 65.70
N SER G 173 6.31 -30.97 65.75
CA SER G 173 6.79 -29.68 66.21
C SER G 173 8.15 -29.39 65.57
N LEU G 174 8.49 -28.11 65.54
CA LEU G 174 9.79 -27.67 65.05
C LEU G 174 10.55 -26.86 66.10
N ASN G 175 10.04 -26.77 67.32
CA ASN G 175 10.78 -26.14 68.40
C ASN G 175 12.02 -26.96 68.74
N PHE G 176 13.14 -26.28 68.97
CA PHE G 176 14.40 -26.98 69.15
C PHE G 176 14.46 -27.72 70.49
N LEU G 177 13.79 -27.20 71.52
CA LEU G 177 13.79 -27.89 72.81
C LEU G 177 12.92 -29.14 72.77
N ILE G 178 11.74 -29.02 72.14
CA ILE G 178 10.86 -30.18 71.95
C ILE G 178 11.56 -31.23 71.11
N LEU G 179 12.22 -30.81 70.03
CA LEU G 179 12.99 -31.73 69.21
C LEU G 179 14.18 -32.32 69.97
N GLN G 180 14.72 -31.57 70.93
CA GLN G 180 15.76 -32.12 71.79
C GLN G 180 15.23 -33.23 72.68
N TYR G 181 13.96 -33.14 73.07
CA TYR G 181 13.38 -34.18 73.92
C TYR G 181 12.49 -35.17 73.19
N TRP G 182 12.23 -34.97 71.90
CA TRP G 182 11.37 -35.89 71.14
C TRP G 182 12.11 -36.53 69.96
N VAL G 183 13.44 -36.49 69.95
CA VAL G 183 14.20 -36.95 68.80
C VAL G 183 14.16 -38.47 68.73
N GLN G 184 13.84 -38.99 67.55
CA GLN G 184 13.84 -40.43 67.27
C GLN G 184 14.98 -40.78 66.34
N PRO G 185 15.55 -41.98 66.45
CA PRO G 185 16.61 -42.39 65.53
C PRO G 185 16.10 -42.54 64.11
N MET G 186 16.98 -42.26 63.15
CA MET G 186 16.65 -42.38 61.74
C MET G 186 17.21 -43.68 61.20
N PRO G 187 16.37 -44.61 60.74
CA PRO G 187 16.86 -45.91 60.28
C PRO G 187 17.53 -45.81 58.91
N ASN G 188 17.92 -46.96 58.39
CA ASN G 188 18.62 -47.04 57.12
C ASN G 188 17.62 -47.25 55.99
N SER G 189 17.42 -46.22 55.18
CA SER G 189 16.56 -46.29 54.01
C SER G 189 16.99 -45.20 53.04
N TRP G 190 16.53 -45.31 51.80
CA TRP G 190 16.83 -44.28 50.82
C TRP G 190 16.11 -42.98 51.13
N SER G 191 14.90 -43.07 51.70
CA SER G 191 14.17 -41.88 52.12
C SER G 191 14.93 -41.10 53.18
N ASN G 192 15.51 -41.81 54.15
CA ASN G 192 16.34 -41.15 55.16
C ASN G 192 17.64 -40.63 54.57
N THR G 193 18.17 -41.29 53.54
CA THR G 193 19.37 -40.79 52.86
C THR G 193 19.11 -39.44 52.21
N PHE G 194 18.02 -39.33 51.45
CA PHE G 194 17.70 -38.04 50.84
C PHE G 194 17.20 -37.03 51.86
N MET G 195 16.65 -37.49 52.99
CA MET G 195 16.34 -36.60 54.10
C MET G 195 17.60 -35.93 54.63
N TRP G 196 18.65 -36.75 54.86
CA TRP G 196 19.94 -36.22 55.30
C TRP G 196 20.53 -35.27 54.28
N LEU G 197 20.45 -35.63 52.98
CA LEU G 197 21.01 -34.78 51.95
C LEU G 197 20.27 -33.44 51.86
N ALA G 198 18.94 -33.46 51.97
CA ALA G 198 18.17 -32.23 51.92
C ALA G 198 18.44 -31.35 53.13
N CYS G 199 18.63 -31.96 54.31
CA CYS G 199 18.95 -31.17 55.49
C CYS G 199 20.35 -30.60 55.44
N MET G 200 21.30 -31.31 54.82
CA MET G 200 22.70 -30.92 54.86
C MET G 200 23.15 -30.01 53.71
N MET G 201 22.55 -30.12 52.52
CA MET G 201 23.16 -29.51 51.34
C MET G 201 23.10 -27.98 51.35
N ALA G 202 22.08 -27.41 52.00
CA ALA G 202 22.00 -25.96 52.12
C ALA G 202 23.19 -25.39 52.89
N PHE G 203 23.48 -25.99 54.04
CA PHE G 203 24.63 -25.57 54.83
C PHE G 203 25.94 -25.98 54.16
N MET G 204 25.93 -27.07 53.39
CA MET G 204 27.10 -27.42 52.57
C MET G 204 27.45 -26.31 51.60
N VAL G 205 26.44 -25.75 50.93
CA VAL G 205 26.67 -24.65 50.00
C VAL G 205 27.10 -23.41 50.75
N LYS G 206 26.44 -23.09 51.87
CA LYS G 206 26.75 -21.85 52.58
C LYS G 206 28.00 -21.93 53.46
N MET G 207 28.59 -23.12 53.63
CA MET G 207 29.76 -23.24 54.50
C MET G 207 30.99 -22.49 53.98
N PRO G 208 31.40 -22.61 52.70
CA PRO G 208 31.08 -23.47 51.56
C PRO G 208 31.85 -24.77 51.56
N LEU G 209 31.32 -25.79 50.89
CA LEU G 209 32.01 -27.05 50.69
C LEU G 209 32.82 -26.97 49.41
N TYR G 210 33.93 -27.71 49.38
CA TYR G 210 34.76 -27.76 48.19
C TYR G 210 34.00 -28.48 47.07
N GLY G 211 33.94 -27.84 45.91
CA GLY G 211 33.08 -28.27 44.83
C GLY G 211 31.79 -27.50 44.73
N LEU G 212 31.37 -26.85 45.82
CA LEU G 212 30.25 -25.92 45.80
C LEU G 212 30.69 -24.53 46.22
N HIS G 213 31.99 -24.26 46.18
CA HIS G 213 32.55 -23.02 46.68
C HIS G 213 32.75 -21.97 45.59
N LEU G 214 32.27 -22.23 44.37
CA LEU G 214 32.56 -21.37 43.23
C LEU G 214 31.97 -19.97 43.37
N TRP G 215 30.98 -19.78 44.24
CA TRP G 215 30.42 -18.47 44.47
C TRP G 215 31.23 -17.64 45.46
N LEU G 216 32.21 -18.23 46.14
CA LEU G 216 32.97 -17.45 47.12
C LEU G 216 34.05 -16.56 46.48
N PRO G 217 34.92 -17.02 45.56
CA PRO G 217 35.94 -16.10 45.03
C PRO G 217 35.40 -15.07 44.04
N LYS G 218 34.09 -15.02 43.82
CA LYS G 218 33.46 -13.90 43.12
C LYS G 218 32.83 -12.93 44.09
N ALA G 219 31.91 -13.41 44.93
CA ALA G 219 31.17 -12.56 45.85
C ALA G 219 32.05 -11.93 46.92
N HIS G 220 33.18 -12.55 47.25
CA HIS G 220 34.11 -11.94 48.19
C HIS G 220 35.02 -10.91 47.54
N VAL G 221 35.02 -10.81 46.21
CA VAL G 221 35.93 -9.92 45.49
C VAL G 221 35.20 -8.71 44.93
N GLU G 222 34.07 -8.93 44.26
CA GLU G 222 33.35 -7.83 43.64
C GLU G 222 32.59 -6.98 44.65
N ALA G 223 32.35 -7.50 45.85
CA ALA G 223 31.59 -6.77 46.86
C ALA G 223 32.42 -5.63 47.45
N PRO G 224 31.77 -4.61 48.05
CA PRO G 224 32.51 -3.60 48.80
C PRO G 224 33.03 -4.11 50.13
N ILE G 225 33.62 -3.22 50.94
CA ILE G 225 34.34 -3.66 52.13
C ILE G 225 33.39 -4.21 53.20
N ALA G 226 32.27 -3.51 53.44
CA ALA G 226 31.30 -3.99 54.42
C ALA G 226 30.65 -5.28 53.97
N GLY G 227 30.39 -5.40 52.66
CA GLY G 227 29.92 -6.66 52.11
C GLY G 227 30.92 -7.77 52.32
N SER G 228 32.22 -7.46 52.21
CA SER G 228 33.25 -8.46 52.49
C SER G 228 33.24 -8.88 53.96
N MET G 229 33.03 -7.92 54.88
CA MET G 229 32.95 -8.26 56.30
C MET G 229 31.80 -9.21 56.59
N VAL G 230 30.60 -8.89 56.11
CA VAL G 230 29.47 -9.80 56.38
C VAL G 230 29.65 -11.11 55.64
N LEU G 231 30.23 -11.09 54.44
CA LEU G 231 30.40 -12.32 53.68
C LEU G 231 31.40 -13.27 54.33
N ALA G 232 32.42 -12.72 54.99
CA ALA G 232 33.46 -13.58 55.56
C ALA G 232 33.31 -13.82 57.05
N ALA G 233 32.50 -13.05 57.77
CA ALA G 233 32.51 -13.10 59.21
C ALA G 233 31.22 -13.53 59.87
N ILE G 234 30.08 -13.55 59.16
CA ILE G 234 28.84 -13.95 59.80
C ILE G 234 28.16 -15.08 59.03
N LEU G 235 27.99 -14.90 57.71
CA LEU G 235 27.10 -15.77 56.93
C LEU G 235 27.64 -17.20 56.85
N LEU G 236 28.96 -17.35 56.68
CA LEU G 236 29.57 -18.67 56.74
C LEU G 236 29.36 -19.31 58.10
N LYS G 237 29.54 -18.51 59.15
CA LYS G 237 29.28 -18.98 60.51
C LYS G 237 27.80 -19.24 60.73
N LEU G 238 26.94 -18.52 60.02
CA LEU G 238 25.51 -18.79 60.09
C LEU G 238 25.18 -20.17 59.51
N GLY G 239 25.81 -20.53 58.40
CA GLY G 239 25.68 -21.88 57.88
C GLY G 239 26.21 -22.93 58.83
N GLY G 240 27.33 -22.65 59.48
CA GLY G 240 27.86 -23.57 60.49
C GLY G 240 26.94 -23.74 61.69
N TYR G 241 26.32 -22.65 62.14
CA TYR G 241 25.36 -22.71 63.23
C TYR G 241 24.14 -23.54 62.85
N GLY G 242 23.64 -23.35 61.63
CA GLY G 242 22.51 -24.16 61.18
C GLY G 242 22.87 -25.63 61.07
N MET G 243 24.10 -25.92 60.65
CA MET G 243 24.57 -27.30 60.60
C MET G 243 24.62 -27.93 61.98
N MET G 244 25.14 -27.18 62.97
CA MET G 244 25.18 -27.68 64.35
C MET G 244 23.79 -27.92 64.89
N ARG G 245 22.84 -27.04 64.56
CA ARG G 245 21.48 -27.20 65.04
C ARG G 245 20.81 -28.42 64.42
N ILE G 246 20.97 -28.61 63.11
CA ILE G 246 20.19 -29.63 62.41
C ILE G 246 20.85 -31.00 62.39
N THR G 247 22.13 -31.12 62.80
CA THR G 247 22.73 -32.44 62.88
C THR G 247 22.19 -33.26 64.06
N LEU G 248 21.42 -32.65 64.95
CA LEU G 248 20.84 -33.37 66.07
C LEU G 248 19.86 -34.45 65.61
N LEU G 249 19.04 -34.14 64.61
CA LEU G 249 17.96 -35.03 64.20
C LEU G 249 18.40 -36.14 63.26
N LEU G 250 19.63 -36.10 62.75
CA LEU G 250 20.06 -36.99 61.67
C LEU G 250 20.97 -38.10 62.19
N ASN G 251 20.65 -38.67 63.34
CA ASN G 251 21.41 -39.78 63.89
C ASN G 251 20.62 -41.07 63.75
N PRO G 252 21.29 -42.22 63.54
CA PRO G 252 22.73 -42.42 63.35
C PRO G 252 23.13 -42.64 61.90
N ILE G 253 22.38 -42.08 60.96
CA ILE G 253 22.73 -42.22 59.56
C ILE G 253 24.02 -41.47 59.24
N THR G 254 24.26 -40.35 59.94
CA THR G 254 25.44 -39.51 59.74
C THR G 254 26.73 -40.30 59.85
N ASP G 255 26.75 -41.31 60.73
CA ASP G 255 27.93 -42.12 60.99
C ASP G 255 28.46 -42.82 59.75
N PHE G 256 27.65 -43.00 58.72
CA PHE G 256 28.20 -43.33 57.42
C PHE G 256 27.92 -42.27 56.37
N MET G 257 26.86 -41.48 56.51
CA MET G 257 26.44 -40.59 55.44
C MET G 257 27.34 -39.36 55.34
N ALA G 258 28.10 -39.07 56.39
CA ALA G 258 29.12 -38.03 56.34
C ALA G 258 30.42 -38.51 55.73
N TYR G 259 30.49 -39.79 55.32
CA TYR G 259 31.74 -40.33 54.80
C TYR G 259 32.25 -39.66 53.52
N PRO G 260 31.44 -39.37 52.49
CA PRO G 260 32.03 -38.68 51.33
C PRO G 260 32.42 -37.24 51.62
N PHE G 261 31.54 -36.49 52.31
CA PHE G 261 31.70 -35.05 52.46
C PHE G 261 32.98 -34.70 53.21
N ILE G 262 33.32 -35.51 54.22
CA ILE G 262 34.57 -35.31 54.96
C ILE G 262 35.76 -35.36 54.02
N MET G 263 35.78 -36.36 53.14
CA MET G 263 36.83 -36.43 52.12
C MET G 263 36.81 -35.20 51.23
N LEU G 264 35.59 -34.76 50.85
CA LEU G 264 35.44 -33.58 50.01
C LEU G 264 35.97 -32.32 50.69
N SER G 265 36.10 -32.34 52.02
CA SER G 265 36.81 -31.27 52.71
C SER G 265 38.24 -31.63 53.03
N LEU G 266 38.51 -32.89 53.36
CA LEU G 266 39.85 -33.28 53.83
C LEU G 266 40.88 -33.11 52.72
N TRP G 267 40.52 -33.50 51.50
CA TRP G 267 41.35 -33.14 50.36
C TRP G 267 41.14 -31.69 49.96
N GLY G 268 39.93 -31.16 50.14
CA GLY G 268 39.59 -29.85 49.60
C GLY G 268 40.40 -28.74 50.23
N MET G 269 40.54 -28.77 51.55
CA MET G 269 41.36 -27.78 52.26
C MET G 269 42.83 -27.86 51.90
N ILE G 270 43.28 -28.94 51.27
CA ILE G 270 44.61 -28.93 50.67
C ILE G 270 44.59 -28.07 49.42
N MET G 271 43.70 -28.40 48.47
CA MET G 271 43.77 -27.84 47.12
C MET G 271 43.59 -26.33 47.12
N THR G 272 42.56 -25.84 47.82
CA THR G 272 42.33 -24.41 47.92
C THR G 272 43.48 -23.70 48.58
N SER G 273 44.11 -24.34 49.58
CA SER G 273 45.29 -23.76 50.20
C SER G 273 46.41 -23.61 49.19
N SER G 274 46.60 -24.63 48.33
CA SER G 274 47.59 -24.54 47.27
C SER G 274 47.26 -23.42 46.29
N ILE G 275 45.97 -23.13 46.11
CA ILE G 275 45.57 -22.03 45.25
C ILE G 275 46.11 -20.71 45.78
N CYS G 276 46.14 -20.56 47.12
CA CYS G 276 46.68 -19.35 47.71
C CYS G 276 48.19 -19.22 47.47
N LEU G 277 48.87 -20.31 47.13
CA LEU G 277 50.28 -20.20 46.78
C LEU G 277 50.47 -19.60 45.39
N ARG G 278 49.46 -19.69 44.53
CA ARG G 278 49.58 -19.25 43.14
C ARG G 278 48.40 -18.36 42.77
N GLN G 279 48.08 -17.41 43.63
CA GLN G 279 47.02 -16.45 43.39
C GLN G 279 47.64 -15.09 43.07
N THR G 280 47.22 -14.49 41.97
CA THR G 280 47.66 -13.16 41.58
C THR G 280 46.80 -12.07 42.19
N ASP G 281 45.80 -12.44 42.98
CA ASP G 281 44.82 -11.50 43.55
C ASP G 281 44.80 -11.64 45.06
N LEU G 282 44.81 -10.50 45.75
CA LEU G 282 44.86 -10.51 47.21
C LEU G 282 43.52 -10.93 47.81
N LYS G 283 42.43 -10.36 47.29
CA LYS G 283 41.09 -10.68 47.79
C LYS G 283 40.73 -12.13 47.51
N SER G 284 41.14 -12.64 46.34
CA SER G 284 40.93 -14.06 46.05
C SER G 284 41.73 -14.95 46.99
N LEU G 285 42.94 -14.51 47.36
CA LEU G 285 43.75 -15.26 48.32
C LEU G 285 43.05 -15.36 49.67
N ILE G 286 42.47 -14.24 50.12
CA ILE G 286 41.75 -14.26 51.39
C ILE G 286 40.51 -15.13 51.30
N ALA G 287 39.81 -15.09 50.16
CA ALA G 287 38.61 -15.91 49.97
C ALA G 287 38.94 -17.40 49.99
N TYR G 288 40.02 -17.80 49.33
CA TYR G 288 40.37 -19.22 49.32
C TYR G 288 40.88 -19.68 50.69
N SER G 289 41.55 -18.78 51.44
CA SER G 289 41.90 -19.09 52.82
C SER G 289 40.63 -19.33 53.66
N SER G 290 39.60 -18.52 53.43
CA SER G 290 38.33 -18.73 54.11
C SER G 290 37.71 -20.08 53.74
N VAL G 291 37.83 -20.48 52.47
CA VAL G 291 37.34 -21.78 52.03
C VAL G 291 38.03 -22.90 52.80
N SER G 292 39.35 -22.80 52.94
CA SER G 292 40.11 -23.85 53.63
C SER G 292 39.74 -23.94 55.11
N HIS G 293 39.65 -22.80 55.79
CA HIS G 293 39.29 -22.80 57.21
C HIS G 293 37.88 -23.35 57.42
N MET G 294 36.95 -22.97 56.56
CA MET G 294 35.59 -23.45 56.76
C MET G 294 35.45 -24.92 56.39
N ALA G 295 36.30 -25.43 55.49
CA ALA G 295 36.32 -26.87 55.24
C ALA G 295 36.79 -27.64 56.47
N LEU G 296 37.79 -27.09 57.17
CA LEU G 296 38.21 -27.68 58.44
C LEU G 296 37.07 -27.68 59.46
N VAL G 297 36.28 -26.60 59.47
CA VAL G 297 35.09 -26.55 60.32
C VAL G 297 34.09 -27.63 59.92
N ILE G 298 33.94 -27.87 58.61
CA ILE G 298 33.00 -28.89 58.12
C ILE G 298 33.39 -30.27 58.64
N VAL G 299 34.68 -30.60 58.57
CA VAL G 299 35.15 -31.89 59.08
C VAL G 299 34.88 -32.00 60.57
N ALA G 300 35.14 -30.92 61.32
CA ALA G 300 34.91 -30.92 62.77
C ALA G 300 33.44 -31.16 63.10
N ILE G 301 32.52 -30.55 62.36
CA ILE G 301 31.10 -30.76 62.62
C ILE G 301 30.70 -32.18 62.25
N LEU G 302 31.22 -32.70 61.13
CA LEU G 302 30.74 -33.99 60.64
C LEU G 302 31.22 -35.15 61.50
N ILE G 303 32.38 -35.05 62.14
CA ILE G 303 32.79 -36.16 63.00
C ILE G 303 32.10 -36.17 64.36
N GLN G 304 31.40 -35.09 64.72
CA GLN G 304 30.50 -34.93 65.88
C GLN G 304 31.05 -35.53 67.18
N THR G 305 32.17 -34.99 67.63
CA THR G 305 32.70 -35.21 68.97
C THR G 305 32.68 -33.90 69.74
N PRO G 306 32.66 -33.95 71.08
CA PRO G 306 32.63 -32.69 71.86
C PRO G 306 33.82 -31.76 71.60
N TRP G 307 35.03 -32.32 71.56
CA TRP G 307 36.23 -31.52 71.32
C TRP G 307 36.17 -30.85 69.96
N SER G 308 35.67 -31.56 68.95
CA SER G 308 35.48 -30.96 67.63
C SER G 308 34.46 -29.83 67.65
N TYR G 309 33.42 -29.95 68.48
CA TYR G 309 32.41 -28.90 68.53
C TYR G 309 32.95 -27.62 69.16
N MET G 310 33.70 -27.75 70.26
CA MET G 310 34.31 -26.55 70.85
C MET G 310 35.39 -25.98 69.94
N GLY G 311 36.14 -26.83 69.26
CA GLY G 311 37.10 -26.35 68.28
C GLY G 311 36.44 -25.62 67.14
N ALA G 312 35.28 -26.10 66.70
CA ALA G 312 34.54 -25.45 65.62
C ALA G 312 34.02 -24.08 66.05
N THR G 313 33.52 -23.97 67.28
CA THR G 313 33.04 -22.67 67.76
C THR G 313 34.18 -21.65 67.84
N ALA G 314 35.29 -22.04 68.47
CA ALA G 314 36.43 -21.14 68.60
C ALA G 314 37.00 -20.78 67.23
N LEU G 315 37.08 -21.77 66.34
CA LEU G 315 37.60 -21.55 65.00
C LEU G 315 36.70 -20.61 64.20
N MET G 316 35.38 -20.75 64.32
CA MET G 316 34.48 -19.86 63.60
C MET G 316 34.63 -18.42 64.05
N ILE G 317 34.68 -18.20 65.37
CA ILE G 317 34.80 -16.83 65.87
C ILE G 317 36.14 -16.22 65.46
N ALA G 318 37.23 -16.96 65.66
CA ALA G 318 38.56 -16.46 65.36
C ALA G 318 38.74 -16.22 63.86
N HIS G 319 38.23 -17.12 63.03
CA HIS G 319 38.34 -16.94 61.58
C HIS G 319 37.53 -15.76 61.09
N GLY G 320 36.34 -15.54 61.69
CA GLY G 320 35.58 -14.35 61.32
C GLY G 320 36.34 -13.07 61.60
N LEU G 321 36.93 -12.97 62.80
CA LEU G 321 37.70 -11.78 63.16
C LEU G 321 38.91 -11.59 62.24
N THR G 322 39.66 -12.67 61.99
CA THR G 322 40.88 -12.58 61.21
C THR G 322 40.59 -12.26 59.74
N SER G 323 39.55 -12.88 59.17
CA SER G 323 39.20 -12.62 57.79
C SER G 323 38.69 -11.19 57.61
N SER G 324 37.92 -10.69 58.57
CA SER G 324 37.49 -9.29 58.50
C SER G 324 38.67 -8.33 58.55
N MET G 325 39.65 -8.59 59.43
CA MET G 325 40.82 -7.74 59.52
C MET G 325 41.64 -7.78 58.23
N LEU G 326 41.80 -8.97 57.65
CA LEU G 326 42.55 -9.10 56.40
C LEU G 326 41.87 -8.39 55.24
N PHE G 327 40.53 -8.48 55.19
CA PHE G 327 39.79 -7.75 54.16
C PHE G 327 39.94 -6.25 54.33
N CYS G 328 39.97 -5.77 55.59
CA CYS G 328 40.19 -4.35 55.84
C CYS G 328 41.55 -3.90 55.34
N LEU G 329 42.60 -4.68 55.62
CA LEU G 329 43.94 -4.33 55.16
C LEU G 329 44.03 -4.31 53.64
N ALA G 330 43.44 -5.31 52.99
CA ALA G 330 43.44 -5.37 51.53
C ALA G 330 42.66 -4.21 50.93
N ASN G 331 41.56 -3.82 51.57
CA ASN G 331 40.77 -2.69 51.08
C ASN G 331 41.52 -1.38 51.26
N SER G 332 42.29 -1.24 52.34
CA SER G 332 43.12 -0.04 52.51
C SER G 332 44.18 0.05 51.41
N ASN G 333 44.83 -1.07 51.10
CA ASN G 333 45.81 -1.08 50.01
C ASN G 333 45.15 -0.77 48.67
N TYR G 334 43.94 -1.31 48.43
CA TYR G 334 43.23 -1.05 47.19
C TYR G 334 42.81 0.42 47.09
N GLU G 335 42.45 1.03 48.21
CA GLU G 335 42.12 2.45 48.20
C GLU G 335 43.35 3.29 47.90
N ARG G 336 44.52 2.87 48.39
CA ARG G 336 45.71 3.67 48.16
C ARG G 336 46.26 3.52 46.74
N VAL G 337 46.23 2.31 46.17
CA VAL G 337 46.89 2.07 44.89
C VAL G 337 45.92 1.89 43.73
N HIS G 338 44.61 1.81 43.99
CA HIS G 338 43.56 1.73 42.97
C HIS G 338 43.73 0.52 42.04
N SER G 339 44.23 -0.58 42.58
CA SER G 339 44.24 -1.86 41.88
C SER G 339 44.32 -2.96 42.92
N ARG G 340 43.77 -4.12 42.58
CA ARG G 340 43.63 -5.20 43.54
C ARG G 340 44.76 -6.22 43.43
N THR G 341 45.57 -6.17 42.37
CA THR G 341 46.62 -7.15 42.16
C THR G 341 47.72 -6.99 43.20
N MET G 342 48.25 -8.13 43.65
CA MET G 342 49.14 -8.16 44.79
C MET G 342 50.54 -7.67 44.45
N ILE G 343 51.01 -7.92 43.22
CA ILE G 343 52.39 -7.64 42.87
C ILE G 343 52.63 -6.18 42.50
N LEU G 344 51.56 -5.39 42.34
CA LEU G 344 51.74 -4.00 41.89
C LEU G 344 52.39 -3.14 42.97
N ALA G 345 51.90 -3.23 44.20
CA ALA G 345 52.40 -2.43 45.31
C ALA G 345 53.27 -3.31 46.21
N ARG G 346 54.56 -2.99 46.28
CA ARG G 346 55.50 -3.77 47.06
C ARG G 346 56.27 -2.84 47.99
N GLY G 347 56.91 -3.44 49.00
CA GLY G 347 57.79 -2.72 49.90
C GLY G 347 57.13 -1.62 50.70
N LEU G 348 55.94 -1.90 51.23
CA LEU G 348 55.18 -0.87 51.92
C LEU G 348 55.59 -0.70 53.38
N GLN G 349 56.48 -1.55 53.90
CA GLN G 349 56.97 -1.36 55.25
C GLN G 349 57.87 -0.13 55.35
N THR G 350 58.55 0.22 54.25
CA THR G 350 59.40 1.40 54.26
C THR G 350 58.58 2.68 54.36
N LEU G 351 57.35 2.68 53.85
CA LEU G 351 56.49 3.86 53.83
C LEU G 351 55.45 3.85 54.93
N LEU G 352 54.87 2.68 55.25
CA LEU G 352 53.77 2.56 56.19
C LEU G 352 54.16 1.55 57.27
N PRO G 353 54.89 1.99 58.30
CA PRO G 353 55.39 1.01 59.29
C PRO G 353 54.32 0.45 60.21
N LEU G 354 53.39 1.26 60.70
CA LEU G 354 52.40 0.75 61.64
C LEU G 354 51.39 -0.15 60.95
N MET G 355 51.01 0.17 59.71
CA MET G 355 50.17 -0.73 58.96
C MET G 355 50.90 -2.02 58.62
N ALA G 356 52.22 -1.96 58.48
CA ALA G 356 53.01 -3.19 58.35
C ALA G 356 52.98 -4.01 59.62
N ALA G 357 52.98 -3.34 60.79
CA ALA G 357 52.85 -4.06 62.05
C ALA G 357 51.49 -4.75 62.16
N TRP G 358 50.43 -4.05 61.76
CA TRP G 358 49.10 -4.66 61.75
C TRP G 358 49.02 -5.81 60.76
N TRP G 359 49.67 -5.67 59.60
CA TRP G 359 49.74 -6.76 58.63
C TRP G 359 50.44 -7.98 59.21
N LEU G 360 51.56 -7.76 59.91
CA LEU G 360 52.31 -8.86 60.51
C LEU G 360 51.48 -9.57 61.57
N LEU G 361 50.79 -8.80 62.43
CA LEU G 361 50.00 -9.41 63.49
C LEU G 361 48.80 -10.17 62.91
N ALA G 362 48.15 -9.62 61.88
CA ALA G 362 47.03 -10.31 61.24
C ALA G 362 47.49 -11.59 60.56
N SER G 363 48.64 -11.57 59.91
CA SER G 363 49.16 -12.78 59.29
C SER G 363 49.55 -13.83 60.33
N LEU G 364 50.10 -13.38 61.47
CA LEU G 364 50.45 -14.31 62.53
C LEU G 364 49.20 -14.95 63.13
N THR G 365 48.13 -14.19 63.28
CA THR G 365 46.88 -14.78 63.75
C THR G 365 46.21 -15.63 62.68
N ASN G 366 46.56 -15.43 61.41
CA ASN G 366 45.97 -16.24 60.34
C ASN G 366 46.55 -17.65 60.33
N LEU G 367 47.86 -17.79 60.56
CA LEU G 367 48.51 -19.09 60.52
C LEU G 367 48.47 -19.81 61.86
N ALA G 368 47.53 -19.46 62.74
CA ALA G 368 47.27 -20.13 64.01
C ALA G 368 48.50 -20.13 64.91
N LEU G 369 48.93 -18.94 65.28
CA LEU G 369 50.02 -18.79 66.23
C LEU G 369 49.49 -18.90 67.65
N PRO G 370 50.05 -19.79 68.47
CA PRO G 370 49.60 -19.88 69.86
C PRO G 370 50.02 -18.65 70.64
N PRO G 371 49.28 -18.28 71.70
CA PRO G 371 48.07 -18.94 72.20
C PRO G 371 46.76 -18.34 71.70
N SER G 372 46.72 -17.91 70.43
CA SER G 372 45.50 -17.31 69.91
C SER G 372 44.42 -18.37 69.74
N ILE G 373 43.17 -17.90 69.67
CA ILE G 373 42.04 -18.81 69.60
C ILE G 373 41.94 -19.49 68.24
N ASN G 374 42.60 -18.95 67.21
CA ASN G 374 42.75 -19.67 65.94
C ASN G 374 43.47 -20.98 66.18
N LEU G 375 44.59 -20.93 66.92
CA LEU G 375 45.34 -22.14 67.22
C LEU G 375 44.54 -23.06 68.14
N ILE G 376 43.75 -22.50 69.05
CA ILE G 376 42.94 -23.32 69.95
C ILE G 376 41.92 -24.13 69.16
N GLY G 377 41.20 -23.46 68.26
CA GLY G 377 40.23 -24.15 67.43
C GLY G 377 40.87 -25.17 66.51
N GLU G 378 41.95 -24.78 65.83
CA GLU G 378 42.66 -25.70 64.94
C GLU G 378 43.20 -26.90 65.69
N LEU G 379 43.74 -26.67 66.89
CA LEU G 379 44.27 -27.74 67.71
C LEU G 379 43.18 -28.71 68.13
N PHE G 380 42.04 -28.20 68.59
CA PHE G 380 40.97 -29.07 69.05
C PHE G 380 40.40 -29.91 67.93
N VAL G 381 40.25 -29.31 66.73
CA VAL G 381 39.82 -30.08 65.56
C VAL G 381 40.85 -31.14 65.23
N VAL G 382 42.14 -30.83 65.40
CA VAL G 382 43.20 -31.80 65.13
C VAL G 382 43.13 -32.98 66.09
N MET G 383 42.90 -32.71 67.39
CA MET G 383 42.77 -33.80 68.37
C MET G 383 41.60 -34.70 68.03
N SER G 384 40.46 -34.08 67.71
CA SER G 384 39.25 -34.85 67.41
C SER G 384 39.41 -35.69 66.14
N THR G 385 40.03 -35.12 65.11
CA THR G 385 40.22 -35.88 63.87
C THR G 385 41.26 -36.97 64.03
N PHE G 386 42.25 -36.76 64.91
CA PHE G 386 43.18 -37.84 65.22
C PHE G 386 42.47 -38.98 65.95
N SER G 387 41.52 -38.63 66.83
CA SER G 387 40.69 -39.66 67.44
C SER G 387 39.82 -40.36 66.41
N TRP G 388 39.38 -39.64 65.38
CA TRP G 388 38.56 -40.25 64.32
C TRP G 388 39.37 -41.26 63.52
N SER G 389 40.55 -40.87 63.05
CA SER G 389 41.43 -41.75 62.30
C SER G 389 42.85 -41.21 62.42
N ASN G 390 43.83 -42.06 62.08
CA ASN G 390 45.21 -41.67 62.29
C ASN G 390 45.79 -40.89 61.12
N ILE G 391 45.61 -41.39 59.88
CA ILE G 391 46.23 -40.78 58.71
C ILE G 391 45.72 -39.37 58.46
N THR G 392 44.58 -39.00 59.07
CA THR G 392 44.07 -37.63 59.01
C THR G 392 45.10 -36.62 59.48
N ILE G 393 45.97 -37.00 60.43
CA ILE G 393 46.98 -36.06 60.92
C ILE G 393 47.90 -35.61 59.79
N ILE G 394 48.16 -36.50 58.82
CA ILE G 394 48.93 -36.12 57.64
C ILE G 394 48.22 -35.00 56.89
N LEU G 395 46.92 -35.21 56.64
CA LEU G 395 46.11 -34.19 55.98
C LEU G 395 45.97 -32.93 56.82
N MET G 396 46.22 -33.03 58.13
CA MET G 396 46.31 -31.81 58.92
C MET G 396 47.67 -31.19 58.77
N GLY G 397 48.72 -32.00 58.91
CA GLY G 397 50.07 -31.45 59.06
C GLY G 397 50.54 -30.74 57.82
N LEU G 398 50.29 -31.33 56.64
CA LEU G 398 50.60 -30.69 55.38
C LEU G 398 49.89 -29.35 55.27
N ASN G 399 48.62 -29.30 55.70
CA ASN G 399 47.90 -28.03 55.72
C ASN G 399 48.58 -27.02 56.62
N MET G 400 49.07 -27.48 57.79
CA MET G 400 49.80 -26.63 58.71
C MET G 400 51.05 -26.03 58.09
N VAL G 401 51.61 -26.68 57.06
CA VAL G 401 52.67 -26.04 56.30
C VAL G 401 52.09 -25.00 55.36
N ILE G 402 51.15 -25.42 54.50
CA ILE G 402 50.76 -24.63 53.33
C ILE G 402 50.11 -23.33 53.75
N THR G 403 49.36 -23.35 54.86
CA THR G 403 48.77 -22.14 55.42
C THR G 403 49.82 -21.07 55.66
N ALA G 404 50.88 -21.43 56.41
CA ALA G 404 51.96 -20.48 56.62
C ALA G 404 52.62 -20.12 55.30
N LEU G 405 52.73 -21.10 54.40
CA LEU G 405 53.38 -20.88 53.12
C LEU G 405 52.65 -19.86 52.26
N TYR G 406 51.38 -19.57 52.53
CA TYR G 406 50.83 -18.42 51.84
C TYR G 406 50.77 -17.19 52.72
N SER G 407 50.58 -17.36 54.04
CA SER G 407 50.35 -16.21 54.91
C SER G 407 51.56 -15.30 54.94
N LEU G 408 52.73 -15.87 55.23
CA LEU G 408 53.97 -15.11 55.17
C LEU G 408 54.27 -14.67 53.74
N TYR G 409 53.85 -15.46 52.74
CA TYR G 409 53.96 -15.01 51.36
C TYR G 409 53.13 -13.75 51.15
N MET G 410 51.91 -13.73 51.68
CA MET G 410 51.10 -12.53 51.68
C MET G 410 51.75 -11.41 52.48
N LEU G 411 52.56 -11.77 53.46
CA LEU G 411 53.29 -10.76 54.21
C LEU G 411 54.46 -10.18 53.41
N ILE G 412 55.05 -10.96 52.50
CA ILE G 412 56.29 -10.52 51.88
C ILE G 412 56.01 -9.59 50.71
N THR G 413 55.28 -10.06 49.71
CA THR G 413 55.11 -9.32 48.47
C THR G 413 54.32 -8.03 48.65
N THR G 414 53.56 -7.91 49.72
CA THR G 414 52.87 -6.66 50.00
C THR G 414 53.65 -5.72 50.91
N GLN G 415 54.66 -6.21 51.62
CA GLN G 415 55.33 -5.38 52.62
C GLN G 415 56.84 -5.37 52.53
N ARG G 416 57.49 -6.38 51.94
CA ARG G 416 58.93 -6.49 51.99
C ARG G 416 59.50 -6.41 50.58
N GLY G 417 60.77 -6.03 50.51
CA GLY G 417 61.47 -5.83 49.26
C GLY G 417 61.65 -4.36 48.92
N LYS G 418 62.00 -4.12 47.66
CA LYS G 418 62.15 -2.76 47.16
C LYS G 418 60.80 -2.26 46.68
N HIS G 419 60.46 -1.02 47.04
CA HIS G 419 59.16 -0.47 46.71
C HIS G 419 59.05 -0.18 45.21
N THR G 420 57.81 -0.08 44.74
CA THR G 420 57.57 0.29 43.36
C THR G 420 57.90 1.77 43.15
N HIS G 421 58.67 2.05 42.10
CA HIS G 421 59.18 3.41 41.91
C HIS G 421 58.09 4.36 41.44
N HIS G 422 57.27 3.95 40.48
CA HIS G 422 56.36 4.89 39.85
C HIS G 422 55.08 5.15 40.65
N ILE G 423 54.84 4.42 41.72
CA ILE G 423 53.68 4.65 42.58
C ILE G 423 54.10 5.63 43.67
N ASN G 424 53.62 6.87 43.56
CA ASN G 424 54.01 7.93 44.48
C ASN G 424 52.82 8.58 45.17
N ASN G 425 51.70 7.87 45.27
CA ASN G 425 50.53 8.37 45.99
C ASN G 425 50.27 7.58 47.27
N ILE G 426 51.34 7.11 47.91
CA ILE G 426 51.21 6.38 49.16
C ILE G 426 51.11 7.37 50.31
N LEU G 427 49.89 7.77 50.64
CA LEU G 427 49.65 8.69 51.73
C LEU G 427 49.92 8.01 53.07
N PRO G 428 50.24 8.78 54.10
CA PRO G 428 50.40 8.20 55.44
C PRO G 428 49.07 7.68 55.97
N SER G 429 49.17 6.74 56.90
CA SER G 429 47.98 6.03 57.39
C SER G 429 47.10 6.96 58.21
N PHE G 430 45.80 6.95 57.90
CA PHE G 430 44.84 7.75 58.63
C PHE G 430 44.62 7.18 60.02
N THR G 431 44.02 8.00 60.89
CA THR G 431 43.61 7.51 62.20
C THR G 431 42.44 6.54 62.09
N ARG G 432 41.60 6.70 61.08
CA ARG G 432 40.43 5.84 60.91
C ARG G 432 40.83 4.40 60.61
N GLU G 433 41.79 4.22 59.70
CA GLU G 433 42.23 2.87 59.33
C GLU G 433 42.93 2.19 60.51
N ASN G 434 43.77 2.92 61.23
CA ASN G 434 44.45 2.35 62.38
C ASN G 434 43.47 2.00 63.50
N ALA G 435 42.46 2.86 63.71
CA ALA G 435 41.43 2.56 64.70
C ALA G 435 40.63 1.33 64.30
N LEU G 436 40.34 1.18 63.00
CA LEU G 436 39.64 0.00 62.51
C LEU G 436 40.47 -1.27 62.74
N MET G 437 41.77 -1.20 62.48
CA MET G 437 42.63 -2.35 62.70
C MET G 437 42.70 -2.72 64.17
N SER G 438 42.83 -1.73 65.05
CA SER G 438 42.90 -2.00 66.48
C SER G 438 41.60 -2.56 67.02
N LEU G 439 40.46 -2.02 66.56
CA LEU G 439 39.16 -2.54 66.99
C LEU G 439 38.92 -3.94 66.44
N HIS G 440 39.53 -4.29 65.31
CA HIS G 440 39.43 -5.66 64.84
C HIS G 440 40.30 -6.60 65.65
N MET G 441 41.50 -6.15 66.05
CA MET G 441 42.48 -7.09 66.58
C MET G 441 42.46 -7.23 68.10
N LEU G 442 42.37 -6.12 68.83
CA LEU G 442 42.42 -6.17 70.30
C LEU G 442 41.37 -7.07 70.94
N PRO G 443 40.10 -7.14 70.48
CA PRO G 443 39.21 -8.18 71.02
C PRO G 443 39.71 -9.60 70.83
N LEU G 444 40.42 -9.90 69.73
CA LEU G 444 40.91 -11.25 69.50
C LEU G 444 41.99 -11.63 70.51
N LEU G 445 42.97 -10.74 70.70
CA LEU G 445 44.03 -10.99 71.68
C LEU G 445 43.49 -10.98 73.10
N LEU G 446 42.45 -10.19 73.37
CA LEU G 446 41.81 -10.25 74.68
C LEU G 446 41.03 -11.54 74.88
N LEU G 447 40.43 -12.06 73.81
CA LEU G 447 39.75 -13.36 73.87
C LEU G 447 40.73 -14.50 74.07
N SER G 448 41.99 -14.31 73.70
CA SER G 448 43.02 -15.30 74.03
C SER G 448 43.25 -15.42 75.54
N LEU G 449 42.89 -14.40 76.32
CA LEU G 449 43.06 -14.47 77.77
C LEU G 449 41.96 -15.29 78.44
N ASN G 450 40.71 -15.12 77.99
CA ASN G 450 39.56 -15.82 78.56
C ASN G 450 38.78 -16.48 77.43
N PRO G 451 39.24 -17.64 76.94
CA PRO G 451 38.58 -18.26 75.79
C PRO G 451 37.33 -19.07 76.15
N LYS G 452 37.08 -19.32 77.43
CA LYS G 452 35.99 -20.21 77.85
C LYS G 452 34.61 -19.70 77.50
N ILE G 453 34.48 -18.41 77.12
CA ILE G 453 33.19 -17.87 76.71
C ILE G 453 32.87 -18.13 75.25
N ILE G 454 33.80 -18.72 74.48
CA ILE G 454 33.51 -19.02 73.08
C ILE G 454 33.67 -20.50 72.77
N LEU G 455 33.73 -21.35 73.78
CA LEU G 455 33.99 -22.77 73.58
C LEU G 455 32.73 -23.62 73.45
N GLY G 456 31.63 -23.03 72.98
CA GLY G 456 30.45 -23.81 72.67
C GLY G 456 29.57 -24.10 73.87
N PRO G 457 28.44 -24.76 73.62
CA PRO G 457 27.47 -25.01 74.69
C PRO G 457 27.80 -26.23 75.54
N LEU G 458 28.78 -27.04 75.15
CA LEU G 458 29.13 -28.24 75.88
C LEU G 458 30.54 -28.14 76.49
N TYR G 459 30.99 -26.91 76.73
CA TYR G 459 32.25 -26.64 77.41
C TYR G 459 32.23 -27.17 78.84
N MET H 1 -13.73 5.85 22.42
CA MET H 1 -14.84 5.25 23.13
C MET H 1 -15.44 6.23 24.13
N ASN H 2 -16.77 6.29 24.18
CA ASN H 2 -17.45 7.15 25.13
C ASN H 2 -17.18 6.67 26.56
N PRO H 3 -17.03 7.59 27.51
CA PRO H 3 -16.89 7.18 28.92
C PRO H 3 -18.09 6.40 29.45
N ILE H 4 -19.30 6.79 29.05
CA ILE H 4 -20.50 6.08 29.49
C ILE H 4 -20.51 4.66 28.94
N ILE H 5 -20.17 4.51 27.66
CA ILE H 5 -20.17 3.19 27.03
C ILE H 5 -19.07 2.31 27.61
N LEU H 6 -17.91 2.90 27.88
CA LEU H 6 -16.82 2.15 28.52
C LEU H 6 -17.21 1.70 29.92
N ILE H 7 -17.88 2.57 30.67
CA ILE H 7 -18.35 2.21 32.01
C ILE H 7 -19.37 1.09 31.94
N ILE H 8 -20.31 1.17 30.99
CA ILE H 8 -21.35 0.15 30.84
C ILE H 8 -20.72 -1.19 30.46
N ILE H 9 -19.72 -1.16 29.58
CA ILE H 9 -19.04 -2.38 29.17
C ILE H 9 -18.26 -3.00 30.33
N LEU H 10 -17.61 -2.16 31.15
CA LEU H 10 -16.89 -2.69 32.31
C LEU H 10 -17.83 -3.30 33.34
N MET H 11 -18.98 -2.65 33.59
CA MET H 11 -19.97 -3.27 34.48
C MET H 11 -20.58 -4.52 33.85
N THR H 12 -20.61 -4.62 32.53
CA THR H 12 -21.07 -5.86 31.90
C THR H 12 -20.07 -6.99 32.14
N VAL H 13 -18.78 -6.69 32.07
CA VAL H 13 -17.74 -7.68 32.39
C VAL H 13 -17.88 -8.14 33.83
N MET H 14 -18.04 -7.17 34.74
CA MET H 14 -18.21 -7.48 36.16
C MET H 14 -19.47 -8.29 36.41
N LEU H 15 -20.56 -7.95 35.73
CA LEU H 15 -21.82 -8.67 35.86
C LEU H 15 -21.70 -10.09 35.35
N GLY H 16 -20.97 -10.31 34.25
CA GLY H 16 -20.77 -11.65 33.75
C GLY H 16 -19.99 -12.52 34.71
N THR H 17 -18.90 -11.97 35.27
CA THR H 17 -18.13 -12.73 36.26
C THR H 17 -18.95 -13.02 37.51
N ILE H 18 -19.74 -12.04 37.97
CA ILE H 18 -20.59 -12.24 39.14
C ILE H 18 -21.66 -13.29 38.85
N ILE H 19 -22.20 -13.30 37.63
CA ILE H 19 -23.20 -14.28 37.24
C ILE H 19 -22.61 -15.68 37.26
N VAL H 20 -21.36 -15.84 36.80
CA VAL H 20 -20.70 -17.14 36.91
C VAL H 20 -20.49 -17.51 38.38
N MET H 21 -20.17 -16.52 39.22
CA MET H 21 -19.84 -16.82 40.61
C MET H 21 -21.06 -17.24 41.43
N ILE H 22 -22.20 -16.59 41.23
CA ILE H 22 -23.32 -16.72 42.16
C ILE H 22 -24.41 -17.68 41.68
N SER H 23 -24.28 -18.25 40.49
CA SER H 23 -25.35 -19.07 39.95
C SER H 23 -25.20 -20.54 40.34
N THR H 24 -26.33 -21.22 40.42
CA THR H 24 -26.39 -22.65 40.76
C THR H 24 -26.85 -23.49 39.58
N HIS H 25 -26.81 -22.95 38.37
CA HIS H 25 -27.27 -23.63 37.17
C HIS H 25 -26.17 -23.55 36.12
N TRP H 26 -25.96 -24.66 35.39
CA TRP H 26 -24.85 -24.73 34.44
C TRP H 26 -25.09 -23.80 33.25
N LEU H 27 -26.35 -23.65 32.84
CA LEU H 27 -26.69 -22.76 31.73
C LEU H 27 -26.33 -21.31 32.07
N LEU H 28 -26.53 -20.91 33.32
CA LEU H 28 -26.16 -19.55 33.72
C LEU H 28 -24.64 -19.39 33.79
N ILE H 29 -23.90 -20.44 34.10
CA ILE H 29 -22.44 -20.39 34.03
C ILE H 29 -22.00 -20.13 32.58
N TRP H 30 -22.59 -20.87 31.64
CA TRP H 30 -22.29 -20.68 30.23
C TRP H 30 -22.67 -19.27 29.76
N ILE H 31 -23.84 -18.79 30.22
CA ILE H 31 -24.32 -17.46 29.86
C ILE H 31 -23.37 -16.39 30.37
N GLY H 32 -22.90 -16.54 31.61
CA GLY H 32 -21.96 -15.57 32.15
C GLY H 32 -20.62 -15.59 31.45
N PHE H 33 -20.16 -16.78 31.02
CA PHE H 33 -18.91 -16.85 30.27
C PHE H 33 -19.03 -16.14 28.92
N GLU H 34 -20.15 -16.33 28.21
CA GLU H 34 -20.34 -15.60 26.96
C GLU H 34 -20.49 -14.11 27.19
N MET H 35 -21.16 -13.70 28.28
CA MET H 35 -21.25 -12.30 28.64
C MET H 35 -19.87 -11.70 28.84
N ASN H 36 -19.01 -12.41 29.56
CA ASN H 36 -17.66 -11.94 29.84
C ASN H 36 -16.85 -11.79 28.55
N MET H 37 -16.90 -12.79 27.68
CA MET H 37 -16.14 -12.73 26.43
C MET H 37 -16.63 -11.59 25.53
N LEU H 38 -17.96 -11.51 25.34
CA LEU H 38 -18.53 -10.52 24.44
C LEU H 38 -18.28 -9.11 24.95
N ALA H 39 -18.33 -8.90 26.27
CA ALA H 39 -18.11 -7.57 26.79
C ALA H 39 -16.63 -7.21 26.91
N ILE H 40 -15.73 -8.19 26.93
CA ILE H 40 -14.31 -7.85 27.03
C ILE H 40 -13.65 -7.71 25.66
N ILE H 41 -14.30 -8.20 24.58
CA ILE H 41 -13.74 -8.03 23.23
C ILE H 41 -13.42 -6.57 22.87
N PRO H 42 -14.30 -5.57 23.08
CA PRO H 42 -13.95 -4.20 22.65
C PRO H 42 -12.84 -3.55 23.44
N ILE H 43 -12.58 -3.97 24.67
CA ILE H 43 -11.51 -3.37 25.46
C ILE H 43 -10.16 -3.65 24.83
N MET H 44 -10.01 -4.85 24.24
CA MET H 44 -8.80 -5.18 23.50
C MET H 44 -8.71 -4.41 22.19
N MET H 45 -9.83 -3.93 21.67
CA MET H 45 -9.88 -3.13 20.45
C MET H 45 -9.99 -1.63 20.77
N LYS H 46 -9.35 -1.19 21.84
CA LYS H 46 -9.49 0.20 22.27
C LYS H 46 -8.71 1.15 21.36
N LYS H 47 -7.64 0.68 20.74
CA LYS H 47 -6.76 1.54 19.96
C LYS H 47 -6.94 1.41 18.46
N HIS H 48 -7.58 0.34 18.00
CA HIS H 48 -7.85 0.06 16.58
C HIS H 48 -6.55 0.01 15.77
N ASN H 49 -5.70 -0.93 16.14
CA ASN H 49 -4.46 -1.32 15.49
C ASN H 49 -4.63 -2.70 14.87
N PRO H 50 -3.86 -3.04 13.83
CA PRO H 50 -3.93 -4.41 13.28
C PRO H 50 -3.55 -5.48 14.29
N ARG H 51 -2.58 -5.18 15.16
CA ARG H 51 -2.18 -6.13 16.19
C ARG H 51 -3.31 -6.37 17.18
N ALA H 52 -4.07 -5.33 17.52
CA ALA H 52 -5.21 -5.50 18.41
C ALA H 52 -6.30 -6.34 17.76
N THR H 53 -6.53 -6.17 16.46
CA THR H 53 -7.53 -6.98 15.76
C THR H 53 -7.12 -8.45 15.74
N GLU H 54 -5.84 -8.72 15.46
CA GLU H 54 -5.38 -10.10 15.43
C GLU H 54 -5.42 -10.74 16.83
N ALA H 55 -5.06 -9.97 17.86
CA ALA H 55 -5.13 -10.47 19.24
C ALA H 55 -6.57 -10.77 19.63
N SER H 56 -7.50 -9.88 19.27
CA SER H 56 -8.90 -10.12 19.58
C SER H 56 -9.45 -11.32 18.82
N THR H 57 -9.00 -11.52 17.58
CA THR H 57 -9.44 -12.69 16.81
C THR H 57 -8.95 -13.99 17.45
N LYS H 58 -7.68 -14.03 17.87
CA LYS H 58 -7.15 -15.23 18.52
C LYS H 58 -7.86 -15.51 19.84
N TYR H 59 -8.08 -14.45 20.63
CA TYR H 59 -8.79 -14.60 21.90
C TYR H 59 -10.22 -15.09 21.68
N PHE H 60 -10.89 -14.56 20.66
CA PHE H 60 -12.25 -14.99 20.35
C PHE H 60 -12.29 -16.46 19.96
N LEU H 61 -11.36 -16.90 19.11
CA LEU H 61 -11.38 -18.29 18.66
C LEU H 61 -11.11 -19.26 19.81
N THR H 62 -10.12 -18.92 20.67
CA THR H 62 -9.83 -19.79 21.80
C THR H 62 -10.99 -19.84 22.79
N GLN H 63 -11.59 -18.69 23.10
CA GLN H 63 -12.71 -18.67 24.04
C GLN H 63 -13.93 -19.35 23.46
N SER H 64 -14.15 -19.26 22.15
CA SER H 64 -15.27 -19.95 21.52
C SER H 64 -15.11 -21.46 21.61
N THR H 65 -13.90 -21.97 21.33
CA THR H 65 -13.67 -23.40 21.45
C THR H 65 -13.85 -23.88 22.89
N ALA H 66 -13.35 -23.09 23.85
CA ALA H 66 -13.49 -23.45 25.26
C ALA H 66 -14.96 -23.47 25.68
N SER H 67 -15.74 -22.48 25.25
CA SER H 67 -17.15 -22.41 25.62
C SER H 67 -17.94 -23.56 24.99
N MET H 68 -17.61 -23.93 23.76
CA MET H 68 -18.28 -25.05 23.12
C MET H 68 -17.96 -26.37 23.82
N LEU H 69 -16.70 -26.57 24.22
CA LEU H 69 -16.37 -27.77 24.98
C LEU H 69 -17.06 -27.79 26.34
N LEU H 70 -17.19 -26.62 26.97
CA LEU H 70 -17.91 -26.52 28.23
C LEU H 70 -19.38 -26.90 28.06
N MET H 71 -20.00 -26.46 26.96
CA MET H 71 -21.40 -26.81 26.73
C MET H 71 -21.55 -28.29 26.44
N MET H 72 -20.57 -28.90 25.74
CA MET H 72 -20.60 -30.34 25.52
C MET H 72 -20.53 -31.10 26.83
N ALA H 73 -19.67 -30.65 27.75
CA ALA H 73 -19.57 -31.29 29.06
C ALA H 73 -20.86 -31.14 29.86
N ILE H 74 -21.48 -29.95 29.78
CA ILE H 74 -22.75 -29.72 30.47
C ILE H 74 -23.84 -30.63 29.92
N ILE H 75 -23.88 -30.81 28.61
CA ILE H 75 -24.91 -31.65 27.99
C ILE H 75 -24.69 -33.12 28.33
N ILE H 76 -23.43 -33.56 28.36
CA ILE H 76 -23.14 -34.96 28.74
C ILE H 76 -23.55 -35.21 30.19
N ASN H 77 -23.23 -34.27 31.08
CA ASN H 77 -23.65 -34.41 32.48
C ASN H 77 -25.17 -34.36 32.62
N LEU H 78 -25.84 -33.58 31.77
CA LEU H 78 -27.30 -33.58 31.75
C LEU H 78 -27.85 -34.95 31.38
N MET H 79 -27.26 -35.57 30.34
CA MET H 79 -27.74 -36.87 29.91
C MET H 79 -27.51 -37.93 30.99
N PHE H 80 -26.34 -37.94 31.59
CA PHE H 80 -26.00 -38.99 32.54
C PHE H 80 -26.42 -38.69 33.97
N SER H 81 -27.00 -37.51 34.25
CA SER H 81 -27.43 -37.18 35.59
C SER H 81 -28.83 -36.57 35.68
N GLY H 82 -29.36 -36.00 34.60
CA GLY H 82 -30.72 -35.47 34.64
C GLY H 82 -30.93 -34.24 35.50
N GLN H 83 -29.89 -33.44 35.71
CA GLN H 83 -30.00 -32.25 36.55
C GLN H 83 -28.95 -31.25 36.12
N TRP H 84 -29.12 -30.01 36.57
CA TRP H 84 -28.24 -28.90 36.18
C TRP H 84 -27.51 -28.24 37.33
N THR H 85 -27.58 -28.79 38.54
CA THR H 85 -27.02 -28.13 39.71
C THR H 85 -25.49 -28.12 39.63
N VAL H 86 -24.90 -26.94 39.87
CA VAL H 86 -23.44 -26.79 39.79
C VAL H 86 -22.84 -27.48 41.00
N MET H 87 -22.36 -28.70 40.78
CA MET H 87 -21.76 -29.55 41.79
C MET H 87 -20.91 -30.58 41.05
N LYS H 88 -20.53 -31.66 41.72
CA LYS H 88 -19.73 -32.69 41.09
C LYS H 88 -20.43 -33.28 39.87
N LEU H 89 -19.64 -33.60 38.84
CA LEU H 89 -20.16 -34.16 37.62
C LEU H 89 -20.28 -35.67 37.73
N PHE H 90 -21.18 -36.24 36.94
CA PHE H 90 -21.51 -37.65 37.04
C PHE H 90 -21.11 -38.43 35.79
N ASN H 91 -20.01 -38.01 35.15
CA ASN H 91 -19.43 -38.75 34.06
C ASN H 91 -17.96 -38.34 33.98
N PRO H 92 -17.04 -39.29 33.91
CA PRO H 92 -15.62 -38.93 33.74
C PRO H 92 -15.33 -38.19 32.45
N MET H 93 -16.05 -38.50 31.37
CA MET H 93 -15.84 -37.81 30.10
C MET H 93 -16.25 -36.35 30.19
N ALA H 94 -17.36 -36.07 30.86
CA ALA H 94 -17.79 -34.68 31.05
C ALA H 94 -16.82 -33.92 31.94
N SER H 95 -16.29 -34.60 32.97
CA SER H 95 -15.30 -33.97 33.84
C SER H 95 -14.03 -33.64 33.09
N MET H 96 -13.57 -34.56 32.23
CA MET H 96 -12.38 -34.31 31.43
C MET H 96 -12.61 -33.16 30.45
N LEU H 97 -13.76 -33.15 29.77
CA LEU H 97 -14.07 -32.08 28.83
C LEU H 97 -14.13 -30.72 29.52
N MET H 98 -14.79 -30.66 30.68
CA MET H 98 -14.88 -29.41 31.42
C MET H 98 -13.52 -28.96 31.94
N THR H 99 -12.68 -29.91 32.38
CA THR H 99 -11.35 -29.55 32.88
C THR H 99 -10.48 -28.98 31.79
N MET H 100 -10.46 -29.60 30.60
CA MET H 100 -9.68 -29.00 29.52
C MET H 100 -10.30 -27.71 29.00
N ALA H 101 -11.63 -27.56 29.09
CA ALA H 101 -12.24 -26.28 28.70
C ALA H 101 -11.81 -25.16 29.62
N LEU H 102 -11.81 -25.40 30.93
CA LEU H 102 -11.37 -24.38 31.87
C LEU H 102 -9.86 -24.18 31.82
N ALA H 103 -9.10 -25.20 31.44
CA ALA H 103 -7.67 -25.03 31.22
C ALA H 103 -7.40 -24.16 30.00
N MET H 104 -8.19 -24.32 28.93
CA MET H 104 -8.08 -23.43 27.78
C MET H 104 -8.48 -22.00 28.15
N LYS H 105 -9.48 -21.86 29.02
CA LYS H 105 -9.89 -20.53 29.45
C LYS H 105 -8.83 -19.86 30.32
N LEU H 106 -8.18 -20.61 31.19
CA LEU H 106 -7.18 -20.03 32.09
C LEU H 106 -5.81 -19.84 31.44
N GLY H 107 -5.57 -20.44 30.27
CA GLY H 107 -4.27 -20.33 29.66
C GLY H 107 -3.26 -21.35 30.14
N MET H 108 -3.72 -22.47 30.69
CA MET H 108 -2.83 -23.54 31.13
C MET H 108 -2.15 -24.20 29.94
N ALA H 109 -0.89 -24.57 30.12
CA ALA H 109 -0.19 -25.34 29.10
C ALA H 109 -0.79 -26.74 29.02
N PRO H 110 -0.86 -27.36 27.83
CA PRO H 110 -0.42 -26.88 26.51
C PRO H 110 -1.49 -26.14 25.70
N PHE H 111 -2.35 -25.38 26.39
CA PHE H 111 -3.27 -24.46 25.74
C PHE H 111 -2.86 -23.02 25.97
N HIS H 112 -1.59 -22.79 26.30
CA HIS H 112 -1.09 -21.50 26.73
C HIS H 112 -0.74 -20.56 25.59
N PHE H 113 -0.76 -21.05 24.33
CA PHE H 113 -0.12 -20.36 23.22
C PHE H 113 -0.73 -18.99 22.93
N TRP H 114 -1.98 -18.75 23.34
CA TRP H 114 -2.58 -17.45 23.10
C TRP H 114 -2.17 -16.41 24.12
N VAL H 115 -1.76 -16.81 25.32
CA VAL H 115 -1.50 -15.85 26.40
C VAL H 115 -0.31 -14.93 26.11
N PRO H 116 0.89 -15.40 25.70
CA PRO H 116 1.92 -14.43 25.33
C PRO H 116 1.64 -13.70 24.03
N GLU H 117 0.84 -14.30 23.14
CA GLU H 117 0.44 -13.63 21.92
C GLU H 117 -0.46 -12.44 22.23
N VAL H 118 -1.63 -12.73 22.80
CA VAL H 118 -2.71 -11.75 22.94
C VAL H 118 -2.29 -10.58 23.80
N THR H 119 -1.62 -10.86 24.93
CA THR H 119 -1.18 -9.81 25.85
C THR H 119 -0.20 -8.86 25.20
N GLN H 120 0.54 -9.31 24.19
CA GLN H 120 1.44 -8.41 23.49
C GLN H 120 0.69 -7.41 22.63
N GLY H 121 -0.45 -7.80 22.07
CA GLY H 121 -1.14 -6.96 21.11
C GLY H 121 -2.18 -6.02 21.66
N ILE H 122 -2.35 -5.94 22.97
CA ILE H 122 -3.41 -5.13 23.58
C ILE H 122 -2.74 -4.15 24.54
N PRO H 123 -3.42 -3.04 24.86
CA PRO H 123 -2.84 -2.07 25.82
C PRO H 123 -2.63 -2.65 27.20
N LEU H 124 -1.93 -1.86 28.03
CA LEU H 124 -1.52 -2.34 29.35
C LEU H 124 -2.71 -2.51 30.29
N SER H 125 -3.66 -1.58 30.26
CA SER H 125 -4.83 -1.68 31.12
C SER H 125 -5.69 -2.89 30.75
N SER H 126 -5.88 -3.12 29.45
CA SER H 126 -6.64 -4.29 29.02
C SER H 126 -5.91 -5.59 29.33
N GLY H 127 -4.58 -5.58 29.23
CA GLY H 127 -3.82 -6.76 29.62
C GLY H 127 -3.92 -7.06 31.10
N LEU H 128 -3.91 -6.01 31.93
CA LEU H 128 -4.12 -6.19 33.36
C LEU H 128 -5.51 -6.73 33.65
N ILE H 129 -6.52 -6.19 32.96
CA ILE H 129 -7.90 -6.64 33.13
C ILE H 129 -8.03 -8.11 32.76
N LEU H 130 -7.41 -8.52 31.66
CA LEU H 130 -7.34 -9.92 31.25
C LEU H 130 -6.72 -10.76 32.36
N LEU H 131 -5.42 -10.55 32.60
CA LEU H 131 -4.61 -11.41 33.44
C LEU H 131 -5.02 -11.42 34.90
N THR H 132 -5.85 -10.48 35.35
CA THR H 132 -6.35 -10.53 36.72
C THR H 132 -7.83 -10.89 36.79
N TRP H 133 -8.71 -10.15 36.11
CA TRP H 133 -10.14 -10.37 36.29
C TRP H 133 -10.65 -11.59 35.54
N GLN H 134 -10.06 -11.96 34.39
CA GLN H 134 -10.61 -13.08 33.62
C GLN H 134 -10.35 -14.43 34.26
N LYS H 135 -9.55 -14.46 35.32
CA LYS H 135 -9.15 -15.70 35.96
C LYS H 135 -9.93 -15.97 37.23
N LEU H 136 -10.93 -15.15 37.53
CA LEU H 136 -11.74 -15.34 38.74
C LEU H 136 -12.83 -16.38 38.51
N ALA H 137 -13.62 -16.21 37.47
CA ALA H 137 -14.73 -17.12 37.19
C ALA H 137 -14.30 -18.56 36.89
N PRO H 138 -13.32 -18.84 36.00
CA PRO H 138 -12.93 -20.26 35.81
C PRO H 138 -12.35 -20.89 37.06
N MET H 139 -11.69 -20.12 37.91
CA MET H 139 -11.20 -20.67 39.17
C MET H 139 -12.34 -21.01 40.11
N SER H 140 -13.41 -20.21 40.10
CA SER H 140 -14.60 -20.56 40.88
C SER H 140 -15.25 -21.84 40.37
N VAL H 141 -15.34 -21.99 39.05
CA VAL H 141 -15.93 -23.20 38.48
C VAL H 141 -15.06 -24.42 38.80
N LEU H 142 -13.73 -24.25 38.77
CA LEU H 142 -12.84 -25.33 39.18
C LEU H 142 -12.97 -25.63 40.66
N TYR H 143 -13.25 -24.61 41.48
CA TYR H 143 -13.46 -24.82 42.91
C TYR H 143 -14.70 -25.66 43.17
N GLN H 144 -15.76 -25.44 42.39
CA GLN H 144 -17.01 -26.15 42.68
C GLN H 144 -17.03 -27.61 42.23
N ILE H 145 -16.13 -28.02 41.34
CA ILE H 145 -16.23 -29.34 40.74
C ILE H 145 -15.05 -30.23 41.12
N LEU H 146 -14.29 -29.87 42.16
CA LEU H 146 -13.12 -30.66 42.57
C LEU H 146 -13.40 -32.10 43.04
N PRO H 147 -14.59 -32.49 43.51
CA PRO H 147 -14.84 -33.93 43.72
C PRO H 147 -14.78 -34.77 42.44
N SER H 148 -14.97 -34.18 41.26
CA SER H 148 -14.96 -34.92 40.01
C SER H 148 -13.73 -34.66 39.16
N ILE H 149 -12.76 -33.88 39.66
CA ILE H 149 -11.58 -33.57 38.89
C ILE H 149 -10.60 -34.73 38.96
N ASN H 150 -10.14 -35.19 37.79
CA ASN H 150 -9.10 -36.21 37.75
C ASN H 150 -7.78 -35.64 38.24
N LEU H 151 -7.13 -36.36 39.15
CA LEU H 151 -5.90 -35.86 39.76
C LEU H 151 -4.75 -35.87 38.76
N ASP H 152 -4.67 -36.91 37.93
CA ASP H 152 -3.58 -37.05 36.97
C ASP H 152 -3.57 -35.91 35.98
N LEU H 153 -4.76 -35.57 35.44
CA LEU H 153 -4.87 -34.52 34.44
C LEU H 153 -4.52 -33.15 35.02
N ILE H 154 -5.03 -32.85 36.21
CA ILE H 154 -4.82 -31.52 36.78
C ILE H 154 -3.37 -31.35 37.22
N LEU H 155 -2.74 -32.42 37.72
CA LEU H 155 -1.33 -32.29 38.10
C LEU H 155 -0.42 -32.24 36.87
N THR H 156 -0.77 -32.95 35.80
CA THR H 156 -0.02 -32.84 34.56
C THR H 156 -0.12 -31.43 33.98
N LEU H 157 -1.31 -30.85 33.99
CA LEU H 157 -1.48 -29.48 33.52
C LEU H 157 -0.71 -28.49 34.40
N SER H 158 -0.68 -28.72 35.71
CA SER H 158 0.03 -27.83 36.61
C SER H 158 1.54 -27.85 36.36
N ILE H 159 2.13 -29.06 36.27
CA ILE H 159 3.57 -29.11 36.06
C ILE H 159 3.95 -28.62 34.66
N LEU H 160 3.11 -28.89 33.65
CA LEU H 160 3.38 -28.38 32.32
C LEU H 160 3.30 -26.86 32.29
N SER H 161 2.31 -26.28 32.98
CA SER H 161 2.17 -24.83 33.02
C SER H 161 3.36 -24.18 33.70
N ILE H 162 3.81 -24.75 34.81
CA ILE H 162 4.94 -24.17 35.55
C ILE H 162 6.22 -24.23 34.72
N THR H 163 6.50 -25.40 34.14
CA THR H 163 7.73 -25.58 33.37
C THR H 163 7.73 -24.70 32.12
N ILE H 164 6.61 -24.67 31.40
CA ILE H 164 6.52 -23.91 30.16
C ILE H 164 6.55 -22.42 30.45
N GLY H 165 5.90 -21.98 31.54
CA GLY H 165 5.96 -20.57 31.90
C GLY H 165 7.36 -20.10 32.25
N GLY H 166 8.09 -20.91 33.03
CA GLY H 166 9.47 -20.53 33.33
C GLY H 166 10.35 -20.49 32.10
N TRP H 167 10.28 -21.54 31.28
CA TRP H 167 11.12 -21.61 30.08
C TRP H 167 10.71 -20.60 29.03
N GLY H 168 9.48 -20.10 29.07
CA GLY H 168 9.06 -19.07 28.14
C GLY H 168 9.48 -17.69 28.61
N GLY H 169 9.32 -17.41 29.89
CA GLY H 169 9.77 -16.14 30.43
C GLY H 169 11.27 -15.98 30.45
N LEU H 170 12.01 -17.09 30.32
CA LEU H 170 13.47 -17.00 30.26
C LEU H 170 13.98 -16.27 29.02
N ASN H 171 13.16 -16.10 27.98
CA ASN H 171 13.64 -15.65 26.69
C ASN H 171 13.24 -14.23 26.31
N GLN H 172 12.15 -13.70 26.87
CA GLN H 172 11.54 -12.49 26.34
C GLN H 172 12.32 -11.25 26.73
N THR H 173 12.13 -10.19 25.94
CA THR H 173 12.55 -8.84 26.27
C THR H 173 11.37 -7.92 26.59
N GLN H 174 10.21 -8.20 26.00
CA GLN H 174 9.02 -7.40 26.24
C GLN H 174 8.41 -7.70 27.60
N LEU H 175 7.86 -6.67 28.23
CA LEU H 175 7.35 -6.81 29.58
C LEU H 175 6.04 -7.59 29.61
N ARG H 176 5.18 -7.38 28.60
CA ARG H 176 3.87 -8.01 28.60
C ARG H 176 3.96 -9.52 28.40
N LYS H 177 4.89 -9.97 27.54
CA LYS H 177 5.11 -11.41 27.39
C LYS H 177 5.69 -12.03 28.65
N ILE H 178 6.55 -11.28 29.35
CA ILE H 178 7.10 -11.75 30.62
C ILE H 178 5.99 -11.93 31.65
N MET H 179 5.08 -10.96 31.73
CA MET H 179 3.95 -11.09 32.65
C MET H 179 3.03 -12.23 32.24
N ALA H 180 2.88 -12.49 30.95
CA ALA H 180 2.05 -13.60 30.48
C ALA H 180 2.63 -14.95 30.91
N TYR H 181 3.94 -15.15 30.70
CA TYR H 181 4.55 -16.41 31.09
C TYR H 181 4.59 -16.57 32.60
N SER H 182 4.79 -15.46 33.33
CA SER H 182 4.70 -15.48 34.78
C SER H 182 3.30 -15.87 35.24
N SER H 183 2.28 -15.38 34.54
CA SER H 183 0.91 -15.77 34.84
C SER H 183 0.71 -17.26 34.64
N ILE H 184 1.26 -17.82 33.55
CA ILE H 184 1.11 -19.25 33.28
C ILE H 184 1.74 -20.07 34.40
N ALA H 185 2.94 -19.68 34.84
CA ALA H 185 3.60 -20.39 35.93
C ALA H 185 2.80 -20.29 37.23
N HIS H 186 2.25 -19.10 37.50
CA HIS H 186 1.49 -18.91 38.73
C HIS H 186 0.21 -19.73 38.74
N MET H 187 -0.45 -19.88 37.59
CA MET H 187 -1.66 -20.72 37.59
C MET H 187 -1.31 -22.20 37.67
N GLY H 188 -0.14 -22.60 37.18
CA GLY H 188 0.35 -23.93 37.49
C GLY H 188 0.50 -24.15 38.99
N TRP H 189 1.04 -23.14 39.69
CA TRP H 189 1.15 -23.20 41.15
C TRP H 189 -0.23 -23.30 41.81
N MET H 190 -1.19 -22.51 41.33
CA MET H 190 -2.51 -22.47 41.97
C MET H 190 -3.30 -23.76 41.72
N THR H 191 -3.18 -24.34 40.54
CA THR H 191 -3.89 -25.58 40.27
C THR H 191 -3.19 -26.82 40.81
N ALA H 192 -1.91 -26.72 41.17
CA ALA H 192 -1.23 -27.87 41.75
C ALA H 192 -1.74 -28.23 43.14
N VAL H 193 -2.33 -27.27 43.86
CA VAL H 193 -2.75 -27.47 45.24
C VAL H 193 -4.27 -27.56 45.37
N LEU H 194 -5.00 -27.52 44.26
CA LEU H 194 -6.46 -27.40 44.30
C LEU H 194 -7.13 -28.60 44.95
N LEU H 195 -6.69 -29.81 44.59
CA LEU H 195 -7.35 -31.00 45.11
C LEU H 195 -6.98 -31.32 46.55
N TYR H 196 -5.95 -30.67 47.08
CA TYR H 196 -5.54 -30.91 48.46
C TYR H 196 -6.15 -29.89 49.42
N ASN H 197 -6.06 -28.61 49.10
CA ASN H 197 -6.63 -27.55 49.91
C ASN H 197 -6.93 -26.35 49.04
N PRO H 198 -8.21 -26.10 48.71
CA PRO H 198 -8.53 -24.96 47.82
C PRO H 198 -8.41 -23.60 48.49
N THR H 199 -8.29 -23.54 49.81
CA THR H 199 -8.03 -22.26 50.48
C THR H 199 -6.68 -21.69 50.06
N MET H 200 -5.69 -22.57 49.86
CA MET H 200 -4.41 -22.11 49.34
C MET H 200 -4.52 -21.63 47.91
N THR H 201 -5.41 -22.24 47.12
CA THR H 201 -5.68 -21.74 45.78
C THR H 201 -6.25 -20.33 45.83
N LEU H 202 -7.19 -20.09 46.76
CA LEU H 202 -7.74 -18.74 46.93
C LEU H 202 -6.68 -17.74 47.37
N LEU H 203 -5.82 -18.15 48.30
CA LEU H 203 -4.77 -17.27 48.81
C LEU H 203 -3.76 -16.93 47.71
N ASN H 204 -3.35 -17.93 46.93
CA ASN H 204 -2.42 -17.69 45.83
C ASN H 204 -3.05 -16.85 44.73
N LEU H 205 -4.36 -17.03 44.50
CA LEU H 205 -5.07 -16.20 43.54
C LEU H 205 -5.07 -14.74 43.96
N ILE H 206 -5.36 -14.49 45.25
CA ILE H 206 -5.39 -13.12 45.76
C ILE H 206 -4.01 -12.47 45.69
N ILE H 207 -2.97 -13.21 46.12
CA ILE H 207 -1.61 -12.67 46.11
C ILE H 207 -1.14 -12.39 44.68
N TYR H 208 -1.43 -13.31 43.76
CA TYR H 208 -1.08 -13.11 42.36
C TYR H 208 -1.80 -11.92 41.76
N ILE H 209 -3.08 -11.73 42.12
CA ILE H 209 -3.84 -10.60 41.62
C ILE H 209 -3.24 -9.29 42.11
N ILE H 210 -2.87 -9.22 43.39
CA ILE H 210 -2.28 -8.01 43.94
C ILE H 210 -0.94 -7.71 43.28
N MET H 211 -0.10 -8.73 43.09
CA MET H 211 1.21 -8.52 42.49
C MET H 211 1.12 -8.09 41.03
N THR H 212 0.24 -8.75 40.26
CA THR H 212 0.08 -8.38 38.85
C THR H 212 -0.51 -6.98 38.73
N SER H 213 -1.44 -6.62 39.62
CA SER H 213 -2.00 -5.27 39.63
C SER H 213 -0.91 -4.24 39.93
N THR H 214 -0.04 -4.53 40.89
CA THR H 214 1.02 -3.58 41.23
C THR H 214 2.00 -3.40 40.07
N MET H 215 2.40 -4.51 39.44
CA MET H 215 3.36 -4.42 38.34
C MET H 215 2.78 -3.71 37.13
N PHE H 216 1.53 -4.02 36.77
CA PHE H 216 0.91 -3.35 35.63
C PHE H 216 0.62 -1.89 35.93
N THR H 217 0.27 -1.55 37.16
CA THR H 217 0.09 -0.16 37.54
C THR H 217 1.41 0.61 37.45
N LEU H 218 2.51 -0.01 37.87
CA LEU H 218 3.81 0.64 37.76
C LEU H 218 4.19 0.86 36.30
N PHE H 219 3.90 -0.13 35.44
CA PHE H 219 4.20 0.00 34.02
C PHE H 219 3.35 1.06 33.36
N MET H 220 2.08 1.17 33.75
CA MET H 220 1.23 2.23 33.21
C MET H 220 1.68 3.60 33.70
N ALA H 221 2.10 3.69 34.96
CA ALA H 221 2.55 4.96 35.51
C ALA H 221 3.83 5.45 34.84
N ASN H 222 4.73 4.53 34.50
CA ASN H 222 5.97 4.93 33.83
C ASN H 222 5.88 4.89 32.32
N SER H 223 4.75 4.40 31.76
CA SER H 223 4.53 4.29 30.32
C SER H 223 5.63 3.48 29.63
N THR H 224 5.91 2.31 30.19
CA THR H 224 6.98 1.44 29.71
C THR H 224 6.39 0.15 29.17
N THR H 225 6.87 -0.28 28.00
CA THR H 225 6.42 -1.51 27.38
C THR H 225 7.53 -2.50 27.06
N THR H 226 8.78 -2.04 26.97
CA THR H 226 9.93 -2.91 26.79
C THR H 226 10.86 -2.76 27.98
N THR H 227 11.92 -3.57 27.99
CA THR H 227 12.86 -3.53 29.10
C THR H 227 13.76 -2.30 29.07
N LEU H 228 13.95 -1.69 27.90
CA LEU H 228 14.88 -0.58 27.80
C LEU H 228 14.29 0.71 28.36
N SER H 229 12.98 0.92 28.18
CA SER H 229 12.34 2.07 28.82
C SER H 229 12.28 1.90 30.34
N LEU H 230 12.07 0.66 30.80
CA LEU H 230 12.16 0.36 32.22
C LEU H 230 13.57 0.63 32.74
N SER H 231 14.59 0.39 31.91
CA SER H 231 15.94 0.79 32.27
C SER H 231 16.07 2.30 32.32
N HIS H 232 15.45 3.01 31.37
CA HIS H 232 15.49 4.46 31.32
C HIS H 232 14.80 5.13 32.51
N THR H 233 13.93 4.40 33.20
CA THR H 233 13.15 4.96 34.30
C THR H 233 14.00 5.52 35.45
N TRP H 234 15.27 5.09 35.57
CA TRP H 234 16.09 5.52 36.70
C TRP H 234 16.37 7.01 36.68
N ASN H 235 16.43 7.62 35.49
CA ASN H 235 16.69 9.05 35.40
C ASN H 235 15.44 9.87 35.73
N LYS H 236 14.28 9.42 35.25
CA LYS H 236 13.05 10.20 35.40
C LYS H 236 12.56 10.19 36.84
N ALA H 237 12.52 9.02 37.47
CA ALA H 237 12.05 8.89 38.85
C ALA H 237 12.68 7.65 39.49
N PRO H 238 13.51 7.82 40.52
CA PRO H 238 14.19 6.67 41.12
C PRO H 238 13.30 5.84 42.04
N ILE H 239 12.29 6.50 42.64
CA ILE H 239 11.39 5.83 43.55
C ILE H 239 10.59 4.76 42.83
N MET H 240 10.25 5.01 41.56
CA MET H 240 9.55 4.01 40.76
C MET H 240 10.42 2.79 40.53
N THR H 241 11.72 3.00 40.33
CA THR H 241 12.65 1.89 40.17
C THR H 241 12.80 1.09 41.46
N ILE H 242 12.83 1.79 42.60
CA ILE H 242 12.87 1.09 43.90
C ILE H 242 11.61 0.25 44.07
N LEU H 243 10.45 0.80 43.72
CA LEU H 243 9.20 0.07 43.86
C LEU H 243 9.13 -1.14 42.95
N VAL H 244 9.58 -1.01 41.69
CA VAL H 244 9.54 -2.17 40.80
C VAL H 244 10.57 -3.21 41.22
N LEU H 245 11.70 -2.79 41.80
CA LEU H 245 12.67 -3.77 42.31
C LEU H 245 12.07 -4.55 43.46
N ILE H 246 11.40 -3.87 44.39
CA ILE H 246 10.82 -4.56 45.54
C ILE H 246 9.67 -5.47 45.11
N THR H 247 8.85 -5.02 44.16
CA THR H 247 7.74 -5.83 43.69
C THR H 247 8.21 -7.05 42.90
N LEU H 248 9.25 -6.89 42.07
CA LEU H 248 9.81 -8.03 41.36
C LEU H 248 10.52 -8.99 42.30
N LEU H 249 11.11 -8.47 43.38
CA LEU H 249 11.65 -9.33 44.43
C LEU H 249 10.55 -10.15 45.08
N SER H 250 9.41 -9.51 45.35
CA SER H 250 8.31 -10.22 45.99
C SER H 250 7.64 -11.22 45.06
N MET H 251 7.61 -10.94 43.76
CA MET H 251 6.96 -11.84 42.81
C MET H 251 7.69 -13.16 42.65
N GLY H 252 8.98 -13.20 42.95
CA GLY H 252 9.77 -14.41 42.82
C GLY H 252 9.71 -15.36 44.00
N GLY H 253 8.94 -15.04 45.04
CA GLY H 253 8.89 -15.88 46.21
C GLY H 253 10.06 -15.73 47.14
N LEU H 254 10.76 -14.60 47.09
CA LEU H 254 11.90 -14.40 47.97
C LEU H 254 11.41 -13.95 49.35
N PRO H 255 11.75 -14.67 50.41
CA PRO H 255 11.40 -14.22 51.76
C PRO H 255 12.25 -13.02 52.15
N PRO H 256 11.78 -12.19 53.10
CA PRO H 256 10.55 -12.27 53.89
C PRO H 256 9.37 -11.59 53.23
N LEU H 257 9.44 -11.41 51.91
CA LEU H 257 8.35 -10.74 51.20
C LEU H 257 7.14 -11.67 51.09
N SER H 258 6.02 -11.08 50.70
CA SER H 258 4.75 -11.78 50.76
C SER H 258 4.61 -12.87 49.70
N GLY H 259 5.44 -12.83 48.65
CA GLY H 259 5.39 -13.86 47.63
C GLY H 259 5.89 -15.20 48.09
N PHE H 260 6.65 -15.24 49.19
CA PHE H 260 6.98 -16.50 49.82
C PHE H 260 5.77 -17.11 50.52
N MET H 261 4.77 -16.30 50.85
CA MET H 261 3.61 -16.79 51.60
C MET H 261 2.78 -17.86 50.87
N PRO H 262 2.36 -17.70 49.57
CA PRO H 262 1.51 -18.74 48.97
C PRO H 262 2.19 -20.07 48.77
N LYS H 263 3.32 -20.07 48.05
CA LYS H 263 3.94 -21.31 47.60
C LYS H 263 4.40 -22.16 48.78
N TRP H 264 4.98 -21.53 49.80
CA TRP H 264 5.35 -22.24 51.02
C TRP H 264 4.14 -22.90 51.66
N MET H 265 3.02 -22.18 51.74
CA MET H 265 1.79 -22.76 52.25
C MET H 265 1.35 -23.93 51.40
N ILE H 266 1.55 -23.82 50.08
CA ILE H 266 1.21 -24.91 49.17
C ILE H 266 2.04 -26.14 49.50
N ILE H 267 3.32 -25.96 49.79
CA ILE H 267 4.16 -27.09 50.19
C ILE H 267 3.63 -27.70 51.49
N GLN H 268 3.15 -26.85 52.39
CA GLN H 268 2.62 -27.34 53.66
C GLN H 268 1.35 -28.16 53.47
N GLU H 269 0.66 -28.02 52.33
CA GLU H 269 -0.50 -28.86 52.05
C GLU H 269 -0.20 -30.01 51.12
N MET H 270 1.06 -30.18 50.70
CA MET H 270 1.39 -31.32 49.85
C MET H 270 2.35 -32.29 50.49
N THR H 271 3.08 -31.88 51.52
CA THR H 271 3.81 -32.84 52.34
C THR H 271 2.93 -33.50 53.39
N LYS H 272 1.75 -32.94 53.64
CA LYS H 272 0.77 -33.61 54.50
C LYS H 272 0.21 -34.85 53.82
N ASN H 273 0.05 -34.81 52.50
CA ASN H 273 -0.44 -35.93 51.72
C ASN H 273 0.69 -36.81 51.20
N ASP H 274 1.89 -36.68 51.78
CA ASP H 274 3.05 -37.51 51.47
C ASP H 274 3.46 -37.41 50.00
N SER H 275 3.36 -36.22 49.43
CA SER H 275 3.83 -35.94 48.08
C SER H 275 5.03 -35.00 48.22
N ILE H 276 6.24 -35.55 48.06
CA ILE H 276 7.46 -34.80 48.29
C ILE H 276 8.16 -34.42 47.00
N ILE H 277 8.05 -35.24 45.94
CA ILE H 277 8.79 -34.97 44.71
C ILE H 277 8.22 -33.75 44.00
N LEU H 278 6.89 -33.64 43.93
CA LEU H 278 6.26 -32.57 43.17
C LEU H 278 6.53 -31.16 43.71
N PRO H 279 6.39 -30.85 45.02
CA PRO H 279 6.70 -29.48 45.45
C PRO H 279 8.17 -29.11 45.30
N THR H 280 9.08 -30.06 45.49
CA THR H 280 10.49 -29.79 45.26
C THR H 280 10.76 -29.47 43.80
N LEU H 281 10.15 -30.25 42.89
CA LEU H 281 10.30 -29.98 41.46
C LEU H 281 9.72 -28.62 41.09
N MET H 282 8.59 -28.26 41.69
CA MET H 282 7.95 -26.99 41.35
C MET H 282 8.77 -25.80 41.86
N ALA H 283 9.37 -25.92 43.05
CA ALA H 283 10.26 -24.86 43.54
C ALA H 283 11.50 -24.72 42.67
N ILE H 284 12.08 -25.87 42.27
CA ILE H 284 13.25 -25.86 41.40
C ILE H 284 12.91 -25.20 40.06
N THR H 285 11.71 -25.42 39.56
CA THR H 285 11.31 -24.77 38.31
C THR H 285 11.00 -23.29 38.51
N ALA H 286 10.44 -22.90 39.66
CA ALA H 286 10.14 -21.49 39.92
C ALA H 286 11.40 -20.66 40.12
N LEU H 287 12.54 -21.32 40.36
CA LEU H 287 13.82 -20.60 40.33
C LEU H 287 14.06 -19.89 38.99
N LEU H 288 13.51 -20.41 37.89
CA LEU H 288 13.65 -19.72 36.60
C LEU H 288 12.84 -18.43 36.55
N ASN H 289 11.64 -18.44 37.16
CA ASN H 289 10.87 -17.22 37.31
C ASN H 289 11.65 -16.20 38.12
N LEU H 290 12.27 -16.65 39.21
CA LEU H 290 13.15 -15.79 39.97
C LEU H 290 14.32 -15.29 39.13
N TYR H 291 14.79 -16.10 38.17
CA TYR H 291 15.91 -15.66 37.33
C TYR H 291 15.52 -14.50 36.43
N PHE H 292 14.38 -14.61 35.73
CA PHE H 292 14.11 -13.47 34.85
C PHE H 292 13.58 -12.25 35.61
N TYR H 293 12.99 -12.45 36.80
CA TYR H 293 12.76 -11.30 37.68
C TYR H 293 14.08 -10.63 38.07
N MET H 294 15.10 -11.44 38.35
CA MET H 294 16.40 -10.89 38.72
C MET H 294 17.04 -10.16 37.55
N ARG H 295 16.83 -10.65 36.33
CA ARG H 295 17.32 -9.97 35.15
C ARG H 295 16.65 -8.61 34.98
N LEU H 296 15.34 -8.55 35.22
CA LEU H 296 14.64 -7.27 35.16
C LEU H 296 15.14 -6.29 36.23
N THR H 297 15.36 -6.78 37.45
CA THR H 297 15.87 -5.91 38.51
C THR H 297 17.30 -5.47 38.23
N TYR H 298 18.11 -6.31 37.59
CA TYR H 298 19.44 -5.90 37.16
C TYR H 298 19.36 -4.77 36.14
N SER H 299 18.44 -4.90 35.18
CA SER H 299 18.33 -3.88 34.14
C SER H 299 17.76 -2.58 34.68
N THR H 300 16.88 -2.64 35.69
CA THR H 300 16.13 -1.45 36.07
C THR H 300 16.79 -0.65 37.20
N ALA H 301 16.95 -1.26 38.37
CA ALA H 301 17.28 -0.51 39.58
C ALA H 301 18.67 -0.76 40.12
N LEU H 302 19.23 -1.95 39.92
CA LEU H 302 20.55 -2.26 40.49
C LEU H 302 21.69 -1.65 39.69
N THR H 303 21.44 -1.20 38.46
CA THR H 303 22.42 -0.48 37.65
C THR H 303 21.74 0.74 37.05
N MET H 304 22.50 1.50 36.27
CA MET H 304 21.97 2.68 35.58
C MET H 304 22.37 2.61 34.10
N PHE H 305 21.41 2.24 33.26
CA PHE H 305 21.61 2.26 31.83
C PHE H 305 21.68 3.71 31.35
N PRO H 306 22.36 3.98 30.23
CA PRO H 306 22.46 5.37 29.74
C PRO H 306 21.11 5.91 29.27
N SER H 307 20.97 7.22 29.39
CA SER H 307 19.77 7.92 28.98
C SER H 307 20.08 8.85 27.81
N THR H 308 19.06 9.56 27.34
CA THR H 308 19.18 10.43 26.18
C THR H 308 19.14 11.90 26.61
N ASN H 309 19.35 12.78 25.64
CA ASN H 309 19.38 14.21 25.91
C ASN H 309 17.99 14.80 26.12
N ASN H 310 16.98 14.28 25.41
CA ASN H 310 15.64 14.84 25.52
C ASN H 310 14.97 14.54 26.84
N MET H 311 15.47 13.54 27.59
CA MET H 311 14.94 13.19 28.90
C MET H 311 15.00 14.36 29.88
N LYS H 312 15.94 15.30 29.67
CA LYS H 312 16.01 16.50 30.48
C LYS H 312 14.70 17.29 30.46
N MET H 313 14.03 17.30 29.30
CA MET H 313 12.74 17.98 29.19
C MET H 313 11.71 17.33 30.12
N LYS H 314 11.75 16.00 30.23
CA LYS H 314 10.84 15.30 31.13
C LYS H 314 11.12 15.58 32.60
N TRP H 315 12.26 16.21 32.92
CA TRP H 315 12.49 16.63 34.29
C TRP H 315 11.65 17.83 34.68
N GLN H 316 11.06 18.54 33.71
CA GLN H 316 10.37 19.79 33.99
C GLN H 316 8.87 19.62 34.18
N PHE H 317 8.35 18.39 34.14
CA PHE H 317 6.91 18.16 34.21
C PHE H 317 6.60 17.10 35.25
N PRO H 318 5.76 17.40 36.24
CA PRO H 318 5.32 16.34 37.16
C PRO H 318 4.32 15.41 36.49
N THR H 319 4.30 14.17 36.95
CA THR H 319 3.37 13.19 36.42
C THR H 319 1.95 13.50 36.90
N THR H 320 0.98 13.20 36.02
CA THR H 320 -0.42 13.50 36.31
C THR H 320 -1.32 12.28 36.17
N LYS H 321 -0.75 11.08 36.08
CA LYS H 321 -1.55 9.87 35.95
C LYS H 321 -2.20 9.51 37.27
N ARG H 322 -3.45 9.05 37.20
CA ARG H 322 -4.20 8.64 38.38
C ARG H 322 -3.70 7.26 38.81
N MET H 323 -2.60 7.26 39.58
CA MET H 323 -2.01 6.02 40.09
C MET H 323 -2.89 5.51 41.22
N THR H 324 -3.99 4.87 40.85
CA THR H 324 -4.99 4.45 41.82
C THR H 324 -4.51 3.24 42.59
N LEU H 325 -4.47 3.37 43.92
CA LEU H 325 -4.12 2.30 44.86
C LEU H 325 -2.71 1.76 44.65
N LEU H 326 -1.82 2.54 44.04
CA LEU H 326 -0.44 2.07 43.87
C LEU H 326 0.32 1.92 45.18
N PRO H 327 0.31 2.89 46.12
CA PRO H 327 1.02 2.64 47.39
C PRO H 327 0.41 1.54 48.22
N THR H 328 -0.93 1.43 48.23
CA THR H 328 -1.58 0.37 48.98
C THR H 328 -1.25 -1.00 48.42
N MET H 329 -1.25 -1.13 47.09
CA MET H 329 -0.93 -2.41 46.48
C MET H 329 0.56 -2.73 46.58
N THR H 330 1.41 -1.71 46.64
CA THR H 330 2.83 -1.95 46.85
C THR H 330 3.12 -2.42 48.26
N VAL H 331 2.44 -1.83 49.25
CA VAL H 331 2.63 -2.26 50.64
C VAL H 331 2.04 -3.64 50.86
N LEU H 332 0.83 -3.88 50.35
CA LEU H 332 0.13 -5.13 50.62
C LEU H 332 0.81 -6.33 49.97
N SER H 333 1.54 -6.12 48.88
CA SER H 333 2.16 -7.23 48.16
C SER H 333 3.55 -7.59 48.67
N THR H 334 4.12 -6.81 49.59
CA THR H 334 5.50 -7.00 49.98
C THR H 334 5.71 -7.22 51.47
N MET H 335 4.87 -6.66 52.33
CA MET H 335 5.05 -6.78 53.78
C MET H 335 3.88 -7.51 54.42
N LEU H 336 3.32 -8.49 53.72
CA LEU H 336 2.15 -9.23 54.21
C LEU H 336 2.52 -10.56 54.86
N LEU H 337 3.81 -10.89 54.94
CA LEU H 337 4.21 -12.15 55.57
C LEU H 337 3.90 -12.22 57.07
N PRO H 338 4.19 -11.21 57.92
CA PRO H 338 3.88 -11.36 59.35
C PRO H 338 2.39 -11.47 59.68
N LEU H 339 1.50 -11.29 58.71
CA LEU H 339 0.07 -11.55 58.87
C LEU H 339 -0.35 -12.78 58.08
N THR H 340 0.52 -13.81 58.04
CA THR H 340 0.21 -15.03 57.32
C THR H 340 -1.06 -15.78 57.79
N PRO H 341 -1.34 -15.96 59.09
CA PRO H 341 -2.57 -16.71 59.46
C PRO H 341 -3.89 -16.07 59.05
N ILE H 342 -3.87 -14.86 58.50
CA ILE H 342 -5.09 -14.21 58.01
C ILE H 342 -5.74 -15.00 56.87
N LEU H 343 -5.00 -15.93 56.25
CA LEU H 343 -5.56 -16.82 55.25
C LEU H 343 -6.68 -17.69 55.80
N SER H 344 -6.76 -17.84 57.13
CA SER H 344 -7.86 -18.59 57.73
C SER H 344 -9.21 -17.90 57.54
N ILE H 345 -9.24 -16.63 57.13
CA ILE H 345 -10.53 -16.03 56.78
C ILE H 345 -11.05 -16.52 55.44
N LEU H 346 -10.23 -17.23 54.67
CA LEU H 346 -10.65 -17.77 53.37
C LEU H 346 -11.07 -19.22 53.45
N GLU H 347 -11.04 -19.84 54.63
CA GLU H 347 -11.32 -21.27 54.75
C GLU H 347 -12.80 -21.59 54.61
N LYS I 2 -0.74 -46.71 30.85
CA LYS I 2 -0.63 -47.28 32.18
C LYS I 2 -0.45 -48.80 32.08
N THR I 3 -0.97 -49.38 31.00
CA THR I 3 -0.79 -50.82 30.80
C THR I 3 0.62 -51.16 30.33
N LEU I 4 1.30 -50.23 29.64
CA LEU I 4 2.68 -50.46 29.23
C LEU I 4 3.61 -50.50 30.44
N LEU I 5 3.46 -49.53 31.35
CA LEU I 5 4.25 -49.53 32.58
C LEU I 5 3.91 -50.73 33.45
N HIS I 6 2.63 -51.13 33.46
CA HIS I 6 2.23 -52.31 34.23
C HIS I 6 2.87 -53.57 33.66
N GLN I 7 2.88 -53.74 32.34
CA GLN I 7 3.49 -54.91 31.75
C GLN I 7 5.01 -54.87 31.85
N TYR I 8 5.61 -53.68 32.00
CA TYR I 8 7.04 -53.63 32.28
C TYR I 8 7.34 -54.01 33.73
N TRP I 9 6.51 -53.55 34.67
CA TRP I 9 6.82 -53.73 36.08
C TRP I 9 6.43 -55.11 36.61
N ASP I 10 5.48 -55.80 35.98
CA ASP I 10 5.09 -57.11 36.47
C ASP I 10 6.12 -58.20 36.16
N ILE I 11 7.09 -57.93 35.29
CA ILE I 11 8.20 -58.86 35.10
C ILE I 11 9.16 -58.70 36.27
N PRO I 12 9.48 -59.78 36.99
CA PRO I 12 10.44 -59.67 38.09
C PRO I 12 11.84 -59.32 37.58
N GLU I 13 12.60 -58.63 38.42
CA GLU I 13 13.89 -58.11 38.01
C GLU I 13 14.90 -59.22 37.79
N GLY I 14 15.57 -59.19 36.64
CA GLY I 14 16.58 -60.18 36.31
C GLY I 14 16.06 -61.59 36.14
N THR I 15 14.90 -61.76 35.49
CA THR I 15 14.39 -63.10 35.20
C THR I 15 14.34 -63.37 33.70
N GLU I 16 13.64 -62.56 32.92
CA GLU I 16 13.57 -62.72 31.47
C GLU I 16 13.95 -61.40 30.83
N CYS I 17 15.10 -61.37 30.16
CA CYS I 17 15.59 -60.12 29.60
C CYS I 17 14.82 -59.71 28.35
N HIS I 18 14.29 -60.70 27.60
CA HIS I 18 13.64 -60.39 26.33
C HIS I 18 12.33 -59.64 26.55
N ARG I 19 11.52 -60.08 27.52
CA ARG I 19 10.25 -59.42 27.77
C ARG I 19 10.44 -58.03 28.34
N LYS I 20 11.42 -57.86 29.24
CA LYS I 20 11.72 -56.54 29.78
C LYS I 20 12.23 -55.60 28.69
N THR I 21 13.10 -56.11 27.82
CA THR I 21 13.61 -55.30 26.72
C THR I 21 12.49 -54.89 25.77
N TYR I 22 11.57 -55.80 25.47
CA TYR I 22 10.44 -55.47 24.59
C TYR I 22 9.52 -54.45 25.23
N ALA I 23 9.24 -54.59 26.53
CA ALA I 23 8.38 -53.64 27.22
C ALA I 23 9.00 -52.25 27.27
N ALA I 24 10.30 -52.17 27.59
CA ALA I 24 10.97 -50.87 27.61
C ALA I 24 11.07 -50.26 26.23
N THR I 25 11.26 -51.10 25.19
CA THR I 25 11.27 -50.60 23.82
C THR I 25 9.90 -50.03 23.43
N SER I 26 8.81 -50.70 23.86
CA SER I 26 7.48 -50.19 23.58
C SER I 26 7.23 -48.86 24.28
N ILE I 27 7.66 -48.74 25.54
CA ILE I 27 7.49 -47.49 26.29
C ILE I 27 8.28 -46.37 25.63
N GLY I 28 9.52 -46.64 25.25
CA GLY I 28 10.33 -45.65 24.55
C GLY I 28 9.74 -45.27 23.21
N GLY I 29 9.20 -46.25 22.48
CA GLY I 29 8.58 -45.95 21.20
C GLY I 29 7.34 -45.09 21.33
N ALA I 30 6.55 -45.32 22.38
CA ALA I 30 5.39 -44.46 22.63
C ALA I 30 5.82 -43.04 22.97
N SER I 31 6.86 -42.90 23.80
CA SER I 31 7.36 -41.56 24.13
C SER I 31 7.88 -40.84 22.89
N GLY I 32 8.63 -41.55 22.04
CA GLY I 32 9.13 -40.98 20.82
C GLY I 32 8.04 -40.63 19.83
N LEU I 33 6.97 -41.44 19.78
CA LEU I 33 5.83 -41.13 18.93
C LEU I 33 5.14 -39.86 19.38
N VAL I 34 4.97 -39.69 20.69
CA VAL I 34 4.37 -38.46 21.22
C VAL I 34 5.23 -37.24 20.89
N VAL I 35 6.56 -37.38 21.09
CA VAL I 35 7.48 -36.28 20.82
C VAL I 35 7.47 -35.92 19.34
N SER I 36 7.46 -36.93 18.46
CA SER I 36 7.45 -36.68 17.03
C SER I 36 6.14 -36.07 16.56
N ALA I 37 5.02 -36.49 17.17
CA ALA I 37 3.73 -35.89 16.84
C ALA I 37 3.69 -34.42 17.21
N TYR I 38 4.19 -34.08 18.41
CA TYR I 38 4.24 -32.68 18.79
C TYR I 38 5.23 -31.89 17.94
N SER I 39 6.33 -32.50 17.52
CA SER I 39 7.29 -31.80 16.68
C SER I 39 6.73 -31.51 15.29
N VAL I 40 6.05 -32.49 14.69
CA VAL I 40 5.48 -32.24 13.37
C VAL I 40 4.22 -31.40 13.42
N ALA I 41 3.58 -31.28 14.59
CA ALA I 41 2.46 -30.36 14.72
C ALA I 41 2.94 -28.93 14.92
N LEU I 42 3.89 -28.74 15.83
CA LEU I 42 4.32 -27.38 16.18
C LEU I 42 5.24 -26.79 15.12
N LYS I 43 6.09 -27.62 14.53
CA LYS I 43 7.03 -27.20 13.49
C LYS I 43 6.70 -28.00 12.23
N THR I 44 6.08 -27.36 11.26
CA THR I 44 5.61 -28.08 10.08
C THR I 44 6.78 -28.47 9.19
N PRO I 45 6.86 -29.72 8.76
CA PRO I 45 7.92 -30.12 7.82
C PRO I 45 7.65 -29.55 6.43
N THR I 46 8.73 -29.37 5.67
CA THR I 46 8.62 -28.82 4.32
C THR I 46 8.04 -29.81 3.34
N SER I 47 8.03 -31.10 3.66
CA SER I 47 7.47 -32.12 2.80
C SER I 47 6.91 -33.24 3.65
N PHE I 48 6.06 -34.06 3.03
CA PHE I 48 5.49 -35.21 3.73
C PHE I 48 6.58 -36.22 4.09
N LEU I 49 7.47 -36.52 3.15
CA LEU I 49 8.53 -37.49 3.40
C LEU I 49 9.51 -37.00 4.45
N GLU I 50 9.75 -35.68 4.52
CA GLU I 50 10.56 -35.13 5.60
C GLU I 50 9.90 -35.34 6.96
N GLY I 51 8.58 -35.18 7.03
CA GLY I 51 7.87 -35.44 8.27
C GLY I 51 7.91 -36.90 8.69
N VAL I 52 7.74 -37.81 7.72
CA VAL I 52 7.84 -39.24 8.03
C VAL I 52 9.26 -39.59 8.47
N ALA I 53 10.27 -38.99 7.82
CA ALA I 53 11.66 -39.24 8.21
C ALA I 53 11.95 -38.77 9.62
N ARG I 54 11.45 -37.57 9.98
CA ARG I 54 11.67 -37.05 11.32
C ARG I 54 10.94 -37.88 12.38
N THR I 55 9.72 -38.32 12.06
CA THR I 55 8.97 -39.18 12.98
C THR I 55 9.68 -40.51 13.19
N GLY I 56 10.17 -41.11 12.10
CA GLY I 56 10.90 -42.36 12.22
C GLY I 56 12.20 -42.20 12.98
N ARG I 57 12.90 -41.08 12.78
CA ARG I 57 14.15 -40.83 13.49
C ARG I 57 13.91 -40.70 14.99
N TYR I 58 12.90 -39.92 15.39
CA TYR I 58 12.61 -39.76 16.81
C TYR I 58 12.15 -41.07 17.43
N THR I 59 11.28 -41.81 16.73
CA THR I 59 10.78 -43.07 17.26
C THR I 59 11.91 -44.09 17.40
N PHE I 60 12.79 -44.19 16.42
CA PHE I 60 13.88 -45.15 16.49
C PHE I 60 14.88 -44.77 17.57
N THR I 61 15.17 -43.47 17.72
CA THR I 61 16.08 -43.03 18.78
C THR I 61 15.55 -43.39 20.16
N ALA I 62 14.28 -43.08 20.42
CA ALA I 62 13.72 -43.38 21.73
C ALA I 62 13.53 -44.88 21.96
N ALA I 63 13.21 -45.64 20.90
CA ALA I 63 13.11 -47.08 21.03
C ALA I 63 14.46 -47.72 21.33
N ALA I 64 15.53 -47.22 20.69
CA ALA I 64 16.87 -47.70 21.00
C ALA I 64 17.25 -47.36 22.44
N ILE I 65 16.85 -46.17 22.91
CA ILE I 65 17.09 -45.78 24.30
C ILE I 65 16.45 -46.78 25.25
N GLY I 66 15.16 -47.08 25.02
CA GLY I 66 14.45 -48.00 25.90
C GLY I 66 14.99 -49.41 25.84
N ALA I 67 15.31 -49.90 24.64
CA ALA I 67 15.81 -51.26 24.48
C ALA I 67 17.17 -51.42 25.16
N ILE I 68 18.08 -50.46 24.96
CA ILE I 68 19.40 -50.54 25.57
C ILE I 68 19.29 -50.45 27.08
N PHE I 69 18.45 -49.55 27.60
CA PHE I 69 18.30 -49.40 29.05
C PHE I 69 17.75 -50.68 29.67
N GLY I 70 16.69 -51.25 29.09
CA GLY I 70 16.11 -52.46 29.64
C GLY I 70 17.05 -53.64 29.57
N LEU I 71 17.74 -53.81 28.42
CA LEU I 71 18.68 -54.91 28.25
C LEU I 71 19.83 -54.82 29.23
N THR I 72 20.43 -53.63 29.35
CA THR I 72 21.57 -53.46 30.24
C THR I 72 21.18 -53.62 31.70
N SER I 73 20.02 -53.07 32.09
CA SER I 73 19.57 -53.21 33.47
C SER I 73 19.29 -54.67 33.83
N CYS I 74 18.64 -55.42 32.93
CA CYS I 74 18.33 -56.80 33.23
C CYS I 74 19.59 -57.67 33.24
N ILE I 75 20.52 -57.44 32.31
CA ILE I 75 21.77 -58.20 32.29
C ILE I 75 22.60 -57.91 33.53
N SER I 76 22.69 -56.65 33.95
CA SER I 76 23.45 -56.32 35.13
C SER I 76 22.80 -56.86 36.40
N ALA I 77 21.47 -56.84 36.48
CA ALA I 77 20.79 -57.43 37.64
C ALA I 77 20.92 -58.95 37.66
N GLN I 78 21.04 -59.56 36.48
CA GLN I 78 21.28 -61.00 36.42
C GLN I 78 22.69 -61.36 36.88
N VAL I 79 23.69 -60.63 36.37
CA VAL I 79 25.08 -61.02 36.63
C VAL I 79 25.56 -60.56 38.00
N ARG I 80 24.95 -59.52 38.57
CA ARG I 80 25.34 -59.05 39.89
C ARG I 80 24.57 -59.72 41.01
N GLU I 81 23.56 -60.52 40.67
CA GLU I 81 22.82 -61.37 41.61
C GLU I 81 22.10 -60.58 42.71
N LYS I 82 21.71 -59.34 42.42
CA LYS I 82 20.80 -58.66 43.32
C LYS I 82 19.73 -57.90 42.52
N PRO I 83 18.46 -58.27 42.68
CA PRO I 83 17.41 -57.63 41.88
C PRO I 83 16.97 -56.28 42.43
N ASP I 84 16.98 -56.13 43.76
CA ASP I 84 16.49 -54.92 44.41
C ASP I 84 17.68 -54.03 44.74
N ASP I 85 18.20 -53.37 43.71
CA ASP I 85 19.33 -52.48 43.88
C ASP I 85 19.27 -51.40 42.80
N PRO I 86 19.34 -50.12 43.19
CA PRO I 86 19.28 -49.04 42.18
C PRO I 86 20.54 -48.90 41.35
N LEU I 87 21.63 -49.59 41.72
CA LEU I 87 22.85 -49.50 40.92
C LEU I 87 22.67 -50.13 39.55
N ASN I 88 21.86 -51.19 39.46
CA ASN I 88 21.57 -51.81 38.17
C ASN I 88 20.84 -50.84 37.25
N TYR I 89 19.85 -50.13 37.78
CA TYR I 89 19.14 -49.14 36.97
C TYR I 89 20.01 -47.93 36.67
N LEU I 90 20.96 -47.61 37.55
CA LEU I 90 21.94 -46.56 37.24
C LEU I 90 22.83 -46.95 36.06
N ILE I 91 23.28 -48.21 36.03
CA ILE I 91 24.07 -48.70 34.91
C ILE I 91 23.25 -48.69 33.63
N GLY I 92 21.98 -49.12 33.72
CA GLY I 92 21.11 -49.07 32.56
C GLY I 92 20.85 -47.66 32.07
N GLY I 93 20.72 -46.71 33.00
CA GLY I 93 20.53 -45.32 32.62
C GLY I 93 21.75 -44.73 31.94
N CYS I 94 22.95 -45.07 32.42
CA CYS I 94 24.14 -44.60 31.72
C CYS I 94 24.30 -45.25 30.36
N ALA I 95 23.90 -46.53 30.22
CA ALA I 95 23.91 -47.16 28.90
C ALA I 95 22.94 -46.48 27.95
N GLY I 96 21.76 -46.09 28.46
CA GLY I 96 20.84 -45.31 27.66
C GLY I 96 21.40 -43.96 27.29
N GLY I 97 22.13 -43.32 28.20
CA GLY I 97 22.76 -42.06 27.89
C GLY I 97 23.83 -42.18 26.82
N LEU I 98 24.61 -43.25 26.86
CA LEU I 98 25.58 -43.50 25.81
C LEU I 98 24.90 -43.79 24.47
N THR I 99 23.74 -44.46 24.51
CA THR I 99 22.94 -44.64 23.30
C THR I 99 22.45 -43.31 22.74
N LEU I 100 22.03 -42.41 23.63
CA LEU I 100 21.63 -41.07 23.19
C LEU I 100 22.79 -40.33 22.55
N GLY I 101 23.98 -40.44 23.14
CA GLY I 101 25.16 -39.81 22.54
C GLY I 101 25.53 -40.40 21.20
N ALA I 102 25.34 -41.71 21.05
CA ALA I 102 25.59 -42.36 19.77
C ALA I 102 24.55 -41.96 18.73
N ARG I 103 23.31 -41.70 19.17
CA ARG I 103 22.27 -41.29 18.23
C ARG I 103 22.45 -39.84 17.78
N THR I 104 22.81 -38.95 18.71
CA THR I 104 22.96 -37.54 18.37
C THR I 104 24.34 -37.20 17.80
N ARG I 105 25.23 -38.20 17.70
CA ARG I 105 26.57 -38.06 17.11
C ARG I 105 27.39 -37.01 17.84
N SER I 106 27.46 -37.13 19.17
CA SER I 106 28.29 -36.24 19.97
C SER I 106 28.66 -36.94 21.26
N TYR I 107 29.68 -36.39 21.95
CA TYR I 107 30.21 -36.98 23.16
C TYR I 107 29.74 -36.29 24.43
N GLY I 108 29.62 -34.95 24.41
CA GLY I 108 29.19 -34.23 25.60
C GLY I 108 27.75 -34.52 25.97
N ILE I 109 26.88 -34.60 24.97
CA ILE I 109 25.49 -34.99 25.20
C ILE I 109 25.44 -36.41 25.74
N GLY I 110 26.32 -37.29 25.26
CA GLY I 110 26.38 -38.65 25.78
C GLY I 110 26.78 -38.71 27.23
N ALA I 111 27.79 -37.92 27.63
CA ALA I 111 28.24 -37.92 29.02
C ALA I 111 27.19 -37.33 29.95
N ALA I 112 26.60 -36.19 29.56
CA ALA I 112 25.56 -35.58 30.38
C ALA I 112 24.33 -36.47 30.47
N ALA I 113 23.97 -37.13 29.37
CA ALA I 113 22.84 -38.04 29.38
C ALA I 113 23.11 -39.25 30.25
N CYS I 114 24.34 -39.79 30.20
CA CYS I 114 24.73 -40.85 31.13
C CYS I 114 24.51 -40.44 32.58
N ALA I 115 25.05 -39.28 32.96
CA ALA I 115 24.98 -38.84 34.36
C ALA I 115 23.53 -38.62 34.80
N TYR I 116 22.78 -37.80 34.05
CA TYR I 116 21.44 -37.43 34.50
C TYR I 116 20.44 -38.58 34.33
N MET I 117 20.54 -39.37 33.26
CA MET I 117 19.63 -40.49 33.10
C MET I 117 19.94 -41.61 34.07
N GLY I 118 21.20 -41.83 34.43
CA GLY I 118 21.51 -42.78 35.47
C GLY I 118 20.96 -42.35 36.82
N LEU I 119 21.09 -41.07 37.14
CA LEU I 119 20.50 -40.55 38.38
C LEU I 119 18.98 -40.70 38.37
N THR I 120 18.34 -40.39 37.24
CA THR I 120 16.89 -40.48 37.16
C THR I 120 16.39 -41.91 37.26
N ALA I 121 17.09 -42.85 36.61
CA ALA I 121 16.67 -44.25 36.67
C ALA I 121 16.90 -44.83 38.06
N ALA I 122 18.00 -44.43 38.72
CA ALA I 122 18.20 -44.85 40.10
C ALA I 122 17.12 -44.29 41.02
N LEU I 123 16.70 -43.04 40.77
CA LEU I 123 15.60 -42.47 41.54
C LEU I 123 14.29 -43.21 41.30
N VAL I 124 14.05 -43.62 40.04
CA VAL I 124 12.84 -44.37 39.72
C VAL I 124 12.82 -45.71 40.42
N LYS I 125 13.95 -46.41 40.43
CA LYS I 125 14.03 -47.69 41.14
C LYS I 125 13.91 -47.50 42.65
N MET I 126 14.49 -46.43 43.18
CA MET I 126 14.35 -46.13 44.61
C MET I 126 12.90 -45.84 44.99
N GLY I 127 12.19 -45.11 44.14
CA GLY I 127 10.78 -44.83 44.38
C GLY I 127 9.93 -46.08 44.28
N GLN I 128 10.27 -46.98 43.34
CA GLN I 128 9.55 -48.24 43.25
C GLN I 128 9.80 -49.11 44.47
N LEU I 129 11.02 -49.10 45.01
CA LEU I 129 11.32 -49.88 46.19
C LEU I 129 10.65 -49.32 47.43
N GLU I 130 10.74 -48.01 47.63
CA GLU I 130 10.25 -47.37 48.84
C GLU I 130 8.80 -46.90 48.73
N GLY I 131 8.17 -47.08 47.59
CA GLY I 131 6.79 -46.65 47.42
C GLY I 131 6.59 -45.15 47.41
N TRP I 132 7.50 -44.41 46.78
CA TRP I 132 7.31 -42.97 46.61
C TRP I 132 6.24 -42.72 45.56
N LYS I 133 5.43 -41.68 45.78
CA LYS I 133 4.33 -41.33 44.89
C LYS I 133 4.54 -39.91 44.37
N VAL I 134 4.45 -39.76 43.05
CA VAL I 134 4.49 -38.43 42.45
C VAL I 134 3.09 -37.85 42.25
N PHE I 135 2.13 -38.69 41.84
CA PHE I 135 0.72 -38.29 41.76
C PHE I 135 0.02 -38.90 42.97
N ALA I 136 0.23 -38.28 44.13
CA ALA I 136 -0.27 -38.82 45.38
C ALA I 136 -1.76 -38.54 45.52
N GLU I 137 -2.51 -39.56 45.93
CA GLU I 137 -3.93 -39.39 46.22
C GLU I 137 -4.12 -38.49 47.45
N PRO I 138 -5.06 -37.55 47.40
CA PRO I 138 -5.31 -36.71 48.58
C PRO I 138 -5.93 -37.47 49.73
N LYS I 139 -5.17 -37.67 50.81
CA LYS I 139 -5.64 -38.42 51.96
C LYS I 139 -5.83 -37.57 53.22
N VAL I 140 -5.45 -36.30 53.18
CA VAL I 140 -5.64 -35.43 54.34
C VAL I 140 -6.51 -34.24 53.97
N GLY J 1 80.12 17.25 62.84
CA GLY J 1 79.74 17.99 61.65
C GLY J 1 79.27 17.09 60.52
N LYS J 2 79.23 17.65 59.31
CA LYS J 2 78.79 17.06 58.05
C LYS J 2 77.56 16.15 58.19
N ARG J 3 76.57 16.59 58.97
CA ARG J 3 75.35 15.82 59.12
C ARG J 3 74.51 15.88 57.86
N LEU J 4 73.88 14.77 57.52
CA LEU J 4 73.05 14.65 56.33
C LEU J 4 71.58 14.67 56.74
N PHE J 5 70.71 14.70 55.73
CA PHE J 5 69.27 14.63 55.96
C PHE J 5 68.80 13.19 55.74
N ILE J 6 68.24 12.61 56.79
CA ILE J 6 67.71 11.24 56.70
C ILE J 6 66.25 11.35 56.27
N ILE J 7 65.96 10.88 55.06
CA ILE J 7 64.62 10.96 54.50
C ILE J 7 63.83 9.77 54.99
N LYS J 8 62.73 10.03 55.68
CA LYS J 8 61.86 9.01 56.24
C LYS J 8 60.42 9.44 56.03
N PRO J 9 59.49 8.50 56.00
CA PRO J 9 58.07 8.87 55.90
C PRO J 9 57.59 9.56 57.17
N SER J 10 56.51 10.32 57.00
CA SER J 10 55.96 11.11 58.09
C SER J 10 55.39 10.21 59.17
N GLY J 11 56.07 10.15 60.31
CA GLY J 11 55.63 9.39 61.45
C GLY J 11 54.75 10.16 62.41
N PHE J 12 54.31 11.36 62.04
CA PHE J 12 53.50 12.18 62.92
C PHE J 12 52.11 11.57 63.12
N TYR J 13 51.51 11.07 62.05
CA TYR J 13 50.13 10.59 62.12
C TYR J 13 50.04 9.28 62.91
N ASP J 14 51.00 8.38 62.70
CA ASP J 14 51.00 7.11 63.42
C ASP J 14 51.26 7.32 64.91
N LYS J 15 52.20 8.22 65.23
CA LYS J 15 52.46 8.56 66.63
C LYS J 15 51.25 9.22 67.26
N ARG J 16 50.56 10.08 66.51
CA ARG J 16 49.34 10.71 67.01
C ARG J 16 48.26 9.68 67.30
N PHE J 17 48.10 8.69 66.42
CA PHE J 17 47.14 7.62 66.65
C PHE J 17 47.49 6.82 67.90
N LEU J 18 48.77 6.49 68.08
CA LEU J 18 49.18 5.72 69.25
C LEU J 18 48.95 6.51 70.54
N LYS J 19 49.26 7.81 70.52
CA LYS J 19 49.02 8.66 71.68
C LYS J 19 47.53 8.73 72.01
N LEU J 20 46.69 8.88 70.98
CA LEU J 20 45.24 8.95 71.20
C LEU J 20 44.71 7.63 71.73
N LEU J 21 45.18 6.51 71.20
CA LEU J 21 44.70 5.20 71.65
C LEU J 21 45.10 4.94 73.10
N ARG J 22 46.36 5.24 73.46
CA ARG J 22 46.79 5.05 74.83
C ARG J 22 46.04 5.96 75.79
N PHE J 23 45.80 7.22 75.39
CA PHE J 23 45.07 8.14 76.24
C PHE J 23 43.63 7.70 76.45
N TYR J 24 42.96 7.27 75.37
CA TYR J 24 41.56 6.90 75.50
C TYR J 24 41.39 5.56 76.20
N ILE J 25 42.38 4.67 76.12
CA ILE J 25 42.33 3.46 76.94
C ILE J 25 42.54 3.81 78.41
N LEU J 26 43.55 4.63 78.71
CA LEU J 26 43.90 4.92 80.09
C LEU J 26 42.84 5.75 80.79
N LEU J 27 42.11 6.58 80.03
CA LEU J 27 41.13 7.52 80.60
C LEU J 27 40.06 6.79 81.40
N THR J 28 39.69 5.59 81.00
CA THR J 28 38.82 4.76 81.81
C THR J 28 39.54 3.57 82.44
N GLY J 29 40.76 3.25 82.01
CA GLY J 29 41.50 2.18 82.64
C GLY J 29 41.95 2.52 84.05
N ILE J 30 42.38 3.75 84.27
CA ILE J 30 42.78 4.18 85.61
C ILE J 30 41.61 4.18 86.58
N PRO J 31 40.41 4.75 86.26
CA PRO J 31 39.30 4.63 87.22
C PRO J 31 38.85 3.21 87.52
N VAL J 32 38.85 2.31 86.54
CA VAL J 32 38.38 0.97 86.83
C VAL J 32 39.40 0.20 87.66
N VAL J 33 40.69 0.44 87.44
CA VAL J 33 41.72 -0.21 88.26
C VAL J 33 41.68 0.30 89.68
N ILE J 34 41.50 1.62 89.84
CA ILE J 34 41.34 2.20 91.18
C ILE J 34 40.10 1.64 91.87
N GLY J 35 39.01 1.47 91.11
CA GLY J 35 37.80 0.92 91.69
C GLY J 35 37.95 -0.52 92.15
N ILE J 36 38.61 -1.35 91.33
CA ILE J 36 38.87 -2.74 91.73
C ILE J 36 39.76 -2.81 92.96
N THR J 37 40.80 -1.98 93.02
CA THR J 37 41.68 -1.98 94.19
C THR J 37 40.93 -1.54 95.45
N LEU J 38 40.08 -0.52 95.33
CA LEU J 38 39.30 -0.07 96.48
C LEU J 38 38.26 -1.11 96.90
N ILE J 39 37.68 -1.83 95.94
CA ILE J 39 36.73 -2.90 96.28
C ILE J 39 37.45 -4.01 97.04
N ASN J 40 38.62 -4.42 96.54
CA ASN J 40 39.30 -5.56 97.13
C ASN J 40 39.95 -5.23 98.47
N VAL J 41 40.40 -3.99 98.66
CA VAL J 41 41.08 -3.62 99.90
C VAL J 41 40.08 -3.44 101.03
N PHE J 42 39.02 -2.67 100.81
CA PHE J 42 38.11 -2.30 101.89
C PHE J 42 36.95 -3.29 102.01
N ILE J 43 36.15 -3.42 100.96
CA ILE J 43 34.98 -4.30 101.03
C ILE J 43 35.39 -5.76 101.06
N GLY J 44 36.26 -6.17 100.13
CA GLY J 44 36.82 -7.50 100.16
C GLY J 44 35.86 -8.57 99.71
N GLU J 45 36.38 -9.80 99.68
CA GLU J 45 35.61 -10.94 99.21
C GLU J 45 34.72 -11.49 100.31
N ALA J 46 33.77 -12.34 99.91
CA ALA J 46 32.86 -12.96 100.85
C ALA J 46 33.52 -14.16 101.53
N GLU J 47 32.82 -14.71 102.51
CA GLU J 47 33.30 -15.85 103.29
C GLU J 47 32.31 -16.99 103.16
N LEU J 48 32.82 -18.18 102.85
CA LEU J 48 31.95 -19.33 102.62
C LEU J 48 31.40 -19.86 103.94
N ALA J 49 30.10 -20.13 103.97
CA ALA J 49 29.46 -20.65 105.17
C ALA J 49 28.27 -21.52 104.77
N GLU J 50 27.86 -22.38 105.69
CA GLU J 50 26.71 -23.24 105.44
C GLU J 50 25.41 -22.44 105.49
N ILE J 51 24.39 -22.97 104.83
CA ILE J 51 23.10 -22.30 104.76
C ILE J 51 22.39 -22.43 106.11
N PRO J 52 21.98 -21.32 106.73
CA PRO J 52 21.24 -21.41 107.99
C PRO J 52 19.87 -22.06 107.80
N GLU J 53 19.41 -22.74 108.83
CA GLU J 53 18.17 -23.50 108.74
C GLU J 53 16.98 -22.54 108.71
N GLY J 54 16.06 -22.79 107.77
CA GLY J 54 14.90 -21.95 107.59
C GLY J 54 15.14 -20.69 106.81
N TYR J 55 16.37 -20.45 106.38
CA TYR J 55 16.73 -19.24 105.64
C TYR J 55 17.13 -19.62 104.22
N VAL J 56 16.47 -19.02 103.24
CA VAL J 56 16.86 -19.21 101.85
C VAL J 56 17.58 -17.96 101.38
N PRO J 57 18.68 -18.09 100.64
CA PRO J 57 19.42 -16.92 100.17
C PRO J 57 18.90 -16.44 98.83
N GLU J 58 19.34 -15.24 98.46
CA GLU J 58 19.13 -14.75 97.12
C GLU J 58 20.09 -15.46 96.16
N HIS J 59 19.82 -15.34 94.86
CA HIS J 59 20.72 -15.96 93.89
C HIS J 59 22.07 -15.25 93.85
N TRP J 60 22.06 -13.92 93.92
CA TRP J 60 23.31 -13.15 93.89
C TRP J 60 24.12 -13.32 95.17
N GLU J 61 23.55 -13.92 96.21
CA GLU J 61 24.30 -14.26 97.41
C GLU J 61 25.01 -15.60 97.28
N TYR J 62 24.96 -16.24 96.12
CA TYR J 62 25.67 -17.50 95.91
C TYR J 62 27.05 -17.30 95.32
N PHE J 63 27.53 -16.07 95.20
CA PHE J 63 28.79 -15.76 94.55
C PHE J 63 29.72 -15.00 95.50
N LYS J 64 31.01 -15.02 95.16
CA LYS J 64 32.06 -14.59 96.08
C LYS J 64 32.43 -13.12 95.93
N HIS J 65 32.88 -12.72 94.74
CA HIS J 65 33.39 -11.38 94.55
C HIS J 65 32.25 -10.36 94.55
N PRO J 66 32.48 -9.16 95.10
CA PRO J 66 31.40 -8.14 95.12
C PRO J 66 30.93 -7.74 93.74
N ILE J 67 31.83 -7.69 92.75
CA ILE J 67 31.44 -7.28 91.41
C ILE J 67 30.59 -8.36 90.75
N SER J 68 30.92 -9.63 91.00
CA SER J 68 30.10 -10.72 90.48
C SER J 68 28.71 -10.71 91.12
N ARG J 69 28.64 -10.44 92.44
CA ARG J 69 27.35 -10.34 93.11
C ARG J 69 26.54 -9.17 92.57
N TRP J 70 27.21 -8.04 92.31
CA TRP J 70 26.52 -6.88 91.75
C TRP J 70 26.00 -7.15 90.35
N ILE J 71 26.78 -7.84 89.52
CA ILE J 71 26.35 -8.19 88.18
C ILE J 71 25.16 -9.14 88.23
N ALA J 72 25.20 -10.13 89.12
CA ALA J 72 24.09 -11.07 89.25
C ALA J 72 22.84 -10.40 89.79
N ARG J 73 22.99 -9.41 90.69
CA ARG J 73 21.85 -8.72 91.25
C ARG J 73 21.24 -7.72 90.28
N THR J 74 22.06 -7.09 89.44
CA THR J 74 21.59 -5.98 88.61
C THR J 74 21.09 -6.43 87.25
N PHE J 75 21.83 -7.30 86.57
CA PHE J 75 21.56 -7.60 85.16
C PHE J 75 21.07 -9.02 84.90
N PHE J 76 21.48 -9.99 85.70
CA PHE J 76 21.26 -11.40 85.36
C PHE J 76 19.97 -11.92 85.98
N ASP J 77 19.28 -12.78 85.24
CA ASP J 77 18.09 -13.45 85.74
C ASP J 77 18.48 -14.58 86.68
N ALA J 78 17.59 -14.90 87.60
CA ALA J 78 17.83 -16.01 88.52
C ALA J 78 17.72 -17.34 87.78
N PRO J 79 18.49 -18.34 88.19
CA PRO J 79 18.34 -19.68 87.58
C PRO J 79 16.97 -20.29 87.80
N GLU J 80 16.32 -20.00 88.91
CA GLU J 80 14.97 -20.53 89.17
C GLU J 80 13.96 -19.95 88.20
N LYS J 81 14.07 -18.64 87.92
CA LYS J 81 13.18 -17.98 86.98
C LYS J 81 13.33 -18.57 85.58
N ASN J 82 14.58 -18.77 85.14
CA ASN J 82 14.83 -19.38 83.84
C ASN J 82 14.34 -20.81 83.79
N TYR J 83 14.53 -21.57 84.89
CA TYR J 83 14.08 -22.95 84.96
C TYR J 83 12.57 -23.06 84.80
N GLU J 84 11.82 -22.24 85.55
CA GLU J 84 10.37 -22.33 85.48
C GLU J 84 9.82 -21.74 84.18
N ARG J 85 10.49 -20.72 83.63
CA ARG J 85 10.11 -20.20 82.32
C ARG J 85 10.30 -21.25 81.24
N THR J 86 11.41 -22.00 81.30
CA THR J 86 11.64 -23.08 80.35
C THR J 86 10.61 -24.19 80.48
N MET J 87 10.22 -24.50 81.73
CA MET J 87 9.18 -25.51 81.94
C MET J 87 7.84 -25.08 81.34
N ALA J 88 7.48 -23.80 81.52
CA ALA J 88 6.24 -23.29 80.93
C ALA J 88 6.30 -23.33 79.40
N ILE J 89 7.45 -22.96 78.83
CA ILE J 89 7.61 -22.98 77.38
C ILE J 89 7.46 -24.40 76.84
N LEU J 90 8.11 -25.36 77.52
CA LEU J 90 8.04 -26.76 77.08
C LEU J 90 6.62 -27.30 77.15
N GLN J 91 5.88 -26.94 78.21
CA GLN J 91 4.48 -27.36 78.31
C GLN J 91 3.65 -26.80 77.17
N ILE J 92 3.84 -25.52 76.85
CA ILE J 92 3.02 -24.88 75.81
C ILE J 92 3.30 -25.51 74.45
N GLU J 93 4.58 -25.67 74.09
CA GLU J 93 4.87 -26.27 72.79
C GLU J 93 4.51 -27.75 72.72
N SER J 94 4.59 -28.48 73.83
CA SER J 94 4.15 -29.87 73.82
C SER J 94 2.66 -29.97 73.55
N GLU J 95 1.87 -29.11 74.20
CA GLU J 95 0.42 -29.11 73.96
C GLU J 95 0.11 -28.72 72.51
N LYS J 96 0.84 -27.74 71.96
CA LYS J 96 0.65 -27.35 70.57
C LYS J 96 0.97 -28.50 69.61
N ALA J 97 2.04 -29.24 69.87
CA ALA J 97 2.42 -30.34 69.00
C ALA J 97 1.41 -31.47 69.03
N GLU J 98 0.90 -31.82 70.22
CA GLU J 98 -0.13 -32.84 70.30
C GLU J 98 -1.42 -32.40 69.61
N LEU J 99 -1.75 -31.10 69.73
CA LEU J 99 -2.91 -30.58 69.02
C LEU J 99 -2.74 -30.67 67.51
N ARG J 100 -1.54 -30.39 67.01
CA ARG J 100 -1.27 -30.49 65.57
C ARG J 100 -1.42 -31.93 65.08
N LEU J 101 -0.88 -32.89 65.83
CA LEU J 101 -0.99 -34.29 65.42
C LEU J 101 -2.45 -34.76 65.44
N LYS J 102 -3.21 -34.35 66.46
CA LYS J 102 -4.63 -34.69 66.50
C LYS J 102 -5.39 -34.05 65.34
N GLU J 103 -5.01 -32.83 64.96
CA GLU J 103 -5.65 -32.17 63.83
C GLU J 103 -5.40 -32.93 62.53
N LEU J 104 -4.17 -33.39 62.32
CA LEU J 104 -3.86 -34.17 61.11
C LEU J 104 -4.64 -35.48 61.09
N GLU J 105 -4.72 -36.17 62.23
CA GLU J 105 -5.47 -37.42 62.28
C GLU J 105 -6.96 -37.19 62.02
N VAL J 106 -7.53 -36.13 62.61
CA VAL J 106 -8.94 -35.82 62.44
C VAL J 106 -9.24 -35.46 60.99
N ARG J 107 -8.36 -34.67 60.35
CA ARG J 107 -8.56 -34.32 58.95
C ARG J 107 -8.49 -35.55 58.05
N ARG J 108 -7.55 -36.46 58.33
CA ARG J 108 -7.47 -37.69 57.54
C ARG J 108 -8.74 -38.54 57.70
N LEU J 109 -9.23 -38.67 58.93
CA LEU J 109 -10.42 -39.48 59.16
C LEU J 109 -11.67 -38.88 58.52
N MET J 110 -11.82 -37.56 58.60
CA MET J 110 -13.01 -36.93 58.00
C MET J 110 -12.91 -36.89 56.48
N ARG J 111 -11.70 -36.84 55.93
CA ARG J 111 -11.57 -37.01 54.48
C ARG J 111 -11.94 -38.43 54.06
N ALA J 112 -11.55 -39.42 54.88
CA ALA J 112 -11.80 -40.81 54.51
C ALA J 112 -13.27 -41.17 54.59
N LYS J 113 -13.94 -40.79 55.68
CA LYS J 113 -15.31 -41.24 55.91
C LYS J 113 -16.37 -40.20 55.56
N GLY J 114 -16.10 -38.92 55.81
CA GLY J 114 -17.04 -37.89 55.44
C GLY J 114 -18.28 -37.80 56.31
N ASP J 115 -18.22 -38.33 57.53
CA ASP J 115 -19.36 -38.28 58.44
C ASP J 115 -19.38 -37.04 59.33
N GLY J 116 -18.31 -36.25 59.34
CA GLY J 116 -18.21 -35.12 60.22
C GLY J 116 -18.53 -33.81 59.54
N PRO J 117 -18.30 -32.69 60.23
CA PRO J 117 -18.68 -31.39 59.68
C PRO J 117 -17.78 -30.89 58.56
N TRP J 118 -16.61 -31.48 58.34
CA TRP J 118 -15.72 -31.04 57.28
C TRP J 118 -15.84 -31.94 56.07
N PHE J 119 -15.40 -31.42 54.92
CA PHE J 119 -15.48 -32.09 53.62
C PHE J 119 -16.92 -32.46 53.26
N GLN J 120 -17.87 -31.60 53.64
CA GLN J 120 -19.27 -31.81 53.32
C GLN J 120 -19.56 -31.08 52.01
N TYR J 121 -19.22 -31.74 50.91
CA TYR J 121 -19.51 -31.19 49.60
C TYR J 121 -21.02 -31.16 49.38
N PRO J 122 -21.55 -30.12 48.73
CA PRO J 122 -23.01 -29.96 48.65
C PRO J 122 -23.65 -31.00 47.76
N THR J 123 -24.88 -31.35 48.13
CA THR J 123 -25.77 -32.18 47.33
C THR J 123 -27.01 -31.34 46.99
N ILE J 124 -28.02 -31.97 46.43
CA ILE J 124 -29.22 -31.27 46.01
C ILE J 124 -30.16 -31.16 47.19
N ASP J 125 -30.64 -29.94 47.46
CA ASP J 125 -31.60 -29.71 48.53
C ASP J 125 -32.92 -30.34 48.13
N LYS J 126 -33.62 -30.93 49.10
CA LYS J 126 -34.88 -31.62 48.85
C LYS J 126 -36.09 -30.70 49.00
N ALA J 127 -35.88 -29.42 49.23
CA ALA J 127 -36.98 -28.46 49.31
C ALA J 127 -37.48 -28.03 47.94
N LEU J 128 -36.83 -28.46 46.86
CA LEU J 128 -37.23 -28.09 45.51
C LEU J 128 -38.20 -29.08 44.89
N ILE J 129 -38.54 -30.16 45.58
CA ILE J 129 -39.43 -31.18 45.04
C ILE J 129 -40.87 -30.70 45.14
N ASP J 130 -41.65 -30.95 44.11
CA ASP J 130 -43.09 -30.66 44.10
C ASP J 130 -43.83 -31.93 44.46
N HIS J 131 -44.63 -31.88 45.53
CA HIS J 131 -45.41 -33.02 46.00
C HIS J 131 -46.89 -32.90 45.65
N SER J 132 -47.27 -31.91 44.86
CA SER J 132 -48.65 -31.78 44.44
C SER J 132 -49.00 -32.87 43.42
N PRO J 133 -50.27 -33.26 43.33
CA PRO J 133 -50.66 -34.25 42.31
C PRO J 133 -50.44 -33.71 40.90
N LYS J 134 -49.93 -34.58 40.04
CA LYS J 134 -49.55 -34.17 38.69
C LYS J 134 -50.67 -34.50 37.71
N ALA J 135 -50.41 -34.33 36.42
CA ALA J 135 -51.41 -34.63 35.40
C ALA J 135 -51.57 -36.13 35.19
N THR J 136 -50.52 -36.90 35.42
CA THR J 136 -50.53 -38.34 35.26
C THR J 136 -50.36 -39.00 36.63
N PRO J 137 -51.18 -39.98 36.99
CA PRO J 137 -51.05 -40.59 38.32
C PRO J 137 -49.76 -41.36 38.50
N ASP J 138 -49.16 -41.87 37.43
CA ASP J 138 -47.95 -42.70 37.53
C ASP J 138 -46.73 -41.78 37.53
N ASN J 139 -46.30 -41.38 38.71
CA ASN J 139 -45.08 -40.61 38.87
C ASN J 139 -44.49 -40.82 40.26
N ASP K 71 84.29 3.25 61.88
CA ASP K 71 84.11 2.45 60.67
C ASP K 71 83.70 3.32 59.49
N ALA K 72 84.12 2.88 58.29
CA ALA K 72 83.82 3.52 57.00
C ALA K 72 84.19 5.00 56.99
N PRO K 73 85.48 5.34 56.90
CA PRO K 73 85.85 6.75 56.85
C PRO K 73 85.39 7.37 55.54
N PRO K 74 85.05 8.65 55.55
CA PRO K 74 84.51 9.28 54.33
C PRO K 74 85.57 9.42 53.24
N LEU K 75 85.11 9.39 52.01
CA LEU K 75 85.96 9.59 50.85
C LEU K 75 85.82 11.01 50.33
N THR K 76 86.80 11.43 49.52
CA THR K 76 86.80 12.74 48.91
C THR K 76 87.39 12.64 47.51
N LEU K 77 87.09 13.64 46.68
CA LEU K 77 87.47 13.60 45.27
C LEU K 77 88.98 13.62 45.08
N GLU K 78 89.68 14.50 45.82
CA GLU K 78 91.13 14.51 45.70
C GLU K 78 91.74 13.26 46.34
N GLY K 79 91.10 12.71 47.37
CA GLY K 79 91.57 11.47 47.95
C GLY K 79 91.48 10.30 46.99
N ILE K 80 90.33 10.15 46.32
CA ILE K 80 90.18 9.03 45.38
C ILE K 80 91.03 9.27 44.13
N LYS K 81 91.24 10.53 43.74
CA LYS K 81 92.16 10.82 42.64
C LYS K 81 93.60 10.44 43.01
N ASP K 82 94.01 10.76 44.24
CA ASP K 82 95.32 10.36 44.71
C ASP K 82 95.44 8.84 44.75
N ARG K 83 94.36 8.16 45.13
CA ARG K 83 94.36 6.70 45.17
C ARG K 83 94.55 6.08 43.79
N VAL K 84 93.78 6.56 42.81
CA VAL K 84 93.85 5.96 41.47
C VAL K 84 95.18 6.28 40.82
N LEU K 85 95.71 7.50 41.01
CA LEU K 85 97.04 7.80 40.49
C LEU K 85 98.10 6.96 41.19
N TYR K 86 98.01 6.82 42.51
CA TYR K 86 98.99 6.08 43.30
C TYR K 86 99.06 4.62 42.88
N VAL K 87 97.91 4.00 42.63
CA VAL K 87 97.94 2.63 42.13
C VAL K 87 98.33 2.58 40.65
N LEU K 88 98.17 3.69 39.92
CA LEU K 88 98.55 3.68 38.51
C LEU K 88 100.06 3.76 38.31
N LYS K 89 100.79 4.49 39.16
CA LYS K 89 102.24 4.52 38.99
C LYS K 89 102.93 3.26 39.46
N LEU K 90 102.22 2.31 40.05
CA LEU K 90 102.77 1.03 40.43
C LEU K 90 102.66 -0.02 39.34
N TYR K 91 102.33 0.40 38.12
CA TYR K 91 102.19 -0.48 36.97
C TYR K 91 103.48 -0.46 36.16
N ASP K 92 104.00 -1.64 35.84
CA ASP K 92 105.26 -1.74 35.12
C ASP K 92 105.12 -1.42 33.64
N LYS K 93 103.90 -1.35 33.11
CA LYS K 93 103.67 -0.97 31.73
C LYS K 93 103.48 0.53 31.55
N ILE K 94 103.47 1.29 32.64
CA ILE K 94 103.19 2.73 32.61
C ILE K 94 104.38 3.45 33.23
N ASP K 95 104.91 4.44 32.50
CA ASP K 95 105.94 5.31 33.05
C ASP K 95 105.29 6.33 33.97
N PRO K 96 105.72 6.42 35.24
CA PRO K 96 105.07 7.36 36.16
C PRO K 96 105.35 8.83 35.87
N GLU K 97 106.35 9.13 35.05
CA GLU K 97 106.72 10.51 34.77
C GLU K 97 106.02 11.08 33.55
N LYS K 98 105.11 10.33 32.94
CA LYS K 98 104.41 10.78 31.74
C LYS K 98 102.91 10.92 31.94
N LEU K 99 102.29 10.02 32.71
CA LEU K 99 100.84 9.98 32.80
C LEU K 99 100.28 11.16 33.58
N SER K 100 99.08 11.57 33.21
CA SER K 100 98.34 12.61 33.92
C SER K 100 96.91 12.11 34.15
N VAL K 101 96.03 12.99 34.61
CA VAL K 101 94.66 12.57 34.89
C VAL K 101 93.79 12.51 33.64
N ASN K 102 94.27 13.01 32.50
CA ASN K 102 93.59 12.85 31.22
C ASN K 102 94.43 12.03 30.24
N SER K 103 95.15 11.04 30.76
CA SER K 103 96.03 10.21 29.93
C SER K 103 95.24 9.01 29.42
N HIS K 104 94.98 8.99 28.12
CA HIS K 104 94.35 7.83 27.50
C HIS K 104 95.33 6.65 27.51
N PHE K 105 94.77 5.44 27.52
CA PHE K 105 95.60 4.26 27.68
C PHE K 105 96.17 3.78 26.35
N MET K 106 95.31 3.46 25.38
CA MET K 106 95.80 3.03 24.08
C MET K 106 96.06 4.17 23.11
N LYS K 107 95.83 5.43 23.52
CA LYS K 107 96.10 6.57 22.67
C LYS K 107 97.33 7.36 23.13
N ASP K 108 97.33 7.79 24.40
CA ASP K 108 98.44 8.59 24.92
C ASP K 108 99.51 7.74 25.60
N LEU K 109 99.18 6.52 26.02
CA LEU K 109 100.12 5.66 26.69
C LEU K 109 100.48 4.41 25.90
N GLY K 110 99.77 4.13 24.81
CA GLY K 110 100.03 2.96 23.98
C GLY K 110 99.77 1.63 24.66
N LEU K 111 98.74 1.56 25.50
CA LEU K 111 98.43 0.34 26.23
C LEU K 111 97.64 -0.62 25.35
N ASP K 112 97.05 -1.64 25.98
CA ASP K 112 96.21 -2.61 25.29
C ASP K 112 94.86 -2.70 25.98
N SER K 113 93.90 -3.33 25.28
CA SER K 113 92.58 -3.53 25.86
C SER K 113 92.64 -4.48 27.06
N LEU K 114 93.45 -5.53 26.97
CA LEU K 114 93.64 -6.43 28.10
C LEU K 114 94.31 -5.72 29.27
N ASP K 115 95.22 -4.79 28.99
CA ASP K 115 95.80 -3.98 30.05
C ASP K 115 94.77 -3.06 30.69
N GLN K 116 93.80 -2.56 29.90
CA GLN K 116 92.70 -1.80 30.47
C GLN K 116 91.84 -2.67 31.37
N VAL K 117 91.62 -3.92 30.97
CA VAL K 117 90.87 -4.86 31.81
C VAL K 117 91.59 -5.11 33.13
N GLU K 118 92.92 -5.30 33.07
CA GLU K 118 93.70 -5.47 34.30
C GLU K 118 93.66 -4.22 35.16
N ILE K 119 93.67 -3.04 34.54
CA ILE K 119 93.57 -1.79 35.27
C ILE K 119 92.23 -1.68 36.00
N ILE K 120 91.15 -2.08 35.32
CA ILE K 120 89.83 -2.03 35.95
C ILE K 120 89.73 -3.05 37.10
N MET K 121 90.33 -4.23 36.93
CA MET K 121 90.36 -5.17 38.04
C MET K 121 91.19 -4.65 39.21
N ALA K 122 92.27 -3.91 38.93
CA ALA K 122 93.01 -3.26 39.98
C ALA K 122 92.17 -2.20 40.69
N MET K 123 91.33 -1.49 39.93
CA MET K 123 90.42 -0.52 40.52
C MET K 123 89.44 -1.20 41.47
N GLU K 124 88.88 -2.33 41.04
CA GLU K 124 87.95 -3.09 41.87
C GLU K 124 88.62 -3.61 43.13
N ASP K 125 89.85 -4.13 43.01
CA ASP K 125 90.57 -4.64 44.17
C ASP K 125 91.08 -3.52 45.07
N GLU K 126 91.16 -2.29 44.55
CA GLU K 126 91.59 -1.16 45.36
C GLU K 126 90.45 -0.54 46.15
N PHE K 127 89.32 -0.27 45.51
CA PHE K 127 88.22 0.41 46.18
C PHE K 127 87.19 -0.55 46.76
N GLY K 128 87.36 -1.85 46.57
CA GLY K 128 86.53 -2.83 47.24
C GLY K 128 85.17 -3.09 46.63
N PHE K 129 84.85 -2.48 45.49
CA PHE K 129 83.59 -2.71 44.82
C PHE K 129 83.86 -3.00 43.35
N GLU K 130 83.02 -3.85 42.76
CA GLU K 130 83.25 -4.32 41.40
C GLU K 130 82.54 -3.40 40.41
N ILE K 131 83.30 -2.92 39.44
CA ILE K 131 82.73 -2.14 38.35
C ILE K 131 82.15 -3.10 37.32
N PRO K 132 80.89 -2.91 36.90
CA PRO K 132 80.30 -3.79 35.88
C PRO K 132 81.02 -3.65 34.54
N ASP K 133 80.93 -4.72 33.75
CA ASP K 133 81.67 -4.80 32.50
C ASP K 133 81.21 -3.75 31.50
N ILE K 134 79.89 -3.51 31.44
CA ILE K 134 79.36 -2.56 30.46
C ILE K 134 79.76 -1.12 30.79
N ASP K 135 80.19 -0.86 32.04
CA ASP K 135 80.83 0.41 32.38
C ASP K 135 82.34 0.29 32.41
N ALA K 136 82.88 -0.92 32.52
CA ALA K 136 84.33 -1.11 32.48
C ALA K 136 84.88 -0.92 31.07
N GLU K 137 84.05 -1.16 30.05
CA GLU K 137 84.48 -0.99 28.67
C GLU K 137 84.42 0.46 28.20
N LYS K 138 84.08 1.39 29.09
CA LYS K 138 83.91 2.79 28.72
C LYS K 138 84.90 3.72 29.38
N LEU K 139 85.42 3.36 30.55
CA LEU K 139 86.37 4.21 31.26
C LEU K 139 87.73 4.13 30.57
N MET K 140 88.19 5.26 30.04
CA MET K 140 89.41 5.28 29.24
C MET K 140 90.48 6.22 29.77
N CYS K 141 90.19 7.03 30.77
CA CYS K 141 91.15 7.95 31.36
C CYS K 141 91.00 7.86 32.86
N PRO K 142 92.06 8.23 33.62
CA PRO K 142 91.94 8.23 35.08
C PRO K 142 90.84 9.14 35.61
N GLN K 143 90.60 10.28 34.96
CA GLN K 143 89.51 11.16 35.39
C GLN K 143 88.15 10.51 35.17
N GLU K 144 88.01 9.67 34.15
CA GLU K 144 86.75 8.95 33.96
C GLU K 144 86.52 7.94 35.07
N ILE K 145 87.58 7.25 35.52
CA ILE K 145 87.46 6.34 36.65
C ILE K 145 87.12 7.11 37.92
N VAL K 146 87.72 8.30 38.09
CA VAL K 146 87.40 9.15 39.24
C VAL K 146 85.92 9.55 39.20
N ASP K 147 85.42 9.94 38.03
CA ASP K 147 84.02 10.33 37.90
C ASP K 147 83.08 9.17 38.17
N TYR K 148 83.44 7.97 37.69
CA TYR K 148 82.59 6.81 37.92
C TYR K 148 82.55 6.41 39.39
N ILE K 149 83.71 6.46 40.07
CA ILE K 149 83.74 6.13 41.49
C ILE K 149 83.00 7.19 42.30
N ALA K 150 83.11 8.46 41.90
CA ALA K 150 82.37 9.52 42.55
C ALA K 150 80.87 9.36 42.39
N ASP K 151 80.44 8.94 41.19
CA ASP K 151 79.01 8.70 40.96
C ASP K 151 78.51 7.51 41.77
N LYS K 152 79.30 6.43 41.81
CA LYS K 152 78.86 5.22 42.49
C LYS K 152 78.92 5.33 44.01
N LYS K 153 79.74 6.23 44.55
CA LYS K 153 79.91 6.33 45.99
C LYS K 153 79.31 7.59 46.58
N ASP K 154 78.77 8.49 45.75
CA ASP K 154 78.06 9.71 46.16
C ASP K 154 78.94 10.60 47.05
N VAL K 155 80.00 11.08 46.43
CA VAL K 155 81.02 11.82 47.15
C VAL K 155 80.72 13.31 47.07
N TYR K 156 81.27 14.06 48.03
CA TYR K 156 81.10 15.51 48.19
C TYR K 156 79.63 15.90 48.29
N GLU K 157 79.03 15.43 49.39
CA GLU K 157 77.68 15.81 49.75
C GLU K 157 77.64 17.26 50.19
N PRO L 1 -32.58 -58.57 39.60
CA PRO L 1 -33.49 -58.12 40.65
C PRO L 1 -34.76 -58.95 40.72
N GLY L 2 -35.89 -58.30 41.05
CA GLY L 2 -37.11 -59.01 41.29
C GLY L 2 -37.86 -59.40 40.03
N ILE L 3 -38.95 -60.14 40.23
CA ILE L 3 -39.83 -60.57 39.16
C ILE L 3 -41.07 -59.69 39.19
N VAL L 4 -41.48 -59.21 38.02
CA VAL L 4 -42.62 -58.29 37.95
C VAL L 4 -43.90 -59.08 38.15
N GLU L 5 -44.70 -58.66 39.13
CA GLU L 5 -45.98 -59.30 39.40
C GLU L 5 -47.01 -58.76 38.41
N LEU L 6 -47.63 -59.66 37.66
CA LEU L 6 -48.51 -59.26 36.57
C LEU L 6 -49.80 -60.06 36.67
N PRO L 7 -50.97 -59.41 36.54
CA PRO L 7 -52.23 -60.15 36.65
C PRO L 7 -52.48 -60.99 35.42
N SER L 8 -53.22 -62.09 35.62
CA SER L 8 -53.51 -63.01 34.55
C SER L 8 -54.52 -62.40 33.58
N LEU L 9 -54.70 -63.08 32.43
CA LEU L 9 -55.61 -62.57 31.41
C LEU L 9 -57.07 -62.66 31.82
N GLU L 10 -57.41 -63.51 32.79
CA GLU L 10 -58.78 -63.58 33.25
C GLU L 10 -59.15 -62.39 34.12
N ASP L 11 -58.16 -61.76 34.76
CA ASP L 11 -58.41 -60.59 35.59
C ASP L 11 -58.63 -59.33 34.77
N LEU L 12 -58.24 -59.34 33.49
CA LEU L 12 -58.34 -58.18 32.62
C LEU L 12 -59.55 -58.22 31.71
N LYS L 13 -60.43 -59.20 31.88
CA LYS L 13 -61.57 -59.39 30.98
C LYS L 13 -62.80 -58.70 31.55
N VAL L 14 -63.42 -57.84 30.73
CA VAL L 14 -64.61 -57.11 31.11
C VAL L 14 -65.36 -56.75 29.83
N GLN L 15 -66.65 -56.46 29.97
CA GLN L 15 -67.47 -56.06 28.83
C GLN L 15 -67.14 -54.61 28.47
N GLU L 16 -66.60 -54.41 27.27
CA GLU L 16 -66.11 -53.11 26.87
C GLU L 16 -67.26 -52.17 26.54
N VAL L 17 -66.95 -50.88 26.52
CA VAL L 17 -67.88 -49.85 26.09
C VAL L 17 -67.51 -49.54 24.64
N LYS L 18 -68.15 -50.25 23.71
CA LYS L 18 -67.79 -50.15 22.30
C LYS L 18 -68.61 -49.05 21.63
N VAL L 19 -68.20 -47.81 21.87
CA VAL L 19 -68.78 -46.64 21.21
C VAL L 19 -67.63 -45.77 20.75
N SER L 20 -67.92 -44.90 19.78
CA SER L 20 -66.91 -44.03 19.22
C SER L 20 -66.68 -42.82 20.12
N SER L 21 -65.75 -41.95 19.71
CA SER L 21 -65.42 -40.78 20.52
C SER L 21 -66.54 -39.75 20.50
N SER L 22 -67.22 -39.60 19.36
CA SER L 22 -68.31 -38.61 19.29
C SER L 22 -69.52 -39.05 20.09
N VAL L 23 -69.75 -40.37 20.19
CA VAL L 23 -70.81 -40.89 21.05
C VAL L 23 -70.54 -40.53 22.50
N LEU L 24 -69.28 -40.68 22.93
CA LEU L 24 -68.92 -40.34 24.30
C LEU L 24 -68.97 -38.83 24.54
N LYS L 25 -68.53 -38.04 23.55
CA LYS L 25 -68.52 -36.59 23.71
C LYS L 25 -69.92 -36.00 23.70
N ALA L 26 -70.87 -36.67 23.01
CA ALA L 26 -72.25 -36.20 23.03
C ALA L 26 -72.86 -36.31 24.41
N ALA L 27 -72.58 -37.40 25.13
CA ALA L 27 -73.15 -37.64 26.45
C ALA L 27 -72.11 -37.52 27.56
N ALA L 28 -71.09 -36.68 27.35
CA ALA L 28 -70.01 -36.58 28.33
C ALA L 28 -70.47 -35.88 29.61
N HIS L 29 -71.26 -34.82 29.48
CA HIS L 29 -71.68 -34.05 30.65
C HIS L 29 -72.64 -34.85 31.52
N HIS L 30 -73.60 -35.55 30.91
CA HIS L 30 -74.51 -36.39 31.69
C HIS L 30 -73.80 -37.59 32.27
N TYR L 31 -72.80 -38.14 31.58
CA TYR L 31 -72.00 -39.22 32.14
C TYR L 31 -71.22 -38.76 33.35
N GLY L 32 -70.65 -37.55 33.30
CA GLY L 32 -69.97 -37.01 34.46
C GLY L 32 -70.92 -36.70 35.60
N ALA L 33 -72.14 -36.27 35.29
CA ALA L 33 -73.09 -35.91 36.34
C ALA L 33 -73.66 -37.14 37.03
N GLN L 34 -73.94 -38.20 36.27
CA GLN L 34 -74.63 -39.36 36.83
C GLN L 34 -73.69 -40.43 37.37
N CYS L 35 -72.58 -40.70 36.69
CA CYS L 35 -71.66 -41.77 37.07
C CYS L 35 -70.46 -41.24 37.86
N ASP L 36 -70.71 -40.26 38.74
CA ASP L 36 -69.60 -39.55 39.36
C ASP L 36 -68.88 -40.39 40.41
N LYS L 37 -69.63 -41.13 41.24
CA LYS L 37 -69.01 -41.81 42.39
C LYS L 37 -68.02 -42.90 42.01
N PRO L 38 -68.34 -43.88 41.13
CA PRO L 38 -67.29 -44.85 40.76
C PRO L 38 -66.12 -44.23 40.01
N ASN L 39 -66.37 -43.21 39.20
CA ASN L 39 -65.28 -42.54 38.49
C ASN L 39 -64.32 -41.85 39.46
N LYS L 40 -64.88 -41.13 40.43
CA LYS L 40 -64.05 -40.45 41.41
C LYS L 40 -63.32 -41.42 42.31
N GLU L 41 -63.98 -42.53 42.69
CA GLU L 41 -63.30 -43.54 43.49
C GLU L 41 -62.15 -44.19 42.73
N PHE L 42 -62.36 -44.49 41.44
CA PHE L 42 -61.30 -45.05 40.62
C PHE L 42 -60.14 -44.09 40.46
N MET L 43 -60.43 -42.81 40.24
CA MET L 43 -59.36 -41.84 40.02
C MET L 43 -58.58 -41.58 41.31
N LEU L 44 -59.28 -41.56 42.46
CA LEU L 44 -58.59 -41.43 43.73
C LEU L 44 -57.71 -42.65 44.01
N CYS L 45 -58.21 -43.85 43.69
CA CYS L 45 -57.41 -45.06 43.85
C CYS L 45 -56.18 -45.04 42.95
N ARG L 46 -56.33 -44.55 41.72
CA ARG L 46 -55.20 -44.47 40.80
C ARG L 46 -54.16 -43.46 41.27
N TRP L 47 -54.60 -42.30 41.77
CA TRP L 47 -53.66 -41.29 42.21
C TRP L 47 -53.04 -41.60 43.56
N GLU L 48 -53.66 -42.44 44.37
CA GLU L 48 -53.07 -42.80 45.65
C GLU L 48 -52.19 -44.04 45.57
N GLU L 49 -52.62 -45.06 44.84
CA GLU L 49 -51.85 -46.29 44.75
C GLU L 49 -50.64 -46.15 43.82
N LYS L 50 -50.74 -45.30 42.79
CA LYS L 50 -49.71 -45.11 41.77
C LYS L 50 -49.36 -46.42 41.08
N ASP L 51 -50.37 -47.27 40.88
CA ASP L 51 -50.18 -48.60 40.32
C ASP L 51 -51.47 -49.07 39.68
N PRO L 52 -51.49 -49.34 38.37
CA PRO L 52 -52.72 -49.86 37.75
C PRO L 52 -53.12 -51.23 38.26
N ARG L 53 -52.16 -52.10 38.56
CA ARG L 53 -52.45 -53.47 38.99
C ARG L 53 -53.20 -53.52 40.31
N ARG L 54 -53.07 -52.49 41.14
CA ARG L 54 -53.78 -52.44 42.41
C ARG L 54 -55.17 -51.81 42.29
N CYS L 55 -55.55 -51.34 41.10
CA CYS L 55 -56.80 -50.62 40.94
C CYS L 55 -57.80 -51.32 40.04
N LEU L 56 -57.48 -52.54 39.58
CA LEU L 56 -58.18 -53.18 38.47
C LEU L 56 -59.66 -53.35 38.75
N GLU L 57 -59.99 -53.84 39.95
CA GLU L 57 -61.39 -54.04 40.33
C GLU L 57 -62.16 -52.73 40.29
N GLU L 58 -61.56 -51.65 40.78
CA GLU L 58 -62.20 -50.34 40.70
C GLU L 58 -62.47 -49.96 39.25
N GLY L 59 -61.51 -50.23 38.37
CA GLY L 59 -61.71 -49.96 36.95
C GLY L 59 -62.89 -50.72 36.39
N LYS L 60 -63.06 -51.96 36.86
CA LYS L 60 -64.19 -52.77 36.39
C LYS L 60 -65.51 -52.11 36.74
N LEU L 61 -65.58 -51.49 37.93
CA LEU L 61 -66.80 -50.81 38.33
C LEU L 61 -67.14 -49.69 37.35
N VAL L 62 -66.12 -48.97 36.88
CA VAL L 62 -66.35 -47.93 35.88
C VAL L 62 -66.94 -48.56 34.63
N ASN L 63 -66.33 -49.65 34.14
CA ASN L 63 -66.82 -50.31 32.95
C ASN L 63 -68.16 -50.97 33.18
N GLN L 64 -68.59 -51.13 34.43
CA GLN L 64 -69.97 -51.50 34.69
C GLN L 64 -70.86 -50.27 34.61
N CYS L 65 -70.54 -49.25 35.41
CA CYS L 65 -71.49 -48.17 35.67
C CYS L 65 -71.76 -47.34 34.43
N ALA L 66 -70.70 -47.05 33.66
CA ALA L 66 -70.85 -46.34 32.39
C ALA L 66 -71.77 -47.09 31.45
N LEU L 67 -71.67 -48.43 31.43
CA LEU L 67 -72.57 -49.22 30.61
C LEU L 67 -74.01 -49.06 31.07
N GLU L 68 -74.22 -49.05 32.39
CA GLU L 68 -75.55 -48.81 32.94
C GLU L 68 -76.04 -47.40 32.63
N PHE L 69 -75.13 -46.48 32.31
CA PHE L 69 -75.54 -45.20 31.75
C PHE L 69 -76.16 -45.38 30.38
N PHE L 70 -75.41 -46.00 29.46
CA PHE L 70 -75.79 -45.98 28.05
C PHE L 70 -77.05 -46.77 27.79
N ARG L 71 -77.27 -47.83 28.56
CA ARG L 71 -78.51 -48.60 28.43
C ARG L 71 -79.73 -47.74 28.74
N GLN L 72 -79.62 -46.86 29.74
CA GLN L 72 -80.72 -45.95 30.04
C GLN L 72 -80.91 -44.92 28.92
N ILE L 73 -79.86 -44.64 28.16
CA ILE L 73 -80.04 -43.85 26.94
C ILE L 73 -80.77 -44.67 25.89
N LYS L 74 -80.44 -45.96 25.78
CA LYS L 74 -81.01 -46.80 24.74
C LYS L 74 -82.48 -47.12 25.00
N ARG L 75 -82.87 -47.18 26.27
CA ARG L 75 -84.23 -47.58 26.60
C ARG L 75 -85.23 -46.45 26.35
N HIS L 76 -84.83 -45.21 26.61
CA HIS L 76 -85.77 -44.10 26.64
C HIS L 76 -85.48 -43.01 25.62
N CYS L 77 -84.23 -42.65 25.40
CA CYS L 77 -83.86 -41.47 24.62
C CYS L 77 -82.90 -41.84 23.49
N ALA L 78 -83.25 -42.89 22.74
CA ALA L 78 -82.34 -43.39 21.72
C ALA L 78 -82.25 -42.45 20.52
N GLU L 79 -83.39 -41.95 20.04
CA GLU L 79 -83.40 -41.20 18.78
C GLU L 79 -82.83 -39.78 18.93
N PRO L 80 -83.21 -38.95 19.92
CA PRO L 80 -82.54 -37.65 20.04
C PRO L 80 -81.05 -37.75 20.30
N PHE L 81 -80.62 -38.76 21.06
CA PHE L 81 -79.20 -38.98 21.26
C PHE L 81 -78.52 -39.41 19.97
N THR L 82 -79.21 -40.19 19.14
CA THR L 82 -78.66 -40.59 17.85
C THR L 82 -78.44 -39.37 16.96
N GLU L 83 -79.43 -38.48 16.89
CA GLU L 83 -79.30 -37.27 16.10
C GLU L 83 -78.18 -36.37 16.64
N TYR L 84 -78.10 -36.24 17.96
CA TYR L 84 -77.09 -35.37 18.57
C TYR L 84 -75.68 -35.89 18.33
N TRP L 85 -75.46 -37.20 18.52
CA TRP L 85 -74.10 -37.68 18.32
C TRP L 85 -73.74 -37.72 16.84
N THR L 86 -74.72 -37.88 15.93
CA THR L 86 -74.41 -37.74 14.52
C THR L 86 -73.99 -36.32 14.17
N CYS L 87 -74.71 -35.33 14.70
CA CYS L 87 -74.36 -33.93 14.43
C CYS L 87 -73.00 -33.58 15.02
N ILE L 88 -72.67 -34.11 16.19
CA ILE L 88 -71.33 -33.93 16.75
C ILE L 88 -70.29 -34.61 15.87
N ASP L 89 -70.60 -35.82 15.40
CA ASP L 89 -69.67 -36.64 14.65
C ASP L 89 -69.34 -36.07 13.27
N TYR L 90 -70.22 -35.25 12.69
CA TYR L 90 -69.95 -34.71 11.37
C TYR L 90 -68.72 -33.80 11.35
N SER L 91 -68.61 -32.88 12.30
CA SER L 91 -67.60 -31.83 12.22
C SER L 91 -66.22 -32.35 12.60
N GLY L 92 -65.19 -31.70 12.04
CA GLY L 92 -63.83 -32.17 12.22
C GLY L 92 -63.30 -32.00 13.63
N LEU L 93 -63.59 -30.87 14.26
CA LEU L 93 -63.13 -30.62 15.62
C LEU L 93 -64.11 -31.07 16.68
N GLN L 94 -65.25 -31.64 16.27
CA GLN L 94 -66.31 -32.10 17.17
C GLN L 94 -66.81 -30.98 18.08
N LEU L 95 -67.05 -29.82 17.48
CA LEU L 95 -67.42 -28.64 18.26
C LEU L 95 -68.82 -28.77 18.82
N PHE L 96 -69.00 -28.29 20.04
CA PHE L 96 -70.32 -28.31 20.67
C PHE L 96 -71.23 -27.22 20.13
N ARG L 97 -70.65 -26.12 19.64
CA ARG L 97 -71.45 -24.97 19.23
C ARG L 97 -72.14 -25.16 17.88
N ARG L 98 -71.79 -26.20 17.13
CA ARG L 98 -72.42 -26.45 15.84
C ARG L 98 -73.65 -27.33 15.94
N CYS L 99 -73.99 -27.82 17.13
CA CYS L 99 -75.07 -28.78 17.34
C CYS L 99 -75.98 -28.34 18.47
N ARG L 100 -76.39 -27.07 18.45
CA ARG L 100 -77.12 -26.52 19.60
C ARG L 100 -78.56 -26.99 19.66
N LYS L 101 -79.24 -27.09 18.52
CA LYS L 101 -80.66 -27.46 18.53
C LYS L 101 -80.84 -28.94 18.84
N GLU L 102 -79.97 -29.80 18.34
CA GLU L 102 -80.03 -31.22 18.67
C GLU L 102 -79.68 -31.45 20.14
N GLN L 103 -78.73 -30.69 20.67
CA GLN L 103 -78.41 -30.77 22.09
C GLN L 103 -79.59 -30.32 22.93
N ALA L 104 -80.28 -29.27 22.51
CA ALA L 104 -81.46 -28.80 23.23
C ALA L 104 -82.57 -29.84 23.24
N GLN L 105 -82.81 -30.48 22.09
CA GLN L 105 -83.85 -31.51 22.02
C GLN L 105 -83.49 -32.74 22.85
N PHE L 106 -82.22 -33.16 22.80
CA PHE L 106 -81.78 -34.31 23.59
C PHE L 106 -81.86 -34.02 25.08
N ASP L 107 -81.47 -32.81 25.49
CA ASP L 107 -81.54 -32.44 26.90
C ASP L 107 -82.99 -32.34 27.37
N LYS L 108 -83.88 -31.81 26.52
CA LYS L 108 -85.28 -31.73 26.90
C LYS L 108 -85.89 -33.12 27.07
N CYS L 109 -85.59 -34.04 26.14
CA CYS L 109 -86.11 -35.40 26.25
C CYS L 109 -85.57 -36.10 27.49
N VAL L 110 -84.27 -35.92 27.78
CA VAL L 110 -83.66 -36.53 28.95
C VAL L 110 -84.26 -35.98 30.24
N LEU L 111 -84.45 -34.65 30.30
CA LEU L 111 -84.99 -34.05 31.53
C LEU L 111 -86.44 -34.46 31.76
N ASP L 112 -87.27 -34.45 30.72
CA ASP L 112 -88.66 -34.82 30.93
C ASP L 112 -88.91 -36.33 30.93
N LYS L 113 -87.90 -37.15 30.66
CA LYS L 113 -88.08 -38.59 30.76
C LYS L 113 -87.21 -39.26 31.82
N LEU L 114 -86.13 -38.60 32.27
CA LEU L 114 -85.26 -39.19 33.29
C LEU L 114 -84.87 -38.24 34.41
N GLY L 115 -85.14 -36.94 34.28
CA GLY L 115 -84.81 -36.00 35.33
C GLY L 115 -83.33 -35.76 35.55
N TRP L 116 -82.55 -35.69 34.48
CA TRP L 116 -81.12 -35.41 34.57
C TRP L 116 -80.89 -33.95 34.24
N VAL L 117 -80.13 -33.27 35.08
CA VAL L 117 -79.81 -31.85 34.90
C VAL L 117 -78.39 -31.74 34.38
N ARG L 118 -78.23 -31.04 33.27
CA ARG L 118 -76.89 -30.83 32.70
C ARG L 118 -76.08 -29.91 33.60
N PRO L 119 -74.83 -30.24 33.90
CA PRO L 119 -74.01 -29.35 34.73
C PRO L 119 -73.71 -28.03 34.03
N ASP L 120 -73.53 -26.99 34.85
CA ASP L 120 -73.19 -25.67 34.33
C ASP L 120 -71.67 -25.57 34.12
N LEU L 121 -71.20 -24.36 33.88
CA LEU L 121 -69.78 -24.15 33.64
C LEU L 121 -68.99 -24.27 34.95
N GLY L 122 -67.94 -25.07 34.92
CA GLY L 122 -67.08 -25.24 36.07
C GLY L 122 -67.61 -26.20 37.11
N GLU L 123 -68.78 -26.80 36.90
CA GLU L 123 -69.32 -27.73 37.89
C GLU L 123 -68.58 -29.06 37.85
N LEU L 124 -68.31 -29.57 36.64
CA LEU L 124 -67.61 -30.85 36.53
C LEU L 124 -66.15 -30.73 36.93
N SER L 125 -65.56 -29.55 36.77
CA SER L 125 -64.16 -29.32 37.08
C SER L 125 -63.90 -29.03 38.55
N LYS L 126 -64.91 -29.18 39.41
CA LYS L 126 -64.74 -28.98 40.83
C LYS L 126 -63.91 -30.12 41.43
N VAL L 127 -63.33 -29.85 42.60
CA VAL L 127 -62.64 -30.85 43.38
C VAL L 127 -63.59 -31.34 44.47
N THR L 128 -63.86 -32.64 44.49
CA THR L 128 -64.82 -33.23 45.41
C THR L 128 -64.12 -34.15 46.39
N LYS L 129 -64.85 -34.58 47.40
CA LYS L 129 -64.34 -35.53 48.39
C LYS L 129 -64.97 -36.89 48.19
N VAL L 130 -64.23 -37.93 48.57
CA VAL L 130 -64.64 -39.31 48.35
C VAL L 130 -64.50 -40.06 49.66
N LYS L 131 -65.57 -40.73 50.08
CA LYS L 131 -65.56 -41.60 51.24
C LYS L 131 -65.37 -43.04 50.75
N THR L 132 -64.26 -43.65 51.14
CA THR L 132 -63.91 -44.99 50.68
C THR L 132 -63.42 -45.83 51.86
N ASP L 133 -63.49 -47.14 51.68
CA ASP L 133 -63.17 -48.07 52.75
C ASP L 133 -61.73 -48.56 52.72
N ARG L 134 -61.07 -48.51 51.57
CA ARG L 134 -59.70 -49.00 51.47
C ARG L 134 -58.76 -48.05 52.21
N PRO L 135 -57.75 -48.58 52.89
CA PRO L 135 -56.88 -47.73 53.71
C PRO L 135 -55.86 -46.97 52.88
N LEU L 136 -55.32 -45.93 53.49
CA LEU L 136 -54.29 -45.12 52.84
C LEU L 136 -52.98 -45.89 52.78
N PRO L 137 -52.36 -46.00 51.60
CA PRO L 137 -51.03 -46.65 51.51
C PRO L 137 -49.98 -45.81 52.23
N GLU L 138 -49.35 -46.41 53.24
CA GLU L 138 -48.37 -45.69 54.04
C GLU L 138 -47.04 -45.53 53.31
N ASN L 139 -46.77 -46.35 52.30
CA ASN L 139 -45.53 -46.30 51.53
C ASN L 139 -45.85 -46.59 50.07
N PRO L 140 -46.36 -45.59 49.34
CA PRO L 140 -46.74 -45.83 47.94
C PRO L 140 -45.55 -45.88 47.01
N TYR L 141 -44.47 -45.18 47.37
CA TYR L 141 -43.27 -45.14 46.54
C TYR L 141 -42.35 -46.33 46.77
N HIS L 142 -42.68 -47.19 47.75
CA HIS L 142 -41.85 -48.33 48.15
C HIS L 142 -40.44 -47.88 48.52
N SER L 143 -40.36 -46.76 49.22
CA SER L 143 -39.08 -46.21 49.64
C SER L 143 -38.54 -46.98 50.84
N ARG L 144 -37.22 -47.18 50.84
CA ARG L 144 -36.57 -47.86 51.95
C ARG L 144 -36.16 -46.82 53.00
N ALA L 145 -35.36 -47.23 53.97
CA ALA L 145 -34.98 -46.35 55.08
C ALA L 145 -33.97 -45.32 54.62
N ARG L 146 -34.22 -44.06 54.97
CA ARG L 146 -33.31 -42.99 54.62
C ARG L 146 -32.03 -43.10 55.44
N PRO L 147 -30.89 -42.69 54.89
CA PRO L 147 -29.64 -42.69 55.66
C PRO L 147 -29.69 -41.71 56.82
N GLU L 148 -29.02 -42.07 57.89
CA GLU L 148 -29.00 -41.23 59.08
C GLU L 148 -28.15 -39.99 58.84
N PRO L 149 -28.64 -38.80 59.20
CA PRO L 149 -27.86 -37.59 58.98
C PRO L 149 -26.67 -37.50 59.90
N ASN L 150 -25.73 -36.63 59.53
CA ASN L 150 -24.55 -36.39 60.35
C ASN L 150 -24.95 -35.69 61.65
N PRO L 151 -24.22 -35.93 62.74
CA PRO L 151 -24.49 -35.19 63.98
C PRO L 151 -24.25 -33.71 63.81
N GLU L 152 -25.11 -32.91 64.44
CA GLU L 152 -25.05 -31.47 64.29
C GLU L 152 -23.97 -30.89 65.19
N VAL L 153 -23.82 -29.57 65.14
CA VAL L 153 -22.84 -28.84 65.94
C VAL L 153 -23.54 -28.24 67.16
N GLU L 154 -22.94 -28.41 68.33
CA GLU L 154 -23.53 -27.92 69.57
C GLU L 154 -22.43 -27.48 70.51
N GLY L 155 -22.80 -26.63 71.46
CA GLY L 155 -21.87 -26.13 72.44
C GLY L 155 -21.42 -24.71 72.14
N ASP L 156 -20.91 -24.04 73.17
CA ASP L 156 -20.43 -22.68 73.03
C ASP L 156 -19.06 -22.66 72.37
N LEU L 157 -18.73 -21.51 71.79
CA LEU L 157 -17.49 -21.36 71.03
C LEU L 157 -16.40 -20.87 71.97
N LYS L 158 -15.51 -21.77 72.35
CA LYS L 158 -14.35 -21.38 73.12
C LYS L 158 -13.27 -20.84 72.19
N PRO L 159 -12.39 -19.97 72.69
CA PRO L 159 -11.27 -19.49 71.86
C PRO L 159 -10.31 -20.63 71.52
N ALA L 160 -9.60 -20.43 70.41
CA ALA L 160 -8.67 -21.44 69.94
C ALA L 160 -7.52 -21.63 70.92
N ARG L 161 -7.13 -22.87 71.13
CA ARG L 161 -6.08 -23.18 72.09
C ARG L 161 -4.73 -22.81 71.51
N HIS L 162 -4.02 -21.90 72.19
CA HIS L 162 -2.70 -21.40 71.79
C HIS L 162 -2.73 -20.79 70.39
N GLY L 163 -3.82 -20.11 70.06
CA GLY L 163 -3.90 -19.36 68.83
C GLY L 163 -4.01 -20.17 67.56
N SER L 164 -3.33 -19.72 66.51
CA SER L 164 -3.45 -20.35 65.20
C SER L 164 -2.73 -21.69 65.15
N ARG L 165 -1.65 -21.85 65.92
CA ARG L 165 -0.76 -23.01 65.87
C ARG L 165 -0.23 -23.25 64.46
N LEU L 166 0.11 -22.17 63.78
CA LEU L 166 0.69 -22.23 62.44
C LEU L 166 2.15 -21.81 62.56
N PHE L 167 3.04 -22.82 62.59
CA PHE L 167 4.50 -22.65 62.64
C PHE L 167 4.86 -21.86 63.89
N PHE L 168 5.54 -20.72 63.79
CA PHE L 168 6.04 -20.02 64.96
C PHE L 168 5.06 -18.97 65.47
N TRP L 169 3.89 -18.82 64.87
CA TRP L 169 2.95 -17.79 65.29
C TRP L 169 2.28 -18.18 66.61
N THR L 170 2.41 -17.30 67.61
CA THR L 170 1.81 -17.56 68.91
C THR L 170 0.30 -17.36 68.91
N MET L 171 -0.19 -16.42 68.10
CA MET L 171 -1.62 -16.18 68.00
C MET L 171 -2.13 -16.49 66.59
N SER M 1 41.41 -21.78 103.73
CA SER M 1 42.30 -22.81 103.20
C SER M 1 41.48 -23.97 102.64
N TRP M 2 42.18 -24.99 102.14
CA TRP M 2 41.53 -26.16 101.56
C TRP M 2 41.44 -27.27 102.60
N ASP M 3 40.78 -28.36 102.22
CA ASP M 3 40.57 -29.50 103.11
C ASP M 3 41.60 -30.58 102.77
N LYS M 4 42.24 -31.11 103.81
CA LYS M 4 43.36 -32.04 103.62
C LYS M 4 42.90 -33.46 103.36
N ASP M 5 41.64 -33.80 103.64
CA ASP M 5 41.19 -35.16 103.37
C ASP M 5 40.92 -35.38 101.88
N VAL M 6 40.39 -34.36 101.20
CA VAL M 6 40.19 -34.46 99.76
C VAL M 6 41.53 -34.43 99.02
N TYR M 7 42.44 -33.56 99.47
CA TYR M 7 43.77 -33.42 98.90
C TYR M 7 44.79 -33.92 99.91
N PRO M 8 45.10 -35.20 99.93
CA PRO M 8 46.01 -35.72 100.95
C PRO M 8 47.46 -35.40 100.66
N GLU M 9 48.23 -35.24 101.74
CA GLU M 9 49.65 -34.98 101.65
C GLU M 9 50.32 -35.62 102.85
N PRO M 10 51.44 -36.33 102.66
CA PRO M 10 52.16 -36.88 103.80
C PRO M 10 52.83 -35.78 104.61
N PRO M 11 52.91 -35.92 105.92
CA PRO M 11 53.77 -35.04 106.71
C PRO M 11 55.20 -35.06 106.20
N ARG M 12 55.79 -33.87 106.08
CA ARG M 12 57.13 -33.75 105.54
C ARG M 12 58.17 -34.11 106.60
N ARG M 13 59.36 -34.47 106.13
CA ARG M 13 60.48 -34.85 106.99
C ARG M 13 61.72 -34.11 106.48
N THR M 14 62.06 -33.00 107.12
CA THR M 14 63.14 -32.15 106.65
C THR M 14 64.41 -32.41 107.47
N PRO M 15 65.51 -32.79 106.84
CA PRO M 15 66.75 -33.01 107.59
C PRO M 15 67.32 -31.73 108.17
N ALA M 16 68.05 -31.87 109.28
CA ALA M 16 68.73 -30.75 109.91
C ALA M 16 70.01 -30.41 109.13
N PRO M 17 70.37 -29.13 109.02
CA PRO M 17 71.62 -28.76 108.36
C PRO M 17 72.81 -28.97 109.28
N SER M 18 73.68 -29.92 108.91
CA SER M 18 74.89 -30.24 109.66
C SER M 18 76.08 -30.02 108.74
N PRO M 19 76.63 -28.81 108.70
CA PRO M 19 77.72 -28.53 107.76
C PRO M 19 79.02 -29.21 108.18
N GLN M 20 79.87 -29.43 107.18
CA GLN M 20 81.16 -30.04 107.40
C GLN M 20 82.32 -29.12 107.04
N THR M 21 82.05 -27.88 106.65
CA THR M 21 83.06 -26.92 106.28
C THR M 21 82.88 -25.63 107.08
N SER M 22 83.77 -24.66 106.82
CA SER M 22 83.74 -23.38 107.51
C SER M 22 83.25 -22.24 106.64
N LEU M 23 83.12 -22.44 105.34
CA LEU M 23 82.62 -21.38 104.46
C LEU M 23 81.13 -21.18 104.68
N PRO M 24 80.68 -19.96 104.95
CA PRO M 24 79.24 -19.73 105.14
C PRO M 24 78.49 -19.78 103.81
N ASN M 25 77.41 -20.56 103.79
CA ASN M 25 76.61 -20.64 102.58
C ASN M 25 75.80 -19.36 102.40
N PRO M 26 75.69 -18.85 101.16
CA PRO M 26 74.91 -17.62 100.95
C PRO M 26 73.41 -17.83 101.06
N ILE M 27 72.93 -19.09 101.10
CA ILE M 27 71.51 -19.36 101.14
C ILE M 27 70.90 -18.86 102.45
N THR M 28 71.59 -19.08 103.58
CA THR M 28 71.07 -18.65 104.87
C THR M 28 71.03 -17.13 104.97
N TYR M 29 72.08 -16.46 104.49
CA TYR M 29 72.12 -15.00 104.51
C TYR M 29 71.04 -14.40 103.62
N LEU M 30 70.85 -14.98 102.42
CA LEU M 30 69.82 -14.50 101.52
C LEU M 30 68.42 -14.78 102.07
N THR M 31 68.25 -15.91 102.77
CA THR M 31 66.97 -16.19 103.40
C THR M 31 66.67 -15.19 104.52
N LYS M 32 67.67 -14.87 105.34
CA LYS M 32 67.47 -13.87 106.39
C LYS M 32 67.14 -12.51 105.81
N ALA M 33 67.82 -12.14 104.71
CA ALA M 33 67.46 -10.92 104.00
C ALA M 33 66.06 -11.00 103.39
N PHE M 34 65.59 -12.20 103.05
CA PHE M 34 64.26 -12.34 102.47
C PHE M 34 63.17 -12.13 103.51
N ASP M 35 63.29 -12.73 104.71
CA ASP M 35 62.32 -12.36 105.75
C ASP M 35 62.56 -10.96 106.31
N LEU M 36 63.70 -10.33 106.06
CA LEU M 36 63.87 -8.96 106.50
C LEU M 36 63.18 -7.98 105.55
N LEU M 37 63.57 -7.98 104.28
CA LEU M 37 63.16 -6.94 103.34
C LEU M 37 61.85 -7.24 102.63
N VAL M 38 61.39 -8.48 102.60
CA VAL M 38 60.25 -8.88 101.78
C VAL M 38 59.08 -9.34 102.64
N ASP M 39 59.33 -10.27 103.57
CA ASP M 39 58.23 -10.90 104.29
C ASP M 39 57.56 -9.94 105.27
N ARG M 40 58.34 -9.09 105.94
CA ARG M 40 57.77 -8.16 106.91
C ARG M 40 56.83 -7.12 106.29
N PRO M 41 57.19 -6.38 105.22
CA PRO M 41 56.21 -5.44 104.67
C PRO M 41 55.02 -6.12 104.03
N VAL M 42 55.22 -7.27 103.39
CA VAL M 42 54.11 -8.02 102.81
C VAL M 42 53.14 -8.46 103.88
N THR M 43 53.65 -8.98 104.99
CA THR M 43 52.78 -9.40 106.09
C THR M 43 52.09 -8.21 106.76
N LEU M 44 52.77 -7.06 106.84
CA LEU M 44 52.13 -5.86 107.41
C LEU M 44 50.99 -5.38 106.52
N VAL M 45 51.20 -5.36 105.21
CA VAL M 45 50.15 -4.95 104.27
C VAL M 45 48.97 -5.93 104.32
N ARG M 46 49.28 -7.23 104.39
CA ARG M 46 48.21 -8.22 104.51
C ARG M 46 47.45 -8.08 105.82
N GLU M 47 48.14 -7.73 106.91
CA GLU M 47 47.46 -7.50 108.18
C GLU M 47 46.52 -6.31 108.09
N PHE M 48 46.96 -5.23 107.44
CA PHE M 48 46.08 -4.07 107.25
C PHE M 48 44.86 -4.42 106.40
N ILE M 49 45.08 -5.18 105.32
CA ILE M 49 43.98 -5.60 104.45
C ILE M 49 43.02 -6.51 105.22
N GLU M 50 43.56 -7.40 106.06
CA GLU M 50 42.71 -8.29 106.84
C GLU M 50 41.90 -7.53 107.88
N ARG M 51 42.48 -6.48 108.47
CA ARG M 51 41.72 -5.64 109.40
C ARG M 51 40.59 -4.92 108.68
N GLN M 52 40.87 -4.40 107.49
CA GLN M 52 39.82 -3.74 106.70
C GLN M 52 38.72 -4.72 106.30
N HIS M 53 39.09 -5.97 106.01
CA HIS M 53 38.10 -6.98 105.68
C HIS M 53 37.30 -7.42 106.89
N ALA M 54 37.92 -7.46 108.07
CA ALA M 54 37.20 -7.78 109.30
C ALA M 54 36.29 -6.64 109.73
N LYS M 55 36.54 -5.42 109.25
CA LYS M 55 35.62 -4.32 109.53
C LYS M 55 34.25 -4.54 108.88
N ASN M 56 34.21 -5.14 107.69
CA ASN M 56 32.97 -5.33 106.94
C ASN M 56 32.87 -6.79 106.50
N LYS M 57 31.97 -7.54 107.13
CA LYS M 57 31.87 -8.97 106.92
C LYS M 57 30.52 -9.34 106.29
N TYR M 58 30.55 -10.26 105.33
CA TYR M 58 29.35 -10.83 104.73
C TYR M 58 29.70 -12.20 104.19
N TYR M 59 28.66 -12.99 103.90
CA TYR M 59 28.83 -14.40 103.60
C TYR M 59 28.25 -14.75 102.24
N TYR M 60 28.67 -15.91 101.73
CA TYR M 60 28.09 -16.53 100.55
C TYR M 60 28.02 -18.03 100.76
N TYR M 61 27.14 -18.69 100.01
CA TYR M 61 26.77 -20.07 100.28
C TYR M 61 26.95 -20.93 99.05
N HIS M 62 27.14 -22.22 99.28
CA HIS M 62 27.22 -23.21 98.21
C HIS M 62 25.83 -23.71 97.88
N ARG M 63 25.45 -23.62 96.60
CA ARG M 63 24.10 -23.93 96.20
C ARG M 63 23.84 -25.44 96.27
N GLU M 64 22.73 -25.81 96.88
CA GLU M 64 22.34 -27.20 97.06
C GLU M 64 21.15 -27.53 96.18
N PHE M 65 21.22 -28.69 95.53
CA PHE M 65 20.16 -29.15 94.64
C PHE M 65 19.53 -30.40 95.22
N ARG M 66 18.20 -30.40 95.35
CA ARG M 66 17.51 -31.60 95.78
C ARG M 66 17.41 -32.59 94.63
N ARG M 67 17.04 -33.82 94.96
CA ARG M 67 17.01 -34.91 93.98
C ARG M 67 15.65 -34.95 93.31
N VAL M 68 15.66 -34.90 91.98
CA VAL M 68 14.46 -35.00 91.15
C VAL M 68 14.50 -36.41 90.58
N PRO M 69 13.35 -37.07 90.33
CA PRO M 69 13.37 -38.40 89.71
C PRO M 69 14.05 -38.39 88.35
N ASP M 70 14.81 -39.44 88.08
CA ASP M 70 15.67 -39.51 86.91
C ASP M 70 14.88 -39.99 85.70
N ILE M 71 15.60 -40.27 84.60
CA ILE M 71 14.94 -40.60 83.34
C ILE M 71 14.31 -41.99 83.37
N THR M 72 14.69 -42.84 84.32
CA THR M 72 14.15 -44.20 84.35
C THR M 72 12.71 -44.23 84.86
N GLU M 73 12.28 -43.19 85.57
CA GLU M 73 10.90 -43.06 86.01
C GLU M 73 10.20 -41.89 85.34
N CYS M 74 10.56 -41.61 84.09
CA CYS M 74 9.97 -40.55 83.30
C CYS M 74 9.19 -41.16 82.15
N HIS M 75 7.96 -40.72 81.96
CA HIS M 75 7.17 -41.17 80.82
C HIS M 75 7.77 -40.62 79.53
N GLU M 76 7.74 -41.44 78.48
CA GLU M 76 8.36 -41.03 77.22
C GLU M 76 7.52 -39.97 76.54
N LYS M 77 8.21 -39.01 75.89
CA LYS M 77 7.60 -37.84 75.26
C LYS M 77 6.75 -37.05 76.25
N ASP M 78 7.24 -36.95 77.48
CA ASP M 78 6.64 -36.13 78.54
C ASP M 78 7.72 -35.16 78.97
N VAL M 79 7.79 -34.01 78.28
CA VAL M 79 8.91 -33.09 78.42
C VAL M 79 9.02 -32.49 79.82
N LEU M 80 7.93 -32.44 80.57
CA LEU M 80 7.92 -31.78 81.86
C LEU M 80 8.81 -32.50 82.88
N CYS M 81 8.82 -33.82 82.84
CA CYS M 81 9.68 -34.59 83.73
C CYS M 81 11.04 -34.88 83.12
N MET M 82 11.08 -35.09 81.80
CA MET M 82 12.34 -35.38 81.12
C MET M 82 13.28 -34.18 81.14
N PHE M 83 12.74 -32.96 81.14
CA PHE M 83 13.58 -31.78 81.22
C PHE M 83 14.33 -31.72 82.55
N GLU M 84 13.63 -32.00 83.65
CA GLU M 84 14.25 -32.02 84.96
C GLU M 84 15.25 -33.17 85.08
N ALA M 85 14.91 -34.33 84.53
CA ALA M 85 15.84 -35.46 84.56
C ALA M 85 17.11 -35.16 83.78
N GLU M 86 16.98 -34.51 82.62
CA GLU M 86 18.16 -34.19 81.82
C GLU M 86 19.01 -33.12 82.48
N MET M 87 18.37 -32.15 83.13
CA MET M 87 19.12 -31.13 83.86
C MET M 87 19.90 -31.75 85.01
N GLN M 88 19.28 -32.67 85.75
CA GLN M 88 19.97 -33.38 86.81
C GLN M 88 21.13 -34.20 86.27
N TRP M 89 20.92 -34.86 85.13
CA TRP M 89 21.97 -35.68 84.53
C TRP M 89 23.16 -34.83 84.08
N LYS M 90 22.89 -33.64 83.52
CA LYS M 90 24.00 -32.78 83.09
C LYS M 90 24.76 -32.21 84.28
N ARG M 91 24.06 -31.84 85.35
CA ARG M 91 24.74 -31.40 86.57
C ARG M 91 25.62 -32.51 87.14
N ASP M 92 25.10 -33.73 87.18
CA ASP M 92 25.90 -34.87 87.64
C ASP M 92 27.10 -35.08 86.76
N TYR M 93 26.92 -34.95 85.43
CA TYR M 93 28.02 -35.14 84.48
C TYR M 93 29.16 -34.16 84.74
N LYS M 94 28.82 -32.89 84.97
CA LYS M 94 29.85 -31.90 85.27
C LYS M 94 30.55 -32.21 86.60
N VAL M 95 29.79 -32.67 87.59
CA VAL M 95 30.37 -33.02 88.88
C VAL M 95 31.34 -34.20 88.75
N ASP M 96 30.97 -35.21 87.95
CA ASP M 96 31.87 -36.34 87.75
C ASP M 96 33.12 -35.95 86.97
N GLN M 97 33.00 -35.01 86.03
CA GLN M 97 34.17 -34.51 85.34
C GLN M 97 35.15 -33.86 86.31
N GLU M 98 34.62 -33.07 87.25
CA GLU M 98 35.51 -32.46 88.23
C GLU M 98 36.08 -33.48 89.23
N ILE M 99 35.35 -34.56 89.50
CA ILE M 99 35.88 -35.61 90.38
C ILE M 99 37.09 -36.29 89.72
N VAL M 100 36.96 -36.61 88.43
CA VAL M 100 38.08 -37.22 87.70
C VAL M 100 39.25 -36.23 87.61
N ASN M 101 38.94 -34.94 87.49
CA ASN M 101 39.99 -33.92 87.51
C ASN M 101 40.73 -33.90 88.85
N ILE M 102 39.99 -34.04 89.96
CA ILE M 102 40.61 -34.07 91.28
C ILE M 102 41.53 -35.27 91.42
N ILE M 103 41.11 -36.44 90.91
CA ILE M 103 41.96 -37.62 91.01
C ILE M 103 43.21 -37.49 90.14
N GLN M 104 43.08 -36.86 88.96
CA GLN M 104 44.25 -36.60 88.13
C GLN M 104 45.23 -35.66 88.81
N GLU M 105 44.71 -34.62 89.48
CA GLU M 105 45.54 -33.69 90.23
C GLU M 105 46.25 -34.40 91.37
N ARG M 106 45.56 -35.32 92.05
CA ARG M 106 46.19 -36.15 93.09
C ARG M 106 47.34 -36.97 92.53
N LEU M 107 47.14 -37.59 91.38
CA LEU M 107 48.18 -38.42 90.78
C LEU M 107 49.41 -37.60 90.41
N LYS M 108 49.19 -36.44 89.79
CA LYS M 108 50.32 -35.58 89.41
C LYS M 108 51.05 -35.05 90.63
N ALA M 109 50.30 -34.69 91.68
CA ALA M 109 50.92 -34.23 92.92
C ALA M 109 51.76 -35.34 93.57
N CYS M 110 51.26 -36.58 93.55
CA CYS M 110 52.02 -37.70 94.09
C CYS M 110 53.31 -37.92 93.31
N GLN M 111 53.23 -37.87 91.98
CA GLN M 111 54.42 -38.10 91.16
C GLN M 111 55.47 -37.03 91.42
N GLN M 112 55.06 -35.75 91.43
CA GLN M 112 56.01 -34.68 91.66
C GLN M 112 56.59 -34.71 93.07
N ARG M 113 55.76 -35.03 94.07
CA ARG M 113 56.24 -35.07 95.44
C ARG M 113 57.23 -36.21 95.65
N GLU M 114 56.96 -37.38 95.07
CA GLU M 114 57.85 -38.51 95.29
C GLU M 114 59.14 -38.41 94.47
N GLY M 115 59.09 -37.84 93.27
CA GLY M 115 60.32 -37.60 92.55
C GLY M 115 60.89 -38.82 91.85
N GLU M 116 61.98 -39.38 92.39
CA GLU M 116 62.67 -40.49 91.75
C GLU M 116 62.18 -41.86 92.19
N SER M 117 61.27 -41.93 93.17
CA SER M 117 60.67 -43.19 93.59
C SER M 117 59.16 -43.19 93.34
N HIS M 118 58.75 -42.51 92.27
CA HIS M 118 57.33 -42.32 92.01
C HIS M 118 56.64 -43.59 91.54
N ARG M 119 57.36 -44.47 90.86
CA ARG M 119 56.74 -45.68 90.33
C ARG M 119 56.59 -46.77 91.37
N GLN M 120 57.09 -46.56 92.58
CA GLN M 120 56.81 -47.43 93.71
C GLN M 120 55.94 -46.76 94.77
N ASN M 121 56.19 -45.49 95.07
CA ASN M 121 55.52 -44.84 96.18
C ASN M 121 54.14 -44.31 95.83
N CYS M 122 53.71 -44.40 94.57
CA CYS M 122 52.40 -43.89 94.19
C CYS M 122 51.53 -44.99 93.60
N ALA M 123 51.50 -46.16 94.25
CA ALA M 123 50.66 -47.25 93.74
C ALA M 123 49.19 -47.00 94.02
N LYS M 124 48.87 -46.48 95.21
CA LYS M 124 47.48 -46.26 95.59
C LYS M 124 46.83 -45.18 94.73
N GLU M 125 47.55 -44.10 94.44
CA GLU M 125 47.03 -43.04 93.58
C GLU M 125 46.79 -43.55 92.17
N LEU M 126 47.70 -44.37 91.66
CA LEU M 126 47.53 -44.94 90.32
C LEU M 126 46.33 -45.88 90.28
N GLN M 127 46.13 -46.68 91.34
CA GLN M 127 44.98 -47.58 91.36
C GLN M 127 43.67 -46.82 91.44
N GLN M 128 43.63 -45.75 92.24
CA GLN M 128 42.44 -44.90 92.31
C GLN M 128 42.16 -44.24 90.97
N PHE M 129 43.21 -43.76 90.31
CA PHE M 129 43.06 -43.15 89.00
C PHE M 129 42.53 -44.14 87.98
N THR M 130 43.05 -45.37 88.00
CA THR M 130 42.57 -46.40 87.07
C THR M 130 41.11 -46.75 87.34
N GLN M 131 40.71 -46.83 88.62
CA GLN M 131 39.32 -47.15 88.95
C GLN M 131 38.38 -46.05 88.48
N VAL M 132 38.71 -44.79 88.76
CA VAL M 132 37.82 -43.70 88.39
C VAL M 132 37.79 -43.51 86.88
N VAL M 133 38.91 -43.77 86.18
CA VAL M 133 38.91 -43.65 84.73
C VAL M 133 38.09 -44.78 84.09
N LYS M 134 38.19 -46.00 84.63
CA LYS M 134 37.37 -47.09 84.15
C LYS M 134 35.88 -46.82 84.33
N ALA M 135 35.50 -46.30 85.50
CA ALA M 135 34.09 -46.02 85.74
C ALA M 135 33.58 -44.86 84.88
N TYR M 136 34.39 -43.81 84.70
CA TYR M 136 34.03 -42.72 83.80
C TYR M 136 33.88 -43.20 82.36
N GLN M 137 34.78 -44.07 81.90
CA GLN M 137 34.70 -44.57 80.54
C GLN M 137 33.48 -45.47 80.36
N ASP M 138 33.15 -46.26 81.37
CA ASP M 138 31.96 -47.10 81.28
C ASP M 138 30.68 -46.30 81.43
N ARG M 139 30.75 -45.10 81.99
CA ARG M 139 29.56 -44.29 82.23
C ARG M 139 29.28 -43.28 81.11
N TYR M 140 30.30 -42.67 80.52
CA TYR M 140 30.08 -41.48 79.70
C TYR M 140 30.74 -41.49 78.32
N HIS M 141 31.47 -42.54 77.96
CA HIS M 141 32.22 -42.49 76.71
C HIS M 141 31.34 -42.89 75.52
N ASP M 142 31.76 -42.44 74.33
CA ASP M 142 31.15 -42.78 73.04
C ASP M 142 29.68 -42.36 72.96
N LEU M 143 29.37 -41.19 73.51
CA LEU M 143 28.01 -40.67 73.38
C LEU M 143 27.87 -39.71 72.20
N GLY M 144 28.87 -38.86 71.98
CA GLY M 144 28.83 -37.89 70.90
C GLY M 144 28.62 -36.49 71.43
N ALA M 145 28.64 -35.54 70.49
CA ALA M 145 28.45 -34.14 70.85
C ALA M 145 27.02 -33.81 71.24
N HIS M 146 26.08 -34.67 70.89
CA HIS M 146 24.66 -34.49 71.20
C HIS M 146 24.23 -35.43 72.32
N TYR M 147 25.08 -35.58 73.34
CA TYR M 147 24.81 -36.51 74.44
C TYR M 147 23.59 -36.09 75.23
N SER M 148 22.88 -37.08 75.76
CA SER M 148 21.70 -36.85 76.57
C SER M 148 21.56 -38.00 77.57
N ALA M 149 20.55 -37.91 78.42
CA ALA M 149 20.31 -38.98 79.39
C ALA M 149 19.82 -40.25 78.72
N ARG M 150 19.08 -40.12 77.61
CA ARG M 150 18.55 -41.30 76.93
C ARG M 150 19.66 -42.11 76.29
N LYS M 151 20.67 -41.44 75.71
CA LYS M 151 21.80 -42.16 75.14
C LYS M 151 22.60 -42.88 76.21
N CYS M 152 22.78 -42.24 77.38
CA CYS M 152 23.48 -42.89 78.48
C CYS M 152 22.70 -44.09 78.99
N LEU M 153 21.37 -43.96 79.08
CA LEU M 153 20.54 -45.09 79.50
C LEU M 153 20.60 -46.23 78.51
N ALA M 154 20.61 -45.92 77.21
CA ALA M 154 20.72 -46.95 76.19
C ALA M 154 22.07 -47.66 76.26
N LYS M 155 23.14 -46.89 76.46
CA LYS M 155 24.47 -47.49 76.59
C LYS M 155 24.56 -48.39 77.81
N GLN M 156 24.00 -47.95 78.95
CA GLN M 156 24.01 -48.76 80.15
C GLN M 156 23.18 -50.03 79.97
N LYS M 157 22.02 -49.91 79.30
CA LYS M 157 21.19 -51.08 79.05
C LYS M 157 21.91 -52.09 78.15
N GLN M 158 22.60 -51.60 77.12
CA GLN M 158 23.37 -52.49 76.27
C GLN M 158 24.51 -53.16 77.03
N ARG M 159 25.18 -52.42 77.92
CA ARG M 159 26.25 -53.01 78.70
C ARG M 159 25.76 -54.08 79.66
N MET M 160 24.63 -53.82 80.34
CA MET M 160 24.06 -54.84 81.23
C MET M 160 23.54 -56.03 80.46
N LEU M 161 22.99 -55.83 79.26
CA LEU M 161 22.57 -56.94 78.43
C LEU M 161 23.76 -57.80 78.02
N ALA M 162 24.87 -57.16 77.64
CA ALA M 162 26.07 -57.91 77.27
C ALA M 162 26.65 -58.66 78.46
N GLU M 163 26.66 -58.03 79.64
CA GLU M 163 27.17 -58.69 80.84
C GLU M 163 26.32 -59.88 81.23
N ARG M 164 24.99 -59.73 81.17
CA ARG M 164 24.09 -60.84 81.49
C ARG M 164 24.25 -61.98 80.49
N LYS M 165 24.38 -61.66 79.20
CA LYS M 165 24.56 -62.70 78.19
C LYS M 165 25.90 -63.43 78.38
N ALA M 166 26.97 -62.68 78.69
CA ALA M 166 28.27 -63.30 78.90
C ALA M 166 28.29 -64.15 80.17
N THR M 167 27.53 -63.74 81.19
CA THR M 167 27.35 -64.58 82.36
C THR M 167 26.60 -65.86 82.00
N LYS M 168 25.57 -65.75 81.16
CA LYS M 168 24.79 -66.91 80.77
C LYS M 168 25.58 -67.89 79.92
N GLU M 169 26.56 -67.41 79.15
CA GLU M 169 27.42 -68.32 78.40
C GLU M 169 28.30 -69.15 79.32
N ALA M 170 28.80 -68.54 80.40
CA ALA M 170 29.73 -69.20 81.30
C ALA M 170 29.05 -69.67 82.59
N ALA M 171 27.81 -70.14 82.49
CA ALA M 171 27.09 -70.66 83.65
C ALA M 171 26.60 -72.07 83.39
N LEU N 1 -6.33 17.03 38.60
CA LEU N 1 -6.83 17.08 37.24
C LEU N 1 -8.19 17.76 37.17
N GLN N 2 -8.22 18.94 36.55
CA GLN N 2 -9.47 19.66 36.42
C GLN N 2 -10.31 19.20 35.23
N TYR N 3 -9.72 18.45 34.31
CA TYR N 3 -10.44 17.93 33.16
C TYR N 3 -10.22 16.42 33.05
N GLY N 4 -11.24 15.72 32.59
CA GLY N 4 -11.20 14.29 32.44
C GLY N 4 -12.50 13.74 31.88
N PRO N 5 -12.72 12.44 32.06
CA PRO N 5 -14.00 11.86 31.64
C PRO N 5 -15.21 12.42 32.37
N LEU N 6 -15.05 12.79 33.65
CA LEU N 6 -16.19 13.25 34.45
C LEU N 6 -16.70 14.60 33.96
N ALA N 7 -15.78 15.49 33.57
CA ALA N 7 -16.21 16.78 33.03
C ALA N 7 -16.88 16.62 31.67
N TYR N 8 -16.40 15.67 30.87
CA TYR N 8 -17.02 15.39 29.58
C TYR N 8 -18.42 14.81 29.75
N ILE N 9 -18.61 13.97 30.78
CA ILE N 9 -19.91 13.37 31.04
C ILE N 9 -20.93 14.43 31.42
N LEU N 10 -20.54 15.36 32.30
CA LEU N 10 -21.47 16.36 32.80
C LEU N 10 -21.82 17.43 31.77
N GLY N 11 -21.08 17.54 30.68
CA GLY N 11 -21.51 18.39 29.60
C GLY N 11 -20.50 19.37 29.03
N GLU N 12 -19.22 19.24 29.42
CA GLU N 12 -18.18 20.14 28.91
C GLU N 12 -17.70 19.62 27.56
N LYS N 13 -18.53 19.85 26.54
CA LYS N 13 -18.19 19.47 25.17
C LYS N 13 -17.37 20.58 24.53
N THR N 14 -16.35 20.19 23.77
CA THR N 14 -15.49 21.17 23.11
C THR N 14 -16.11 21.75 21.84
N THR N 15 -17.21 21.17 21.35
CA THR N 15 -17.89 21.73 20.19
C THR N 15 -18.78 22.91 20.55
N LYS N 16 -19.07 23.12 21.84
CA LYS N 16 -19.88 24.27 22.24
C LYS N 16 -19.08 25.56 22.20
N LYS N 17 -17.77 25.49 22.38
CA LYS N 17 -16.93 26.68 22.46
C LYS N 17 -16.20 26.99 21.15
N MET N 18 -16.16 26.06 20.21
CA MET N 18 -15.45 26.28 18.95
C MET N 18 -16.27 27.17 18.04
N THR N 19 -15.76 28.35 17.73
CA THR N 19 -16.41 29.30 16.86
C THR N 19 -15.82 29.20 15.45
N GLU N 20 -16.23 30.11 14.57
CA GLU N 20 -15.68 30.14 13.22
C GLU N 20 -14.27 30.73 13.19
N ASN N 21 -13.88 31.48 14.21
CA ASN N 21 -12.53 32.03 14.30
C ASN N 21 -11.53 31.08 14.98
N SER N 22 -11.99 29.93 15.46
CA SER N 22 -11.14 28.98 16.16
C SER N 22 -10.36 28.17 15.14
N LYS N 23 -9.33 28.78 14.58
CA LYS N 23 -8.50 28.16 13.56
C LYS N 23 -7.04 28.14 14.00
N LEU N 24 -6.33 27.11 13.58
CA LEU N 24 -4.91 26.97 13.81
C LEU N 24 -4.18 27.42 12.55
N ILE N 25 -3.48 28.55 12.64
CA ILE N 25 -2.80 29.15 11.50
C ILE N 25 -1.30 29.14 11.77
N THR N 26 -0.54 28.55 10.86
CA THR N 26 0.91 28.44 10.98
C THR N 26 1.58 29.25 9.89
N VAL N 27 2.47 30.16 10.29
CA VAL N 27 3.16 31.04 9.36
C VAL N 27 4.59 30.52 9.19
N ASP N 28 5.00 30.33 7.95
CA ASP N 28 6.27 29.70 7.62
C ASP N 28 7.15 30.66 6.82
N GLY N 29 8.27 30.15 6.35
CA GLY N 29 9.21 30.93 5.56
C GLY N 29 10.63 30.48 5.85
N ASN N 30 11.57 31.22 5.26
CA ASN N 30 12.99 30.93 5.43
C ASN N 30 13.47 31.48 6.78
N ILE N 31 14.78 31.44 7.03
CA ILE N 31 15.31 31.85 8.33
C ILE N 31 15.26 33.36 8.50
N CYS N 32 15.12 34.12 7.43
CA CYS N 32 15.01 35.57 7.51
C CYS N 32 13.94 36.08 6.55
N SER N 33 12.83 35.37 6.46
CA SER N 33 11.75 35.76 5.55
C SER N 33 10.95 36.95 6.06
N GLY N 34 11.16 37.38 7.30
CA GLY N 34 10.31 38.42 7.86
C GLY N 34 8.92 37.93 8.20
N LYS N 35 8.76 36.63 8.37
CA LYS N 35 7.45 36.03 8.64
C LYS N 35 6.96 36.36 10.04
N LYS N 37 6.97 38.97 12.45
CA LYS N 37 6.07 40.10 12.67
C LYS N 37 4.75 39.92 11.93
N LEU N 38 4.82 39.28 10.75
CA LEU N 38 3.62 39.03 9.96
C LEU N 38 2.63 38.19 10.73
N ALA N 39 3.13 37.14 11.41
CA ALA N 39 2.26 36.34 12.26
C ALA N 39 1.66 37.19 13.37
N LYS N 40 2.48 38.06 13.98
CA LYS N 40 1.96 38.97 15.00
C LYS N 40 0.91 39.89 14.41
N GLU N 41 1.11 40.30 13.14
CA GLU N 41 0.11 41.11 12.46
C GLU N 41 -1.21 40.37 12.35
N VAL N 42 -1.15 39.08 12.00
CA VAL N 42 -2.37 38.27 11.96
C VAL N 42 -2.97 38.20 13.37
N ALA N 43 -2.11 38.10 14.38
CA ALA N 43 -2.56 38.02 15.76
C ALA N 43 -3.20 39.32 16.24
N GLU N 44 -3.03 40.44 15.53
CA GLU N 44 -3.73 41.65 15.91
C GLU N 44 -4.83 42.01 14.91
N LYS N 45 -5.33 41.03 14.16
CA LYS N 45 -6.48 41.26 13.30
C LYS N 45 -7.68 40.40 13.64
N LEU N 46 -7.46 39.12 13.96
CA LEU N 46 -8.54 38.20 14.27
C LEU N 46 -8.60 37.84 15.75
N GLY N 47 -7.80 38.49 16.59
CA GLY N 47 -7.80 38.21 18.02
C GLY N 47 -7.31 36.83 18.36
N LEU N 48 -6.22 36.38 17.74
CA LEU N 48 -5.68 35.06 17.96
C LEU N 48 -4.44 35.14 18.83
N LYS N 49 -4.25 34.13 19.68
CA LYS N 49 -3.07 34.06 20.52
C LYS N 49 -1.83 33.81 19.68
N HIS N 50 -0.76 34.55 19.94
CA HIS N 50 0.47 34.46 19.18
C HIS N 50 1.52 33.75 20.03
N PHE N 51 1.85 32.52 19.63
CA PHE N 51 2.96 31.81 20.23
C PHE N 51 4.24 32.10 19.45
N PRO N 52 5.28 32.65 20.07
CA PRO N 52 6.54 32.85 19.36
C PRO N 52 7.20 31.52 19.02
N GLU N 53 8.16 31.59 18.11
CA GLU N 53 8.82 30.37 17.63
C GLU N 53 9.60 29.71 18.75
N ALA N 54 9.43 28.39 18.88
CA ALA N 54 9.99 27.65 20.00
C ALA N 54 11.50 27.53 19.85
N GLY N 55 12.23 28.05 20.83
CA GLY N 55 13.66 27.96 20.88
C GLY N 55 14.12 26.85 21.81
N ILE N 56 15.34 27.00 22.32
CA ILE N 56 15.87 26.04 23.28
C ILE N 56 15.14 26.14 24.60
N HIS N 57 14.84 27.37 25.05
CA HIS N 57 14.30 27.61 26.38
C HIS N 57 12.80 27.88 26.36
N TYR N 58 12.05 27.20 25.48
CA TYR N 58 10.60 27.35 25.51
C TYR N 58 9.99 26.63 26.69
N ALA N 59 10.42 25.39 26.94
CA ALA N 59 9.88 24.61 28.05
C ALA N 59 10.26 25.21 29.39
N ASP N 60 11.43 25.87 29.46
CA ASP N 60 11.81 26.59 30.67
C ASP N 60 10.91 27.80 30.91
N SER N 61 10.42 28.42 29.84
CA SER N 61 9.49 29.52 29.98
C SER N 61 8.09 29.03 30.33
N THR N 62 7.73 27.82 29.89
CA THR N 62 6.41 27.28 30.20
C THR N 62 6.28 26.94 31.68
N THR N 63 7.28 26.28 32.25
CA THR N 63 7.22 25.74 33.60
C THR N 63 8.09 26.56 34.55
N GLY N 64 7.99 26.22 35.83
CA GLY N 64 8.83 26.88 36.83
C GLY N 64 8.43 28.32 37.03
N ASP N 65 9.42 29.20 37.07
CA ASP N 65 9.20 30.64 37.16
C ASP N 65 9.21 31.33 35.80
N GLY N 66 9.42 30.59 34.71
CA GLY N 66 9.46 31.15 33.40
C GLY N 66 10.83 31.63 32.94
N LYS N 67 11.82 31.63 33.82
CA LYS N 67 13.15 32.04 33.44
C LYS N 67 13.87 30.93 32.67
N PRO N 68 14.76 31.29 31.75
CA PRO N 68 15.57 30.27 31.07
C PRO N 68 16.59 29.65 32.01
N LEU N 69 16.58 28.32 32.09
CA LEU N 69 17.56 27.61 32.90
C LEU N 69 18.92 27.63 32.22
N PRO N 70 20.00 27.34 32.96
CA PRO N 70 21.31 27.17 32.32
C PRO N 70 21.31 26.04 31.30
N VAL N 71 22.19 26.18 30.30
CA VAL N 71 22.16 25.31 29.13
C VAL N 71 22.56 23.88 29.44
N ARG N 72 23.22 23.63 30.56
CA ARG N 72 23.55 22.25 30.91
C ARG N 72 22.33 21.48 31.39
N PHE N 73 21.25 22.16 31.77
CA PHE N 73 20.02 21.49 32.18
C PHE N 73 19.04 21.33 31.03
N SER N 74 18.92 22.35 30.18
CA SER N 74 18.01 22.32 29.05
C SER N 74 18.80 22.35 27.76
N GLY N 75 18.61 21.36 26.91
CA GLY N 75 19.23 21.35 25.60
C GLY N 75 20.58 20.68 25.54
N ASN N 76 21.54 21.18 26.34
CA ASN N 76 22.95 20.82 26.24
C ASN N 76 23.46 21.01 24.81
N CYS N 77 23.06 22.13 24.20
CA CYS N 77 23.42 22.44 22.83
C CYS N 77 23.39 23.95 22.65
N SER N 78 23.98 24.41 21.56
CA SER N 78 24.05 25.84 21.27
C SER N 78 23.77 26.07 19.79
N LEU N 79 22.96 27.09 19.51
CA LEU N 79 22.71 27.48 18.12
C LEU N 79 23.92 28.20 17.53
N GLU N 80 24.58 29.03 18.34
CA GLU N 80 25.74 29.76 17.88
C GLU N 80 26.90 28.82 17.57
N LYS N 81 27.07 27.78 18.38
CA LYS N 81 28.08 26.77 18.08
C LYS N 81 27.77 26.01 16.80
N PHE N 82 26.48 25.78 16.52
CA PHE N 82 26.10 25.17 15.26
C PHE N 82 26.41 26.08 14.08
N TYR N 83 26.16 27.39 14.23
CA TYR N 83 26.45 28.32 13.14
C TYR N 83 27.95 28.45 12.90
N ASP N 84 28.74 28.52 13.97
CA ASP N 84 30.19 28.60 13.81
C ASP N 84 30.79 27.28 13.35
N ASP N 85 30.31 26.17 13.91
CA ASP N 85 30.86 24.84 13.65
C ASP N 85 29.75 23.91 13.21
N PRO N 86 29.39 23.94 11.92
CA PRO N 86 28.30 23.07 11.45
C PRO N 86 28.68 21.60 11.37
N LYS N 87 29.97 21.27 11.40
CA LYS N 87 30.40 19.88 11.34
C LYS N 87 31.17 19.50 12.59
N SER N 88 30.64 19.87 13.76
CA SER N 88 31.30 19.60 15.02
C SER N 88 31.31 18.10 15.32
N ASN N 89 32.33 17.66 16.06
CA ASN N 89 32.52 16.25 16.34
C ASN N 89 31.74 15.78 17.57
N ASP N 90 31.15 16.69 18.34
CA ASP N 90 30.34 16.31 19.49
C ASP N 90 28.87 16.13 19.15
N GLY N 91 28.51 16.21 17.88
CA GLY N 91 27.14 16.03 17.46
C GLY N 91 26.19 17.09 17.96
N ASN N 92 26.63 18.36 17.96
CA ASN N 92 25.77 19.44 18.43
C ASN N 92 24.61 19.69 17.46
N SER N 93 24.82 19.45 16.17
CA SER N 93 23.80 19.76 15.17
C SER N 93 22.56 18.89 15.35
N TYR N 94 22.74 17.57 15.42
CA TYR N 94 21.57 16.70 15.55
C TYR N 94 20.97 16.76 16.94
N ARG N 95 21.79 16.98 17.97
CA ARG N 95 21.26 17.16 19.32
C ARG N 95 20.38 18.40 19.39
N LEU N 96 20.83 19.50 18.78
CA LEU N 96 20.01 20.70 18.71
C LEU N 96 18.75 20.47 17.91
N GLN N 97 18.85 19.72 16.80
CA GLN N 97 17.68 19.47 15.97
C GLN N 97 16.63 18.64 16.72
N ALA N 98 17.08 17.62 17.46
CA ALA N 98 16.16 16.81 18.24
C ALA N 98 15.53 17.61 19.37
N TRP N 99 16.32 18.45 20.05
CA TRP N 99 15.76 19.28 21.11
C TRP N 99 14.77 20.29 20.57
N LEU N 100 15.05 20.87 19.39
CA LEU N 100 14.12 21.80 18.79
C LEU N 100 12.84 21.11 18.35
N TYR N 101 12.96 19.86 17.86
CA TYR N 101 11.76 19.10 17.52
C TYR N 101 10.91 18.81 18.75
N ALA N 102 11.55 18.48 19.88
CA ALA N 102 10.80 18.26 21.11
C ALA N 102 10.13 19.54 21.59
N SER N 103 10.82 20.67 21.47
CA SER N 103 10.23 21.95 21.87
C SER N 103 9.05 22.33 20.97
N ARG N 104 9.18 22.06 19.67
CA ARG N 104 8.07 22.30 18.75
C ARG N 104 6.88 21.40 19.05
N LEU N 105 7.15 20.15 19.43
CA LEU N 105 6.08 19.24 19.82
C LEU N 105 5.35 19.74 21.07
N LEU N 106 6.11 20.21 22.07
CA LEU N 106 5.50 20.74 23.28
C LEU N 106 4.69 21.99 22.99
N GLN N 107 5.19 22.85 22.11
CA GLN N 107 4.47 24.06 21.73
C GLN N 107 3.19 23.73 20.97
N TYR N 108 3.24 22.72 20.08
CA TYR N 108 2.05 22.30 19.37
C TYR N 108 1.01 21.72 20.31
N ALA N 109 1.46 20.95 21.31
CA ALA N 109 0.54 20.42 22.33
C ALA N 109 -0.10 21.54 23.13
N ASP N 110 0.68 22.55 23.52
CA ASP N 110 0.14 23.70 24.24
C ASP N 110 -0.86 24.47 23.40
N ALA N 111 -0.56 24.66 22.11
CA ALA N 111 -1.47 25.36 21.21
C ALA N 111 -2.77 24.59 21.03
N LEU N 112 -2.68 23.28 20.86
CA LEU N 112 -3.89 22.46 20.72
C LEU N 112 -4.72 22.48 21.99
N GLU N 113 -4.06 22.44 23.16
CA GLU N 113 -4.78 22.50 24.42
C GLU N 113 -5.50 23.83 24.58
N HIS N 114 -4.83 24.94 24.24
CA HIS N 114 -5.47 26.25 24.34
C HIS N 114 -6.64 26.37 23.37
N LEU N 115 -6.48 25.88 22.14
CA LEU N 115 -7.55 25.96 21.15
C LEU N 115 -8.75 25.11 21.55
N LEU N 116 -8.51 23.91 22.07
CA LEU N 116 -9.60 23.03 22.45
C LEU N 116 -10.21 23.37 23.80
N SER N 117 -9.52 24.15 24.63
CA SER N 117 -10.04 24.50 25.94
C SER N 117 -10.70 25.86 25.99
N THR N 118 -10.23 26.82 25.19
CA THR N 118 -10.80 28.17 25.22
C THR N 118 -11.57 28.53 23.96
N GLY N 119 -11.39 27.81 22.87
CA GLY N 119 -12.05 28.15 21.64
C GLY N 119 -11.47 29.32 20.89
N GLN N 120 -10.30 29.80 21.29
CA GLN N 120 -9.64 30.91 20.63
C GLN N 120 -8.58 30.38 19.66
N GLY N 121 -8.53 30.97 18.46
CA GLY N 121 -7.57 30.54 17.47
C GLY N 121 -6.14 30.87 17.85
N VAL N 122 -5.22 30.14 17.22
CA VAL N 122 -3.82 30.18 17.59
C VAL N 122 -2.97 30.35 16.33
N VAL N 123 -2.05 31.29 16.35
CA VAL N 123 -1.06 31.48 15.29
C VAL N 123 0.29 30.97 15.80
N LEU N 124 0.87 30.04 15.04
CA LEU N 124 2.17 29.44 15.35
C LEU N 124 3.16 29.77 14.24
N GLU N 125 4.43 29.52 14.53
CA GLU N 125 5.51 29.67 13.55
C GLU N 125 6.33 28.40 13.53
N ARG N 126 6.40 27.75 12.36
CA ARG N 126 7.26 26.59 12.10
C ARG N 126 6.92 25.43 13.05
N SER N 127 5.74 24.86 12.83
CA SER N 127 5.28 23.74 13.63
C SER N 127 6.07 22.47 13.29
N ILE N 128 5.66 21.36 13.91
CA ILE N 128 6.37 20.09 13.76
C ILE N 128 6.29 19.54 12.34
N TYR N 129 5.30 19.96 11.56
CA TYR N 129 5.22 19.53 10.17
C TYR N 129 6.25 20.20 9.29
N SER N 130 6.96 21.22 9.80
CA SER N 130 7.94 21.97 9.03
C SER N 130 9.27 22.08 9.76
N ASP N 131 9.63 21.05 10.52
CA ASP N 131 10.93 21.02 11.17
C ASP N 131 11.94 20.18 10.42
N PHE N 132 11.48 19.11 9.76
CA PHE N 132 12.36 18.25 8.97
C PHE N 132 12.99 18.99 7.80
N VAL N 133 12.39 20.12 7.37
CA VAL N 133 12.99 20.95 6.33
C VAL N 133 14.31 21.55 6.77
N PHE N 134 14.57 21.60 8.08
CA PHE N 134 15.92 21.92 8.52
C PHE N 134 16.80 20.68 8.52
N LEU N 135 16.24 19.53 8.95
CA LEU N 135 17.03 18.33 9.17
C LEU N 135 17.66 17.83 7.89
N GLU N 136 16.85 17.69 6.82
CA GLU N 136 17.39 17.33 5.52
C GLU N 136 18.35 18.39 5.02
N ALA N 137 18.07 19.66 5.32
CA ALA N 137 18.98 20.73 4.96
C ALA N 137 20.32 20.60 5.68
N MET N 138 20.32 19.97 6.86
CA MET N 138 21.58 19.57 7.47
C MET N 138 22.21 18.42 6.69
N TYR N 139 21.41 17.37 6.42
CA TYR N 139 21.96 16.14 5.87
C TYR N 139 22.39 16.32 4.42
N ARG N 140 21.68 17.15 3.66
CA ARG N 140 22.11 17.44 2.31
C ARG N 140 23.38 18.29 2.26
N GLN N 141 23.72 18.96 3.36
CA GLN N 141 24.96 19.71 3.45
C GLN N 141 26.09 18.92 4.11
N GLY N 142 25.84 17.66 4.46
CA GLY N 142 26.86 16.85 5.09
C GLY N 142 27.14 17.17 6.53
N PHE N 143 26.21 17.84 7.21
CA PHE N 143 26.44 18.23 8.59
C PHE N 143 26.28 17.04 9.54
N ILE N 144 25.31 16.17 9.27
CA ILE N 144 25.01 15.03 10.13
C ILE N 144 25.09 13.74 9.32
N ARG N 145 24.90 12.61 9.99
CA ARG N 145 24.99 11.31 9.35
C ARG N 145 23.59 10.78 9.02
N LYS N 146 23.56 9.61 8.38
CA LYS N 146 22.28 9.03 7.96
C LYS N 146 21.51 8.45 9.14
N GLN N 147 22.21 7.92 10.15
CA GLN N 147 21.54 7.35 11.30
C GLN N 147 20.80 8.40 12.12
N CYS N 148 21.29 9.65 12.11
CA CYS N 148 20.56 10.74 12.72
C CYS N 148 19.22 10.96 12.02
N VAL N 149 19.23 10.89 10.69
CA VAL N 149 17.99 11.04 9.93
C VAL N 149 17.05 9.87 10.20
N ASP N 150 17.61 8.67 10.35
CA ASP N 150 16.78 7.50 10.67
C ASP N 150 16.13 7.63 12.04
N HIS N 151 16.90 8.10 13.04
CA HIS N 151 16.34 8.29 14.37
C HIS N 151 15.28 9.39 14.38
N TYR N 152 15.52 10.48 13.66
CA TYR N 152 14.52 11.55 13.57
C TYR N 152 13.26 11.06 12.88
N ASN N 153 13.40 10.27 11.82
CA ASN N 153 12.23 9.75 11.12
C ASN N 153 11.45 8.79 11.99
N GLN N 154 12.13 7.96 12.78
CA GLN N 154 11.44 7.06 13.70
C GLN N 154 10.66 7.84 14.76
N VAL N 155 11.30 8.85 15.35
CA VAL N 155 10.64 9.64 16.39
C VAL N 155 9.44 10.38 15.81
N LYS N 156 9.61 11.00 14.64
CA LYS N 156 8.51 11.72 14.01
C LYS N 156 7.36 10.79 13.63
N LYS N 157 7.69 9.60 13.11
CA LYS N 157 6.66 8.64 12.73
C LYS N 157 5.86 8.17 13.94
N VAL N 158 6.53 7.97 15.08
CA VAL N 158 5.80 7.50 16.25
C VAL N 158 5.16 8.61 17.07
N THR N 159 5.44 9.89 16.78
CA THR N 159 4.81 10.93 17.57
C THR N 159 3.95 11.92 16.81
N VAL N 160 3.97 11.96 15.47
CA VAL N 160 3.19 12.96 14.76
C VAL N 160 1.80 12.46 14.39
N CYS N 161 1.55 11.16 14.48
CA CYS N 161 0.28 10.60 14.04
C CYS N 161 -0.87 10.88 15.00
N GLU N 162 -0.59 11.39 16.19
CA GLU N 162 -1.60 11.58 17.22
C GLU N 162 -2.14 12.99 17.28
N TYR N 163 -1.82 13.84 16.31
CA TYR N 163 -2.22 15.24 16.33
C TYR N 163 -2.90 15.59 15.02
N LEU N 164 -3.37 16.83 14.95
CA LEU N 164 -4.10 17.36 13.80
C LEU N 164 -3.32 18.45 13.11
N PRO N 165 -3.38 18.53 11.79
CA PRO N 165 -2.64 19.58 11.07
C PRO N 165 -3.33 20.92 11.23
N PRO N 166 -2.63 22.03 10.99
CA PRO N 166 -3.26 23.34 11.11
C PRO N 166 -4.32 23.56 10.05
N HIS N 167 -5.21 24.51 10.33
CA HIS N 167 -6.25 24.87 9.36
C HIS N 167 -5.64 25.59 8.16
N VAL N 168 -4.81 26.60 8.41
CA VAL N 168 -4.20 27.41 7.38
C VAL N 168 -2.69 27.38 7.58
N VAL N 169 -1.94 27.15 6.50
CA VAL N 169 -0.49 27.28 6.51
C VAL N 169 -0.10 28.42 5.58
N ILE N 170 0.69 29.35 6.09
CA ILE N 170 1.09 30.55 5.35
C ILE N 170 2.59 30.47 5.12
N TYR N 171 2.99 30.58 3.85
CA TYR N 171 4.38 30.52 3.46
C TYR N 171 4.82 31.84 2.86
N VAL N 172 5.99 32.32 3.30
CA VAL N 172 6.55 33.58 2.82
C VAL N 172 7.72 33.24 1.90
N ASP N 173 7.65 33.72 0.66
CA ASP N 173 8.67 33.42 -0.35
C ASP N 173 9.67 34.56 -0.39
N VAL N 174 10.89 34.29 0.05
CA VAL N 174 11.98 35.26 0.01
C VAL N 174 13.20 34.55 -0.57
N PRO N 175 13.88 35.12 -1.56
CA PRO N 175 15.07 34.47 -2.11
C PRO N 175 16.24 34.49 -1.13
N VAL N 176 17.19 33.59 -1.38
CA VAL N 176 18.33 33.44 -0.48
C VAL N 176 19.25 34.66 -0.53
N SER N 177 19.25 35.40 -1.64
CA SER N 177 20.06 36.61 -1.74
C SER N 177 19.51 37.69 -0.81
N GLU N 178 18.19 37.90 -0.81
CA GLU N 178 17.59 38.86 0.11
C GLU N 178 17.69 38.36 1.54
N VAL N 179 17.71 37.04 1.74
CA VAL N 179 17.90 36.46 3.07
C VAL N 179 19.28 36.81 3.60
N GLN N 180 20.31 36.69 2.77
CA GLN N 180 21.65 37.05 3.20
C GLN N 180 21.81 38.56 3.36
N SER N 181 21.07 39.33 2.56
CA SER N 181 21.04 40.78 2.76
C SER N 181 20.48 41.13 4.13
N ARG N 182 19.38 40.47 4.53
CA ARG N 182 18.82 40.69 5.86
C ARG N 182 19.77 40.22 6.96
N ILE N 183 20.47 39.12 6.72
CA ILE N 183 21.43 38.58 7.69
C ILE N 183 22.56 39.58 7.92
N GLN N 184 23.08 40.17 6.84
CA GLN N 184 24.06 41.24 6.98
C GLN N 184 23.45 42.48 7.63
N LYS N 185 22.15 42.70 7.42
CA LYS N 185 21.51 43.89 7.97
C LYS N 185 21.37 43.82 9.49
N LYS N 186 20.98 42.66 10.03
CA LYS N 186 20.73 42.59 11.47
C LYS N 186 22.01 42.70 12.29
N GLY N 187 23.04 41.93 11.91
CA GLY N 187 24.33 42.05 12.56
C GLY N 187 24.56 41.15 13.74
N ASN N 188 23.88 40.01 13.82
CA ASN N 188 24.23 39.02 14.83
C ASN N 188 25.50 38.31 14.40
N PRO N 189 26.58 38.38 15.19
CA PRO N 189 27.93 38.05 14.66
C PRO N 189 28.11 36.60 14.22
N HIS N 190 27.44 35.66 14.88
CA HIS N 190 27.55 34.26 14.51
C HIS N 190 26.71 33.90 13.30
N GLU N 191 25.83 34.80 12.85
CA GLU N 191 24.88 34.46 11.80
C GLU N 191 25.43 34.65 10.39
N MET N 192 26.52 35.41 10.21
CA MET N 192 27.14 35.45 8.88
C MET N 192 27.90 34.17 8.55
N LYS N 193 28.12 33.29 9.52
CA LYS N 193 28.83 32.05 9.26
C LYS N 193 27.97 31.02 8.55
N ILE N 194 26.67 31.30 8.38
CA ILE N 194 25.81 30.41 7.61
C ILE N 194 26.18 30.51 6.13
N THR N 195 25.87 29.46 5.38
CA THR N 195 26.23 29.38 3.97
C THR N 195 25.00 29.55 3.09
N SER N 196 25.24 30.04 1.87
CA SER N 196 24.15 30.23 0.91
C SER N 196 23.57 28.90 0.45
N ALA N 197 24.40 27.85 0.37
CA ALA N 197 23.91 26.54 -0.02
C ALA N 197 22.94 25.97 1.01
N TYR N 198 23.15 26.28 2.29
CA TYR N 198 22.22 25.85 3.33
C TYR N 198 20.85 26.47 3.13
N LEU N 199 20.79 27.77 2.85
CA LEU N 199 19.53 28.45 2.60
C LEU N 199 18.88 27.95 1.31
N GLN N 200 19.69 27.66 0.30
CA GLN N 200 19.16 27.12 -0.95
C GLN N 200 18.54 25.74 -0.72
N ASP N 201 19.19 24.91 0.09
CA ASP N 201 18.65 23.59 0.41
C ASP N 201 17.36 23.71 1.23
N ILE N 202 17.32 24.69 2.14
CA ILE N 202 16.11 24.96 2.92
C ILE N 202 14.95 25.32 1.99
N GLU N 203 15.21 26.21 1.03
CA GLU N 203 14.18 26.60 0.07
C GLU N 203 13.76 25.43 -0.81
N ASN N 204 14.72 24.60 -1.23
CA ASN N 204 14.41 23.46 -2.10
C ASN N 204 13.55 22.43 -1.38
N VAL N 205 13.87 22.11 -0.12
CA VAL N 205 13.03 21.17 0.62
C VAL N 205 11.73 21.82 1.10
N TYR N 206 11.68 23.15 1.15
CA TYR N 206 10.41 23.83 1.41
C TYR N 206 9.46 23.69 0.23
N LYS N 207 9.99 23.85 -0.98
CA LYS N 207 9.15 23.86 -2.17
C LYS N 207 8.84 22.48 -2.72
N GLY N 208 9.78 21.54 -2.63
CA GLY N 208 9.61 20.27 -3.31
C GLY N 208 9.06 19.13 -2.48
N THR N 209 9.11 19.26 -1.15
CA THR N 209 8.73 18.16 -0.27
C THR N 209 7.74 18.54 0.81
N PHE N 210 7.41 19.83 0.96
CA PHE N 210 6.64 20.31 2.10
C PHE N 210 5.28 20.88 1.68
N LEU N 211 5.30 21.88 0.80
CA LEU N 211 4.06 22.42 0.24
C LEU N 211 3.28 21.39 -0.57
N PRO N 212 3.87 20.55 -1.45
CA PRO N 212 3.08 19.45 -2.00
C PRO N 212 2.62 18.45 -0.96
N GLU N 213 3.33 18.34 0.17
CA GLU N 213 2.94 17.36 1.19
C GLU N 213 1.67 17.78 1.91
N MET N 214 1.56 19.05 2.31
CA MET N 214 0.32 19.49 2.93
C MET N 214 -0.48 20.44 2.06
N SER N 215 -0.39 20.29 0.74
CA SER N 215 -1.36 20.95 -0.13
C SER N 215 -2.77 20.42 0.10
N GLU N 216 -2.92 19.12 0.37
CA GLU N 216 -4.24 18.52 0.48
C GLU N 216 -4.76 18.49 1.91
N LYS N 217 -3.90 18.44 2.93
CA LYS N 217 -4.39 18.36 4.30
C LYS N 217 -4.72 19.71 4.90
N CYS N 218 -4.31 20.81 4.27
CA CYS N 218 -4.67 22.14 4.73
C CYS N 218 -4.60 23.11 3.58
N GLU N 219 -5.19 24.28 3.78
CA GLU N 219 -5.22 25.31 2.76
C GLU N 219 -3.92 26.10 2.80
N VAL N 220 -3.21 26.14 1.67
CA VAL N 220 -1.88 26.72 1.57
C VAL N 220 -1.99 28.09 0.92
N LEU N 221 -1.37 29.09 1.54
CA LEU N 221 -1.28 30.43 0.98
C LEU N 221 0.18 30.84 0.94
N GLN N 222 0.64 31.23 -0.25
CA GLN N 222 2.02 31.63 -0.47
C GLN N 222 2.08 33.12 -0.80
N TYR N 223 3.04 33.81 -0.18
CA TYR N 223 3.22 35.24 -0.35
C TYR N 223 4.70 35.53 -0.58
N SER N 224 4.96 36.63 -1.28
CA SER N 224 6.33 37.08 -1.48
C SER N 224 6.68 38.11 -0.41
N ALA N 225 7.82 38.77 -0.56
CA ALA N 225 8.32 39.66 0.48
C ALA N 225 7.55 40.97 0.58
N TRP N 226 6.83 41.37 -0.48
CA TRP N 226 6.10 42.63 -0.44
C TRP N 226 4.60 42.45 -0.33
N GLU N 227 4.07 41.26 -0.62
CA GLU N 227 2.69 40.96 -0.24
C GLU N 227 2.55 40.73 1.26
N ALA N 228 3.64 40.30 1.93
CA ALA N 228 3.59 40.05 3.36
C ALA N 228 3.55 41.31 4.19
N GLU N 229 3.94 42.45 3.61
CA GLU N 229 3.92 43.71 4.35
C GLU N 229 2.51 44.23 4.56
N ASP N 230 1.53 43.73 3.81
CA ASP N 230 0.13 44.13 3.95
C ASP N 230 -0.61 43.01 4.66
N ALA N 231 -0.92 43.22 5.94
CA ALA N 231 -1.64 42.23 6.72
C ALA N 231 -3.12 42.19 6.39
N GLU N 232 -3.68 43.31 5.93
CA GLU N 232 -5.10 43.35 5.61
C GLU N 232 -5.45 42.43 4.45
N LYS N 233 -4.59 42.40 3.43
CA LYS N 233 -4.79 41.47 2.32
C LYS N 233 -4.68 40.02 2.78
N VAL N 234 -3.75 39.74 3.70
CA VAL N 234 -3.56 38.40 4.21
C VAL N 234 -4.79 37.93 4.99
N VAL N 235 -5.32 38.79 5.87
CA VAL N 235 -6.49 38.37 6.64
C VAL N 235 -7.74 38.34 5.77
N GLU N 236 -7.78 39.14 4.70
CA GLU N 236 -8.87 39.04 3.73
C GLU N 236 -8.82 37.71 2.99
N ASP N 237 -7.62 37.24 2.66
CA ASP N 237 -7.47 35.95 2.00
C ASP N 237 -7.83 34.81 2.94
N ILE N 238 -7.37 34.85 4.19
CA ILE N 238 -7.67 33.76 5.11
C ILE N 238 -9.11 33.81 5.61
N GLN N 239 -9.81 34.94 5.46
CA GLN N 239 -11.20 35.01 5.86
C GLN N 239 -12.16 34.62 4.73
N TYR N 240 -11.66 34.37 3.53
CA TYR N 240 -12.48 33.99 2.39
C TYR N 240 -12.18 32.56 1.94
N LEU N 241 -11.64 31.74 2.82
CA LEU N 241 -11.29 30.37 2.50
C LEU N 241 -12.43 29.43 2.87
N LYS N 242 -12.67 28.43 2.03
CA LYS N 242 -13.70 27.43 2.25
C LYS N 242 -13.00 26.14 2.69
N TYR N 243 -13.02 25.87 3.99
CA TYR N 243 -12.35 24.70 4.55
C TYR N 243 -13.18 23.45 4.24
N ASP N 244 -12.75 22.68 3.25
CA ASP N 244 -13.37 21.41 2.92
C ASP N 244 -12.37 20.28 2.76
N LYS N 245 -11.11 20.50 3.13
CA LYS N 245 -10.05 19.51 3.03
C LYS N 245 -9.51 19.19 4.43
N GLY N 246 -8.69 18.15 4.49
CA GLY N 246 -8.05 17.76 5.72
C GLY N 246 -8.95 16.97 6.63
N PRO N 247 -8.41 16.54 7.78
CA PRO N 247 -9.20 15.75 8.74
C PRO N 247 -9.91 16.55 9.82
N TRP N 248 -9.95 17.87 9.71
CA TRP N 248 -10.62 18.68 10.73
C TRP N 248 -12.14 18.65 10.60
N LEU N 249 -12.67 18.20 9.46
CA LEU N 249 -14.11 18.20 9.28
C LEU N 249 -14.79 17.11 10.10
N ASP N 250 -14.25 15.88 10.05
CA ASP N 250 -14.87 14.75 10.73
C ASP N 250 -14.29 14.60 12.13
N GLN N 251 -14.59 15.60 12.97
CA GLN N 251 -14.14 15.65 14.35
C GLN N 251 -15.36 15.72 15.26
N ASP N 252 -15.72 14.59 15.86
CA ASP N 252 -16.81 14.51 16.82
C ASP N 252 -16.36 15.09 18.16
N ASP N 253 -17.30 15.22 19.10
CA ASP N 253 -16.95 15.65 20.45
C ASP N 253 -16.08 14.61 21.15
N ARG N 254 -16.29 13.32 20.86
CA ARG N 254 -15.49 12.27 21.47
C ARG N 254 -14.03 12.34 21.01
N LYS N 255 -13.82 12.59 19.71
CA LYS N 255 -12.46 12.65 19.18
C LYS N 255 -11.70 13.86 19.73
N LEU N 256 -12.38 15.00 19.83
CA LEU N 256 -11.73 16.17 20.41
C LEU N 256 -11.53 16.01 21.90
N HIS N 257 -12.41 15.27 22.58
CA HIS N 257 -12.20 14.95 23.99
C HIS N 257 -10.95 14.09 24.17
N ASN N 258 -10.76 13.09 23.32
CA ASN N 258 -9.55 12.26 23.39
C ASN N 258 -8.31 13.08 23.08
N LEU N 259 -8.39 13.98 22.08
CA LEU N 259 -7.25 14.82 21.75
C LEU N 259 -6.91 15.78 22.89
N ARG N 260 -7.92 16.35 23.55
CA ARG N 260 -7.67 17.24 24.68
C ARG N 260 -7.09 16.48 25.86
N MET N 261 -7.54 15.25 26.08
CA MET N 261 -6.93 14.44 27.14
C MET N 261 -5.50 14.07 26.80
N LEU N 262 -5.18 13.91 25.52
CA LEU N 262 -3.81 13.61 25.12
C LEU N 262 -2.90 14.81 25.32
N VAL N 263 -3.32 15.99 24.86
CA VAL N 263 -2.43 17.14 24.86
C VAL N 263 -2.24 17.73 26.25
N GLN N 264 -3.13 17.44 27.20
CA GLN N 264 -2.98 17.96 28.55
C GLN N 264 -1.98 17.16 29.38
N ASP N 265 -1.60 15.98 28.95
CA ASP N 265 -0.60 15.16 29.64
C ASP N 265 0.74 15.41 28.96
N LYS N 266 1.57 16.25 29.58
CA LYS N 266 2.82 16.65 28.94
C LYS N 266 3.85 15.54 28.91
N LEU N 267 3.86 14.66 29.92
CA LEU N 267 4.77 13.53 29.90
C LEU N 267 4.35 12.50 28.85
N GLU N 268 3.05 12.36 28.61
CA GLU N 268 2.58 11.48 27.55
C GLU N 268 2.89 12.04 26.17
N VAL N 269 2.89 13.37 26.03
CA VAL N 269 3.25 14.01 24.77
C VAL N 269 4.71 13.73 24.43
N LEU N 270 5.59 13.89 25.41
CA LEU N 270 7.02 13.65 25.25
C LEU N 270 7.42 12.22 25.57
N ASN N 271 6.48 11.27 25.48
CA ASN N 271 6.78 9.88 25.83
C ASN N 271 7.73 9.26 24.82
N TYR N 272 7.51 9.52 23.53
CA TYR N 272 8.27 8.87 22.47
C TYR N 272 9.40 9.73 21.93
N THR N 273 9.71 10.86 22.58
CA THR N 273 10.87 11.63 22.16
C THR N 273 12.16 10.94 22.55
N SER N 274 12.21 10.37 23.76
CA SER N 274 13.39 9.68 24.26
C SER N 274 13.22 8.17 24.08
N ILE N 275 13.15 7.74 22.82
CA ILE N 275 13.09 6.31 22.51
C ILE N 275 14.46 5.71 22.78
N PRO N 276 14.56 4.45 23.21
CA PRO N 276 15.88 3.86 23.49
C PRO N 276 16.64 3.45 22.24
N VAL N 277 17.05 4.46 21.46
CA VAL N 277 17.96 4.27 20.34
C VAL N 277 19.26 4.97 20.70
N PHE N 278 20.35 4.22 20.72
CA PHE N 278 21.62 4.72 21.24
C PHE N 278 22.46 5.26 20.08
N LEU N 279 22.33 6.56 19.84
CA LEU N 279 23.15 7.31 18.92
C LEU N 279 24.14 8.16 19.69
N PRO N 280 25.38 8.31 19.20
CA PRO N 280 26.38 9.08 19.96
C PRO N 280 26.05 10.55 20.12
N GLU N 281 25.16 11.09 19.29
CA GLU N 281 24.80 12.50 19.39
C GLU N 281 23.87 12.78 20.57
N VAL N 282 22.99 11.85 20.90
CA VAL N 282 21.98 12.09 21.92
C VAL N 282 22.17 11.25 23.18
N THR N 283 22.94 10.16 23.12
CA THR N 283 23.09 9.31 24.29
C THR N 283 23.99 9.98 25.32
N ILE N 284 23.48 10.11 26.55
CA ILE N 284 24.20 10.68 27.67
C ILE N 284 24.50 9.56 28.65
N GLY N 285 25.75 9.49 29.10
CA GLY N 285 26.18 8.42 29.96
C GLY N 285 25.58 8.49 31.35
N ALA N 286 25.82 7.44 32.12
CA ALA N 286 25.14 7.27 33.41
C ALA N 286 25.63 8.28 34.43
N HIS N 287 26.95 8.48 34.52
CA HIS N 287 27.50 9.37 35.53
C HIS N 287 27.16 10.82 35.23
N GLN N 288 27.24 11.22 33.96
CA GLN N 288 26.90 12.59 33.58
C GLN N 288 25.43 12.89 33.83
N SER N 289 24.55 11.95 33.44
CA SER N 289 23.13 12.13 33.66
C SER N 289 22.79 12.17 35.14
N ASP N 290 23.44 11.33 35.94
CA ASP N 290 23.22 11.34 37.39
C ASP N 290 23.64 12.67 38.00
N ARG N 291 24.81 13.17 37.61
CA ARG N 291 25.31 14.44 38.14
C ARG N 291 24.41 15.61 37.73
N VAL N 292 23.98 15.63 36.46
CA VAL N 292 23.16 16.73 35.98
C VAL N 292 21.77 16.68 36.61
N PHE N 293 21.21 15.47 36.81
CA PHE N 293 19.91 15.35 37.46
C PHE N 293 20.00 15.78 38.93
N GLN N 294 21.10 15.43 39.61
CA GLN N 294 21.28 15.86 40.99
C GLN N 294 21.42 17.37 41.09
N GLU N 295 22.08 18.00 40.11
CA GLU N 295 22.13 19.46 40.06
C GLU N 295 20.76 20.05 39.78
N PHE N 296 19.97 19.40 38.92
CA PHE N 296 18.65 19.90 38.57
C PHE N 296 17.70 19.87 39.76
N THR N 297 17.82 18.84 40.60
CA THR N 297 16.97 18.76 41.79
C THR N 297 17.29 19.86 42.79
N GLU N 298 18.52 20.36 42.80
CA GLU N 298 18.95 21.37 43.76
C GLU N 298 18.54 22.79 43.39
N LEU N 299 17.93 22.98 42.22
CA LEU N 299 17.46 24.31 41.83
C LEU N 299 16.26 24.71 42.69
N PRO N 300 16.07 26.01 42.91
CA PRO N 300 14.92 26.45 43.73
C PRO N 300 13.60 26.21 43.00
N GLY N 301 12.64 25.66 43.73
CA GLY N 301 11.34 25.35 43.14
C GLY N 301 11.33 24.15 42.22
N ARG N 302 12.35 23.30 42.29
CA ARG N 302 12.45 22.16 41.39
C ARG N 302 12.56 20.81 42.10
N LYS N 303 12.79 20.79 43.42
CA LYS N 303 12.96 19.52 44.11
C LYS N 303 11.63 18.76 44.22
N TYR N 304 10.55 19.47 44.47
CA TYR N 304 9.24 18.88 44.70
C TYR N 304 8.27 19.34 43.60
N ARG N 305 6.99 19.06 43.81
CA ARG N 305 5.96 19.45 42.87
C ARG N 305 5.79 20.97 42.86
N ALA N 306 4.90 21.45 42.00
CA ALA N 306 4.75 22.88 41.75
C ALA N 306 4.08 23.63 42.89
N GLY N 307 3.60 22.95 43.92
CA GLY N 307 3.00 23.65 45.05
C GLY N 307 3.58 23.26 46.39
N TYR N 308 4.63 22.45 46.39
CA TYR N 308 5.19 21.87 47.62
C TYR N 308 6.64 22.27 47.81
N ASN N 309 6.99 23.49 47.44
CA ASN N 309 8.35 24.00 47.57
C ASN N 309 8.37 25.06 48.66
N GLU N 310 8.96 24.73 49.81
CA GLU N 310 9.04 25.70 50.90
C GLU N 310 10.08 26.77 50.66
N ASP N 311 11.10 26.49 49.85
CA ASP N 311 12.16 27.46 49.61
C ASP N 311 11.69 28.65 48.79
N VAL N 312 10.60 28.51 48.04
CA VAL N 312 10.01 29.63 47.33
C VAL N 312 8.84 30.25 48.07
N GLY N 313 8.49 29.71 49.24
CA GLY N 313 7.48 30.32 50.08
C GLY N 313 6.07 29.79 49.86
N ASP N 314 5.92 28.47 49.88
CA ASP N 314 4.60 27.85 49.77
C ASP N 314 4.13 27.44 51.16
N LYS N 315 2.89 27.78 51.48
CA LYS N 315 2.32 27.55 52.80
C LYS N 315 1.29 26.43 52.74
N TRP N 316 0.86 26.00 53.94
CA TRP N 316 -0.12 24.94 54.13
C TRP N 316 0.32 23.63 53.46
N ILE N 317 1.62 23.34 53.53
CA ILE N 317 2.14 22.13 52.92
C ILE N 317 1.63 20.89 53.65
N TRP N 318 1.54 20.96 54.98
CA TRP N 318 1.05 19.85 55.78
C TRP N 318 -0.43 19.56 55.57
N LEU N 319 -1.18 20.44 54.90
CA LEU N 319 -2.57 20.21 54.56
C LEU N 319 -2.77 20.02 53.06
N LYS N 320 -1.70 19.77 52.32
CA LYS N 320 -1.80 19.56 50.88
C LYS N 320 -1.16 18.24 50.48
N PRO O 1 -14.68 -19.08 44.08
CA PRO O 1 -15.62 -19.17 45.19
C PRO O 1 -17.07 -19.09 44.74
N PHE O 2 -17.95 -19.76 45.49
CA PHE O 2 -19.38 -19.80 45.20
C PHE O 2 -20.07 -18.93 46.23
N PHE O 3 -20.29 -17.66 45.88
CA PHE O 3 -20.94 -16.71 46.77
C PHE O 3 -22.44 -16.93 46.67
N ASP O 4 -23.02 -17.54 47.70
CA ASP O 4 -24.46 -17.86 47.71
C ASP O 4 -25.24 -16.58 47.98
N VAL O 5 -25.36 -15.75 46.93
CA VAL O 5 -26.13 -14.53 47.03
C VAL O 5 -27.62 -14.85 47.15
N GLN O 6 -28.08 -15.87 46.43
CA GLN O 6 -29.50 -16.20 46.38
C GLN O 6 -30.03 -16.66 47.73
N LYS O 7 -29.30 -17.53 48.42
CA LYS O 7 -29.76 -18.01 49.72
C LYS O 7 -29.62 -16.96 50.81
N LYS O 8 -28.61 -16.09 50.70
CA LYS O 8 -28.47 -14.98 51.65
C LYS O 8 -29.58 -13.96 51.49
N LEU O 9 -29.93 -13.62 50.25
CA LEU O 9 -30.92 -12.62 49.95
C LEU O 9 -32.34 -13.18 49.87
N GLY O 10 -32.50 -14.50 49.88
CA GLY O 10 -33.82 -15.09 49.81
C GLY O 10 -34.48 -15.04 48.46
N VAL O 11 -33.75 -14.69 47.40
CA VAL O 11 -34.32 -14.59 46.08
C VAL O 11 -34.15 -15.94 45.37
N ASP O 12 -34.98 -16.16 44.35
CA ASP O 12 -34.93 -17.36 43.53
C ASP O 12 -34.65 -16.95 42.09
N LEU O 13 -33.53 -17.41 41.55
CA LEU O 13 -33.12 -17.06 40.20
C LEU O 13 -33.03 -18.26 39.28
N ASP O 14 -32.45 -19.37 39.74
CA ASP O 14 -32.31 -20.54 38.88
C ASP O 14 -32.56 -21.86 39.59
N HIS O 15 -33.09 -21.84 40.82
CA HIS O 15 -33.34 -23.10 41.53
C HIS O 15 -34.55 -23.84 40.96
N TRP O 16 -35.44 -23.15 40.25
CA TRP O 16 -36.62 -23.79 39.67
C TRP O 16 -36.26 -24.65 38.47
N MET O 17 -35.09 -24.45 37.87
CA MET O 17 -34.68 -25.17 36.68
C MET O 17 -33.55 -26.15 36.94
N THR O 18 -33.06 -26.23 38.19
CA THR O 18 -31.91 -27.07 38.49
C THR O 18 -32.23 -28.55 38.34
N ILE O 19 -33.35 -28.99 38.91
CA ILE O 19 -33.69 -30.40 38.94
C ILE O 19 -34.94 -30.64 38.09
N GLN O 20 -35.29 -31.91 37.95
CA GLN O 20 -36.35 -32.35 37.05
C GLN O 20 -37.67 -32.58 37.77
N SER O 21 -37.64 -32.90 39.07
CA SER O 21 -38.85 -33.08 39.86
C SER O 21 -39.37 -31.80 40.48
N ALA O 22 -39.00 -30.64 39.94
CA ALA O 22 -39.41 -29.36 40.51
C ALA O 22 -40.83 -29.04 40.06
N GLU O 23 -41.31 -27.85 40.41
CA GLU O 23 -42.63 -27.41 39.97
C GLU O 23 -42.59 -27.10 38.49
N GLN O 24 -43.59 -27.60 37.77
CA GLN O 24 -43.65 -27.51 36.32
C GLN O 24 -44.94 -26.81 35.90
N PRO O 25 -44.97 -26.21 34.71
CA PRO O 25 -46.23 -25.65 34.20
C PRO O 25 -47.27 -26.73 33.99
N HIS O 26 -48.49 -26.47 34.47
CA HIS O 26 -49.64 -27.37 34.41
C HIS O 26 -49.39 -28.70 35.11
N ARG O 27 -48.41 -28.74 36.01
CA ARG O 27 -48.04 -29.91 36.80
C ARG O 27 -47.73 -31.12 35.92
N ILE O 28 -47.05 -30.88 34.80
CA ILE O 28 -46.66 -31.94 33.88
C ILE O 28 -45.51 -32.73 34.48
N PRO O 29 -45.67 -34.04 34.68
CA PRO O 29 -44.58 -34.83 35.26
C PRO O 29 -43.63 -35.39 34.20
N ALA O 30 -42.37 -35.50 34.60
CA ALA O 30 -41.38 -36.12 33.74
C ALA O 30 -41.47 -37.64 33.85
N ARG O 31 -40.72 -38.33 32.98
CA ARG O 31 -40.77 -39.77 32.95
C ARG O 31 -40.01 -40.43 34.09
N CYS O 32 -39.11 -39.70 34.75
CA CYS O 32 -38.33 -40.24 35.86
C CYS O 32 -38.47 -39.33 37.08
N HIS O 33 -39.72 -38.99 37.40
CA HIS O 33 -39.98 -38.11 38.55
C HIS O 33 -39.74 -38.85 39.86
N ALA O 34 -40.26 -40.09 39.96
CA ALA O 34 -40.18 -40.82 41.22
C ALA O 34 -38.76 -41.25 41.54
N PHE O 35 -38.00 -41.69 40.54
CA PHE O 35 -36.64 -42.15 40.77
C PHE O 35 -35.75 -41.01 41.25
N GLU O 36 -35.83 -39.87 40.57
CA GLU O 36 -35.01 -38.73 40.96
C GLU O 36 -35.48 -38.17 42.30
N LYS O 37 -36.79 -38.21 42.57
CA LYS O 37 -37.28 -37.79 43.87
C LYS O 37 -36.71 -38.65 44.99
N GLU O 38 -36.69 -39.98 44.79
CA GLU O 38 -36.15 -40.88 45.80
C GLU O 38 -34.65 -40.66 46.00
N TRP O 39 -33.91 -40.46 44.91
CA TRP O 39 -32.48 -40.19 45.03
C TRP O 39 -32.21 -38.89 45.78
N ILE O 40 -33.01 -37.86 45.50
CA ILE O 40 -32.83 -36.56 46.16
C ILE O 40 -33.16 -36.64 47.64
N GLU O 41 -34.26 -37.31 48.00
CA GLU O 41 -34.58 -37.46 49.41
C GLU O 41 -33.63 -38.41 50.13
N CYS O 42 -32.92 -39.29 49.42
CA CYS O 42 -31.82 -39.99 50.08
C CYS O 42 -30.67 -39.04 50.37
N ALA O 43 -30.10 -38.44 49.32
CA ALA O 43 -28.82 -37.77 49.41
C ALA O 43 -28.90 -36.37 50.01
N HIS O 44 -30.00 -36.00 50.65
CA HIS O 44 -30.16 -34.64 51.17
C HIS O 44 -29.43 -34.51 52.50
N GLY O 45 -28.37 -33.70 52.52
CA GLY O 45 -27.75 -33.30 53.76
C GLY O 45 -26.76 -34.27 54.36
N ILE O 46 -26.39 -35.33 53.65
CA ILE O 46 -25.43 -36.30 54.17
C ILE O 46 -24.05 -36.16 53.54
N GLY O 47 -23.87 -35.22 52.63
CA GLY O 47 -22.59 -35.01 52.00
C GLY O 47 -22.41 -35.87 50.75
N SER O 48 -21.43 -35.48 49.93
CA SER O 48 -21.23 -36.14 48.65
C SER O 48 -20.64 -37.54 48.81
N ILE O 49 -19.74 -37.72 49.77
CA ILE O 49 -19.10 -39.03 49.95
C ILE O 49 -20.11 -40.06 50.44
N ARG O 50 -20.88 -39.71 51.46
CA ARG O 50 -21.93 -40.61 51.93
C ARG O 50 -23.03 -40.76 50.91
N ALA O 51 -23.29 -39.72 50.11
CA ALA O 51 -24.29 -39.84 49.06
C ALA O 51 -23.87 -40.82 47.98
N GLU O 52 -22.58 -40.81 47.62
CA GLU O 52 -22.11 -41.70 46.57
C GLU O 52 -21.80 -43.10 47.07
N LYS O 53 -21.67 -43.30 48.39
CA LYS O 53 -21.39 -44.64 48.90
C LYS O 53 -22.57 -45.28 49.63
N GLU O 54 -23.65 -44.55 49.91
CA GLU O 54 -24.73 -45.08 50.73
C GLU O 54 -25.99 -45.45 49.96
N CYS O 55 -26.44 -44.61 49.04
CA CYS O 55 -27.62 -44.97 48.26
C CYS O 55 -27.31 -45.04 46.77
N LYS O 56 -26.25 -45.79 46.43
CA LYS O 56 -25.95 -46.11 45.04
C LYS O 56 -27.08 -46.85 44.36
N ILE O 57 -27.94 -47.53 45.12
CA ILE O 57 -29.09 -48.24 44.56
C ILE O 57 -30.07 -47.25 43.90
N GLU O 58 -30.38 -46.17 44.61
CA GLU O 58 -31.31 -45.17 44.08
C GLU O 58 -30.73 -44.45 42.87
N PHE O 59 -29.43 -44.15 42.91
CA PHE O 59 -28.79 -43.50 41.77
C PHE O 59 -28.72 -44.42 40.57
N GLU O 60 -28.47 -45.72 40.79
CA GLU O 60 -28.49 -46.68 39.70
C GLU O 60 -29.89 -46.81 39.10
N ASP O 61 -30.92 -46.79 39.95
CA ASP O 61 -32.29 -46.83 39.45
C ASP O 61 -32.62 -45.59 38.63
N PHE O 62 -32.20 -44.42 39.10
CA PHE O 62 -32.46 -43.19 38.36
C PHE O 62 -31.71 -43.18 37.03
N ARG O 63 -30.46 -43.64 37.02
CA ARG O 63 -29.70 -43.68 35.77
C ARG O 63 -30.31 -44.70 34.80
N GLU O 64 -30.82 -45.81 35.33
CA GLU O 64 -31.50 -46.80 34.50
C GLU O 64 -32.79 -46.24 33.91
N CYS O 65 -33.53 -45.44 34.68
CA CYS O 65 -34.70 -44.77 34.12
C CYS O 65 -34.29 -43.76 33.06
N LEU O 66 -33.17 -43.07 33.26
CA LEU O 66 -32.77 -42.00 32.37
C LEU O 66 -32.32 -42.54 31.01
N LEU O 67 -31.43 -43.53 31.02
CA LEU O 67 -30.81 -43.95 29.77
C LEU O 67 -31.31 -45.30 29.24
N ARG O 68 -31.87 -46.14 30.11
CA ARG O 68 -32.45 -47.43 29.74
C ARG O 68 -31.43 -48.36 29.09
N GLN O 69 -30.25 -48.51 29.70
CA GLN O 69 -29.27 -49.42 29.13
C GLN O 69 -29.74 -50.87 29.23
N LYS O 70 -30.14 -51.29 30.42
CA LYS O 70 -30.46 -52.68 30.66
C LYS O 70 -31.77 -53.09 29.98
N THR O 71 -32.69 -52.14 29.81
CA THR O 71 -33.96 -52.45 29.17
C THR O 71 -33.77 -52.79 27.69
N MET O 72 -33.06 -51.95 26.95
CA MET O 72 -32.78 -52.29 25.56
C MET O 72 -31.77 -53.42 25.41
N LYS O 73 -30.92 -53.65 26.42
CA LYS O 73 -30.08 -54.84 26.39
C LYS O 73 -30.93 -56.12 26.47
N ARG O 74 -31.92 -56.12 27.37
CA ARG O 74 -32.83 -57.25 27.48
C ARG O 74 -33.68 -57.40 26.22
N LEU O 75 -34.10 -56.28 25.63
CA LEU O 75 -34.85 -56.33 24.38
C LEU O 75 -34.00 -56.89 23.24
N ASN O 76 -32.71 -56.51 23.20
CA ASN O 76 -31.80 -57.05 22.21
C ASN O 76 -31.63 -58.55 22.37
N ALA O 77 -31.50 -59.01 23.62
CA ALA O 77 -31.37 -60.44 23.87
C ALA O 77 -32.63 -61.19 23.43
N ILE O 78 -33.81 -60.65 23.74
CA ILE O 78 -35.06 -61.31 23.38
C ILE O 78 -35.23 -61.37 21.88
N LYS O 79 -34.98 -60.25 21.18
CA LYS O 79 -35.16 -60.21 19.74
C LYS O 79 -34.14 -61.08 19.02
N ARG O 80 -32.90 -61.13 19.53
CA ARG O 80 -31.88 -61.97 18.92
C ARG O 80 -32.21 -63.45 19.08
N GLN O 81 -32.66 -63.85 20.27
CA GLN O 81 -33.04 -65.24 20.48
C GLN O 81 -34.27 -65.62 19.67
N ARG O 82 -35.23 -64.70 19.54
CA ARG O 82 -36.40 -64.94 18.72
C ARG O 82 -36.04 -65.10 17.25
N ASP O 83 -35.12 -64.27 16.76
CA ASP O 83 -34.68 -64.39 15.37
C ASP O 83 -33.93 -65.70 15.14
N LYS O 84 -33.11 -66.11 16.11
CA LYS O 84 -32.37 -67.37 15.97
C LYS O 84 -33.32 -68.56 15.96
N LEU O 85 -34.33 -68.57 16.82
CA LEU O 85 -35.29 -69.67 16.80
C LEU O 85 -36.22 -69.61 15.59
N ILE O 86 -36.43 -68.42 15.03
CA ILE O 86 -37.19 -68.32 13.78
C ILE O 86 -36.40 -68.91 12.62
N LYS O 87 -35.10 -68.61 12.58
CA LYS O 87 -34.24 -69.19 11.54
C LYS O 87 -34.13 -70.71 11.71
N GLU O 88 -34.04 -71.18 12.95
CA GLU O 88 -33.96 -72.61 13.21
C GLU O 88 -35.30 -73.32 13.03
N GLY O 89 -36.40 -72.58 12.91
CA GLY O 89 -37.69 -73.18 12.61
C GLY O 89 -38.44 -73.76 13.79
N LYS O 90 -37.96 -73.56 15.02
CA LYS O 90 -38.64 -74.10 16.19
C LYS O 90 -39.62 -73.14 16.82
N TYR O 91 -39.81 -71.95 16.24
CA TYR O 91 -40.70 -70.95 16.82
C TYR O 91 -41.50 -70.27 15.70
N THR O 92 -42.74 -69.93 16.03
CA THR O 92 -43.59 -69.14 15.15
C THR O 92 -44.24 -68.02 15.96
N PRO O 93 -44.57 -66.90 15.33
CA PRO O 93 -45.26 -65.83 16.05
C PRO O 93 -46.73 -66.17 16.23
N PRO O 94 -47.30 -65.82 17.39
CA PRO O 94 -48.73 -66.05 17.61
C PRO O 94 -49.58 -65.11 16.77
N PRO O 95 -50.86 -65.42 16.56
CA PRO O 95 -51.72 -64.51 15.78
C PRO O 95 -51.89 -63.13 16.38
N HIS O 96 -51.80 -62.99 17.71
CA HIS O 96 -51.95 -61.68 18.32
C HIS O 96 -50.71 -60.81 18.16
N HIS O 97 -49.58 -61.38 17.75
CA HIS O 97 -48.39 -60.62 17.42
C HIS O 97 -48.22 -60.45 15.91
N SER O 98 -49.23 -60.82 15.12
CA SER O 98 -49.15 -60.73 13.68
C SER O 98 -50.10 -59.71 13.08
N GLY O 99 -51.10 -59.26 13.82
CA GLY O 99 -51.96 -58.18 13.36
C GLY O 99 -53.41 -58.54 13.17
N GLN O 100 -53.87 -59.61 13.83
CA GLN O 100 -55.27 -60.03 13.78
C GLN O 100 -55.81 -60.21 15.20
N GLU O 101 -55.57 -59.24 16.08
CA GLU O 101 -55.95 -59.41 17.47
C GLU O 101 -57.36 -58.91 17.77
N ASP O 102 -57.85 -57.91 17.03
CA ASP O 102 -59.11 -57.22 17.32
C ASP O 102 -59.09 -56.66 18.75
N LEU O 103 -58.22 -55.66 18.92
CA LEU O 103 -57.72 -55.23 20.22
C LEU O 103 -58.82 -54.73 21.16
N ARG O 104 -58.40 -54.47 22.40
CA ARG O 104 -59.20 -54.28 23.62
C ARG O 104 -60.40 -53.34 23.50
N PRO O 105 -60.25 -52.08 23.04
CA PRO O 105 -61.44 -51.23 23.21
C PRO O 105 -62.49 -51.45 22.13
N VAL P 1 -43.18 23.54 26.91
CA VAL P 1 -43.55 22.14 26.77
C VAL P 1 -44.53 22.00 25.60
N ALA P 2 -45.53 22.87 25.56
CA ALA P 2 -46.53 22.81 24.49
C ALA P 2 -45.93 23.20 23.14
N ALA P 3 -44.94 24.10 23.13
CA ALA P 3 -44.27 24.45 21.89
C ALA P 3 -43.44 23.28 21.37
N PHE P 4 -42.76 22.57 22.28
CA PHE P 4 -41.96 21.42 21.89
C PHE P 4 -42.84 20.30 21.34
N LEU P 5 -43.99 20.07 21.98
CA LEU P 5 -44.90 19.00 21.54
C LEU P 5 -45.48 19.31 20.17
N LYS P 6 -45.87 20.56 19.93
CA LYS P 6 -46.35 20.94 18.61
C LYS P 6 -45.23 20.88 17.58
N ASN P 7 -43.99 21.19 17.99
CA ASN P 7 -42.86 21.09 17.07
C ASN P 7 -42.61 19.65 16.64
N VAL P 8 -42.64 18.69 17.59
CA VAL P 8 -42.39 17.32 17.19
C VAL P 8 -43.60 16.72 16.48
N TRP P 9 -44.81 17.25 16.75
CA TRP P 9 -45.97 16.86 15.97
C TRP P 9 -45.92 17.45 14.57
N ALA P 10 -45.14 18.50 14.37
CA ALA P 10 -44.94 19.06 13.03
C ALA P 10 -43.88 18.32 12.25
N LYS P 11 -42.74 18.00 12.89
CA LYS P 11 -41.63 17.39 12.18
C LYS P 11 -41.74 15.87 12.12
N GLU P 12 -41.95 15.21 13.25
CA GLU P 12 -41.91 13.75 13.35
C GLU P 12 -43.20 13.23 13.95
N PRO P 13 -44.27 13.13 13.16
CA PRO P 13 -45.52 12.57 13.70
C PRO P 13 -45.43 11.09 13.99
N VAL P 14 -44.57 10.36 13.28
CA VAL P 14 -44.48 8.90 13.47
C VAL P 14 -43.94 8.58 14.85
N LEU P 15 -42.87 9.27 15.27
CA LEU P 15 -42.30 9.03 16.59
C LEU P 15 -43.26 9.46 17.70
N VAL P 16 -44.00 10.56 17.47
CA VAL P 16 -44.97 11.01 18.46
C VAL P 16 -46.08 9.98 18.63
N ALA P 17 -46.59 9.44 17.52
CA ALA P 17 -47.62 8.42 17.59
C ALA P 17 -47.12 7.14 18.25
N SER P 18 -45.89 6.74 17.92
CA SER P 18 -45.32 5.53 18.52
C SER P 18 -45.12 5.70 20.02
N PHE P 19 -44.62 6.85 20.46
CA PHE P 19 -44.41 7.07 21.88
C PHE P 19 -45.74 7.17 22.62
N ALA P 20 -46.75 7.77 22.00
CA ALA P 20 -48.06 7.83 22.63
C ALA P 20 -48.67 6.43 22.79
N ILE P 21 -48.55 5.60 21.76
CA ILE P 21 -49.07 4.24 21.84
C ILE P 21 -48.33 3.43 22.89
N ALA P 22 -47.00 3.57 22.95
CA ALA P 22 -46.21 2.85 23.95
C ALA P 22 -46.55 3.30 25.37
N GLY P 23 -46.73 4.60 25.58
CA GLY P 23 -47.10 5.09 26.90
C GLY P 23 -48.49 4.62 27.32
N LEU P 24 -49.44 4.61 26.37
CA LEU P 24 -50.76 4.08 26.67
C LEU P 24 -50.69 2.60 27.03
N ALA P 25 -49.89 1.84 26.28
CA ALA P 25 -49.74 0.41 26.56
C ALA P 25 -49.09 0.15 27.90
N VAL P 26 -48.20 1.05 28.35
CA VAL P 26 -47.51 0.82 29.60
C VAL P 26 -48.25 1.36 30.83
N ILE P 27 -49.17 2.30 30.65
CA ILE P 27 -49.93 2.83 31.80
C ILE P 27 -51.37 2.35 31.85
N LEU P 28 -51.91 1.77 30.79
CA LEU P 28 -53.33 1.40 30.81
C LEU P 28 -53.70 0.12 31.58
N PRO P 29 -52.88 -0.95 31.59
CA PRO P 29 -53.24 -2.10 32.45
C PRO P 29 -53.33 -1.78 33.93
N THR P 30 -52.57 -0.79 34.42
CA THR P 30 -52.63 -0.45 35.84
C THR P 30 -53.87 0.34 36.20
N LEU P 31 -54.67 0.78 35.22
CA LEU P 31 -55.86 1.57 35.48
C LEU P 31 -57.16 0.87 35.11
N SER P 32 -57.13 -0.04 34.15
CA SER P 32 -58.35 -0.72 33.74
C SER P 32 -58.76 -1.74 34.80
N PRO P 33 -60.04 -1.78 35.18
CA PRO P 33 -60.48 -2.74 36.22
C PRO P 33 -60.77 -4.14 35.69
N TYR P 34 -60.33 -4.48 34.48
CA TYR P 34 -60.62 -5.76 33.86
C TYR P 34 -59.44 -6.72 33.86
N THR P 35 -58.32 -6.34 34.48
CA THR P 35 -57.16 -7.23 34.51
C THR P 35 -57.41 -8.42 35.43
N LYS P 36 -58.09 -8.19 36.56
CA LYS P 36 -58.43 -9.28 37.46
C LYS P 36 -59.37 -10.28 36.80
N TYR P 37 -60.24 -9.80 35.91
CA TYR P 37 -61.10 -10.71 35.16
C TYR P 37 -60.28 -11.62 34.26
N SER P 38 -59.23 -11.08 33.64
CA SER P 38 -58.31 -11.91 32.86
C SER P 38 -57.61 -12.93 33.75
N LEU P 39 -57.24 -12.52 34.96
CA LEU P 39 -56.53 -13.41 35.87
C LEU P 39 -57.39 -14.60 36.28
N MET P 40 -58.64 -14.34 36.69
CA MET P 40 -59.48 -15.46 37.06
C MET P 40 -60.14 -16.16 35.88
N ILE P 41 -60.09 -15.60 34.68
CA ILE P 41 -60.42 -16.38 33.50
C ILE P 41 -59.32 -17.40 33.22
N ASN P 42 -58.06 -16.96 33.32
CA ASN P 42 -56.95 -17.89 33.12
C ASN P 42 -56.85 -18.90 34.26
N ARG P 43 -57.32 -18.55 35.45
CA ARG P 43 -57.30 -19.49 36.56
C ARG P 43 -58.36 -20.58 36.41
N ALA P 44 -59.52 -20.24 35.85
CA ALA P 44 -60.66 -21.13 35.84
C ALA P 44 -60.62 -22.17 34.73
N THR P 45 -59.59 -22.16 33.88
CA THR P 45 -59.51 -23.12 32.80
C THR P 45 -59.01 -24.47 33.32
N PRO P 46 -59.78 -25.55 33.17
CA PRO P 46 -59.39 -26.88 33.69
C PRO P 46 -58.48 -27.70 32.75
N TYR P 47 -57.19 -27.37 32.78
CA TYR P 47 -56.25 -28.11 31.94
C TYR P 47 -55.99 -29.51 32.47
N ASN P 48 -56.01 -29.69 33.79
CA ASN P 48 -55.69 -30.95 34.42
C ASN P 48 -56.95 -31.59 35.02
N TYR P 49 -56.78 -32.76 35.57
CA TYR P 49 -57.89 -33.45 36.22
C TYR P 49 -58.03 -32.96 37.66
N PRO P 50 -59.23 -32.57 38.08
CA PRO P 50 -59.44 -32.23 39.49
C PRO P 50 -59.49 -33.49 40.37
N VAL P 51 -58.32 -33.97 40.78
CA VAL P 51 -58.22 -35.24 41.52
C VAL P 51 -58.90 -35.10 42.88
N PRO P 52 -59.79 -36.02 43.24
CA PRO P 52 -60.53 -35.87 44.49
C PRO P 52 -59.68 -36.12 45.72
N LEU P 53 -60.14 -35.59 46.84
CA LEU P 53 -59.47 -35.73 48.12
C LEU P 53 -60.15 -36.80 48.95
N ARG P 54 -59.35 -37.55 49.70
CA ARG P 54 -59.91 -38.56 50.60
C ARG P 54 -60.62 -37.89 51.77
N ASP P 55 -61.84 -38.32 52.04
CA ASP P 55 -62.66 -37.72 53.09
C ASP P 55 -62.17 -38.21 54.44
N ASP P 56 -61.44 -37.35 55.15
CA ASP P 56 -61.00 -37.69 56.50
C ASP P 56 -62.16 -37.68 57.48
N GLY P 57 -63.14 -36.82 57.26
CA GLY P 57 -64.30 -36.75 58.13
C GLY P 57 -64.80 -35.34 58.39
N ASN P 58 -63.91 -34.35 58.30
CA ASN P 58 -64.27 -32.95 58.54
C ASN P 58 -63.73 -32.10 57.40
N MET P 59 -64.48 -32.01 56.31
CA MET P 59 -64.24 -31.05 55.24
C MET P 59 -65.58 -30.49 54.79
N PRO P 60 -66.07 -29.44 55.47
CA PRO P 60 -67.38 -28.89 55.11
C PRO P 60 -67.37 -28.03 53.87
N ASP P 61 -66.23 -27.43 53.51
CA ASP P 61 -66.20 -26.51 52.37
C ASP P 61 -66.11 -27.24 51.04
N VAL P 62 -65.46 -28.40 51.00
CA VAL P 62 -65.28 -29.14 49.75
C VAL P 62 -66.61 -29.86 49.45
N PRO P 63 -67.01 -29.98 48.19
CA PRO P 63 -68.27 -30.65 47.88
C PRO P 63 -68.10 -32.16 47.81
N SER P 64 -69.24 -32.85 47.77
CA SER P 64 -69.28 -34.30 47.56
C SER P 64 -69.73 -34.69 46.16
N HIS P 65 -70.27 -33.74 45.40
CA HIS P 65 -70.74 -33.99 44.05
C HIS P 65 -70.41 -32.78 43.20
N PRO P 66 -70.23 -32.94 41.89
CA PRO P 66 -70.01 -31.76 41.04
C PRO P 66 -71.15 -30.76 41.04
N GLN P 67 -72.40 -31.22 41.22
CA GLN P 67 -73.55 -30.34 41.21
C GLN P 67 -73.91 -29.80 42.59
N ASP P 68 -73.09 -30.07 43.60
CA ASP P 68 -73.35 -29.56 44.93
C ASP P 68 -73.11 -28.05 44.98
N PRO P 69 -73.77 -27.35 45.91
CA PRO P 69 -73.55 -25.89 46.03
C PRO P 69 -72.15 -25.50 46.47
N GLN P 70 -71.38 -26.41 47.07
CA GLN P 70 -70.05 -26.06 47.54
C GLN P 70 -69.07 -25.94 46.37
N GLY P 71 -67.88 -25.42 46.68
CA GLY P 71 -66.87 -25.20 45.67
C GLY P 71 -67.00 -23.83 45.04
N PRO P 72 -66.10 -23.50 44.12
CA PRO P 72 -66.19 -22.20 43.45
C PRO P 72 -67.31 -22.16 42.43
N SER P 73 -67.82 -20.96 42.20
CA SER P 73 -68.89 -20.71 41.25
C SER P 73 -68.33 -20.03 40.01
N LEU P 74 -69.13 -20.06 38.93
CA LEU P 74 -68.71 -19.48 37.66
C LEU P 74 -69.83 -18.67 37.03
N GLU P 75 -70.66 -18.03 37.86
CA GLU P 75 -71.72 -17.18 37.32
C GLU P 75 -71.17 -15.88 36.76
N TRP P 76 -70.08 -15.37 37.33
CA TRP P 76 -69.47 -14.14 36.85
C TRP P 76 -68.93 -14.31 35.44
N LEU P 77 -68.31 -15.46 35.15
CA LEU P 77 -67.83 -15.72 33.80
C LEU P 77 -68.99 -15.95 32.84
N LYS P 78 -70.09 -16.52 33.32
CA LYS P 78 -71.26 -16.71 32.48
C LYS P 78 -71.91 -15.38 32.12
N ARG P 79 -71.88 -14.40 33.03
CA ARG P 79 -72.49 -13.10 32.77
C ARG P 79 -71.48 -12.10 32.22
N LEU P 80 -70.46 -11.78 33.01
CA LEU P 80 -69.46 -10.73 32.72
C LEU P 80 -70.09 -9.40 32.33
N SER Q 1 89.12 13.83 57.19
CA SER Q 1 88.91 14.76 56.09
C SER Q 1 90.11 14.77 55.14
N LYS Q 2 91.31 14.81 55.70
CA LYS Q 2 92.55 14.82 54.93
C LYS Q 2 93.29 13.51 55.14
N MET Q 3 93.65 12.86 54.03
CA MET Q 3 94.36 11.58 54.06
C MET Q 3 95.69 11.75 53.36
N GLU Q 4 96.75 11.21 53.96
CA GLU Q 4 98.10 11.29 53.41
C GLU Q 4 98.63 9.88 53.20
N LEU Q 5 99.21 9.64 52.03
CA LEU Q 5 99.69 8.36 51.55
C LEU Q 5 101.22 8.28 51.69
N PRO Q 6 101.78 7.08 51.81
CA PRO Q 6 103.23 6.93 51.81
C PRO Q 6 103.79 7.10 50.40
N ASP Q 7 105.12 7.02 50.30
CA ASP Q 7 105.78 7.14 49.01
C ASP Q 7 105.51 5.91 48.16
N TYR Q 8 105.29 6.13 46.87
CA TYR Q 8 105.02 5.04 45.95
C TYR Q 8 106.29 4.31 45.50
N LYS Q 9 107.46 4.89 45.71
CA LYS Q 9 108.71 4.26 45.33
C LYS Q 9 109.25 3.30 46.38
N GLN Q 10 108.67 3.28 47.57
CA GLN Q 10 109.23 2.48 48.65
C GLN Q 10 108.90 1.00 48.49
N TRP Q 11 107.80 0.67 47.81
CA TRP Q 11 107.44 -0.72 47.55
C TRP Q 11 108.40 -1.32 46.53
N LYS Q 12 109.20 -2.28 46.98
CA LYS Q 12 110.07 -3.06 46.12
C LYS Q 12 109.81 -4.53 46.35
N ILE Q 13 109.97 -5.34 45.31
CA ILE Q 13 109.64 -6.75 45.39
C ILE Q 13 110.81 -7.61 45.85
N GLU Q 14 111.97 -7.02 46.14
CA GLU Q 14 113.15 -7.78 46.49
C GLU Q 14 112.99 -8.40 47.89
N GLY Q 15 113.41 -9.66 48.01
CA GLY Q 15 113.27 -10.42 49.24
C GLY Q 15 111.94 -11.11 49.40
N THR Q 16 110.87 -10.50 48.90
CA THR Q 16 109.54 -11.08 48.96
C THR Q 16 109.44 -12.26 47.98
N PRO Q 17 108.46 -13.14 48.17
CA PRO Q 17 108.20 -14.20 47.16
C PRO Q 17 107.80 -13.66 45.80
N LEU Q 18 107.40 -12.39 45.70
CA LEU Q 18 107.15 -11.79 44.39
C LEU Q 18 108.42 -11.75 43.54
N GLU Q 19 109.58 -11.56 44.17
CA GLU Q 19 110.84 -11.67 43.44
C GLU Q 19 111.04 -13.09 42.90
N THR Q 20 110.70 -14.09 43.71
CA THR Q 20 110.84 -15.48 43.29
C THR Q 20 109.93 -15.79 42.10
N VAL Q 21 108.68 -15.33 42.15
CA VAL Q 21 107.77 -15.62 41.05
C VAL Q 21 108.13 -14.80 39.81
N GLN Q 22 108.68 -13.60 39.98
CA GLN Q 22 109.14 -12.83 38.82
C GLN Q 22 110.34 -13.50 38.16
N GLU Q 23 111.26 -14.04 38.96
CA GLU Q 23 112.39 -14.78 38.42
C GLU Q 23 111.94 -16.07 37.72
N LYS Q 24 110.93 -16.74 38.28
CA LYS Q 24 110.39 -17.94 37.63
C LYS Q 24 109.73 -17.61 36.31
N LEU Q 25 108.98 -16.50 36.25
CA LEU Q 25 108.37 -16.09 34.99
C LEU Q 25 109.42 -15.68 33.97
N ALA Q 26 110.50 -15.03 34.42
CA ALA Q 26 111.60 -14.71 33.53
C ALA Q 26 112.28 -15.96 33.00
N ALA Q 27 112.43 -16.98 33.85
CA ALA Q 27 112.96 -18.25 33.41
C ALA Q 27 112.02 -18.93 32.41
N ARG Q 28 110.72 -18.67 32.52
CA ARG Q 28 109.77 -19.12 31.51
C ARG Q 28 109.56 -18.10 30.41
N GLY Q 29 110.30 -16.99 30.42
CA GLY Q 29 110.19 -16.01 29.36
C GLY Q 29 109.02 -15.05 29.48
N LEU Q 30 108.55 -14.80 30.70
CA LEU Q 30 107.42 -13.92 30.95
C LEU Q 30 107.81 -12.88 32.00
N ARG Q 31 106.88 -12.00 32.31
CA ARG Q 31 107.11 -10.97 33.32
C ARG Q 31 105.83 -10.69 34.07
N ASP Q 32 105.98 -10.24 35.31
CA ASP Q 32 104.84 -9.87 36.15
C ASP Q 32 104.80 -8.36 36.31
N PRO Q 33 103.85 -7.67 35.68
CA PRO Q 33 103.82 -6.20 35.76
C PRO Q 33 103.11 -5.64 36.98
N TRP Q 34 102.60 -6.49 37.88
CA TRP Q 34 101.81 -6.03 39.02
C TRP Q 34 102.43 -6.40 40.36
N GLY Q 35 103.73 -6.72 40.39
CA GLY Q 35 104.36 -7.09 41.65
C GLY Q 35 104.47 -5.93 42.62
N ARG Q 36 104.73 -4.72 42.11
CA ARG Q 36 104.87 -3.56 42.98
C ARG Q 36 103.55 -3.15 43.60
N ASN Q 37 102.42 -3.55 43.00
CA ASN Q 37 101.12 -3.20 43.57
C ASN Q 37 100.91 -3.87 44.92
N GLU Q 38 101.31 -5.14 45.04
CA GLU Q 38 101.16 -5.89 46.28
C GLU Q 38 102.50 -6.19 46.94
N ALA Q 39 103.54 -5.42 46.61
CA ALA Q 39 104.78 -5.50 47.38
C ALA Q 39 104.60 -5.02 48.82
N TRP Q 40 103.53 -4.28 49.11
CA TRP Q 40 103.27 -3.85 50.49
C TRP Q 40 102.83 -5.00 51.37
N ARG Q 41 102.27 -6.06 50.78
CA ARG Q 41 101.70 -7.16 51.56
C ARG Q 41 102.78 -7.94 52.28
N TYR Q 42 103.97 -8.05 51.69
CA TYR Q 42 105.06 -8.84 52.26
C TYR Q 42 106.13 -7.98 52.89
N MET Q 43 105.86 -6.69 53.13
CA MET Q 43 106.84 -5.76 53.66
C MET Q 43 106.21 -4.93 54.77
N GLY Q 44 106.92 -4.81 55.88
CA GLY Q 44 106.43 -4.03 57.01
C GLY Q 44 106.01 -4.91 58.16
N GLY Q 45 104.93 -4.51 58.85
CA GLY Q 45 104.41 -5.32 59.94
C GLY Q 45 103.69 -6.57 59.48
N PHE Q 46 103.32 -6.63 58.20
CA PHE Q 46 102.66 -7.80 57.64
C PHE Q 46 103.64 -8.88 57.19
N ALA Q 47 104.94 -8.63 57.33
CA ALA Q 47 105.94 -9.66 57.13
C ALA Q 47 106.31 -10.30 58.46
N ASN Q 48 106.94 -11.47 58.38
CA ASN Q 48 107.36 -12.28 59.53
C ASN Q 48 106.13 -12.61 60.39
N ASN Q 49 105.29 -13.45 59.80
CA ASN Q 49 104.11 -13.96 60.48
C ASN Q 49 104.40 -15.33 61.08
N VAL Q 50 103.70 -15.64 62.17
CA VAL Q 50 103.92 -16.90 62.89
C VAL Q 50 103.25 -18.03 62.13
N SER Q 51 103.56 -19.27 62.52
CA SER Q 51 102.97 -20.46 61.96
C SER Q 51 101.87 -20.97 62.89
N PHE Q 52 101.34 -22.17 62.58
CA PHE Q 52 100.31 -22.76 63.43
C PHE Q 52 100.86 -23.09 64.82
N VAL Q 53 102.06 -23.64 64.88
CA VAL Q 53 102.64 -24.01 66.17
C VAL Q 53 102.95 -22.77 66.99
N GLY Q 54 103.42 -21.71 66.33
CA GLY Q 54 103.68 -20.46 67.05
C GLY Q 54 102.41 -19.80 67.54
N ALA Q 55 101.33 -19.87 66.76
CA ALA Q 55 100.07 -19.27 67.17
C ALA Q 55 99.35 -20.09 68.23
N LEU Q 56 99.55 -21.41 68.25
CA LEU Q 56 98.90 -22.25 69.25
C LEU Q 56 99.50 -22.04 70.63
N LEU Q 57 100.82 -21.90 70.71
CA LEU Q 57 101.52 -21.70 71.97
C LEU Q 57 101.78 -20.23 72.27
N LYS Q 58 100.88 -19.34 71.86
CA LYS Q 58 101.00 -17.94 72.20
C LYS Q 58 100.83 -17.75 73.71
N GLY Q 59 101.77 -17.05 74.32
CA GLY Q 59 101.74 -16.85 75.76
C GLY Q 59 102.08 -18.08 76.57
N PHE Q 60 102.78 -19.05 75.98
CA PHE Q 60 103.12 -20.27 76.71
C PHE Q 60 104.21 -20.03 77.74
N LYS Q 61 105.11 -19.08 77.48
CA LYS Q 61 106.22 -18.84 78.40
C LYS Q 61 105.73 -18.29 79.73
N TRP Q 62 104.87 -17.26 79.69
CA TRP Q 62 104.34 -16.68 80.91
C TRP Q 62 103.42 -17.67 81.64
N GLY Q 63 102.66 -18.46 80.88
CA GLY Q 63 101.83 -19.48 81.50
C GLY Q 63 102.64 -20.55 82.20
N PHE Q 64 103.75 -20.97 81.59
CA PHE Q 64 104.61 -21.97 82.22
C PHE Q 64 105.30 -21.40 83.44
N ALA Q 65 105.71 -20.13 83.40
CA ALA Q 65 106.29 -19.50 84.59
C ALA Q 65 105.26 -19.41 85.71
N ALA Q 66 104.01 -19.05 85.37
CA ALA Q 66 102.94 -19.00 86.36
C ALA Q 66 102.66 -20.38 86.95
N PHE Q 67 102.69 -21.41 86.11
CA PHE Q 67 102.50 -22.77 86.59
C PHE Q 67 103.63 -23.19 87.54
N VAL Q 68 104.86 -22.76 87.23
CA VAL Q 68 106.00 -23.10 88.08
C VAL Q 68 105.87 -22.44 89.45
N VAL Q 69 105.55 -21.14 89.48
CA VAL Q 69 105.46 -20.48 90.79
C VAL Q 69 104.24 -20.99 91.56
N ALA Q 70 103.15 -21.31 90.86
CA ALA Q 70 101.97 -21.85 91.52
C ALA Q 70 102.23 -23.21 92.14
N VAL Q 71 102.93 -24.10 91.41
CA VAL Q 71 103.20 -25.42 91.97
C VAL Q 71 104.23 -25.32 93.09
N GLY Q 72 105.16 -24.37 93.02
CA GLY Q 72 106.08 -24.15 94.14
C GLY Q 72 105.37 -23.65 95.39
N ALA Q 73 104.42 -22.72 95.20
CA ALA Q 73 103.65 -22.20 96.33
C ALA Q 73 102.76 -23.28 96.94
N GLU Q 74 102.15 -24.13 96.10
CA GLU Q 74 101.35 -25.22 96.63
C GLU Q 74 102.21 -26.27 97.32
N TYR Q 75 103.47 -26.42 96.89
CA TYR Q 75 104.40 -27.31 97.58
C TYR Q 75 104.75 -26.75 98.95
N TYR Q 76 105.06 -25.45 99.02
CA TYR Q 76 105.53 -24.87 100.28
C TYR Q 76 104.40 -24.70 101.29
N LEU Q 77 103.21 -24.31 100.83
CA LEU Q 77 102.12 -24.00 101.76
C LEU Q 77 101.53 -25.23 102.42
N GLU Q 78 101.73 -26.41 101.83
CA GLU Q 78 101.24 -27.64 102.47
C GLU Q 78 102.06 -27.99 103.69
N SER Q 79 103.39 -27.88 103.60
CA SER Q 79 104.26 -28.18 104.72
C SER Q 79 104.58 -26.92 105.53
N MET R 1 -12.40 -27.22 52.85
CA MET R 1 -12.40 -28.12 54.00
C MET R 1 -13.57 -27.80 54.91
N MET R 2 -13.78 -26.51 55.18
CA MET R 2 -14.90 -26.05 55.99
C MET R 2 -16.09 -25.63 55.13
N THR R 3 -16.19 -26.13 53.91
CA THR R 3 -17.23 -25.68 52.98
C THR R 3 -18.63 -26.12 53.40
N GLY R 4 -18.74 -27.22 54.15
CA GLY R 4 -20.04 -27.66 54.59
C GLY R 4 -20.46 -27.04 55.91
N ARG R 5 -19.48 -26.52 56.66
CA ARG R 5 -19.78 -25.87 57.92
C ARG R 5 -20.50 -24.55 57.69
N GLN R 6 -19.97 -23.71 56.79
CA GLN R 6 -20.63 -22.46 56.43
C GLN R 6 -21.44 -22.65 55.15
N ALA R 7 -22.36 -23.61 55.20
CA ALA R 7 -23.28 -23.88 54.10
C ALA R 7 -24.73 -23.65 54.46
N ARG R 8 -25.07 -23.52 55.74
CA ARG R 8 -26.42 -23.21 56.17
C ARG R 8 -26.61 -21.75 56.54
N ALA R 9 -25.52 -21.01 56.74
CA ALA R 9 -25.57 -19.56 56.98
C ALA R 9 -24.58 -18.91 56.03
N PRO R 10 -24.95 -18.75 54.76
CA PRO R 10 -23.98 -18.31 53.76
C PRO R 10 -23.81 -16.79 53.74
N LEU R 11 -22.62 -16.39 53.26
CA LEU R 11 -22.24 -14.99 53.08
C LEU R 11 -22.37 -14.18 54.37
N GLN R 12 -21.97 -14.79 55.49
CA GLN R 12 -21.92 -14.11 56.77
C GLN R 12 -20.47 -13.85 57.12
N PHE R 13 -20.12 -12.57 57.26
CA PHE R 13 -18.75 -12.22 57.62
C PHE R 13 -18.42 -12.65 59.03
N LEU R 14 -19.30 -12.33 59.99
CA LEU R 14 -19.12 -12.70 61.38
C LEU R 14 -20.47 -13.14 61.93
N PRO R 15 -20.69 -14.44 62.11
CA PRO R 15 -22.00 -14.91 62.60
C PRO R 15 -22.26 -14.58 64.05
N ASP R 16 -23.39 -15.06 64.57
CA ASP R 16 -23.79 -14.78 65.95
C ASP R 16 -22.83 -15.43 66.94
N GLU R 17 -22.35 -16.65 66.64
CA GLU R 17 -21.46 -17.36 67.53
C GLU R 17 -20.13 -16.63 67.71
N ALA R 18 -19.73 -15.82 66.73
CA ALA R 18 -18.54 -15.01 66.84
C ALA R 18 -18.62 -13.99 67.97
N ARG R 19 -19.83 -13.66 68.41
CA ARG R 19 -19.98 -12.76 69.55
C ARG R 19 -19.73 -13.44 70.88
N SER R 20 -19.57 -14.77 70.90
CA SER R 20 -19.25 -15.47 72.13
C SER R 20 -17.77 -15.49 72.44
N LEU R 21 -16.94 -14.98 71.55
CA LEU R 21 -15.49 -14.97 71.67
C LEU R 21 -15.01 -13.59 72.11
N PRO R 22 -13.89 -13.51 72.83
CA PRO R 22 -13.35 -12.20 73.22
C PRO R 22 -12.84 -11.44 72.02
N PRO R 23 -13.22 -10.17 71.87
CA PRO R 23 -12.74 -9.39 70.74
C PRO R 23 -11.26 -9.08 70.89
N PRO R 24 -10.55 -8.84 69.79
CA PRO R 24 -9.13 -8.47 69.89
C PRO R 24 -8.97 -7.10 70.56
N LYS R 25 -7.88 -6.97 71.29
CA LYS R 25 -7.60 -5.70 71.96
C LYS R 25 -7.17 -4.65 70.95
N LEU R 26 -7.40 -3.39 71.29
CA LEU R 26 -6.97 -2.30 70.43
C LEU R 26 -5.46 -2.10 70.44
N THR R 27 -4.78 -2.61 71.46
CA THR R 27 -3.32 -2.59 71.54
C THR R 27 -2.70 -3.89 71.05
N ASP R 28 -3.37 -4.57 70.12
CA ASP R 28 -2.86 -5.83 69.58
C ASP R 28 -1.62 -5.56 68.73
N PRO R 29 -0.60 -6.42 68.81
CA PRO R 29 0.57 -6.26 67.92
C PRO R 29 0.22 -6.34 66.43
N ARG R 30 -0.74 -7.18 66.06
CA ARG R 30 -1.13 -7.28 64.65
C ARG R 30 -1.84 -6.03 64.19
N LEU R 31 -2.68 -5.44 65.04
CA LEU R 31 -3.32 -4.17 64.69
C LEU R 31 -2.30 -3.05 64.55
N ALA R 32 -1.30 -3.03 65.42
CA ALA R 32 -0.22 -2.04 65.31
C ALA R 32 0.58 -2.24 64.04
N TYR R 33 0.81 -3.50 63.64
CA TYR R 33 1.53 -3.77 62.40
C TYR R 33 0.72 -3.32 61.18
N ILE R 34 -0.60 -3.52 61.21
CA ILE R 34 -1.43 -3.10 60.09
C ILE R 34 -1.49 -1.56 60.02
N GLY R 35 -1.53 -0.90 61.18
CA GLY R 35 -1.44 0.55 61.19
C GLY R 35 -0.11 1.06 60.66
N PHE R 36 0.97 0.35 60.99
CA PHE R 36 2.29 0.70 60.46
C PHE R 36 2.32 0.52 58.95
N LEU R 37 1.66 -0.52 58.44
CA LEU R 37 1.54 -0.71 57.00
C LEU R 37 0.80 0.45 56.35
N GLY R 38 -0.28 0.92 57.00
CA GLY R 38 -1.00 2.07 56.47
C GLY R 38 -0.15 3.33 56.46
N TYR R 39 0.65 3.54 57.51
CA TYR R 39 1.54 4.69 57.54
C TYR R 39 2.60 4.60 56.45
N CYS R 40 3.14 3.40 56.22
CA CYS R 40 4.11 3.21 55.15
C CYS R 40 3.49 3.47 53.78
N SER R 41 2.23 3.05 53.59
CA SER R 41 1.55 3.33 52.33
C SER R 41 1.31 4.82 52.15
N GLY R 42 1.01 5.53 53.23
CA GLY R 42 0.90 6.99 53.15
C GLY R 42 2.22 7.65 52.77
N LEU R 43 3.32 7.16 53.34
CA LEU R 43 4.63 7.69 52.99
C LEU R 43 4.98 7.41 51.53
N ILE R 44 4.64 6.22 51.03
CA ILE R 44 4.88 5.91 49.63
C ILE R 44 4.02 6.79 48.72
N ASP R 45 2.78 7.06 49.14
CA ASP R 45 1.90 7.94 48.37
C ASP R 45 2.49 9.33 48.29
N ASN R 46 3.06 9.82 49.39
CA ASN R 46 3.77 11.10 49.36
C ASN R 46 5.01 11.04 48.46
N ALA R 47 5.71 9.91 48.47
CA ALA R 47 6.99 9.83 47.77
C ALA R 47 6.82 9.78 46.26
N ILE R 48 5.88 8.97 45.75
CA ILE R 48 5.77 8.78 44.31
C ILE R 48 5.15 9.96 43.59
N ARG R 49 4.62 10.95 44.31
CA ARG R 49 4.06 12.15 43.70
C ARG R 49 4.93 13.37 43.91
N ARG R 50 6.19 13.17 44.32
CA ARG R 50 7.19 14.22 44.54
C ARG R 50 6.69 15.26 45.54
N ARG R 51 6.48 14.79 46.76
CA ARG R 51 6.05 15.60 47.90
C ARG R 51 7.02 15.38 49.04
N PRO R 52 7.10 16.31 49.98
CA PRO R 52 7.84 16.04 51.22
C PRO R 52 7.20 14.89 51.97
N VAL R 53 8.00 13.84 52.23
CA VAL R 53 7.45 12.56 52.67
C VAL R 53 6.92 12.66 54.10
N LEU R 54 7.70 13.23 55.00
CA LEU R 54 7.30 13.32 56.39
C LEU R 54 6.50 14.57 56.72
N SER R 55 6.32 15.46 55.76
CA SER R 55 5.71 16.76 56.02
C SER R 55 4.34 16.94 55.38
N ALA R 56 4.22 16.67 54.08
CA ALA R 56 3.00 16.98 53.35
C ALA R 56 1.90 15.98 53.63
N GLY R 57 0.66 16.47 53.69
CA GLY R 57 -0.51 15.63 53.78
C GLY R 57 -0.63 14.85 55.06
N LEU R 58 -0.83 15.54 56.19
CA LEU R 58 -1.02 14.84 57.45
C LEU R 58 -2.40 14.18 57.52
N HIS R 59 -3.41 14.84 56.97
CA HIS R 59 -4.76 14.29 56.99
C HIS R 59 -4.86 13.03 56.15
N ARG R 60 -4.15 13.00 55.01
CA ARG R 60 -4.14 11.81 54.16
C ARG R 60 -3.48 10.63 54.88
N GLN R 61 -2.37 10.88 55.56
CA GLN R 61 -1.70 9.82 56.31
C GLN R 61 -2.57 9.31 57.46
N PHE R 62 -3.26 10.23 58.14
CA PHE R 62 -4.16 9.81 59.21
C PHE R 62 -5.32 8.98 58.69
N LEU R 63 -5.86 9.35 57.53
CA LEU R 63 -6.92 8.54 56.91
C LEU R 63 -6.40 7.17 56.50
N TYR R 64 -5.17 7.11 55.99
CA TYR R 64 -4.56 5.82 55.64
C TYR R 64 -4.46 4.92 56.87
N ILE R 65 -3.93 5.46 57.97
CA ILE R 65 -3.76 4.69 59.20
C ILE R 65 -5.11 4.22 59.73
N THR R 66 -6.10 5.12 59.75
CA THR R 66 -7.42 4.79 60.29
C THR R 66 -8.12 3.71 59.47
N SER R 67 -8.10 3.83 58.14
CA SER R 67 -8.73 2.84 57.29
C SER R 67 -8.06 1.48 57.40
N PHE R 68 -6.72 1.46 57.45
CA PHE R 68 -6.00 0.20 57.62
C PHE R 68 -6.34 -0.45 58.96
N VAL R 69 -6.40 0.34 60.03
CA VAL R 69 -6.69 -0.21 61.35
C VAL R 69 -8.11 -0.77 61.41
N PHE R 70 -9.07 -0.07 60.78
CA PHE R 70 -10.46 -0.54 60.73
C PHE R 70 -10.57 -1.89 60.04
N VAL R 71 -10.02 -1.97 58.82
CA VAL R 71 -10.10 -3.21 58.04
C VAL R 71 -9.35 -4.34 58.74
N GLY R 72 -8.18 -4.03 59.31
CA GLY R 72 -7.41 -5.05 60.01
C GLY R 72 -8.11 -5.58 61.25
N TYR R 73 -8.80 -4.70 61.99
CA TYR R 73 -9.53 -5.15 63.17
C TYR R 73 -10.64 -6.13 62.79
N TYR R 74 -11.40 -5.80 61.74
CA TYR R 74 -12.47 -6.72 61.33
C TYR R 74 -11.91 -8.05 60.82
N LEU R 75 -10.80 -7.98 60.05
CA LEU R 75 -10.19 -9.21 59.53
C LEU R 75 -9.64 -10.08 60.65
N LEU R 76 -9.03 -9.47 61.67
CA LEU R 76 -8.52 -10.24 62.80
C LEU R 76 -9.66 -10.91 63.57
N LYS R 77 -10.78 -10.19 63.74
CA LYS R 77 -11.93 -10.80 64.42
C LYS R 77 -12.44 -12.01 63.67
N ARG R 78 -12.52 -11.91 62.34
CA ARG R 78 -12.92 -13.07 61.54
C ARG R 78 -11.92 -14.22 61.65
N GLN R 79 -10.62 -13.90 61.69
CA GLN R 79 -9.59 -14.93 61.76
C GLN R 79 -9.68 -15.72 63.06
N ASP R 80 -9.80 -15.02 64.20
CA ASP R 80 -9.94 -15.74 65.46
C ASP R 80 -11.25 -16.51 65.52
N TYR R 81 -12.32 -15.99 64.92
CA TYR R 81 -13.56 -16.75 64.87
C TYR R 81 -13.38 -18.07 64.13
N MET R 82 -12.69 -18.03 62.98
CA MET R 82 -12.60 -19.25 62.18
C MET R 82 -11.64 -20.25 62.79
N TYR R 83 -10.59 -19.78 63.48
CA TYR R 83 -9.74 -20.71 64.22
C TYR R 83 -10.47 -21.35 65.38
N ALA R 84 -11.32 -20.58 66.07
CA ALA R 84 -12.14 -21.15 67.14
C ALA R 84 -13.11 -22.20 66.59
N VAL R 85 -13.67 -21.94 65.40
CA VAL R 85 -14.54 -22.90 64.75
C VAL R 85 -13.79 -24.19 64.43
N ARG R 86 -12.56 -24.06 63.93
CA ARG R 86 -11.72 -25.22 63.64
C ARG R 86 -11.48 -26.07 64.89
N ASP R 87 -11.11 -25.40 65.99
CA ASP R 87 -10.86 -26.13 67.23
C ASP R 87 -12.13 -26.80 67.76
N HIS R 88 -13.26 -26.11 67.67
CA HIS R 88 -14.52 -26.68 68.15
C HIS R 88 -14.92 -27.91 67.35
N ASP R 89 -14.78 -27.85 66.02
CA ASP R 89 -15.09 -29.01 65.19
C ASP R 89 -14.16 -30.18 65.48
N MET R 90 -12.87 -29.88 65.69
CA MET R 90 -11.89 -30.92 65.97
C MET R 90 -12.22 -31.63 67.28
N PHE R 91 -12.51 -30.87 68.34
CA PHE R 91 -12.81 -31.47 69.63
C PHE R 91 -14.13 -32.22 69.61
N SER R 92 -15.13 -31.70 68.89
CA SER R 92 -16.40 -32.41 68.77
C SER R 92 -16.24 -33.73 68.04
N TYR R 93 -15.43 -33.75 66.97
CA TYR R 93 -15.22 -34.99 66.25
C TYR R 93 -14.40 -35.99 67.05
N ILE R 94 -13.46 -35.51 67.87
CA ILE R 94 -12.73 -36.42 68.74
C ILE R 94 -13.65 -37.01 69.80
N LYS R 95 -14.52 -36.19 70.39
CA LYS R 95 -15.41 -36.65 71.44
C LYS R 95 -16.47 -37.61 70.90
N SER R 96 -16.95 -37.38 69.67
CA SER R 96 -18.01 -38.20 69.12
C SER R 96 -17.55 -39.60 68.74
N HIS R 97 -16.26 -39.79 68.48
CA HIS R 97 -15.72 -41.05 67.98
C HIS R 97 -14.59 -41.49 68.88
N PRO R 98 -14.90 -42.16 70.00
CA PRO R 98 -13.83 -42.57 70.93
C PRO R 98 -13.02 -43.75 70.45
N GLU R 99 -13.57 -44.61 69.59
CA GLU R 99 -12.85 -45.81 69.18
C GLU R 99 -11.73 -45.51 68.19
N ASP R 100 -11.78 -44.39 67.47
CA ASP R 100 -10.74 -44.06 66.51
C ASP R 100 -9.55 -43.37 67.14
N PHE R 101 -9.65 -42.95 68.40
CA PHE R 101 -8.58 -42.25 69.10
C PHE R 101 -8.32 -42.95 70.43
N PRO R 102 -7.66 -44.11 70.40
CA PRO R 102 -7.43 -44.84 71.64
C PRO R 102 -6.33 -44.20 72.47
N GLU R 103 -6.51 -44.24 73.79
CA GLU R 103 -5.48 -43.77 74.70
C GLU R 103 -4.32 -44.76 74.70
N LYS R 104 -3.10 -44.25 74.55
CA LYS R 104 -1.92 -45.10 74.46
C LYS R 104 -1.31 -45.33 75.84
N ASP R 105 -0.83 -46.54 76.07
CA ASP R 105 -0.18 -46.88 77.33
C ASP R 105 1.18 -46.18 77.37
N LYS R 106 1.30 -45.17 78.22
CA LYS R 106 2.47 -44.30 78.25
C LYS R 106 3.50 -44.93 79.16
N LYS R 107 4.44 -45.68 78.57
CA LYS R 107 5.46 -46.38 79.33
C LYS R 107 6.58 -45.44 79.76
N THR R 108 7.27 -45.80 80.84
CA THR R 108 8.45 -45.09 81.27
C THR R 108 9.68 -45.66 80.56
N TYR R 109 10.84 -45.07 80.81
CA TYR R 109 12.04 -45.50 80.12
C TYR R 109 12.70 -46.73 80.74
N ARG R 110 12.24 -47.19 81.90
CA ARG R 110 12.80 -48.42 82.44
C ARG R 110 12.30 -49.65 81.70
N GLU R 111 11.15 -49.57 81.03
CA GLU R 111 10.64 -50.69 80.27
C GLU R 111 10.97 -50.63 78.79
N VAL R 112 11.04 -49.44 78.19
CA VAL R 112 11.32 -49.33 76.76
C VAL R 112 12.79 -49.61 76.50
N PHE R 113 13.08 -50.00 75.26
CA PHE R 113 14.44 -50.34 74.84
C PHE R 113 14.80 -49.51 73.63
N GLU R 114 15.89 -48.75 73.72
CA GLU R 114 16.39 -47.93 72.64
C GLU R 114 17.78 -48.41 72.26
N GLU R 115 18.00 -48.60 70.96
CA GLU R 115 19.30 -49.08 70.49
C GLU R 115 20.35 -47.98 70.63
N PHE R 116 21.52 -48.36 71.14
CA PHE R 116 22.62 -47.44 71.34
C PHE R 116 23.55 -47.51 70.14
N HIS R 117 23.80 -46.36 69.52
CA HIS R 117 24.73 -46.26 68.40
C HIS R 117 25.93 -45.43 68.82
N PRO R 118 27.09 -46.03 69.08
CA PRO R 118 28.22 -45.27 69.61
C PRO R 118 28.84 -44.37 68.57
N VAL R 119 29.34 -43.23 69.03
CA VAL R 119 30.08 -42.29 68.21
C VAL R 119 31.54 -42.36 68.66
N ARG R 120 32.41 -42.82 67.76
CA ARG R 120 33.80 -43.04 68.09
C ARG R 120 34.68 -43.00 66.85
N SER S 1 87.52 -35.96 26.79
CA SER S 1 88.03 -34.68 27.28
C SER S 1 87.11 -34.10 28.34
N PHE S 2 86.64 -32.88 28.11
CA PHE S 2 85.73 -32.25 29.06
C PHE S 2 84.33 -32.82 28.90
N PRO S 3 83.60 -33.01 30.01
CA PRO S 3 82.20 -33.45 29.90
C PRO S 3 81.32 -32.33 29.37
N LYS S 4 80.54 -32.64 28.35
CA LYS S 4 79.62 -31.66 27.78
C LYS S 4 78.48 -31.39 28.74
N TYR S 5 78.09 -30.13 28.86
CA TYR S 5 76.98 -29.72 29.71
C TYR S 5 75.67 -29.80 28.93
N GLU S 6 74.71 -30.53 29.45
CA GLU S 6 73.42 -30.64 28.81
C GLU S 6 72.36 -29.89 29.61
N PRO S 7 71.35 -29.31 28.95
CA PRO S 7 70.32 -28.58 29.68
C PRO S 7 69.33 -29.50 30.36
N SER S 8 68.63 -28.93 31.33
CA SER S 8 67.54 -29.61 32.03
C SER S 8 66.40 -28.62 32.19
N ARG S 9 65.28 -29.09 32.77
CA ARG S 9 64.17 -28.19 33.03
C ARG S 9 64.51 -27.20 34.13
N LEU S 10 65.20 -27.65 35.17
CA LEU S 10 65.55 -26.81 36.32
C LEU S 10 66.98 -26.31 36.26
N ALA S 11 67.71 -26.58 35.17
CA ALA S 11 69.08 -26.10 35.01
C ALA S 11 69.29 -25.85 33.52
N SER S 12 69.08 -24.60 33.10
CA SER S 12 69.13 -24.28 31.68
C SER S 12 70.58 -24.24 31.19
N LEU S 13 70.72 -24.16 29.88
CA LEU S 13 72.05 -24.05 29.28
C LEU S 13 72.60 -22.64 29.53
N PRO S 14 73.91 -22.53 29.79
CA PRO S 14 74.51 -21.19 29.93
C PRO S 14 74.47 -20.42 28.62
N THR S 15 74.49 -19.09 28.75
CA THR S 15 74.48 -18.24 27.56
C THR S 15 75.77 -18.39 26.76
N THR S 16 76.91 -18.49 27.45
CA THR S 16 78.19 -18.57 26.76
C THR S 16 78.40 -19.90 26.04
N LEU S 17 77.71 -20.95 26.46
CA LEU S 17 77.83 -22.24 25.79
C LEU S 17 76.79 -22.44 24.71
N ASP S 18 75.96 -21.44 24.42
CA ASP S 18 74.93 -21.56 23.40
C ASP S 18 75.54 -21.27 22.03
N PRO S 19 75.46 -22.20 21.08
CA PRO S 19 75.94 -21.89 19.71
C PRO S 19 75.21 -20.75 19.04
N ALA S 20 73.92 -20.58 19.32
CA ALA S 20 73.11 -19.55 18.66
C ALA S 20 73.56 -18.14 19.00
N GLU S 21 74.29 -17.96 20.10
CA GLU S 21 74.87 -16.65 20.39
C GLU S 21 75.95 -16.29 19.37
N TYR S 22 76.71 -17.28 18.91
CA TYR S 22 77.84 -17.01 18.03
C TYR S 22 77.44 -16.84 16.57
N ASP S 23 76.17 -17.04 16.23
CA ASP S 23 75.73 -16.87 14.85
C ASP S 23 75.67 -15.38 14.52
N ILE S 24 76.41 -14.97 13.50
CA ILE S 24 76.60 -13.56 13.19
C ILE S 24 75.94 -13.19 11.88
N SER S 25 74.86 -13.89 11.54
CA SER S 25 74.14 -13.62 10.31
C SER S 25 73.42 -12.26 10.40
N SER S 26 73.11 -11.71 9.23
CA SER S 26 72.48 -10.39 9.18
C SER S 26 71.03 -10.45 9.64
N GLU S 27 70.36 -11.60 9.50
CA GLU S 27 69.00 -11.74 9.99
C GLU S 27 68.95 -11.66 11.51
N THR S 28 69.94 -12.24 12.19
CA THR S 28 70.02 -12.11 13.65
C THR S 28 70.27 -10.67 14.06
N ARG S 29 71.09 -9.95 13.29
CA ARG S 29 71.32 -8.53 13.56
C ARG S 29 70.04 -7.73 13.40
N LYS S 30 69.25 -8.03 12.36
CA LYS S 30 67.97 -7.35 12.17
C LYS S 30 67.01 -7.66 13.31
N ALA S 31 66.98 -8.92 13.75
CA ALA S 31 66.10 -9.31 14.86
C ALA S 31 66.47 -8.60 16.15
N GLN S 32 67.76 -8.53 16.45
CA GLN S 32 68.20 -7.85 17.67
C GLN S 32 67.97 -6.34 17.57
N ALA S 33 68.11 -5.77 16.36
CA ALA S 33 67.81 -4.36 16.19
C ALA S 33 66.34 -4.06 16.40
N GLU S 34 65.45 -4.94 15.89
CA GLU S 34 64.02 -4.74 16.12
C GLU S 34 63.65 -4.90 17.59
N ARG S 35 64.26 -5.87 18.27
CA ARG S 35 64.02 -6.06 19.70
C ARG S 35 64.49 -4.84 20.50
N LEU S 36 65.66 -4.30 20.16
CA LEU S 36 66.15 -3.11 20.84
C LEU S 36 65.27 -1.91 20.55
N ALA S 37 64.73 -1.80 19.32
CA ALA S 37 63.83 -0.71 18.99
C ALA S 37 62.54 -0.78 19.80
N ILE S 38 61.98 -1.99 19.94
CA ILE S 38 60.77 -2.18 20.74
C ILE S 38 61.02 -1.82 22.19
N ARG S 39 62.15 -2.30 22.74
CA ARG S 39 62.51 -2.01 24.12
C ARG S 39 62.73 -0.52 24.34
N SER S 40 63.37 0.16 23.37
CA SER S 40 63.61 1.58 23.50
C SER S 40 62.32 2.38 23.42
N ARG S 41 61.38 1.96 22.57
CA ARG S 41 60.08 2.62 22.50
C ARG S 41 59.33 2.50 23.82
N LEU S 42 59.29 1.29 24.38
CA LEU S 42 58.57 1.08 25.64
C LEU S 42 59.24 1.83 26.79
N LYS S 43 60.57 1.80 26.84
CA LYS S 43 61.30 2.51 27.89
C LYS S 43 61.09 4.02 27.78
N ARG S 44 61.09 4.55 26.55
CA ARG S 44 60.88 5.98 26.35
C ARG S 44 59.48 6.39 26.79
N GLU S 45 58.47 5.58 26.46
CA GLU S 45 57.12 5.89 26.91
C GLU S 45 57.01 5.84 28.43
N TYR S 46 57.61 4.83 29.05
CA TYR S 46 57.52 4.67 30.50
C TYR S 46 58.21 5.82 31.23
N GLN S 47 59.41 6.19 30.80
CA GLN S 47 60.12 7.25 31.50
C GLN S 47 59.70 8.64 31.03
N LEU S 48 58.89 8.74 29.96
CA LEU S 48 58.25 10.00 29.64
C LEU S 48 57.04 10.24 30.54
N GLN S 49 56.22 9.22 30.76
CA GLN S 49 55.09 9.39 31.66
C GLN S 49 55.45 9.15 33.12
N TYR S 50 56.70 8.80 33.41
CA TYR S 50 57.17 8.55 34.76
C TYR S 50 57.92 9.73 35.37
N ASN S 51 58.61 10.52 34.55
CA ASN S 51 59.33 11.69 35.03
C ASN S 51 58.47 12.94 35.08
N ASP S 52 57.17 12.81 34.80
CA ASP S 52 56.27 13.95 34.77
C ASP S 52 56.09 14.53 36.17
N PRO S 53 56.40 15.80 36.39
CA PRO S 53 56.20 16.38 37.73
C PRO S 53 54.75 16.60 38.09
N SER S 54 53.86 16.71 37.10
CA SER S 54 52.45 16.95 37.38
C SER S 54 51.74 15.68 37.85
N ARG S 55 52.15 14.52 37.35
CA ARG S 55 51.43 13.28 37.61
C ARG S 55 51.65 12.83 39.06
N ARG S 56 50.56 12.51 39.74
CA ARG S 56 50.59 11.88 41.05
C ARG S 56 49.63 10.71 41.01
N GLY S 57 50.15 9.51 41.22
CA GLY S 57 49.33 8.33 41.14
C GLY S 57 50.17 7.14 40.68
N VAL S 58 49.53 6.25 39.93
CA VAL S 58 50.14 5.00 39.49
C VAL S 58 50.30 5.03 37.98
N VAL S 59 51.52 4.81 37.51
CA VAL S 59 51.77 4.58 36.09
C VAL S 59 51.30 3.18 35.78
N GLU S 60 50.10 3.04 35.22
CA GLU S 60 49.55 1.73 34.98
C GLU S 60 50.26 1.05 33.82
N ASP S 61 50.27 -0.28 33.86
CA ASP S 61 51.03 -1.08 32.91
C ASP S 61 50.03 -1.96 32.18
N PRO S 62 49.88 -1.84 30.86
CA PRO S 62 48.97 -2.74 30.13
C PRO S 62 49.38 -4.20 30.18
N ALA S 63 50.67 -4.49 30.32
CA ALA S 63 51.12 -5.88 30.39
C ALA S 63 50.64 -6.57 31.66
N LEU S 64 50.62 -5.84 32.79
CA LEU S 64 50.15 -6.41 34.05
C LEU S 64 48.66 -6.73 33.99
N ILE S 65 47.87 -5.82 33.43
CA ILE S 65 46.43 -6.06 33.28
C ILE S 65 46.17 -7.19 32.30
N ARG S 66 46.96 -7.25 31.23
CA ARG S 66 46.86 -8.34 30.27
C ARG S 66 47.16 -9.69 30.93
N TRP S 67 48.19 -9.74 31.77
CA TRP S 67 48.56 -10.96 32.46
C TRP S 67 47.48 -11.40 33.45
N THR S 68 46.92 -10.45 34.21
CA THR S 68 45.88 -10.81 35.17
C THR S 68 44.61 -11.29 34.47
N CYS S 69 44.22 -10.63 33.38
CA CYS S 69 43.03 -11.06 32.64
C CYS S 69 43.25 -12.41 31.98
N ALA S 70 44.46 -12.69 31.51
CA ALA S 70 44.73 -14.01 30.94
C ALA S 70 44.77 -15.08 32.03
N ARG S 71 45.27 -14.74 33.21
CA ARG S 71 45.41 -15.74 34.27
C ARG S 71 44.08 -16.07 34.92
N SER S 72 43.16 -15.11 35.00
CA SER S 72 41.92 -15.32 35.73
C SER S 72 40.69 -15.40 34.84
N ALA S 73 40.43 -14.39 34.02
CA ALA S 73 39.14 -14.23 33.36
C ALA S 73 39.12 -14.75 31.94
N ASN S 74 40.20 -15.33 31.44
CA ASN S 74 40.26 -15.83 30.07
C ASN S 74 40.43 -17.34 30.01
N VAL S 75 40.42 -18.02 31.14
CA VAL S 75 40.65 -19.46 31.15
C VAL S 75 39.46 -20.22 30.59
N TYR S 76 38.24 -19.80 30.95
CA TYR S 76 37.06 -20.56 30.52
C TYR S 76 36.71 -20.41 29.04
N PRO S 77 36.68 -19.22 28.42
CA PRO S 77 36.30 -19.16 27.00
C PRO S 77 37.27 -19.85 26.06
N ASN S 78 38.50 -20.12 26.48
CA ASN S 78 39.48 -20.82 25.66
C ASN S 78 39.63 -22.29 26.06
N PHE S 79 38.64 -22.84 26.76
CA PHE S 79 38.66 -24.24 27.16
C PHE S 79 37.68 -25.02 26.30
N ARG S 80 38.16 -26.13 25.74
CA ARG S 80 37.34 -27.02 24.94
C ARG S 80 37.43 -28.42 25.52
N PRO S 81 36.31 -29.06 25.84
CA PRO S 81 36.37 -30.42 26.42
C PRO S 81 36.75 -31.47 25.41
N ASN S 82 37.96 -32.01 25.54
CA ASN S 82 38.45 -33.08 24.68
C ASN S 82 38.92 -34.23 25.57
N THR S 83 39.60 -35.21 24.95
CA THR S 83 40.05 -36.38 25.71
C THR S 83 41.12 -36.01 26.73
N LYS S 84 42.02 -35.09 26.40
CA LYS S 84 43.11 -34.73 27.32
C LYS S 84 42.57 -34.01 28.55
N THR S 85 41.72 -32.99 28.35
CA THR S 85 41.20 -32.24 29.47
C THR S 85 40.28 -33.09 30.34
N SER S 86 39.45 -33.93 29.71
CA SER S 86 38.56 -34.78 30.49
C SER S 86 39.34 -35.83 31.29
N LEU S 87 40.37 -36.43 30.68
CA LEU S 87 41.16 -37.42 31.40
C LEU S 87 41.98 -36.79 32.51
N LEU S 88 42.48 -35.56 32.30
CA LEU S 88 43.21 -34.88 33.36
C LEU S 88 42.28 -34.46 34.49
N GLY S 89 41.06 -34.02 34.15
CA GLY S 89 40.11 -33.65 35.19
C GLY S 89 39.62 -34.83 36.00
N ALA S 90 39.37 -35.96 35.34
CA ALA S 90 38.94 -37.15 36.06
C ALA S 90 40.09 -37.77 36.84
N LEU S 91 41.33 -37.67 36.34
CA LEU S 91 42.46 -38.28 37.02
C LEU S 91 42.83 -37.49 38.27
N PHE S 92 42.80 -36.16 38.19
CA PHE S 92 43.24 -35.30 39.28
C PHE S 92 42.09 -34.73 40.11
N GLY S 93 40.85 -35.00 39.72
CA GLY S 93 39.71 -34.48 40.44
C GLY S 93 39.07 -35.46 41.39
N ILE S 94 38.80 -36.68 40.93
CA ILE S 94 38.15 -37.70 41.72
C ILE S 94 39.07 -38.86 42.05
N GLY S 95 40.33 -38.80 41.63
CA GLY S 95 41.31 -39.81 41.99
C GLY S 95 41.68 -39.80 43.46
N PRO S 96 42.26 -38.68 43.93
CA PRO S 96 42.59 -38.58 45.36
C PRO S 96 41.39 -38.71 46.28
N LEU S 97 40.20 -38.28 45.85
CA LEU S 97 39.01 -38.43 46.68
C LEU S 97 38.70 -39.91 46.92
N ILE S 98 38.73 -40.71 45.85
CA ILE S 98 38.48 -42.15 45.98
C ILE S 98 39.58 -42.81 46.79
N PHE S 99 40.84 -42.40 46.57
CA PHE S 99 41.97 -42.98 47.29
C PHE S 99 41.87 -42.73 48.79
N TRP S 100 41.62 -41.48 49.18
CA TRP S 100 41.54 -41.16 50.59
C TRP S 100 40.28 -41.73 51.23
N TYR S 101 39.17 -41.81 50.47
CA TYR S 101 37.96 -42.45 50.98
C TYR S 101 38.22 -43.92 51.29
N TYR S 102 38.89 -44.63 50.39
CA TYR S 102 39.18 -46.04 50.62
C TYR S 102 40.13 -46.22 51.80
N VAL S 103 41.15 -45.36 51.91
CA VAL S 103 42.11 -45.47 53.01
C VAL S 103 41.42 -45.26 54.35
N PHE S 104 40.62 -44.20 54.46
CA PHE S 104 39.99 -43.89 55.74
C PHE S 104 38.90 -44.88 56.09
N LYS S 105 38.15 -45.36 55.08
CA LYS S 105 37.14 -46.39 55.32
C LYS S 105 37.78 -47.68 55.81
N THR S 106 38.91 -48.08 55.20
CA THR S 106 39.59 -49.30 55.64
C THR S 106 40.11 -49.17 57.06
N ASP S 107 40.74 -48.03 57.39
CA ASP S 107 41.30 -47.86 58.73
C ASP S 107 40.18 -47.84 59.76
N ARG S 108 39.09 -47.13 59.50
CA ARG S 108 38.04 -47.03 60.50
C ARG S 108 37.27 -48.33 60.64
N ASP S 109 37.14 -49.10 59.55
CA ASP S 109 36.53 -50.43 59.66
C ASP S 109 37.37 -51.35 60.52
N ARG S 110 38.69 -51.35 60.31
CA ARG S 110 39.57 -52.16 61.15
C ARG S 110 39.54 -51.71 62.60
N LYS S 111 39.51 -50.40 62.84
CA LYS S 111 39.48 -49.88 64.21
C LYS S 111 38.18 -50.23 64.91
N GLU S 112 37.05 -50.13 64.22
CA GLU S 112 35.76 -50.48 64.82
C GLU S 112 35.69 -51.98 65.11
N LYS S 113 36.22 -52.80 64.20
CA LYS S 113 36.26 -54.24 64.45
C LYS S 113 37.12 -54.58 65.66
N LEU S 114 38.26 -53.90 65.81
CA LEU S 114 39.11 -54.14 66.98
C LEU S 114 38.46 -53.63 68.26
N ILE S 115 37.74 -52.51 68.18
CA ILE S 115 37.15 -51.91 69.38
C ILE S 115 35.98 -52.75 69.89
N GLN S 116 35.10 -53.21 68.99
CA GLN S 116 33.93 -53.94 69.43
C GLN S 116 34.25 -55.35 69.91
N GLU S 117 35.44 -55.86 69.59
CA GLU S 117 35.87 -57.16 70.08
C GLU S 117 36.70 -57.06 71.36
N GLY S 118 36.88 -55.86 71.89
CA GLY S 118 37.67 -55.67 73.09
C GLY S 118 39.15 -55.97 72.92
N LYS S 119 39.72 -55.58 71.79
CA LYS S 119 41.13 -55.82 71.50
C LYS S 119 41.99 -54.57 71.59
N LEU S 120 41.49 -53.44 71.09
CA LEU S 120 42.25 -52.20 71.10
C LEU S 120 42.41 -51.68 72.53
N ASP S 121 43.58 -51.10 72.81
CA ASP S 121 43.85 -50.54 74.12
C ASP S 121 43.11 -49.21 74.23
N ARG S 122 42.12 -49.15 75.10
CA ARG S 122 41.34 -47.94 75.35
C ARG S 122 41.18 -47.73 76.85
N THR S 123 42.29 -47.87 77.58
CA THR S 123 42.23 -47.88 79.04
C THR S 123 41.99 -46.48 79.59
N PHE S 124 42.88 -45.54 79.28
CA PHE S 124 42.79 -44.19 79.80
C PHE S 124 42.09 -43.24 78.84
N ASN S 125 41.57 -43.74 77.73
CA ASN S 125 40.88 -42.93 76.73
C ASN S 125 39.51 -42.54 77.26
N ILE S 126 39.40 -41.36 77.86
CA ILE S 126 38.13 -40.80 78.27
C ILE S 126 37.87 -39.42 77.69
N SER S 127 38.81 -38.88 76.90
CA SER S 127 38.60 -37.63 76.18
C SER S 127 38.60 -37.94 74.68
N TYR S 128 37.48 -37.69 74.04
CA TYR S 128 37.33 -37.98 72.61
C TYR S 128 36.72 -36.80 71.88
N VAL T 6 -62.01 37.59 -50.05
CA VAL T 6 -61.11 36.45 -50.05
C VAL T 6 -61.54 35.44 -48.98
N LYS T 7 -61.04 34.22 -49.10
CA LYS T 7 -61.38 33.14 -48.19
C LYS T 7 -60.08 32.61 -47.57
N GLN T 8 -59.90 32.88 -46.28
CA GLN T 8 -58.70 32.49 -45.57
C GLN T 8 -59.09 31.94 -44.21
N ASP T 9 -58.23 31.09 -43.66
CA ASP T 9 -58.47 30.49 -42.35
C ASP T 9 -58.29 31.57 -41.29
N MET T 10 -59.40 32.05 -40.74
CA MET T 10 -59.46 33.16 -39.81
C MET T 10 -60.33 32.79 -38.63
N PRO T 11 -60.11 33.42 -37.47
CA PRO T 11 -60.99 33.17 -36.33
C PRO T 11 -62.39 33.71 -36.58
N PRO T 12 -63.40 33.19 -35.89
CA PRO T 12 -64.76 33.72 -36.06
C PRO T 12 -64.86 35.17 -35.56
N VAL T 13 -65.89 35.85 -36.06
CA VAL T 13 -66.01 37.29 -35.86
C VAL T 13 -66.25 37.63 -34.39
N GLY T 14 -66.85 36.72 -33.62
CA GLY T 14 -67.01 36.95 -32.20
C GLY T 14 -65.84 36.52 -31.35
N GLY T 15 -64.83 35.92 -31.96
CA GLY T 15 -63.70 35.40 -31.22
C GLY T 15 -63.98 34.04 -30.60
N TYR T 16 -62.92 33.35 -30.23
CA TYR T 16 -63.07 32.05 -29.60
C TYR T 16 -63.48 32.22 -28.13
N GLY T 17 -63.98 31.13 -27.56
CA GLY T 17 -64.43 31.15 -26.19
C GLY T 17 -63.28 31.19 -25.21
N PRO T 18 -63.58 31.39 -23.93
CA PRO T 18 -62.52 31.41 -22.92
C PRO T 18 -61.89 30.04 -22.76
N ILE T 19 -60.59 30.05 -22.48
CA ILE T 19 -59.81 28.84 -22.31
C ILE T 19 -59.15 28.89 -20.94
N ASP T 20 -59.45 27.91 -20.10
CA ASP T 20 -58.88 27.84 -18.76
C ASP T 20 -57.43 27.39 -18.84
N TYR T 21 -56.59 27.98 -17.99
CA TYR T 21 -55.19 27.57 -17.91
C TYR T 21 -54.65 27.53 -16.49
N LYS T 22 -55.47 27.79 -15.48
CA LYS T 22 -55.00 27.79 -14.10
C LYS T 22 -54.96 26.36 -13.55
N ARG T 23 -54.13 26.18 -12.53
CA ARG T 23 -54.08 24.90 -11.83
C ARG T 23 -55.35 24.73 -11.00
N ASN T 24 -55.98 23.57 -11.12
CA ASN T 24 -57.26 23.30 -10.46
C ASN T 24 -57.19 21.97 -9.72
N LEU T 25 -56.76 22.02 -8.46
CA LEU T 25 -56.87 20.88 -7.56
C LEU T 25 -58.13 21.02 -6.73
N PRO T 26 -58.94 19.96 -6.59
CA PRO T 26 -60.33 20.16 -6.14
C PRO T 26 -60.49 20.47 -4.67
N ARG T 27 -59.48 20.09 -3.85
CA ARG T 27 -59.49 20.25 -2.39
C ARG T 27 -60.61 19.43 -1.73
N ARG T 28 -60.65 18.15 -2.10
CA ARG T 28 -61.63 17.19 -1.59
C ARG T 28 -61.27 16.63 -0.23
N GLY T 29 -62.22 16.00 0.43
CA GLY T 29 -61.95 15.09 1.53
C GLY T 29 -62.12 15.70 2.91
N LEU T 30 -62.22 14.83 3.92
CA LEU T 30 -62.41 15.25 5.31
C LEU T 30 -61.17 15.89 5.94
N SER T 31 -61.31 16.44 7.14
CA SER T 31 -60.15 17.05 7.76
C SER T 31 -59.36 16.00 8.54
N GLY T 32 -58.25 16.43 9.14
CA GLY T 32 -57.43 15.51 9.92
C GLY T 32 -58.13 15.04 11.19
N TYR T 33 -58.88 15.93 11.84
CA TYR T 33 -59.61 15.56 13.05
C TYR T 33 -60.64 14.49 12.77
N SER T 34 -61.41 14.65 11.68
CA SER T 34 -62.45 13.69 11.35
C SER T 34 -61.85 12.36 10.92
N MET T 35 -60.75 12.39 10.18
CA MET T 35 -60.08 11.15 9.76
C MET T 35 -59.56 10.38 10.98
N PHE T 36 -58.94 11.09 11.91
CA PHE T 36 -58.45 10.43 13.12
C PHE T 36 -59.61 9.90 13.97
N ALA T 37 -60.71 10.65 14.04
CA ALA T 37 -61.88 10.18 14.80
C ALA T 37 -62.47 8.92 14.18
N VAL T 38 -62.51 8.86 12.84
CA VAL T 38 -62.99 7.65 12.16
C VAL T 38 -62.06 6.47 12.46
N GLY T 39 -60.75 6.73 12.48
CA GLY T 39 -59.81 5.66 12.79
C GLY T 39 -59.97 5.11 14.19
N ILE T 40 -60.08 5.99 15.19
CA ILE T 40 -60.28 5.52 16.56
C ILE T 40 -61.65 4.86 16.74
N GLY T 41 -62.67 5.32 16.01
CA GLY T 41 -63.96 4.65 16.07
C GLY T 41 -63.91 3.23 15.54
N ALA T 42 -63.22 3.03 14.41
CA ALA T 42 -63.05 1.69 13.88
C ALA T 42 -62.26 0.80 14.83
N LEU T 43 -61.20 1.36 15.44
CA LEU T 43 -60.42 0.61 16.43
C LEU T 43 -61.27 0.20 17.61
N LEU T 44 -62.10 1.11 18.13
CA LEU T 44 -62.92 0.82 19.29
C LEU T 44 -63.97 -0.24 18.99
N PHE T 45 -64.59 -0.15 17.81
CA PHE T 45 -65.57 -1.18 17.41
C PHE T 45 -64.91 -2.54 17.29
N GLY T 46 -63.72 -2.59 16.69
CA GLY T 46 -63.00 -3.85 16.57
C GLY T 46 -62.63 -4.43 17.91
N TYR T 47 -62.16 -3.59 18.84
CA TYR T 47 -61.79 -4.06 20.16
C TYR T 47 -62.99 -4.60 20.93
N TRP T 48 -64.13 -3.90 20.85
CA TRP T 48 -65.33 -4.35 21.55
C TRP T 48 -65.82 -5.69 21.02
N SER T 49 -65.91 -5.82 19.69
CA SER T 49 -66.35 -7.08 19.10
C SER T 49 -65.39 -8.22 19.41
N MET T 50 -64.08 -7.93 19.37
CA MET T 50 -63.09 -8.97 19.62
C MET T 50 -63.13 -9.43 21.06
N MET T 51 -63.35 -8.51 22.00
CA MET T 51 -63.41 -8.91 23.41
C MET T 51 -64.66 -9.74 23.69
N ARG T 52 -65.78 -9.40 23.06
CA ARG T 52 -67.00 -10.19 23.26
C ARG T 52 -66.84 -11.60 22.70
N TRP T 53 -66.31 -11.71 21.48
CA TRP T 53 -66.13 -13.03 20.87
C TRP T 53 -65.07 -13.84 21.59
N ASN T 54 -64.03 -13.20 22.13
CA ASN T 54 -62.99 -13.93 22.84
C ASN T 54 -63.50 -14.46 24.17
N ARG T 55 -64.35 -13.70 24.87
CA ARG T 55 -64.96 -14.21 26.09
C ARG T 55 -65.85 -15.41 25.81
N GLU T 56 -66.63 -15.35 24.72
CA GLU T 56 -67.45 -16.50 24.34
C GLU T 56 -66.58 -17.71 23.99
N ARG T 57 -65.45 -17.46 23.33
CA ARG T 57 -64.53 -18.55 22.98
C ARG T 57 -63.94 -19.19 24.23
N ARG T 58 -63.60 -18.38 25.24
CA ARG T 58 -63.10 -18.93 26.49
C ARG T 58 -64.14 -19.80 27.18
N ARG T 59 -65.40 -19.36 27.18
CA ARG T 59 -66.47 -20.16 27.78
C ARG T 59 -66.64 -21.49 27.07
N LEU T 60 -66.61 -21.47 25.73
CA LEU T 60 -66.73 -22.71 24.96
C LEU T 60 -65.53 -23.64 25.22
N GLN T 61 -64.35 -23.06 25.35
CA GLN T 61 -63.14 -23.86 25.60
C GLN T 61 -63.22 -24.56 26.95
N ILE T 62 -63.68 -23.85 27.99
CA ILE T 62 -63.75 -24.51 29.30
C ILE T 62 -64.89 -25.52 29.33
N GLU T 63 -65.94 -25.32 28.51
CA GLU T 63 -66.98 -26.35 28.39
C GLU T 63 -66.41 -27.63 27.79
N ASP T 64 -65.62 -27.50 26.71
CA ASP T 64 -64.99 -28.66 26.09
C ASP T 64 -64.01 -29.33 27.05
N PHE T 65 -63.24 -28.55 27.79
CA PHE T 65 -62.28 -29.10 28.74
C PHE T 65 -62.97 -29.86 29.86
N GLU T 66 -64.11 -29.34 30.36
CA GLU T 66 -64.81 -30.05 31.42
C GLU T 66 -65.48 -31.31 30.89
N ALA T 67 -65.88 -31.33 29.60
CA ALA T 67 -66.33 -32.57 29.00
C ALA T 67 -65.20 -33.60 28.95
N ARG T 68 -63.99 -33.16 28.61
CA ARG T 68 -62.86 -34.07 28.56
C ARG T 68 -62.52 -34.63 29.93
N ILE T 69 -62.53 -33.79 30.97
CA ILE T 69 -62.20 -34.29 32.30
C ILE T 69 -63.33 -35.12 32.87
N ALA T 70 -64.56 -34.97 32.36
CA ALA T 70 -65.60 -35.93 32.69
C ALA T 70 -65.36 -37.27 32.02
N LEU T 71 -64.82 -37.26 30.80
CA LEU T 71 -64.58 -38.50 30.07
C LEU T 71 -63.29 -39.23 30.48
N MET T 72 -62.39 -38.57 31.21
CA MET T 72 -61.09 -39.14 31.56
C MET T 72 -61.09 -40.52 32.23
N PRO T 73 -61.90 -40.81 33.28
CA PRO T 73 -61.67 -42.07 34.03
C PRO T 73 -61.86 -43.35 33.23
N LEU T 74 -62.84 -43.36 32.32
CA LEU T 74 -63.07 -44.55 31.49
C LEU T 74 -61.88 -44.82 30.59
N LEU T 75 -61.33 -43.77 29.98
CA LEU T 75 -60.16 -43.93 29.12
C LEU T 75 -58.94 -44.34 29.93
N GLN T 76 -58.82 -43.84 31.17
CA GLN T 76 -57.71 -44.24 32.03
C GLN T 76 -57.78 -45.74 32.36
N ALA T 77 -58.98 -46.22 32.71
CA ALA T 77 -59.15 -47.63 33.02
C ALA T 77 -58.90 -48.51 31.80
N GLU T 78 -59.38 -48.07 30.64
CA GLU T 78 -59.15 -48.82 29.40
C GLU T 78 -57.66 -48.89 29.05
N LYS T 79 -56.95 -47.77 29.24
CA LYS T 79 -55.51 -47.76 28.97
C LYS T 79 -54.75 -48.68 29.91
N ASP T 80 -55.13 -48.69 31.19
CA ASP T 80 -54.48 -49.59 32.15
C ASP T 80 -54.69 -51.05 31.78
N ARG T 81 -55.93 -51.42 31.43
CA ARG T 81 -56.20 -52.80 31.05
C ARG T 81 -55.48 -53.18 29.77
N ARG T 82 -55.40 -52.26 28.81
CA ARG T 82 -54.72 -52.54 27.55
C ARG T 82 -53.22 -52.74 27.75
N VAL T 83 -52.57 -51.89 28.55
CA VAL T 83 -51.13 -52.06 28.74
C VAL T 83 -50.84 -53.30 29.58
N LEU T 84 -51.73 -53.66 30.52
CA LEU T 84 -51.53 -54.89 31.27
C LEU T 84 -51.67 -56.12 30.37
N GLN T 85 -52.64 -56.09 29.44
CA GLN T 85 -52.80 -57.18 28.49
C GLN T 85 -51.58 -57.32 27.59
N MET T 86 -51.04 -56.18 27.10
CA MET T 86 -49.85 -56.22 26.26
C MET T 86 -48.65 -56.76 27.01
N LEU T 87 -48.47 -56.34 28.26
CA LEU T 87 -47.34 -56.83 29.05
C LEU T 87 -47.49 -58.32 29.35
N ARG T 88 -48.72 -58.79 29.59
CA ARG T 88 -48.93 -60.21 29.82
C ARG T 88 -48.61 -61.03 28.58
N GLU T 89 -49.02 -60.55 27.41
CA GLU T 89 -48.70 -61.25 26.17
C GLU T 89 -47.20 -61.31 25.92
N ASN T 90 -46.50 -60.19 26.16
CA ASN T 90 -45.05 -60.17 26.02
C ASN T 90 -44.38 -61.11 27.01
N LEU T 91 -44.93 -61.21 28.23
CA LEU T 91 -44.38 -62.12 29.23
C LEU T 91 -44.54 -63.58 28.81
N GLU T 92 -45.71 -63.93 28.25
CA GLU T 92 -45.91 -65.30 27.79
C GLU T 92 -44.98 -65.64 26.62
N GLU T 93 -44.79 -64.69 25.70
CA GLU T 93 -43.89 -64.94 24.58
C GLU T 93 -42.43 -65.07 25.04
N GLU T 94 -42.02 -64.25 26.01
CA GLU T 94 -40.68 -64.39 26.57
C GLU T 94 -40.53 -65.73 27.29
N ALA T 95 -41.59 -66.20 27.94
CA ALA T 95 -41.56 -67.51 28.59
C ALA T 95 -41.39 -68.63 27.58
N THR T 96 -42.09 -68.58 26.45
CA THR T 96 -41.96 -69.66 25.48
C THR T 96 -40.78 -69.50 24.54
N ILE T 97 -40.07 -68.37 24.58
CA ILE T 97 -38.87 -68.20 23.77
C ILE T 97 -37.61 -68.57 24.54
N MET T 98 -37.51 -68.16 25.81
CA MET T 98 -36.28 -68.29 26.59
C MET T 98 -36.25 -69.55 27.46
N LYS T 99 -36.84 -70.65 27.01
CA LYS T 99 -36.75 -71.88 27.78
C LYS T 99 -35.37 -72.54 27.65
N ASP T 100 -34.59 -72.14 26.65
CA ASP T 100 -33.31 -72.80 26.37
C ASP T 100 -32.12 -72.04 26.95
N VAL T 101 -32.19 -70.72 27.01
CA VAL T 101 -31.06 -69.88 27.43
C VAL T 101 -30.80 -70.08 28.92
N PRO T 102 -29.59 -70.47 29.32
CA PRO T 102 -29.30 -70.65 30.74
C PRO T 102 -29.07 -69.32 31.44
N GLY T 103 -29.37 -69.31 32.74
CA GLY T 103 -29.17 -68.13 33.54
C GLY T 103 -30.14 -67.01 33.28
N TRP T 104 -31.29 -67.30 32.69
CA TRP T 104 -32.29 -66.30 32.35
C TRP T 104 -33.53 -66.55 33.19
N LYS T 105 -33.97 -65.52 33.90
CA LYS T 105 -35.20 -65.57 34.66
C LYS T 105 -36.29 -64.80 33.91
N VAL T 106 -37.43 -65.45 33.68
CA VAL T 106 -38.49 -64.84 32.90
C VAL T 106 -39.18 -63.77 33.74
N GLY T 107 -39.24 -62.56 33.20
CA GLY T 107 -39.87 -61.46 33.90
C GLY T 107 -39.01 -60.76 34.92
N GLU T 108 -37.68 -60.86 34.79
CA GLU T 108 -36.78 -60.19 35.72
C GLU T 108 -36.80 -58.70 35.48
N SER T 109 -37.20 -57.94 36.49
CA SER T 109 -37.19 -56.49 36.39
C SER T 109 -35.75 -55.97 36.35
N VAL T 110 -35.55 -54.88 35.61
CA VAL T 110 -34.24 -54.24 35.54
C VAL T 110 -34.06 -53.19 36.62
N PHE T 111 -35.04 -53.02 37.50
CA PHE T 111 -34.99 -52.02 38.57
C PHE T 111 -34.89 -52.72 39.91
N HIS T 112 -34.14 -52.12 40.83
CA HIS T 112 -33.97 -52.68 42.16
C HIS T 112 -35.21 -52.51 43.03
N THR T 113 -36.12 -51.64 42.65
CA THR T 113 -37.33 -51.39 43.44
C THR T 113 -38.50 -52.20 42.90
N THR T 114 -39.52 -52.35 43.76
CA THR T 114 -40.74 -53.06 43.40
C THR T 114 -41.86 -52.12 42.98
N ARG T 115 -41.58 -50.82 42.93
CA ARG T 115 -42.58 -49.85 42.50
C ARG T 115 -42.88 -50.03 41.01
N TRP T 116 -44.14 -49.79 40.64
CA TRP T 116 -44.54 -49.90 39.25
C TRP T 116 -43.89 -48.81 38.42
N VAL T 117 -43.30 -49.20 37.29
CA VAL T 117 -42.67 -48.27 36.36
C VAL T 117 -43.47 -48.31 35.07
N THR T 118 -43.79 -47.14 34.54
CA THR T 118 -44.60 -47.04 33.34
C THR T 118 -43.84 -47.65 32.16
N PRO T 119 -44.47 -48.56 31.40
CA PRO T 119 -43.73 -49.34 30.40
C PRO T 119 -43.23 -48.47 29.25
N MET T 120 -41.95 -48.61 28.95
CA MET T 120 -41.35 -48.00 27.78
C MET T 120 -41.92 -48.64 26.52
N MET T 121 -41.95 -47.87 25.41
CA MET T 121 -42.63 -48.29 24.19
C MET T 121 -42.04 -49.57 23.62
N GLY T 122 -40.72 -49.74 23.72
CA GLY T 122 -40.11 -50.96 23.26
C GLY T 122 -40.46 -52.16 24.11
N GLU T 123 -40.82 -51.93 25.38
CA GLU T 123 -41.24 -53.03 26.23
C GLU T 123 -42.64 -53.51 25.85
N LEU T 124 -43.46 -52.64 25.28
CA LEU T 124 -44.82 -53.00 24.85
C LEU T 124 -44.82 -53.59 23.45
N TYR T 125 -44.29 -52.85 22.48
CA TYR T 125 -44.36 -53.25 21.07
C TYR T 125 -43.06 -53.88 20.58
N GLY T 126 -42.34 -54.59 21.45
CA GLY T 126 -41.08 -55.19 21.04
C GLY T 126 -41.26 -56.33 20.05
N LEU T 127 -42.28 -57.15 20.24
CA LEU T 127 -42.47 -58.36 19.45
C LEU T 127 -43.65 -58.25 18.48
N ARG T 128 -44.10 -57.03 18.18
CA ARG T 128 -45.23 -56.82 17.29
C ARG T 128 -44.74 -56.53 15.88
N THR T 129 -45.70 -56.27 14.99
CA THR T 129 -45.37 -55.99 13.60
C THR T 129 -44.83 -54.57 13.45
N GLY T 130 -44.22 -54.33 12.28
CA GLY T 130 -43.64 -53.02 12.02
C GLY T 130 -44.68 -51.92 11.88
N GLU T 131 -45.82 -52.24 11.26
CA GLU T 131 -46.85 -51.23 11.03
C GLU T 131 -47.51 -50.80 12.33
N GLU T 132 -47.70 -51.74 13.26
CA GLU T 132 -48.23 -51.39 14.57
C GLU T 132 -47.26 -50.49 15.34
N ILE T 133 -45.96 -50.79 15.25
CA ILE T 133 -44.94 -49.96 15.88
C ILE T 133 -44.96 -48.55 15.30
N LEU T 134 -45.03 -48.47 13.97
CA LEU T 134 -45.03 -47.18 13.28
C LEU T 134 -46.26 -46.36 13.64
N SER T 135 -47.43 -47.00 13.66
CA SER T 135 -48.65 -46.29 14.02
C SER T 135 -48.65 -45.87 15.48
N SER T 136 -48.05 -46.66 16.36
CA SER T 136 -48.06 -46.33 17.78
C SER T 136 -47.08 -45.21 18.11
N THR T 137 -45.89 -45.21 17.51
CA THR T 137 -44.87 -44.26 17.93
C THR T 137 -44.71 -43.06 17.00
N TYR T 138 -45.22 -43.12 15.77
CA TYR T 138 -45.12 -41.99 14.85
C TYR T 138 -46.45 -41.62 14.24
N GLY T 139 -47.56 -42.21 14.71
CA GLY T 139 -48.86 -41.92 14.13
C GLY T 139 -49.31 -40.50 14.40
N PHE T 140 -49.07 -39.99 15.61
CA PHE T 140 -49.50 -38.64 15.95
C PHE T 140 -48.63 -37.59 15.27
N ILE T 141 -47.32 -37.82 15.21
CA ILE T 141 -46.42 -36.84 14.64
C ILE T 141 -46.60 -36.74 13.13
N TRP T 142 -46.81 -37.88 12.47
CA TRP T 142 -46.93 -37.91 11.03
C TRP T 142 -48.33 -37.65 10.52
N TYR T 143 -49.30 -37.42 11.41
CA TYR T 143 -50.67 -37.15 10.99
C TYR T 143 -50.79 -35.68 10.60
N THR T 144 -50.44 -35.40 9.34
CA THR T 144 -50.54 -34.07 8.72
C THR T 144 -49.84 -32.97 9.51
N SER U 2 86.73 1.76 22.35
CA SER U 2 86.17 3.10 22.31
C SER U 2 85.29 3.37 23.52
N GLY U 3 85.55 4.47 24.21
CA GLY U 3 84.80 4.82 25.40
C GLY U 3 83.48 5.50 25.07
N TYR U 4 83.17 6.58 25.79
CA TYR U 4 81.94 7.31 25.54
C TYR U 4 82.03 8.07 24.22
N THR U 5 80.86 8.37 23.66
CA THR U 5 80.76 9.42 22.68
C THR U 5 80.84 10.76 23.40
N PRO U 6 81.26 11.84 22.71
CA PRO U 6 81.22 13.17 23.35
C PRO U 6 79.83 13.59 23.79
N ASP U 7 78.80 13.12 23.10
CA ASP U 7 77.42 13.39 23.49
C ASP U 7 77.13 12.80 24.87
N GLU U 8 77.51 11.53 25.05
CA GLU U 8 77.34 10.86 26.34
C GLU U 8 78.22 11.49 27.42
N LYS U 9 79.42 11.95 27.04
CA LYS U 9 80.28 12.63 28.00
C LYS U 9 79.65 13.93 28.50
N LEU U 10 79.04 14.68 27.59
CA LEU U 10 78.33 15.90 28.00
C LEU U 10 77.16 15.58 28.92
N ARG U 11 76.40 14.53 28.59
CA ARG U 11 75.27 14.15 29.44
C ARG U 11 75.73 13.72 30.83
N LEU U 12 76.80 12.92 30.90
CA LEU U 12 77.34 12.48 32.18
C LEU U 12 77.88 13.64 33.00
N GLN U 13 78.54 14.60 32.36
CA GLN U 13 79.05 15.76 33.08
C GLN U 13 77.93 16.61 33.66
N GLN U 14 76.88 16.86 32.85
CA GLN U 14 75.75 17.64 33.35
C GLN U 14 75.01 16.92 34.48
N LEU U 15 74.78 15.61 34.33
CA LEU U 15 74.13 14.85 35.39
C LEU U 15 74.99 14.79 36.64
N ARG U 16 76.32 14.73 36.49
CA ARG U 16 77.20 14.67 37.65
C ARG U 16 77.21 15.99 38.41
N GLU U 17 77.23 17.12 37.70
CA GLU U 17 77.20 18.39 38.42
C GLU U 17 75.83 18.64 39.07
N LEU U 18 74.75 18.19 38.42
CA LEU U 18 73.43 18.27 39.04
C LEU U 18 73.35 17.40 40.29
N ARG U 19 73.90 16.19 40.22
CA ARG U 19 73.89 15.28 41.36
C ARG U 19 74.73 15.83 42.51
N ARG U 20 75.87 16.44 42.21
CA ARG U 20 76.71 17.03 43.25
C ARG U 20 76.03 18.23 43.90
N ARG U 21 75.30 19.02 43.11
CA ARG U 21 74.51 20.11 43.70
C ARG U 21 73.43 19.57 44.62
N TRP U 22 72.74 18.49 44.21
CA TRP U 22 71.70 17.90 45.04
C TRP U 22 72.28 17.35 46.35
N LEU U 23 73.41 16.66 46.27
CA LEU U 23 74.04 16.11 47.47
C LEU U 23 74.56 17.22 48.38
N LYS U 24 75.03 18.33 47.81
CA LYS U 24 75.41 19.48 48.62
C LYS U 24 74.19 20.07 49.32
N ASP U 25 73.04 20.11 48.63
CA ASP U 25 71.82 20.60 49.25
C ASP U 25 71.26 19.64 50.30
N GLN U 26 71.71 18.38 50.29
CA GLN U 26 71.25 17.42 51.29
C GLN U 26 71.80 17.69 52.69
N GLU U 27 72.75 18.61 52.86
CA GLU U 27 73.36 18.85 54.14
C GLU U 27 72.41 19.61 55.07
N LEU U 28 72.81 19.71 56.34
CA LEU U 28 72.00 20.34 57.38
C LEU U 28 72.65 21.62 57.88
N SER U 29 71.86 22.69 57.95
CA SER U 29 72.28 23.92 58.61
C SER U 29 72.37 23.69 60.12
N PRO U 30 73.23 24.46 60.81
CA PRO U 30 73.42 24.22 62.26
C PRO U 30 72.18 24.40 63.13
N ARG U 31 71.21 25.20 62.70
CA ARG U 31 69.99 25.35 63.50
C ARG U 31 69.09 24.12 63.37
N GLU U 32 69.14 23.43 62.24
CA GLU U 32 68.34 22.23 62.06
C GLU U 32 68.96 21.07 62.85
N PRO U 33 68.14 20.22 63.49
CA PRO U 33 66.68 20.35 63.61
C PRO U 33 66.25 21.33 64.70
N VAL U 34 65.13 22.00 64.50
CA VAL U 34 64.65 23.01 65.46
C VAL U 34 63.80 22.27 66.48
N LEU U 35 64.47 21.69 67.46
CA LEU U 35 63.77 20.96 68.52
C LEU U 35 63.10 21.94 69.47
N PRO U 36 61.85 21.68 69.86
CA PRO U 36 61.16 22.59 70.77
C PRO U 36 61.70 22.45 72.18
N PRO U 37 61.60 23.49 73.01
CA PRO U 37 62.05 23.39 74.40
C PRO U 37 61.20 22.41 75.20
N ARG U 38 61.81 21.84 76.23
CA ARG U 38 61.13 20.88 77.08
C ARG U 38 60.98 21.41 78.51
N ARG U 66 68.65 9.38 93.47
CA ARG U 66 68.42 8.61 92.25
C ARG U 66 69.73 8.12 91.65
N HIS U 67 70.29 7.07 92.23
CA HIS U 67 71.51 6.45 91.74
C HIS U 67 71.36 4.97 91.43
N SER U 68 70.63 4.23 92.25
CA SER U 68 70.41 2.80 92.06
C SER U 68 68.94 2.46 92.25
N ILE U 69 68.06 3.24 91.64
CA ILE U 69 66.62 2.96 91.71
C ILE U 69 66.21 1.82 90.78
N PHE U 70 67.12 1.35 89.92
CA PHE U 70 66.84 0.15 89.14
C PHE U 70 66.74 -1.07 90.03
N ALA U 71 67.54 -1.12 91.10
CA ALA U 71 67.46 -2.20 92.06
C ALA U 71 66.24 -2.10 92.97
N PHE U 72 65.50 -1.00 92.90
CA PHE U 72 64.30 -0.80 93.71
C PHE U 72 63.02 -1.01 92.91
N THR U 73 62.87 -0.29 91.79
CA THR U 73 61.63 -0.36 91.03
C THR U 73 61.55 -1.64 90.21
N HIS U 74 62.67 -2.11 89.67
CA HIS U 74 62.66 -3.27 88.79
C HIS U 74 62.96 -4.58 89.51
N VAL U 75 63.35 -4.53 90.78
CA VAL U 75 63.67 -5.76 91.49
C VAL U 75 62.76 -5.91 92.70
N LEU U 76 62.87 -4.98 93.64
CA LEU U 76 62.27 -5.14 94.96
C LEU U 76 60.75 -5.06 94.90
N ILE U 77 60.21 -4.14 94.10
CA ILE U 77 58.75 -4.05 93.95
C ILE U 77 58.16 -5.29 93.31
N PRO U 78 58.72 -5.88 92.23
CA PRO U 78 58.20 -7.19 91.80
C PRO U 78 58.32 -8.29 92.83
N VAL U 79 59.39 -8.31 93.64
CA VAL U 79 59.52 -9.32 94.69
C VAL U 79 58.39 -9.17 95.69
N TRP U 80 58.11 -7.94 96.11
CA TRP U 80 57.02 -7.67 97.05
C TRP U 80 55.68 -8.10 96.46
N ILE U 81 55.40 -7.70 95.21
CA ILE U 81 54.09 -7.92 94.62
C ILE U 81 53.83 -9.42 94.42
N ILE U 82 54.79 -10.12 93.84
CA ILE U 82 54.51 -11.54 93.59
C ILE U 82 54.77 -12.41 94.80
N HIS U 83 55.47 -11.93 95.83
CA HIS U 83 55.50 -12.68 97.08
C HIS U 83 54.16 -12.59 97.79
N TYR U 84 53.53 -11.40 97.73
CA TYR U 84 52.15 -11.28 98.21
C TYR U 84 51.21 -12.19 97.42
N TYR U 85 51.39 -12.21 96.10
CA TYR U 85 50.54 -13.04 95.23
C TYR U 85 50.71 -14.53 95.51
N LEU U 86 51.95 -14.98 95.72
CA LEU U 86 52.21 -16.39 95.97
C LEU U 86 51.78 -16.80 97.37
N LYS U 87 51.99 -15.93 98.36
CA LYS U 87 51.70 -16.29 99.74
C LYS U 87 50.22 -16.24 100.05
N TYR U 88 49.47 -15.33 99.43
CA TYR U 88 48.08 -15.13 99.83
C TYR U 88 47.07 -15.45 98.74
N HIS U 89 47.49 -15.87 97.56
CA HIS U 89 46.53 -16.24 96.52
C HIS U 89 46.84 -17.53 95.78
N VAL U 90 48.08 -18.04 95.82
CA VAL U 90 48.43 -19.26 95.10
C VAL U 90 48.52 -20.45 96.03
N THR U 91 49.26 -20.32 97.14
CA THR U 91 49.43 -21.44 98.05
C THR U 91 48.20 -21.69 98.92
N THR U 92 47.23 -20.78 98.92
CA THR U 92 45.98 -21.04 99.64
C THR U 92 45.13 -22.07 98.92
N LYS U 93 45.33 -22.24 97.62
CA LYS U 93 44.66 -23.24 96.82
C LYS U 93 45.45 -24.55 96.82
N PRO U 94 44.76 -25.69 96.80
CA PRO U 94 45.47 -26.98 96.93
C PRO U 94 46.28 -27.34 95.70
N TYR U 95 47.45 -27.93 95.93
CA TYR U 95 48.32 -28.53 94.91
C TYR U 95 48.79 -27.54 93.86
N THR U 96 48.77 -26.24 94.17
CA THR U 96 49.30 -25.26 93.22
C THR U 96 50.82 -25.31 93.18
N ILE U 97 51.46 -25.32 94.34
CA ILE U 97 52.91 -25.38 94.45
C ILE U 97 53.26 -26.71 95.11
N VAL U 98 53.78 -27.64 94.31
CA VAL U 98 54.23 -28.94 94.81
C VAL U 98 55.75 -28.99 94.68
N GLU U 99 56.40 -29.31 95.78
CA GLU U 99 57.86 -29.37 95.85
C GLU U 99 58.28 -30.81 96.13
N LYS U 100 59.35 -31.24 95.47
CA LYS U 100 59.92 -32.56 95.75
C LYS U 100 60.37 -32.63 97.20
N LYS U 101 60.01 -33.72 97.87
CA LYS U 101 60.32 -33.87 99.29
C LYS U 101 61.84 -33.96 99.48
N PRO U 102 62.37 -33.42 100.57
CA PRO U 102 63.83 -33.36 100.73
C PRO U 102 64.45 -34.73 100.86
N ARG U 103 65.71 -34.81 100.43
CA ARG U 103 66.44 -36.08 100.42
C ARG U 103 66.79 -36.50 101.83
N ILE U 104 66.70 -37.81 102.10
CA ILE U 104 66.93 -38.37 103.42
C ILE U 104 68.13 -39.29 103.34
N PHE U 105 69.12 -39.05 104.20
CA PHE U 105 70.36 -39.84 104.25
C PHE U 105 70.45 -40.55 105.59
N PRO U 106 71.29 -41.56 105.73
CA PRO U 106 71.51 -42.16 107.06
C PRO U 106 72.49 -41.32 107.88
N GLY U 107 71.97 -40.65 108.91
CA GLY U 107 72.85 -39.96 109.83
C GLY U 107 72.44 -38.56 110.26
N ASP U 108 71.37 -38.01 109.70
CA ASP U 108 70.96 -36.66 110.00
C ASP U 108 69.75 -36.67 110.94
N THR U 109 69.20 -35.48 111.21
CA THR U 109 68.15 -35.30 112.21
C THR U 109 66.97 -34.58 111.57
N ILE U 110 65.76 -35.01 111.90
CA ILE U 110 64.53 -34.45 111.33
C ILE U 110 64.05 -33.33 112.23
N LEU U 111 63.64 -32.21 111.64
CA LEU U 111 63.09 -31.12 112.44
C LEU U 111 61.65 -31.37 112.86
N GLU U 112 60.87 -32.11 112.05
CA GLU U 112 59.42 -32.14 112.26
C GLU U 112 59.03 -33.02 113.43
N THR U 113 59.73 -34.13 113.66
CA THR U 113 59.35 -35.00 114.77
C THR U 113 60.56 -35.35 115.63
N GLY U 114 61.76 -35.25 115.07
CA GLY U 114 62.97 -35.33 115.86
C GLY U 114 63.68 -36.67 115.90
N GLU U 115 63.27 -37.64 115.10
CA GLU U 115 63.94 -38.93 115.11
C GLU U 115 65.32 -38.81 114.48
N VAL U 116 66.31 -39.47 115.08
CA VAL U 116 67.62 -39.66 114.46
C VAL U 116 67.53 -40.95 113.66
N ILE U 117 67.75 -40.84 112.35
CA ILE U 117 67.71 -42.03 111.49
C ILE U 117 68.91 -42.90 111.80
N PRO U 118 68.74 -44.23 111.90
CA PRO U 118 69.87 -45.08 112.30
C PRO U 118 70.98 -45.05 111.26
N PRO U 119 72.23 -45.23 111.68
CA PRO U 119 73.34 -45.25 110.73
C PRO U 119 73.37 -46.57 109.99
N MET U 120 74.23 -46.63 108.97
CA MET U 120 74.19 -47.70 107.99
C MET U 120 75.12 -48.83 108.43
N LYS U 121 75.01 -49.97 107.76
CA LYS U 121 75.80 -51.15 108.09
C LYS U 121 77.29 -50.89 107.82
N GLU U 122 78.13 -51.61 108.56
CA GLU U 122 79.57 -51.44 108.46
C GLU U 122 80.07 -51.90 107.09
N PHE U 123 80.95 -51.09 106.50
CA PHE U 123 81.43 -51.38 105.16
C PHE U 123 82.48 -52.50 105.20
N PRO U 124 82.32 -53.55 104.40
CA PRO U 124 83.44 -54.47 104.18
C PRO U 124 84.45 -53.83 103.24
N ASP U 125 85.36 -53.05 103.83
CA ASP U 125 86.14 -52.06 103.08
C ASP U 125 87.03 -52.70 102.02
N GLN U 126 87.03 -52.10 100.83
CA GLN U 126 87.83 -52.55 99.72
C GLN U 126 89.25 -51.99 99.74
N HIS U 127 89.47 -50.88 100.43
CA HIS U 127 90.76 -50.21 100.42
C HIS U 127 91.46 -50.38 101.77
N GLY V 1 88.98 -55.12 71.22
CA GLY V 1 87.83 -55.33 70.36
C GLY V 1 87.99 -56.52 69.44
N ALA V 2 88.91 -57.42 69.81
CA ALA V 2 89.14 -58.62 69.03
C ALA V 2 88.04 -59.65 69.19
N HIS V 3 87.24 -59.56 70.26
CA HIS V 3 86.13 -60.49 70.46
C HIS V 3 85.05 -60.29 69.40
N LEU V 4 84.82 -59.04 68.99
CA LEU V 4 83.87 -58.76 67.93
C LEU V 4 84.31 -59.40 66.61
N ALA V 5 85.60 -59.31 66.29
CA ALA V 5 86.12 -59.94 65.08
C ALA V 5 86.10 -61.46 65.20
N ARG V 6 86.34 -61.99 66.39
CA ARG V 6 86.28 -63.44 66.60
C ARG V 6 84.88 -63.97 66.39
N ARG V 7 83.87 -63.27 66.90
CA ARG V 7 82.49 -63.70 66.73
C ARG V 7 81.99 -63.47 65.32
N TYR V 8 82.37 -62.38 64.69
CA TYR V 8 81.79 -61.98 63.42
C TYR V 8 82.49 -62.61 62.22
N LEU V 9 83.82 -62.68 62.25
CA LEU V 9 84.58 -63.22 61.13
C LEU V 9 84.96 -64.69 61.31
N GLY V 10 85.02 -65.17 62.55
CA GLY V 10 85.31 -66.57 62.79
C GLY V 10 84.06 -67.40 62.88
N ASP V 11 83.78 -67.93 64.08
CA ASP V 11 82.52 -68.63 64.34
C ASP V 11 81.95 -68.20 65.68
N ALA V 12 80.63 -68.33 65.80
CA ALA V 12 79.91 -67.88 66.98
C ALA V 12 79.59 -69.01 67.94
N SER V 13 80.11 -70.22 67.69
CA SER V 13 79.82 -71.34 68.57
C SER V 13 80.52 -71.19 69.92
N VAL V 14 81.67 -70.53 69.95
CA VAL V 14 82.44 -70.35 71.17
C VAL V 14 82.22 -68.98 71.80
N GLU V 15 82.06 -67.94 70.98
CA GLU V 15 81.94 -66.59 71.50
C GLU V 15 80.57 -66.38 72.12
N PRO V 16 80.48 -65.99 73.39
CA PRO V 16 79.17 -65.79 74.03
C PRO V 16 78.51 -64.50 73.55
N GLU V 17 77.22 -64.57 73.30
CA GLU V 17 76.45 -63.38 72.96
C GLU V 17 76.10 -62.59 74.22
N PRO V 18 75.95 -61.28 74.10
CA PRO V 18 75.58 -60.46 75.27
C PRO V 18 74.10 -60.28 75.49
N LEU V 19 73.24 -60.90 74.67
CA LEU V 19 71.80 -60.74 74.82
C LEU V 19 71.30 -61.42 76.08
N ARG V 20 71.46 -62.73 76.16
CA ARG V 20 71.11 -63.51 77.34
C ARG V 20 72.36 -64.14 77.94
N MET V 21 72.48 -64.03 79.26
CA MET V 21 73.62 -64.53 80.03
C MET V 21 73.20 -64.68 81.48
N PRO V 22 73.67 -65.70 82.20
CA PRO V 22 74.48 -66.81 81.67
C PRO V 22 73.63 -67.93 81.09
N THR V 23 74.21 -68.73 80.20
CA THR V 23 73.57 -69.94 79.71
C THR V 23 73.97 -71.17 80.52
N PHE V 24 74.55 -70.97 81.70
CA PHE V 24 75.07 -72.02 82.55
C PHE V 24 74.62 -71.77 83.99
N PRO V 25 74.44 -72.81 84.78
CA PRO V 25 74.11 -72.60 86.19
C PRO V 25 75.33 -72.16 86.97
N PRO V 26 75.15 -71.26 87.95
CA PRO V 26 76.30 -70.80 88.74
C PRO V 26 76.91 -71.86 89.64
N ASP V 27 76.20 -72.94 89.91
CA ASP V 27 76.75 -74.04 90.71
C ASP V 27 77.52 -75.04 89.86
N TYR V 28 77.65 -74.80 88.56
CA TYR V 28 78.40 -75.67 87.66
C TYR V 28 79.86 -75.25 87.69
N GLY V 29 80.71 -76.08 88.26
CA GLY V 29 82.12 -75.79 88.39
C GLY V 29 82.49 -74.90 89.56
N PHE V 30 81.53 -74.48 90.37
CA PHE V 30 81.78 -73.63 91.53
C PHE V 30 81.12 -74.24 92.76
N PRO V 31 81.83 -75.11 93.48
CA PRO V 31 81.31 -75.61 94.76
C PRO V 31 81.34 -74.51 95.81
N GLU V 32 80.18 -74.28 96.44
CA GLU V 32 79.99 -73.29 97.51
C GLU V 32 80.38 -71.88 97.05
N ARG V 33 79.66 -71.41 96.04
CA ARG V 33 79.81 -70.04 95.55
C ARG V 33 78.82 -69.15 96.28
N LYS V 34 79.32 -68.08 96.91
CA LYS V 34 78.50 -67.21 97.72
C LYS V 34 78.11 -65.95 96.96
N GLU V 35 76.93 -65.43 97.27
CA GLU V 35 76.33 -64.33 96.55
C GLU V 35 76.80 -62.99 97.09
N ARG V 36 76.71 -61.97 96.24
CA ARG V 36 77.05 -60.60 96.63
C ARG V 36 75.99 -60.06 97.60
N GLU V 37 76.45 -59.32 98.60
CA GLU V 37 75.59 -58.83 99.67
C GLU V 37 75.61 -57.31 99.69
N MET V 38 74.43 -56.70 99.71
CA MET V 38 74.33 -55.25 99.80
C MET V 38 74.65 -54.76 101.20
N VAL V 39 75.05 -53.49 101.27
CA VAL V 39 75.27 -52.82 102.55
C VAL V 39 74.05 -51.96 102.84
N ALA V 40 73.37 -51.52 101.80
CA ALA V 40 72.25 -50.59 101.91
C ALA V 40 70.94 -51.35 101.93
N THR V 41 70.15 -51.12 102.97
CA THR V 41 68.78 -51.60 102.97
C THR V 41 67.95 -50.80 101.96
N GLN V 42 66.87 -51.42 101.50
CA GLN V 42 66.06 -50.79 100.46
C GLN V 42 65.31 -49.57 100.97
N GLN V 43 65.02 -49.51 102.27
CA GLN V 43 64.26 -48.38 102.80
C GLN V 43 65.10 -47.11 102.83
N GLU V 44 66.34 -47.19 103.33
CA GLU V 44 67.19 -46.00 103.41
C GLU V 44 67.62 -45.54 102.03
N MET V 45 67.83 -46.47 101.10
CA MET V 45 68.19 -46.12 99.74
C MET V 45 66.97 -45.63 98.95
N ASN V 46 65.77 -46.04 99.35
CA ASN V 46 64.54 -45.47 98.80
C ASN V 46 64.33 -44.04 99.27
N ASP V 47 64.58 -43.77 100.55
CA ASP V 47 64.47 -42.41 101.04
C ASP V 47 65.57 -41.49 100.52
N ALA V 48 66.67 -42.05 100.01
CA ALA V 48 67.72 -41.25 99.40
C ALA V 48 67.40 -40.89 97.95
N GLN V 49 66.31 -41.43 97.39
CA GLN V 49 65.81 -41.09 96.06
C GLN V 49 66.86 -41.32 94.98
N LEU V 50 67.49 -42.49 95.02
CA LEU V 50 68.48 -42.83 94.00
C LEU V 50 67.79 -43.17 92.69
N VAL V 51 68.51 -42.96 91.60
CA VAL V 51 68.04 -43.35 90.28
C VAL V 51 67.96 -44.87 90.22
N LEU V 52 66.92 -45.39 89.54
CA LEU V 52 66.75 -46.84 89.41
C LEU V 52 67.93 -47.48 88.69
N GLN V 53 68.56 -46.75 87.76
CA GLN V 53 69.81 -47.22 87.17
C GLN V 53 70.94 -47.18 88.20
N GLN V 54 70.95 -46.17 89.06
CA GLN V 54 71.96 -46.03 90.11
C GLN V 54 71.67 -46.90 91.33
N ARG V 55 70.55 -47.61 91.34
CA ARG V 55 70.17 -48.48 92.46
C ARG V 55 70.83 -49.86 92.32
N ASP V 56 72.13 -49.88 92.09
CA ASP V 56 72.88 -51.09 91.82
C ASP V 56 73.51 -51.63 93.11
N TYR V 57 74.45 -52.57 92.96
CA TYR V 57 75.03 -53.28 94.09
C TYR V 57 76.05 -52.46 94.87
N CYS V 58 76.42 -51.28 94.39
CA CYS V 58 77.41 -50.47 95.10
C CYS V 58 76.88 -49.08 95.40
N ALA V 59 75.67 -49.00 95.96
CA ALA V 59 75.05 -47.72 96.26
C ALA V 59 75.51 -47.12 97.59
N HIS V 60 76.30 -47.86 98.37
CA HIS V 60 76.72 -47.35 99.68
C HIS V 60 77.67 -46.15 99.54
N TYR V 61 78.70 -46.28 98.70
CA TYR V 61 79.58 -45.15 98.46
C TYR V 61 78.87 -44.04 97.69
N LEU V 62 77.85 -44.37 96.90
CA LEU V 62 77.05 -43.34 96.27
C LEU V 62 76.29 -42.51 97.30
N ILE V 63 75.71 -43.17 98.30
CA ILE V 63 75.02 -42.46 99.37
C ILE V 63 76.00 -41.61 100.18
N ARG V 64 77.19 -42.16 100.44
CA ARG V 64 78.22 -41.41 101.15
C ARG V 64 78.65 -40.17 100.36
N PHE V 65 78.81 -40.31 99.04
CA PHE V 65 79.20 -39.19 98.18
C PHE V 65 78.11 -38.13 98.13
N LEU V 66 76.85 -38.56 98.05
CA LEU V 66 75.76 -37.58 98.04
C LEU V 66 75.64 -36.84 99.36
N LYS V 67 75.87 -37.54 100.48
CA LYS V 67 75.89 -36.87 101.77
C LYS V 67 77.04 -35.87 101.87
N CYS V 68 78.22 -36.23 101.34
CA CYS V 68 79.33 -35.29 101.28
C CYS V 68 78.99 -34.07 100.44
N LYS V 69 78.35 -34.29 99.29
CA LYS V 69 78.01 -33.18 98.40
C LYS V 69 76.99 -32.25 99.03
N ARG V 70 76.04 -32.82 99.78
CA ARG V 70 75.04 -31.99 100.45
C ARG V 70 75.63 -31.27 101.66
N ASP V 71 76.61 -31.86 102.34
CA ASP V 71 77.10 -31.30 103.59
C ASP V 71 78.27 -30.32 103.41
N SER V 72 78.93 -30.32 102.25
CA SER V 72 80.11 -29.50 102.05
C SER V 72 79.84 -28.23 101.26
N PHE V 73 78.58 -27.86 101.06
CA PHE V 73 78.25 -26.63 100.36
C PHE V 73 78.70 -25.43 101.18
N PRO V 74 79.24 -24.37 100.54
CA PRO V 74 79.48 -24.16 99.11
C PRO V 74 80.84 -24.64 98.62
N ASN V 75 81.62 -25.28 99.49
CA ASN V 75 82.95 -25.76 99.13
C ASN V 75 82.75 -27.01 98.27
N PHE V 76 82.63 -26.79 96.96
CA PHE V 76 82.14 -27.79 96.03
C PHE V 76 83.23 -28.68 95.44
N LEU V 77 84.47 -28.53 95.87
CA LEU V 77 85.57 -29.26 95.24
C LEU V 77 86.33 -30.18 96.20
N ALA V 78 85.80 -30.41 97.40
CA ALA V 78 86.53 -31.25 98.35
C ALA V 78 85.72 -32.47 98.79
N CYS V 79 85.11 -33.17 97.85
CA CYS V 79 84.52 -34.47 98.11
C CYS V 79 85.07 -35.51 97.14
N LYS V 80 86.36 -35.39 96.81
CA LYS V 80 86.96 -36.25 95.81
C LYS V 80 87.20 -37.66 96.32
N HIS V 81 87.44 -37.80 97.63
CA HIS V 81 87.72 -39.12 98.20
C HIS V 81 86.52 -40.04 98.11
N GLU V 82 85.33 -39.52 98.42
CA GLU V 82 84.12 -40.33 98.41
C GLU V 82 83.75 -40.77 97.00
N GLN V 83 83.85 -39.86 96.02
CA GLN V 83 83.57 -40.25 94.66
C GLN V 83 84.65 -41.17 94.10
N HIS V 84 85.89 -41.04 94.58
CA HIS V 84 86.94 -41.99 94.20
C HIS V 84 86.62 -43.38 94.72
N ASP V 85 86.11 -43.48 95.96
CA ASP V 85 85.66 -44.76 96.49
C ASP V 85 84.51 -45.32 95.66
N TRP V 86 83.57 -44.45 95.25
CA TRP V 86 82.40 -44.91 94.52
C TRP V 86 82.77 -45.45 93.14
N ASP V 87 83.56 -44.71 92.37
CA ASP V 87 83.87 -45.22 91.04
C ASP V 87 84.93 -46.31 91.09
N TYR V 88 85.69 -46.42 92.20
CA TYR V 88 86.52 -47.61 92.40
C TYR V 88 85.66 -48.85 92.61
N CYS V 89 84.59 -48.73 93.40
CA CYS V 89 83.68 -49.86 93.56
C CYS V 89 82.98 -50.22 92.25
N GLU V 90 82.62 -49.20 91.47
CA GLU V 90 82.02 -49.47 90.16
C GLU V 90 83.02 -50.11 89.21
N HIS V 91 84.30 -49.74 89.31
CA HIS V 91 85.33 -50.42 88.54
C HIS V 91 85.46 -51.88 88.95
N LEU V 92 85.37 -52.16 90.24
CA LEU V 92 85.41 -53.54 90.71
C LEU V 92 84.22 -54.35 90.20
N ASP V 93 83.03 -53.72 90.17
CA ASP V 93 81.86 -54.39 89.61
C ASP V 93 82.03 -54.65 88.12
N TYR V 94 82.62 -53.71 87.39
CA TYR V 94 82.90 -53.93 85.97
C TYR V 94 83.89 -55.07 85.78
N VAL V 95 84.88 -55.17 86.67
CA VAL V 95 85.84 -56.28 86.64
C VAL V 95 85.11 -57.60 86.87
N LYS V 96 84.16 -57.63 87.80
CA LYS V 96 83.36 -58.83 88.02
C LYS V 96 82.54 -59.20 86.79
N ARG V 97 81.99 -58.19 86.10
CA ARG V 97 81.21 -58.44 84.89
C ARG V 97 82.05 -59.03 83.78
N MET V 98 83.27 -58.49 83.56
CA MET V 98 84.10 -59.07 82.50
C MET V 98 84.67 -60.42 82.92
N LYS V 99 84.82 -60.66 84.23
CA LYS V 99 85.17 -62.00 84.70
C LYS V 99 84.08 -63.00 84.38
N GLU V 100 82.81 -62.60 84.58
CA GLU V 100 81.69 -63.48 84.22
C GLU V 100 81.62 -63.72 82.72
N PHE V 101 81.94 -62.69 81.93
CA PHE V 101 81.99 -62.85 80.47
C PHE V 101 83.07 -63.85 80.07
N GLU V 102 84.25 -63.76 80.70
CA GLU V 102 85.32 -64.70 80.38
C GLU V 102 84.98 -66.12 80.85
N ARG V 103 84.28 -66.24 81.99
CA ARG V 103 83.84 -67.55 82.45
C ARG V 103 82.86 -68.18 81.45
N GLU V 104 81.93 -67.38 80.93
CA GLU V 104 80.99 -67.89 79.93
C GLU V 104 81.71 -68.29 78.65
N ARG V 105 82.68 -67.48 78.23
CA ARG V 105 83.44 -67.79 77.02
C ARG V 105 84.23 -69.08 77.17
N ARG V 106 84.86 -69.27 78.33
CA ARG V 106 85.65 -70.49 78.55
C ARG V 106 84.76 -71.72 78.69
N LEU V 107 83.58 -71.57 79.29
CA LEU V 107 82.65 -72.68 79.37
C LEU V 107 82.12 -73.07 77.98
N LEU V 108 81.87 -72.08 77.12
CA LEU V 108 81.45 -72.40 75.76
C LEU V 108 82.57 -73.03 74.96
N GLN V 109 83.81 -72.60 75.19
CA GLN V 109 84.97 -73.24 74.56
C GLN V 109 85.11 -74.69 75.01
N ARG V 110 84.89 -74.95 76.29
CA ARG V 110 84.92 -76.33 76.80
C ARG V 110 83.79 -77.15 76.21
N LYS V 111 82.61 -76.55 76.01
CA LYS V 111 81.50 -77.24 75.35
C LYS V 111 81.87 -77.65 73.93
N LYS V 112 82.47 -76.73 73.18
CA LYS V 112 82.88 -77.03 71.81
C LYS V 112 83.93 -78.12 71.77
N ARG V 113 84.92 -78.05 72.66
CA ARG V 113 85.97 -79.07 72.72
C ARG V 113 85.41 -80.43 73.09
N ARG V 114 84.51 -80.47 74.08
CA ARG V 114 83.92 -81.74 74.50
C ARG V 114 83.03 -82.33 73.42
N GLU V 115 82.25 -81.50 72.72
CA GLU V 115 81.36 -82.03 71.70
C GLU V 115 82.14 -82.52 70.48
N GLN V 116 83.24 -81.84 70.12
CA GLN V 116 84.03 -82.34 69.00
C GLN V 116 84.79 -83.60 69.39
N ARG V 117 85.23 -83.69 70.65
CA ARG V 117 85.89 -84.89 71.14
C ARG V 117 84.93 -86.09 71.16
N GLU V 118 83.69 -85.87 71.58
CA GLU V 118 82.71 -86.94 71.61
C GLU V 118 82.23 -87.32 70.20
N ALA V 119 82.21 -86.36 69.28
CA ALA V 119 81.86 -86.68 67.90
C ALA V 119 82.95 -87.50 67.23
N ASP V 120 84.22 -87.17 67.50
CA ASP V 120 85.32 -87.92 66.90
C ASP V 120 85.51 -89.28 67.55
N MET V 121 85.29 -89.39 68.86
CA MET V 121 85.49 -90.65 69.57
C MET V 121 84.47 -91.70 69.13
N ALA V 122 83.22 -91.29 68.96
CA ALA V 122 82.17 -92.20 68.54
C ALA V 122 81.75 -91.91 67.10
N ALA W 1 74.03 -9.71 25.31
CA ALA W 1 72.85 -9.89 24.48
C ALA W 1 71.69 -9.06 24.99
N PHE W 2 71.93 -8.35 26.10
CA PHE W 2 70.90 -7.50 26.71
C PHE W 2 71.63 -6.27 27.26
N LEU W 3 71.70 -5.23 26.44
CA LEU W 3 72.42 -4.01 26.78
C LEU W 3 71.57 -2.79 26.46
N PRO W 4 71.71 -1.71 27.24
CA PRO W 4 70.98 -0.48 26.92
C PRO W 4 71.64 0.37 25.85
N SER W 5 72.92 0.16 25.57
CA SER W 5 73.66 0.97 24.62
C SER W 5 73.78 0.32 23.25
N ALA W 6 74.04 -0.99 23.20
CA ALA W 6 74.19 -1.72 21.95
C ALA W 6 73.17 -2.85 21.89
N ALA W 7 72.78 -3.21 20.67
CA ALA W 7 71.83 -4.30 20.49
C ALA W 7 72.45 -5.66 20.73
N TYR W 8 73.77 -5.79 20.57
CA TYR W 8 74.42 -7.09 20.59
C TYR W 8 75.82 -6.93 21.18
N LEU W 9 76.53 -8.05 21.27
CA LEU W 9 77.88 -8.09 21.80
C LEU W 9 78.85 -8.51 20.69
N THR W 10 79.89 -7.71 20.49
CA THR W 10 80.89 -8.02 19.48
C THR W 10 81.85 -9.09 19.99
N HIS W 11 82.67 -9.61 19.06
CA HIS W 11 83.59 -10.69 19.39
C HIS W 11 84.65 -10.25 20.38
N GLN W 12 85.18 -9.04 20.23
CA GLN W 12 86.17 -8.53 21.15
C GLN W 12 85.59 -8.34 22.54
N GLN W 13 84.33 -7.90 22.62
CA GLN W 13 83.67 -7.76 23.91
C GLN W 13 83.50 -9.11 24.60
N LYS W 14 83.14 -10.15 23.83
CA LYS W 14 83.03 -11.49 24.39
C LYS W 14 84.37 -11.99 24.90
N VAL W 15 85.45 -11.73 24.15
CA VAL W 15 86.77 -12.16 24.58
C VAL W 15 87.20 -11.43 25.85
N LEU W 16 86.91 -10.12 25.94
CA LEU W 16 87.27 -9.36 27.13
C LEU W 16 86.46 -9.80 28.35
N GLN W 17 85.16 -10.08 28.18
CA GLN W 17 84.35 -10.59 29.28
C GLN W 17 84.84 -11.96 29.74
N LEU W 18 85.22 -12.82 28.78
CA LEU W 18 85.79 -14.11 29.13
C LEU W 18 87.08 -13.97 29.90
N TYR W 19 87.94 -13.03 29.50
CA TYR W 19 89.19 -12.80 30.22
C TYR W 19 88.92 -12.31 31.64
N LYS W 20 87.95 -11.41 31.79
CA LYS W 20 87.58 -10.91 33.11
C LYS W 20 87.10 -12.03 34.04
N ARG W 21 86.13 -12.82 33.57
CA ARG W 21 85.57 -13.85 34.43
C ARG W 21 86.57 -14.98 34.67
N ALA W 22 87.43 -15.28 33.70
CA ALA W 22 88.45 -16.31 33.90
C ALA W 22 89.49 -15.86 34.91
N LEU W 23 89.90 -14.59 34.86
CA LEU W 23 90.85 -14.08 35.85
C LEU W 23 90.23 -14.05 37.24
N ARG W 24 88.94 -13.69 37.33
CA ARG W 24 88.27 -13.68 38.64
C ARG W 24 88.16 -15.10 39.21
N HIS W 25 87.80 -16.07 38.38
CA HIS W 25 87.70 -17.45 38.86
C HIS W 25 89.06 -18.01 39.23
N LEU W 26 90.09 -17.66 38.46
CA LEU W 26 91.44 -18.10 38.80
C LEU W 26 91.90 -17.49 40.13
N GLU W 27 91.55 -16.22 40.37
CA GLU W 27 91.85 -15.60 41.66
C GLU W 27 91.11 -16.31 42.78
N SER W 28 89.91 -16.78 42.51
CA SER W 28 89.16 -17.57 43.50
C SER W 28 89.86 -18.89 43.80
N ARG W 29 90.35 -19.59 42.78
CA ARG W 29 91.03 -20.87 43.01
C ARG W 29 92.41 -20.70 43.64
N CYS W 30 93.03 -19.54 43.48
CA CYS W 30 94.44 -19.34 43.79
C CYS W 30 94.61 -18.27 44.87
N VAL W 31 93.93 -18.46 46.00
CA VAL W 31 93.78 -17.51 47.11
C VAL W 31 95.05 -16.73 47.48
N HIS W 32 96.21 -17.40 47.50
CA HIS W 32 97.45 -16.70 47.81
C HIS W 32 97.91 -15.86 46.63
N ARG W 33 98.46 -14.68 46.93
CA ARG W 33 98.61 -13.65 45.91
C ARG W 33 99.73 -13.98 44.91
N ASP W 34 100.84 -14.55 45.38
CA ASP W 34 101.96 -14.85 44.49
C ASP W 34 101.60 -15.97 43.51
N LYS W 35 100.92 -17.00 43.99
CA LYS W 35 100.44 -18.07 43.13
C LYS W 35 99.46 -17.54 42.09
N TYR W 36 98.57 -16.64 42.52
CA TYR W 36 97.65 -16.00 41.60
C TYR W 36 98.41 -15.18 40.56
N ARG W 37 99.50 -14.52 40.96
CA ARG W 37 100.27 -13.75 39.99
C ARG W 37 100.94 -14.65 38.95
N TYR W 38 101.47 -15.79 39.40
CA TYR W 38 102.06 -16.75 38.48
C TYR W 38 101.04 -17.22 37.45
N PHE W 39 99.88 -17.67 37.91
CA PHE W 39 98.92 -18.22 36.97
C PHE W 39 98.17 -17.14 36.20
N ALA W 40 98.12 -15.91 36.71
CA ALA W 40 97.55 -14.80 35.95
C ALA W 40 98.47 -14.38 34.82
N CYS W 41 99.79 -14.38 35.06
CA CYS W 41 100.71 -14.13 33.96
C CYS W 41 100.70 -15.26 32.95
N LEU W 42 100.51 -16.50 33.41
CA LEU W 42 100.36 -17.62 32.49
C LEU W 42 99.11 -17.47 31.63
N LEU W 43 97.99 -17.05 32.23
CA LEU W 43 96.77 -16.83 31.47
C LEU W 43 96.91 -15.64 30.51
N ARG W 44 97.65 -14.61 30.92
CA ARG W 44 97.91 -13.47 30.04
C ARG W 44 98.74 -13.90 28.83
N ALA W 45 99.74 -14.75 29.05
CA ALA W 45 100.52 -15.29 27.94
C ALA W 45 99.66 -16.16 27.03
N ARG W 46 98.77 -16.97 27.60
CA ARG W 46 97.91 -17.82 26.80
C ARG W 46 96.91 -17.00 25.99
N PHE W 47 96.45 -15.87 26.52
CA PHE W 47 95.59 -14.98 25.74
C PHE W 47 96.36 -14.19 24.70
N ASP W 48 97.63 -13.87 24.97
CA ASP W 48 98.44 -13.11 24.05
C ASP W 48 99.01 -13.96 22.92
N GLU W 49 99.02 -15.29 23.07
CA GLU W 49 99.54 -16.15 22.02
C GLU W 49 98.69 -16.09 20.77
N HIS W 50 97.37 -16.04 20.91
CA HIS W 50 96.45 -15.99 19.78
C HIS W 50 95.85 -14.60 19.59
N LYS W 51 96.61 -13.55 19.94
CA LYS W 51 96.09 -12.20 19.83
C LYS W 51 95.98 -11.76 18.37
N ASN W 52 97.02 -12.01 17.59
CA ASN W 52 97.04 -11.56 16.19
C ASN W 52 96.51 -12.67 15.28
N GLU W 53 95.20 -12.90 15.40
CA GLU W 53 94.49 -13.85 14.57
C GLU W 53 93.55 -13.10 13.63
N LYS W 54 93.66 -13.37 12.33
CA LYS W 54 92.89 -12.65 11.33
C LYS W 54 91.72 -13.45 10.77
N ASP W 55 91.79 -14.77 10.80
CA ASP W 55 90.65 -15.59 10.37
C ASP W 55 89.57 -15.55 11.43
N MET W 56 88.40 -15.02 11.06
CA MET W 56 87.34 -14.79 12.04
C MET W 56 86.75 -16.11 12.57
N VAL W 57 86.62 -17.10 11.69
CA VAL W 57 86.03 -18.37 12.12
C VAL W 57 86.98 -19.13 13.03
N LYS W 58 88.30 -18.96 12.85
CA LYS W 58 89.26 -19.58 13.76
C LYS W 58 89.20 -18.92 15.14
N ALA W 59 89.06 -17.59 15.16
CA ALA W 59 88.90 -16.88 16.43
C ALA W 59 87.62 -17.28 17.13
N THR W 60 86.54 -17.47 16.38
CA THR W 60 85.28 -17.91 16.98
C THR W 60 85.38 -19.32 17.54
N GLN W 61 86.06 -20.22 16.81
CA GLN W 61 86.25 -21.58 17.32
C GLN W 61 87.11 -21.59 18.58
N LEU W 62 88.16 -20.76 18.61
CA LEU W 62 88.98 -20.62 19.80
C LEU W 62 88.18 -20.06 20.97
N LEU W 63 87.29 -19.11 20.69
CA LEU W 63 86.43 -18.55 21.74
C LEU W 63 85.49 -19.60 22.31
N ARG W 64 84.90 -20.42 21.45
CA ARG W 64 83.99 -21.47 21.93
C ARG W 64 84.74 -22.53 22.74
N GLU W 65 85.95 -22.90 22.30
CA GLU W 65 86.75 -23.86 23.06
C GLU W 65 87.20 -23.28 24.39
N ALA W 66 87.49 -21.97 24.42
CA ALA W 66 87.87 -21.34 25.68
C ALA W 66 86.67 -21.24 26.63
N GLU W 67 85.47 -21.02 26.09
CA GLU W 67 84.27 -21.08 26.91
C GLU W 67 84.05 -22.46 27.52
N LYS W 68 84.28 -23.51 26.72
CA LYS W 68 84.17 -24.87 27.27
C LYS W 68 85.22 -25.12 28.34
N GLU W 69 86.45 -24.63 28.12
CA GLU W 69 87.50 -24.73 29.13
C GLU W 69 87.11 -24.03 30.42
N PHE W 70 86.58 -22.81 30.31
CA PHE W 70 86.22 -22.04 31.50
C PHE W 70 85.08 -22.71 32.25
N TRP W 71 84.06 -23.21 31.53
CA TRP W 71 82.95 -23.86 32.19
C TRP W 71 83.38 -25.16 32.86
N HIS W 72 84.36 -25.86 32.29
CA HIS W 72 84.92 -27.00 33.00
C HIS W 72 85.72 -26.56 34.22
N GLY W 73 86.33 -25.38 34.17
CA GLY W 73 87.19 -24.95 35.26
C GLY W 73 86.66 -23.84 36.14
N GLN W 74 85.37 -23.87 36.48
CA GLN W 74 84.82 -22.88 37.39
C GLN W 74 85.08 -23.27 38.84
N HIS W 75 85.11 -22.25 39.69
CA HIS W 75 84.93 -22.48 41.13
C HIS W 75 83.44 -22.70 41.40
N PRO W 76 83.08 -23.76 42.15
CA PRO W 76 81.66 -23.94 42.51
C PRO W 76 81.07 -22.77 43.28
N GLN W 77 81.84 -22.10 44.13
CA GLN W 77 81.44 -20.84 44.73
C GLN W 77 82.57 -19.83 44.56
N PRO W 78 82.51 -18.99 43.53
CA PRO W 78 83.57 -18.00 43.32
C PRO W 78 83.42 -16.84 44.30
N TYR W 79 84.45 -16.01 44.33
CA TYR W 79 84.41 -14.83 45.19
C TYR W 79 83.51 -13.77 44.57
N ILE W 80 82.57 -13.27 45.36
CA ILE W 80 81.72 -12.16 44.97
C ILE W 80 81.99 -11.02 45.94
N PHE W 81 82.15 -9.81 45.40
CA PHE W 81 82.26 -8.63 46.24
C PHE W 81 80.96 -8.43 47.03
N PRO W 82 81.04 -7.89 48.24
CA PRO W 82 79.86 -7.86 49.12
C PRO W 82 78.67 -7.08 48.57
N GLU W 83 78.90 -6.06 47.74
CA GLU W 83 77.81 -5.27 47.19
C GLU W 83 77.40 -5.68 45.79
N SER W 84 78.14 -6.55 45.13
CA SER W 84 77.75 -7.06 43.83
C SER W 84 76.60 -8.06 43.99
N PRO W 85 75.81 -8.29 42.93
CA PRO W 85 74.74 -9.29 43.01
C PRO W 85 75.25 -10.68 43.35
N GLY W 86 74.53 -11.36 44.24
CA GLY W 86 74.98 -12.61 44.80
C GLY W 86 75.88 -12.47 46.00
N GLY W 87 76.26 -11.25 46.37
CA GLY W 87 77.15 -11.02 47.49
C GLY W 87 76.45 -11.12 48.83
N THR W 88 77.25 -11.00 49.89
CA THR W 88 76.72 -11.17 51.24
C THR W 88 75.83 -9.99 51.65
N SER W 89 76.18 -8.77 51.23
CA SER W 89 75.44 -7.59 51.62
C SER W 89 74.85 -6.87 50.40
N TYR W 90 74.57 -7.60 49.34
CA TYR W 90 73.88 -7.03 48.19
C TYR W 90 72.46 -6.65 48.58
N GLU W 91 72.03 -5.48 48.08
CA GLU W 91 70.75 -4.81 48.36
C GLU W 91 70.31 -4.90 49.82
N ARG W 92 71.28 -4.74 50.74
CA ARG W 92 70.98 -4.81 52.16
C ARG W 92 70.27 -3.56 52.65
N TYR W 93 70.69 -2.39 52.17
CA TYR W 93 70.20 -1.11 52.67
C TYR W 93 69.01 -0.59 51.86
N GLU W 94 68.40 -1.42 51.01
CA GLU W 94 67.26 -0.99 50.22
C GLU W 94 66.02 -0.73 51.06
N CYS W 95 65.99 -1.19 52.31
CA CYS W 95 64.92 -0.82 53.22
C CYS W 95 65.05 0.63 53.68
N TYR W 96 66.24 1.21 53.61
CA TYR W 96 66.47 2.58 54.06
C TYR W 96 66.32 3.61 52.95
N LYS W 97 66.13 3.17 51.71
CA LYS W 97 66.09 4.10 50.56
C LYS W 97 64.65 4.57 50.37
N VAL W 98 64.27 5.53 51.19
CA VAL W 98 62.95 6.15 51.10
C VAL W 98 62.96 7.18 49.98
N PRO W 99 62.03 7.12 49.03
CA PRO W 99 61.98 8.13 47.98
C PRO W 99 61.60 9.49 48.53
N GLU W 100 62.02 10.53 47.82
CA GLU W 100 61.93 11.88 48.35
C GLU W 100 60.52 12.45 48.34
N TRP W 101 59.61 11.89 47.53
CA TRP W 101 58.25 12.43 47.47
C TRP W 101 57.48 12.23 48.76
N CYS W 102 57.92 11.30 49.62
CA CYS W 102 57.36 11.17 50.95
C CYS W 102 57.52 12.44 51.76
N LEU W 103 58.57 13.23 51.48
CA LEU W 103 58.75 14.51 52.12
C LEU W 103 57.63 15.50 51.80
N ASP W 104 56.90 15.27 50.70
CA ASP W 104 55.73 16.09 50.41
C ASP W 104 54.57 15.81 51.37
N ASP W 105 54.55 14.63 51.99
CA ASP W 105 53.48 14.25 52.90
C ASP W 105 53.79 14.57 54.34
N TRP W 106 54.90 15.25 54.61
CA TRP W 106 55.27 15.59 55.98
C TRP W 106 54.32 16.62 56.55
N HIS W 107 54.07 16.50 57.85
CA HIS W 107 53.24 17.47 58.54
C HIS W 107 53.97 18.81 58.65
N PRO W 108 53.23 19.92 58.66
CA PRO W 108 53.88 21.22 58.88
C PRO W 108 54.59 21.35 60.22
N SER W 109 54.18 20.60 61.24
CA SER W 109 54.86 20.67 62.53
C SER W 109 56.28 20.10 62.45
N GLU W 110 56.46 19.00 61.73
CA GLU W 110 57.79 18.44 61.53
C GLU W 110 58.51 19.05 60.34
N LYS W 111 57.79 19.77 59.47
CA LYS W 111 58.45 20.55 58.43
C LYS W 111 59.10 21.81 58.99
N ALA W 112 58.65 22.27 60.15
CA ALA W 112 59.23 23.48 60.75
C ALA W 112 60.59 23.23 61.36
N MET W 113 60.96 21.97 61.58
CA MET W 113 62.28 21.66 62.13
C MET W 113 63.40 21.83 61.12
N TYR W 114 63.08 21.82 59.82
CA TYR W 114 64.07 21.97 58.75
C TYR W 114 63.59 23.02 57.77
N PRO W 115 63.76 24.31 58.12
CA PRO W 115 63.27 25.38 57.22
C PRO W 115 64.10 25.52 55.94
N ASP W 116 65.43 25.56 56.08
CA ASP W 116 66.29 25.80 54.93
C ASP W 116 66.28 24.63 53.96
N TYR W 117 66.21 23.40 54.48
CA TYR W 117 66.14 22.23 53.62
C TYR W 117 64.87 22.24 52.79
N PHE W 118 63.75 22.60 53.38
CA PHE W 118 62.50 22.62 52.61
C PHE W 118 62.42 23.81 51.67
N ALA W 119 63.08 24.92 52.01
CA ALA W 119 63.21 26.01 51.03
C ALA W 119 64.02 25.56 49.82
N LYS W 120 65.12 24.85 50.06
CA LYS W 120 65.92 24.31 48.95
C LYS W 120 65.13 23.28 48.14
N ARG W 121 64.33 22.46 48.83
CA ARG W 121 63.47 21.49 48.14
C ARG W 121 62.44 22.19 47.27
N GLU W 122 61.87 23.28 47.77
CA GLU W 122 60.90 24.04 46.99
C GLU W 122 61.55 24.65 45.75
N GLN W 123 62.77 25.18 45.89
CA GLN W 123 63.43 25.75 44.72
C GLN W 123 63.85 24.66 43.73
N TRP W 124 64.16 23.45 44.22
CA TRP W 124 64.48 22.34 43.33
C TRP W 124 63.24 21.90 42.55
N LYS W 125 62.09 21.80 43.22
CA LYS W 125 60.84 21.46 42.53
C LYS W 125 60.46 22.53 41.53
N LYS W 126 60.70 23.80 41.87
CA LYS W 126 60.46 24.90 40.95
C LYS W 126 61.33 24.79 39.70
N LEU W 127 62.61 24.43 39.89
CA LEU W 127 63.50 24.23 38.75
C LEU W 127 63.03 23.08 37.87
N ARG W 128 62.58 21.98 38.49
CA ARG W 128 62.11 20.83 37.72
C ARG W 128 60.87 21.18 36.90
N ARG W 129 59.90 21.84 37.52
CA ARG W 129 58.68 22.19 36.78
C ARG W 129 58.92 23.31 35.79
N GLU W 130 59.99 24.10 35.96
CA GLU W 130 60.35 25.07 34.93
C GLU W 130 61.03 24.43 33.72
N SER W 131 61.78 23.34 33.94
CA SER W 131 62.54 22.75 32.84
C SER W 131 61.86 21.55 32.17
N TRP W 132 60.76 21.04 32.74
CA TRP W 132 60.15 19.81 32.22
C TRP W 132 59.64 19.97 30.78
N GLU W 133 58.97 21.08 30.48
CA GLU W 133 58.43 21.26 29.13
C GLU W 133 59.54 21.48 28.12
N ARG W 134 60.63 22.14 28.51
CA ARG W 134 61.79 22.27 27.64
C ARG W 134 62.41 20.91 27.35
N GLU W 135 62.50 20.05 28.37
CA GLU W 135 63.05 18.72 28.17
C GLU W 135 62.20 17.89 27.22
N VAL W 136 60.88 17.92 27.40
CA VAL W 136 60.03 17.10 26.53
C VAL W 136 60.01 17.67 25.10
N LYS W 137 60.05 19.00 24.94
CA LYS W 137 60.07 19.56 23.60
C LYS W 137 61.41 19.32 22.91
N GLN W 138 62.49 19.14 23.69
CA GLN W 138 63.74 18.68 23.10
C GLN W 138 63.63 17.22 22.69
N LEU W 139 62.92 16.42 23.50
CA LEU W 139 62.80 14.99 23.21
C LEU W 139 62.00 14.73 21.93
N GLN W 140 60.97 15.53 21.65
CA GLN W 140 60.20 15.27 20.43
C GLN W 140 60.99 15.62 19.17
N GLU W 141 61.81 16.67 19.21
CA GLU W 141 62.48 17.14 18.01
C GLU W 141 63.82 16.46 17.75
N GLU W 142 64.31 15.63 18.68
CA GLU W 142 65.61 15.03 18.49
C GLU W 142 65.51 13.64 17.86
N THR W 143 64.63 12.80 18.37
CA THR W 143 64.55 11.43 17.92
C THR W 143 63.88 11.34 16.54
N PRO W 144 64.34 10.41 15.69
CA PRO W 144 63.68 10.21 14.39
C PRO W 144 62.29 9.62 14.52
N VAL W 145 61.60 9.49 13.38
CA VAL W 145 60.24 8.95 13.40
C VAL W 145 60.28 7.46 13.65
N GLY W 146 59.12 6.92 14.03
CA GLY W 146 59.01 5.51 14.33
C GLY W 146 59.54 5.08 15.67
N GLY W 147 59.84 6.03 16.56
CA GLY W 147 60.34 5.72 17.87
C GLY W 147 61.85 5.63 17.90
N PRO W 148 62.45 5.78 19.08
CA PRO W 148 63.91 5.69 19.20
C PRO W 148 64.39 4.27 18.97
N ARG W 149 65.50 4.15 18.26
CA ARG W 149 66.09 2.84 17.99
C ARG W 149 67.01 2.36 19.10
N THR W 150 67.40 3.24 20.02
CA THR W 150 68.27 2.89 21.13
C THR W 150 67.80 3.61 22.38
N GLU W 151 68.12 3.05 23.54
CA GLU W 151 67.69 3.60 24.82
C GLU W 151 68.51 4.79 25.28
N ALA W 152 69.56 5.16 24.54
CA ALA W 152 70.40 6.28 24.94
C ALA W 152 69.64 7.60 24.85
N LEU W 153 69.93 8.50 25.79
CA LEU W 153 69.22 9.76 25.90
C LEU W 153 70.12 10.94 25.49
N PRO W 154 69.57 11.96 24.86
CA PRO W 154 70.36 13.14 24.51
C PRO W 154 70.66 13.98 25.74
N PRO W 155 71.72 14.78 25.70
CA PRO W 155 72.02 15.69 26.81
C PRO W 155 71.30 17.01 26.64
N ALA W 156 71.62 17.95 27.54
CA ALA W 156 71.16 19.32 27.43
C ALA W 156 71.88 20.00 26.29
N ARG W 157 71.13 20.36 25.24
CA ARG W 157 71.74 20.92 24.05
C ARG W 157 72.03 22.42 24.21
N LYS W 158 70.99 23.20 24.50
CA LYS W 158 71.13 24.65 24.56
C LYS W 158 71.72 25.07 25.91
N GLN W 159 71.73 26.36 26.17
CA GLN W 159 72.28 26.92 27.39
C GLN W 159 71.15 27.37 28.31
N GLY W 160 71.34 27.17 29.61
CA GLY W 160 70.33 27.52 30.58
C GLY W 160 69.29 26.44 30.84
N ASP W 161 69.38 25.32 30.15
CA ASP W 161 68.45 24.21 30.32
C ASP W 161 69.14 22.98 30.89
N LEU W 162 68.34 21.97 31.20
CA LEU W 162 68.77 20.74 31.85
C LEU W 162 68.60 19.56 30.91
N PRO W 163 69.37 18.48 31.12
CA PRO W 163 69.20 17.30 30.27
C PRO W 163 67.83 16.69 30.46
N PRO W 164 67.27 16.08 29.41
CA PRO W 164 65.93 15.50 29.53
C PRO W 164 65.92 14.28 30.44
N LEU W 165 64.83 14.17 31.22
CA LEU W 165 64.58 13.05 32.13
C LEU W 165 65.72 12.88 33.15
N TRP W 166 65.91 13.93 33.95
CA TRP W 166 67.01 14.01 34.89
C TRP W 166 66.60 13.85 36.35
N TRP W 167 65.31 13.99 36.66
CA TRP W 167 64.88 14.13 38.05
C TRP W 167 65.10 12.85 38.85
N HIS W 168 64.81 11.71 38.25
CA HIS W 168 64.91 10.44 38.97
C HIS W 168 66.30 9.83 38.93
N ILE W 169 67.24 10.48 38.25
CA ILE W 169 68.63 10.05 38.28
C ILE W 169 69.51 11.01 39.07
N VAL W 170 69.01 12.21 39.39
CA VAL W 170 69.74 13.14 40.25
C VAL W 170 69.31 13.01 41.70
N THR W 171 68.00 12.91 41.93
CA THR W 171 67.45 12.83 43.28
C THR W 171 67.37 11.40 43.80
N ARG W 172 68.15 10.48 43.25
CA ARG W 172 68.11 9.10 43.71
C ARG W 172 68.74 8.99 45.10
N PRO W 173 68.27 8.05 45.93
CA PRO W 173 68.79 7.94 47.29
C PRO W 173 70.24 7.47 47.32
N ARG W 174 70.91 7.83 48.40
CA ARG W 174 72.31 7.47 48.58
C ARG W 174 72.44 5.98 48.87
N GLU W 175 73.68 5.48 48.73
CA GLU W 175 73.93 4.06 49.00
C GLU W 175 73.75 3.73 50.47
N ARG W 176 74.17 4.62 51.37
CA ARG W 176 74.08 4.40 52.81
C ARG W 176 73.41 5.60 53.46
N PRO W 177 72.06 5.67 53.41
CA PRO W 177 71.33 6.80 53.99
C PRO W 177 71.35 6.78 55.52
N ALA X 1 93.24 9.02 71.98
CA ALA X 1 92.14 9.24 71.04
C ALA X 1 91.84 7.98 70.24
N HIS X 2 91.09 8.16 69.15
CA HIS X 2 90.73 7.04 68.31
C HIS X 2 91.91 6.59 67.45
N ILE X 3 91.70 5.52 66.70
CA ILE X 3 92.74 4.94 65.86
C ILE X 3 92.54 5.42 64.43
N GLU X 4 93.51 6.17 63.92
CA GLU X 4 93.43 6.69 62.57
C GLU X 4 93.68 5.57 61.56
N PRO X 5 93.02 5.61 60.39
CA PRO X 5 93.17 4.51 59.42
C PRO X 5 94.45 4.69 58.61
N ARG X 6 95.33 3.70 58.68
CA ARG X 6 96.58 3.74 57.95
C ARG X 6 96.39 3.15 56.55
N TYR X 7 97.38 3.37 55.69
CA TYR X 7 97.29 3.01 54.29
C TYR X 7 98.50 2.15 53.91
N ARG X 8 98.23 0.88 53.59
CA ARG X 8 99.25 -0.10 53.16
C ARG X 8 100.36 -0.25 54.20
N GLN X 9 100.00 -0.23 55.47
CA GLN X 9 100.96 -0.40 56.55
C GLN X 9 100.24 -0.95 57.77
N PHE X 10 101.04 -1.43 58.72
CA PHE X 10 100.51 -2.07 59.92
C PHE X 10 99.73 -1.06 60.76
N PRO X 11 98.52 -1.39 61.19
CA PRO X 11 97.70 -0.40 61.89
C PRO X 11 98.12 -0.20 63.34
N GLN X 12 97.66 0.91 63.90
CA GLN X 12 98.00 1.28 65.27
C GLN X 12 97.29 0.37 66.27
N LEU X 13 98.02 -0.09 67.27
CA LEU X 13 97.47 -0.95 68.32
C LEU X 13 97.67 -0.30 69.68
N THR X 14 96.64 -0.40 70.53
CA THR X 14 96.75 0.03 71.90
C THR X 14 97.58 -0.98 72.69
N ARG X 15 98.24 -0.51 73.75
CA ARG X 15 98.95 -1.42 74.65
C ARG X 15 97.97 -2.29 75.44
N SER X 16 96.77 -1.77 75.71
CA SER X 16 95.81 -2.48 76.55
C SER X 16 95.34 -3.78 75.90
N GLN X 17 95.02 -3.74 74.61
CA GLN X 17 94.47 -4.93 73.94
C GLN X 17 95.51 -6.04 73.84
N VAL X 18 96.75 -5.70 73.48
CA VAL X 18 97.79 -6.72 73.38
C VAL X 18 98.15 -7.26 74.76
N ILE X 19 98.16 -6.39 75.78
CA ILE X 19 98.44 -6.84 77.14
C ILE X 19 97.37 -7.82 77.61
N GLN X 20 96.09 -7.48 77.38
CA GLN X 20 95.00 -8.37 77.79
C GLN X 20 95.01 -9.68 76.99
N ALA X 21 95.33 -9.63 75.71
CA ALA X 21 95.38 -10.84 74.89
C ALA X 21 96.48 -11.78 75.37
N GLU X 22 97.67 -11.25 75.62
CA GLU X 22 98.76 -12.08 76.13
C GLU X 22 98.44 -12.62 77.51
N PHE X 23 97.81 -11.80 78.35
CA PHE X 23 97.42 -12.25 79.69
C PHE X 23 96.42 -13.40 79.63
N PHE X 24 95.43 -13.30 78.74
CA PHE X 24 94.43 -14.37 78.68
C PHE X 24 94.98 -15.64 78.04
N SER X 25 95.89 -15.51 77.07
CA SER X 25 96.54 -16.70 76.54
C SER X 25 97.40 -17.38 77.59
N ALA X 26 98.13 -16.60 78.39
CA ALA X 26 98.92 -17.16 79.47
C ALA X 26 98.03 -17.80 80.53
N THR X 27 96.87 -17.19 80.78
CA THR X 27 95.91 -17.77 81.74
C THR X 27 95.37 -19.11 81.24
N MET X 28 95.07 -19.21 79.95
CA MET X 28 94.61 -20.47 79.38
C MET X 28 95.68 -21.55 79.50
N TRP X 29 96.93 -21.21 79.17
CA TRP X 29 97.98 -22.21 79.24
C TRP X 29 98.30 -22.61 80.67
N PHE X 30 98.25 -21.65 81.60
CA PHE X 30 98.42 -21.96 83.01
C PHE X 30 97.32 -22.88 83.52
N TRP X 31 96.07 -22.62 83.11
CA TRP X 31 94.95 -23.46 83.51
C TRP X 31 95.11 -24.89 82.97
N ILE X 32 95.53 -25.02 81.71
CA ILE X 32 95.71 -26.34 81.12
C ILE X 32 96.81 -27.10 81.83
N LEU X 33 97.94 -26.43 82.08
CA LEU X 33 99.07 -27.09 82.75
C LEU X 33 98.73 -27.46 84.19
N TRP X 34 98.03 -26.57 84.91
CA TRP X 34 97.64 -26.83 86.29
C TRP X 34 96.67 -28.01 86.38
N ARG X 35 95.68 -28.04 85.48
CA ARG X 35 94.69 -29.12 85.53
C ARG X 35 95.29 -30.43 85.06
N PHE X 36 96.28 -30.41 84.16
CA PHE X 36 96.94 -31.66 83.81
C PHE X 36 97.88 -32.13 84.91
N TRP X 37 98.47 -31.20 85.65
CA TRP X 37 99.32 -31.58 86.78
C TRP X 37 98.50 -32.20 87.89
N HIS X 38 97.33 -31.64 88.19
CA HIS X 38 96.56 -32.12 89.33
C HIS X 38 95.76 -33.37 88.99
N ASP X 39 94.95 -33.32 87.94
CA ASP X 39 94.08 -34.45 87.63
C ASP X 39 94.85 -35.58 86.96
N SER X 40 95.36 -35.33 85.74
CA SER X 40 96.23 -36.21 84.97
C SER X 40 95.61 -37.56 84.63
N ASP X 41 94.32 -37.76 84.90
CA ASP X 41 93.68 -39.06 84.74
C ASP X 41 92.52 -39.06 83.77
N ALA X 42 91.85 -37.93 83.57
CA ALA X 42 90.74 -37.88 82.62
C ALA X 42 91.23 -37.96 81.17
N VAL X 43 92.52 -37.77 80.92
CA VAL X 43 93.07 -37.89 79.57
C VAL X 43 93.74 -39.23 79.37
N LEU X 44 94.50 -39.71 80.36
CA LEU X 44 95.28 -40.93 80.20
C LEU X 44 94.55 -42.18 80.67
N GLY X 45 93.67 -42.06 81.65
CA GLY X 45 92.96 -43.20 82.19
C GLY X 45 92.86 -43.10 83.70
N HIS X 46 91.88 -43.80 84.26
CA HIS X 46 91.62 -43.79 85.69
C HIS X 46 92.07 -45.07 86.39
N PHE X 47 91.69 -46.22 85.86
CA PHE X 47 91.91 -47.50 86.52
C PHE X 47 92.57 -48.47 85.55
N PRO X 48 93.38 -49.40 86.04
CA PRO X 48 94.00 -50.38 85.16
C PRO X 48 92.97 -51.30 84.53
N TYR X 49 93.27 -51.74 83.31
CA TYR X 49 92.37 -52.62 82.57
C TYR X 49 92.93 -54.03 82.57
N PRO X 50 92.38 -54.94 83.36
CA PRO X 50 92.91 -56.31 83.41
C PRO X 50 92.47 -57.08 82.16
N ASP X 51 93.44 -57.47 81.35
CA ASP X 51 93.13 -58.27 80.17
C ASP X 51 92.67 -59.66 80.60
N PRO X 52 91.71 -60.24 79.89
CA PRO X 52 91.10 -61.49 80.37
C PRO X 52 91.98 -62.71 80.27
N SER X 53 93.10 -62.64 79.54
CA SER X 53 93.89 -63.84 79.26
C SER X 53 94.72 -64.31 80.45
N GLN X 54 94.95 -63.46 81.45
CA GLN X 54 95.79 -63.84 82.60
C GLN X 54 94.99 -64.37 83.77
N TRP X 55 93.67 -64.48 83.66
CA TRP X 55 92.88 -65.01 84.76
C TRP X 55 92.92 -66.52 84.76
N THR X 56 93.22 -67.10 85.93
CA THR X 56 93.32 -68.55 86.06
C THR X 56 91.94 -69.19 86.01
N ASP X 57 91.94 -70.50 85.80
CA ASP X 57 90.69 -71.26 85.72
C ASP X 57 90.09 -71.55 87.09
N GLU X 58 90.86 -71.41 88.17
CA GLU X 58 90.33 -71.64 89.50
C GLU X 58 89.38 -70.53 89.91
N GLU X 59 89.78 -69.27 89.70
CA GLU X 59 88.92 -68.15 90.06
C GLU X 59 87.74 -68.00 89.12
N LEU X 60 87.85 -68.48 87.88
CA LEU X 60 86.71 -68.57 86.99
C LEU X 60 85.91 -69.85 87.20
N GLY X 61 86.43 -70.78 88.00
CA GLY X 61 85.72 -72.02 88.28
C GLY X 61 85.52 -72.91 87.07
N ILE X 62 86.53 -73.00 86.21
CA ILE X 62 86.44 -73.79 84.99
C ILE X 62 86.74 -75.25 85.34
N PRO X 63 85.82 -76.18 85.09
CA PRO X 63 86.08 -77.59 85.39
C PRO X 63 87.06 -78.18 84.40
N PRO X 64 88.10 -78.88 84.89
CA PRO X 64 89.09 -79.49 83.99
C PRO X 64 88.57 -80.77 83.36
N ASP X 65 88.24 -80.70 82.07
CA ASP X 65 87.78 -81.88 81.33
C ASP X 65 88.01 -81.69 79.83
N ILE Y 1 42.34 1.89 29.50
CA ILE Y 1 42.35 0.54 28.95
C ILE Y 1 41.11 0.33 28.08
N THR Y 2 41.27 -0.36 26.96
CA THR Y 2 40.21 -0.55 26.00
C THR Y 2 40.06 -2.06 25.77
N LYS Y 3 38.90 -2.46 25.23
CA LYS Y 3 38.56 -3.88 25.10
C LYS Y 3 39.48 -4.63 24.15
N ASP Y 4 40.12 -3.95 23.20
CA ASP Y 4 41.01 -4.61 22.25
C ASP Y 4 42.41 -4.86 22.81
N MET Y 5 42.67 -4.51 24.07
CA MET Y 5 43.96 -4.76 24.69
C MET Y 5 44.00 -6.04 25.49
N LEU Y 6 42.85 -6.60 25.85
CA LEU Y 6 42.79 -7.84 26.60
C LEU Y 6 43.12 -9.03 25.71
N PRO Y 7 43.61 -10.13 26.29
CA PRO Y 7 43.85 -11.34 25.49
C PRO Y 7 42.56 -11.93 24.94
N GLY Y 8 42.68 -12.55 23.77
CA GLY Y 8 41.54 -13.15 23.11
C GLY Y 8 41.72 -14.63 22.86
N PRO Y 9 41.04 -15.15 21.85
CA PRO Y 9 41.10 -16.59 21.57
C PRO Y 9 42.41 -16.95 20.86
N TYR Y 10 42.56 -18.23 20.57
CA TYR Y 10 43.77 -18.72 19.93
C TYR Y 10 43.82 -18.26 18.48
N PRO Y 11 44.92 -17.65 18.04
CA PRO Y 11 45.01 -17.21 16.65
C PRO Y 11 45.40 -18.35 15.73
N LYS Y 12 44.73 -18.41 14.58
CA LYS Y 12 45.02 -19.42 13.57
C LYS Y 12 45.50 -18.81 12.26
N THR Y 13 44.77 -17.84 11.73
CA THR Y 13 45.18 -17.16 10.51
C THR Y 13 46.38 -16.26 10.80
N PRO Y 14 47.27 -16.07 9.81
CA PRO Y 14 48.50 -15.30 10.07
C PRO Y 14 48.27 -13.84 10.44
N GLU Y 15 47.19 -13.21 9.96
CA GLU Y 15 46.95 -11.82 10.31
C GLU Y 15 46.52 -11.67 11.77
N GLU Y 16 45.77 -12.64 12.29
CA GLU Y 16 45.47 -12.63 13.72
C GLU Y 16 46.72 -12.84 14.56
N ARG Y 17 47.65 -13.68 14.08
CA ARG Y 17 48.93 -13.84 14.77
C ARG Y 17 49.73 -12.55 14.76
N ALA Y 18 49.72 -11.85 13.63
CA ALA Y 18 50.41 -10.57 13.54
C ALA Y 18 49.80 -9.53 14.47
N ALA Y 19 48.47 -9.47 14.53
CA ALA Y 19 47.80 -8.53 15.43
C ALA Y 19 48.05 -8.90 16.89
N ALA Y 20 48.12 -10.19 17.20
CA ALA Y 20 48.44 -10.62 18.56
C ALA Y 20 49.86 -10.23 18.94
N ALA Y 21 50.81 -10.44 18.04
CA ALA Y 21 52.20 -10.04 18.31
C ALA Y 21 52.33 -8.53 18.43
N LYS Y 22 51.53 -7.77 17.68
CA LYS Y 22 51.49 -6.33 17.86
C LYS Y 22 50.90 -5.95 19.20
N LYS Y 23 49.90 -6.71 19.66
CA LYS Y 23 49.26 -6.42 20.95
C LYS Y 23 50.21 -6.67 22.12
N TYR Y 24 51.01 -7.72 22.05
CA TYR Y 24 51.87 -8.11 23.16
C TYR Y 24 53.24 -7.46 23.11
N ASN Y 25 53.45 -6.51 22.18
CA ASN Y 25 54.69 -5.73 22.05
C ASN Y 25 55.90 -6.63 21.83
N MET Y 26 55.84 -7.40 20.75
CA MET Y 26 56.92 -8.31 20.39
C MET Y 26 56.90 -8.53 18.90
N ARG Y 27 58.01 -9.06 18.38
CA ARG Y 27 58.12 -9.32 16.95
C ARG Y 27 57.21 -10.48 16.55
N VAL Y 28 56.78 -10.45 15.29
CA VAL Y 28 55.83 -11.44 14.78
C VAL Y 28 56.46 -12.82 14.73
N GLU Y 29 57.73 -12.90 14.36
CA GLU Y 29 58.44 -14.17 14.31
C GLU Y 29 58.93 -14.63 15.67
N ASP Y 30 58.88 -13.77 16.68
CA ASP Y 30 59.22 -14.15 18.04
C ASP Y 30 58.00 -14.58 18.86
N TYR Y 31 56.79 -14.40 18.33
CA TYR Y 31 55.57 -14.67 19.08
C TYR Y 31 55.11 -16.10 18.79
N GLU Y 32 55.23 -16.96 19.78
CA GLU Y 32 54.75 -18.34 19.68
C GLU Y 32 53.71 -18.58 20.76
N PRO Y 33 52.42 -18.68 20.43
CA PRO Y 33 51.42 -18.94 21.46
C PRO Y 33 51.47 -20.38 21.94
N TYR Y 34 50.76 -20.64 23.03
CA TYR Y 34 50.65 -21.99 23.55
C TYR Y 34 49.86 -22.86 22.57
N PRO Y 35 50.13 -24.17 22.54
CA PRO Y 35 49.38 -25.05 21.65
C PRO Y 35 47.90 -25.09 22.01
N ASP Y 36 47.06 -25.24 20.98
CA ASP Y 36 45.61 -25.19 21.14
C ASP Y 36 45.08 -26.55 21.57
N ASP Y 37 45.34 -26.88 22.83
CA ASP Y 37 44.85 -28.11 23.43
C ASP Y 37 43.63 -27.88 24.31
N GLY Y 38 43.05 -26.68 24.28
CA GLY Y 38 41.90 -26.37 25.09
C GLY Y 38 42.16 -26.31 26.58
N MET Y 39 43.30 -25.74 26.99
CA MET Y 39 43.62 -25.57 28.39
C MET Y 39 43.47 -24.13 28.85
N GLY Y 40 42.84 -23.28 28.06
CA GLY Y 40 42.54 -21.93 28.48
C GLY Y 40 43.66 -20.93 28.32
N TYR Y 41 44.76 -21.30 27.69
CA TYR Y 41 45.87 -20.36 27.53
C TYR Y 41 45.51 -19.24 26.56
N GLY Y 42 44.80 -19.57 25.48
CA GLY Y 42 44.41 -18.54 24.53
C GLY Y 42 45.58 -18.12 23.68
N ASP Y 43 45.72 -16.80 23.49
CA ASP Y 43 46.76 -16.24 22.65
C ASP Y 43 47.94 -15.70 23.44
N TYR Y 44 48.02 -16.02 24.73
CA TYR Y 44 49.14 -15.57 25.53
C TYR Y 44 50.43 -16.27 25.08
N PRO Y 45 51.54 -15.55 24.94
CA PRO Y 45 52.74 -16.14 24.36
C PRO Y 45 53.41 -17.16 25.27
N LYS Y 46 54.15 -18.06 24.65
CA LYS Y 46 54.97 -19.03 25.36
C LYS Y 46 56.39 -18.49 25.43
N LEU Y 47 56.78 -18.00 26.60
CA LEU Y 47 58.08 -17.41 26.83
C LEU Y 47 59.13 -18.51 26.99
N PRO Y 48 60.44 -18.17 26.88
CA PRO Y 48 61.48 -19.22 26.95
C PRO Y 48 61.67 -19.93 28.29
N ASP Y 49 60.80 -19.66 29.27
CA ASP Y 49 60.66 -20.47 30.49
C ASP Y 49 61.93 -20.43 31.34
N ARG Y 50 62.40 -19.22 31.64
CA ARG Y 50 63.59 -19.01 32.45
C ARG Y 50 63.23 -18.16 33.66
N SER Y 51 63.91 -18.40 34.77
CA SER Y 51 63.64 -17.69 35.99
C SER Y 51 64.15 -16.25 35.91
N GLN Y 52 63.70 -15.43 36.86
CA GLN Y 52 64.14 -14.04 36.92
C GLN Y 52 65.56 -13.88 37.45
N GLN Y 53 66.16 -14.94 37.98
CA GLN Y 53 67.57 -14.88 38.36
C GLN Y 53 68.49 -14.92 37.16
N GLU Y 54 68.00 -15.41 36.01
CA GLU Y 54 68.81 -15.50 34.81
C GLU Y 54 68.96 -14.18 34.08
N ARG Y 55 68.17 -13.17 34.44
CA ARG Y 55 68.23 -11.88 33.77
C ARG Y 55 69.53 -11.16 34.13
N ASP Y 56 69.80 -10.08 33.42
CA ASP Y 56 71.02 -9.31 33.63
C ASP Y 56 70.93 -8.57 34.96
N PRO Y 57 71.83 -8.81 35.91
CA PRO Y 57 71.75 -8.14 37.21
C PRO Y 57 72.31 -6.73 37.22
N TRP Y 58 72.82 -6.24 36.09
CA TRP Y 58 73.42 -4.91 36.03
C TRP Y 58 72.69 -3.94 35.13
N TYR Y 59 71.93 -4.41 34.16
CA TYR Y 59 71.12 -3.53 33.33
C TYR Y 59 69.99 -2.93 34.16
N ASP Y 60 69.79 -1.63 34.01
CA ASP Y 60 68.81 -0.92 34.84
C ASP Y 60 67.40 -1.25 34.37
N TRP Y 61 66.64 -1.93 35.23
CA TRP Y 61 65.27 -2.31 34.95
C TRP Y 61 64.31 -1.24 35.46
N ASP Y 62 63.09 -1.28 34.92
CA ASP Y 62 62.02 -0.44 35.45
C ASP Y 62 61.60 -0.92 36.83
N HIS Y 63 61.62 -2.22 37.07
CA HIS Y 63 61.40 -2.79 38.40
C HIS Y 63 62.68 -3.51 38.81
N PRO Y 64 63.56 -2.86 39.58
CA PRO Y 64 64.88 -3.45 39.86
C PRO Y 64 64.82 -4.74 40.66
N ASP Y 65 63.85 -4.89 41.56
CA ASP Y 65 63.77 -6.13 42.33
C ASP Y 65 63.27 -7.28 41.48
N LEU Y 66 62.24 -7.05 40.67
CA LEU Y 66 61.67 -8.09 39.83
C LEU Y 66 62.50 -8.37 38.59
N ARG Y 67 63.46 -7.50 38.27
CA ARG Y 67 64.27 -7.56 37.05
C ARG Y 67 63.36 -7.62 35.82
N LEU Y 68 62.54 -6.58 35.68
CA LEU Y 68 61.49 -6.55 34.68
C LEU Y 68 61.35 -5.13 34.15
N ASN Y 69 60.79 -5.01 32.95
CA ASN Y 69 60.62 -3.73 32.29
C ASN Y 69 59.15 -3.44 32.06
N TRP Y 70 58.82 -2.15 32.06
CA TRP Y 70 57.44 -1.72 31.86
C TRP Y 70 56.99 -1.99 30.43
N GLY Y 71 55.87 -2.69 30.28
CA GLY Y 71 55.33 -3.02 28.98
C GLY Y 71 55.80 -4.34 28.42
N GLU Y 72 56.76 -5.00 29.05
CA GLU Y 72 57.25 -6.28 28.55
C GLU Y 72 56.21 -7.37 28.80
N PRO Y 73 55.94 -8.25 27.82
CA PRO Y 73 55.03 -9.38 28.06
C PRO Y 73 55.62 -10.35 29.07
N MET Y 74 54.99 -10.43 30.23
CA MET Y 74 55.52 -11.22 31.33
C MET Y 74 55.09 -12.68 31.19
N HIS Y 75 55.85 -13.56 31.84
CA HIS Y 75 55.64 -15.00 31.72
C HIS Y 75 54.33 -15.42 32.38
N TRP Y 76 53.80 -16.54 31.90
CA TRP Y 76 52.60 -17.13 32.49
C TRP Y 76 52.83 -17.60 33.92
N ASP Y 77 54.07 -17.93 34.27
CA ASP Y 77 54.39 -18.31 35.65
C ASP Y 77 55.42 -17.35 36.23
N LEU Y 78 55.20 -16.05 36.04
CA LEU Y 78 56.08 -15.06 36.65
C LEU Y 78 55.97 -15.07 38.17
N ASP Y 79 54.78 -15.32 38.70
CA ASP Y 79 54.60 -15.49 40.14
C ASP Y 79 55.27 -16.75 40.67
N MET Y 80 55.71 -17.65 39.78
CA MET Y 80 56.48 -18.82 40.12
C MET Y 80 57.99 -18.63 39.98
N TYR Y 81 58.42 -17.79 39.04
CA TYR Y 81 59.83 -17.67 38.69
C TYR Y 81 60.47 -16.41 39.25
N ILE Y 82 59.92 -15.84 40.33
CA ILE Y 82 60.52 -14.68 40.97
C ILE Y 82 61.75 -15.11 41.75
N ARG Y 83 62.57 -14.15 42.17
CA ARG Y 83 63.82 -14.45 42.86
C ARG Y 83 63.61 -15.01 44.27
N ASN Y 84 62.38 -14.97 44.79
CA ASN Y 84 62.06 -15.56 46.08
C ASN Y 84 61.61 -17.01 45.96
N ARG Y 85 61.66 -17.59 44.76
CA ARG Y 85 61.02 -18.86 44.49
C ARG Y 85 61.96 -19.69 43.61
N VAL Y 86 61.40 -20.70 42.95
CA VAL Y 86 62.20 -21.72 42.25
C VAL Y 86 63.04 -21.08 41.15
N ASP Y 87 64.32 -21.44 41.13
CA ASP Y 87 65.30 -20.91 40.20
C ASP Y 87 65.69 -21.97 39.18
N THR Y 88 66.01 -21.52 37.97
CA THR Y 88 66.42 -22.41 36.88
C THR Y 88 67.83 -22.10 36.40
N SER Y 89 68.62 -21.39 37.20
CA SER Y 89 69.94 -20.94 36.78
C SER Y 89 70.88 -22.14 36.58
N PRO Y 90 71.79 -22.07 35.60
CA PRO Y 90 72.69 -23.20 35.36
C PRO Y 90 73.62 -23.48 36.53
N THR Y 91 73.90 -24.76 36.74
CA THR Y 91 74.70 -25.37 37.79
C THR Y 91 76.07 -25.76 37.24
N PRO Y 92 77.11 -25.72 38.08
CA PRO Y 92 78.44 -26.13 37.61
C PRO Y 92 78.52 -27.57 37.15
N VAL Y 93 77.73 -28.47 37.74
CA VAL Y 93 77.71 -29.87 37.33
C VAL Y 93 76.30 -30.24 36.89
N ASN Y 94 76.19 -31.39 36.24
CA ASN Y 94 74.97 -31.79 35.56
C ASN Y 94 73.89 -32.19 36.55
N TRP Y 95 72.64 -32.07 36.11
CA TRP Y 95 71.49 -32.37 36.97
C TRP Y 95 71.41 -33.87 37.29
N ASN Y 96 71.57 -34.71 36.27
CA ASN Y 96 71.53 -36.16 36.48
C ASN Y 96 72.70 -36.62 37.35
N LEU Y 97 73.86 -35.97 37.21
CA LEU Y 97 74.99 -36.28 38.07
C LEU Y 97 74.69 -35.97 39.53
N MET Y 98 74.05 -34.81 39.79
CA MET Y 98 73.67 -34.44 41.14
C MET Y 98 72.68 -35.43 41.73
N CYS Y 99 71.65 -35.80 40.95
CA CYS Y 99 70.64 -36.73 41.42
C CYS Y 99 71.24 -38.10 41.70
N LYS Y 100 72.11 -38.59 40.80
CA LYS Y 100 72.74 -39.89 40.99
C LYS Y 100 73.64 -39.90 42.21
N HIS Y 101 74.44 -38.83 42.39
CA HIS Y 101 75.36 -38.78 43.53
C HIS Y 101 74.60 -38.70 44.85
N LEU Y 102 73.56 -37.85 44.92
CA LEU Y 102 72.81 -37.72 46.17
C LEU Y 102 72.05 -39.01 46.50
N PHE Y 103 71.41 -39.63 45.49
CA PHE Y 103 70.69 -40.88 45.73
C PHE Y 103 71.63 -42.00 46.14
N GLY Y 104 72.81 -42.07 45.50
CA GLY Y 104 73.77 -43.09 45.87
C GLY Y 104 74.33 -42.90 47.27
N PHE Y 105 74.61 -41.66 47.66
CA PHE Y 105 75.10 -41.38 49.01
C PHE Y 105 74.05 -41.73 50.06
N VAL Y 106 72.80 -41.36 49.82
CA VAL Y 106 71.73 -41.66 50.77
C VAL Y 106 71.50 -43.16 50.88
N ALA Y 107 71.47 -43.86 49.74
CA ALA Y 107 71.26 -45.30 49.76
C ALA Y 107 72.42 -46.04 50.43
N PHE Y 108 73.66 -45.61 50.16
CA PHE Y 108 74.81 -46.24 50.80
C PHE Y 108 74.81 -46.03 52.30
N MET Y 109 74.47 -44.82 52.75
CA MET Y 109 74.42 -44.56 54.19
C MET Y 109 73.31 -45.34 54.86
N LEU Y 110 72.14 -45.46 54.21
CA LEU Y 110 71.05 -46.23 54.78
C LEU Y 110 71.40 -47.71 54.87
N PHE Y 111 72.03 -48.26 53.82
CA PHE Y 111 72.42 -49.66 53.84
C PHE Y 111 73.48 -49.93 54.90
N MET Y 112 74.45 -49.01 55.05
CA MET Y 112 75.48 -49.19 56.05
C MET Y 112 74.93 -49.07 57.47
N PHE Y 113 73.94 -48.19 57.68
CA PHE Y 113 73.32 -48.10 58.98
C PHE Y 113 72.51 -49.35 59.29
N TRP Y 114 71.87 -49.94 58.28
CA TRP Y 114 71.19 -51.22 58.47
C TRP Y 114 72.18 -52.32 58.83
N VAL Y 115 73.33 -52.36 58.15
CA VAL Y 115 74.35 -53.36 58.42
C VAL Y 115 74.88 -53.21 59.84
N GLY Y 116 75.15 -51.97 60.26
CA GLY Y 116 75.59 -51.72 61.62
C GLY Y 116 74.56 -52.04 62.67
N GLU Y 117 73.27 -51.84 62.35
CA GLU Y 117 72.22 -52.22 63.29
C GLU Y 117 72.13 -53.74 63.43
N THR Y 118 72.32 -54.47 62.32
CA THR Y 118 72.31 -55.92 62.39
C THR Y 118 73.51 -56.45 63.17
N TYR Y 119 74.67 -55.80 63.02
CA TYR Y 119 75.92 -56.22 63.66
C TYR Y 119 76.38 -55.13 64.64
N PRO Y 120 75.92 -55.17 65.89
CA PRO Y 120 76.27 -54.11 66.84
C PRO Y 120 77.68 -54.28 67.40
N THR Y 121 78.10 -53.25 68.12
CA THR Y 121 79.40 -53.23 68.80
C THR Y 121 79.15 -53.20 70.30
N TYR Y 122 79.82 -54.09 71.04
CA TYR Y 122 79.63 -54.14 72.48
C TYR Y 122 80.97 -54.28 73.22
N GLN Y 123 80.89 -54.58 74.51
CA GLN Y 123 82.04 -54.76 75.37
C GLN Y 123 82.04 -56.18 75.95
N PRO Y 124 83.21 -56.76 76.23
CA PRO Y 124 83.23 -58.15 76.73
C PRO Y 124 82.94 -58.25 78.21
N VAL Y 125 81.71 -57.91 78.59
CA VAL Y 125 81.28 -57.92 79.98
C VAL Y 125 79.96 -58.66 80.10
N GLY Y 126 79.69 -59.15 81.31
CA GLY Y 126 78.41 -59.76 81.61
C GLY Y 126 77.34 -58.71 81.81
N PRO Y 127 76.10 -59.19 81.93
CA PRO Y 127 74.99 -58.26 82.17
C PRO Y 127 75.06 -57.64 83.55
N LYS Y 128 74.56 -56.41 83.64
CA LYS Y 128 74.55 -55.70 84.91
C LYS Y 128 73.56 -56.35 85.87
N GLN Y 129 73.98 -56.50 87.12
CA GLN Y 129 73.20 -57.21 88.13
C GLN Y 129 72.69 -56.22 89.17
N TYR Y 130 71.39 -56.28 89.44
CA TYR Y 130 70.74 -55.45 90.44
C TYR Y 130 70.20 -56.32 91.56
N PRO Y 131 70.26 -55.87 92.81
CA PRO Y 131 69.83 -56.71 93.94
C PRO Y 131 68.32 -56.69 94.10
N TYR Y 132 67.87 -57.42 95.12
CA TYR Y 132 66.47 -57.44 95.57
C TYR Y 132 65.53 -57.88 94.45
N ASN Y 133 65.89 -59.01 93.81
CA ASN Y 133 65.15 -59.60 92.69
C ASN Y 133 65.00 -58.60 91.54
N ASN Y 134 66.13 -58.07 91.07
CA ASN Y 134 66.21 -57.09 89.98
C ASN Y 134 65.38 -55.85 90.28
N LEU Y 135 65.37 -55.44 91.55
CA LEU Y 135 64.57 -54.32 92.07
C LEU Y 135 63.09 -54.52 91.73
N TYR Y 136 62.52 -55.61 92.24
CA TYR Y 136 61.15 -55.98 91.92
C TYR Y 136 60.15 -54.96 92.45
N LEU Y 137 60.34 -54.53 93.71
CA LEU Y 137 59.44 -53.54 94.27
C LEU Y 137 59.67 -52.15 93.68
N GLU Y 138 60.92 -51.83 93.36
CA GLU Y 138 61.24 -50.52 92.81
C GLU Y 138 60.83 -50.38 91.35
N ARG Y 139 60.60 -51.48 90.65
CA ARG Y 139 60.15 -51.46 89.26
C ARG Y 139 58.63 -51.40 89.13
N GLY Y 140 57.92 -51.13 90.21
CA GLY Y 140 56.48 -51.09 90.19
C GLY Y 140 55.80 -52.42 90.42
N GLY Y 141 56.53 -53.45 90.80
CA GLY Y 141 55.90 -54.73 91.08
C GLY Y 141 55.09 -54.67 92.38
N ASP Y 142 53.96 -55.36 92.38
CA ASP Y 142 53.08 -55.33 93.54
C ASP Y 142 53.66 -56.16 94.66
N PRO Y 143 53.62 -55.67 95.91
CA PRO Y 143 54.19 -56.44 97.03
C PRO Y 143 53.36 -57.65 97.42
N ASN Y 144 52.08 -57.70 97.04
CA ASN Y 144 51.24 -58.82 97.43
C ASN Y 144 51.63 -60.10 96.70
N LYS Y 145 52.02 -59.99 95.43
CA LYS Y 145 52.46 -61.14 94.67
C LYS Y 145 53.94 -61.41 94.94
N GLU Y 146 54.27 -62.67 95.22
CA GLU Y 146 55.65 -63.06 95.47
C GLU Y 146 56.31 -63.48 94.17
N PRO Y 147 57.41 -62.85 93.76
CA PRO Y 147 58.07 -63.21 92.51
C PRO Y 147 59.01 -64.40 92.72
N GLU Y 148 59.63 -64.84 91.62
CA GLU Y 148 60.65 -65.86 91.72
C GLU Y 148 61.94 -65.25 92.21
N PRO Y 149 62.51 -65.74 93.32
CA PRO Y 149 63.77 -65.16 93.82
C PRO Y 149 64.94 -65.54 92.93
N VAL Y 150 65.56 -64.52 92.34
CA VAL Y 150 66.81 -64.69 91.59
C VAL Y 150 67.92 -64.08 92.43
N VAL Y 151 69.15 -64.57 92.23
CA VAL Y 151 70.29 -64.12 93.00
C VAL Y 151 71.53 -64.19 92.13
N HIS Y 152 72.49 -63.30 92.41
CA HIS Y 152 73.72 -63.20 91.66
C HIS Y 152 74.88 -63.57 92.56
N TYR Y 153 75.72 -64.49 92.09
CA TYR Y 153 76.83 -64.99 92.88
C TYR Y 153 78.13 -64.33 92.46
N GLU Y 154 79.07 -64.24 93.40
CA GLU Y 154 80.34 -63.57 93.16
C GLU Y 154 81.25 -64.42 92.27
N ILE Y 155 82.14 -63.74 91.57
CA ILE Y 155 83.08 -64.40 90.67
C ILE Y 155 84.48 -63.80 90.86
N THR Z 1 36.84 8.01 16.17
CA THR Z 1 35.44 7.61 16.21
C THR Z 1 34.67 8.41 17.27
N LEU Z 2 33.52 8.94 16.86
CA LEU Z 2 32.68 9.72 17.77
C LEU Z 2 32.09 8.82 18.85
N ARG Z 3 32.07 9.30 20.09
CA ARG Z 3 31.62 8.48 21.20
C ARG Z 3 30.62 9.33 21.98
N TRP Z 4 29.94 8.71 22.93
CA TRP Z 4 28.86 9.31 23.70
C TRP Z 4 29.40 10.40 24.64
N GLN Z 5 28.47 11.22 25.12
CA GLN Z 5 28.81 12.22 26.14
C GLN Z 5 29.01 11.52 27.48
N GLU Z 6 30.10 11.85 28.16
CA GLU Z 6 30.45 11.23 29.43
C GLU Z 6 31.47 12.11 30.14
N ASP Z 7 31.25 12.30 31.45
CA ASP Z 7 32.24 13.01 32.25
C ASP Z 7 33.50 12.17 32.38
N PRO Z 8 34.68 12.79 32.29
CA PRO Z 8 35.92 12.06 32.56
C PRO Z 8 36.03 11.69 34.04
N GLU Z 9 36.85 10.68 34.30
CA GLU Z 9 37.03 10.21 35.67
C GLU Z 9 37.71 11.28 36.51
N PRO Z 10 37.13 11.66 37.66
CA PRO Z 10 37.74 12.71 38.47
C PRO Z 10 39.04 12.24 39.10
N GLU Z 11 39.92 13.20 39.34
CA GLU Z 11 41.22 12.90 39.95
C GLU Z 11 41.02 12.49 41.41
N ASP Z 12 41.94 11.66 41.89
CA ASP Z 12 41.84 11.14 43.25
C ASP Z 12 42.12 12.24 44.27
N GLU Z 13 41.21 12.40 45.23
CA GLU Z 13 41.30 13.45 46.21
C GLU Z 13 42.22 13.04 47.36
N ASN Z 14 43.00 14.00 47.85
CA ASN Z 14 43.86 13.80 49.01
C ASN Z 14 43.28 14.60 50.17
N LEU Z 15 42.98 13.92 51.27
CA LEU Z 15 42.42 14.60 52.44
C LEU Z 15 43.47 15.35 53.24
N TYR Z 16 44.75 15.10 53.02
CA TYR Z 16 45.81 15.78 53.75
C TYR Z 16 46.19 17.12 53.16
N GLU Z 17 45.71 17.44 51.96
CA GLU Z 17 46.05 18.72 51.35
C GLU Z 17 45.25 19.86 51.97
N LYS Z 18 43.92 19.79 51.88
CA LYS Z 18 43.07 20.82 52.46
C LYS Z 18 42.98 20.72 53.98
N ASN Z 19 43.42 19.61 54.57
CA ASN Z 19 43.38 19.44 56.03
C ASN Z 19 44.58 18.60 56.42
N PRO Z 20 45.68 19.24 56.81
CA PRO Z 20 46.87 18.46 57.22
C PRO Z 20 46.70 17.74 58.55
N ASP Z 21 45.70 18.12 59.35
CA ASP Z 21 45.41 17.46 60.62
C ASP Z 21 44.22 16.50 60.51
N SER Z 22 43.92 16.03 59.29
CA SER Z 22 42.74 15.20 59.09
C SER Z 22 42.92 13.82 59.70
N HIS Z 23 41.85 13.30 60.29
CA HIS Z 23 41.83 11.95 60.80
C HIS Z 23 41.27 10.95 59.80
N GLY Z 24 40.86 11.41 58.62
CA GLY Z 24 40.37 10.52 57.59
C GLY Z 24 38.91 10.17 57.66
N TYR Z 25 38.16 10.75 58.59
CA TYR Z 25 36.74 10.43 58.72
C TYR Z 25 35.87 11.30 57.83
N ASP Z 26 36.15 12.60 57.77
CA ASP Z 26 35.31 13.51 56.99
C ASP Z 26 36.13 14.70 56.53
N LYS Z 27 35.60 15.42 55.55
CA LYS Z 27 36.25 16.62 55.02
C LYS Z 27 36.12 17.80 55.97
N ASP Z 28 34.99 17.90 56.67
CA ASP Z 28 34.79 18.96 57.64
C ASP Z 28 35.70 18.73 58.84
N PRO Z 29 36.53 19.70 59.23
CA PRO Z 29 37.47 19.45 60.35
C PRO Z 29 36.80 19.20 61.69
N ALA Z 30 35.76 19.97 62.03
CA ALA Z 30 35.05 19.75 63.28
C ALA Z 30 34.36 18.40 63.29
N VAL Z 31 33.72 18.04 62.18
CA VAL Z 31 33.07 16.73 62.06
C VAL Z 31 34.11 15.62 62.12
N ASP Z 32 35.29 15.85 61.53
CA ASP Z 32 36.39 14.89 61.59
C ASP Z 32 36.81 14.63 63.03
N VAL Z 33 37.05 15.70 63.79
CA VAL Z 33 37.51 15.55 65.16
C VAL Z 33 36.45 14.92 66.04
N TRP Z 34 35.18 15.29 65.83
CA TRP Z 34 34.11 14.73 66.66
C TRP Z 34 33.86 13.27 66.34
N ASN Z 35 33.98 12.87 65.07
CA ASN Z 35 33.86 11.47 64.72
C ASN Z 35 35.00 10.65 65.31
N MET Z 36 36.23 11.19 65.27
CA MET Z 36 37.34 10.48 65.90
C MET Z 36 37.14 10.32 67.40
N ARG Z 37 36.67 11.39 68.05
CA ARG Z 37 36.44 11.34 69.50
C ARG Z 37 35.34 10.34 69.84
N VAL Z 38 34.27 10.31 69.05
CA VAL Z 38 33.17 9.38 69.29
C VAL Z 38 33.64 7.94 69.13
N VAL Z 39 34.41 7.66 68.07
CA VAL Z 39 34.90 6.30 67.83
C VAL Z 39 35.83 5.87 68.95
N PHE Z 40 36.79 6.73 69.31
CA PHE Z 40 37.77 6.36 70.32
C PHE Z 40 37.16 6.28 71.71
N PHE Z 41 36.11 7.05 71.98
CA PHE Z 41 35.50 7.00 73.31
C PHE Z 41 34.59 5.80 73.46
N PHE Z 42 33.65 5.62 72.52
CA PHE Z 42 32.70 4.54 72.66
C PHE Z 42 33.24 3.19 72.22
N GLY Z 43 34.40 3.14 71.57
CA GLY Z 43 34.95 1.87 71.17
C GLY Z 43 35.94 1.31 72.17
N PHE Z 44 36.92 2.12 72.55
CA PHE Z 44 37.99 1.67 73.44
C PHE Z 44 37.64 1.81 74.91
N SER Z 45 37.08 2.94 75.31
CA SER Z 45 36.89 3.25 76.72
C SER Z 45 35.50 2.90 77.24
N ILE Z 46 34.62 2.36 76.39
CA ILE Z 46 33.26 2.05 76.77
C ILE Z 46 32.94 0.58 76.54
N VAL Z 47 33.28 0.07 75.36
CA VAL Z 47 32.99 -1.33 75.06
C VAL Z 47 34.16 -2.23 75.42
N LEU Z 48 35.38 -1.84 75.07
CA LEU Z 48 36.53 -2.74 75.23
C LEU Z 48 36.90 -2.91 76.70
N VAL Z 49 37.16 -1.81 77.41
CA VAL Z 49 37.64 -1.90 78.79
C VAL Z 49 36.53 -2.40 79.71
N LEU Z 50 35.34 -1.82 79.60
CA LEU Z 50 34.23 -2.26 80.45
C LEU Z 50 33.76 -3.66 80.08
N GLY Z 51 33.87 -4.04 78.81
CA GLY Z 51 33.55 -5.40 78.43
C GLY Z 51 34.54 -6.41 78.98
N SER Z 52 35.82 -6.06 78.97
CA SER Z 52 36.83 -6.94 79.58
C SER Z 52 36.61 -7.05 81.09
N THR Z 53 36.24 -5.96 81.73
CA THR Z 53 35.92 -6.00 83.16
C THR Z 53 34.67 -6.86 83.42
N PHE Z 54 33.69 -6.79 82.52
CA PHE Z 54 32.47 -7.59 82.67
C PHE Z 54 32.77 -9.08 82.50
N VAL Z 55 33.52 -9.44 81.46
CA VAL Z 55 33.83 -10.84 81.20
C VAL Z 55 34.75 -11.39 82.28
N ALA Z 56 35.68 -10.57 82.78
CA ALA Z 56 36.58 -11.01 83.83
C ALA Z 56 35.85 -11.31 85.14
N TYR Z 57 34.72 -10.64 85.37
CA TYR Z 57 33.95 -10.81 86.59
C TYR Z 57 32.57 -11.39 86.30
N LEU Z 58 32.52 -12.39 85.43
CA LEU Z 58 31.26 -13.08 85.20
C LEU Z 58 30.93 -13.96 86.40
N PRO Z 59 29.68 -13.96 86.85
CA PRO Z 59 29.34 -14.70 88.06
C PRO Z 59 29.27 -16.20 87.87
N ASP Z 60 30.42 -16.87 87.95
CA ASP Z 60 30.55 -18.34 87.94
C ASP Z 60 29.95 -18.89 86.63
N TYR Z 61 30.69 -18.62 85.55
CA TYR Z 61 30.25 -18.98 84.22
C TYR Z 61 30.02 -20.48 84.07
N ARG Z 62 28.85 -20.83 83.53
CA ARG Z 62 28.45 -22.21 83.23
C ARG Z 62 28.56 -23.13 84.44
N MET Z 63 28.37 -22.56 85.63
CA MET Z 63 28.42 -23.24 86.93
C MET Z 63 29.76 -23.94 87.19
N GLN Z 64 30.80 -23.59 86.43
CA GLN Z 64 31.97 -24.45 86.27
C GLN Z 64 32.66 -24.72 87.60
N GLU Z 65 33.15 -23.67 88.25
CA GLU Z 65 33.86 -23.84 89.53
C GLU Z 65 32.94 -24.40 90.61
N TRP Z 66 31.61 -24.20 90.47
CA TRP Z 66 30.67 -24.77 91.43
C TRP Z 66 30.79 -26.28 91.45
N ALA Z 67 30.92 -26.89 90.28
CA ALA Z 67 31.07 -28.34 90.20
C ALA Z 67 32.32 -28.79 90.93
N ARG Z 68 33.40 -28.01 90.84
CA ARG Z 68 34.62 -28.33 91.57
C ARG Z 68 34.34 -28.38 93.07
N ARG Z 69 33.61 -27.37 93.57
CA ARG Z 69 33.24 -27.35 94.97
C ARG Z 69 32.40 -28.58 95.32
N GLU Z 70 31.47 -28.94 94.42
CA GLU Z 70 30.64 -30.12 94.67
C GLU Z 70 31.48 -31.38 94.71
N ALA Z 71 32.51 -31.44 93.86
CA ALA Z 71 33.42 -32.58 93.90
C ALA Z 71 34.14 -32.64 95.23
N GLU Z 72 34.55 -31.47 95.75
CA GLU Z 72 35.20 -31.41 97.05
C GLU Z 72 34.25 -31.80 98.18
N ARG Z 73 32.94 -31.82 97.92
CA ARG Z 73 32.02 -32.44 98.86
C ARG Z 73 31.97 -33.95 98.64
N LEU Z 74 31.78 -34.37 97.39
CA LEU Z 74 31.35 -35.75 97.10
C LEU Z 74 32.44 -36.75 97.47
N VAL Z 75 33.68 -36.47 97.04
CA VAL Z 75 34.81 -37.32 97.42
C VAL Z 75 34.97 -37.35 98.94
N LYS Z 76 34.77 -36.18 99.58
CA LYS Z 76 34.84 -36.11 101.03
C LYS Z 76 33.78 -37.00 101.68
N TYR Z 77 32.64 -37.16 101.03
CA TYR Z 77 31.68 -38.16 101.48
C TYR Z 77 32.19 -39.56 101.17
N ARG Z 78 32.60 -39.80 99.92
CA ARG Z 78 32.80 -41.16 99.44
C ARG Z 78 34.13 -41.74 99.86
N GLU Z 79 35.04 -40.93 100.39
CA GLU Z 79 36.24 -41.45 101.03
C GLU Z 79 36.07 -41.63 102.52
N ALA Z 80 34.93 -41.22 103.09
CA ALA Z 80 34.71 -41.32 104.52
C ALA Z 80 33.89 -42.53 104.94
N HIS Z 81 33.06 -43.06 104.04
CA HIS Z 81 32.21 -44.21 104.34
C HIS Z 81 32.68 -45.48 103.66
N GLY Z 82 33.87 -45.48 103.06
CA GLY Z 82 34.39 -46.67 102.43
C GLY Z 82 33.73 -47.04 101.13
N LEU Z 83 32.90 -46.17 100.57
CA LEU Z 83 32.23 -46.45 99.32
C LEU Z 83 33.22 -46.36 98.16
N PRO Z 84 32.91 -47.00 97.03
CA PRO Z 84 33.72 -46.79 95.82
C PRO Z 84 33.66 -45.33 95.39
N LEU Z 85 34.79 -44.83 94.87
CA LEU Z 85 34.88 -43.43 94.49
C LEU Z 85 33.99 -43.13 93.30
N MET Z 86 33.79 -44.12 92.43
CA MET Z 86 32.88 -43.98 91.29
C MET Z 86 32.29 -45.32 90.90
N GLU Z 87 30.98 -45.33 90.69
CA GLU Z 87 30.29 -46.52 90.22
C GLU Z 87 30.36 -46.61 88.71
N SER Z 88 30.31 -47.84 88.19
CA SER Z 88 30.39 -48.09 86.76
C SER Z 88 29.04 -47.95 86.06
N ASN Z 89 27.96 -47.69 86.80
CA ASN Z 89 26.63 -47.54 86.24
C ASN Z 89 26.12 -46.14 86.57
N CYS Z 90 25.53 -45.47 85.58
CA CYS Z 90 24.98 -44.13 85.80
C CYS Z 90 23.70 -44.20 86.63
N PHE Z 91 22.81 -45.11 86.29
CA PHE Z 91 21.56 -45.31 87.00
C PHE Z 91 21.62 -46.59 87.81
N ASP Z 92 20.65 -46.75 88.70
CA ASP Z 92 20.57 -47.93 89.55
C ASP Z 92 20.16 -49.12 88.68
N PRO Z 93 20.96 -50.19 88.63
CA PRO Z 93 20.57 -51.35 87.80
C PRO Z 93 19.35 -52.08 88.32
N SER Z 94 18.95 -51.87 89.56
CA SER Z 94 17.75 -52.53 90.09
C SER Z 94 16.49 -52.00 89.41
N LYS Z 95 16.43 -50.70 89.13
CA LYS Z 95 15.24 -50.07 88.58
C LYS Z 95 15.25 -50.02 87.05
N ILE Z 96 15.95 -50.94 86.40
CA ILE Z 96 15.98 -51.04 84.94
C ILE Z 96 15.48 -52.42 84.55
N GLN Z 97 14.42 -52.44 83.74
CA GLN Z 97 13.82 -53.70 83.29
C GLN Z 97 14.40 -54.04 81.92
N LEU Z 98 15.34 -54.99 81.90
CA LEU Z 98 15.89 -55.45 80.64
C LEU Z 98 14.88 -56.35 79.93
N PRO Z 99 14.85 -56.32 78.60
CA PRO Z 99 13.98 -57.26 77.87
C PRO Z 99 14.49 -58.69 78.00
N GLU Z 100 13.54 -59.62 78.11
CA GLU Z 100 13.89 -61.02 78.25
C GLU Z 100 14.26 -61.61 76.90
N ASP Z 101 15.18 -62.57 76.93
CA ASP Z 101 15.64 -63.25 75.72
C ASP Z 101 16.22 -64.62 76.06
N LYS AA 1 4.69 36.80 43.32
CA LYS AA 1 4.62 35.36 43.16
C LYS AA 1 5.90 34.81 42.55
N PHE AA 2 6.01 33.48 42.51
CA PHE AA 2 7.19 32.81 41.96
C PHE AA 2 6.87 32.10 40.65
N TYR AA 3 5.88 31.21 40.65
CA TYR AA 3 5.57 30.43 39.46
C TYR AA 3 4.86 31.28 38.42
N ILE AA 4 5.24 31.11 37.15
CA ILE AA 4 4.57 31.82 36.07
C ILE AA 4 3.14 31.31 35.89
N GLN AA 5 2.96 29.99 35.96
CA GLN AA 5 1.64 29.37 35.92
C GLN AA 5 1.27 28.91 37.32
N GLU AA 6 0.04 29.19 37.71
CA GLU AA 6 -0.42 28.81 39.04
C GLU AA 6 -0.53 27.30 39.16
N PRO AA 7 0.09 26.69 40.18
CA PRO AA 7 -0.02 25.24 40.34
C PRO AA 7 -1.43 24.84 40.68
N PRO AA 8 -1.88 23.67 40.23
CA PRO AA 8 -3.19 23.17 40.66
C PRO AA 8 -3.28 22.92 42.16
N HIS AA 9 -2.16 22.57 42.79
CA HIS AA 9 -2.11 22.33 44.23
C HIS AA 9 -1.48 23.50 44.98
N GLY AA 10 -1.66 24.72 44.48
CA GLY AA 10 -1.15 25.88 45.19
C GLY AA 10 -1.87 26.14 46.49
N SER AA 11 -3.19 25.96 46.49
CA SER AA 11 -4.01 26.16 47.67
C SER AA 11 -4.68 24.85 48.06
N PRO AA 12 -4.83 24.57 49.36
CA PRO AA 12 -5.45 23.30 49.78
C PRO AA 12 -6.93 23.25 49.43
N ASN AA 13 -7.37 22.09 48.97
CA ASN AA 13 -8.78 21.84 48.71
C ASN AA 13 -9.47 21.62 50.06
N TRP AA 14 -10.08 22.68 50.59
CA TRP AA 14 -10.59 22.64 51.95
C TRP AA 14 -11.79 21.71 52.10
N LEU AA 15 -12.57 21.53 51.04
CA LEU AA 15 -13.67 20.58 51.09
C LEU AA 15 -13.14 19.15 51.23
N LYS AA 16 -12.10 18.82 50.47
CA LYS AA 16 -11.53 17.48 50.55
C LYS AA 16 -10.86 17.24 51.89
N VAL AA 17 -10.21 18.27 52.45
CA VAL AA 17 -9.63 18.18 53.79
C VAL AA 17 -10.72 17.94 54.83
N GLY AA 18 -11.85 18.65 54.69
CA GLY AA 18 -12.96 18.44 55.60
C GLY AA 18 -13.53 17.04 55.53
N LEU AA 19 -13.72 16.52 54.32
CA LEU AA 19 -14.23 15.16 54.18
C LEU AA 19 -13.23 14.13 54.72
N THR AA 20 -11.93 14.36 54.50
CA THR AA 20 -10.92 13.43 54.98
C THR AA 20 -10.91 13.36 56.50
N LEU AA 21 -10.85 14.52 57.16
CA LEU AA 21 -10.84 14.54 58.62
C LEU AA 21 -12.15 14.03 59.19
N GLY AA 22 -13.27 14.35 58.54
CA GLY AA 22 -14.55 13.87 59.03
C GLY AA 22 -14.71 12.36 58.93
N THR AA 23 -14.29 11.77 57.81
CA THR AA 23 -14.41 10.33 57.70
C THR AA 23 -13.39 9.60 58.56
N SER AA 24 -12.23 10.22 58.84
CA SER AA 24 -11.29 9.62 59.77
C SER AA 24 -11.85 9.62 61.20
N ALA AA 25 -12.44 10.74 61.62
CA ALA AA 25 -13.05 10.81 62.94
C ALA AA 25 -14.24 9.86 63.05
N PHE AA 26 -15.04 9.76 61.99
CA PHE AA 26 -16.19 8.86 61.98
C PHE AA 26 -15.75 7.41 62.08
N LEU AA 27 -14.70 7.03 61.34
CA LEU AA 27 -14.20 5.67 61.41
C LEU AA 27 -13.64 5.36 62.79
N TRP AA 28 -12.94 6.32 63.41
CA TRP AA 28 -12.40 6.09 64.74
C TRP AA 28 -13.50 5.93 65.79
N ILE AA 29 -14.52 6.79 65.73
CA ILE AA 29 -15.59 6.69 66.73
C ILE AA 29 -16.44 5.44 66.51
N TYR AA 30 -16.64 5.03 65.25
CA TYR AA 30 -17.33 3.78 64.97
C TYR AA 30 -16.51 2.60 65.46
N LEU AA 31 -15.18 2.65 65.31
CA LEU AA 31 -14.32 1.56 65.77
C LEU AA 31 -14.37 1.42 67.28
N ILE AA 32 -14.28 2.54 68.02
CA ILE AA 32 -14.28 2.44 69.47
C ILE AA 32 -15.67 2.07 70.00
N LYS AA 33 -16.74 2.54 69.34
CA LYS AA 33 -18.08 2.12 69.73
C LYS AA 33 -18.29 0.63 69.48
N GLN AA 34 -17.81 0.12 68.34
CA GLN AA 34 -17.93 -1.30 68.05
C GLN AA 34 -17.11 -2.14 69.02
N HIS AA 35 -15.92 -1.67 69.40
CA HIS AA 35 -15.12 -2.40 70.38
C HIS AA 35 -15.80 -2.45 71.74
N ASN AA 36 -16.39 -1.33 72.19
CA ASN AA 36 -17.09 -1.33 73.47
C ASN AA 36 -18.32 -2.23 73.42
N GLU AA 37 -19.06 -2.20 72.32
CA GLU AA 37 -20.22 -3.08 72.17
C GLU AA 37 -19.80 -4.54 72.17
N ASP AA 38 -18.70 -4.87 71.48
CA ASP AA 38 -18.23 -6.25 71.42
C ASP AA 38 -17.78 -6.75 72.78
N VAL AA 39 -17.05 -5.93 73.54
CA VAL AA 39 -16.56 -6.40 74.84
C VAL AA 39 -17.71 -6.51 75.84
N LEU AA 40 -18.71 -5.62 75.74
CA LEU AA 40 -19.86 -5.73 76.62
C LEU AA 40 -20.71 -6.96 76.28
N GLU AA 41 -20.87 -7.24 74.98
CA GLU AA 41 -21.60 -8.43 74.54
C GLU AA 41 -20.88 -9.70 74.98
N TYR AA 42 -19.56 -9.73 74.86
CA TYR AA 42 -18.77 -10.89 75.27
C TYR AA 42 -18.86 -11.11 76.79
N LYS AA 43 -18.79 -10.03 77.57
CA LYS AA 43 -18.92 -10.16 79.02
C LYS AA 43 -20.32 -10.59 79.42
N ARG AA 44 -21.35 -10.14 78.69
CA ARG AA 44 -22.71 -10.59 78.98
C ARG AA 44 -22.88 -12.07 78.65
N ARG AA 45 -22.33 -12.51 77.53
CA ARG AA 45 -22.52 -13.90 77.09
C ARG AA 45 -21.76 -14.88 77.97
N ASN AA 46 -20.49 -14.60 78.23
CA ASN AA 46 -19.68 -15.57 78.96
C ASN AA 46 -19.82 -15.44 80.47
N GLY AA 47 -20.59 -14.48 80.97
CA GLY AA 47 -20.97 -14.43 82.37
C GLY AA 47 -20.04 -13.67 83.29
N LEU AA 48 -18.83 -13.33 82.85
CA LEU AA 48 -17.91 -12.59 83.70
C LEU AA 48 -18.20 -11.10 83.54
N GLU AA 49 -18.57 -10.46 84.65
CA GLU AA 49 -18.92 -9.04 84.63
C GLU AA 49 -18.48 -8.38 85.94
N ARG BA 1 14.33 20.94 70.41
CA ARG BA 1 15.63 20.37 70.76
C ARG BA 1 16.47 20.19 69.50
N ASP BA 2 17.75 20.54 69.60
CA ASP BA 2 18.63 20.42 68.45
C ASP BA 2 19.05 18.98 68.19
N HIS BA 3 19.23 18.20 69.25
CA HIS BA 3 19.72 16.82 69.17
C HIS BA 3 18.82 15.88 69.96
N TRP BA 4 17.51 15.99 69.72
CA TRP BA 4 16.56 15.05 70.34
C TRP BA 4 16.73 13.64 69.80
N ILE BA 5 17.28 13.51 68.58
CA ILE BA 5 17.39 12.22 67.90
C ILE BA 5 18.20 11.22 68.70
N HIS BA 6 19.10 11.70 69.55
CA HIS BA 6 19.95 10.83 70.34
C HIS BA 6 19.22 10.15 71.49
N VAL BA 7 17.91 10.39 71.65
CA VAL BA 7 17.12 9.58 72.57
C VAL BA 7 16.40 8.45 71.87
N LEU BA 8 16.49 8.38 70.53
CA LEU BA 8 15.72 7.40 69.78
C LEU BA 8 16.15 5.96 70.08
N VAL BA 9 17.45 5.72 70.10
CA VAL BA 9 17.99 4.37 70.34
C VAL BA 9 17.97 3.99 71.83
N PRO BA 10 18.40 4.86 72.81
CA PRO BA 10 18.38 4.41 74.21
C PRO BA 10 16.99 4.10 74.76
N VAL BA 11 16.02 4.99 74.58
CA VAL BA 11 14.69 4.73 75.14
C VAL BA 11 14.01 3.58 74.41
N GLY BA 12 14.32 3.38 73.12
CA GLY BA 12 13.85 2.21 72.42
C GLY BA 12 14.42 0.93 73.00
N PHE BA 13 15.60 1.01 73.60
CA PHE BA 13 16.08 -0.09 74.43
C PHE BA 13 15.18 -0.29 75.65
N VAL BA 14 14.94 0.79 76.40
CA VAL BA 14 14.34 0.69 77.73
C VAL BA 14 12.93 0.14 77.63
N PHE BA 15 12.12 0.75 76.77
CA PHE BA 15 10.78 0.24 76.49
C PHE BA 15 10.83 -1.21 76.03
N GLY BA 16 11.76 -1.53 75.12
CA GLY BA 16 11.92 -2.90 74.68
C GLY BA 16 12.28 -3.82 75.83
N TYR BA 17 13.17 -3.34 76.71
CA TYR BA 17 13.52 -4.09 77.91
C TYR BA 17 12.27 -4.35 78.76
N TYR BA 18 11.44 -3.31 78.91
CA TYR BA 18 10.21 -3.45 79.67
C TYR BA 18 9.31 -4.51 79.06
N LEU BA 19 9.28 -4.60 77.73
CA LEU BA 19 8.43 -5.57 77.06
C LEU BA 19 8.82 -6.99 77.45
N ASP BA 20 10.12 -7.24 77.58
CA ASP BA 20 10.58 -8.58 77.97
C ASP BA 20 10.08 -8.94 79.35
N ARG BA 21 10.05 -7.95 80.25
CA ARG BA 21 9.53 -8.20 81.59
C ARG BA 21 8.07 -8.61 81.54
N LYS BA 22 7.29 -7.98 80.65
CA LYS BA 22 5.89 -8.35 80.51
C LYS BA 22 5.74 -9.79 80.05
N ASN BA 23 6.68 -10.25 79.20
CA ASN BA 23 6.64 -11.63 78.74
C ASN BA 23 6.80 -12.61 79.89
N ASP BA 24 7.56 -12.22 80.92
CA ASP BA 24 7.72 -13.08 82.09
C ASP BA 24 6.39 -13.27 82.80
N GLU BA 25 5.55 -12.23 82.81
CA GLU BA 25 4.23 -12.34 83.42
C GLU BA 25 3.34 -13.32 82.65
N LYS BA 26 3.64 -13.59 81.39
CA LYS BA 26 2.90 -14.56 80.61
C LYS BA 26 3.50 -15.95 80.69
N LEU BA 27 4.61 -16.12 81.41
CA LEU BA 27 5.27 -17.42 81.50
C LEU BA 27 5.44 -17.88 82.94
N ALA BA 28 4.61 -17.38 83.85
CA ALA BA 28 4.67 -17.73 85.26
C ALA BA 28 3.71 -18.86 85.62
N ALA BA 29 3.43 -19.77 84.70
CA ALA BA 29 2.51 -20.85 84.97
C ALA BA 29 3.09 -21.89 85.93
N PHE BA 30 4.42 -21.98 86.01
CA PHE BA 30 5.07 -22.92 86.91
C PHE BA 30 5.88 -22.23 87.99
N ARG BA 31 5.54 -20.98 88.31
CA ARG BA 31 6.28 -20.24 89.33
C ARG BA 31 6.04 -20.85 90.69
N ASN BA 32 7.15 -21.20 91.37
CA ASN BA 32 7.15 -21.95 92.64
C ASN BA 32 6.39 -23.27 92.50
N LYS BA 33 6.50 -23.89 91.33
CA LYS BA 33 5.89 -25.19 91.06
C LYS BA 33 6.88 -26.22 90.54
N SER BA 34 8.09 -25.81 90.19
CA SER BA 34 9.10 -26.76 89.73
C SER BA 34 9.53 -27.67 90.86
N LEU BA 35 9.75 -28.94 90.54
CA LEU BA 35 10.13 -29.92 91.56
C LEU BA 35 11.49 -29.61 92.17
N LEU BA 36 12.38 -28.97 91.40
CA LEU BA 36 13.70 -28.64 91.92
C LEU BA 36 13.66 -27.47 92.89
N TYR BA 37 12.77 -26.51 92.67
CA TYR BA 37 12.73 -25.29 93.47
C TYR BA 37 11.39 -25.09 94.16
N LYS BA 38 10.64 -26.16 94.41
CA LYS BA 38 9.38 -26.05 95.14
C LYS BA 38 9.67 -25.75 96.60
N ARG BA 39 9.25 -24.57 97.05
CA ARG BA 39 9.62 -24.07 98.36
C ARG BA 39 8.46 -23.24 98.90
N GLU BA 40 8.16 -23.41 100.19
CA GLU BA 40 7.11 -22.64 100.83
C GLU BA 40 7.47 -21.17 100.86
N LEU BA 41 6.46 -20.32 100.65
CA LEU BA 41 6.68 -18.89 100.49
C LEU BA 41 7.10 -18.27 101.82
N LYS BA 42 8.11 -17.40 101.76
CA LYS BA 42 8.53 -16.64 102.93
C LYS BA 42 7.44 -15.65 103.32
N PRO BA 43 7.39 -15.25 104.59
CA PRO BA 43 6.46 -14.20 104.99
C PRO BA 43 6.74 -12.89 104.28
N GLN BA 44 5.66 -12.19 103.93
CA GLN BA 44 5.68 -10.95 103.14
C GLN BA 44 6.37 -11.16 101.79
N GLU BA 45 6.12 -12.32 101.17
CA GLU BA 45 6.59 -12.62 99.82
C GLU BA 45 5.45 -13.26 99.06
N GLU BA 46 4.78 -12.49 98.22
CA GLU BA 46 3.64 -13.02 97.46
C GLU BA 46 4.08 -13.91 96.30
N VAL BA 47 5.23 -13.63 95.69
CA VAL BA 47 5.75 -14.44 94.60
C VAL BA 47 7.24 -14.67 94.82
N THR BA 48 7.74 -15.77 94.24
CA THR BA 48 9.16 -16.08 94.34
C THR BA 48 10.00 -15.20 93.42
N TRP BA 49 9.48 -14.88 92.23
CA TRP BA 49 10.16 -13.98 91.32
C TRP BA 49 9.12 -13.26 90.48
N LYS BA 50 9.52 -12.12 89.93
CA LYS BA 50 8.61 -11.29 89.15
C LYS BA 50 9.02 -11.26 87.68
N MET CA 1 -64.86 -2.47 -23.67
CA MET CA 1 -63.97 -1.55 -22.97
C MET CA 1 -63.30 -2.22 -21.79
N TRP CA 2 -63.57 -1.72 -20.57
CA TRP CA 2 -62.89 -2.22 -19.38
C TRP CA 2 -63.24 -3.66 -19.04
N PHE CA 3 -64.35 -4.19 -19.56
CA PHE CA 3 -64.79 -5.53 -19.24
C PHE CA 3 -64.10 -6.59 -20.09
N GLU CA 4 -63.21 -6.21 -21.01
CA GLU CA 4 -62.46 -7.20 -21.77
C GLU CA 4 -61.37 -7.86 -20.95
N VAL CA 5 -61.00 -7.27 -19.81
CA VAL CA 5 -60.04 -7.91 -18.91
C VAL CA 5 -60.65 -9.02 -18.08
N LEU CA 6 -61.98 -9.13 -18.08
CA LEU CA 6 -62.71 -10.08 -17.25
C LEU CA 6 -62.56 -11.56 -17.62
N PRO CA 7 -62.35 -11.96 -18.89
CA PRO CA 7 -62.03 -13.38 -19.14
C PRO CA 7 -60.78 -13.88 -18.42
N GLY CA 8 -59.72 -13.07 -18.34
CA GLY CA 8 -58.53 -13.49 -17.63
C GLY CA 8 -58.77 -13.63 -16.14
N ILE CA 9 -59.50 -12.67 -15.56
CA ILE CA 9 -59.83 -12.75 -14.13
C ILE CA 9 -60.75 -13.93 -13.86
N ALA CA 10 -61.65 -14.24 -14.79
CA ALA CA 10 -62.51 -15.41 -14.64
C ALA CA 10 -61.71 -16.71 -14.67
N VAL CA 11 -60.72 -16.80 -15.57
CA VAL CA 11 -59.87 -17.98 -15.63
C VAL CA 11 -59.04 -18.12 -14.35
N MET CA 12 -58.50 -16.99 -13.86
CA MET CA 12 -57.74 -17.02 -12.62
C MET CA 12 -58.63 -17.41 -11.43
N GLY CA 13 -59.86 -16.91 -11.39
CA GLY CA 13 -60.76 -17.26 -10.32
C GLY CA 13 -61.16 -18.72 -10.34
N VAL CA 14 -61.35 -19.28 -11.54
CA VAL CA 14 -61.61 -20.71 -11.66
C VAL CA 14 -60.41 -21.51 -11.17
N CYS CA 15 -59.20 -21.10 -11.58
CA CYS CA 15 -57.99 -21.82 -11.18
C CYS CA 15 -57.72 -21.69 -9.68
N LEU CA 16 -58.19 -20.63 -9.04
CA LEU CA 16 -58.04 -20.51 -7.60
C LEU CA 16 -59.17 -21.16 -6.82
N PHE CA 17 -60.35 -21.31 -7.43
CA PHE CA 17 -61.45 -22.03 -6.81
C PHE CA 17 -61.24 -23.53 -6.87
N ILE CA 18 -60.49 -24.01 -7.87
CA ILE CA 18 -60.26 -25.46 -8.02
C ILE CA 18 -59.59 -26.12 -6.81
N PRO CA 19 -58.48 -25.60 -6.24
CA PRO CA 19 -57.82 -26.37 -5.17
C PRO CA 19 -58.64 -26.50 -3.90
N GLY CA 20 -59.36 -25.46 -3.49
CA GLY CA 20 -60.17 -25.56 -2.29
C GLY CA 20 -61.32 -26.53 -2.43
N MET CA 21 -62.03 -26.47 -3.56
CA MET CA 21 -63.11 -27.42 -3.83
C MET CA 21 -62.59 -28.84 -3.92
N ALA CA 22 -61.43 -29.03 -4.56
CA ALA CA 22 -60.84 -30.34 -4.66
C ALA CA 22 -60.44 -30.89 -3.31
N THR CA 23 -59.83 -30.05 -2.45
CA THR CA 23 -59.44 -30.50 -1.12
C THR CA 23 -60.65 -30.85 -0.26
N ALA CA 24 -61.70 -30.03 -0.32
CA ALA CA 24 -62.91 -30.32 0.45
C ALA CA 24 -63.57 -31.62 -0.02
N ARG CA 25 -63.67 -31.83 -1.33
CA ARG CA 25 -64.31 -33.03 -1.84
C ARG CA 25 -63.47 -34.28 -1.56
N ILE CA 26 -62.14 -34.16 -1.65
CA ILE CA 26 -61.27 -35.29 -1.34
C ILE CA 26 -61.36 -35.64 0.14
N HIS CA 27 -61.39 -34.63 1.02
CA HIS CA 27 -61.52 -34.87 2.45
C HIS CA 27 -62.85 -35.52 2.79
N ARG CA 28 -63.93 -35.08 2.14
CA ARG CA 28 -65.23 -35.69 2.41
C ARG CA 28 -65.30 -37.11 1.84
N PHE CA 29 -64.66 -37.35 0.70
CA PHE CA 29 -64.72 -38.68 0.07
C PHE CA 29 -63.91 -39.70 0.86
N SER CA 30 -62.73 -39.32 1.35
CA SER CA 30 -61.83 -40.27 1.98
C SER CA 30 -62.11 -40.49 3.46
N ASN CA 31 -63.11 -39.81 4.03
CA ASN CA 31 -63.38 -39.90 5.46
C ASN CA 31 -64.85 -40.19 5.73
N GLY CA 32 -65.45 -41.05 4.92
CA GLY CA 32 -66.82 -41.50 5.15
C GLY CA 32 -67.88 -40.44 5.02
N GLY CA 33 -67.73 -39.52 4.07
CA GLY CA 33 -68.75 -38.51 3.83
C GLY CA 33 -68.81 -37.42 4.88
N ARG CA 34 -67.71 -37.17 5.58
CA ARG CA 34 -67.68 -36.16 6.63
C ARG CA 34 -66.35 -35.42 6.57
N GLU CA 35 -66.20 -34.44 7.47
CA GLU CA 35 -64.98 -33.66 7.52
C GLU CA 35 -63.81 -34.50 8.03
N LYS CA 36 -62.61 -34.16 7.56
CA LYS CA 36 -61.41 -34.79 8.08
C LYS CA 36 -61.18 -34.38 9.52
N ARG CA 37 -60.89 -35.36 10.37
CA ARG CA 37 -60.73 -35.09 11.78
C ARG CA 37 -59.42 -34.35 12.05
N VAL CA 38 -59.51 -33.32 12.87
CA VAL CA 38 -58.35 -32.50 13.22
C VAL CA 38 -57.76 -33.06 14.51
N ALA CA 39 -56.48 -33.45 14.45
CA ALA CA 39 -55.75 -33.97 15.60
C ALA CA 39 -54.59 -33.02 15.87
N HIS CA 40 -54.86 -31.98 16.64
CA HIS CA 40 -53.82 -31.00 16.97
C HIS CA 40 -53.08 -31.35 18.24
N TYR CA 41 -53.67 -32.13 19.13
CA TYR CA 41 -53.05 -32.50 20.40
C TYR CA 41 -53.13 -34.02 20.55
N SER CA 42 -52.48 -34.52 21.60
CA SER CA 42 -52.39 -35.96 21.78
C SER CA 42 -53.71 -36.57 22.23
N TYR CA 43 -54.58 -35.80 22.88
CA TYR CA 43 -55.86 -36.33 23.33
C TYR CA 43 -56.77 -36.63 22.15
N GLN CA 44 -56.81 -35.74 21.16
CA GLN CA 44 -57.63 -35.99 19.98
C GLN CA 44 -57.11 -37.17 19.17
N TRP CA 45 -55.79 -37.34 19.13
CA TRP CA 45 -55.22 -38.51 18.48
C TRP CA 45 -55.55 -39.78 19.22
N TYR CA 46 -55.55 -39.72 20.56
CA TYR CA 46 -55.96 -40.88 21.36
C TYR CA 46 -57.41 -41.26 21.10
N LEU CA 47 -58.28 -40.25 20.99
CA LEU CA 47 -59.68 -40.51 20.65
C LEU CA 47 -59.81 -41.12 19.27
N MET CA 48 -59.07 -40.60 18.28
CA MET CA 48 -59.12 -41.13 16.93
C MET CA 48 -58.63 -42.57 16.88
N GLU CA 49 -57.55 -42.87 17.60
CA GLU CA 49 -57.05 -44.24 17.67
C GLU CA 49 -58.03 -45.16 18.38
N ARG CA 50 -58.75 -44.66 19.39
CA ARG CA 50 -59.77 -45.46 20.06
C ARG CA 50 -60.92 -45.79 19.12
N ASP CA 51 -61.37 -44.82 18.31
CA ASP CA 51 -62.39 -45.13 17.30
C ASP CA 51 -61.90 -46.12 16.26
N ARG CA 52 -60.64 -45.99 15.83
CA ARG CA 52 -60.10 -46.94 14.86
C ARG CA 52 -60.00 -48.34 15.46
N ARG CA 53 -59.64 -48.43 16.73
CA ARG CA 53 -59.51 -49.72 17.41
C ARG CA 53 -60.86 -50.31 17.81
N VAL CA 54 -61.91 -49.49 17.89
CA VAL CA 54 -63.23 -49.96 18.27
C VAL CA 54 -64.14 -50.21 17.09
N SER CA 55 -63.79 -49.71 15.89
CA SER CA 55 -64.68 -49.86 14.75
C SER CA 55 -64.73 -51.29 14.24
N GLY CA 56 -63.64 -52.04 14.37
CA GLY CA 56 -63.56 -53.37 13.81
C GLY CA 56 -63.25 -53.41 12.33
N VAL CA 57 -63.07 -52.26 11.70
CA VAL CA 57 -62.75 -52.16 10.28
C VAL CA 57 -61.34 -51.60 10.08
N ASN CA 58 -60.69 -51.14 11.17
CA ASN CA 58 -59.46 -50.34 11.13
C ASN CA 58 -59.65 -49.08 10.31
N ARG CA 59 -60.85 -48.50 10.40
CA ARG CA 59 -61.18 -47.21 9.83
C ARG CA 59 -61.81 -46.37 10.93
N TYR CA 60 -61.21 -45.23 11.24
CA TYR CA 60 -61.72 -44.39 12.30
C TYR CA 60 -63.05 -43.73 11.94
N TYR CA 61 -63.34 -43.57 10.66
CA TYR CA 61 -64.54 -42.84 10.26
C TYR CA 61 -65.80 -43.69 10.31
N VAL CA 62 -65.69 -44.99 10.55
CA VAL CA 62 -66.86 -45.85 10.72
C VAL CA 62 -67.24 -45.77 12.19
N SER CA 63 -68.14 -44.85 12.51
CA SER CA 63 -68.49 -44.57 13.90
C SER CA 63 -69.52 -45.58 14.39
N LYS CA 64 -69.18 -46.28 15.46
CA LYS CA 64 -70.11 -47.22 16.10
C LYS CA 64 -70.98 -46.46 17.10
N GLY CA 65 -72.28 -46.59 16.96
CA GLY CA 65 -73.23 -45.86 17.77
C GLY CA 65 -73.71 -46.66 18.97
N LEU CA 66 -74.98 -46.48 19.31
CA LEU CA 66 -75.58 -47.18 20.44
C LEU CA 66 -75.97 -48.60 20.13
N GLU CA 67 -75.90 -49.02 18.87
CA GLU CA 67 -76.26 -50.38 18.50
C GLU CA 67 -75.20 -51.39 18.91
N ASN CA 68 -73.98 -50.94 19.24
CA ASN CA 68 -72.87 -51.83 19.51
C ASN CA 68 -72.78 -52.23 20.98
N ILE CA 69 -73.67 -51.74 21.83
CA ILE CA 69 -73.68 -52.11 23.23
C ILE CA 69 -74.73 -53.18 23.46
N ASP CA 70 -74.71 -53.78 24.65
CA ASP CA 70 -75.66 -54.82 25.02
C ASP CA 70 -77.10 -54.30 25.08
N LYS DA 1 -43.84 94.82 -80.52
CA LYS DA 1 -45.09 94.23 -80.96
C LYS DA 1 -45.55 93.14 -80.00
N THR DA 2 -46.84 93.16 -79.66
CA THR DA 2 -47.41 92.16 -78.78
C THR DA 2 -48.49 91.31 -79.44
N SER DA 3 -49.17 91.83 -80.45
CA SER DA 3 -50.20 91.09 -81.17
C SER DA 3 -49.63 90.64 -82.52
N PHE DA 4 -49.80 89.36 -82.83
CA PHE DA 4 -49.21 88.75 -84.01
C PHE DA 4 -50.29 88.09 -84.86
N GLY DA 5 -50.05 88.08 -86.16
CA GLY DA 5 -50.96 87.53 -87.12
C GLY DA 5 -51.26 88.53 -88.22
N SER DA 6 -52.14 88.10 -89.14
CA SER DA 6 -52.59 88.89 -90.28
C SER DA 6 -51.42 89.34 -91.15
N LEU DA 7 -50.68 88.35 -91.65
CA LEU DA 7 -49.51 88.63 -92.45
C LEU DA 7 -49.91 89.13 -93.84
N LYS DA 8 -49.27 90.20 -94.29
CA LYS DA 8 -49.54 90.74 -95.61
C LYS DA 8 -48.99 89.82 -96.69
N ASP DA 9 -49.55 89.95 -97.89
CA ASP DA 9 -49.14 89.10 -99.00
C ASP DA 9 -47.76 89.47 -99.54
N GLU DA 10 -47.29 90.69 -99.29
CA GLU DA 10 -45.97 91.09 -99.74
C GLU DA 10 -44.85 90.47 -98.90
N ASP DA 11 -45.15 90.00 -97.70
CA ASP DA 11 -44.15 89.45 -96.80
C ASP DA 11 -44.10 87.93 -96.79
N ARG DA 12 -44.90 87.27 -97.64
CA ARG DA 12 -44.91 85.82 -97.67
C ARG DA 12 -43.65 85.28 -98.33
N ILE DA 13 -43.06 84.26 -97.69
CA ILE DA 13 -41.90 83.59 -98.29
C ILE DA 13 -42.32 82.82 -99.54
N PHE DA 14 -43.38 82.03 -99.42
CA PHE DA 14 -43.79 81.12 -100.50
C PHE DA 14 -44.94 81.74 -101.27
N THR DA 15 -44.60 82.65 -102.18
CA THR DA 15 -45.54 83.03 -103.22
C THR DA 15 -45.74 81.86 -104.17
N ASN DA 16 -46.95 81.77 -104.73
CA ASN DA 16 -47.41 80.61 -105.51
C ASN DA 16 -47.29 79.32 -104.68
N LEU DA 17 -47.95 79.34 -103.53
CA LEU DA 17 -48.07 78.12 -102.73
C LEU DA 17 -49.11 77.18 -103.31
N TYR DA 18 -50.18 77.71 -103.89
CA TYR DA 18 -51.28 76.92 -104.41
C TYR DA 18 -51.12 76.56 -105.88
N GLY DA 19 -49.99 76.91 -106.49
CA GLY DA 19 -49.76 76.55 -107.88
C GLY DA 19 -50.53 77.35 -108.89
N ARG DA 20 -50.98 78.56 -108.52
CA ARG DA 20 -51.77 79.38 -109.44
C ARG DA 20 -50.92 80.01 -110.53
N HIS DA 21 -49.62 80.12 -110.34
CA HIS DA 21 -48.70 80.65 -111.33
C HIS DA 21 -47.83 79.53 -111.89
N ASP DA 22 -46.98 79.89 -112.84
CA ASP DA 22 -46.09 78.91 -113.45
C ASP DA 22 -45.00 78.51 -112.48
N TRP DA 23 -44.82 77.20 -112.29
CA TRP DA 23 -43.83 76.68 -111.38
C TRP DA 23 -42.48 76.42 -112.02
N ARG DA 24 -42.36 76.64 -113.33
CA ARG DA 24 -41.12 76.35 -114.04
C ARG DA 24 -40.13 77.51 -113.82
N LEU DA 25 -39.03 77.49 -114.59
CA LEU DA 25 -37.97 78.47 -114.38
C LEU DA 25 -38.41 79.88 -114.75
N LYS DA 26 -39.17 80.02 -115.83
CA LYS DA 26 -39.68 81.34 -116.21
C LYS DA 26 -40.65 81.90 -115.18
N GLY DA 27 -41.52 81.03 -114.64
CA GLY DA 27 -42.44 81.49 -113.63
C GLY DA 27 -41.80 81.78 -112.29
N ALA DA 28 -40.78 80.99 -111.93
CA ALA DA 28 -40.09 81.21 -110.66
C ALA DA 28 -39.20 82.44 -110.72
N GLN DA 29 -38.49 82.64 -111.83
CA GLN DA 29 -37.60 83.77 -111.97
C GLN DA 29 -38.34 85.10 -112.04
N SER DA 30 -39.60 85.08 -112.47
CA SER DA 30 -40.41 86.29 -112.48
C SER DA 30 -41.00 86.64 -111.12
N ARG DA 31 -40.90 85.73 -110.14
CA ARG DA 31 -41.38 85.98 -108.78
C ARG DA 31 -40.27 86.38 -107.84
N GLY DA 32 -39.05 86.57 -108.32
CA GLY DA 32 -37.93 86.97 -107.51
C GLY DA 32 -36.91 85.89 -107.25
N ASP DA 33 -37.21 84.64 -107.59
CA ASP DA 33 -36.26 83.56 -107.39
C ASP DA 33 -35.12 83.65 -108.40
N TRP DA 34 -33.96 83.10 -108.01
CA TRP DA 34 -32.73 83.09 -108.82
C TRP DA 34 -32.31 84.51 -109.21
N TYR DA 35 -32.47 85.44 -108.29
CA TYR DA 35 -32.14 86.85 -108.52
C TYR DA 35 -30.95 87.22 -107.66
N LYS DA 36 -29.87 87.66 -108.30
CA LYS DA 36 -28.62 88.08 -107.64
C LYS DA 36 -28.06 86.99 -106.74
N THR DA 37 -28.10 85.75 -107.23
CA THR DA 37 -27.54 84.63 -106.47
C THR DA 37 -26.02 84.65 -106.50
N LYS DA 38 -25.43 85.21 -107.56
CA LYS DA 38 -23.97 85.29 -107.65
C LYS DA 38 -23.40 86.19 -106.56
N GLU DA 39 -24.08 87.28 -106.25
CA GLU DA 39 -23.64 88.15 -105.16
C GLU DA 39 -23.70 87.42 -103.82
N ILE DA 40 -24.76 86.62 -103.61
CA ILE DA 40 -24.88 85.84 -102.39
C ILE DA 40 -23.75 84.81 -102.28
N LEU DA 41 -23.43 84.15 -103.39
CA LEU DA 41 -22.36 83.14 -103.36
C LEU DA 41 -20.99 83.78 -103.21
N LEU DA 42 -20.81 85.01 -103.69
CA LEU DA 42 -19.51 85.65 -103.61
C LEU DA 42 -19.30 86.48 -102.35
N LYS DA 43 -20.37 86.78 -101.61
CA LYS DA 43 -20.20 87.59 -100.40
C LYS DA 43 -19.58 86.80 -99.24
N GLY DA 44 -19.60 85.46 -99.31
CA GLY DA 44 -18.89 84.67 -98.35
C GLY DA 44 -19.76 83.73 -97.54
N PRO DA 45 -19.25 82.51 -97.29
CA PRO DA 45 -19.98 81.57 -96.42
C PRO DA 45 -20.20 82.08 -95.01
N ASP DA 46 -19.22 82.80 -94.47
CA ASP DA 46 -19.38 83.39 -93.14
C ASP DA 46 -20.46 84.47 -93.14
N TRP DA 47 -20.52 85.25 -94.22
CA TRP DA 47 -21.58 86.26 -94.35
C TRP DA 47 -22.95 85.60 -94.44
N ILE DA 48 -23.07 84.51 -95.19
CA ILE DA 48 -24.34 83.81 -95.31
C ILE DA 48 -24.75 83.22 -93.97
N LEU DA 49 -23.80 82.63 -93.24
CA LEU DA 49 -24.09 82.07 -91.92
C LEU DA 49 -24.50 83.16 -90.94
N GLY DA 50 -23.84 84.32 -90.98
CA GLY DA 50 -24.21 85.42 -90.11
C GLY DA 50 -25.59 85.96 -90.43
N GLU DA 51 -25.93 86.08 -91.71
CA GLU DA 51 -27.27 86.53 -92.09
C GLU DA 51 -28.34 85.51 -91.70
N VAL DA 52 -28.01 84.22 -91.74
CA VAL DA 52 -28.96 83.20 -91.34
C VAL DA 52 -29.18 83.25 -89.83
N LYS DA 53 -28.10 83.32 -89.05
CA LYS DA 53 -28.23 83.28 -87.59
C LYS DA 53 -28.72 84.60 -87.00
N THR DA 54 -28.59 85.70 -87.73
CA THR DA 54 -29.13 86.97 -87.24
C THR DA 54 -30.65 86.98 -87.28
N SER DA 55 -31.25 86.28 -88.26
CA SER DA 55 -32.69 86.26 -88.42
C SER DA 55 -33.40 85.47 -87.31
N GLY DA 56 -32.68 84.70 -86.52
CA GLY DA 56 -33.32 83.88 -85.51
C GLY DA 56 -34.09 82.71 -86.07
N LEU DA 57 -33.75 82.26 -87.27
CA LEU DA 57 -34.45 81.14 -87.89
C LEU DA 57 -34.13 79.85 -87.16
N ARG DA 58 -35.17 79.10 -86.81
CA ARG DA 58 -35.05 77.83 -86.15
C ARG DA 58 -35.44 76.72 -87.12
N GLY DA 59 -35.15 75.48 -86.71
CA GLY DA 59 -35.40 74.34 -87.57
C GLY DA 59 -36.89 74.10 -87.74
N ARG DA 60 -37.35 74.05 -88.98
CA ARG DA 60 -38.75 73.83 -89.29
C ARG DA 60 -39.11 72.35 -89.37
N GLY DA 61 -38.15 71.45 -89.15
CA GLY DA 61 -38.45 70.03 -89.14
C GLY DA 61 -39.32 69.63 -87.97
N GLY DA 62 -39.16 70.28 -86.83
CA GLY DA 62 -39.96 69.97 -85.66
C GLY DA 62 -39.18 70.06 -84.37
N ALA DA 63 -37.85 69.96 -84.49
CA ALA DA 63 -37.00 70.03 -83.31
C ALA DA 63 -36.84 71.46 -82.80
N GLY DA 64 -36.83 72.44 -83.71
CA GLY DA 64 -36.66 73.81 -83.31
C GLY DA 64 -35.25 74.20 -82.96
N PHE DA 65 -34.26 73.42 -83.39
CA PHE DA 65 -32.87 73.77 -83.16
C PHE DA 65 -32.50 75.01 -83.97
N PRO DA 66 -31.69 75.91 -83.43
CA PRO DA 66 -31.26 77.09 -84.20
C PRO DA 66 -30.41 76.68 -85.39
N THR DA 67 -30.86 77.06 -86.58
CA THR DA 67 -30.23 76.54 -87.80
C THR DA 67 -28.92 77.26 -88.13
N GLY DA 68 -28.67 78.43 -87.55
CA GLY DA 68 -27.41 79.10 -87.77
C GLY DA 68 -26.24 78.35 -87.16
N LEU DA 69 -26.38 77.95 -85.88
CA LEU DA 69 -25.35 77.17 -85.22
C LEU DA 69 -25.20 75.79 -85.86
N LYS DA 70 -26.33 75.19 -86.25
CA LYS DA 70 -26.30 73.87 -86.88
C LYS DA 70 -25.59 73.91 -88.23
N TRP DA 71 -25.81 74.98 -89.00
CA TRP DA 71 -25.12 75.10 -90.28
C TRP DA 71 -23.67 75.49 -90.09
N SER DA 72 -23.34 76.21 -89.03
CA SER DA 72 -21.96 76.57 -88.74
C SER DA 72 -21.20 75.46 -88.02
N PHE DA 73 -21.87 74.35 -87.68
CA PHE DA 73 -21.17 73.21 -87.07
C PHE DA 73 -20.15 72.62 -88.02
N MET DA 74 -20.48 72.52 -89.31
CA MET DA 74 -19.60 71.93 -90.30
C MET DA 74 -18.83 72.98 -91.10
N ASN DA 75 -18.87 74.25 -90.68
CA ASN DA 75 -18.06 75.30 -91.30
C ASN DA 75 -16.64 75.19 -90.73
N LYS DA 76 -15.92 74.19 -91.20
CA LYS DA 76 -14.57 73.88 -90.76
C LYS DA 76 -13.73 73.52 -91.98
N PRO DA 77 -12.41 73.69 -91.90
CA PRO DA 77 -11.55 73.30 -93.02
C PRO DA 77 -11.60 71.80 -93.27
N SER DA 78 -11.51 71.44 -94.56
CA SER DA 78 -11.65 70.05 -94.96
C SER DA 78 -10.40 69.25 -94.61
N ASP DA 79 -10.58 67.93 -94.52
CA ASP DA 79 -9.49 67.00 -94.25
C ASP DA 79 -9.38 65.94 -95.36
N GLY DA 80 -9.78 66.30 -96.58
CA GLY DA 80 -9.76 65.43 -97.72
C GLY DA 80 -11.09 64.79 -98.05
N ARG DA 81 -11.96 64.61 -97.06
CA ARG DA 81 -13.29 64.10 -97.35
C ARG DA 81 -14.18 65.22 -97.88
N PRO DA 82 -15.09 64.92 -98.80
CA PRO DA 82 -16.04 65.95 -99.25
C PRO DA 82 -17.10 66.21 -98.19
N LYS DA 83 -17.80 67.31 -98.37
CA LYS DA 83 -18.87 67.72 -97.46
C LYS DA 83 -20.19 67.71 -98.21
N TYR DA 84 -21.26 67.36 -97.51
CA TYR DA 84 -22.56 67.14 -98.14
C TYR DA 84 -23.67 67.86 -97.41
N LEU DA 85 -24.61 68.40 -98.20
CA LEU DA 85 -25.88 68.92 -97.71
C LEU DA 85 -26.96 67.93 -98.12
N VAL DA 86 -27.86 67.62 -97.19
CA VAL DA 86 -28.91 66.65 -97.40
C VAL DA 86 -30.23 67.31 -97.04
N VAL DA 87 -31.23 67.17 -97.91
CA VAL DA 87 -32.54 67.78 -97.72
C VAL DA 87 -33.53 66.70 -97.35
N ASN DA 88 -34.24 66.92 -96.25
CA ASN DA 88 -35.21 65.96 -95.71
C ASN DA 88 -36.58 66.27 -96.31
N ALA DA 89 -36.91 65.57 -97.38
CA ALA DA 89 -38.19 65.73 -98.06
C ALA DA 89 -39.09 64.52 -97.86
N ASP DA 90 -38.96 63.84 -96.72
CA ASP DA 90 -39.78 62.66 -96.45
C ASP DA 90 -41.20 63.06 -96.09
N GLU DA 91 -41.36 63.78 -94.98
CA GLU DA 91 -42.63 64.32 -94.50
C GLU DA 91 -43.67 63.21 -94.28
N GLY DA 92 -43.28 62.24 -93.44
CA GLY DA 92 -44.16 61.16 -93.08
C GLY DA 92 -45.01 61.38 -91.86
N GLU DA 93 -44.87 62.52 -91.20
CA GLU DA 93 -45.64 62.79 -89.99
C GLU DA 93 -47.10 63.06 -90.34
N PRO DA 94 -48.06 62.42 -89.66
CA PRO DA 94 -49.47 62.68 -89.95
C PRO DA 94 -49.87 64.12 -89.66
N GLY DA 95 -50.75 64.66 -90.50
CA GLY DA 95 -51.16 66.04 -90.41
C GLY DA 95 -50.28 67.02 -91.16
N THR DA 96 -49.08 66.60 -91.57
CA THR DA 96 -48.10 67.49 -92.19
C THR DA 96 -48.05 67.22 -93.69
N CYS DA 97 -48.33 68.26 -94.47
CA CYS DA 97 -48.23 68.15 -95.93
C CYS DA 97 -47.66 69.41 -96.56
N LYS DA 98 -46.90 70.20 -95.82
CA LYS DA 98 -46.40 71.48 -96.34
C LYS DA 98 -45.26 71.27 -97.32
N ASP DA 99 -44.35 70.34 -97.01
CA ASP DA 99 -43.19 70.11 -97.88
C ASP DA 99 -43.60 69.57 -99.23
N ARG DA 100 -44.73 68.86 -99.30
CA ARG DA 100 -45.28 68.42 -100.58
C ARG DA 100 -45.63 69.62 -101.46
N GLU DA 101 -46.28 70.62 -100.86
CA GLU DA 101 -46.62 71.83 -101.61
C GLU DA 101 -45.37 72.61 -102.01
N ILE DA 102 -44.36 72.64 -101.13
CA ILE DA 102 -43.12 73.36 -101.46
C ILE DA 102 -42.40 72.70 -102.63
N ILE DA 103 -42.24 71.38 -102.58
CA ILE DA 103 -41.53 70.67 -103.65
C ILE DA 103 -42.38 70.48 -104.89
N ARG DA 104 -43.69 70.73 -104.82
CA ARG DA 104 -44.52 70.60 -106.00
C ARG DA 104 -44.73 71.91 -106.73
N HIS DA 105 -44.88 73.02 -106.00
CA HIS DA 105 -45.22 74.29 -106.63
C HIS DA 105 -44.08 75.31 -106.62
N ASP DA 106 -43.08 75.16 -105.77
CA ASP DA 106 -41.90 76.02 -105.75
C ASP DA 106 -40.63 75.18 -105.68
N PRO DA 107 -40.27 74.48 -106.75
CA PRO DA 107 -39.08 73.64 -106.68
C PRO DA 107 -37.79 74.43 -106.87
N HIS DA 108 -37.87 75.52 -107.64
CA HIS DA 108 -36.69 76.35 -107.87
C HIS DA 108 -36.25 77.08 -106.61
N LYS DA 109 -37.20 77.39 -105.73
CA LYS DA 109 -36.84 77.92 -104.42
C LYS DA 109 -36.04 76.90 -103.62
N LEU DA 110 -36.43 75.63 -103.68
CA LEU DA 110 -35.68 74.57 -103.02
C LEU DA 110 -34.29 74.40 -103.63
N VAL DA 111 -34.18 74.49 -104.96
CA VAL DA 111 -32.88 74.35 -105.61
C VAL DA 111 -31.95 75.50 -105.25
N GLU DA 112 -32.49 76.73 -105.23
CA GLU DA 112 -31.69 77.89 -104.83
C GLU DA 112 -31.30 77.80 -103.37
N GLY DA 113 -32.18 77.30 -102.51
CA GLY DA 113 -31.82 77.07 -101.13
C GLY DA 113 -30.73 76.04 -100.97
N CYS DA 114 -30.77 74.98 -101.79
CA CYS DA 114 -29.71 73.98 -101.80
C CYS DA 114 -28.38 74.61 -102.20
N LEU DA 115 -28.39 75.45 -103.22
CA LEU DA 115 -27.15 76.10 -103.66
C LEU DA 115 -26.60 77.05 -102.60
N VAL DA 116 -27.47 77.85 -101.98
CA VAL DA 116 -27.04 78.81 -100.97
C VAL DA 116 -26.52 78.10 -99.74
N GLY DA 117 -27.21 77.04 -99.29
CA GLY DA 117 -26.73 76.26 -98.17
C GLY DA 117 -25.42 75.55 -98.44
N GLY DA 118 -25.29 74.97 -99.65
CA GLY DA 118 -24.05 74.30 -100.01
C GLY DA 118 -22.87 75.24 -100.11
N ARG DA 119 -23.10 76.47 -100.58
CA ARG DA 119 -22.04 77.47 -100.52
C ARG DA 119 -21.77 77.90 -99.08
N ALA DA 120 -22.80 77.90 -98.23
CA ALA DA 120 -22.63 78.37 -96.87
C ALA DA 120 -21.73 77.46 -96.05
N MET DA 121 -21.82 76.15 -96.29
CA MET DA 121 -21.02 75.20 -95.53
C MET DA 121 -19.97 74.48 -96.38
N GLY DA 122 -19.74 74.94 -97.61
CA GLY DA 122 -18.76 74.33 -98.48
C GLY DA 122 -19.10 72.91 -98.91
N ALA DA 123 -20.39 72.62 -99.10
CA ALA DA 123 -20.82 71.28 -99.47
C ALA DA 123 -20.51 71.02 -100.94
N ARG DA 124 -20.15 69.77 -101.23
CA ARG DA 124 -19.85 69.39 -102.62
C ARG DA 124 -21.12 69.26 -103.44
N ALA DA 125 -22.18 68.68 -102.88
CA ALA DA 125 -23.40 68.43 -103.61
C ALA DA 125 -24.57 68.40 -102.64
N ALA DA 126 -25.77 68.30 -103.19
CA ALA DA 126 -26.99 68.22 -102.41
C ALA DA 126 -27.72 66.93 -102.75
N TYR DA 127 -28.11 66.18 -101.73
CA TYR DA 127 -28.86 64.94 -101.87
C TYR DA 127 -30.25 65.17 -101.29
N ILE DA 128 -31.24 65.37 -102.16
CA ILE DA 128 -32.62 65.58 -101.73
C ILE DA 128 -33.28 64.22 -101.62
N TYR DA 129 -33.63 63.81 -100.40
CA TYR DA 129 -34.27 62.53 -100.15
C TYR DA 129 -35.78 62.76 -100.13
N ILE DA 130 -36.42 62.51 -101.25
CA ILE DA 130 -37.85 62.71 -101.37
C ILE DA 130 -38.57 61.44 -100.95
N ARG DA 131 -39.85 61.59 -100.60
CA ARG DA 131 -40.66 60.45 -100.21
C ARG DA 131 -40.94 59.55 -101.41
N GLY DA 132 -41.03 58.25 -101.16
CA GLY DA 132 -41.32 57.31 -102.22
C GLY DA 132 -42.72 57.48 -102.80
N GLU DA 133 -43.68 57.88 -101.97
CA GLU DA 133 -45.04 58.08 -102.44
C GLU DA 133 -45.15 59.28 -103.37
N PHE DA 134 -44.28 60.27 -103.21
CA PHE DA 134 -44.37 61.52 -103.96
C PHE DA 134 -43.65 61.36 -105.30
N TYR DA 135 -44.28 60.59 -106.20
CA TYR DA 135 -43.67 60.36 -107.50
C TYR DA 135 -43.78 61.58 -108.40
N ASN DA 136 -44.97 62.20 -108.46
CA ASN DA 136 -45.17 63.35 -109.32
C ASN DA 136 -44.41 64.56 -108.81
N GLU DA 137 -44.33 64.72 -107.49
CA GLU DA 137 -43.54 65.79 -106.91
C GLU DA 137 -42.05 65.59 -107.20
N ALA DA 138 -41.57 64.35 -107.13
CA ALA DA 138 -40.18 64.07 -107.48
C ALA DA 138 -39.90 64.34 -108.95
N SER DA 139 -40.86 64.01 -109.83
CA SER DA 139 -40.69 64.30 -111.25
C SER DA 139 -40.66 65.80 -111.52
N ASN DA 140 -41.52 66.57 -110.84
CA ASN DA 140 -41.49 68.02 -110.98
C ASN DA 140 -40.18 68.61 -110.47
N LEU DA 141 -39.68 68.09 -109.34
CA LEU DA 141 -38.41 68.55 -108.80
C LEU DA 141 -37.26 68.23 -109.74
N GLN DA 142 -37.27 67.05 -110.35
CA GLN DA 142 -36.22 66.70 -111.30
C GLN DA 142 -36.31 67.54 -112.58
N VAL DA 143 -37.52 67.88 -113.01
CA VAL DA 143 -37.70 68.77 -114.16
C VAL DA 143 -37.13 70.15 -113.86
N ALA DA 144 -37.41 70.68 -112.67
CA ALA DA 144 -36.87 71.98 -112.29
C ALA DA 144 -35.35 71.94 -112.14
N ILE DA 145 -34.82 70.84 -111.62
CA ILE DA 145 -33.37 70.68 -111.50
C ILE DA 145 -32.72 70.63 -112.87
N ARG DA 146 -33.35 69.95 -113.82
CA ARG DA 146 -32.84 69.92 -115.20
C ARG DA 146 -32.89 71.30 -115.84
N GLU DA 147 -33.95 72.06 -115.56
CA GLU DA 147 -34.05 73.42 -116.08
C GLU DA 147 -32.97 74.31 -115.50
N ALA DA 148 -32.67 74.16 -114.21
CA ALA DA 148 -31.60 74.92 -113.59
C ALA DA 148 -30.24 74.51 -114.13
N TYR DA 149 -30.06 73.22 -114.41
CA TYR DA 149 -28.82 72.72 -115.00
C TYR DA 149 -28.60 73.28 -116.40
N GLU DA 150 -29.67 73.36 -117.19
CA GLU DA 150 -29.53 73.84 -118.57
C GLU DA 150 -29.24 75.33 -118.62
N ALA DA 151 -29.75 76.09 -117.66
CA ALA DA 151 -29.54 77.54 -117.63
C ALA DA 151 -28.24 77.95 -116.96
N GLY DA 152 -27.45 76.98 -116.48
CA GLY DA 152 -26.19 77.30 -115.83
C GLY DA 152 -26.30 77.76 -114.41
N LEU DA 153 -27.47 77.61 -113.78
CA LEU DA 153 -27.62 78.04 -112.39
C LEU DA 153 -26.97 77.08 -111.41
N ILE DA 154 -26.97 75.78 -111.70
CA ILE DA 154 -26.30 74.80 -110.85
C ILE DA 154 -25.44 73.91 -111.74
N GLY DA 155 -24.48 73.24 -111.11
CA GLY DA 155 -23.55 72.41 -111.83
C GLY DA 155 -22.14 72.97 -111.81
N LYS DA 156 -21.40 72.77 -112.89
CA LYS DA 156 -20.06 73.33 -113.00
C LYS DA 156 -20.15 74.83 -113.21
N ASN DA 157 -19.43 75.59 -112.36
CA ASN DA 157 -19.45 77.06 -112.33
C ASN DA 157 -20.87 77.58 -112.16
N ALA DA 158 -21.43 77.26 -110.99
CA ALA DA 158 -22.82 77.58 -110.70
C ALA DA 158 -23.01 79.09 -110.60
N CYS DA 159 -23.85 79.63 -111.50
CA CYS DA 159 -24.23 81.05 -111.55
C CYS DA 159 -23.03 81.97 -111.71
N GLY DA 160 -21.97 81.48 -112.35
CA GLY DA 160 -20.78 82.28 -112.57
C GLY DA 160 -20.04 82.71 -111.33
N SER DA 161 -20.02 81.87 -110.29
CA SER DA 161 -19.34 82.18 -109.06
C SER DA 161 -18.07 81.35 -108.84
N GLY DA 162 -17.74 80.46 -109.76
CA GLY DA 162 -16.60 79.59 -109.58
C GLY DA 162 -16.82 78.44 -108.63
N TYR DA 163 -18.05 78.22 -108.19
CA TYR DA 163 -18.38 77.15 -107.25
C TYR DA 163 -19.12 76.05 -107.98
N ASP DA 164 -18.67 74.81 -107.77
CA ASP DA 164 -19.26 73.64 -108.41
C ASP DA 164 -20.19 72.95 -107.44
N PHE DA 165 -21.46 72.81 -107.81
CA PHE DA 165 -22.47 72.26 -106.91
C PHE DA 165 -23.47 71.46 -107.72
N ASP DA 166 -23.62 70.18 -107.37
CA ASP DA 166 -24.60 69.30 -107.99
C ASP DA 166 -25.78 69.08 -107.06
N VAL DA 167 -26.95 68.81 -107.65
CA VAL DA 167 -28.16 68.51 -106.89
C VAL DA 167 -28.66 67.15 -107.34
N PHE DA 168 -28.84 66.24 -106.39
CA PHE DA 168 -29.34 64.91 -106.64
C PHE DA 168 -30.66 64.71 -105.92
N VAL DA 169 -31.52 63.89 -106.50
CA VAL DA 169 -32.79 63.50 -105.89
C VAL DA 169 -32.78 62.00 -105.70
N VAL DA 170 -32.97 61.56 -104.47
CA VAL DA 170 -33.04 60.13 -104.12
C VAL DA 170 -34.46 59.86 -103.62
N ARG DA 171 -35.13 58.90 -104.25
CA ARG DA 171 -36.48 58.54 -103.86
C ARG DA 171 -36.44 57.53 -102.72
N GLY DA 172 -37.34 57.72 -101.75
CA GLY DA 172 -37.47 56.78 -100.66
C GLY DA 172 -38.24 55.55 -101.08
N ALA DA 173 -38.52 54.70 -100.08
CA ALA DA 173 -39.26 53.47 -100.35
C ALA DA 173 -40.34 53.22 -99.32
N GLY DA 174 -40.96 54.28 -98.81
CA GLY DA 174 -42.12 54.14 -97.95
C GLY DA 174 -41.79 53.72 -96.52
N ALA DA 175 -41.05 54.57 -95.81
CA ALA DA 175 -40.74 54.32 -94.40
C ALA DA 175 -40.78 55.65 -93.66
N TYR DA 176 -41.60 55.72 -92.62
CA TYR DA 176 -41.69 56.95 -91.83
C TYR DA 176 -40.42 57.18 -91.02
N ILE DA 177 -39.81 56.10 -90.51
CA ILE DA 177 -38.60 56.20 -89.71
C ILE DA 177 -37.43 56.74 -90.52
N CYS DA 178 -37.47 56.62 -91.86
CA CYS DA 178 -36.44 57.20 -92.70
C CYS DA 178 -36.50 58.72 -92.74
N GLY DA 179 -37.53 59.34 -92.17
CA GLY DA 179 -37.57 60.79 -92.11
C GLY DA 179 -36.54 61.40 -91.17
N GLU DA 180 -36.12 60.67 -90.14
CA GLU DA 180 -35.13 61.20 -89.21
C GLU DA 180 -33.74 61.16 -89.85
N GLU DA 181 -32.89 62.12 -89.46
CA GLU DA 181 -31.68 62.44 -90.21
C GLU DA 181 -30.69 61.28 -90.29
N THR DA 182 -30.45 60.58 -89.17
CA THR DA 182 -29.48 59.50 -89.20
C THR DA 182 -30.02 58.28 -89.95
N ALA DA 183 -31.31 57.98 -89.75
CA ALA DA 183 -31.93 56.90 -90.52
C ALA DA 183 -32.03 57.25 -92.00
N LEU DA 184 -32.24 58.53 -92.30
CA LEU DA 184 -32.20 58.98 -93.69
C LEU DA 184 -30.81 58.81 -94.29
N ILE DA 185 -29.77 59.11 -93.50
CA ILE DA 185 -28.39 58.95 -93.97
C ILE DA 185 -28.09 57.49 -94.25
N GLU DA 186 -28.55 56.60 -93.37
CA GLU DA 186 -28.38 55.17 -93.62
C GLU DA 186 -29.22 54.69 -94.81
N SER DA 187 -30.37 55.31 -95.05
CA SER DA 187 -31.20 54.95 -96.19
C SER DA 187 -30.57 55.37 -97.51
N ILE DA 188 -29.87 56.51 -97.52
CA ILE DA 188 -29.18 56.94 -98.74
C ILE DA 188 -28.06 55.96 -99.07
N GLU DA 189 -27.35 55.46 -98.05
CA GLU DA 189 -26.27 54.50 -98.22
C GLU DA 189 -26.75 53.09 -98.63
N GLY DA 190 -28.03 52.87 -98.91
CA GLY DA 190 -28.47 51.57 -99.39
C GLY DA 190 -28.60 50.51 -98.32
N LYS DA 191 -28.92 50.90 -97.09
CA LYS DA 191 -29.10 49.98 -95.99
C LYS DA 191 -30.53 50.08 -95.47
N GLN DA 192 -30.80 49.35 -94.39
CA GLN DA 192 -32.06 49.50 -93.69
C GLN DA 192 -32.12 50.86 -93.01
N GLY DA 193 -33.31 51.46 -93.01
CA GLY DA 193 -33.48 52.77 -92.42
C GLY DA 193 -33.51 52.73 -90.91
N LYS DA 194 -32.36 52.43 -90.30
CA LYS DA 194 -32.25 52.35 -88.86
C LYS DA 194 -31.35 53.47 -88.35
N PRO DA 195 -31.80 54.22 -87.35
CA PRO DA 195 -31.04 55.40 -86.91
C PRO DA 195 -29.73 55.03 -86.23
N ARG DA 196 -28.75 55.92 -86.35
CA ARG DA 196 -27.47 55.76 -85.70
C ARG DA 196 -27.54 56.34 -84.29
N LEU DA 197 -26.44 56.17 -83.54
CA LEU DA 197 -26.32 56.71 -82.19
C LEU DA 197 -25.46 57.96 -82.24
N LYS DA 198 -25.97 59.04 -81.66
CA LYS DA 198 -25.22 60.29 -81.59
C LYS DA 198 -24.63 60.46 -80.20
N PRO DA 199 -23.32 60.72 -80.05
CA PRO DA 199 -22.25 60.89 -81.04
C PRO DA 199 -21.83 59.58 -81.70
N PRO DA 200 -21.27 59.63 -82.93
CA PRO DA 200 -20.92 60.80 -83.76
C PRO DA 200 -22.10 61.51 -84.42
N PHE DA 201 -22.04 62.83 -84.41
CA PHE DA 201 -23.04 63.66 -85.04
C PHE DA 201 -22.83 63.68 -86.55
N PRO DA 202 -23.87 63.98 -87.32
CA PRO DA 202 -23.71 64.01 -88.80
C PRO DA 202 -22.70 65.03 -89.29
N ALA DA 203 -22.44 66.10 -88.53
CA ALA DA 203 -21.40 67.05 -88.93
C ALA DA 203 -20.01 66.45 -88.87
N ASP DA 204 -19.81 65.40 -88.08
CA ASP DA 204 -18.54 64.69 -88.03
C ASP DA 204 -18.51 63.52 -89.00
N VAL DA 205 -19.44 62.58 -88.84
CA VAL DA 205 -19.60 61.44 -89.73
C VAL DA 205 -21.06 61.37 -90.15
N GLY DA 206 -21.31 61.55 -91.45
CA GLY DA 206 -22.66 61.51 -91.97
C GLY DA 206 -22.86 60.49 -93.07
N VAL DA 207 -23.25 60.94 -94.26
CA VAL DA 207 -23.48 60.03 -95.37
C VAL DA 207 -22.15 59.64 -95.98
N PHE DA 208 -21.97 58.33 -96.22
CA PHE DA 208 -20.73 57.71 -96.68
C PHE DA 208 -19.55 57.97 -95.74
N GLY DA 209 -19.81 58.34 -94.49
CA GLY DA 209 -18.76 58.75 -93.58
C GLY DA 209 -18.30 60.18 -93.72
N CYS DA 210 -18.75 60.88 -94.76
CA CYS DA 210 -18.38 62.26 -95.00
C CYS DA 210 -19.14 63.19 -94.07
N PRO DA 211 -18.62 64.39 -93.81
CA PRO DA 211 -19.41 65.38 -93.06
C PRO DA 211 -20.67 65.76 -93.82
N THR DA 212 -21.78 65.85 -93.07
CA THR DA 212 -23.10 65.98 -93.66
C THR DA 212 -23.97 66.88 -92.79
N THR DA 213 -24.76 67.75 -93.43
CA THR DA 213 -25.75 68.56 -92.73
C THR DA 213 -27.12 68.24 -93.31
N VAL DA 214 -28.04 67.78 -92.46
CA VAL DA 214 -29.40 67.43 -92.87
C VAL DA 214 -30.33 68.55 -92.46
N ALA DA 215 -31.10 69.07 -93.41
CA ALA DA 215 -31.99 70.19 -93.15
C ALA DA 215 -33.33 69.95 -93.84
N ASN DA 216 -34.38 70.52 -93.26
CA ASN DA 216 -35.72 70.38 -93.80
C ASN DA 216 -35.86 71.19 -95.09
N VAL DA 217 -36.91 70.86 -95.86
CA VAL DA 217 -37.23 71.59 -97.08
C VAL DA 217 -37.60 73.03 -96.77
N GLU DA 218 -38.42 73.24 -95.74
CA GLU DA 218 -38.88 74.59 -95.41
C GLU DA 218 -37.75 75.44 -94.89
N THR DA 219 -36.87 74.89 -94.05
CA THR DA 219 -35.76 75.66 -93.53
C THR DA 219 -34.65 75.87 -94.56
N VAL DA 220 -34.71 75.19 -95.69
CA VAL DA 220 -33.75 75.43 -96.78
C VAL DA 220 -34.31 76.43 -97.78
N ALA DA 221 -35.60 76.34 -98.10
CA ALA DA 221 -36.19 77.23 -99.10
C ALA DA 221 -36.29 78.68 -98.65
N VAL DA 222 -36.24 78.93 -97.34
CA VAL DA 222 -36.32 80.30 -96.84
C VAL DA 222 -34.97 81.01 -96.93
N SER DA 223 -33.86 80.26 -96.92
CA SER DA 223 -32.52 80.85 -96.86
C SER DA 223 -32.17 81.81 -98.01
N PRO DA 224 -32.54 81.58 -99.29
CA PRO DA 224 -32.31 82.64 -100.28
C PRO DA 224 -33.07 83.93 -99.96
N THR DA 225 -34.29 83.81 -99.44
CA THR DA 225 -35.03 85.00 -99.02
C THR DA 225 -34.37 85.65 -97.81
N ILE DA 226 -33.76 84.84 -96.93
CA ILE DA 226 -32.99 85.38 -95.80
C ILE DA 226 -31.81 86.20 -96.31
N CYS DA 227 -31.08 85.67 -97.30
CA CYS DA 227 -29.92 86.36 -97.81
C CYS DA 227 -30.30 87.60 -98.62
N ARG DA 228 -31.44 87.56 -99.31
CA ARG DA 228 -31.83 88.68 -100.16
C ARG DA 228 -32.49 89.80 -99.35
N ARG DA 229 -33.56 89.47 -98.62
CA ARG DA 229 -34.27 90.50 -97.86
C ARG DA 229 -33.49 90.96 -96.64
N GLY DA 230 -32.74 90.06 -96.01
CA GLY DA 230 -32.00 90.39 -94.81
C GLY DA 230 -32.57 89.68 -93.60
N GLY DA 231 -31.73 89.58 -92.56
CA GLY DA 231 -32.12 88.89 -91.35
C GLY DA 231 -33.05 89.67 -90.46
N ALA DA 232 -32.95 91.00 -90.48
CA ALA DA 232 -33.79 91.82 -89.61
C ALA DA 232 -35.25 91.77 -90.03
N TRP DA 233 -35.51 91.68 -91.33
CA TRP DA 233 -36.88 91.57 -91.83
C TRP DA 233 -37.53 90.27 -91.38
N PHE DA 234 -36.77 89.17 -91.42
CA PHE DA 234 -37.29 87.89 -90.92
C PHE DA 234 -37.44 87.92 -89.40
N ALA DA 235 -36.53 88.62 -88.71
CA ALA DA 235 -36.61 88.72 -87.26
C ALA DA 235 -37.72 89.66 -86.79
N SER DA 236 -38.26 90.49 -87.68
CA SER DA 236 -39.35 91.39 -87.28
C SER DA 236 -40.61 90.63 -86.92
N PHE DA 237 -40.85 89.47 -87.53
CA PHE DA 237 -42.04 88.69 -87.26
C PHE DA 237 -41.82 87.80 -86.03
N GLY DA 238 -42.91 87.48 -85.36
CA GLY DA 238 -42.88 86.57 -84.24
C GLY DA 238 -42.30 87.20 -82.98
N ARG DA 239 -42.30 86.41 -81.92
CA ARG DA 239 -41.78 86.85 -80.63
C ARG DA 239 -40.25 86.71 -80.62
N GLU DA 240 -39.64 86.92 -79.45
CA GLU DA 240 -38.22 86.70 -79.31
C GLU DA 240 -37.92 85.20 -79.30
N ARG DA 241 -36.86 84.83 -80.02
CA ARG DA 241 -36.44 83.44 -80.25
C ARG DA 241 -37.51 82.61 -80.96
N ASN DA 242 -38.48 83.26 -81.59
CA ASN DA 242 -39.52 82.60 -82.36
C ASN DA 242 -39.78 83.39 -83.64
N SER DA 243 -38.71 83.81 -84.31
CA SER DA 243 -38.83 84.74 -85.42
C SER DA 243 -39.17 84.01 -86.72
N GLY DA 244 -39.93 84.69 -87.56
CA GLY DA 244 -40.17 84.24 -88.92
C GLY DA 244 -41.63 83.93 -89.17
N THR DA 245 -41.87 83.26 -90.30
CA THR DA 245 -43.19 82.81 -90.70
C THR DA 245 -43.23 81.28 -90.69
N LYS DA 246 -44.44 80.74 -90.74
CA LYS DA 246 -44.63 79.30 -90.63
C LYS DA 246 -45.75 78.85 -91.55
N LEU DA 247 -45.58 77.66 -92.12
CA LEU DA 247 -46.62 77.01 -92.92
C LEU DA 247 -47.44 76.11 -92.01
N PHE DA 248 -48.74 76.39 -91.91
CA PHE DA 248 -49.65 75.64 -91.07
C PHE DA 248 -50.57 74.81 -91.95
N ASN DA 249 -50.69 73.53 -91.62
CA ASN DA 249 -51.65 72.63 -92.26
C ASN DA 249 -52.76 72.35 -91.25
N ILE DA 250 -53.94 72.88 -91.51
CA ILE DA 250 -55.10 72.71 -90.63
C ILE DA 250 -55.98 71.64 -91.24
N SER DA 251 -56.24 70.58 -90.47
CA SER DA 251 -57.04 69.46 -90.95
C SER DA 251 -57.80 68.86 -89.77
N GLY DA 252 -58.58 67.84 -90.06
CA GLY DA 252 -59.41 67.19 -89.06
C GLY DA 252 -60.87 67.62 -89.18
N HIS DA 253 -61.45 68.03 -88.07
CA HIS DA 253 -62.85 68.45 -88.04
C HIS DA 253 -62.93 69.97 -88.11
N VAL DA 254 -62.65 70.49 -89.31
CA VAL DA 254 -62.73 71.92 -89.60
C VAL DA 254 -63.56 72.11 -90.85
N ASN DA 255 -63.98 73.35 -91.08
CA ASN DA 255 -64.79 73.67 -92.26
C ASN DA 255 -63.97 73.57 -93.54
N ASN DA 256 -62.79 74.19 -93.56
CA ASN DA 256 -61.94 74.24 -94.75
C ASN DA 256 -60.53 73.82 -94.37
N PRO DA 257 -60.20 72.53 -94.50
CA PRO DA 257 -58.82 72.10 -94.25
C PRO DA 257 -57.89 72.61 -95.33
N CYS DA 258 -56.79 73.25 -94.91
CA CYS DA 258 -55.96 73.95 -95.88
C CYS DA 258 -54.55 74.14 -95.34
N THR DA 259 -53.64 74.42 -96.27
CA THR DA 259 -52.27 74.82 -95.96
C THR DA 259 -52.14 76.31 -96.22
N VAL DA 260 -51.66 77.04 -95.21
CA VAL DA 260 -51.60 78.50 -95.29
C VAL DA 260 -50.33 78.98 -94.59
N GLU DA 261 -49.72 80.04 -95.12
CA GLU DA 261 -48.54 80.65 -94.53
C GLU DA 261 -48.98 81.81 -93.64
N GLU DA 262 -48.48 81.83 -92.41
CA GLU DA 262 -48.88 82.85 -91.43
C GLU DA 262 -47.68 83.20 -90.59
N GLU DA 263 -47.87 84.13 -89.65
CA GLU DA 263 -46.81 84.54 -88.74
C GLU DA 263 -46.55 83.45 -87.72
N MET DA 264 -45.45 83.60 -86.98
CA MET DA 264 -45.04 82.57 -86.04
C MET DA 264 -45.91 82.54 -84.78
N SER DA 265 -46.22 83.70 -84.21
CA SER DA 265 -46.88 83.77 -82.91
C SER DA 265 -48.38 84.05 -83.03
N VAL DA 266 -49.02 83.50 -84.04
CA VAL DA 266 -50.47 83.69 -84.22
C VAL DA 266 -51.21 82.89 -83.16
N PRO DA 267 -52.26 83.44 -82.53
CA PRO DA 267 -53.14 82.63 -81.69
C PRO DA 267 -53.80 81.52 -82.49
N LEU DA 268 -53.98 80.37 -81.83
CA LEU DA 268 -54.56 79.21 -82.51
C LEU DA 268 -56.02 79.45 -82.88
N LYS DA 269 -56.78 80.08 -81.98
CA LYS DA 269 -58.19 80.36 -82.24
C LYS DA 269 -58.35 81.30 -83.43
N GLU DA 270 -57.53 82.35 -83.49
CA GLU DA 270 -57.59 83.28 -84.62
C GLU DA 270 -57.22 82.59 -85.92
N LEU DA 271 -56.18 81.75 -85.90
CA LEU DA 271 -55.74 81.05 -87.10
C LEU DA 271 -56.82 80.11 -87.62
N ILE DA 272 -57.46 79.36 -86.71
CA ILE DA 272 -58.51 78.42 -87.13
C ILE DA 272 -59.73 79.18 -87.64
N GLU DA 273 -60.17 80.21 -86.89
CA GLU DA 273 -61.39 80.91 -87.26
C GLU DA 273 -61.20 81.83 -88.45
N LYS DA 274 -59.95 82.12 -88.84
CA LYS DA 274 -59.70 82.97 -90.00
C LYS DA 274 -59.37 82.18 -91.26
N HIS DA 275 -58.47 81.21 -91.17
CA HIS DA 275 -58.01 80.53 -92.38
C HIS DA 275 -58.77 79.24 -92.67
N ALA DA 276 -59.19 78.52 -91.63
CA ALA DA 276 -59.93 77.28 -91.81
C ALA DA 276 -61.45 77.50 -91.81
N GLY DA 277 -61.92 78.73 -91.63
CA GLY DA 277 -63.34 78.97 -91.56
C GLY DA 277 -64.01 78.53 -90.29
N GLY DA 278 -63.24 78.27 -89.24
CA GLY DA 278 -63.79 77.79 -88.00
C GLY DA 278 -64.02 76.29 -88.01
N VAL DA 279 -64.13 75.72 -86.81
CA VAL DA 279 -64.38 74.29 -86.70
C VAL DA 279 -65.85 74.01 -86.96
N THR DA 280 -66.16 72.73 -87.19
CA THR DA 280 -67.53 72.33 -87.48
C THR DA 280 -68.40 72.45 -86.25
N GLY DA 281 -69.56 73.09 -86.40
CA GLY DA 281 -70.45 73.31 -85.28
C GLY DA 281 -70.11 74.49 -84.40
N GLY DA 282 -69.18 75.33 -84.82
CA GLY DA 282 -68.79 76.49 -84.04
C GLY DA 282 -67.79 76.15 -82.95
N TRP DA 283 -67.20 77.20 -82.38
CA TRP DA 283 -66.12 77.05 -81.40
C TRP DA 283 -66.56 76.36 -80.13
N ASP DA 284 -67.87 76.36 -79.83
CA ASP DA 284 -68.37 75.61 -78.69
C ASP DA 284 -68.35 74.10 -78.92
N ASN DA 285 -68.18 73.66 -80.16
CA ASN DA 285 -68.13 72.23 -80.47
C ASN DA 285 -66.72 71.66 -80.46
N LEU DA 286 -65.72 72.47 -80.16
CA LEU DA 286 -64.34 71.98 -80.16
C LEU DA 286 -64.09 71.10 -78.94
N LEU DA 287 -63.47 69.94 -79.17
CA LEU DA 287 -63.07 69.05 -78.10
C LEU DA 287 -61.57 69.05 -77.84
N ALA DA 288 -60.76 68.83 -78.87
CA ALA DA 288 -59.32 68.79 -78.66
C ALA DA 288 -58.59 69.23 -79.93
N VAL DA 289 -57.35 69.66 -79.75
CA VAL DA 289 -56.51 70.06 -80.87
C VAL DA 289 -55.12 69.46 -80.66
N ILE DA 290 -54.62 68.75 -81.66
CA ILE DA 290 -53.22 68.35 -81.73
C ILE DA 290 -52.49 69.41 -82.54
N PRO DA 291 -51.59 70.19 -81.94
CA PRO DA 291 -51.06 71.37 -82.63
C PRO DA 291 -49.90 71.09 -83.57
N GLY DA 292 -49.15 70.02 -83.33
CA GLY DA 292 -47.94 69.80 -84.10
C GLY DA 292 -47.77 68.42 -84.69
N GLY DA 293 -48.85 67.81 -85.16
CA GLY DA 293 -48.78 66.48 -85.70
C GLY DA 293 -48.73 65.43 -84.61
N SER DA 294 -48.69 64.17 -85.05
CA SER DA 294 -48.87 63.04 -84.14
C SER DA 294 -47.76 62.90 -83.10
N SER DA 295 -46.62 63.56 -83.29
CA SER DA 295 -45.55 63.50 -82.31
C SER DA 295 -45.84 64.33 -81.06
N THR DA 296 -46.74 65.30 -81.15
CA THR DA 296 -47.01 66.17 -80.02
C THR DA 296 -48.30 65.77 -79.33
N PRO DA 297 -48.41 65.99 -78.01
CA PRO DA 297 -49.67 65.68 -77.31
C PRO DA 297 -50.78 66.64 -77.71
N LEU DA 298 -52.00 66.25 -77.37
CA LEU DA 298 -53.14 67.11 -77.63
C LEU DA 298 -53.30 68.13 -76.50
N ILE DA 299 -54.10 69.15 -76.76
CA ILE DA 299 -54.55 70.09 -75.74
C ILE DA 299 -56.06 70.20 -75.82
N PRO DA 300 -56.74 70.41 -74.70
CA PRO DA 300 -58.22 70.48 -74.72
C PRO DA 300 -58.72 71.86 -75.13
N LYS DA 301 -60.05 72.04 -75.05
CA LYS DA 301 -60.67 73.30 -75.47
C LYS DA 301 -60.31 74.45 -74.54
N SER DA 302 -60.08 74.16 -73.25
CA SER DA 302 -59.74 75.22 -72.30
C SER DA 302 -58.36 75.81 -72.60
N VAL DA 303 -57.40 74.96 -72.95
CA VAL DA 303 -56.05 75.44 -73.27
C VAL DA 303 -56.06 76.22 -74.58
N CYS DA 304 -56.90 75.80 -75.54
CA CYS DA 304 -56.89 76.34 -76.90
C CYS DA 304 -57.33 77.79 -76.99
N GLU DA 305 -57.88 78.37 -75.93
CA GLU DA 305 -58.47 79.70 -76.04
C GLU DA 305 -57.42 80.78 -76.25
N THR DA 306 -56.37 80.79 -75.44
CA THR DA 306 -55.36 81.85 -75.44
C THR DA 306 -53.96 81.28 -75.60
N VAL DA 307 -53.78 80.39 -76.56
CA VAL DA 307 -52.48 79.77 -76.82
C VAL DA 307 -51.91 80.32 -78.12
N LEU DA 308 -50.62 80.64 -78.12
CA LEU DA 308 -49.92 81.11 -79.31
C LEU DA 308 -49.22 79.95 -79.99
N MET DA 309 -49.17 80.00 -81.32
CA MET DA 309 -48.70 78.87 -82.12
C MET DA 309 -47.21 78.96 -82.43
N ASP DA 310 -46.39 79.16 -81.40
CA ASP DA 310 -44.93 79.16 -81.56
C ASP DA 310 -44.33 78.09 -80.66
N PHE DA 311 -43.00 78.05 -80.62
CA PHE DA 311 -42.30 77.01 -79.87
C PHE DA 311 -42.48 77.17 -78.37
N ASP DA 312 -42.24 78.39 -77.86
CA ASP DA 312 -42.14 78.59 -76.42
C ASP DA 312 -43.50 78.48 -75.74
N ALA DA 313 -44.55 79.04 -76.35
CA ALA DA 313 -45.87 79.01 -75.75
C ALA DA 313 -46.43 77.59 -75.71
N LEU DA 314 -46.12 76.78 -76.72
CA LEU DA 314 -46.58 75.40 -76.73
C LEU DA 314 -45.74 74.51 -75.83
N ILE DA 315 -44.44 74.81 -75.67
CA ILE DA 315 -43.63 74.11 -74.68
C ILE DA 315 -44.13 74.41 -73.27
N GLN DA 316 -44.54 75.65 -73.03
CA GLN DA 316 -45.15 76.00 -71.74
C GLN DA 316 -46.44 75.24 -71.49
N ALA DA 317 -47.20 74.96 -72.55
CA ALA DA 317 -48.46 74.21 -72.44
C ALA DA 317 -48.25 72.70 -72.56
N GLN DA 318 -47.06 72.20 -72.21
CA GLN DA 318 -46.73 70.77 -72.16
C GLN DA 318 -46.89 70.08 -73.51
N THR DA 319 -46.62 70.81 -74.58
CA THR DA 319 -46.68 70.27 -75.94
C THR DA 319 -45.50 70.84 -76.72
N GLY DA 320 -45.56 70.75 -78.05
CA GLY DA 320 -44.54 71.34 -78.89
C GLY DA 320 -45.14 71.84 -80.17
N LEU DA 321 -44.43 72.80 -80.80
CA LEU DA 321 -44.88 73.30 -82.09
C LEU DA 321 -44.79 72.22 -83.16
N GLY DA 322 -43.72 71.43 -83.14
CA GLY DA 322 -43.57 70.34 -84.09
C GLY DA 322 -43.47 70.83 -85.52
N THR DA 323 -44.24 70.22 -86.40
CA THR DA 323 -44.29 70.60 -87.80
C THR DA 323 -45.40 71.58 -88.11
N ALA DA 324 -46.04 72.14 -87.07
CA ALA DA 324 -47.17 73.06 -87.18
C ALA DA 324 -48.31 72.44 -87.99
N ALA DA 325 -48.78 71.30 -87.51
CA ALA DA 325 -49.86 70.53 -88.14
C ALA DA 325 -51.01 70.46 -87.16
N VAL DA 326 -52.06 71.24 -87.41
CA VAL DA 326 -53.17 71.38 -86.48
C VAL DA 326 -54.27 70.40 -86.88
N ILE DA 327 -54.40 69.32 -86.12
CA ILE DA 327 -55.48 68.35 -86.29
C ILE DA 327 -56.54 68.67 -85.25
N VAL DA 328 -57.77 68.90 -85.70
CA VAL DA 328 -58.86 69.37 -84.84
C VAL DA 328 -59.89 68.26 -84.69
N MET DA 329 -60.28 67.97 -83.45
CA MET DA 329 -61.33 67.01 -83.16
C MET DA 329 -62.46 67.71 -82.41
N ASP DA 330 -63.68 67.58 -82.93
CA ASP DA 330 -64.86 68.15 -82.30
C ASP DA 330 -65.43 67.19 -81.25
N ARG DA 331 -66.53 67.59 -80.63
CA ARG DA 331 -67.10 66.85 -79.50
C ARG DA 331 -67.78 65.55 -79.93
N SER DA 332 -67.98 65.32 -81.22
CA SER DA 332 -68.56 64.07 -81.71
C SER DA 332 -67.50 63.05 -82.09
N THR DA 333 -66.36 63.05 -81.40
CA THR DA 333 -65.23 62.19 -81.72
C THR DA 333 -64.93 61.26 -80.56
N ASP DA 334 -64.67 60.00 -80.87
CA ASP DA 334 -64.12 59.05 -79.92
C ASP DA 334 -62.61 59.27 -79.89
N ILE DA 335 -62.16 60.12 -78.97
CA ILE DA 335 -60.77 60.55 -78.94
C ILE DA 335 -59.84 59.39 -78.54
N VAL DA 336 -60.34 58.45 -77.74
CA VAL DA 336 -59.54 57.28 -77.37
C VAL DA 336 -59.25 56.44 -78.60
N LYS DA 337 -60.22 56.33 -79.52
CA LYS DA 337 -59.99 55.63 -80.78
C LYS DA 337 -58.95 56.35 -81.64
N ALA DA 338 -58.97 57.70 -81.62
CA ALA DA 338 -57.98 58.46 -82.38
C ALA DA 338 -56.57 58.24 -81.85
N ILE DA 339 -56.41 58.26 -80.53
CA ILE DA 339 -55.10 58.05 -79.93
C ILE DA 339 -54.65 56.60 -80.14
N ALA DA 340 -55.59 55.66 -80.09
CA ALA DA 340 -55.25 54.26 -80.37
C ALA DA 340 -54.81 54.09 -81.82
N ARG DA 341 -55.44 54.80 -82.75
CA ARG DA 341 -55.01 54.75 -84.14
C ARG DA 341 -53.63 55.37 -84.32
N LEU DA 342 -53.33 56.45 -83.58
CA LEU DA 342 -51.99 57.04 -83.63
C LEU DA 342 -50.94 56.07 -83.10
N ILE DA 343 -51.25 55.37 -82.01
CA ILE DA 343 -50.31 54.40 -81.46
C ILE DA 343 -50.15 53.20 -82.39
N GLU DA 344 -51.22 52.81 -83.08
CA GLU DA 344 -51.12 51.76 -84.09
C GLU DA 344 -50.27 52.19 -85.26
N PHE DA 345 -50.36 53.47 -85.64
CA PHE DA 345 -49.48 54.02 -86.67
C PHE DA 345 -48.03 53.97 -86.23
N TYR DA 346 -47.76 54.30 -84.97
CA TYR DA 346 -46.40 54.24 -84.46
C TYR DA 346 -45.88 52.82 -84.36
N LYS DA 347 -46.77 51.86 -84.10
CA LYS DA 347 -46.37 50.46 -84.09
C LYS DA 347 -46.05 49.97 -85.50
N HIS DA 348 -46.84 50.38 -86.48
CA HIS DA 348 -46.57 49.95 -87.85
C HIS DA 348 -45.37 50.68 -88.45
N GLU DA 349 -45.10 51.89 -88.00
CA GLU DA 349 -43.94 52.67 -88.46
C GLU DA 349 -42.95 52.75 -87.30
N SER DA 350 -42.13 51.71 -87.17
CA SER DA 350 -41.12 51.63 -86.13
C SER DA 350 -40.02 50.71 -86.62
N CYS DA 351 -38.78 51.19 -86.61
CA CYS DA 351 -37.69 50.45 -87.24
C CYS DA 351 -37.32 49.19 -86.48
N GLY DA 352 -37.62 49.12 -85.18
CA GLY DA 352 -37.42 47.90 -84.42
C GLY DA 352 -35.99 47.59 -84.06
N GLN DA 353 -35.07 48.53 -84.20
CA GLN DA 353 -33.67 48.25 -83.89
C GLN DA 353 -33.45 48.10 -82.38
N CYS DA 354 -34.00 49.02 -81.60
CA CYS DA 354 -33.69 49.10 -80.18
C CYS DA 354 -34.88 48.66 -79.34
N THR DA 355 -34.57 48.00 -78.22
CA THR DA 355 -35.56 47.26 -77.43
C THR DA 355 -36.72 48.09 -76.88
N PRO DA 356 -36.52 49.27 -76.24
CA PRO DA 356 -37.67 49.90 -75.54
C PRO DA 356 -38.82 50.30 -76.45
N CYS DA 357 -38.55 50.94 -77.58
CA CYS DA 357 -39.63 51.23 -78.53
C CYS DA 357 -40.20 49.96 -79.13
N ARG DA 358 -39.34 49.01 -79.52
CA ARG DA 358 -39.77 47.82 -80.24
C ARG DA 358 -40.75 46.98 -79.42
N GLU DA 359 -40.55 46.90 -78.11
CA GLU DA 359 -41.51 46.19 -77.29
C GLU DA 359 -42.60 47.10 -76.72
N GLY DA 360 -42.23 48.29 -76.27
CA GLY DA 360 -43.16 49.16 -75.57
C GLY DA 360 -44.26 49.70 -76.45
N VAL DA 361 -43.95 50.05 -77.70
CA VAL DA 361 -44.97 50.63 -78.56
C VAL DA 361 -46.04 49.60 -78.90
N ASP DA 362 -45.64 48.34 -79.09
CA ASP DA 362 -46.61 47.27 -79.25
C ASP DA 362 -47.41 47.06 -77.96
N TRP DA 363 -46.75 47.22 -76.81
CA TRP DA 363 -47.46 47.11 -75.53
C TRP DA 363 -48.53 48.18 -75.39
N MET DA 364 -48.20 49.44 -75.72
CA MET DA 364 -49.21 50.50 -75.71
C MET DA 364 -50.28 50.27 -76.76
N ASN DA 365 -49.94 49.68 -77.90
CA ASN DA 365 -50.95 49.39 -78.91
C ASN DA 365 -51.99 48.40 -78.38
N LYS DA 366 -51.52 47.33 -77.74
CA LYS DA 366 -52.43 46.34 -77.18
C LYS DA 366 -53.27 46.92 -76.05
N VAL DA 367 -52.63 47.67 -75.13
CA VAL DA 367 -53.38 48.20 -74.00
C VAL DA 367 -54.29 49.35 -74.41
N MET DA 368 -53.99 50.07 -75.49
CA MET DA 368 -54.89 51.10 -75.97
C MET DA 368 -56.05 50.52 -76.74
N ALA DA 369 -55.85 49.40 -77.43
CA ALA DA 369 -56.99 48.67 -77.99
C ALA DA 369 -57.91 48.19 -76.88
N ARG DA 370 -57.34 47.67 -75.79
CA ARG DA 370 -58.16 47.27 -74.65
C ARG DA 370 -58.85 48.46 -73.99
N PHE DA 371 -58.18 49.62 -73.97
CA PHE DA 371 -58.79 50.83 -73.41
C PHE DA 371 -59.95 51.31 -74.27
N VAL DA 372 -59.81 51.22 -75.59
CA VAL DA 372 -60.90 51.58 -76.50
C VAL DA 372 -62.08 50.64 -76.30
N ARG DA 373 -61.81 49.34 -76.22
CA ARG DA 373 -62.89 48.39 -75.97
C ARG DA 373 -63.44 48.49 -74.55
N GLY DA 374 -62.70 49.10 -73.63
CA GLY DA 374 -63.12 49.20 -72.24
C GLY DA 374 -62.79 48.00 -71.39
N ASP DA 375 -62.11 47.00 -71.94
CA ASP DA 375 -61.78 45.76 -71.22
C ASP DA 375 -60.48 45.96 -70.45
N ALA DA 376 -60.56 46.78 -69.41
CA ALA DA 376 -59.40 47.09 -68.58
C ALA DA 376 -59.89 47.60 -67.23
N ARG DA 377 -58.95 47.83 -66.33
CA ARG DA 377 -59.23 48.34 -65.01
C ARG DA 377 -58.52 49.68 -64.81
N PRO DA 378 -59.06 50.56 -63.94
CA PRO DA 378 -58.44 51.88 -63.77
C PRO DA 378 -57.02 51.85 -63.25
N ALA DA 379 -56.66 50.84 -62.45
CA ALA DA 379 -55.30 50.73 -61.94
C ALA DA 379 -54.27 50.49 -63.03
N GLU DA 380 -54.71 50.02 -64.21
CA GLU DA 380 -53.79 49.89 -65.33
C GLU DA 380 -53.37 51.26 -65.88
N ILE DA 381 -54.22 52.27 -65.71
CA ILE DA 381 -54.03 53.57 -66.37
C ILE DA 381 -52.72 54.20 -65.95
N ASP DA 382 -52.51 54.32 -64.62
CA ASP DA 382 -51.24 54.83 -64.10
C ASP DA 382 -50.09 53.94 -64.53
N SER DA 383 -50.33 52.61 -64.57
CA SER DA 383 -49.33 51.69 -65.05
C SER DA 383 -48.91 52.01 -66.47
N LEU DA 384 -49.89 52.32 -67.32
CA LEU DA 384 -49.58 52.73 -68.69
C LEU DA 384 -48.74 53.99 -68.70
N TRP DA 385 -49.03 54.93 -67.78
CA TRP DA 385 -48.22 56.13 -67.64
C TRP DA 385 -46.77 55.76 -67.35
N GLU DA 386 -46.57 54.80 -66.44
CA GLU DA 386 -45.21 54.37 -66.10
C GLU DA 386 -44.54 53.76 -67.32
N ILE DA 387 -45.30 53.03 -68.14
CA ILE DA 387 -44.74 52.44 -69.35
C ILE DA 387 -44.23 53.52 -70.28
N SER DA 388 -44.97 54.63 -70.38
CA SER DA 388 -44.50 55.76 -71.19
C SER DA 388 -43.20 56.31 -70.63
N LYS DA 389 -43.09 56.40 -69.30
CA LYS DA 389 -41.87 56.88 -68.69
C LYS DA 389 -40.71 55.91 -68.85
N GLN DA 390 -40.97 54.66 -69.26
CA GLN DA 390 -39.90 53.73 -69.56
C GLN DA 390 -39.50 53.74 -71.03
N ILE DA 391 -40.21 54.49 -71.87
CA ILE DA 391 -39.87 54.61 -73.28
C ILE DA 391 -39.21 55.94 -73.59
N GLU DA 392 -39.73 57.03 -73.02
CA GLU DA 392 -39.21 58.36 -73.29
C GLU DA 392 -37.83 58.53 -72.67
N GLY DA 393 -36.83 58.80 -73.50
CA GLY DA 393 -35.48 59.04 -73.04
C GLY DA 393 -34.57 57.83 -73.03
N HIS DA 394 -35.11 56.63 -73.22
CA HIS DA 394 -34.30 55.41 -73.21
C HIS DA 394 -34.17 54.78 -74.59
N THR DA 395 -34.38 55.58 -75.64
CA THR DA 395 -34.38 55.06 -77.00
C THR DA 395 -33.25 55.70 -77.80
N ILE DA 396 -32.90 55.03 -78.90
CA ILE DA 396 -31.86 55.54 -79.79
C ILE DA 396 -32.31 56.84 -80.46
N CYS DA 397 -33.52 56.83 -81.01
CA CYS DA 397 -34.07 57.95 -81.75
C CYS DA 397 -35.29 58.50 -81.01
N ALA DA 398 -35.93 59.48 -81.63
CA ALA DA 398 -37.02 60.21 -80.98
C ALA DA 398 -38.40 59.70 -81.38
N LEU DA 399 -38.49 58.56 -82.07
CA LEU DA 399 -39.80 57.96 -82.31
C LEU DA 399 -40.40 57.43 -81.02
N GLY DA 400 -39.57 56.98 -80.08
CA GLY DA 400 -40.09 56.53 -78.81
C GLY DA 400 -40.72 57.64 -77.99
N ASP DA 401 -40.06 58.81 -77.97
CA ASP DA 401 -40.65 59.97 -77.30
C ASP DA 401 -41.92 60.43 -78.00
N GLY DA 402 -41.91 60.42 -79.33
CA GLY DA 402 -43.08 60.79 -80.10
C GLY DA 402 -44.21 59.79 -80.04
N ALA DA 403 -43.96 58.57 -79.58
CA ALA DA 403 -45.02 57.62 -79.32
C ALA DA 403 -45.49 57.66 -77.87
N ALA DA 404 -44.61 58.02 -76.94
CA ALA DA 404 -44.98 58.11 -75.54
C ALA DA 404 -45.77 59.39 -75.23
N TRP DA 405 -45.48 60.48 -75.95
CA TRP DA 405 -46.16 61.75 -75.67
C TRP DA 405 -47.67 61.74 -75.89
N PRO DA 406 -48.24 61.20 -76.99
CA PRO DA 406 -49.70 61.20 -77.11
C PRO DA 406 -50.42 60.41 -76.02
N VAL DA 407 -49.83 59.31 -75.55
CA VAL DA 407 -50.43 58.55 -74.46
C VAL DA 407 -50.46 59.38 -73.19
N GLN DA 408 -49.37 60.08 -72.89
CA GLN DA 408 -49.32 60.93 -71.71
C GLN DA 408 -50.32 62.07 -71.79
N GLY DA 409 -50.43 62.70 -72.97
CA GLY DA 409 -51.40 63.77 -73.12
C GLY DA 409 -52.83 63.30 -73.00
N LEU DA 410 -53.14 62.16 -73.62
CA LEU DA 410 -54.49 61.59 -73.52
C LEU DA 410 -54.83 61.22 -72.08
N ILE DA 411 -53.90 60.59 -71.37
CA ILE DA 411 -54.14 60.24 -69.96
C ILE DA 411 -54.39 61.49 -69.14
N ARG DA 412 -53.49 62.47 -69.27
CA ARG DA 412 -53.53 63.68 -68.44
C ARG DA 412 -54.80 64.49 -68.67
N HIS DA 413 -55.27 64.56 -69.92
CA HIS DA 413 -56.42 65.41 -70.20
C HIS DA 413 -57.75 64.66 -70.24
N PHE DA 414 -57.77 63.33 -70.31
CA PHE DA 414 -59.03 62.62 -70.42
C PHE DA 414 -59.05 61.32 -69.62
N ARG DA 415 -58.38 61.28 -68.47
CA ARG DA 415 -58.57 60.18 -67.54
C ARG DA 415 -60.02 59.92 -67.12
N PRO DA 416 -60.87 60.92 -66.82
CA PRO DA 416 -62.28 60.61 -66.50
C PRO DA 416 -63.03 59.92 -67.63
N GLU DA 417 -62.73 60.24 -68.89
CA GLU DA 417 -63.40 59.57 -70.01
C GLU DA 417 -63.03 58.10 -70.06
N LEU DA 418 -61.75 57.77 -69.87
CA LEU DA 418 -61.32 56.37 -69.85
C LEU DA 418 -61.93 55.62 -68.68
N GLU DA 419 -61.98 56.26 -67.50
CA GLU DA 419 -62.59 55.61 -66.34
C GLU DA 419 -64.07 55.37 -66.55
N GLU DA 420 -64.76 56.33 -67.18
CA GLU DA 420 -66.18 56.15 -67.49
C GLU DA 420 -66.40 55.02 -68.48
N ARG DA 421 -65.54 54.90 -69.48
CA ARG DA 421 -65.64 53.79 -70.44
C ARG DA 421 -65.43 52.46 -69.75
N MET DA 422 -64.44 52.38 -68.85
CA MET DA 422 -64.17 51.11 -68.16
C MET DA 422 -65.30 50.74 -67.21
N GLN DA 423 -65.87 51.71 -66.50
CA GLN DA 423 -66.97 51.37 -65.60
C GLN DA 423 -68.24 51.02 -66.38
N ARG DA 424 -68.46 51.64 -67.55
CA ARG DA 424 -69.58 51.25 -68.39
C ARG DA 424 -69.42 49.83 -68.91
N PHE DA 425 -68.20 49.46 -69.33
CA PHE DA 425 -67.96 48.09 -69.78
C PHE DA 425 -68.14 47.10 -68.64
N ALA DA 426 -67.68 47.45 -67.44
CA ALA DA 426 -67.84 46.57 -66.29
C ALA DA 426 -69.30 46.41 -65.90
N GLN DA 427 -70.10 47.47 -66.05
CA GLN DA 427 -71.53 47.35 -65.76
C GLN DA 427 -72.24 46.51 -66.82
N GLN DA 428 -71.92 46.72 -68.09
CA GLN DA 428 -72.65 46.04 -69.16
C GLN DA 428 -72.20 44.60 -69.38
N HIS DA 429 -71.01 44.23 -68.90
CA HIS DA 429 -70.53 42.86 -69.08
C HIS DA 429 -70.49 42.04 -67.80
N GLN DA 430 -70.74 42.65 -66.65
CA GLN DA 430 -70.76 41.90 -65.39
C GLN DA 430 -71.94 42.34 -64.51
N ALA EA 1 -47.49 38.45 -96.24
CA ALA EA 1 -47.12 39.25 -95.08
C ALA EA 1 -45.97 38.61 -94.32
N LEU EA 2 -45.63 37.39 -94.70
CA LEU EA 2 -44.55 36.67 -94.05
C LEU EA 2 -43.20 37.26 -94.46
N PHE EA 3 -42.28 37.33 -93.50
CA PHE EA 3 -40.93 37.84 -93.74
C PHE EA 3 -39.92 36.72 -93.93
N VAL EA 4 -40.38 35.53 -94.30
CA VAL EA 4 -39.53 34.43 -94.70
C VAL EA 4 -40.00 33.96 -96.07
N HIS EA 5 -39.11 33.27 -96.78
CA HIS EA 5 -39.38 32.84 -98.14
C HIS EA 5 -39.36 31.32 -98.24
N ARG EA 6 -40.34 30.78 -98.95
CA ARG EA 6 -40.38 29.37 -99.29
C ARG EA 6 -40.47 29.23 -100.80
N ASP EA 7 -39.71 28.30 -101.36
CA ASP EA 7 -39.61 28.17 -102.81
C ASP EA 7 -40.86 27.56 -103.43
N THR EA 8 -41.79 28.40 -103.84
CA THR EA 8 -42.93 27.96 -104.63
C THR EA 8 -42.50 27.72 -106.07
N PRO EA 9 -43.25 26.91 -106.82
CA PRO EA 9 -42.93 26.76 -108.26
C PRO EA 9 -43.00 28.06 -109.05
N LYS EA 10 -43.87 28.99 -108.67
CA LYS EA 10 -43.97 30.26 -109.36
C LYS EA 10 -43.02 31.32 -108.81
N ASN EA 11 -42.36 31.06 -107.69
CA ASN EA 11 -41.44 32.02 -107.08
C ASN EA 11 -40.24 31.23 -106.55
N ASN EA 12 -39.16 31.22 -107.32
CA ASN EA 12 -37.97 30.44 -107.00
C ASN EA 12 -36.77 31.15 -107.61
N PRO EA 13 -35.54 30.81 -107.18
CA PRO EA 13 -34.35 31.41 -107.81
C PRO EA 13 -34.19 31.08 -109.29
N GLU EA 14 -34.87 30.04 -109.79
CA GLU EA 14 -34.80 29.70 -111.20
C GLU EA 14 -35.85 30.43 -112.04
N THR EA 15 -36.66 31.28 -111.42
CA THR EA 15 -37.62 32.09 -112.17
C THR EA 15 -36.88 33.07 -113.07
N PRO EA 16 -37.19 33.14 -114.36
CA PRO EA 16 -36.42 34.01 -115.26
C PRO EA 16 -36.72 35.49 -115.02
N PHE EA 17 -35.65 36.26 -114.84
CA PHE EA 17 -35.75 37.72 -114.75
C PHE EA 17 -34.46 38.31 -115.27
N ASP EA 18 -34.57 39.36 -116.07
CA ASP EA 18 -33.40 40.08 -116.58
C ASP EA 18 -33.82 41.49 -116.97
N PHE EA 19 -32.90 42.42 -116.80
CA PHE EA 19 -33.17 43.81 -117.12
C PHE EA 19 -33.12 44.05 -118.63
N THR EA 20 -34.00 44.91 -119.11
CA THR EA 20 -33.95 45.36 -120.48
C THR EA 20 -32.78 46.33 -120.66
N PRO EA 21 -32.25 46.46 -121.89
CA PRO EA 21 -31.07 47.33 -122.09
C PRO EA 21 -31.28 48.79 -121.73
N GLU EA 22 -32.47 49.36 -121.95
CA GLU EA 22 -32.74 50.71 -121.49
C GLU EA 22 -32.75 50.78 -119.97
N ASN EA 23 -33.31 49.76 -119.32
CA ASN EA 23 -33.22 49.67 -117.86
C ASN EA 23 -31.77 49.49 -117.42
N TYR EA 24 -30.94 48.82 -118.22
CA TYR EA 24 -29.52 48.72 -117.90
C TYR EA 24 -28.82 50.07 -117.97
N LYS EA 25 -29.15 50.88 -118.97
CA LYS EA 25 -28.57 52.22 -119.06
C LYS EA 25 -29.05 53.10 -117.90
N ARG EA 26 -30.31 52.95 -117.51
CA ARG EA 26 -30.81 53.65 -116.32
C ARG EA 26 -30.05 53.22 -115.08
N ILE EA 27 -29.72 51.92 -114.98
CA ILE EA 27 -28.96 51.40 -113.85
C ILE EA 27 -27.56 51.99 -113.82
N GLU EA 28 -26.92 52.12 -115.00
CA GLU EA 28 -25.60 52.73 -115.05
C GLU EA 28 -25.64 54.20 -114.63
N ALA EA 29 -26.69 54.93 -115.03
CA ALA EA 29 -26.83 56.32 -114.58
C ALA EA 29 -27.02 56.39 -113.06
N ILE EA 30 -27.83 55.48 -112.51
CA ILE EA 30 -28.09 55.47 -111.07
C ILE EA 30 -26.81 55.18 -110.29
N VAL EA 31 -26.02 54.19 -110.74
CA VAL EA 31 -24.78 53.89 -110.03
C VAL EA 31 -23.70 54.92 -110.32
N LYS EA 32 -23.84 55.73 -111.37
CA LYS EA 32 -22.95 56.87 -111.56
C LYS EA 32 -23.35 58.05 -110.69
N ASN EA 33 -24.57 58.07 -110.17
CA ASN EA 33 -24.98 59.14 -109.26
C ASN EA 33 -24.27 59.13 -107.91
N TYR EA 34 -23.55 58.07 -107.57
CA TYR EA 34 -22.97 57.88 -106.25
C TYR EA 34 -21.45 57.85 -106.32
N PRO EA 35 -20.76 58.20 -105.22
CA PRO EA 35 -19.30 58.14 -105.21
C PRO EA 35 -18.77 56.72 -105.34
N GLU EA 36 -17.56 56.62 -105.89
CA GLU EA 36 -16.92 55.32 -106.09
C GLU EA 36 -16.60 54.67 -104.75
N GLY EA 37 -16.72 53.36 -104.69
CA GLY EA 37 -16.57 52.64 -103.45
C GLY EA 37 -17.83 52.51 -102.63
N HIS EA 38 -18.92 53.14 -103.05
CA HIS EA 38 -20.20 53.09 -102.35
C HIS EA 38 -21.31 52.77 -103.34
N LYS EA 39 -21.07 51.72 -104.14
CA LYS EA 39 -22.05 51.29 -105.13
C LYS EA 39 -23.32 50.75 -104.49
N ALA EA 40 -23.21 50.22 -103.26
CA ALA EA 40 -24.35 49.66 -102.55
C ALA EA 40 -25.41 50.71 -102.23
N ALA EA 41 -25.04 52.00 -102.26
CA ALA EA 41 -26.01 53.07 -102.10
C ALA EA 41 -27.03 53.09 -103.22
N ALA EA 42 -26.75 52.45 -104.35
CA ALA EA 42 -27.70 52.32 -105.44
C ALA EA 42 -28.58 51.08 -105.31
N VAL EA 43 -28.55 50.39 -104.16
CA VAL EA 43 -29.42 49.24 -103.98
C VAL EA 43 -30.88 49.67 -103.94
N LEU EA 44 -31.18 50.77 -103.25
CA LEU EA 44 -32.57 51.22 -103.10
C LEU EA 44 -33.26 51.60 -104.41
N PRO EA 45 -32.67 52.43 -105.33
CA PRO EA 45 -33.42 52.74 -106.56
C PRO EA 45 -33.50 51.57 -107.53
N VAL EA 46 -32.36 50.91 -107.75
CA VAL EA 46 -32.23 49.91 -108.82
C VAL EA 46 -33.20 48.76 -108.60
N LEU EA 47 -33.25 48.25 -107.36
CA LEU EA 47 -34.21 47.21 -107.01
C LEU EA 47 -35.64 47.67 -107.25
N ASP EA 48 -35.93 48.92 -106.87
CA ASP EA 48 -37.26 49.49 -107.16
C ASP EA 48 -37.51 49.54 -108.65
N LEU EA 49 -36.46 49.88 -109.43
CA LEU EA 49 -36.58 49.87 -110.88
C LEU EA 49 -36.94 48.49 -111.39
N ALA EA 50 -36.40 47.44 -110.76
CA ALA EA 50 -36.77 46.08 -111.12
C ALA EA 50 -38.26 45.84 -110.91
N GLN EA 51 -38.80 46.35 -109.79
CA GLN EA 51 -40.23 46.27 -109.57
C GLN EA 51 -40.99 47.07 -110.63
N ARG EA 52 -40.42 48.21 -111.04
CA ARG EA 52 -41.03 49.00 -112.09
C ARG EA 52 -41.01 48.29 -113.44
N GLN EA 53 -40.18 47.25 -113.58
CA GLN EA 53 -40.22 46.44 -114.78
C GLN EA 53 -41.16 45.24 -114.66
N ASN EA 54 -41.60 44.90 -113.45
CA ASN EA 54 -42.30 43.64 -113.27
C ASN EA 54 -43.62 43.80 -112.51
N GLY EA 55 -43.70 44.82 -111.67
CA GLY EA 55 -44.84 45.00 -110.79
C GLY EA 55 -44.71 44.32 -109.44
N TRP EA 56 -43.77 43.37 -109.32
CA TRP EA 56 -43.51 42.70 -108.06
C TRP EA 56 -42.08 42.16 -108.10
N LEU EA 57 -41.55 41.83 -106.93
CA LEU EA 57 -40.17 41.39 -106.81
C LEU EA 57 -40.12 39.93 -106.38
N PRO EA 58 -39.93 38.99 -107.30
CA PRO EA 58 -39.63 37.62 -106.90
C PRO EA 58 -38.19 37.53 -106.41
N ILE EA 59 -37.81 36.34 -105.93
CA ILE EA 59 -36.39 36.19 -105.63
C ILE EA 59 -35.73 35.68 -106.92
N SER EA 60 -35.65 36.56 -107.90
CA SER EA 60 -34.68 36.55 -108.98
C SER EA 60 -34.20 37.94 -109.34
N ALA EA 61 -35.00 38.98 -109.08
CA ALA EA 61 -34.55 40.36 -109.15
C ALA EA 61 -33.70 40.72 -107.95
N MET EA 62 -33.99 40.10 -106.80
CA MET EA 62 -33.15 40.28 -105.62
C MET EA 62 -31.73 39.80 -105.89
N ASN EA 63 -31.61 38.58 -106.41
CA ASN EA 63 -30.30 38.02 -106.72
C ASN EA 63 -29.64 38.74 -107.87
N LYS EA 64 -30.42 39.20 -108.86
CA LYS EA 64 -29.84 39.94 -109.98
C LYS EA 64 -29.31 41.29 -109.54
N VAL EA 65 -30.04 41.99 -108.67
CA VAL EA 65 -29.58 43.26 -108.13
C VAL EA 65 -28.34 43.06 -107.27
N ALA EA 66 -28.32 41.99 -106.47
CA ALA EA 66 -27.12 41.67 -105.70
C ALA EA 66 -25.93 41.32 -106.59
N GLU EA 67 -26.19 40.69 -107.73
CA GLU EA 67 -25.11 40.28 -108.63
C GLU EA 67 -24.54 41.47 -109.40
N ILE EA 68 -25.39 42.38 -109.86
CA ILE EA 68 -24.90 43.51 -110.66
C ILE EA 68 -24.38 44.66 -109.81
N LEU EA 69 -24.51 44.57 -108.49
CA LEU EA 69 -23.98 45.60 -107.60
C LEU EA 69 -22.89 45.07 -106.67
N GLN EA 70 -22.54 43.78 -106.77
CA GLN EA 70 -21.48 43.13 -105.98
C GLN EA 70 -21.71 43.28 -104.48
N VAL EA 71 -22.94 43.05 -104.06
CA VAL EA 71 -23.30 43.05 -102.64
C VAL EA 71 -23.81 41.67 -102.29
N PRO EA 72 -23.73 41.23 -101.03
CA PRO EA 72 -24.33 39.95 -100.66
C PRO EA 72 -25.84 40.02 -100.80
N PRO EA 73 -26.49 38.91 -101.19
CA PRO EA 73 -27.95 38.93 -101.36
C PRO EA 73 -28.72 39.16 -100.07
N MET EA 74 -28.13 38.89 -98.91
CA MET EA 74 -28.81 39.10 -97.64
C MET EA 74 -29.09 40.58 -97.39
N ARG EA 75 -28.20 41.47 -97.84
CA ARG EA 75 -28.45 42.89 -97.71
C ARG EA 75 -29.62 43.33 -98.58
N VAL EA 76 -29.73 42.76 -99.78
CA VAL EA 76 -30.86 43.08 -100.65
C VAL EA 76 -32.16 42.52 -100.06
N TYR EA 77 -32.09 41.35 -99.43
CA TYR EA 77 -33.26 40.80 -98.75
C TYR EA 77 -33.70 41.69 -97.59
N GLU EA 78 -32.72 42.20 -96.82
CA GLU EA 78 -33.03 43.14 -95.75
C GLU EA 78 -33.69 44.40 -96.26
N VAL EA 79 -33.15 44.96 -97.36
CA VAL EA 79 -33.70 46.18 -97.94
C VAL EA 79 -35.13 45.94 -98.44
N ALA EA 80 -35.36 44.82 -99.11
CA ALA EA 80 -36.67 44.54 -99.67
C ALA EA 80 -37.70 44.24 -98.58
N THR EA 81 -37.30 43.58 -97.49
CA THR EA 81 -38.25 43.29 -96.43
C THR EA 81 -38.48 44.46 -95.48
N PHE EA 82 -37.53 45.39 -95.38
CA PHE EA 82 -37.70 46.51 -94.46
C PHE EA 82 -38.73 47.51 -94.98
N TYR EA 83 -38.67 47.83 -96.27
CA TYR EA 83 -39.51 48.87 -96.84
C TYR EA 83 -40.82 48.28 -97.36
N THR EA 84 -41.88 49.09 -97.27
CA THR EA 84 -43.23 48.61 -97.50
C THR EA 84 -43.66 48.65 -98.97
N MET EA 85 -42.94 49.38 -99.82
CA MET EA 85 -43.35 49.48 -101.21
C MET EA 85 -42.99 48.23 -102.02
N TYR EA 86 -41.94 47.51 -101.62
CA TYR EA 86 -41.46 46.39 -102.41
C TYR EA 86 -42.41 45.21 -102.25
N ASN EA 87 -43.05 44.82 -103.35
CA ASN EA 87 -44.05 43.76 -103.35
C ASN EA 87 -43.35 42.44 -103.60
N ARG EA 88 -43.21 41.62 -102.56
CA ARG EA 88 -42.63 40.30 -102.67
C ARG EA 88 -43.65 39.25 -103.07
N LYS EA 89 -44.91 39.64 -103.26
CA LYS EA 89 -46.01 38.80 -103.70
C LYS EA 89 -46.72 39.52 -104.84
N PRO EA 90 -47.09 38.80 -105.92
CA PRO EA 90 -47.62 39.47 -107.11
C PRO EA 90 -48.97 40.13 -106.90
N VAL EA 91 -48.98 41.46 -106.93
CA VAL EA 91 -50.19 42.26 -106.74
C VAL EA 91 -50.90 42.43 -108.07
N GLY EA 92 -52.14 42.93 -108.02
CA GLY EA 92 -52.91 43.17 -109.22
C GLY EA 92 -52.40 44.36 -110.01
N LYS EA 93 -53.13 44.67 -111.09
CA LYS EA 93 -52.70 45.72 -112.02
C LYS EA 93 -52.79 47.10 -111.39
N TYR EA 94 -53.79 47.35 -110.54
CA TYR EA 94 -53.97 48.64 -109.90
C TYR EA 94 -53.94 48.43 -108.39
N HIS EA 95 -52.90 48.94 -107.74
CA HIS EA 95 -52.69 48.75 -106.31
C HIS EA 95 -53.32 49.92 -105.57
N ILE EA 96 -54.56 49.75 -105.13
CA ILE EA 96 -55.26 50.78 -104.38
C ILE EA 96 -54.77 50.76 -102.93
N GLN EA 97 -54.36 51.91 -102.42
CA GLN EA 97 -53.95 52.06 -101.03
C GLN EA 97 -54.76 53.17 -100.40
N VAL EA 98 -55.51 52.85 -99.36
CA VAL EA 98 -56.39 53.79 -98.69
C VAL EA 98 -55.76 54.17 -97.35
N CYS EA 99 -55.61 55.48 -97.13
CA CYS EA 99 -55.04 55.96 -95.88
C CYS EA 99 -56.10 55.97 -94.79
N THR EA 100 -55.79 55.34 -93.67
CA THR EA 100 -56.72 55.24 -92.54
C THR EA 100 -56.08 55.69 -91.25
N THR EA 101 -55.19 56.68 -91.31
CA THR EA 101 -54.65 57.27 -90.09
C THR EA 101 -55.67 58.25 -89.51
N THR EA 102 -55.33 58.84 -88.37
CA THR EA 102 -56.27 59.67 -87.63
C THR EA 102 -56.74 60.92 -88.39
N PRO EA 103 -55.89 61.74 -89.04
CA PRO EA 103 -56.44 62.86 -89.82
C PRO EA 103 -57.32 62.43 -90.98
N CYS EA 104 -57.06 61.27 -91.58
CA CYS EA 104 -57.93 60.79 -92.65
C CYS EA 104 -59.15 60.06 -92.11
N MET EA 105 -59.03 59.43 -90.94
CA MET EA 105 -60.20 58.79 -90.33
C MET EA 105 -61.21 59.83 -89.85
N LEU EA 106 -60.73 60.99 -89.37
CA LEU EA 106 -61.62 62.05 -88.93
C LEU EA 106 -62.50 62.58 -90.06
N ARG EA 107 -62.04 62.45 -91.31
CA ARG EA 107 -62.82 62.87 -92.47
C ARG EA 107 -63.45 61.68 -93.20
N ASN EA 108 -63.78 60.62 -92.46
CA ASN EA 108 -64.61 59.51 -92.92
C ASN EA 108 -63.96 58.73 -94.08
N SER EA 109 -62.75 58.23 -93.81
CA SER EA 109 -62.07 57.37 -94.79
C SER EA 109 -62.55 55.93 -94.73
N ASP EA 110 -63.08 55.48 -93.59
CA ASP EA 110 -63.62 54.13 -93.50
C ASP EA 110 -64.84 53.96 -94.38
N SER EA 111 -65.60 55.04 -94.62
CA SER EA 111 -66.70 54.97 -95.58
C SER EA 111 -66.17 54.70 -96.98
N ILE EA 112 -65.04 55.32 -97.34
CA ILE EA 112 -64.40 55.04 -98.62
C ILE EA 112 -63.93 53.58 -98.67
N LEU EA 113 -63.38 53.09 -97.55
CA LEU EA 113 -62.90 51.72 -97.50
C LEU EA 113 -64.04 50.72 -97.72
N GLU EA 114 -65.17 50.92 -97.03
CA GLU EA 114 -66.29 50.00 -97.23
C GLU EA 114 -66.96 50.19 -98.58
N ALA EA 115 -66.90 51.40 -99.15
CA ALA EA 115 -67.42 51.61 -100.49
C ALA EA 115 -66.62 50.83 -101.53
N ILE EA 116 -65.28 50.86 -101.42
CA ILE EA 116 -64.44 50.09 -102.33
C ILE EA 116 -64.65 48.59 -102.09
N GLN EA 117 -64.79 48.18 -100.83
CA GLN EA 117 -65.00 46.76 -100.53
C GLN EA 117 -66.33 46.26 -101.09
N LYS EA 118 -67.36 47.11 -101.06
CA LYS EA 118 -68.65 46.72 -101.60
C LYS EA 118 -68.64 46.72 -103.13
N LYS EA 119 -67.97 47.71 -103.75
CA LYS EA 119 -67.94 47.80 -105.19
C LYS EA 119 -67.13 46.67 -105.81
N LEU EA 120 -65.92 46.44 -105.30
CA LEU EA 120 -65.06 45.40 -105.87
C LEU EA 120 -65.43 44.00 -105.38
N GLY EA 121 -66.18 43.89 -104.30
CA GLY EA 121 -66.52 42.58 -103.79
C GLY EA 121 -65.40 41.84 -103.11
N ILE EA 122 -64.36 42.55 -102.69
CA ILE EA 122 -63.21 41.94 -102.03
C ILE EA 122 -63.03 42.55 -100.65
N LYS EA 123 -62.02 42.09 -99.92
CA LYS EA 123 -61.69 42.60 -98.60
C LYS EA 123 -60.33 43.29 -98.63
N VAL EA 124 -59.93 43.81 -97.47
CA VAL EA 124 -58.62 44.45 -97.36
C VAL EA 124 -57.54 43.39 -97.42
N GLY EA 125 -56.58 43.57 -98.32
CA GLY EA 125 -55.53 42.60 -98.53
C GLY EA 125 -55.85 41.54 -99.56
N GLU EA 126 -57.07 41.54 -100.10
CA GLU EA 126 -57.47 40.57 -101.11
C GLU EA 126 -57.29 41.15 -102.51
N THR EA 127 -57.28 40.25 -103.48
CA THR EA 127 -57.15 40.62 -104.89
C THR EA 127 -58.35 40.09 -105.66
N THR EA 128 -58.79 40.86 -106.66
CA THR EA 128 -59.89 40.44 -107.51
C THR EA 128 -59.46 39.22 -108.33
N PRO EA 129 -60.40 38.33 -108.67
CA PRO EA 129 -60.04 37.17 -109.50
C PRO EA 129 -59.57 37.52 -110.90
N ASP EA 130 -59.86 38.72 -111.39
CA ASP EA 130 -59.37 39.17 -112.68
C ASP EA 130 -57.97 39.77 -112.61
N LYS EA 131 -57.37 39.81 -111.41
CA LYS EA 131 -56.04 40.38 -111.16
C LYS EA 131 -55.96 41.83 -111.62
N LEU EA 132 -57.00 42.60 -111.33
CA LEU EA 132 -57.07 44.01 -111.72
C LEU EA 132 -56.85 44.97 -110.57
N PHE EA 133 -57.40 44.69 -109.39
CA PHE EA 133 -57.33 45.60 -108.26
C PHE EA 133 -56.83 44.86 -107.03
N THR EA 134 -55.97 45.54 -106.26
CA THR EA 134 -55.52 45.06 -104.97
C THR EA 134 -55.77 46.15 -103.95
N LEU EA 135 -56.54 45.86 -102.92
CA LEU EA 135 -56.96 46.84 -101.92
C LEU EA 135 -56.28 46.53 -100.59
N ILE EA 136 -55.46 47.47 -100.13
CA ILE EA 136 -54.79 47.36 -98.84
C ILE EA 136 -54.96 48.68 -98.09
N GLU EA 137 -54.47 48.67 -96.85
CA GLU EA 137 -54.56 49.82 -95.95
C GLU EA 137 -53.16 50.34 -95.66
N VAL EA 138 -52.97 51.66 -95.76
CA VAL EA 138 -51.67 52.27 -95.54
C VAL EA 138 -51.80 53.35 -94.48
N GLU EA 139 -50.64 53.90 -94.10
CA GLU EA 139 -50.55 54.98 -93.14
C GLU EA 139 -50.68 56.32 -93.87
N CYS EA 140 -50.31 57.40 -93.18
CA CYS EA 140 -50.43 58.74 -93.76
C CYS EA 140 -49.54 58.90 -94.97
N LEU EA 141 -50.12 59.43 -96.05
CA LEU EA 141 -49.42 59.57 -97.33
C LEU EA 141 -49.09 61.02 -97.66
N GLY EA 142 -49.19 61.93 -96.68
CA GLY EA 142 -48.76 63.29 -96.89
C GLY EA 142 -49.72 64.18 -97.65
N ALA EA 143 -51.01 63.89 -97.59
CA ALA EA 143 -52.03 64.76 -98.17
C ALA EA 143 -53.20 64.88 -97.18
N CYS EA 144 -52.86 65.19 -95.93
CA CYS EA 144 -53.84 65.09 -94.84
C CYS EA 144 -54.89 66.18 -94.91
N VAL EA 145 -54.57 67.36 -95.47
CA VAL EA 145 -55.58 68.41 -95.60
C VAL EA 145 -56.56 68.11 -96.71
N ASN EA 146 -56.26 67.14 -97.58
CA ASN EA 146 -57.18 66.70 -98.62
C ASN EA 146 -57.84 65.37 -98.25
N ALA EA 147 -58.00 65.10 -96.97
CA ALA EA 147 -58.63 63.88 -96.51
C ALA EA 147 -60.13 63.89 -96.83
N PRO EA 148 -60.72 62.72 -97.13
CA PRO EA 148 -60.10 61.40 -97.30
C PRO EA 148 -59.43 61.25 -98.66
N MET EA 149 -58.51 60.31 -98.78
CA MET EA 149 -57.64 60.23 -99.95
C MET EA 149 -57.19 58.79 -100.15
N VAL EA 150 -57.09 58.38 -101.42
CA VAL EA 150 -56.48 57.10 -101.78
C VAL EA 150 -55.35 57.36 -102.75
N GLN EA 151 -54.50 56.35 -102.92
CA GLN EA 151 -53.44 56.37 -103.92
C GLN EA 151 -53.55 55.12 -104.77
N ILE EA 152 -53.66 55.31 -106.08
CA ILE EA 152 -53.73 54.20 -107.02
C ILE EA 152 -52.49 54.28 -107.91
N ASN EA 153 -51.66 53.23 -107.84
CA ASN EA 153 -50.34 53.19 -108.45
C ASN EA 153 -49.51 54.40 -108.03
N ASP EA 154 -49.15 55.26 -108.98
CA ASP EA 154 -48.39 56.47 -108.68
C ASP EA 154 -49.26 57.69 -108.48
N ASN EA 155 -50.57 57.58 -108.66
CA ASN EA 155 -51.46 58.73 -108.67
C ASN EA 155 -52.19 58.88 -107.34
N TYR EA 156 -52.49 60.14 -107.00
CA TYR EA 156 -53.20 60.50 -105.79
C TYR EA 156 -54.60 60.95 -106.15
N TYR EA 157 -55.60 60.37 -105.50
CA TYR EA 157 -57.00 60.78 -105.67
C TYR EA 157 -57.51 61.23 -104.31
N GLU EA 158 -57.82 62.52 -104.19
CA GLU EA 158 -58.06 63.15 -102.91
C GLU EA 158 -59.45 63.78 -102.87
N ASP EA 159 -59.87 64.14 -101.65
CA ASP EA 159 -61.14 64.83 -101.38
C ASP EA 159 -62.34 64.04 -101.92
N LEU EA 160 -62.32 62.73 -101.71
CA LEU EA 160 -63.27 61.83 -102.33
C LEU EA 160 -64.48 61.58 -101.45
N THR EA 161 -65.56 61.17 -102.10
CA THR EA 161 -66.77 60.62 -101.49
C THR EA 161 -66.91 59.20 -102.02
N PRO EA 162 -67.84 58.38 -101.51
CA PRO EA 162 -68.04 57.05 -102.14
C PRO EA 162 -68.42 57.11 -103.60
N LYS EA 163 -69.18 58.11 -104.03
CA LYS EA 163 -69.53 58.23 -105.44
C LYS EA 163 -68.30 58.52 -106.29
N ASP EA 164 -67.40 59.37 -105.80
CA ASP EA 164 -66.19 59.70 -106.55
C ASP EA 164 -65.27 58.49 -106.68
N ILE EA 165 -65.11 57.70 -105.62
CA ILE EA 165 -64.23 56.54 -105.72
C ILE EA 165 -64.89 55.45 -106.56
N GLU EA 166 -66.23 55.37 -106.56
CA GLU EA 166 -66.90 54.44 -107.46
C GLU EA 166 -66.70 54.86 -108.92
N GLU EA 167 -66.75 56.16 -109.19
CA GLU EA 167 -66.46 56.64 -110.55
C GLU EA 167 -65.01 56.39 -110.94
N ILE EA 168 -64.09 56.51 -109.98
CA ILE EA 168 -62.68 56.23 -110.24
C ILE EA 168 -62.49 54.76 -110.61
N ILE EA 169 -63.14 53.87 -109.86
CA ILE EA 169 -63.05 52.43 -110.15
C ILE EA 169 -63.70 52.11 -111.49
N ASP EA 170 -64.82 52.77 -111.81
CA ASP EA 170 -65.48 52.55 -113.10
C ASP EA 170 -64.60 53.02 -114.26
N GLU EA 171 -63.93 54.16 -114.10
CA GLU EA 171 -63.04 54.64 -115.16
C GLU EA 171 -61.81 53.74 -115.30
N LEU EA 172 -61.30 53.20 -114.20
CA LEU EA 172 -60.16 52.32 -114.27
C LEU EA 172 -60.52 50.98 -114.91
N LYS EA 173 -61.72 50.48 -114.64
CA LYS EA 173 -62.13 49.20 -115.20
C LYS EA 173 -62.43 49.30 -116.70
N ALA EA 174 -62.79 50.49 -117.17
CA ALA EA 174 -63.09 50.68 -118.58
C ALA EA 174 -61.85 50.80 -119.45
N GLY EA 175 -60.67 50.92 -118.85
CA GLY EA 175 -59.44 51.03 -119.60
C GLY EA 175 -58.87 52.43 -119.73
N LYS EA 176 -59.50 53.41 -119.11
CA LYS EA 176 -59.03 54.79 -119.16
C LYS EA 176 -58.18 55.10 -117.93
N ILE EA 177 -57.74 56.35 -117.84
CA ILE EA 177 -56.95 56.82 -116.70
C ILE EA 177 -57.54 58.14 -116.24
N PRO EA 178 -57.92 58.28 -114.98
CA PRO EA 178 -58.54 59.52 -114.50
C PRO EA 178 -57.48 60.59 -114.23
N LYS EA 179 -57.96 61.75 -113.77
CA LYS EA 179 -57.07 62.87 -113.46
C LYS EA 179 -56.62 62.77 -112.01
N PRO EA 180 -55.32 62.67 -111.75
CA PRO EA 180 -54.86 62.59 -110.36
C PRO EA 180 -54.94 63.91 -109.62
N GLY EA 181 -56.13 64.23 -109.09
CA GLY EA 181 -56.32 65.43 -108.34
C GLY EA 181 -57.48 65.32 -107.37
N PRO EA 182 -57.68 66.36 -106.55
CA PRO EA 182 -58.85 66.39 -105.68
C PRO EA 182 -60.15 66.41 -106.48
N ARG EA 183 -61.15 65.70 -105.95
CA ARG EA 183 -62.44 65.61 -106.62
C ARG EA 183 -63.36 66.77 -106.27
N SER EA 184 -62.98 67.60 -105.30
CA SER EA 184 -63.79 68.74 -104.91
C SER EA 184 -63.52 69.94 -105.81
N GLY EA 185 -64.05 71.10 -105.43
CA GLY EA 185 -63.87 72.30 -106.22
C GLY EA 185 -62.45 72.82 -106.21
N ARG EA 186 -61.75 72.70 -105.08
CA ARG EA 186 -60.41 73.28 -104.95
C ARG EA 186 -59.40 72.50 -105.78
N PHE EA 187 -58.33 73.19 -106.16
CA PHE EA 187 -57.35 72.61 -107.07
C PHE EA 187 -56.32 71.75 -106.34
N SER EA 188 -55.51 72.36 -105.46
CA SER EA 188 -54.52 71.56 -104.74
C SER EA 188 -54.72 71.56 -103.23
N CYS EA 189 -54.61 72.72 -102.57
CA CYS EA 189 -54.73 72.75 -101.12
C CYS EA 189 -55.40 74.01 -100.60
N GLU EA 190 -55.96 74.86 -101.45
CA GLU EA 190 -56.56 76.11 -101.03
C GLU EA 190 -57.86 75.85 -100.26
N PRO EA 191 -58.28 76.80 -99.41
CA PRO EA 191 -59.58 76.66 -98.75
C PRO EA 191 -60.72 76.65 -99.75
N ALA EA 192 -61.78 75.92 -99.40
CA ALA EA 192 -62.93 75.79 -100.30
C ALA EA 192 -63.74 77.07 -100.40
N GLY EA 193 -63.58 78.01 -99.46
CA GLY EA 193 -64.29 79.26 -99.52
C GLY EA 193 -63.50 80.36 -100.18
N GLY EA 194 -62.76 80.02 -101.23
CA GLY EA 194 -61.93 80.99 -101.93
C GLY EA 194 -60.55 81.11 -101.32
N LEU EA 195 -59.74 81.94 -101.95
CA LEU EA 195 -58.36 82.16 -101.52
C LEU EA 195 -58.34 83.11 -100.33
N THR EA 196 -58.03 82.58 -99.16
CA THR EA 196 -57.88 83.41 -97.96
C THR EA 196 -56.53 84.08 -97.88
N SER EA 197 -55.58 83.73 -98.76
CA SER EA 197 -54.25 84.30 -98.77
C SER EA 197 -53.72 84.27 -100.19
N LEU EA 198 -52.64 85.03 -100.41
CA LEU EA 198 -51.97 85.14 -101.71
C LEU EA 198 -52.92 85.63 -102.81
N THR EA 199 -53.83 86.54 -102.46
CA THR EA 199 -54.72 87.11 -103.45
C THR EA 199 -54.04 88.15 -104.31
N GLU EA 200 -53.08 88.89 -103.75
CA GLU EA 200 -52.35 89.90 -104.50
C GLU EA 200 -51.40 89.23 -105.50
N PRO EA 201 -51.10 89.90 -106.61
CA PRO EA 201 -50.10 89.37 -107.52
C PRO EA 201 -48.72 89.41 -106.89
N PRO EA 202 -47.83 88.50 -107.28
CA PRO EA 202 -46.47 88.51 -106.69
C PRO EA 202 -45.68 89.75 -107.09
N LYS EA 203 -44.77 90.13 -106.20
CA LYS EA 203 -44.06 91.40 -106.38
C LYS EA 203 -43.05 91.33 -107.51
N GLY EA 204 -42.29 90.25 -107.60
CA GLY EA 204 -41.33 90.09 -108.67
C GLY EA 204 -39.90 90.24 -108.21
N PRO EA 205 -38.98 90.39 -109.16
CA PRO EA 205 -37.57 90.49 -108.81
C PRO EA 205 -37.19 91.84 -108.21
N GLY EA 206 -36.23 91.80 -107.30
CA GLY EA 206 -35.70 93.01 -106.69
C GLY EA 206 -36.52 93.59 -105.57
N PHE EA 207 -37.61 92.93 -105.17
CA PHE EA 207 -38.47 93.46 -104.13
C PHE EA 207 -37.86 93.19 -102.76
N GLY EA 208 -37.63 94.25 -101.99
CA GLY EA 208 -37.15 94.11 -100.63
C GLY EA 208 -35.71 93.70 -100.50
N VAL EA 209 -34.91 93.80 -101.56
CA VAL EA 209 -33.52 93.38 -101.51
C VAL EA 209 -32.72 94.40 -100.70
N GLN EA 210 -31.99 93.91 -99.70
CA GLN EA 210 -31.22 94.79 -98.83
C GLN EA 210 -30.02 95.38 -99.57
N ALA EA 211 -29.54 96.51 -99.07
CA ALA EA 211 -28.38 97.16 -99.64
C ALA EA 211 -27.10 96.39 -99.34
N GLY EA 212 -26.08 96.66 -100.14
CA GLY EA 212 -24.81 96.00 -99.96
C GLY EA 212 -24.72 94.60 -100.51
N LEU EA 213 -25.75 94.14 -101.21
CA LEU EA 213 -25.75 92.80 -101.79
C LEU EA 213 -25.57 92.87 -103.29
N SER FA 1 1.83 62.50 -70.94
CA SER FA 1 0.70 61.62 -71.21
C SER FA 1 -0.55 62.43 -71.55
N ASN FA 2 -1.42 61.84 -72.37
CA ASN FA 2 -2.64 62.49 -72.82
C ASN FA 2 -3.89 61.91 -72.15
N LEU FA 3 -3.73 61.27 -71.00
CA LEU FA 3 -4.86 60.70 -70.29
C LEU FA 3 -5.76 61.79 -69.72
N ILE FA 4 -7.06 61.51 -69.67
CA ILE FA 4 -8.04 62.42 -69.11
C ILE FA 4 -8.61 61.80 -67.83
N GLU FA 5 -9.05 62.65 -66.93
CA GLU FA 5 -9.53 62.23 -65.63
C GLU FA 5 -11.05 62.18 -65.63
N VAL FA 6 -11.60 61.00 -65.36
CA VAL FA 6 -13.04 60.84 -65.21
C VAL FA 6 -13.31 60.29 -63.81
N PHE FA 7 -14.58 60.28 -63.43
CA PHE FA 7 -14.98 59.86 -62.09
C PHE FA 7 -16.05 58.80 -62.19
N VAL FA 8 -15.84 57.69 -61.49
CA VAL FA 8 -16.84 56.64 -61.33
C VAL FA 8 -17.24 56.64 -59.86
N ASP FA 9 -18.48 57.03 -59.58
CA ASP FA 9 -19.04 57.14 -58.22
C ASP FA 9 -18.17 58.00 -57.32
N GLY FA 10 -17.60 59.06 -57.89
CA GLY FA 10 -16.74 59.97 -57.16
C GLY FA 10 -15.27 59.56 -57.10
N GLN FA 11 -14.93 58.38 -57.61
CA GLN FA 11 -13.54 57.93 -57.59
C GLN FA 11 -12.87 58.29 -58.92
N SER FA 12 -11.73 58.97 -58.82
CA SER FA 12 -11.03 59.42 -60.02
C SER FA 12 -10.29 58.28 -60.69
N VAL FA 13 -10.21 58.33 -62.02
CA VAL FA 13 -9.49 57.33 -62.80
C VAL FA 13 -9.06 57.97 -64.12
N MET FA 14 -7.82 57.69 -64.52
CA MET FA 14 -7.27 58.17 -65.77
C MET FA 14 -7.62 57.20 -66.90
N VAL FA 15 -8.06 57.75 -68.03
CA VAL FA 15 -8.40 56.94 -69.19
C VAL FA 15 -7.80 57.57 -70.44
N GLU FA 16 -7.57 56.74 -71.45
CA GLU FA 16 -7.14 57.24 -72.75
C GLU FA 16 -8.30 57.97 -73.42
N PRO FA 17 -8.01 58.95 -74.28
CA PRO FA 17 -9.09 59.57 -75.07
C PRO FA 17 -9.75 58.57 -76.01
N GLY FA 18 -11.06 58.72 -76.17
CA GLY FA 18 -11.84 57.78 -76.94
C GLY FA 18 -12.34 56.58 -76.18
N THR FA 19 -12.00 56.46 -74.90
CA THR FA 19 -12.50 55.36 -74.08
C THR FA 19 -13.98 55.52 -73.81
N THR FA 20 -14.71 54.41 -73.83
CA THR FA 20 -16.13 54.44 -73.53
C THR FA 20 -16.36 54.46 -72.03
N VAL FA 21 -17.62 54.69 -71.66
CA VAL FA 21 -18.00 54.68 -70.24
C VAL FA 21 -17.89 53.27 -69.66
N LEU FA 22 -18.29 52.28 -70.46
CA LEU FA 22 -18.24 50.88 -70.03
C LEU FA 22 -16.80 50.44 -69.77
N GLN FA 23 -15.88 50.86 -70.62
CA GLN FA 23 -14.48 50.47 -70.44
C GLN FA 23 -13.87 51.14 -69.21
N ALA FA 24 -14.26 52.39 -68.94
CA ALA FA 24 -13.78 53.06 -67.72
C ALA FA 24 -14.34 52.39 -66.48
N CYS FA 25 -15.61 51.98 -66.50
CA CYS FA 25 -16.19 51.28 -65.37
C CYS FA 25 -15.55 49.91 -65.18
N GLU FA 26 -15.18 49.24 -66.27
CA GLU FA 26 -14.43 48.00 -66.15
C GLU FA 26 -13.03 48.24 -65.59
N LYS FA 27 -12.43 49.38 -65.93
CA LYS FA 27 -11.13 49.73 -65.37
C LYS FA 27 -11.20 49.96 -63.86
N VAL FA 28 -12.27 50.62 -63.39
CA VAL FA 28 -12.39 50.83 -61.95
C VAL FA 28 -12.90 49.57 -61.24
N GLY FA 29 -13.38 48.57 -61.99
CA GLY FA 29 -13.79 47.31 -61.43
C GLY FA 29 -15.28 47.02 -61.42
N MET FA 30 -16.10 47.82 -62.10
CA MET FA 30 -17.54 47.64 -62.13
C MET FA 30 -17.97 47.12 -63.50
N GLN FA 31 -18.74 46.04 -63.51
CA GLN FA 31 -19.23 45.45 -64.74
C GLN FA 31 -20.64 45.94 -65.01
N ILE FA 32 -20.78 46.86 -65.95
CA ILE FA 32 -22.10 47.33 -66.37
C ILE FA 32 -22.84 46.21 -67.09
N PRO FA 33 -24.11 45.96 -66.79
CA PRO FA 33 -24.85 44.91 -67.51
C PRO FA 33 -24.97 45.22 -68.99
N ARG FA 34 -24.87 44.17 -69.80
CA ARG FA 34 -24.86 44.32 -71.24
C ARG FA 34 -25.54 43.12 -71.88
N PHE FA 35 -26.11 43.34 -73.06
CA PHE FA 35 -26.61 42.25 -73.88
C PHE FA 35 -25.99 42.24 -75.27
N CYS FA 36 -25.97 43.37 -75.95
CA CYS FA 36 -25.47 43.43 -77.32
C CYS FA 36 -23.99 43.80 -77.41
N TYR FA 37 -23.38 44.23 -76.32
CA TYR FA 37 -21.96 44.58 -76.36
C TYR FA 37 -21.11 43.33 -76.34
N HIS FA 38 -20.03 43.35 -77.12
CA HIS FA 38 -19.02 42.31 -77.07
C HIS FA 38 -17.69 42.94 -77.41
N GLU FA 39 -16.66 42.64 -76.62
CA GLU FA 39 -15.37 43.30 -76.77
C GLU FA 39 -14.63 42.87 -78.02
N ARG FA 40 -15.07 41.82 -78.71
CA ARG FA 40 -14.47 41.40 -79.97
C ARG FA 40 -15.38 41.64 -81.16
N LEU FA 41 -16.48 42.36 -80.97
CA LEU FA 41 -17.40 42.70 -82.04
C LEU FA 41 -17.57 44.22 -82.10
N SER FA 42 -18.14 44.68 -83.20
CA SER FA 42 -18.42 46.10 -83.36
C SER FA 42 -19.56 46.52 -82.44
N VAL FA 43 -19.60 47.80 -82.13
CA VAL FA 43 -20.58 48.34 -81.19
C VAL FA 43 -21.90 48.56 -81.91
N ALA FA 44 -22.96 47.96 -81.37
CA ALA FA 44 -24.31 48.13 -81.90
C ALA FA 44 -25.12 49.14 -81.11
N GLY FA 45 -25.15 49.01 -79.80
CA GLY FA 45 -25.85 49.97 -78.95
C GLY FA 45 -27.36 49.99 -79.09
N ASN FA 46 -28.00 48.81 -79.16
CA ASN FA 46 -29.44 48.74 -79.32
C ASN FA 46 -30.18 48.06 -78.17
N CYS FA 47 -29.52 47.25 -77.35
CA CYS FA 47 -30.22 46.57 -76.27
C CYS FA 47 -30.62 47.53 -75.15
N ARG FA 48 -29.90 48.65 -75.02
CA ARG FA 48 -30.16 49.72 -74.07
C ARG FA 48 -30.13 49.27 -72.62
N MET FA 49 -29.42 48.19 -72.30
CA MET FA 49 -29.26 47.80 -70.91
C MET FA 49 -28.11 48.53 -70.25
N CYS FA 50 -27.11 48.96 -71.01
CA CYS FA 50 -25.95 49.64 -70.45
C CYS FA 50 -26.20 51.12 -70.17
N LEU FA 51 -27.46 51.54 -70.10
CA LEU FA 51 -27.80 52.94 -69.83
C LEU FA 51 -27.37 53.32 -68.42
N VAL FA 52 -26.56 54.37 -68.31
CA VAL FA 52 -26.05 54.84 -67.04
C VAL FA 52 -26.27 56.35 -66.98
N GLU FA 53 -26.26 56.88 -65.76
CA GLU FA 53 -26.50 58.30 -65.53
C GLU FA 53 -25.19 59.02 -65.29
N ILE FA 54 -24.94 60.06 -66.08
CA ILE FA 54 -23.86 61.00 -65.82
C ILE FA 54 -24.41 62.10 -64.92
N GLU FA 55 -23.65 62.46 -63.90
CA GLU FA 55 -24.09 63.50 -62.96
C GLU FA 55 -24.17 64.85 -63.66
N LYS FA 56 -25.20 65.61 -63.32
CA LYS FA 56 -25.51 66.92 -63.91
C LYS FA 56 -25.74 66.80 -65.42
N ALA FA 57 -26.43 65.75 -65.83
CA ALA FA 57 -26.83 65.54 -67.21
C ALA FA 57 -28.21 64.88 -67.23
N PRO FA 58 -29.24 65.55 -67.74
CA PRO FA 58 -30.60 65.04 -67.59
C PRO FA 58 -31.01 64.01 -68.65
N LYS FA 59 -30.13 63.05 -68.95
CA LYS FA 59 -30.45 62.01 -69.90
C LYS FA 59 -29.45 60.88 -69.73
N VAL FA 60 -29.96 59.65 -69.61
CA VAL FA 60 -29.09 58.49 -69.50
C VAL FA 60 -28.44 58.22 -70.85
N VAL FA 61 -27.19 57.78 -70.82
CA VAL FA 61 -26.43 57.50 -72.04
C VAL FA 61 -26.05 56.04 -72.05
N ALA FA 62 -25.95 55.48 -73.26
CA ALA FA 62 -25.56 54.08 -73.43
C ALA FA 62 -24.05 53.98 -73.22
N ALA FA 63 -23.64 53.31 -72.15
CA ALA FA 63 -22.23 53.26 -71.78
C ALA FA 63 -21.39 52.45 -72.74
N CYS FA 64 -22.01 51.57 -73.54
CA CYS FA 64 -21.24 50.77 -74.48
C CYS FA 64 -20.78 51.57 -75.69
N ALA FA 65 -21.37 52.73 -75.94
CA ALA FA 65 -21.06 53.53 -77.11
C ALA FA 65 -20.72 54.98 -76.81
N MET FA 66 -20.85 55.42 -75.56
CA MET FA 66 -20.62 56.82 -75.21
C MET FA 66 -19.17 57.03 -74.82
N PRO FA 67 -18.40 57.82 -75.57
CA PRO FA 67 -17.05 58.16 -75.12
C PRO FA 67 -17.09 59.07 -73.91
N VAL FA 68 -16.08 58.93 -73.06
CA VAL FA 68 -16.03 59.72 -71.83
C VAL FA 68 -15.54 61.12 -72.14
N MET FA 69 -16.04 62.09 -71.37
CA MET FA 69 -15.60 63.47 -71.43
C MET FA 69 -14.84 63.80 -70.15
N LYS FA 70 -14.05 64.87 -70.21
CA LYS FA 70 -13.26 65.28 -69.06
C LYS FA 70 -14.16 65.79 -67.95
N GLY FA 71 -13.93 65.28 -66.73
CA GLY FA 71 -14.72 65.68 -65.59
C GLY FA 71 -16.06 65.02 -65.45
N TRP FA 72 -16.35 64.00 -66.25
CA TRP FA 72 -17.62 63.31 -66.14
C TRP FA 72 -17.66 62.46 -64.87
N ASN FA 73 -18.79 62.51 -64.18
CA ASN FA 73 -19.02 61.69 -62.98
C ASN FA 73 -20.04 60.62 -63.35
N ILE FA 74 -19.59 59.38 -63.44
CA ILE FA 74 -20.45 58.26 -63.80
C ILE FA 74 -21.03 57.66 -62.53
N LEU FA 75 -22.35 57.52 -62.48
CA LEU FA 75 -23.06 56.98 -61.33
C LEU FA 75 -23.66 55.64 -61.75
N THR FA 76 -22.96 54.56 -61.42
CA THR FA 76 -23.40 53.23 -61.82
C THR FA 76 -24.42 52.61 -60.86
N ASN FA 77 -24.62 53.19 -59.68
CA ASN FA 77 -25.57 52.67 -58.71
C ASN FA 77 -26.62 53.70 -58.31
N SER FA 78 -26.87 54.68 -59.17
CA SER FA 78 -27.85 55.72 -58.86
C SER FA 78 -29.27 55.18 -59.03
N GLU FA 79 -30.23 56.00 -58.63
CA GLU FA 79 -31.62 55.56 -58.61
C GLU FA 79 -32.19 55.44 -60.02
N LYS FA 80 -31.95 56.45 -60.87
CA LYS FA 80 -32.52 56.41 -62.21
C LYS FA 80 -31.80 55.42 -63.12
N THR FA 81 -30.53 55.11 -62.82
CA THR FA 81 -29.85 54.02 -63.54
C THR FA 81 -30.53 52.69 -63.26
N LYS FA 82 -30.87 52.43 -61.99
CA LYS FA 82 -31.58 51.21 -61.64
C LYS FA 82 -32.99 51.20 -62.23
N LYS FA 83 -33.63 52.37 -62.28
CA LYS FA 83 -34.95 52.46 -62.91
C LYS FA 83 -34.88 52.12 -64.39
N ALA FA 84 -33.86 52.64 -65.10
CA ALA FA 84 -33.69 52.34 -66.51
C ALA FA 84 -33.40 50.85 -66.72
N ARG FA 85 -32.57 50.27 -65.86
CA ARG FA 85 -32.28 48.84 -65.96
C ARG FA 85 -33.53 48.00 -65.75
N GLU FA 86 -34.35 48.36 -64.76
CA GLU FA 86 -35.59 47.63 -64.50
C GLU FA 86 -36.56 47.76 -65.67
N GLY FA 87 -36.67 48.96 -66.25
CA GLY FA 87 -37.56 49.14 -67.39
C GLY FA 87 -37.11 48.35 -68.62
N VAL FA 88 -35.80 48.33 -68.87
CA VAL FA 88 -35.29 47.60 -70.02
C VAL FA 88 -35.44 46.09 -69.81
N MET FA 89 -35.25 45.62 -68.57
CA MET FA 89 -35.53 44.22 -68.27
C MET FA 89 -37.01 43.87 -68.45
N GLU FA 90 -37.90 44.77 -68.05
CA GLU FA 90 -39.34 44.53 -68.25
C GLU FA 90 -39.69 44.45 -69.73
N PHE FA 91 -39.11 45.34 -70.54
CA PHE FA 91 -39.36 45.30 -71.98
C PHE FA 91 -38.77 44.05 -72.62
N LEU FA 92 -37.60 43.62 -72.15
CA LEU FA 92 -36.96 42.42 -72.71
C LEU FA 92 -37.73 41.17 -72.33
N LEU FA 93 -38.27 41.11 -71.12
CA LEU FA 93 -39.00 39.93 -70.66
C LEU FA 93 -40.49 39.99 -70.95
N ALA FA 94 -40.97 41.05 -71.61
CA ALA FA 94 -42.38 41.13 -71.96
C ALA FA 94 -42.79 40.05 -72.95
N ASN FA 95 -41.95 39.79 -73.96
CA ASN FA 95 -42.29 38.86 -75.03
C ASN FA 95 -41.49 37.57 -74.99
N HIS FA 96 -40.69 37.35 -73.96
CA HIS FA 96 -39.90 36.12 -73.89
C HIS FA 96 -40.79 34.95 -73.50
N PRO FA 97 -40.64 33.80 -74.17
CA PRO FA 97 -41.49 32.65 -73.85
C PRO FA 97 -41.07 31.98 -72.55
N LEU FA 98 -42.06 31.44 -71.84
CA LEU FA 98 -41.82 30.73 -70.58
C LEU FA 98 -41.26 29.35 -70.90
N ASP FA 99 -39.97 29.32 -71.22
CA ASP FA 99 -39.32 28.13 -71.73
C ASP FA 99 -38.13 27.68 -70.91
N CYS FA 100 -37.90 28.28 -69.73
CA CYS FA 100 -36.69 28.01 -68.96
C CYS FA 100 -36.47 26.54 -68.57
N PRO FA 101 -37.46 25.76 -68.14
CA PRO FA 101 -37.17 24.34 -67.87
C PRO FA 101 -36.81 23.53 -69.10
N ILE FA 102 -37.28 23.90 -70.29
CA ILE FA 102 -37.03 23.12 -71.51
C ILE FA 102 -36.00 23.81 -72.40
N CYS FA 103 -35.14 24.64 -71.84
CA CYS FA 103 -34.16 25.40 -72.60
C CYS FA 103 -32.76 25.08 -72.10
N ASP FA 104 -31.82 24.89 -73.03
CA ASP FA 104 -30.48 24.45 -72.66
C ASP FA 104 -29.66 25.57 -72.04
N GLN FA 105 -30.06 26.84 -72.21
CA GLN FA 105 -29.33 27.94 -71.62
C GLN FA 105 -29.66 28.15 -70.14
N GLY FA 106 -30.63 27.43 -69.61
CA GLY FA 106 -31.01 27.54 -68.21
C GLY FA 106 -29.88 27.16 -67.26
N GLY FA 107 -29.60 28.03 -66.29
CA GLY FA 107 -28.49 27.86 -65.40
C GLY FA 107 -27.23 28.61 -65.82
N GLU FA 108 -27.14 29.01 -67.09
CA GLU FA 108 -26.05 29.84 -67.58
C GLU FA 108 -26.57 30.93 -68.50
N CYS FA 109 -27.83 31.31 -68.34
CA CYS FA 109 -28.45 32.33 -69.18
C CYS FA 109 -28.06 33.72 -68.67
N ASP FA 110 -27.56 34.57 -69.57
CA ASP FA 110 -27.26 35.94 -69.21
C ASP FA 110 -28.53 36.71 -68.87
N LEU FA 111 -29.60 36.46 -69.61
CA LEU FA 111 -30.87 37.16 -69.37
C LEU FA 111 -31.43 36.80 -68.00
N GLN FA 112 -31.35 35.53 -67.61
CA GLN FA 112 -31.81 35.11 -66.28
C GLN FA 112 -30.99 35.77 -65.18
N ASP FA 113 -29.67 35.80 -65.33
CA ASP FA 113 -28.80 36.34 -64.30
C ASP FA 113 -28.98 37.84 -64.13
N GLN FA 114 -29.07 38.57 -65.25
CA GLN FA 114 -29.28 40.01 -65.13
C GLN FA 114 -30.72 40.35 -64.75
N SER FA 115 -31.69 39.48 -65.02
CA SER FA 115 -33.03 39.68 -64.49
C SER FA 115 -33.05 39.49 -62.99
N MET FA 116 -32.29 38.52 -62.48
CA MET FA 116 -32.21 38.31 -61.05
C MET FA 116 -31.46 39.44 -60.35
N MET FA 117 -30.40 39.95 -60.98
CA MET FA 117 -29.58 40.96 -60.33
C MET FA 117 -30.17 42.36 -60.47
N PHE FA 118 -30.35 42.83 -61.70
CA PHE FA 118 -30.72 44.22 -61.96
C PHE FA 118 -32.18 44.42 -62.29
N GLY FA 119 -32.91 43.35 -62.61
CA GLY FA 119 -34.31 43.47 -62.98
C GLY FA 119 -35.25 43.49 -61.78
N SER FA 120 -36.54 43.56 -62.09
CA SER FA 120 -37.58 43.52 -61.08
C SER FA 120 -37.92 42.05 -60.77
N ASP FA 121 -38.96 41.83 -59.98
CA ASP FA 121 -39.32 40.49 -59.56
C ASP FA 121 -40.72 40.06 -59.96
N ARG FA 122 -41.46 40.88 -60.70
CA ARG FA 122 -42.80 40.51 -61.13
C ARG FA 122 -43.11 41.18 -62.45
N SER FA 123 -44.15 40.68 -63.13
CA SER FA 123 -44.51 41.11 -64.47
C SER FA 123 -45.85 41.82 -64.46
N ARG FA 124 -45.95 42.88 -65.27
CA ARG FA 124 -47.19 43.60 -65.48
C ARG FA 124 -47.80 43.31 -66.86
N PHE FA 125 -47.20 42.41 -67.63
CA PHE FA 125 -47.65 42.13 -68.98
C PHE FA 125 -48.87 41.22 -68.92
N LEU FA 126 -50.04 41.78 -69.21
CA LEU FA 126 -51.29 41.03 -69.20
C LEU FA 126 -51.75 40.64 -70.60
N GLU FA 127 -50.98 40.95 -71.63
CA GLU FA 127 -51.36 40.66 -73.00
C GLU FA 127 -50.77 39.32 -73.43
N GLY FA 128 -50.89 38.99 -74.71
CA GLY FA 128 -50.35 37.76 -75.26
C GLY FA 128 -48.98 37.98 -75.87
N LYS FA 129 -48.14 36.96 -75.78
CA LYS FA 129 -46.78 37.03 -76.30
C LYS FA 129 -46.75 36.67 -77.78
N ARG FA 130 -45.69 37.11 -78.45
CA ARG FA 130 -45.48 36.77 -79.85
C ARG FA 130 -44.85 35.39 -79.98
N ALA FA 131 -44.90 34.86 -81.20
CA ALA FA 131 -44.27 33.58 -81.51
C ALA FA 131 -43.59 33.69 -82.85
N VAL FA 132 -42.35 33.20 -82.94
CA VAL FA 132 -41.53 33.30 -84.14
C VAL FA 132 -41.32 31.91 -84.70
N GLU FA 133 -41.44 31.79 -86.03
CA GLU FA 133 -41.22 30.52 -86.71
C GLU FA 133 -39.75 30.12 -86.61
N ASP FA 134 -39.51 28.85 -86.32
CA ASP FA 134 -38.15 28.34 -86.20
C ASP FA 134 -37.49 28.23 -87.57
N LYS FA 135 -36.17 28.33 -87.57
CA LYS FA 135 -35.38 28.28 -88.79
C LYS FA 135 -34.42 27.10 -88.74
N ASN FA 136 -33.86 26.76 -89.90
CA ASN FA 136 -32.90 25.68 -90.03
C ASN FA 136 -31.63 26.22 -90.67
N ILE FA 137 -30.50 26.05 -89.99
CA ILE FA 137 -29.23 26.57 -90.49
C ILE FA 137 -28.17 25.47 -90.46
N GLY FA 138 -28.61 24.22 -90.33
CA GLY FA 138 -27.70 23.10 -90.38
C GLY FA 138 -27.84 22.17 -89.19
N PRO FA 139 -27.17 21.02 -89.25
CA PRO FA 139 -27.21 20.06 -88.14
C PRO FA 139 -26.27 20.35 -87.00
N LEU FA 140 -25.73 21.56 -86.89
CA LEU FA 140 -24.87 21.93 -85.77
C LEU FA 140 -25.54 22.85 -84.76
N VAL FA 141 -26.35 23.80 -85.21
CA VAL FA 141 -26.97 24.79 -84.34
C VAL FA 141 -28.46 24.55 -84.31
N LYS FA 142 -28.98 24.22 -83.13
CA LYS FA 142 -30.42 24.15 -82.93
C LYS FA 142 -30.97 25.56 -82.73
N THR FA 143 -32.02 25.89 -83.47
CA THR FA 143 -32.53 27.25 -83.59
C THR FA 143 -33.93 27.33 -82.99
N ILE FA 144 -34.09 28.21 -82.01
CA ILE FA 144 -35.40 28.55 -81.45
C ILE FA 144 -35.48 30.07 -81.45
N MET FA 145 -36.01 30.64 -82.54
CA MET FA 145 -36.03 32.10 -82.69
C MET FA 145 -37.05 32.79 -81.78
N THR FA 146 -37.91 32.05 -81.09
CA THR FA 146 -38.85 32.68 -80.17
C THR FA 146 -38.12 33.28 -78.98
N ARG FA 147 -36.99 32.71 -78.60
CA ARG FA 147 -36.21 33.19 -77.46
C ARG FA 147 -35.22 34.28 -77.82
N CYS FA 148 -35.12 34.66 -79.09
CA CYS FA 148 -34.18 35.69 -79.49
C CYS FA 148 -34.61 37.05 -78.95
N ILE FA 149 -33.62 37.87 -78.62
CA ILE FA 149 -33.88 39.21 -78.11
C ILE FA 149 -33.36 40.28 -79.07
N GLN FA 150 -33.08 39.88 -80.33
CA GLN FA 150 -32.68 40.79 -81.41
C GLN FA 150 -31.44 41.60 -81.06
N CYS FA 151 -30.48 40.94 -80.42
CA CYS FA 151 -29.25 41.61 -79.99
C CYS FA 151 -28.28 41.85 -81.13
N THR FA 152 -28.47 41.17 -82.27
CA THR FA 152 -27.66 41.31 -83.48
C THR FA 152 -26.18 41.07 -83.23
N ARG FA 153 -25.87 40.08 -82.40
CA ARG FA 153 -24.52 39.53 -82.38
C ARG FA 153 -24.31 38.52 -83.50
N CYS FA 154 -25.40 37.92 -83.99
CA CYS FA 154 -25.33 36.98 -85.10
C CYS FA 154 -24.70 37.61 -86.33
N ILE FA 155 -25.26 38.74 -86.77
CA ILE FA 155 -24.83 39.36 -88.02
C ILE FA 155 -23.44 39.95 -87.85
N ARG FA 156 -23.16 40.52 -86.68
CA ARG FA 156 -21.84 41.10 -86.44
C ARG FA 156 -20.75 40.04 -86.45
N PHE FA 157 -21.01 38.88 -85.84
CA PHE FA 157 -20.03 37.80 -85.88
C PHE FA 157 -19.89 37.23 -87.28
N ALA FA 158 -21.01 37.03 -87.99
CA ALA FA 158 -20.94 36.43 -89.31
C ALA FA 158 -20.37 37.38 -90.36
N SER FA 159 -20.37 38.68 -90.09
CA SER FA 159 -19.87 39.67 -91.04
C SER FA 159 -18.46 40.15 -90.73
N GLU FA 160 -18.04 40.16 -89.47
CA GLU FA 160 -16.74 40.70 -89.10
C GLU FA 160 -15.69 39.64 -88.79
N ILE FA 161 -16.08 38.48 -88.27
CA ILE FA 161 -15.14 37.46 -87.85
C ILE FA 161 -15.22 36.24 -88.77
N ALA FA 162 -16.42 35.70 -88.97
CA ALA FA 162 -16.57 34.56 -89.86
C ALA FA 162 -16.45 34.97 -91.32
N GLY FA 163 -16.85 36.19 -91.67
CA GLY FA 163 -16.79 36.66 -93.03
C GLY FA 163 -17.72 35.97 -93.99
N VAL FA 164 -18.94 35.67 -93.55
CA VAL FA 164 -19.89 34.92 -94.35
C VAL FA 164 -20.98 35.83 -94.93
N ASP FA 165 -21.49 36.76 -94.11
CA ASP FA 165 -22.52 37.73 -94.50
C ASP FA 165 -23.79 37.04 -95.00
N ASP FA 166 -24.28 36.07 -94.21
CA ASP FA 166 -25.47 35.32 -94.57
C ASP FA 166 -26.63 35.49 -93.62
N LEU FA 167 -26.41 36.09 -92.45
CA LEU FA 167 -27.48 36.35 -91.48
C LEU FA 167 -27.90 37.80 -91.56
N GLY FA 168 -29.15 38.07 -91.19
CA GLY FA 168 -29.64 39.44 -91.22
C GLY FA 168 -31.01 39.54 -90.59
N THR FA 169 -31.44 40.79 -90.40
CA THR FA 169 -32.73 41.10 -89.81
C THR FA 169 -33.72 41.44 -90.91
N THR FA 170 -34.76 40.62 -91.04
CA THR FA 170 -35.82 40.82 -92.01
C THR FA 170 -37.09 41.22 -91.29
N GLY FA 171 -37.79 42.21 -91.84
CA GLY FA 171 -39.01 42.72 -91.26
C GLY FA 171 -38.79 44.07 -90.61
N ARG FA 172 -39.84 44.53 -89.93
CA ARG FA 172 -39.84 45.83 -89.30
C ARG FA 172 -40.65 45.78 -88.01
N GLY FA 173 -40.21 46.56 -87.02
CA GLY FA 173 -40.96 46.65 -85.78
C GLY FA 173 -40.82 45.40 -84.95
N ASN FA 174 -41.92 45.01 -84.28
CA ASN FA 174 -41.95 43.82 -83.46
C ASN FA 174 -41.87 42.53 -84.27
N ASP FA 175 -42.07 42.59 -85.58
CA ASP FA 175 -41.97 41.44 -86.44
C ASP FA 175 -40.58 41.23 -87.01
N MET FA 176 -39.59 41.97 -86.51
CA MET FA 176 -38.23 41.83 -87.02
C MET FA 176 -37.64 40.49 -86.57
N GLN FA 177 -37.10 39.73 -87.52
CA GLN FA 177 -36.60 38.39 -87.26
C GLN FA 177 -35.17 38.28 -87.74
N VAL FA 178 -34.37 37.50 -87.02
CA VAL FA 178 -32.98 37.24 -87.39
C VAL FA 178 -32.93 35.91 -88.11
N GLY FA 179 -32.38 35.91 -89.33
CA GLY FA 179 -32.32 34.70 -90.10
C GLY FA 179 -31.67 34.95 -91.45
N THR FA 180 -31.71 33.91 -92.28
CA THR FA 180 -31.12 33.96 -93.62
C THR FA 180 -32.13 34.27 -94.72
N TYR FA 181 -33.43 34.28 -94.38
CA TYR FA 181 -34.56 34.62 -95.25
C TYR FA 181 -34.85 33.54 -96.29
N ILE FA 182 -33.96 32.55 -96.42
CA ILE FA 182 -34.14 31.45 -97.36
C ILE FA 182 -33.65 30.17 -96.68
N GLU FA 183 -33.92 29.03 -97.34
CA GLU FA 183 -33.49 27.74 -96.84
C GLU FA 183 -32.00 27.58 -97.14
N LYS FA 184 -31.18 28.18 -96.28
CA LYS FA 184 -29.73 28.14 -96.39
C LYS FA 184 -29.15 27.75 -95.04
N MET FA 185 -28.05 27.00 -95.07
CA MET FA 185 -27.38 26.58 -93.85
C MET FA 185 -26.11 27.41 -93.64
N PHE FA 186 -25.85 27.76 -92.39
CA PHE FA 186 -24.70 28.58 -92.02
C PHE FA 186 -23.55 27.65 -91.67
N MET FA 187 -22.83 27.23 -92.70
CA MET FA 187 -21.70 26.32 -92.55
C MET FA 187 -20.40 27.06 -92.85
N SER FA 188 -19.77 27.55 -91.79
CA SER FA 188 -18.42 28.06 -91.82
C SER FA 188 -17.56 27.22 -90.90
N GLU FA 189 -16.26 27.46 -90.94
CA GLU FA 189 -15.34 26.75 -90.04
C GLU FA 189 -15.40 27.28 -88.61
N LEU FA 190 -16.05 28.42 -88.38
CA LEU FA 190 -16.18 29.02 -87.07
C LEU FA 190 -17.64 29.28 -86.74
N SER FA 191 -18.55 28.42 -87.22
CA SER FA 191 -19.98 28.68 -87.05
C SER FA 191 -20.41 28.50 -85.61
N GLY FA 192 -19.98 27.40 -84.97
CA GLY FA 192 -20.47 27.04 -83.65
C GLY FA 192 -20.17 28.07 -82.56
N ASN FA 193 -19.23 28.98 -82.82
CA ASN FA 193 -18.95 30.07 -81.89
C ASN FA 193 -20.14 30.98 -81.66
N ILE FA 194 -21.12 31.00 -82.58
CA ILE FA 194 -22.31 31.80 -82.34
C ILE FA 194 -23.09 31.26 -81.15
N ILE FA 195 -23.01 29.95 -80.90
CA ILE FA 195 -23.62 29.36 -79.71
C ILE FA 195 -22.99 29.92 -78.45
N ASP FA 196 -21.71 30.28 -78.52
CA ASP FA 196 -21.06 30.92 -77.38
C ASP FA 196 -21.55 32.35 -77.18
N ILE FA 197 -21.88 33.06 -78.26
CA ILE FA 197 -22.12 34.49 -78.14
C ILE FA 197 -23.58 34.84 -78.01
N CYS FA 198 -24.48 33.88 -78.18
CA CYS FA 198 -25.90 34.15 -77.97
C CYS FA 198 -26.18 34.23 -76.47
N PRO FA 199 -26.63 35.36 -75.94
CA PRO FA 199 -26.89 35.44 -74.49
C PRO FA 199 -28.13 34.70 -74.06
N VAL FA 200 -28.97 34.26 -74.98
CA VAL FA 200 -30.20 33.55 -74.66
C VAL FA 200 -30.13 32.16 -75.28
N GLY FA 201 -31.18 31.37 -75.11
CA GLY FA 201 -31.20 30.01 -75.63
C GLY FA 201 -31.77 29.91 -77.02
N ALA FA 202 -31.57 30.95 -77.83
CA ALA FA 202 -32.07 30.92 -79.21
C ALA FA 202 -31.22 30.01 -80.08
N LEU FA 203 -29.91 30.06 -79.95
CA LEU FA 203 -28.99 29.20 -80.68
C LEU FA 203 -28.29 28.29 -79.68
N THR FA 204 -28.54 26.99 -79.78
CA THR FA 204 -27.94 26.02 -78.87
C THR FA 204 -27.18 24.98 -79.68
N SER FA 205 -26.37 24.19 -78.97
CA SER FA 205 -25.59 23.14 -79.61
C SER FA 205 -26.46 21.91 -79.79
N LYS FA 206 -26.67 21.50 -81.04
CA LYS FA 206 -27.50 20.35 -81.38
C LYS FA 206 -26.98 19.01 -80.85
N PRO FA 207 -25.67 18.68 -80.93
CA PRO FA 207 -25.22 17.45 -80.27
C PRO FA 207 -25.35 17.48 -78.75
N TYR FA 208 -25.26 18.64 -78.13
CA TYR FA 208 -25.35 18.79 -76.68
C TYR FA 208 -26.80 18.85 -76.19
N ALA FA 209 -27.78 18.79 -77.09
CA ALA FA 209 -29.16 19.09 -76.75
C ALA FA 209 -29.73 18.10 -75.73
N PHE FA 210 -30.29 18.65 -74.65
CA PHE FA 210 -31.06 17.92 -73.64
C PHE FA 210 -30.22 16.87 -72.93
N THR FA 211 -28.92 17.09 -72.79
CA THR FA 211 -28.02 16.11 -72.21
C THR FA 211 -27.60 16.44 -70.80
N ALA FA 212 -27.20 17.67 -70.52
CA ALA FA 212 -26.67 18.03 -69.22
C ALA FA 212 -27.19 19.40 -68.82
N ARG FA 213 -26.60 19.96 -67.77
CA ARG FA 213 -27.02 21.22 -67.18
C ARG FA 213 -25.76 21.85 -66.59
N PRO FA 214 -25.59 23.17 -66.72
CA PRO FA 214 -24.28 23.78 -66.37
C PRO FA 214 -23.89 23.68 -64.91
N TRP FA 215 -24.84 23.56 -63.98
CA TRP FA 215 -24.45 23.56 -62.58
C TRP FA 215 -23.85 22.24 -62.12
N GLU FA 216 -24.09 21.15 -62.84
CA GLU FA 216 -23.65 19.83 -62.43
C GLU FA 216 -22.45 19.32 -63.22
N THR FA 217 -21.82 20.16 -64.03
CA THR FA 217 -20.70 19.76 -64.84
C THR FA 217 -19.39 20.23 -64.23
N ARG FA 218 -18.36 19.37 -64.31
CA ARG FA 218 -17.03 19.69 -63.83
C ARG FA 218 -16.18 20.17 -65.01
N LYS FA 219 -15.46 21.26 -64.81
CA LYS FA 219 -14.68 21.90 -65.87
C LYS FA 219 -13.21 21.57 -65.72
N THR FA 220 -12.61 21.03 -66.79
CA THR FA 220 -11.20 20.69 -66.81
C THR FA 220 -10.54 21.47 -67.93
N GLU FA 221 -9.54 22.29 -67.60
CA GLU FA 221 -8.89 23.13 -68.59
C GLU FA 221 -7.80 22.35 -69.31
N SER FA 222 -7.95 22.19 -70.62
CA SER FA 222 -7.05 21.36 -71.41
C SER FA 222 -6.72 22.11 -72.70
N ILE FA 223 -5.99 21.42 -73.59
CA ILE FA 223 -5.50 21.99 -74.83
C ILE FA 223 -6.03 21.15 -76.00
N ASP FA 224 -6.53 21.82 -77.02
CA ASP FA 224 -6.98 21.14 -78.22
C ASP FA 224 -5.80 20.61 -79.02
N VAL FA 225 -5.99 19.44 -79.65
CA VAL FA 225 -4.97 18.81 -80.48
C VAL FA 225 -5.48 18.51 -81.88
N MET FA 226 -6.64 19.07 -82.26
CA MET FA 226 -7.19 18.80 -83.58
C MET FA 226 -6.37 19.44 -84.69
N ASP FA 227 -5.60 20.48 -84.39
CA ASP FA 227 -4.73 21.13 -85.36
C ASP FA 227 -3.45 21.55 -84.64
N ALA FA 228 -2.64 22.36 -85.30
CA ALA FA 228 -1.39 22.84 -84.72
C ALA FA 228 -1.52 24.23 -84.13
N VAL FA 229 -2.74 24.77 -84.05
CA VAL FA 229 -2.93 26.08 -83.43
C VAL FA 229 -2.70 26.00 -81.93
N GLY FA 230 -3.22 24.94 -81.29
CA GLY FA 230 -3.08 24.79 -79.86
C GLY FA 230 -4.09 25.60 -79.08
N SER FA 231 -5.37 25.46 -79.42
CA SER FA 231 -6.41 26.23 -78.77
C SER FA 231 -6.66 25.73 -77.36
N ASN FA 232 -6.75 26.66 -76.42
CA ASN FA 232 -7.06 26.31 -75.04
C ASN FA 232 -8.56 26.12 -74.89
N ILE FA 233 -8.97 25.00 -74.30
CA ILE FA 233 -10.37 24.65 -74.18
C ILE FA 233 -10.67 24.26 -72.74
N VAL FA 234 -11.96 24.22 -72.43
CA VAL FA 234 -12.49 23.67 -71.18
C VAL FA 234 -13.36 22.48 -71.55
N VAL FA 235 -13.04 21.33 -71.00
CA VAL FA 235 -13.86 20.13 -71.18
C VAL FA 235 -14.82 20.06 -70.00
N SER FA 236 -16.11 20.13 -70.30
CA SER FA 236 -17.15 20.03 -69.28
C SER FA 236 -17.64 18.59 -69.27
N THR FA 237 -17.38 17.90 -68.17
CA THR FA 237 -17.73 16.51 -67.97
C THR FA 237 -18.79 16.39 -66.89
N ARG FA 238 -19.30 15.16 -66.73
CA ARG FA 238 -20.34 14.90 -65.74
C ARG FA 238 -20.30 13.41 -65.40
N THR FA 239 -19.93 13.10 -64.16
CA THR FA 239 -19.83 11.73 -63.64
C THR FA 239 -18.92 10.86 -64.52
N GLY FA 240 -17.74 11.38 -64.83
CA GLY FA 240 -16.76 10.62 -65.57
C GLY FA 240 -17.04 10.45 -67.04
N GLU FA 241 -17.91 11.28 -67.62
CA GLU FA 241 -18.23 11.23 -69.04
C GLU FA 241 -18.13 12.62 -69.62
N VAL FA 242 -17.40 12.75 -70.74
CA VAL FA 242 -17.23 14.05 -71.38
C VAL FA 242 -18.55 14.47 -72.03
N MET FA 243 -19.02 15.66 -71.67
CA MET FA 243 -20.29 16.17 -72.18
C MET FA 243 -20.11 17.22 -73.27
N ARG FA 244 -19.28 18.22 -73.05
CA ARG FA 244 -19.12 19.26 -74.05
C ARG FA 244 -17.73 19.89 -73.95
N ILE FA 245 -17.40 20.67 -74.98
CA ILE FA 245 -16.12 21.38 -75.06
C ILE FA 245 -16.42 22.84 -75.35
N LEU FA 246 -15.86 23.73 -74.53
CA LEU FA 246 -16.01 25.17 -74.67
C LEU FA 246 -14.63 25.79 -74.88
N PRO FA 247 -14.56 26.97 -75.49
CA PRO FA 247 -13.27 27.64 -75.61
C PRO FA 247 -12.82 28.26 -74.30
N ARG FA 248 -11.52 28.54 -74.22
CA ARG FA 248 -10.93 29.30 -73.15
C ARG FA 248 -10.37 30.61 -73.70
N MET FA 249 -10.37 31.63 -72.85
CA MET FA 249 -9.83 32.92 -73.25
C MET FA 249 -8.31 32.86 -73.23
N HIS FA 250 -7.69 33.15 -74.37
CA HIS FA 250 -6.24 33.29 -74.46
C HIS FA 250 -5.97 34.27 -75.58
N GLU FA 251 -5.52 35.48 -75.22
CA GLU FA 251 -5.40 36.57 -76.18
C GLU FA 251 -4.30 36.36 -77.21
N ASP FA 252 -3.42 35.37 -77.02
CA ASP FA 252 -2.29 35.17 -77.91
C ASP FA 252 -2.52 34.08 -78.95
N ILE FA 253 -3.54 33.24 -78.80
CA ILE FA 253 -3.73 32.13 -79.72
C ILE FA 253 -5.11 32.15 -80.38
N ASN FA 254 -6.16 31.96 -79.58
CA ASN FA 254 -7.47 31.58 -80.10
C ASN FA 254 -8.58 32.37 -79.40
N GLU FA 255 -8.46 33.70 -79.42
CA GLU FA 255 -8.87 34.63 -78.36
C GLU FA 255 -10.06 34.20 -77.53
N GLU FA 256 -11.20 33.90 -78.15
CA GLU FA 256 -12.23 33.14 -77.46
C GLU FA 256 -12.97 32.19 -78.40
N TRP FA 257 -12.43 31.90 -79.58
CA TRP FA 257 -13.09 31.08 -80.57
C TRP FA 257 -12.32 29.79 -80.82
N ILE FA 258 -13.06 28.75 -81.20
CA ILE FA 258 -12.48 27.48 -81.63
C ILE FA 258 -13.19 27.04 -82.90
N SER FA 259 -12.55 26.12 -83.62
CA SER FA 259 -13.15 25.57 -84.83
C SER FA 259 -14.25 24.57 -84.48
N ASP FA 260 -15.01 24.18 -85.51
CA ASP FA 260 -16.14 23.28 -85.29
C ASP FA 260 -15.67 21.85 -85.00
N LYS FA 261 -14.54 21.43 -85.57
CA LYS FA 261 -13.99 20.11 -85.30
C LYS FA 261 -13.60 19.98 -83.83
N THR FA 262 -12.98 21.02 -83.27
CA THR FA 262 -12.65 21.06 -81.86
C THR FA 262 -13.90 20.97 -80.99
N ARG FA 263 -14.95 21.71 -81.37
CA ARG FA 263 -16.16 21.74 -80.56
C ARG FA 263 -16.97 20.46 -80.66
N PHE FA 264 -16.84 19.69 -81.75
CA PHE FA 264 -17.74 18.58 -81.98
C PHE FA 264 -17.03 17.26 -82.31
N ALA FA 265 -15.78 17.08 -81.90
CA ALA FA 265 -15.14 15.78 -82.06
C ALA FA 265 -15.27 14.86 -80.85
N TYR FA 266 -15.96 15.29 -79.78
CA TYR FA 266 -16.01 14.46 -78.58
C TYR FA 266 -16.90 13.23 -78.76
N ASP FA 267 -17.96 13.34 -79.58
CA ASP FA 267 -18.81 12.18 -79.81
C ASP FA 267 -18.07 11.09 -80.60
N GLY FA 268 -17.11 11.48 -81.43
CA GLY FA 268 -16.20 10.51 -82.00
C GLY FA 268 -15.12 10.07 -81.05
N LEU FA 269 -14.78 10.91 -80.07
CA LEU FA 269 -13.87 10.48 -79.02
C LEU FA 269 -14.47 9.37 -78.17
N LYS FA 270 -15.79 9.31 -78.06
CA LYS FA 270 -16.45 8.24 -77.31
C LYS FA 270 -17.02 7.14 -78.19
N ARG FA 271 -16.37 6.84 -79.32
CA ARG FA 271 -16.78 5.76 -80.19
C ARG FA 271 -15.57 5.08 -80.81
N GLN FA 272 -15.76 3.81 -81.19
CA GLN FA 272 -14.74 2.99 -81.87
C GLN FA 272 -13.44 2.91 -81.08
N ARG FA 273 -13.56 2.83 -79.75
CA ARG FA 273 -12.40 2.89 -78.88
C ARG FA 273 -11.70 1.53 -78.80
N LEU FA 274 -10.43 1.58 -78.44
CA LEU FA 274 -9.65 0.38 -78.13
C LEU FA 274 -9.56 0.26 -76.61
N THR FA 275 -9.99 -0.87 -76.08
CA THR FA 275 -10.09 -1.05 -74.64
C THR FA 275 -9.19 -2.14 -74.07
N GLU FA 276 -8.93 -3.21 -74.82
CA GLU FA 276 -8.15 -4.31 -74.31
C GLU FA 276 -7.01 -4.64 -75.25
N PRO FA 277 -5.89 -5.16 -74.73
CA PRO FA 277 -4.82 -5.64 -75.61
C PRO FA 277 -5.27 -6.86 -76.39
N MET FA 278 -4.94 -6.87 -77.69
CA MET FA 278 -5.32 -7.96 -78.58
C MET FA 278 -4.09 -8.51 -79.28
N VAL FA 279 -4.09 -9.82 -79.51
CA VAL FA 279 -3.01 -10.51 -80.20
C VAL FA 279 -3.60 -11.42 -81.26
N ARG FA 280 -2.75 -11.81 -82.20
CA ARG FA 280 -3.18 -12.70 -83.29
C ARG FA 280 -3.15 -14.15 -82.81
N ASN FA 281 -4.25 -14.85 -83.00
CA ASN FA 281 -4.35 -16.25 -82.58
C ASN FA 281 -3.85 -17.16 -83.71
N GLU FA 282 -4.12 -18.46 -83.60
CA GLU FA 282 -3.72 -19.40 -84.63
C GLU FA 282 -4.53 -19.24 -85.91
N LYS FA 283 -5.70 -18.60 -85.84
CA LYS FA 283 -6.52 -18.36 -87.02
C LYS FA 283 -6.17 -17.07 -87.74
N GLY FA 284 -5.26 -16.27 -87.19
CA GLY FA 284 -4.93 -15.00 -87.80
C GLY FA 284 -5.89 -13.88 -87.49
N LEU FA 285 -6.61 -13.96 -86.37
CA LEU FA 285 -7.56 -12.95 -85.97
C LEU FA 285 -7.14 -12.32 -84.66
N LEU FA 286 -7.52 -11.06 -84.45
CA LEU FA 286 -7.15 -10.33 -83.25
C LEU FA 286 -8.13 -10.67 -82.14
N THR FA 287 -7.64 -11.34 -81.09
CA THR FA 287 -8.43 -11.71 -79.94
C THR FA 287 -7.89 -11.03 -78.70
N HIS FA 288 -8.79 -10.76 -77.75
CA HIS FA 288 -8.41 -10.06 -76.53
C HIS FA 288 -7.49 -10.92 -75.67
N THR FA 289 -6.64 -10.24 -74.89
CA THR FA 289 -5.72 -10.91 -74.00
C THR FA 289 -5.37 -9.95 -72.87
N THR FA 290 -4.57 -10.43 -71.93
CA THR FA 290 -4.13 -9.61 -70.81
C THR FA 290 -2.98 -8.71 -71.23
N TRP FA 291 -2.62 -7.78 -70.34
CA TRP FA 291 -1.47 -6.92 -70.59
C TRP FA 291 -0.16 -7.71 -70.55
N GLU FA 292 -0.09 -8.72 -69.68
CA GLU FA 292 1.14 -9.48 -69.51
C GLU FA 292 1.50 -10.24 -70.77
N ASP FA 293 0.52 -10.90 -71.39
CA ASP FA 293 0.78 -11.71 -72.59
C ASP FA 293 1.20 -10.84 -73.77
N ALA FA 294 0.48 -9.74 -74.00
CA ALA FA 294 0.81 -8.85 -75.11
C ALA FA 294 2.17 -8.20 -74.91
N LEU FA 295 2.45 -7.71 -73.70
CA LEU FA 295 3.74 -7.09 -73.44
C LEU FA 295 4.88 -8.08 -73.51
N SER FA 296 4.64 -9.34 -73.10
CA SER FA 296 5.66 -10.36 -73.21
C SER FA 296 5.94 -10.71 -74.67
N ARG FA 297 4.89 -10.76 -75.51
CA ARG FA 297 5.10 -11.01 -76.93
C ARG FA 297 5.88 -9.89 -77.60
N VAL FA 298 5.54 -8.63 -77.28
CA VAL FA 298 6.23 -7.50 -77.88
C VAL FA 298 7.68 -7.45 -77.40
N ALA FA 299 7.91 -7.73 -76.11
CA ALA FA 299 9.28 -7.74 -75.58
C ALA FA 299 10.10 -8.87 -76.16
N GLY FA 300 9.50 -10.05 -76.35
CA GLY FA 300 10.21 -11.15 -76.96
C GLY FA 300 10.57 -10.91 -78.41
N MET FA 301 9.70 -10.20 -79.14
CA MET FA 301 10.05 -9.84 -80.51
C MET FA 301 11.11 -8.75 -80.55
N LEU FA 302 11.02 -7.77 -79.65
CA LEU FA 302 11.96 -6.64 -79.64
C LEU FA 302 13.35 -7.08 -79.19
N GLN FA 303 13.43 -8.05 -78.29
CA GLN FA 303 14.71 -8.50 -77.78
C GLN FA 303 15.56 -9.16 -78.86
N SER FA 304 14.92 -9.73 -79.88
CA SER FA 304 15.64 -10.32 -81.00
C SER FA 304 16.02 -9.28 -82.06
N CYS FA 305 15.62 -8.03 -81.89
CA CYS FA 305 15.89 -6.97 -82.85
C CYS FA 305 17.08 -6.14 -82.37
N GLN FA 306 17.83 -5.62 -83.35
CA GLN FA 306 18.98 -4.77 -83.06
C GLN FA 306 19.30 -3.96 -84.31
N GLY FA 307 19.94 -2.81 -84.10
CA GLY FA 307 20.35 -1.99 -85.23
C GLY FA 307 19.15 -1.34 -85.90
N ASN FA 308 19.10 -1.44 -87.23
CA ASN FA 308 18.02 -0.88 -88.01
C ASN FA 308 16.90 -1.89 -88.28
N ASP FA 309 16.86 -2.98 -87.52
CA ASP FA 309 15.81 -3.98 -87.69
C ASP FA 309 14.50 -3.57 -87.03
N VAL FA 310 14.49 -2.50 -86.25
CA VAL FA 310 13.29 -2.02 -85.58
C VAL FA 310 13.15 -0.53 -85.84
N ALA FA 311 11.94 -0.10 -86.17
CA ALA FA 311 11.67 1.30 -86.47
C ALA FA 311 10.35 1.69 -85.81
N ALA FA 312 9.98 2.96 -85.95
CA ALA FA 312 8.76 3.48 -85.35
C ALA FA 312 8.24 4.65 -86.17
N ILE FA 313 6.91 4.77 -86.22
CA ILE FA 313 6.24 5.87 -86.89
C ILE FA 313 5.35 6.57 -85.89
N ALA FA 314 5.50 7.88 -85.75
CA ALA FA 314 4.69 8.67 -84.84
C ALA FA 314 3.45 9.19 -85.55
N GLY FA 315 2.33 9.16 -84.86
CA GLY FA 315 1.07 9.65 -85.39
C GLY FA 315 0.94 11.15 -85.25
N GLY FA 316 -0.27 11.63 -85.49
CA GLY FA 316 -0.56 13.04 -85.40
C GLY FA 316 -1.04 13.53 -84.06
N LEU FA 317 -1.41 12.63 -83.15
CA LEU FA 317 -1.98 12.97 -81.86
C LEU FA 317 -1.19 12.33 -80.74
N VAL FA 318 0.12 12.47 -80.78
CA VAL FA 318 1.03 11.83 -79.84
C VAL FA 318 1.70 12.89 -78.98
N ASP FA 319 1.73 12.67 -77.67
CA ASP FA 319 2.33 13.61 -76.75
C ASP FA 319 3.85 13.47 -76.74
N ALA FA 320 4.51 14.47 -76.14
CA ALA FA 320 5.97 14.47 -76.09
C ALA FA 320 6.51 13.39 -75.16
N GLU FA 321 5.76 13.05 -74.11
CA GLU FA 321 6.21 12.00 -73.19
C GLU FA 321 6.27 10.64 -73.87
N ALA FA 322 5.25 10.31 -74.66
CA ALA FA 322 5.25 9.06 -75.41
C ALA FA 322 6.37 9.05 -76.45
N LEU FA 323 6.61 10.19 -77.10
CA LEU FA 323 7.66 10.28 -78.11
C LEU FA 323 9.04 10.08 -77.49
N ILE FA 324 9.31 10.70 -76.34
CA ILE FA 324 10.62 10.54 -75.73
C ILE FA 324 10.77 9.15 -75.12
N ALA FA 325 9.68 8.55 -74.63
CA ALA FA 325 9.77 7.18 -74.12
C ALA FA 325 10.07 6.19 -75.24
N LEU FA 326 9.40 6.34 -76.39
CA LEU FA 326 9.68 5.46 -77.51
C LEU FA 326 11.06 5.69 -78.09
N LYS FA 327 11.52 6.96 -78.11
CA LYS FA 327 12.86 7.25 -78.59
C LYS FA 327 13.92 6.62 -77.69
N ASP FA 328 13.74 6.70 -76.37
CA ASP FA 328 14.69 6.08 -75.45
C ASP FA 328 14.65 4.56 -75.55
N LEU FA 329 13.45 3.98 -75.72
CA LEU FA 329 13.34 2.54 -75.87
C LEU FA 329 14.03 2.04 -77.13
N LEU FA 330 13.87 2.75 -78.24
CA LEU FA 330 14.53 2.33 -79.47
C LEU FA 330 16.01 2.64 -79.47
N ASN FA 331 16.43 3.69 -78.75
CA ASN FA 331 17.86 3.99 -78.66
C ASN FA 331 18.59 3.02 -77.73
N ARG FA 332 17.87 2.40 -76.80
CA ARG FA 332 18.47 1.35 -75.99
C ARG FA 332 18.80 0.11 -76.81
N VAL FA 333 18.16 -0.05 -77.96
CA VAL FA 333 18.46 -1.12 -78.91
C VAL FA 333 19.47 -0.66 -79.97
N ASP FA 334 19.82 0.63 -79.96
CA ASP FA 334 20.59 1.33 -80.99
C ASP FA 334 19.85 1.30 -82.33
N SER FA 335 18.69 1.96 -82.33
CA SER FA 335 17.91 2.20 -83.53
C SER FA 335 17.63 3.68 -83.63
N ASP FA 336 18.07 4.31 -84.71
CA ASP FA 336 17.83 5.72 -84.96
C ASP FA 336 16.67 5.95 -85.92
N THR FA 337 15.95 4.90 -86.30
CA THR FA 337 14.90 5.00 -87.30
C THR FA 337 13.56 5.28 -86.63
N LEU FA 338 13.45 6.48 -86.09
CA LEU FA 338 12.20 7.01 -85.56
C LEU FA 338 11.68 8.06 -86.53
N CYS FA 339 10.51 7.82 -87.09
CA CYS FA 339 9.98 8.62 -88.19
C CYS FA 339 8.61 9.17 -87.84
N THR FA 340 8.18 10.15 -88.61
CA THR FA 340 6.86 10.75 -88.49
C THR FA 340 6.15 10.68 -89.84
N GLU FA 341 4.82 10.74 -89.79
CA GLU FA 341 4.03 10.64 -91.02
C GLU FA 341 4.15 11.91 -91.87
N GLU FA 342 4.12 13.07 -91.23
CA GLU FA 342 4.23 14.32 -91.96
C GLU FA 342 5.66 14.54 -92.43
N VAL FA 343 5.82 14.93 -93.69
CA VAL FA 343 7.12 15.04 -94.33
C VAL FA 343 7.60 16.49 -94.22
N PHE FA 344 8.82 16.67 -93.72
CA PHE FA 344 9.49 17.96 -93.68
C PHE FA 344 10.85 17.79 -94.34
N PRO FA 345 11.31 18.77 -95.12
CA PRO FA 345 12.61 18.66 -95.80
C PRO FA 345 13.76 18.71 -94.80
N THR FA 346 14.54 17.64 -94.76
CA THR FA 346 15.69 17.53 -93.87
C THR FA 346 17.00 17.96 -94.52
N ALA FA 347 16.97 18.37 -95.78
CA ALA FA 347 18.18 18.79 -96.48
C ALA FA 347 18.58 20.19 -96.04
N GLY FA 348 19.88 20.37 -95.85
CA GLY FA 348 20.40 21.67 -95.44
C GLY FA 348 20.48 21.79 -93.93
N ALA FA 349 19.81 22.80 -93.37
CA ALA FA 349 19.78 22.98 -91.92
C ALA FA 349 19.05 21.84 -91.23
N GLY FA 350 17.94 21.38 -91.82
CA GLY FA 350 17.17 20.30 -91.22
C GLY FA 350 16.48 20.75 -89.95
N THR FA 351 16.28 19.79 -89.04
CA THR FA 351 15.68 20.07 -87.75
C THR FA 351 16.71 20.47 -86.70
N ASP FA 352 17.89 20.93 -87.13
CA ASP FA 352 18.89 21.41 -86.19
C ASP FA 352 18.46 22.72 -85.55
N LEU FA 353 18.27 23.75 -86.36
CA LEU FA 353 17.78 25.03 -85.86
C LEU FA 353 16.27 25.01 -85.78
N ARG FA 354 15.74 25.65 -84.74
CA ARG FA 354 14.28 25.76 -84.58
C ARG FA 354 13.69 26.87 -85.43
N SER FA 355 14.51 27.66 -86.11
CA SER FA 355 14.01 28.81 -86.84
C SER FA 355 13.33 28.42 -88.15
N ASN FA 356 13.70 27.30 -88.76
CA ASN FA 356 13.20 26.96 -90.08
C ASN FA 356 12.09 25.93 -90.07
N TYR FA 357 11.50 25.62 -88.91
CA TYR FA 357 10.27 24.84 -88.90
C TYR FA 357 9.23 25.41 -87.95
N LEU FA 358 9.32 26.70 -87.60
CA LEU FA 358 8.43 27.33 -86.66
C LEU FA 358 7.75 28.55 -87.28
N LEU FA 359 6.57 28.87 -86.77
CA LEU FA 359 5.95 30.15 -87.04
C LEU FA 359 6.70 31.21 -86.24
N ASN FA 360 7.72 31.79 -86.85
CA ASN FA 360 8.77 32.47 -86.09
C ASN FA 360 8.33 33.79 -85.48
N THR FA 361 7.25 34.40 -85.97
CA THR FA 361 6.91 35.70 -85.39
C THR FA 361 6.16 35.52 -84.09
N THR FA 362 4.89 35.14 -84.19
CA THR FA 362 3.94 34.63 -83.19
C THR FA 362 2.69 34.23 -83.97
N ILE FA 363 1.62 33.88 -83.24
CA ILE FA 363 0.29 33.97 -83.82
C ILE FA 363 -0.16 35.42 -83.90
N ALA FA 364 0.10 36.19 -82.83
CA ALA FA 364 -0.35 37.57 -82.73
C ALA FA 364 0.44 38.55 -83.58
N GLY FA 365 1.59 38.13 -84.12
CA GLY FA 365 2.41 39.02 -84.94
C GLY FA 365 1.74 39.45 -86.23
N VAL FA 366 0.68 38.75 -86.65
CA VAL FA 366 -0.11 39.18 -87.79
C VAL FA 366 -0.74 40.54 -87.53
N GLU FA 367 -1.01 40.87 -86.27
CA GLU FA 367 -1.51 42.19 -85.94
C GLU FA 367 -0.48 43.29 -86.16
N GLU FA 368 0.80 42.94 -86.25
CA GLU FA 368 1.86 43.93 -86.45
C GLU FA 368 2.38 43.96 -87.88
N ALA FA 369 2.10 42.93 -88.69
CA ALA FA 369 2.56 42.90 -90.06
C ALA FA 369 1.71 43.81 -90.94
N ASP FA 370 2.26 44.17 -92.10
CA ASP FA 370 1.52 44.95 -93.09
C ASP FA 370 1.39 44.26 -94.45
N VAL FA 371 2.26 43.30 -94.77
CA VAL FA 371 2.14 42.50 -95.98
C VAL FA 371 2.35 41.05 -95.59
N VAL FA 372 1.39 40.20 -95.92
CA VAL FA 372 1.44 38.78 -95.61
C VAL FA 372 1.33 37.99 -96.91
N LEU FA 373 2.29 37.10 -97.14
CA LEU FA 373 2.31 36.25 -98.33
C LEU FA 373 2.10 34.81 -97.91
N LEU FA 374 1.10 34.16 -98.51
CA LEU FA 374 0.77 32.77 -98.22
C LEU FA 374 1.20 31.91 -99.39
N VAL FA 375 2.01 30.90 -99.13
CA VAL FA 375 2.62 30.09 -100.18
C VAL FA 375 2.12 28.66 -100.04
N GLY FA 376 1.32 28.22 -101.00
CA GLY FA 376 0.96 26.81 -101.12
C GLY FA 376 0.16 26.25 -99.97
N THR FA 377 -0.73 27.04 -99.37
CA THR FA 377 -1.49 26.58 -98.22
C THR FA 377 -2.91 27.12 -98.31
N ASN FA 378 -3.80 26.48 -97.55
CA ASN FA 378 -5.18 26.92 -97.37
C ASN FA 378 -5.38 27.10 -95.88
N PRO FA 379 -5.09 28.29 -95.34
CA PRO FA 379 -5.15 28.48 -93.89
C PRO FA 379 -6.55 28.49 -93.31
N ARG FA 380 -7.59 28.48 -94.15
CA ARG FA 380 -8.94 28.44 -93.61
C ARG FA 380 -9.26 27.10 -92.97
N PHE FA 381 -8.73 26.01 -93.50
CA PHE FA 381 -8.99 24.67 -92.99
C PHE FA 381 -7.80 24.03 -92.30
N GLU FA 382 -6.57 24.40 -92.67
CA GLU FA 382 -5.40 23.84 -92.02
C GLU FA 382 -5.21 24.43 -90.63
N ALA FA 383 -5.53 25.71 -90.45
CA ALA FA 383 -5.41 26.37 -89.15
C ALA FA 383 -6.41 27.52 -89.10
N PRO FA 384 -7.68 27.21 -88.79
CA PRO FA 384 -8.74 28.23 -88.91
C PRO FA 384 -8.57 29.45 -88.03
N LEU FA 385 -8.00 29.29 -86.83
CA LEU FA 385 -7.80 30.45 -85.96
C LEU FA 385 -6.72 31.37 -86.49
N PHE FA 386 -5.71 30.81 -87.17
CA PHE FA 386 -4.73 31.65 -87.85
C PHE FA 386 -5.37 32.46 -88.96
N ASN FA 387 -6.29 31.85 -89.70
CA ASN FA 387 -7.04 32.57 -90.73
C ASN FA 387 -7.93 33.65 -90.11
N ALA FA 388 -8.51 33.37 -88.94
CA ALA FA 388 -9.30 34.38 -88.25
C ALA FA 388 -8.44 35.55 -87.81
N ARG FA 389 -7.22 35.28 -87.34
CA ARG FA 389 -6.29 36.35 -86.97
C ARG FA 389 -5.89 37.18 -88.19
N ILE FA 390 -5.64 36.52 -89.32
CA ILE FA 390 -5.30 37.24 -90.55
C ILE FA 390 -6.47 38.11 -91.00
N ARG FA 391 -7.70 37.59 -90.89
CA ARG FA 391 -8.88 38.38 -91.25
C ARG FA 391 -9.07 39.56 -90.31
N LYS FA 392 -8.79 39.38 -89.01
CA LYS FA 392 -8.90 40.49 -88.06
C LYS FA 392 -7.88 41.58 -88.38
N SER FA 393 -6.65 41.19 -88.70
CA SER FA 393 -5.64 42.18 -89.09
C SER FA 393 -5.97 42.83 -90.43
N TRP FA 394 -6.60 42.09 -91.33
CA TRP FA 394 -7.04 42.64 -92.61
C TRP FA 394 -8.15 43.67 -92.41
N LEU FA 395 -9.06 43.41 -91.48
CA LEU FA 395 -10.17 44.31 -91.22
C LEU FA 395 -9.75 45.55 -90.46
N HIS FA 396 -8.84 45.41 -89.49
CA HIS FA 396 -8.48 46.51 -88.61
C HIS FA 396 -7.19 47.22 -89.02
N ASN FA 397 -6.13 46.48 -89.31
CA ASN FA 397 -4.83 47.06 -89.60
C ASN FA 397 -4.59 47.32 -91.07
N ASP FA 398 -5.60 47.08 -91.92
CA ASP FA 398 -5.52 47.27 -93.37
C ASP FA 398 -4.40 46.43 -93.98
N LEU FA 399 -4.38 45.15 -93.64
CA LEU FA 399 -3.37 44.23 -94.11
C LEU FA 399 -3.53 43.93 -95.60
N LYS FA 400 -2.41 43.71 -96.27
CA LYS FA 400 -2.40 43.29 -97.68
C LYS FA 400 -1.95 41.84 -97.75
N VAL FA 401 -2.78 40.99 -98.35
CA VAL FA 401 -2.56 39.55 -98.37
C VAL FA 401 -2.47 39.10 -99.83
N ALA FA 402 -1.46 38.28 -100.13
CA ALA FA 402 -1.33 37.65 -101.43
C ALA FA 402 -1.09 36.16 -101.24
N LEU FA 403 -1.58 35.37 -102.20
CA LEU FA 403 -1.54 33.93 -102.10
C LEU FA 403 -0.97 33.33 -103.38
N ILE FA 404 -0.14 32.30 -103.23
CA ILE FA 404 0.39 31.52 -104.34
C ILE FA 404 -0.16 30.11 -104.21
N GLY FA 405 -0.99 29.70 -105.15
CA GLY FA 405 -1.61 28.40 -105.11
C GLY FA 405 -3.00 28.45 -105.70
N SER FA 406 -3.82 27.47 -105.31
CA SER FA 406 -5.19 27.41 -105.79
C SER FA 406 -6.01 28.56 -105.21
N PRO FA 407 -6.88 29.19 -106.02
CA PRO FA 407 -7.68 30.34 -105.53
C PRO FA 407 -8.81 29.91 -104.61
N VAL FA 408 -8.47 29.54 -103.39
CA VAL FA 408 -9.47 29.14 -102.41
C VAL FA 408 -10.12 30.39 -101.82
N ASP FA 409 -11.28 30.18 -101.20
CA ASP FA 409 -12.00 31.27 -100.54
C ASP FA 409 -11.48 31.38 -99.11
N LEU FA 410 -10.99 32.57 -98.75
CA LEU FA 410 -10.40 32.81 -97.45
C LEU FA 410 -11.19 33.80 -96.61
N THR FA 411 -12.42 34.13 -97.02
CA THR FA 411 -13.31 35.10 -96.38
C THR FA 411 -12.70 36.50 -96.30
N TYR FA 412 -11.76 36.81 -97.19
CA TYR FA 412 -11.32 38.18 -97.44
C TYR FA 412 -10.75 38.23 -98.84
N ARG FA 413 -10.57 39.44 -99.36
CA ARG FA 413 -10.04 39.62 -100.70
C ARG FA 413 -8.51 39.68 -100.65
N TYR FA 414 -7.87 38.84 -101.47
CA TYR FA 414 -6.43 38.77 -101.54
C TYR FA 414 -6.01 38.93 -103.00
N ASP FA 415 -4.69 38.85 -103.23
CA ASP FA 415 -4.12 38.96 -104.57
C ASP FA 415 -3.59 37.60 -104.98
N HIS FA 416 -4.28 36.95 -105.90
CA HIS FA 416 -3.90 35.61 -106.36
C HIS FA 416 -2.80 35.75 -107.40
N LEU FA 417 -1.55 35.51 -106.98
CA LEU FA 417 -0.43 35.68 -107.88
C LEU FA 417 -0.33 34.54 -108.89
N GLY FA 418 -0.82 33.36 -108.53
CA GLY FA 418 -0.76 32.22 -109.42
C GLY FA 418 -0.72 30.94 -108.60
N ASP FA 419 -0.43 29.84 -109.30
CA ASP FA 419 -0.34 28.53 -108.67
C ASP FA 419 0.95 27.79 -108.96
N SER FA 420 1.73 28.21 -109.95
CA SER FA 420 3.01 27.58 -110.21
C SER FA 420 4.01 27.96 -109.12
N PRO FA 421 4.96 27.08 -108.80
CA PRO FA 421 6.03 27.47 -107.87
C PRO FA 421 7.05 28.43 -108.47
N LYS FA 422 7.15 28.48 -109.80
CA LYS FA 422 8.19 29.25 -110.47
C LYS FA 422 8.08 30.75 -110.23
N ILE FA 423 6.88 31.24 -109.88
CA ILE FA 423 6.71 32.66 -109.59
C ILE FA 423 7.51 33.04 -108.35
N LEU FA 424 7.76 32.08 -107.45
CA LEU FA 424 8.65 32.30 -106.33
C LEU FA 424 10.05 32.67 -106.79
N GLN FA 425 10.53 31.99 -107.85
CA GLN FA 425 11.82 32.36 -108.44
C GLN FA 425 11.80 33.77 -109.02
N ASP FA 426 10.62 34.26 -109.40
CA ASP FA 426 10.51 35.63 -109.85
C ASP FA 426 10.54 36.63 -108.69
N ILE FA 427 10.12 36.21 -107.50
CA ILE FA 427 10.12 37.13 -106.36
C ILE FA 427 11.54 37.42 -105.91
N ALA FA 428 12.39 36.39 -105.86
CA ALA FA 428 13.77 36.59 -105.44
C ALA FA 428 14.59 37.35 -106.49
N SER FA 429 14.19 37.26 -107.76
CA SER FA 429 14.88 37.97 -108.83
C SER FA 429 14.35 39.38 -109.04
N GLY FA 430 13.25 39.75 -108.40
CA GLY FA 430 12.72 41.09 -108.51
C GLY FA 430 11.94 41.40 -109.76
N SER FA 431 11.62 40.39 -110.57
CA SER FA 431 10.91 40.61 -111.82
C SER FA 431 9.40 40.80 -111.64
N HIS FA 432 8.87 40.53 -110.45
CA HIS FA 432 7.45 40.65 -110.14
C HIS FA 432 7.17 41.97 -109.44
N PRO FA 433 5.99 42.56 -109.65
CA PRO FA 433 5.61 43.73 -108.85
C PRO FA 433 5.50 43.44 -107.36
N PHE FA 434 5.10 42.23 -106.98
CA PHE FA 434 5.01 41.88 -105.58
C PHE FA 434 6.38 41.82 -104.91
N SER FA 435 7.46 41.68 -105.68
CA SER FA 435 8.79 41.85 -105.11
C SER FA 435 8.98 43.27 -104.60
N GLN FA 436 8.55 44.27 -105.38
CA GLN FA 436 8.59 45.65 -104.92
C GLN FA 436 7.64 45.88 -103.75
N VAL FA 437 6.48 45.22 -103.77
CA VAL FA 437 5.53 45.33 -102.67
C VAL FA 437 6.15 44.79 -101.37
N LEU FA 438 6.84 43.66 -101.45
CA LEU FA 438 7.52 43.11 -100.29
C LEU FA 438 8.70 43.97 -99.86
N GLN FA 439 9.40 44.58 -100.83
CA GLN FA 439 10.54 45.45 -100.50
C GLN FA 439 10.09 46.70 -99.75
N GLU FA 440 8.94 47.27 -100.13
CA GLU FA 440 8.47 48.49 -99.49
C GLU FA 440 7.67 48.23 -98.22
N ALA FA 441 7.48 46.97 -97.83
CA ALA FA 441 6.74 46.66 -96.60
C ALA FA 441 7.66 46.82 -95.39
N LYS FA 442 7.14 47.48 -94.35
CA LYS FA 442 7.95 47.70 -93.15
C LYS FA 442 8.04 46.45 -92.29
N LYS FA 443 6.95 45.69 -92.20
CA LYS FA 443 6.89 44.45 -91.41
C LYS FA 443 6.35 43.32 -92.27
N PRO FA 444 7.15 42.81 -93.20
CA PRO FA 444 6.67 41.76 -94.10
C PRO FA 444 6.60 40.42 -93.39
N MET FA 445 5.85 39.50 -94.00
CA MET FA 445 5.60 38.19 -93.42
C MET FA 445 5.37 37.19 -94.53
N VAL FA 446 6.17 36.14 -94.57
CA VAL FA 446 6.03 35.07 -95.56
C VAL FA 446 5.67 33.79 -94.81
N VAL FA 447 4.54 33.19 -95.19
CA VAL FA 447 4.05 31.98 -94.53
C VAL FA 447 4.03 30.86 -95.56
N LEU FA 448 4.71 29.78 -95.24
CA LEU FA 448 4.74 28.58 -96.08
C LEU FA 448 4.05 27.45 -95.35
N GLY FA 449 3.04 26.85 -95.99
CA GLY FA 449 2.29 25.80 -95.35
C GLY FA 449 3.05 24.48 -95.32
N SER FA 450 2.75 23.68 -94.29
CA SER FA 450 3.36 22.36 -94.18
C SER FA 450 2.80 21.38 -95.20
N SER FA 451 1.61 21.65 -95.75
CA SER FA 451 1.07 20.81 -96.80
C SER FA 451 1.79 21.02 -98.12
N ALA FA 452 2.43 22.17 -98.32
CA ALA FA 452 3.24 22.39 -99.52
C ALA FA 452 4.58 21.67 -99.45
N LEU FA 453 5.00 21.24 -98.27
CA LEU FA 453 6.24 20.48 -98.11
C LEU FA 453 6.03 18.99 -98.26
N GLN FA 454 4.79 18.53 -98.40
CA GLN FA 454 4.53 17.11 -98.62
C GLN FA 454 4.89 16.65 -100.03
N ARG FA 455 5.11 17.58 -100.95
CA ARG FA 455 5.49 17.24 -102.31
C ARG FA 455 6.92 16.72 -102.35
N ASN FA 456 7.28 16.13 -103.49
CA ASN FA 456 8.63 15.59 -103.65
C ASN FA 456 9.68 16.68 -103.77
N ASP FA 457 9.30 17.89 -104.17
CA ASP FA 457 10.21 19.01 -104.29
C ASP FA 457 10.01 20.02 -103.16
N GLY FA 458 9.72 19.52 -101.96
CA GLY FA 458 9.51 20.40 -100.82
C GLY FA 458 10.76 21.13 -100.40
N ALA FA 459 11.93 20.49 -100.54
CA ALA FA 459 13.19 21.14 -100.18
C ALA FA 459 13.48 22.34 -101.08
N ALA FA 460 13.19 22.22 -102.37
CA ALA FA 460 13.39 23.33 -103.29
C ALA FA 460 12.44 24.49 -102.97
N ILE FA 461 11.19 24.17 -102.63
CA ILE FA 461 10.23 25.20 -102.25
C ILE FA 461 10.69 25.92 -100.98
N LEU FA 462 11.15 25.15 -99.99
CA LEU FA 462 11.63 25.76 -98.74
C LEU FA 462 12.86 26.62 -98.99
N ALA FA 463 13.76 26.16 -99.85
CA ALA FA 463 14.95 26.96 -100.18
C ALA FA 463 14.57 28.26 -100.88
N ALA FA 464 13.63 28.20 -101.82
CA ALA FA 464 13.20 29.40 -102.53
C ALA FA 464 12.51 30.39 -101.59
N VAL FA 465 11.64 29.89 -100.71
CA VAL FA 465 10.93 30.79 -99.79
C VAL FA 465 11.89 31.39 -98.77
N SER FA 466 12.85 30.60 -98.28
CA SER FA 466 13.86 31.14 -97.38
C SER FA 466 14.76 32.15 -98.09
N ASN FA 467 15.05 31.93 -99.38
CA ASN FA 467 15.81 32.91 -100.16
C ASN FA 467 15.04 34.22 -100.28
N ILE FA 468 13.73 34.14 -100.51
CA ILE FA 468 12.90 35.34 -100.56
C ILE FA 468 12.91 36.07 -99.23
N ALA FA 469 12.77 35.31 -98.13
CA ALA FA 469 12.72 35.91 -96.80
C ALA FA 469 14.04 36.59 -96.43
N GLN FA 470 15.17 35.95 -96.77
CA GLN FA 470 16.45 36.56 -96.46
C GLN FA 470 16.80 37.70 -97.41
N LYS FA 471 16.28 37.68 -98.64
CA LYS FA 471 16.47 38.81 -99.54
C LYS FA 471 15.71 40.03 -99.05
N ILE FA 472 14.48 39.84 -98.59
CA ILE FA 472 13.66 40.95 -98.11
C ILE FA 472 13.81 41.22 -96.62
N ARG FA 473 14.69 40.51 -95.94
CA ARG FA 473 14.96 40.77 -94.52
C ARG FA 473 16.16 41.69 -94.32
N THR FA 474 17.32 41.31 -94.86
CA THR FA 474 18.53 42.11 -94.65
C THR FA 474 18.52 43.39 -95.49
N SER FA 475 18.03 43.31 -96.73
CA SER FA 475 18.08 44.46 -97.62
C SER FA 475 16.99 45.48 -97.32
N SER FA 476 15.76 45.01 -97.06
CA SER FA 476 14.63 45.90 -96.88
C SER FA 476 14.64 46.47 -95.46
N GLY FA 477 13.62 47.28 -95.16
CA GLY FA 477 13.53 47.97 -93.90
C GLY FA 477 12.99 47.13 -92.76
N VAL FA 478 13.72 46.09 -92.39
CA VAL FA 478 13.38 45.23 -91.27
C VAL FA 478 14.28 45.60 -90.10
N THR FA 479 13.66 45.75 -88.91
CA THR FA 479 14.38 46.22 -87.74
C THR FA 479 15.44 45.22 -87.30
N GLY FA 480 15.13 43.93 -87.35
CA GLY FA 480 15.98 42.87 -86.84
C GLY FA 480 15.31 42.02 -85.77
N ASP FA 481 14.40 42.63 -85.01
CA ASP FA 481 13.57 41.90 -84.07
C ASP FA 481 12.34 41.30 -84.74
N TRP FA 482 12.14 41.57 -86.03
CA TRP FA 482 11.01 41.07 -86.79
C TRP FA 482 11.43 39.81 -87.54
N LYS FA 483 10.64 38.74 -87.39
CA LYS FA 483 10.92 37.46 -88.03
C LYS FA 483 9.99 37.29 -89.23
N VAL FA 484 10.59 37.00 -90.38
CA VAL FA 484 9.87 36.92 -91.64
C VAL FA 484 9.52 35.50 -92.03
N MET FA 485 10.50 34.59 -91.96
CA MET FA 485 10.31 33.21 -92.39
C MET FA 485 9.42 32.47 -91.40
N ASN FA 486 8.24 32.06 -91.84
CA ASN FA 486 7.27 31.38 -91.00
C ASN FA 486 6.75 30.14 -91.70
N ILE FA 487 6.63 29.04 -90.94
CA ILE FA 487 6.07 27.80 -91.44
C ILE FA 487 4.87 27.45 -90.59
N LEU FA 488 3.72 27.25 -91.22
CA LEU FA 488 2.48 26.91 -90.54
C LEU FA 488 2.29 25.39 -90.61
N HIS FA 489 2.19 24.77 -89.44
CA HIS FA 489 2.00 23.33 -89.35
C HIS FA 489 0.51 23.00 -89.26
N ARG FA 490 0.19 21.75 -89.57
CA ARG FA 490 -1.18 21.26 -89.49
C ARG FA 490 -1.32 20.01 -88.62
N ILE FA 491 -0.23 19.56 -87.99
CA ILE FA 491 -0.23 18.36 -87.16
C ILE FA 491 0.17 18.79 -85.75
N ALA FA 492 -0.61 18.35 -84.75
CA ALA FA 492 -0.36 18.77 -83.38
C ALA FA 492 0.92 18.18 -82.82
N SER FA 493 1.29 16.97 -83.24
CA SER FA 493 2.46 16.29 -82.72
C SER FA 493 3.72 16.52 -83.53
N GLN FA 494 3.65 17.33 -84.58
CA GLN FA 494 4.79 17.45 -85.49
C GLN FA 494 5.92 18.27 -84.88
N VAL FA 495 5.58 19.39 -84.23
CA VAL FA 495 6.61 20.29 -83.71
C VAL FA 495 7.33 19.65 -82.53
N ALA FA 496 6.60 18.96 -81.66
CA ALA FA 496 7.21 18.26 -80.54
C ALA FA 496 8.12 17.14 -81.02
N ALA FA 497 7.70 16.43 -82.07
CA ALA FA 497 8.54 15.37 -82.64
C ALA FA 497 9.81 15.95 -83.27
N LEU FA 498 9.69 17.08 -83.95
CA LEU FA 498 10.87 17.70 -84.55
C LEU FA 498 11.81 18.26 -83.49
N ASP FA 499 11.27 18.69 -82.35
CA ASP FA 499 12.11 19.20 -81.27
C ASP FA 499 12.90 18.09 -80.61
N LEU FA 500 12.36 16.88 -80.54
CA LEU FA 500 13.01 15.77 -79.88
C LEU FA 500 14.00 15.04 -80.77
N GLY FA 501 14.14 15.44 -82.04
CA GLY FA 501 15.10 14.82 -82.92
C GLY FA 501 14.59 13.69 -83.76
N TYR FA 502 13.28 13.62 -83.99
CA TYR FA 502 12.73 12.60 -84.89
C TYR FA 502 13.09 12.93 -86.34
N LYS FA 503 13.14 11.88 -87.16
CA LYS FA 503 13.40 12.05 -88.58
C LYS FA 503 12.08 12.31 -89.30
N PRO FA 504 11.90 13.47 -89.93
CA PRO FA 504 10.63 13.75 -90.61
C PRO FA 504 10.47 12.92 -91.87
N GLY FA 505 9.27 12.41 -92.07
CA GLY FA 505 8.98 11.56 -93.21
C GLY FA 505 9.33 10.12 -92.94
N VAL FA 506 8.68 9.23 -93.70
CA VAL FA 506 8.88 7.80 -93.56
C VAL FA 506 9.81 7.24 -94.64
N GLU FA 507 10.66 8.09 -95.22
CA GLU FA 507 11.55 7.64 -96.28
C GLU FA 507 12.67 6.75 -95.75
N ALA FA 508 13.04 6.92 -94.48
CA ALA FA 508 14.08 6.07 -93.88
C ALA FA 508 13.62 4.62 -93.78
N ILE FA 509 12.34 4.41 -93.46
CA ILE FA 509 11.81 3.04 -93.37
C ILE FA 509 11.70 2.42 -94.76
N ARG FA 510 11.27 3.21 -95.76
CA ARG FA 510 11.21 2.72 -97.13
C ARG FA 510 12.58 2.49 -97.72
N LYS FA 511 13.63 3.11 -97.16
CA LYS FA 511 14.99 2.85 -97.61
C LYS FA 511 15.43 1.42 -97.26
N ASN FA 512 15.46 1.10 -95.97
CA ASN FA 512 15.75 -0.25 -95.50
C ASN FA 512 14.60 -0.73 -94.62
N PRO FA 513 13.75 -1.64 -95.09
CA PRO FA 513 12.57 -2.03 -94.32
C PRO FA 513 12.95 -2.85 -93.11
N PRO FA 514 12.37 -2.55 -91.95
CA PRO FA 514 12.69 -3.29 -90.72
C PRO FA 514 11.85 -4.55 -90.61
N LYS FA 515 12.29 -5.44 -89.72
CA LYS FA 515 11.54 -6.66 -89.42
C LYS FA 515 10.63 -6.50 -88.21
N MET FA 516 10.54 -5.30 -87.65
CA MET FA 516 9.60 -5.03 -86.57
C MET FA 516 9.27 -3.54 -86.61
N LEU FA 517 7.99 -3.21 -86.52
CA LEU FA 517 7.53 -1.83 -86.68
C LEU FA 517 6.67 -1.43 -85.49
N PHE FA 518 6.85 -0.21 -85.02
CA PHE FA 518 6.03 0.38 -83.98
C PHE FA 518 5.16 1.46 -84.60
N LEU FA 519 3.86 1.44 -84.28
CA LEU FA 519 2.93 2.43 -84.79
C LEU FA 519 2.30 3.14 -83.58
N LEU FA 520 2.83 4.31 -83.25
CA LEU FA 520 2.28 5.13 -82.17
C LEU FA 520 1.16 5.99 -82.73
N GLY FA 521 -0.01 5.38 -82.88
CA GLY FA 521 -1.17 6.06 -83.42
C GLY FA 521 -1.01 6.50 -84.86
N ALA FA 522 -0.31 5.71 -85.67
CA ALA FA 522 -0.07 6.04 -87.07
C ALA FA 522 -1.25 5.54 -87.90
N ASP FA 523 -2.30 6.36 -87.97
CA ASP FA 523 -3.49 6.02 -88.72
C ASP FA 523 -3.54 6.71 -90.08
N GLY FA 524 -2.45 7.35 -90.50
CA GLY FA 524 -2.45 8.06 -91.77
C GLY FA 524 -2.31 7.18 -92.99
N GLY FA 525 -1.99 5.90 -92.82
CA GLY FA 525 -1.84 5.02 -93.96
C GLY FA 525 -0.62 5.29 -94.81
N CYS FA 526 0.41 5.93 -94.24
CA CYS FA 526 1.59 6.26 -95.01
C CYS FA 526 2.39 5.00 -95.35
N VAL FA 527 2.51 4.08 -94.41
CA VAL FA 527 3.26 2.83 -94.60
C VAL FA 527 2.29 1.68 -94.38
N THR FA 528 2.16 0.82 -95.40
CA THR FA 528 1.30 -0.35 -95.34
C THR FA 528 2.16 -1.61 -95.29
N ARG FA 529 1.49 -2.76 -95.29
CA ARG FA 529 2.19 -4.04 -95.25
C ARG FA 529 2.80 -4.43 -96.59
N GLN FA 530 2.47 -3.72 -97.66
CA GLN FA 530 3.07 -4.03 -98.96
C GLN FA 530 4.54 -3.61 -99.00
N ASP FA 531 4.86 -2.44 -98.43
CA ASP FA 531 6.25 -1.99 -98.42
C ASP FA 531 7.08 -2.79 -97.42
N LEU FA 532 6.48 -3.25 -96.33
CA LEU FA 532 7.17 -4.01 -95.32
C LEU FA 532 7.49 -5.41 -95.84
N PRO FA 533 8.45 -6.12 -95.22
CA PRO FA 533 8.76 -7.49 -95.67
C PRO FA 533 7.67 -8.50 -95.40
N LYS FA 534 7.96 -9.77 -95.71
CA LYS FA 534 6.96 -10.83 -95.65
C LYS FA 534 6.45 -11.03 -94.22
N ASP FA 535 7.36 -11.08 -93.25
CA ASP FA 535 7.00 -11.28 -91.85
C ASP FA 535 7.47 -10.06 -91.06
N CYS FA 536 6.61 -9.04 -91.00
CA CYS FA 536 6.88 -7.85 -90.22
C CYS FA 536 5.96 -7.84 -89.00
N PHE FA 537 6.55 -7.64 -87.82
CA PHE FA 537 5.81 -7.66 -86.57
C PHE FA 537 5.37 -6.22 -86.26
N ILE FA 538 4.17 -5.88 -86.73
CA ILE FA 538 3.64 -4.54 -86.53
C ILE FA 538 2.95 -4.48 -85.16
N VAL FA 539 3.34 -3.50 -84.35
CA VAL FA 539 2.72 -3.24 -83.05
C VAL FA 539 2.06 -1.87 -83.13
N TYR FA 540 0.76 -1.83 -82.87
CA TYR FA 540 0.00 -0.58 -82.89
C TYR FA 540 -0.34 -0.15 -81.47
N GLN FA 541 -0.16 1.13 -81.20
CA GLN FA 541 -0.48 1.71 -79.90
C GLN FA 541 -1.26 3.00 -80.13
N GLY FA 542 -2.56 2.96 -79.86
CA GLY FA 542 -3.38 4.13 -80.08
C GLY FA 542 -4.72 3.97 -79.39
N HIS FA 543 -5.50 5.04 -79.44
CA HIS FA 543 -6.81 5.07 -78.79
C HIS FA 543 -7.94 4.67 -79.71
N HIS FA 544 -7.80 4.88 -81.01
CA HIS FA 544 -8.84 4.57 -81.99
C HIS FA 544 -8.30 3.56 -82.98
N GLY FA 545 -9.08 2.52 -83.26
CA GLY FA 545 -8.70 1.58 -84.29
C GLY FA 545 -9.32 1.92 -85.62
N ASP FA 546 -8.56 2.62 -86.47
CA ASP FA 546 -9.09 3.09 -87.75
C ASP FA 546 -8.35 2.49 -88.94
N VAL FA 547 -7.04 2.66 -89.03
CA VAL FA 547 -6.29 2.25 -90.22
C VAL FA 547 -5.15 1.31 -89.83
N GLY FA 548 -4.35 1.72 -88.86
CA GLY FA 548 -3.21 0.90 -88.46
C GLY FA 548 -3.57 -0.32 -87.63
N ALA FA 549 -4.74 -0.31 -86.99
CA ALA FA 549 -5.13 -1.45 -86.15
C ALA FA 549 -5.34 -2.76 -86.93
N PRO FA 550 -6.08 -2.81 -88.06
CA PRO FA 550 -6.29 -4.11 -88.70
C PRO FA 550 -5.04 -4.75 -89.29
N ILE FA 551 -3.98 -3.99 -89.54
CA ILE FA 551 -2.76 -4.57 -90.09
C ILE FA 551 -1.75 -4.93 -89.03
N ALA FA 552 -2.03 -4.68 -87.76
CA ALA FA 552 -1.08 -4.91 -86.68
C ALA FA 552 -1.17 -6.34 -86.17
N ASP FA 553 -0.11 -6.75 -85.46
CA ASP FA 553 -0.08 -8.05 -84.82
C ASP FA 553 -0.51 -7.96 -83.36
N VAL FA 554 0.04 -6.99 -82.62
CA VAL FA 554 -0.32 -6.75 -81.23
C VAL FA 554 -0.84 -5.32 -81.12
N ILE FA 555 -2.01 -5.16 -80.53
CA ILE FA 555 -2.64 -3.85 -80.35
C ILE FA 555 -2.57 -3.49 -78.88
N LEU FA 556 -1.96 -2.34 -78.57
CA LEU FA 556 -1.84 -1.87 -77.21
C LEU FA 556 -2.72 -0.65 -77.02
N PRO FA 557 -3.83 -0.74 -76.28
CA PRO FA 557 -4.78 0.39 -76.20
C PRO FA 557 -4.23 1.53 -75.37
N GLY FA 558 -4.03 2.68 -76.01
CA GLY FA 558 -3.53 3.86 -75.34
C GLY FA 558 -4.64 4.78 -74.88
N ALA FA 559 -4.26 6.01 -74.55
CA ALA FA 559 -5.17 7.00 -74.03
C ALA FA 559 -5.33 8.15 -75.01
N ALA FA 560 -6.49 8.80 -74.95
CA ALA FA 560 -6.77 9.95 -75.80
C ALA FA 560 -6.18 11.21 -75.18
N TYR FA 561 -6.43 12.35 -75.83
CA TYR FA 561 -5.87 13.61 -75.34
C TYR FA 561 -6.63 14.17 -74.14
N THR FA 562 -7.87 13.74 -73.92
CA THR FA 562 -8.62 14.15 -72.74
C THR FA 562 -8.45 13.18 -71.58
N GLU FA 563 -7.71 12.09 -71.78
CA GLU FA 563 -7.59 11.04 -70.77
C GLU FA 563 -6.23 10.98 -70.12
N LYS FA 564 -5.36 11.97 -70.36
CA LYS FA 564 -4.05 12.00 -69.75
C LYS FA 564 -3.55 13.42 -69.67
N SER FA 565 -2.59 13.65 -68.77
CA SER FA 565 -1.88 14.92 -68.69
C SER FA 565 -0.71 14.85 -69.66
N ALA FA 566 -0.84 15.53 -70.79
CA ALA FA 566 0.03 15.33 -71.93
C ALA FA 566 0.55 16.66 -72.45
N THR FA 567 1.79 16.65 -72.93
CA THR FA 567 2.46 17.86 -73.41
C THR FA 567 2.42 17.91 -74.92
N TYR FA 568 1.93 19.03 -75.46
CA TYR FA 568 1.86 19.27 -76.89
C TYR FA 568 2.44 20.63 -77.22
N VAL FA 569 3.09 20.72 -78.38
CA VAL FA 569 3.69 21.97 -78.86
C VAL FA 569 2.96 22.40 -80.11
N ASN FA 570 2.49 23.63 -80.13
CA ASN FA 570 1.73 24.14 -81.26
C ASN FA 570 2.68 24.61 -82.36
N THR FA 571 2.13 25.25 -83.39
CA THR FA 571 2.92 25.60 -84.57
C THR FA 571 3.87 26.77 -84.35
N GLU FA 572 3.76 27.49 -83.24
CA GLU FA 572 4.64 28.60 -82.94
C GLU FA 572 5.64 28.28 -81.84
N GLY FA 573 5.76 27.01 -81.46
CA GLY FA 573 6.75 26.59 -80.49
C GLY FA 573 6.34 26.72 -79.04
N ARG FA 574 5.12 27.13 -78.76
CA ARG FA 574 4.67 27.31 -77.38
C ARG FA 574 4.23 25.97 -76.82
N ALA FA 575 4.94 25.49 -75.80
CA ALA FA 575 4.59 24.23 -75.16
C ALA FA 575 3.39 24.43 -74.25
N GLN FA 576 2.50 23.43 -74.21
CA GLN FA 576 1.32 23.47 -73.38
C GLN FA 576 1.05 22.06 -72.88
N GLN FA 577 0.29 21.96 -71.79
CA GLN FA 577 -0.04 20.67 -71.22
C GLN FA 577 -1.54 20.53 -71.04
N THR FA 578 -2.05 19.33 -71.33
CA THR FA 578 -3.43 19.00 -71.09
C THR FA 578 -3.62 18.46 -69.68
N LYS FA 579 -4.87 18.28 -69.28
CA LYS FA 579 -5.21 17.77 -67.97
C LYS FA 579 -6.18 16.61 -68.11
N VAL FA 580 -6.18 15.74 -67.11
CA VAL FA 580 -7.00 14.54 -67.14
C VAL FA 580 -8.45 14.94 -66.89
N ALA FA 581 -9.29 14.85 -67.92
CA ALA FA 581 -10.71 15.10 -67.76
C ALA FA 581 -11.45 13.85 -67.29
N VAL FA 582 -11.36 12.78 -68.06
CA VAL FA 582 -11.87 11.47 -67.69
C VAL FA 582 -10.74 10.46 -67.79
N MET FA 583 -11.03 9.24 -67.41
CA MET FA 583 -10.04 8.18 -67.45
C MET FA 583 -10.19 7.35 -68.71
N PRO FA 584 -9.13 6.68 -69.16
CA PRO FA 584 -9.24 5.83 -70.34
C PRO FA 584 -10.19 4.67 -70.08
N PRO FA 585 -10.92 4.23 -71.10
CA PRO FA 585 -11.89 3.16 -70.90
C PRO FA 585 -11.25 1.78 -70.98
N GLY FA 586 -11.83 0.86 -70.22
CA GLY FA 586 -11.35 -0.51 -70.24
C GLY FA 586 -9.98 -0.63 -69.61
N LEU FA 587 -9.11 -1.41 -70.27
CA LEU FA 587 -7.75 -1.62 -69.80
C LEU FA 587 -6.76 -0.67 -70.48
N ALA FA 588 -7.24 0.38 -71.12
CA ALA FA 588 -6.37 1.34 -71.76
C ALA FA 588 -5.58 2.13 -70.72
N ARG FA 589 -4.29 2.32 -70.99
CA ARG FA 589 -3.38 2.99 -70.09
C ARG FA 589 -2.70 4.16 -70.80
N GLU FA 590 -1.94 4.93 -70.04
CA GLU FA 590 -1.17 6.04 -70.60
C GLU FA 590 -0.05 5.51 -71.47
N ASP FA 591 0.33 6.30 -72.48
CA ASP FA 591 1.23 5.82 -73.52
C ASP FA 591 2.65 5.63 -73.00
N TRP FA 592 3.17 6.63 -72.29
CA TRP FA 592 4.51 6.51 -71.74
C TRP FA 592 4.58 5.43 -70.67
N LYS FA 593 3.48 5.21 -69.95
CA LYS FA 593 3.41 4.10 -69.00
C LYS FA 593 3.50 2.77 -69.74
N ILE FA 594 2.85 2.66 -70.90
CA ILE FA 594 2.93 1.44 -71.70
C ILE FA 594 4.35 1.19 -72.16
N ILE FA 595 5.03 2.24 -72.64
CA ILE FA 595 6.40 2.08 -73.14
C ILE FA 595 7.35 1.74 -71.99
N ARG FA 596 7.16 2.37 -70.83
CA ARG FA 596 7.99 2.08 -69.66
C ARG FA 596 7.79 0.65 -69.17
N ALA FA 597 6.55 0.17 -69.17
CA ALA FA 597 6.28 -1.22 -68.78
C ALA FA 597 6.87 -2.20 -69.80
N LEU FA 598 6.81 -1.85 -71.09
CA LEU FA 598 7.41 -2.69 -72.12
C LEU FA 598 8.92 -2.79 -71.95
N SER FA 599 9.56 -1.67 -71.63
CA SER FA 599 11.00 -1.72 -71.35
C SER FA 599 11.30 -2.48 -70.06
N GLU FA 600 10.37 -2.45 -69.11
CA GLU FA 600 10.53 -3.22 -67.88
C GLU FA 600 10.47 -4.73 -68.15
N ILE FA 601 9.57 -5.16 -69.03
CA ILE FA 601 9.47 -6.58 -69.36
C ILE FA 601 10.72 -7.05 -70.09
N ALA FA 602 11.22 -6.26 -71.03
CA ALA FA 602 12.37 -6.65 -71.85
C ALA FA 602 13.70 -6.49 -71.14
N GLY FA 603 13.72 -6.01 -69.89
CA GLY FA 603 14.97 -5.87 -69.17
C GLY FA 603 15.82 -4.69 -69.59
N MET FA 604 15.20 -3.68 -70.22
CA MET FA 604 15.92 -2.50 -70.69
C MET FA 604 15.25 -1.25 -70.11
N THR FA 605 15.08 -1.24 -68.79
CA THR FA 605 14.24 -0.27 -68.10
C THR FA 605 14.69 1.16 -68.34
N LEU FA 606 13.73 2.02 -68.67
CA LEU FA 606 13.96 3.45 -68.81
C LEU FA 606 14.10 4.09 -67.44
N PRO FA 607 14.94 5.13 -67.30
CA PRO FA 607 15.21 5.73 -65.99
C PRO FA 607 14.20 6.78 -65.54
N TYR FA 608 12.91 6.45 -65.68
CA TYR FA 608 11.86 7.31 -65.15
C TYR FA 608 10.63 6.46 -64.84
N ASP FA 609 9.98 6.78 -63.73
CA ASP FA 609 8.84 6.02 -63.23
C ASP FA 609 7.58 6.85 -63.07
N THR FA 610 7.69 8.13 -62.75
CA THR FA 610 6.55 9.02 -62.59
C THR FA 610 6.52 10.04 -63.73
N LEU FA 611 5.48 10.86 -63.75
CA LEU FA 611 5.32 11.83 -64.83
C LEU FA 611 6.38 12.93 -64.77
N ASP FA 612 6.70 13.41 -63.56
CA ASP FA 612 7.67 14.48 -63.42
C ASP FA 612 9.07 14.03 -63.79
N GLN FA 613 9.38 12.75 -63.62
CA GLN FA 613 10.66 12.22 -64.07
C GLN FA 613 10.76 12.23 -65.59
N VAL FA 614 9.66 11.89 -66.28
CA VAL FA 614 9.64 11.97 -67.73
C VAL FA 614 9.75 13.43 -68.19
N ARG FA 615 9.14 14.34 -67.43
CA ARG FA 615 9.28 15.76 -67.77
C ARG FA 615 10.69 16.27 -67.53
N ASN FA 616 11.39 15.75 -66.52
CA ASN FA 616 12.80 16.08 -66.34
C ASN FA 616 13.65 15.56 -67.48
N ARG FA 617 13.35 14.34 -67.96
CA ARG FA 617 14.02 13.83 -69.15
C ARG FA 617 13.73 14.69 -70.38
N LEU FA 618 12.48 15.16 -70.50
CA LEU FA 618 12.11 16.06 -71.58
C LEU FA 618 12.88 17.37 -71.51
N GLU FA 619 13.08 17.90 -70.30
CA GLU FA 619 13.90 19.09 -70.11
C GLU FA 619 15.35 18.82 -70.49
N GLU FA 620 15.84 17.61 -70.18
CA GLU FA 620 17.20 17.24 -70.56
C GLU FA 620 17.37 17.20 -72.08
N VAL FA 621 16.37 16.69 -72.80
CA VAL FA 621 16.50 16.62 -74.26
C VAL FA 621 16.36 18.01 -74.88
N SER FA 622 15.34 18.76 -74.48
CA SER FA 622 15.17 20.13 -74.94
C SER FA 622 14.38 20.92 -73.90
N PRO FA 623 14.95 21.97 -73.33
CA PRO FA 623 14.32 22.63 -72.17
C PRO FA 623 13.02 23.34 -72.48
N ASN FA 624 12.86 23.85 -73.71
CA ASN FA 624 11.67 24.63 -74.05
C ASN FA 624 10.39 23.83 -74.05
N LEU FA 625 10.47 22.50 -73.96
CA LEU FA 625 9.29 21.67 -73.83
C LEU FA 625 8.70 21.67 -72.43
N VAL FA 626 9.41 22.18 -71.42
CA VAL FA 626 8.87 22.21 -70.06
C VAL FA 626 8.50 23.60 -69.60
N ARG FA 627 8.71 24.62 -70.42
CA ARG FA 627 8.20 25.96 -70.14
C ARG FA 627 6.86 26.11 -70.83
N TYR FA 628 5.81 26.31 -70.05
CA TYR FA 628 4.45 26.31 -70.54
C TYR FA 628 3.94 27.74 -70.70
N ASP FA 629 3.19 27.97 -71.79
CA ASP FA 629 2.69 29.28 -72.19
C ASP FA 629 3.84 30.28 -72.35
N ASP FA 630 4.94 29.82 -72.92
CA ASP FA 630 6.11 30.65 -73.17
C ASP FA 630 6.67 30.32 -74.54
N VAL FA 631 6.84 31.34 -75.37
CA VAL FA 631 7.34 31.17 -76.74
C VAL FA 631 8.80 31.56 -76.73
N GLU FA 632 9.69 30.56 -76.75
CA GLU FA 632 11.11 30.84 -76.81
C GLU FA 632 11.50 31.31 -78.20
N GLY FA 633 12.27 32.39 -78.27
CA GLY FA 633 12.64 32.95 -79.55
C GLY FA 633 13.65 32.08 -80.28
N ALA FA 634 13.47 31.98 -81.60
CA ALA FA 634 14.38 31.26 -82.47
C ALA FA 634 15.27 32.24 -83.20
N ASN FA 635 16.50 31.83 -83.49
CA ASN FA 635 17.52 32.71 -84.03
C ASN FA 635 18.23 31.94 -85.16
N TYR FA 636 19.24 32.58 -85.77
CA TYR FA 636 20.13 31.99 -86.76
C TYR FA 636 19.38 31.62 -88.05
N PHE FA 637 18.67 32.61 -88.60
CA PHE FA 637 18.08 32.44 -89.93
C PHE FA 637 19.16 32.47 -91.00
N GLN FA 638 20.22 33.26 -90.79
CA GLN FA 638 21.27 33.39 -91.79
C GLN FA 638 22.05 32.09 -91.95
N GLN FA 639 22.26 31.36 -90.86
CA GLN FA 639 22.97 30.08 -90.94
C GLN FA 639 22.16 29.05 -91.70
N ALA FA 640 20.85 29.00 -91.46
CA ALA FA 640 19.98 28.10 -92.22
C ALA FA 640 19.93 28.50 -93.68
N SER FA 641 19.94 29.81 -93.96
CA SER FA 641 19.96 30.28 -95.34
C SER FA 641 21.25 29.88 -96.05
N GLU FA 642 22.40 29.98 -95.35
CA GLU FA 642 23.67 29.55 -95.93
C GLU FA 642 23.70 28.05 -96.16
N LEU FA 643 23.10 27.28 -95.25
CA LEU FA 643 23.08 25.83 -95.41
C LEU FA 643 22.12 25.41 -96.52
N SER FA 644 21.08 26.20 -96.79
CA SER FA 644 20.12 25.86 -97.82
C SER FA 644 20.63 26.12 -99.23
N LYS FA 645 21.76 26.80 -99.39
CA LYS FA 645 22.33 27.06 -100.70
C LYS FA 645 23.31 25.98 -101.15
N LEU FA 646 23.51 24.94 -100.35
CA LEU FA 646 24.51 23.93 -100.69
C LEU FA 646 24.00 22.99 -101.77
N VAL FA 647 22.93 22.26 -101.49
CA VAL FA 647 22.38 21.28 -102.42
C VAL FA 647 21.24 21.94 -103.18
N ASN FA 648 21.34 21.93 -104.50
CA ASN FA 648 20.38 22.60 -105.37
C ASN FA 648 19.37 21.59 -105.89
N GLN FA 649 18.10 21.80 -105.57
CA GLN FA 649 16.99 21.00 -106.06
C GLN FA 649 16.11 21.85 -106.95
N GLN FA 650 15.52 21.23 -107.97
CA GLN FA 650 14.71 21.94 -108.94
C GLN FA 650 13.23 21.73 -108.65
N LEU FA 651 12.44 22.78 -108.83
CA LEU FA 651 11.01 22.70 -108.61
C LEU FA 651 10.33 21.88 -109.71
N LEU FA 652 9.28 21.17 -109.32
CA LEU FA 652 8.47 20.44 -110.28
C LEU FA 652 7.50 21.40 -110.98
N ALA FA 653 6.94 20.93 -112.09
CA ALA FA 653 6.02 21.72 -112.89
C ALA FA 653 4.57 21.63 -112.41
N ASP FA 654 4.29 20.80 -111.43
CA ASP FA 654 2.92 20.67 -110.93
C ASP FA 654 2.54 21.91 -110.12
N PRO FA 655 1.34 22.44 -110.34
CA PRO FA 655 0.91 23.61 -109.57
C PRO FA 655 0.63 23.26 -108.12
N LEU FA 656 0.75 24.26 -107.25
CA LEU FA 656 0.54 24.09 -105.83
C LEU FA 656 -0.96 23.98 -105.56
N VAL FA 657 -1.39 22.82 -105.07
CA VAL FA 657 -2.79 22.55 -104.78
C VAL FA 657 -2.89 22.09 -103.33
N PRO FA 658 -3.61 22.80 -102.46
CA PRO FA 658 -3.78 22.34 -101.09
C PRO FA 658 -4.69 21.12 -101.03
N PRO FA 659 -4.53 20.25 -100.03
CA PRO FA 659 -5.40 19.08 -99.94
C PRO FA 659 -6.81 19.39 -99.47
N GLN FA 660 -7.03 20.53 -98.83
CA GLN FA 660 -8.36 20.93 -98.36
C GLN FA 660 -8.82 22.12 -99.19
N LEU FA 661 -9.73 21.85 -100.13
CA LEU FA 661 -10.23 22.88 -101.03
C LEU FA 661 -11.55 23.48 -100.58
N THR FA 662 -12.46 22.66 -100.05
CA THR FA 662 -13.78 23.11 -99.63
C THR FA 662 -13.99 22.74 -98.16
N ILE FA 663 -15.19 23.09 -97.65
CA ILE FA 663 -15.55 22.77 -96.28
C ILE FA 663 -15.85 21.28 -96.12
N LYS FA 664 -16.08 20.57 -97.22
CA LYS FA 664 -16.37 19.14 -97.15
C LYS FA 664 -15.16 18.35 -96.66
N ASP FA 665 -13.95 18.71 -97.10
CA ASP FA 665 -12.74 18.01 -96.69
C ASP FA 665 -12.23 18.43 -95.33
N PHE FA 666 -12.81 19.47 -94.73
CA PHE FA 666 -12.33 19.97 -93.44
C PHE FA 666 -12.75 19.09 -92.28
N TYR FA 667 -13.94 18.49 -92.34
CA TYR FA 667 -14.55 17.88 -91.17
C TYR FA 667 -13.90 16.55 -90.77
N MET FA 668 -13.28 15.84 -91.70
CA MET FA 668 -12.66 14.54 -91.41
C MET FA 668 -11.18 14.60 -91.78
N THR FA 669 -10.32 14.72 -90.77
CA THR FA 669 -8.88 14.74 -90.98
C THR FA 669 -8.14 13.68 -90.18
N ASP FA 670 -8.51 13.45 -88.93
CA ASP FA 670 -7.82 12.52 -88.05
C ASP FA 670 -8.75 11.39 -87.66
N SER FA 671 -8.24 10.48 -86.81
CA SER FA 671 -9.00 9.29 -86.44
C SER FA 671 -10.19 9.61 -85.56
N ILE FA 672 -10.09 10.66 -84.73
CA ILE FA 672 -11.19 11.03 -83.86
C ILE FA 672 -12.34 11.61 -84.67
N SER FA 673 -12.05 12.44 -85.67
CA SER FA 673 -13.09 13.02 -86.49
C SER FA 673 -13.68 12.00 -87.45
N ARG FA 674 -12.88 11.04 -87.92
CA ARG FA 674 -13.39 10.02 -88.82
C ARG FA 674 -14.33 9.05 -88.12
N ALA FA 675 -14.27 8.95 -86.79
CA ALA FA 675 -15.14 8.08 -86.03
C ALA FA 675 -16.30 8.85 -85.39
N SER FA 676 -16.62 10.03 -85.91
CA SER FA 676 -17.62 10.91 -85.31
C SER FA 676 -18.89 10.91 -86.15
N GLN FA 677 -20.03 10.79 -85.48
CA GLN FA 677 -21.31 10.87 -86.18
C GLN FA 677 -21.70 12.30 -86.53
N THR FA 678 -21.32 13.27 -85.69
CA THR FA 678 -21.61 14.67 -85.98
C THR FA 678 -20.84 15.14 -87.21
N MET FA 679 -19.58 14.73 -87.35
CA MET FA 679 -18.80 15.07 -88.53
C MET FA 679 -19.38 14.43 -89.78
N ALA FA 680 -19.90 13.20 -89.65
CA ALA FA 680 -20.56 12.54 -90.78
C ALA FA 680 -21.83 13.29 -91.18
N LYS FA 681 -22.60 13.75 -90.19
CA LYS FA 681 -23.78 14.54 -90.49
C LYS FA 681 -23.42 15.87 -91.16
N CYS FA 682 -22.32 16.50 -90.73
CA CYS FA 682 -21.87 17.74 -91.35
C CYS FA 682 -21.45 17.52 -92.79
N VAL FA 683 -20.72 16.43 -93.05
CA VAL FA 683 -20.30 16.12 -94.41
C VAL FA 683 -21.49 15.81 -95.29
N LYS FA 684 -22.47 15.06 -94.77
CA LYS FA 684 -23.68 14.76 -95.51
C LYS FA 684 -24.48 16.02 -95.82
N ALA FA 685 -24.57 16.95 -94.86
CA ALA FA 685 -25.31 18.19 -95.08
C ALA FA 685 -24.58 19.11 -96.05
N VAL FA 686 -23.25 19.09 -96.05
CA VAL FA 686 -22.50 19.90 -97.00
C VAL FA 686 -22.63 19.35 -98.42
N THR FA 687 -22.50 18.04 -98.57
CA THR FA 687 -22.45 17.45 -99.91
C THR FA 687 -23.83 17.42 -100.58
N GLU FA 688 -24.90 17.37 -99.80
CA GLU FA 688 -26.24 17.30 -100.38
C GLU FA 688 -26.66 18.63 -101.00
N THR GA 1 -39.72 51.28 -48.60
CA THR GA 1 -38.97 50.30 -47.85
C THR GA 1 -39.69 49.89 -46.56
N ARG GA 2 -41.00 50.10 -46.53
CA ARG GA 2 -41.75 49.79 -45.33
C ARG GA 2 -42.05 48.29 -45.16
N PRO GA 3 -42.76 47.60 -46.08
CA PRO GA 3 -43.31 46.28 -45.72
C PRO GA 3 -42.28 45.15 -45.66
N THR GA 4 -41.39 45.08 -46.63
CA THR GA 4 -40.52 43.93 -46.80
C THR GA 4 -39.08 44.15 -46.35
N VAL GA 5 -38.75 45.32 -45.81
CA VAL GA 5 -37.39 45.66 -45.41
C VAL GA 5 -37.33 45.71 -43.89
N ARG GA 6 -36.29 45.11 -43.34
CA ARG GA 6 -36.13 45.06 -41.88
C ARG GA 6 -35.83 46.46 -41.34
N PRO GA 7 -36.57 46.92 -40.32
CA PRO GA 7 -36.33 48.26 -39.79
C PRO GA 7 -35.01 48.35 -39.04
N ARG GA 8 -34.43 49.54 -39.03
CA ARG GA 8 -33.15 49.79 -38.39
C ARG GA 8 -33.35 50.16 -36.92
N ASN GA 9 -32.30 49.93 -36.13
CA ASN GA 9 -32.28 50.26 -34.71
C ASN GA 9 -31.12 51.23 -34.50
N ASP GA 10 -31.40 52.54 -34.62
CA ASP GA 10 -30.35 53.54 -34.57
C ASP GA 10 -29.85 53.79 -33.14
N VAL GA 11 -30.73 53.73 -32.16
CA VAL GA 11 -30.33 53.98 -30.77
C VAL GA 11 -29.41 52.86 -30.28
N ALA GA 12 -29.71 51.61 -30.64
CA ALA GA 12 -28.83 50.50 -30.29
C ALA GA 12 -27.49 50.62 -31.00
N HIS GA 13 -27.50 51.10 -32.24
CA HIS GA 13 -26.26 51.32 -32.98
C HIS GA 13 -25.39 52.37 -32.30
N LYS GA 14 -26.01 53.49 -31.87
CA LYS GA 14 -25.26 54.53 -31.18
C LYS GA 14 -24.71 54.05 -29.85
N GLN GA 15 -25.52 53.30 -29.08
CA GLN GA 15 -25.07 52.81 -27.79
C GLN GA 15 -23.94 51.80 -27.95
N LEU GA 16 -24.04 50.91 -28.94
CA LEU GA 16 -22.98 49.92 -29.16
C LEU GA 16 -21.71 50.57 -29.65
N SER GA 17 -21.82 51.61 -30.50
CA SER GA 17 -20.63 52.32 -30.93
C SER GA 17 -19.96 53.05 -29.77
N ALA GA 18 -20.75 53.66 -28.89
CA ALA GA 18 -20.19 54.33 -27.72
C ALA GA 18 -19.49 53.34 -26.78
N PHE GA 19 -20.11 52.18 -26.56
CA PHE GA 19 -19.47 51.19 -25.70
C PHE GA 19 -18.24 50.58 -26.35
N GLY GA 20 -18.23 50.45 -27.68
CA GLY GA 20 -17.03 49.98 -28.36
C GLY GA 20 -15.88 50.95 -28.23
N GLU GA 21 -16.15 52.25 -28.36
CA GLU GA 21 -15.13 53.26 -28.12
C GLU GA 21 -14.65 53.21 -26.67
N TYR GA 22 -15.58 52.99 -25.74
CA TYR GA 22 -15.24 52.89 -24.32
C TYR GA 22 -14.28 51.73 -24.04
N VAL GA 23 -14.58 50.55 -24.62
CA VAL GA 23 -13.73 49.38 -24.41
C VAL GA 23 -12.39 49.56 -25.09
N ALA GA 24 -12.38 50.08 -26.32
CA ALA GA 24 -11.13 50.29 -27.04
C ALA GA 24 -10.28 51.38 -26.39
N GLU GA 25 -10.89 52.28 -25.62
CA GLU GA 25 -10.12 53.29 -24.90
C GLU GA 25 -9.59 52.75 -23.58
N ILE GA 26 -10.33 51.87 -22.91
CA ILE GA 26 -9.87 51.34 -21.63
C ILE GA 26 -8.70 50.38 -21.81
N LEU GA 27 -8.74 49.55 -22.86
CA LEU GA 27 -7.72 48.52 -23.10
C LEU GA 27 -7.06 48.73 -24.46
N PRO GA 28 -6.16 49.70 -24.60
CA PRO GA 28 -5.47 49.87 -25.88
C PRO GA 28 -4.32 48.91 -26.09
N LYS GA 29 -3.96 48.10 -25.08
CA LYS GA 29 -2.84 47.19 -25.22
C LYS GA 29 -3.18 45.98 -26.06
N TYR GA 30 -4.45 45.61 -26.14
CA TYR GA 30 -4.84 44.34 -26.74
C TYR GA 30 -5.81 44.45 -27.89
N VAL GA 31 -6.72 45.42 -27.89
CA VAL GA 31 -7.72 45.50 -28.94
C VAL GA 31 -7.09 46.07 -30.20
N GLN GA 32 -7.57 45.61 -31.34
CA GLN GA 32 -7.06 46.02 -32.64
C GLN GA 32 -8.13 46.61 -33.54
N GLN GA 33 -9.37 46.14 -33.46
CA GLN GA 33 -10.45 46.68 -34.27
C GLN GA 33 -11.75 46.62 -33.48
N VAL GA 34 -12.60 47.62 -33.67
CA VAL GA 34 -13.94 47.63 -33.10
C VAL GA 34 -14.91 48.00 -34.22
N GLN GA 35 -15.88 47.14 -34.48
CA GLN GA 35 -16.83 47.41 -35.54
C GLN GA 35 -18.25 47.10 -35.08
N VAL GA 36 -19.20 47.79 -35.68
CA VAL GA 36 -20.63 47.57 -35.44
C VAL GA 36 -21.27 47.26 -36.79
N SER GA 37 -21.97 46.14 -36.88
CA SER GA 37 -22.60 45.74 -38.12
C SER GA 37 -23.88 46.55 -38.35
N CYS GA 38 -24.48 46.35 -39.52
CA CYS GA 38 -25.69 47.10 -39.88
C CYS GA 38 -26.91 46.64 -39.09
N PHE GA 39 -26.89 45.42 -38.55
CA PHE GA 39 -27.96 44.94 -37.69
C PHE GA 39 -27.58 45.02 -36.21
N SER GA 40 -26.69 45.95 -35.87
CA SER GA 40 -26.35 46.32 -34.49
C SER GA 40 -25.76 45.15 -33.71
N GLU GA 41 -24.62 44.66 -34.18
CA GLU GA 41 -23.82 43.67 -33.47
C GLU GA 41 -22.40 44.20 -33.33
N LEU GA 42 -21.88 44.14 -32.11
CA LEU GA 42 -20.59 44.73 -31.79
C LEU GA 42 -19.52 43.65 -31.81
N GLU GA 43 -18.49 43.83 -32.63
CA GLU GA 43 -17.36 42.92 -32.72
C GLU GA 43 -16.09 43.64 -32.31
N ILE GA 44 -15.35 43.03 -31.40
CA ILE GA 44 -14.10 43.58 -30.89
C ILE GA 44 -13.01 42.57 -31.20
N CYS GA 45 -12.20 42.88 -32.21
CA CYS GA 45 -11.12 42.00 -32.64
C CYS GA 45 -9.84 42.40 -31.92
N ILE GA 46 -9.28 41.48 -31.14
CA ILE GA 46 -8.17 41.76 -30.23
C ILE GA 46 -6.99 40.87 -30.56
N HIS GA 47 -5.84 41.24 -30.00
CA HIS GA 47 -4.66 40.40 -30.05
C HIS GA 47 -4.88 39.13 -29.23
N PRO GA 48 -4.37 37.98 -29.67
CA PRO GA 48 -4.59 36.74 -28.90
C PRO GA 48 -4.00 36.76 -27.49
N ASP GA 49 -2.88 37.45 -27.29
CA ASP GA 49 -2.23 37.48 -25.98
C ASP GA 49 -3.08 38.17 -24.93
N GLY GA 50 -4.06 38.97 -25.34
CA GLY GA 50 -4.96 39.59 -24.40
C GLY GA 50 -6.30 38.88 -24.31
N VAL GA 51 -6.32 37.58 -24.61
CA VAL GA 51 -7.58 36.85 -24.55
C VAL GA 51 -8.00 36.62 -23.10
N ILE GA 52 -7.06 36.60 -22.17
CA ILE GA 52 -7.38 36.41 -20.74
C ILE GA 52 -7.79 37.72 -20.06
N PRO GA 53 -7.04 38.87 -20.19
CA PRO GA 53 -7.50 40.08 -19.48
C PRO GA 53 -8.82 40.64 -19.96
N VAL GA 54 -8.96 40.77 -21.29
CA VAL GA 54 -10.10 41.47 -21.89
C VAL GA 54 -11.41 40.82 -21.48
N LEU GA 55 -11.49 39.49 -21.63
CA LEU GA 55 -12.67 38.75 -21.19
C LEU GA 55 -12.93 38.95 -19.71
N THR GA 56 -11.86 38.92 -18.90
CA THR GA 56 -12.01 39.14 -17.46
C THR GA 56 -12.57 40.53 -17.20
N PHE GA 57 -12.10 41.53 -17.96
CA PHE GA 57 -12.67 42.87 -17.85
C PHE GA 57 -14.16 42.84 -18.16
N LEU GA 58 -14.53 42.18 -19.26
CA LEU GA 58 -15.93 42.09 -19.61
C LEU GA 58 -16.71 41.22 -18.63
N ARG GA 59 -16.02 40.39 -17.85
CA ARG GA 59 -16.72 39.61 -16.84
C ARG GA 59 -16.90 40.38 -15.54
N ASP GA 60 -16.14 41.47 -15.33
CA ASP GA 60 -16.07 42.03 -13.99
C ASP GA 60 -16.26 43.54 -13.91
N HIS GA 61 -16.14 44.27 -15.01
CA HIS GA 61 -16.37 45.71 -14.95
C HIS GA 61 -17.85 45.99 -14.71
N SER GA 62 -18.12 46.98 -13.85
CA SER GA 62 -19.49 47.28 -13.47
C SER GA 62 -20.32 47.84 -14.62
N ASN GA 63 -19.68 48.38 -15.64
CA ASN GA 63 -20.39 48.87 -16.81
C ASN GA 63 -20.50 47.83 -17.93
N ALA GA 64 -19.91 46.64 -17.76
CA ALA GA 64 -20.02 45.61 -18.78
C ALA GA 64 -20.80 44.39 -18.28
N GLN GA 65 -20.31 43.72 -17.25
CA GLN GA 65 -20.96 42.59 -16.58
C GLN GA 65 -21.43 41.50 -17.56
N PHE GA 66 -20.57 41.14 -18.51
CA PHE GA 66 -20.89 40.07 -19.45
C PHE GA 66 -20.66 38.73 -18.74
N LYS GA 67 -21.60 38.37 -17.88
CA LYS GA 67 -21.44 37.20 -17.03
C LYS GA 67 -21.68 35.89 -17.75
N SER GA 68 -22.35 35.90 -18.89
CA SER GA 68 -22.72 34.66 -19.59
C SER GA 68 -21.83 34.46 -20.80
N LEU GA 69 -21.33 33.24 -20.96
CA LEU GA 69 -20.61 32.83 -22.17
C LEU GA 69 -21.59 32.04 -23.03
N ALA GA 70 -22.11 32.68 -24.08
CA ALA GA 70 -23.12 32.03 -24.89
C ALA GA 70 -22.50 30.96 -25.79
N ASP GA 71 -21.36 31.25 -26.40
CA ASP GA 71 -20.81 30.35 -27.41
C ASP GA 71 -19.31 30.57 -27.51
N LEU GA 72 -18.64 29.59 -28.13
CA LEU GA 72 -17.22 29.66 -28.44
C LEU GA 72 -16.99 28.91 -29.74
N THR GA 73 -16.39 29.59 -30.72
CA THR GA 73 -16.34 29.09 -32.08
C THR GA 73 -14.94 29.27 -32.65
N ALA GA 74 -14.58 28.42 -33.60
CA ALA GA 74 -13.40 28.59 -34.42
C ALA GA 74 -13.81 28.59 -35.88
N VAL GA 75 -13.24 29.52 -36.66
CA VAL GA 75 -13.54 29.67 -38.07
C VAL GA 75 -12.24 29.48 -38.85
N ASP GA 76 -12.27 28.64 -39.87
CA ASP GA 76 -11.09 28.31 -40.67
C ASP GA 76 -11.14 29.08 -41.98
N ILE GA 77 -10.20 30.01 -42.15
CA ILE GA 77 -10.03 30.76 -43.38
C ILE GA 77 -8.63 30.48 -43.91
N PRO GA 78 -8.49 29.60 -44.90
CA PRO GA 78 -7.15 29.18 -45.34
C PRO GA 78 -6.33 30.26 -46.02
N THR GA 79 -6.95 31.35 -46.49
CA THR GA 79 -6.19 32.37 -47.22
C THR GA 79 -5.33 33.24 -46.32
N ARG GA 80 -5.49 33.16 -45.00
CA ARG GA 80 -4.68 33.92 -44.08
C ARG GA 80 -3.59 33.02 -43.49
N GLN GA 81 -2.49 33.64 -43.08
CA GLN GA 81 -1.44 32.88 -42.39
C GLN GA 81 -1.94 32.42 -41.02
N ASN GA 82 -2.66 33.27 -40.32
CA ASN GA 82 -3.36 32.89 -39.09
C ASN GA 82 -4.76 32.43 -39.48
N ARG GA 83 -4.84 31.16 -39.90
CA ARG GA 83 -6.03 30.67 -40.58
C ARG GA 83 -7.21 30.43 -39.64
N PHE GA 84 -6.97 30.36 -38.34
CA PHE GA 84 -8.03 30.06 -37.37
C PHE GA 84 -8.46 31.35 -36.68
N GLU GA 85 -9.75 31.64 -36.75
CA GLU GA 85 -10.36 32.79 -36.08
C GLU GA 85 -11.23 32.27 -34.96
N ILE GA 86 -10.92 32.67 -33.72
CA ILE GA 86 -11.58 32.17 -32.53
C ILE GA 86 -12.53 33.24 -32.02
N VAL GA 87 -13.79 32.86 -31.82
CA VAL GA 87 -14.88 33.80 -31.56
C VAL GA 87 -15.52 33.47 -30.22
N TYR GA 88 -15.59 34.48 -29.34
CA TYR GA 88 -16.28 34.39 -28.06
C TYR GA 88 -17.53 35.24 -28.12
N ASN GA 89 -18.68 34.66 -27.79
CA ASN GA 89 -19.94 35.38 -27.69
C ASN GA 89 -20.29 35.53 -26.21
N LEU GA 90 -20.48 36.77 -25.77
CA LEU GA 90 -20.77 37.06 -24.38
C LEU GA 90 -22.13 37.72 -24.26
N LEU GA 91 -22.87 37.35 -23.22
CA LEU GA 91 -24.18 37.91 -22.93
C LEU GA 91 -24.16 38.55 -21.55
N SER GA 92 -24.60 39.80 -21.49
CA SER GA 92 -24.73 40.56 -20.25
C SER GA 92 -26.20 40.66 -19.90
N LEU GA 93 -26.59 40.01 -18.81
CA LEU GA 93 -27.98 40.02 -18.35
C LEU GA 93 -28.35 41.33 -17.67
N ARG GA 94 -27.39 42.00 -17.03
CA ARG GA 94 -27.68 43.24 -16.33
C ARG GA 94 -28.09 44.35 -17.28
N PHE GA 95 -27.33 44.51 -18.37
CA PHE GA 95 -27.62 45.53 -19.36
C PHE GA 95 -28.33 45.00 -20.59
N ASN GA 96 -28.61 43.69 -20.63
CA ASN GA 96 -29.35 43.04 -21.71
C ASN GA 96 -28.67 43.26 -23.06
N SER GA 97 -27.44 42.78 -23.18
CA SER GA 97 -26.64 43.06 -24.36
C SER GA 97 -25.77 41.86 -24.71
N ARG GA 98 -25.23 41.89 -25.93
CA ARG GA 98 -24.38 40.82 -26.42
C ARG GA 98 -23.15 41.44 -27.09
N ILE GA 99 -22.00 40.77 -26.94
CA ILE GA 99 -20.75 41.22 -27.51
C ILE GA 99 -20.01 40.04 -28.11
N ARG GA 100 -19.09 40.35 -29.03
CA ARG GA 100 -18.32 39.34 -29.75
C ARG GA 100 -16.85 39.72 -29.73
N VAL GA 101 -16.00 38.77 -29.33
CA VAL GA 101 -14.56 39.00 -29.20
C VAL GA 101 -13.83 37.99 -30.08
N LYS GA 102 -13.01 38.48 -31.01
CA LYS GA 102 -12.37 37.62 -32.00
C LYS GA 102 -10.86 37.73 -31.90
N THR GA 103 -10.19 36.57 -31.83
CA THR GA 103 -8.74 36.48 -31.90
C THR GA 103 -8.34 35.60 -33.08
N TYR GA 104 -7.03 35.55 -33.36
CA TYR GA 104 -6.50 34.83 -34.51
C TYR GA 104 -5.32 33.99 -34.08
N THR GA 105 -5.32 32.71 -34.47
CA THR GA 105 -4.16 31.83 -34.30
C THR GA 105 -4.01 30.95 -35.54
N ASP GA 106 -2.79 30.46 -35.74
CA ASP GA 106 -2.51 29.43 -36.73
C ASP GA 106 -2.48 28.07 -36.04
N GLU GA 107 -1.99 27.06 -36.76
CA GLU GA 107 -2.04 25.68 -36.26
C GLU GA 107 -1.13 25.45 -35.07
N LEU GA 108 0.01 26.14 -35.02
CA LEU GA 108 1.05 25.81 -34.04
C LEU GA 108 1.07 26.70 -32.81
N THR GA 109 0.50 27.91 -32.88
CA THR GA 109 0.54 28.80 -31.73
C THR GA 109 -0.51 28.39 -30.71
N PRO GA 110 -0.15 28.20 -29.45
CA PRO GA 110 -1.13 27.85 -28.43
C PRO GA 110 -1.92 29.05 -27.96
N VAL GA 111 -3.04 28.76 -27.30
CA VAL GA 111 -3.97 29.77 -26.81
C VAL GA 111 -4.08 29.61 -25.30
N GLU GA 112 -4.08 30.73 -24.58
CA GLU GA 112 -4.38 30.69 -23.16
C GLU GA 112 -5.84 30.33 -22.96
N SER GA 113 -6.11 29.31 -22.16
CA SER GA 113 -7.47 28.82 -21.97
C SER GA 113 -8.25 29.76 -21.07
N SER GA 114 -9.51 29.99 -21.42
CA SER GA 114 -10.40 30.87 -20.68
C SER GA 114 -11.29 30.11 -19.70
N VAL GA 115 -10.79 28.99 -19.16
CA VAL GA 115 -11.52 28.24 -18.15
C VAL GA 115 -11.62 29.05 -16.87
N SER GA 116 -10.55 29.75 -16.50
CA SER GA 116 -10.52 30.54 -15.28
C SER GA 116 -11.46 31.73 -15.31
N VAL GA 117 -11.94 32.13 -16.48
CA VAL GA 117 -12.91 33.21 -16.60
C VAL GA 117 -14.30 32.60 -16.69
N TYR GA 118 -14.53 31.74 -17.68
CA TYR GA 118 -15.80 31.07 -17.88
C TYR GA 118 -15.60 29.57 -17.82
N LYS GA 119 -16.39 28.90 -16.99
CA LYS GA 119 -16.23 27.45 -16.82
C LYS GA 119 -16.79 26.67 -17.99
N ALA GA 120 -17.82 27.21 -18.67
CA ALA GA 120 -18.45 26.50 -19.79
C ALA GA 120 -17.47 26.24 -20.92
N ALA GA 121 -16.52 27.17 -21.12
CA ALA GA 121 -15.50 27.02 -22.14
C ALA GA 121 -14.65 25.78 -21.94
N ASN GA 122 -14.63 25.23 -20.71
CA ASN GA 122 -13.90 23.99 -20.42
C ASN GA 122 -14.35 22.86 -21.34
N TRP GA 123 -15.60 22.87 -21.80
CA TRP GA 123 -15.92 21.92 -22.85
C TRP GA 123 -15.76 22.55 -24.23
N TYR GA 124 -16.17 23.81 -24.37
CA TYR GA 124 -16.38 24.43 -25.68
C TYR GA 124 -15.09 24.47 -26.49
N GLU GA 125 -14.05 25.10 -25.94
CA GLU GA 125 -12.77 25.17 -26.64
C GLU GA 125 -12.15 23.79 -26.80
N ARG GA 126 -12.48 22.85 -25.90
CA ARG GA 126 -12.02 21.48 -26.07
C ARG GA 126 -12.56 20.89 -27.36
N GLU GA 127 -13.84 21.15 -27.65
CA GLU GA 127 -14.43 20.74 -28.91
C GLU GA 127 -13.69 21.38 -30.08
N ILE GA 128 -13.26 22.63 -29.92
CA ILE GA 128 -12.51 23.33 -30.95
C ILE GA 128 -11.27 22.53 -31.31
N TRP GA 129 -10.55 22.03 -30.30
CA TRP GA 129 -9.38 21.20 -30.54
C TRP GA 129 -9.76 19.98 -31.37
N ASP GA 130 -10.82 19.27 -30.94
CA ASP GA 130 -11.26 18.07 -31.63
C ASP GA 130 -11.73 18.36 -33.05
N MET GA 131 -12.05 19.61 -33.36
CA MET GA 131 -12.46 19.94 -34.71
C MET GA 131 -11.41 20.72 -35.49
N PHE GA 132 -10.40 21.28 -34.82
CA PHE GA 132 -9.50 22.17 -35.53
C PHE GA 132 -8.02 21.97 -35.22
N GLY GA 133 -7.65 21.33 -34.11
CA GLY GA 133 -6.26 21.23 -33.76
C GLY GA 133 -5.67 22.46 -33.13
N VAL GA 134 -6.51 23.39 -32.67
CA VAL GA 134 -6.04 24.59 -31.98
C VAL GA 134 -5.76 24.20 -30.53
N PHE GA 135 -4.49 24.22 -30.15
CA PHE GA 135 -4.11 23.83 -28.80
C PHE GA 135 -4.40 24.96 -27.82
N PHE GA 136 -4.98 24.60 -26.68
CA PHE GA 136 -5.32 25.56 -25.63
C PHE GA 136 -4.44 25.27 -24.42
N ALA GA 137 -3.51 26.18 -24.16
CA ALA GA 137 -2.58 26.01 -23.04
C ALA GA 137 -3.29 26.21 -21.71
N ASN GA 138 -2.80 25.50 -20.69
CA ASN GA 138 -3.32 25.54 -19.32
C ASN GA 138 -4.78 25.08 -19.24
N HIS GA 139 -5.19 24.22 -20.17
CA HIS GA 139 -6.50 23.60 -20.05
C HIS GA 139 -6.45 22.48 -19.01
N PRO GA 140 -7.52 22.29 -18.21
CA PRO GA 140 -7.50 21.22 -17.21
C PRO GA 140 -7.49 19.83 -17.82
N ASP GA 141 -8.39 19.56 -18.76
CA ASP GA 141 -8.51 18.25 -19.39
C ASP GA 141 -8.80 18.46 -20.86
N LEU GA 142 -7.77 18.41 -21.70
CA LEU GA 142 -7.90 18.60 -23.13
C LEU GA 142 -7.76 17.25 -23.82
N ARG GA 143 -8.80 16.85 -24.56
CA ARG GA 143 -8.79 15.64 -25.37
C ARG GA 143 -9.90 15.76 -26.40
N ARG GA 144 -10.10 14.69 -27.15
CA ARG GA 144 -11.19 14.66 -28.12
C ARG GA 144 -12.53 14.54 -27.42
N ILE GA 145 -13.56 15.10 -28.04
CA ILE GA 145 -14.90 15.06 -27.46
C ILE GA 145 -15.97 14.59 -28.44
N LEU GA 146 -15.73 14.62 -29.76
CA LEU GA 146 -16.76 14.27 -30.72
C LEU GA 146 -16.35 13.19 -31.70
N THR GA 147 -15.09 13.16 -32.11
CA THR GA 147 -14.64 12.18 -33.09
C THR GA 147 -14.40 10.82 -32.45
N ASP GA 148 -14.10 9.84 -33.29
CA ASP GA 148 -13.81 8.50 -32.82
C ASP GA 148 -12.45 8.47 -32.11
N TYR GA 149 -12.22 7.38 -31.37
CA TYR GA 149 -11.02 7.31 -30.53
C TYR GA 149 -9.75 7.15 -31.36
N GLY GA 150 -9.82 6.41 -32.46
CA GLY GA 150 -8.66 6.23 -33.32
C GLY GA 150 -8.65 7.19 -34.49
N PHE GA 151 -9.42 8.26 -34.40
CA PHE GA 151 -9.56 9.19 -35.52
C PHE GA 151 -8.30 10.02 -35.70
N GLU GA 152 -7.80 10.06 -36.93
CA GLU GA 152 -6.64 10.86 -37.29
C GLU GA 152 -7.09 12.02 -38.15
N GLY GA 153 -6.64 13.22 -37.81
CA GLY GA 153 -6.99 14.41 -38.55
C GLY GA 153 -8.11 15.19 -37.90
N HIS GA 154 -8.22 16.46 -38.30
CA HIS GA 154 -9.23 17.35 -37.75
C HIS GA 154 -10.27 17.67 -38.82
N PRO GA 155 -11.53 17.29 -38.61
CA PRO GA 155 -12.48 17.27 -39.73
C PRO GA 155 -12.98 18.63 -40.17
N PHE GA 156 -13.09 19.60 -39.27
CA PHE GA 156 -13.73 20.86 -39.64
C PHE GA 156 -12.78 21.81 -40.34
N ARG GA 157 -11.50 21.43 -40.51
CA ARG GA 157 -10.62 22.19 -41.38
C ARG GA 157 -11.12 22.12 -42.82
N LYS GA 158 -10.93 23.21 -43.55
CA LYS GA 158 -11.46 23.29 -44.90
C LYS GA 158 -10.65 22.49 -45.92
N ASP GA 159 -9.49 21.99 -45.55
CA ASP GA 159 -8.73 21.07 -46.39
C ASP GA 159 -9.03 19.61 -46.08
N PHE GA 160 -9.96 19.34 -45.18
CA PHE GA 160 -10.44 17.99 -44.89
C PHE GA 160 -11.67 17.70 -45.74
N PRO GA 161 -11.70 16.59 -46.46
CA PRO GA 161 -12.83 16.29 -47.35
C PRO GA 161 -14.08 15.95 -46.56
N LEU GA 162 -15.22 15.95 -47.27
CA LEU GA 162 -16.51 15.71 -46.61
C LEU GA 162 -16.58 14.31 -46.05
N SER GA 163 -16.50 13.29 -46.92
CA SER GA 163 -16.19 11.96 -46.45
C SER GA 163 -14.72 11.90 -46.08
N GLY GA 164 -14.40 11.14 -45.04
CA GLY GA 164 -13.04 11.11 -44.52
C GLY GA 164 -12.08 10.32 -45.37
N TYR GA 165 -11.11 9.70 -44.72
CA TYR GA 165 -10.19 8.81 -45.39
C TYR GA 165 -10.40 7.35 -45.04
N VAL GA 166 -11.19 7.05 -44.01
CA VAL GA 166 -11.49 5.68 -43.60
C VAL GA 166 -12.99 5.55 -43.36
N GLU GA 167 -13.44 4.30 -43.37
CA GLU GA 167 -14.84 3.98 -43.09
C GLU GA 167 -14.89 2.58 -42.51
N LEU GA 168 -15.96 2.31 -41.75
CA LEU GA 168 -16.05 1.10 -40.95
C LEU GA 168 -16.97 0.07 -41.60
N ARG GA 169 -16.63 -1.19 -41.40
CA ARG GA 169 -17.48 -2.30 -41.80
C ARG GA 169 -17.14 -3.51 -40.95
N TYR GA 170 -18.09 -4.43 -40.83
CA TYR GA 170 -17.89 -5.63 -40.04
C TYR GA 170 -17.24 -6.72 -40.88
N ASP GA 171 -16.16 -7.30 -40.38
CA ASP GA 171 -15.45 -8.39 -41.03
C ASP GA 171 -15.62 -9.65 -40.21
N ASP GA 172 -16.12 -10.70 -40.86
CA ASP GA 172 -16.38 -11.98 -40.20
C ASP GA 172 -15.12 -12.82 -40.01
N GLU GA 173 -14.07 -12.57 -40.80
CA GLU GA 173 -12.84 -13.34 -40.65
C GLU GA 173 -12.15 -13.01 -39.32
N VAL GA 174 -12.02 -11.72 -39.01
CA VAL GA 174 -11.44 -11.29 -37.74
C VAL GA 174 -12.51 -11.05 -36.68
N LYS GA 175 -13.79 -11.20 -37.05
CA LYS GA 175 -14.94 -11.03 -36.13
C LYS GA 175 -14.92 -9.65 -35.48
N ARG GA 176 -14.73 -8.61 -36.30
CA ARG GA 176 -14.45 -7.30 -35.72
C ARG GA 176 -14.93 -6.21 -36.67
N VAL GA 177 -15.20 -5.03 -36.10
CA VAL GA 177 -15.49 -3.85 -36.90
C VAL GA 177 -14.16 -3.22 -37.29
N VAL GA 178 -13.88 -3.19 -38.60
CA VAL GA 178 -12.58 -2.78 -39.11
C VAL GA 178 -12.75 -1.54 -39.98
N ALA GA 179 -11.65 -0.81 -40.13
CA ALA GA 179 -11.60 0.41 -40.92
C ALA GA 179 -10.84 0.15 -42.21
N GLU GA 180 -11.39 0.64 -43.31
CA GLU GA 180 -10.82 0.48 -44.64
C GLU GA 180 -10.90 1.82 -45.35
N PRO GA 181 -10.05 2.05 -46.36
CA PRO GA 181 -10.14 3.30 -47.13
C PRO GA 181 -11.50 3.46 -47.81
N VAL GA 182 -11.96 4.71 -47.87
CA VAL GA 182 -13.34 4.99 -48.25
C VAL GA 182 -13.51 4.81 -49.75
N GLU GA 183 -14.56 4.07 -50.14
CA GLU GA 183 -14.92 3.88 -51.55
C GLU GA 183 -16.43 4.06 -51.63
N LEU GA 184 -16.87 5.22 -52.12
CA LEU GA 184 -18.28 5.52 -52.20
C LEU GA 184 -18.92 4.89 -53.43
N ALA GA 185 -20.10 4.31 -53.25
CA ALA GA 185 -20.85 3.77 -54.37
C ALA GA 185 -21.35 4.88 -55.29
N GLN GA 186 -21.75 6.01 -54.73
CA GLN GA 186 -22.04 7.21 -55.50
C GLN GA 186 -21.10 8.33 -55.05
N GLU GA 187 -20.42 8.94 -56.02
CA GLU GA 187 -19.62 10.11 -55.73
C GLU GA 187 -20.53 11.28 -55.36
N PHE GA 188 -20.05 12.10 -54.42
CA PHE GA 188 -20.77 13.32 -54.07
C PHE GA 188 -20.65 14.31 -55.22
N ARG GA 189 -21.79 14.66 -55.81
CA ARG GA 189 -21.80 15.52 -56.98
C ARG GA 189 -21.58 16.98 -56.55
N LYS GA 190 -20.46 17.55 -56.96
CA LYS GA 190 -20.14 18.93 -56.63
C LYS GA 190 -20.82 19.87 -57.60
N PHE GA 191 -21.54 20.86 -57.08
CA PHE GA 191 -22.32 21.78 -57.88
C PHE GA 191 -21.66 23.16 -57.85
N ASP GA 192 -21.42 23.71 -59.04
CA ASP GA 192 -20.91 25.08 -59.18
C ASP GA 192 -22.11 26.00 -59.35
N LEU GA 193 -22.55 26.61 -58.26
CA LEU GA 193 -23.79 27.37 -58.23
C LEU GA 193 -23.58 28.88 -58.25
N ASN GA 194 -22.33 29.34 -58.23
CA ASN GA 194 -22.06 30.77 -58.11
C ASN GA 194 -22.30 31.46 -59.44
N SER GA 195 -23.20 32.46 -59.44
CA SER GA 195 -23.48 33.22 -60.64
C SER GA 195 -22.31 34.14 -60.96
N PRO GA 196 -21.98 34.33 -62.24
CA PRO GA 196 -20.86 35.20 -62.61
C PRO GA 196 -21.17 36.68 -62.60
N TRP GA 197 -22.30 37.11 -62.07
CA TRP GA 197 -22.66 38.52 -62.02
C TRP GA 197 -22.66 39.02 -60.59
N GLU GA 198 -22.14 40.23 -60.39
CA GLU GA 198 -22.02 40.80 -59.05
C GLU GA 198 -23.39 41.13 -58.50
N ALA GA 199 -23.64 40.71 -57.25
CA ALA GA 199 -24.94 40.88 -56.63
C ALA GA 199 -25.03 42.11 -55.74
N PHE GA 200 -24.02 42.36 -54.92
CA PHE GA 200 -24.06 43.46 -53.95
C PHE GA 200 -22.99 44.50 -54.27
N PRO GA 201 -23.36 45.65 -54.82
CA PRO GA 201 -22.36 46.69 -55.10
C PRO GA 201 -21.75 47.31 -53.86
N ALA GA 202 -22.42 47.24 -52.71
CA ALA GA 202 -21.88 47.85 -51.50
C ALA GA 202 -20.69 47.09 -50.94
N TYR GA 203 -20.58 45.80 -51.22
CA TYR GA 203 -19.48 44.98 -50.75
C TYR GA 203 -18.41 44.77 -51.81
N ARG GA 204 -18.38 45.61 -52.84
CA ARG GA 204 -17.40 45.48 -53.90
C ARG GA 204 -16.01 45.84 -53.40
N GLN GA 205 -15.06 44.96 -53.61
CA GLN GA 205 -13.68 45.16 -53.19
C GLN GA 205 -12.91 45.95 -54.24
N PRO GA 206 -11.95 46.77 -53.82
CA PRO GA 206 -11.13 47.50 -54.79
C PRO GA 206 -10.25 46.54 -55.57
N PRO GA 207 -9.93 46.87 -56.82
CA PRO GA 207 -9.11 45.98 -57.65
C PRO GA 207 -7.63 46.09 -57.28
N GLU GA 208 -6.81 45.37 -58.05
CA GLU GA 208 -5.37 45.36 -57.82
C GLU GA 208 -4.63 46.07 -58.95
N SER HA 1 -46.85 -38.08 -46.48
CA SER HA 1 -46.77 -39.14 -45.48
C SER HA 1 -47.13 -38.62 -44.09
N ARG HA 2 -46.95 -39.48 -43.09
CA ARG HA 2 -47.26 -39.08 -41.72
C ARG HA 2 -46.22 -38.10 -41.18
N GLY HA 3 -44.94 -38.39 -41.40
CA GLY HA 3 -43.89 -37.57 -40.82
C GLY HA 3 -43.85 -36.17 -41.39
N GLU HA 4 -44.10 -36.04 -42.70
CA GLU HA 4 -44.13 -34.71 -43.32
C GLU HA 4 -45.26 -33.86 -42.75
N TYR HA 5 -46.43 -34.47 -42.57
CA TYR HA 5 -47.55 -33.75 -41.95
C TYR HA 5 -47.24 -33.37 -40.51
N VAL HA 6 -46.61 -34.27 -39.77
CA VAL HA 6 -46.30 -34.00 -38.36
C VAL HA 6 -45.32 -32.85 -38.23
N VAL HA 7 -44.25 -32.86 -39.05
CA VAL HA 7 -43.27 -31.78 -38.96
C VAL HA 7 -43.84 -30.48 -39.51
N ALA HA 8 -44.78 -30.55 -40.47
CA ALA HA 8 -45.42 -29.33 -40.95
C ALA HA 8 -46.28 -28.69 -39.86
N LYS HA 9 -47.07 -29.49 -39.14
CA LYS HA 9 -47.88 -28.94 -38.06
C LYS HA 9 -47.02 -28.44 -36.91
N LEU HA 10 -45.94 -29.15 -36.59
CA LEU HA 10 -45.03 -28.68 -35.54
C LEU HA 10 -44.34 -27.38 -35.92
N ASP HA 11 -43.96 -27.24 -37.20
CA ASP HA 11 -43.36 -26.01 -37.68
C ASP HA 11 -44.36 -24.86 -37.62
N ASP HA 12 -45.62 -25.13 -37.98
CA ASP HA 12 -46.66 -24.11 -37.86
C ASP HA 12 -46.87 -23.68 -36.42
N LEU HA 13 -46.85 -24.64 -35.48
CA LEU HA 13 -47.03 -24.33 -34.07
C LEU HA 13 -45.90 -23.47 -33.54
N ILE HA 14 -44.64 -23.87 -33.82
CA ILE HA 14 -43.52 -23.08 -33.30
C ILE HA 14 -43.42 -21.73 -34.01
N ASN HA 15 -43.86 -21.66 -35.26
CA ASN HA 15 -43.88 -20.38 -35.97
C ASN HA 15 -44.90 -19.42 -35.35
N TRP HA 16 -46.09 -19.93 -35.03
CA TRP HA 16 -47.10 -19.10 -34.36
C TRP HA 16 -46.61 -18.65 -32.99
N ALA HA 17 -45.98 -19.55 -32.23
CA ALA HA 17 -45.48 -19.21 -30.91
C ALA HA 17 -44.37 -18.17 -30.98
N ARG HA 18 -43.50 -18.27 -31.98
CA ARG HA 18 -42.41 -17.29 -32.09
C ARG HA 18 -42.92 -15.96 -32.60
N ARG HA 19 -43.85 -15.96 -33.54
CA ARG HA 19 -44.30 -14.72 -34.16
C ARG HA 19 -45.35 -13.98 -33.34
N SER HA 20 -46.01 -14.65 -32.40
CA SER HA 20 -47.05 -14.01 -31.60
C SER HA 20 -46.53 -13.48 -30.27
N SER HA 21 -45.24 -13.62 -30.00
CA SER HA 21 -44.66 -13.20 -28.72
C SER HA 21 -43.32 -12.51 -28.95
N LEU HA 22 -43.28 -11.60 -29.92
CA LEU HA 22 -42.04 -10.89 -30.22
C LEU HA 22 -41.69 -9.94 -29.08
N TRP HA 23 -40.45 -9.99 -28.63
CA TRP HA 23 -39.96 -9.09 -27.59
C TRP HA 23 -38.86 -8.21 -28.16
N PRO HA 24 -39.13 -6.94 -28.44
CA PRO HA 24 -38.15 -6.11 -29.14
C PRO HA 24 -37.16 -5.42 -28.21
N MET HA 25 -35.97 -5.17 -28.75
CA MET HA 25 -34.94 -4.38 -28.09
C MET HA 25 -34.64 -3.18 -28.98
N THR HA 26 -35.16 -2.03 -28.62
CA THR HA 26 -34.96 -0.83 -29.42
C THR HA 26 -33.55 -0.27 -29.19
N PHE HA 27 -33.15 0.64 -30.09
CA PHE HA 27 -31.91 1.37 -29.95
C PHE HA 27 -32.27 2.86 -30.00
N GLY HA 28 -32.31 3.50 -28.83
CA GLY HA 28 -32.72 4.89 -28.75
C GLY HA 28 -31.66 5.85 -29.19
N LEU HA 29 -31.41 5.91 -30.50
CA LEU HA 29 -30.32 6.73 -31.02
C LEU HA 29 -30.76 8.15 -31.37
N ALA HA 30 -31.85 8.27 -32.12
CA ALA HA 30 -32.18 9.54 -32.75
C ALA HA 30 -33.70 9.64 -32.90
N CYS HA 31 -34.13 10.47 -33.88
CA CYS HA 31 -35.52 10.89 -34.06
C CYS HA 31 -36.47 9.69 -34.12
N CYS HA 32 -36.01 8.64 -34.81
CA CYS HA 32 -36.81 7.46 -35.05
C CYS HA 32 -37.14 6.72 -33.76
N ALA HA 33 -36.34 6.90 -32.71
CA ALA HA 33 -36.72 6.37 -31.39
C ALA HA 33 -37.93 7.11 -30.81
N VAL HA 34 -38.00 8.43 -31.04
CA VAL HA 34 -39.17 9.20 -30.61
C VAL HA 34 -40.40 8.71 -31.37
N GLU HA 35 -40.26 8.44 -32.66
CA GLU HA 35 -41.41 7.89 -33.39
C GLU HA 35 -41.74 6.46 -32.95
N MET HA 36 -40.75 5.69 -32.52
CA MET HA 36 -41.02 4.37 -31.96
C MET HA 36 -41.86 4.48 -30.69
N MET HA 37 -41.48 5.41 -29.81
CA MET HA 37 -42.26 5.62 -28.58
C MET HA 37 -43.65 6.15 -28.89
N HIS HA 38 -43.80 6.87 -30.00
CA HIS HA 38 -45.14 7.24 -30.45
C HIS HA 38 -45.91 6.04 -30.99
N MET HA 39 -45.21 5.02 -31.48
CA MET HA 39 -45.92 3.79 -31.85
C MET HA 39 -46.35 3.02 -30.61
N ALA HA 40 -45.54 3.05 -29.55
CA ALA HA 40 -45.91 2.43 -28.28
C ALA HA 40 -46.98 3.21 -27.52
N ALA HA 41 -47.40 4.37 -28.03
CA ALA HA 41 -48.42 5.20 -27.40
C ALA HA 41 -49.78 4.49 -27.43
N PRO HA 42 -50.73 4.92 -26.59
CA PRO HA 42 -52.04 4.23 -26.54
C PRO HA 42 -52.82 4.20 -27.85
N ARG HA 43 -52.55 5.11 -28.80
CA ARG HA 43 -53.30 5.08 -30.05
C ARG HA 43 -52.96 3.85 -30.88
N TYR HA 44 -51.68 3.57 -31.05
CA TYR HA 44 -51.25 2.44 -31.89
C TYR HA 44 -50.98 1.18 -31.10
N ASP HA 45 -50.33 1.30 -29.92
CA ASP HA 45 -50.31 0.25 -28.92
C ASP HA 45 -49.70 -1.06 -29.40
N MET HA 46 -48.37 -1.10 -29.57
CA MET HA 46 -47.70 -2.35 -29.93
C MET HA 46 -48.01 -3.50 -28.97
N ASP HA 47 -48.28 -3.19 -27.69
CA ASP HA 47 -48.42 -4.22 -26.67
C ASP HA 47 -49.62 -5.11 -26.89
N ARG HA 48 -50.64 -4.67 -27.63
CA ARG HA 48 -51.77 -5.56 -27.89
C ARG HA 48 -51.43 -6.66 -28.88
N PHE HA 49 -50.32 -6.54 -29.59
CA PHE HA 49 -49.90 -7.57 -30.52
C PHE HA 49 -49.03 -8.63 -29.86
N GLY HA 50 -48.83 -8.53 -28.55
CA GLY HA 50 -47.85 -9.34 -27.86
C GLY HA 50 -46.46 -8.78 -27.89
N VAL HA 51 -46.26 -7.63 -28.52
CA VAL HA 51 -44.95 -7.01 -28.66
C VAL HA 51 -44.78 -6.07 -27.46
N VAL HA 52 -44.02 -6.52 -26.46
CA VAL HA 52 -43.86 -5.77 -25.21
C VAL HA 52 -43.04 -4.51 -25.43
N PHE HA 53 -43.03 -3.63 -24.43
CA PHE HA 53 -42.39 -2.33 -24.52
C PHE HA 53 -41.09 -2.35 -23.72
N ARG HA 54 -39.97 -2.06 -24.39
CA ARG HA 54 -38.64 -1.94 -23.78
C ARG HA 54 -38.23 -3.22 -23.06
N ALA HA 55 -38.11 -4.29 -23.82
CA ALA HA 55 -37.61 -5.55 -23.29
C ALA HA 55 -36.10 -5.48 -23.09
N SER HA 56 -35.61 -6.31 -22.18
CA SER HA 56 -34.18 -6.37 -21.92
C SER HA 56 -33.44 -6.97 -23.13
N PRO HA 57 -32.23 -6.49 -23.42
CA PRO HA 57 -31.49 -7.06 -24.56
C PRO HA 57 -31.01 -8.48 -24.35
N ARG HA 58 -31.02 -8.97 -23.11
CA ARG HA 58 -30.60 -10.33 -22.82
C ARG HA 58 -31.68 -11.37 -23.06
N GLN HA 59 -32.94 -10.95 -23.21
CA GLN HA 59 -34.04 -11.85 -23.48
C GLN HA 59 -34.84 -11.47 -24.73
N SER HA 60 -34.39 -10.49 -25.49
CA SER HA 60 -35.17 -9.98 -26.61
C SER HA 60 -34.95 -10.79 -27.87
N ASP HA 61 -35.95 -10.76 -28.75
CA ASP HA 61 -35.89 -11.46 -30.03
C ASP HA 61 -35.40 -10.55 -31.15
N VAL HA 62 -36.11 -9.45 -31.38
CA VAL HA 62 -35.85 -8.58 -32.52
C VAL HA 62 -35.21 -7.27 -32.03
N MET HA 63 -34.20 -6.82 -32.76
CA MET HA 63 -33.56 -5.53 -32.51
C MET HA 63 -34.04 -4.52 -33.53
N ILE HA 64 -34.50 -3.37 -33.05
CA ILE HA 64 -34.96 -2.28 -33.91
C ILE HA 64 -33.91 -1.19 -33.86
N VAL HA 65 -33.22 -0.98 -34.99
CA VAL HA 65 -32.21 0.07 -35.09
C VAL HA 65 -32.91 1.33 -35.55
N ALA HA 66 -33.16 2.23 -34.60
CA ALA HA 66 -33.91 3.47 -34.85
C ALA HA 66 -32.99 4.65 -34.58
N GLY HA 67 -32.36 5.16 -35.63
CA GLY HA 67 -31.51 6.32 -35.50
C GLY HA 67 -30.32 6.21 -36.43
N THR HA 68 -29.34 7.08 -36.19
CA THR HA 68 -28.13 7.13 -37.00
C THR HA 68 -27.01 6.37 -36.31
N LEU HA 69 -26.41 5.43 -37.02
CA LEU HA 69 -25.31 4.65 -36.50
C LEU HA 69 -24.01 5.32 -36.92
N THR HA 70 -23.27 5.87 -35.96
CA THR HA 70 -22.02 6.55 -36.23
C THR HA 70 -20.85 5.58 -36.10
N ASN HA 71 -19.66 6.06 -36.46
CA ASN HA 71 -18.47 5.22 -36.37
C ASN HA 71 -18.08 4.96 -34.91
N LYS HA 72 -18.38 5.90 -34.02
CA LYS HA 72 -18.10 5.73 -32.60
C LYS HA 72 -19.07 4.78 -31.91
N MET HA 73 -20.16 4.40 -32.58
CA MET HA 73 -21.23 3.64 -31.95
C MET HA 73 -21.35 2.22 -32.47
N ALA HA 74 -20.88 1.95 -33.69
CA ALA HA 74 -21.08 0.65 -34.34
C ALA HA 74 -20.51 -0.57 -33.59
N PRO HA 75 -19.31 -0.54 -32.99
CA PRO HA 75 -18.88 -1.71 -32.20
C PRO HA 75 -19.80 -2.06 -31.04
N ALA HA 76 -20.40 -1.07 -30.39
CA ALA HA 76 -21.37 -1.35 -29.34
C ALA HA 76 -22.61 -2.04 -29.88
N LEU HA 77 -23.09 -1.60 -31.04
CA LEU HA 77 -24.22 -2.26 -31.68
C LEU HA 77 -23.89 -3.70 -32.07
N ARG HA 78 -22.69 -3.93 -32.59
CA ARG HA 78 -22.28 -5.29 -32.94
C ARG HA 78 -22.15 -6.16 -31.70
N LYS HA 79 -21.65 -5.59 -30.59
CA LYS HA 79 -21.56 -6.34 -29.34
C LYS HA 79 -22.94 -6.73 -28.83
N VAL HA 80 -23.89 -5.79 -28.88
CA VAL HA 80 -25.26 -6.07 -28.44
C VAL HA 80 -25.90 -7.14 -29.31
N TYR HA 81 -25.69 -7.05 -30.63
CA TYR HA 81 -26.23 -8.06 -31.54
C TYR HA 81 -25.59 -9.43 -31.31
N ASP HA 82 -24.31 -9.47 -31.00
CA ASP HA 82 -23.63 -10.73 -30.74
C ASP HA 82 -24.07 -11.35 -29.42
N GLN HA 83 -24.49 -10.51 -28.46
CA GLN HA 83 -24.97 -11.02 -27.17
C GLN HA 83 -26.48 -11.20 -27.13
N MET HA 84 -27.12 -11.51 -28.27
CA MET HA 84 -28.56 -11.71 -28.31
C MET HA 84 -28.87 -13.16 -28.68
N PRO HA 85 -29.81 -13.80 -28.01
CA PRO HA 85 -30.07 -15.22 -28.27
C PRO HA 85 -30.82 -15.43 -29.58
N GLU HA 86 -30.38 -16.44 -30.32
CA GLU HA 86 -31.09 -16.90 -31.50
C GLU HA 86 -32.40 -17.58 -31.11
N PRO HA 87 -33.44 -17.49 -31.97
CA PRO HA 87 -33.50 -16.78 -33.25
C PRO HA 87 -33.67 -15.28 -33.08
N ARG HA 88 -32.93 -14.51 -33.88
CA ARG HA 88 -32.92 -13.06 -33.76
C ARG HA 88 -33.13 -12.42 -35.13
N TYR HA 89 -33.72 -11.24 -35.11
CA TYR HA 89 -34.02 -10.50 -36.33
C TYR HA 89 -33.68 -9.03 -36.09
N VAL HA 90 -33.34 -8.34 -37.17
CA VAL HA 90 -32.98 -6.91 -37.10
C VAL HA 90 -33.92 -6.15 -38.02
N VAL HA 91 -34.52 -5.09 -37.49
CA VAL HA 91 -35.39 -4.20 -38.27
C VAL HA 91 -34.70 -2.84 -38.33
N SER HA 92 -34.45 -2.37 -39.54
CA SER HA 92 -33.89 -1.04 -39.78
C SER HA 92 -35.02 -0.07 -40.04
N MET HA 93 -35.11 0.97 -39.22
CA MET HA 93 -36.19 1.93 -39.32
C MET HA 93 -35.62 3.31 -39.60
N GLY HA 94 -36.13 3.97 -40.62
CA GLY HA 94 -35.66 5.29 -41.00
C GLY HA 94 -34.56 5.24 -42.04
N SER HA 95 -34.29 6.40 -42.64
CA SER HA 95 -33.31 6.47 -43.70
C SER HA 95 -31.88 6.31 -43.19
N CYS HA 96 -31.62 6.77 -41.96
CA CYS HA 96 -30.27 6.67 -41.38
C CYS HA 96 -29.84 5.22 -41.22
N ALA HA 97 -30.73 4.36 -40.73
CA ALA HA 97 -30.38 2.96 -40.56
C ALA HA 97 -30.36 2.21 -41.88
N ASN HA 98 -31.10 2.67 -42.88
CA ASN HA 98 -31.13 1.99 -44.17
C ASN HA 98 -29.90 2.32 -45.00
N GLY HA 99 -29.67 3.59 -45.29
CA GLY HA 99 -28.59 3.94 -46.19
C GLY HA 99 -27.83 5.21 -45.84
N GLY HA 100 -27.93 5.65 -44.59
CA GLY HA 100 -27.28 6.87 -44.15
C GLY HA 100 -28.20 8.08 -44.19
N GLY HA 101 -29.02 8.20 -45.23
CA GLY HA 101 -30.01 9.25 -45.27
C GLY HA 101 -29.39 10.60 -45.53
N TYR HA 102 -29.70 11.56 -44.66
CA TYR HA 102 -29.19 12.92 -44.81
C TYR HA 102 -27.68 12.96 -44.65
N TYR HA 103 -27.14 12.14 -43.75
CA TYR HA 103 -25.71 12.14 -43.43
C TYR HA 103 -24.97 11.01 -44.12
N HIS HA 104 -25.36 10.70 -45.36
CA HIS HA 104 -24.72 9.61 -46.10
C HIS HA 104 -23.27 9.93 -46.42
N TYR HA 105 -22.98 11.17 -46.79
CA TYR HA 105 -21.65 11.57 -47.20
C TYR HA 105 -20.80 12.10 -46.05
N SER HA 106 -21.25 11.91 -44.82
CA SER HA 106 -20.50 12.37 -43.67
C SER HA 106 -19.30 11.46 -43.39
N TYR HA 107 -18.29 12.03 -42.75
CA TYR HA 107 -17.07 11.30 -42.43
C TYR HA 107 -17.23 10.35 -41.26
N SER HA 108 -18.26 10.54 -40.43
CA SER HA 108 -18.39 9.80 -39.18
C SER HA 108 -19.70 9.03 -39.08
N VAL HA 109 -20.34 8.76 -40.21
CA VAL HA 109 -21.63 8.08 -40.23
C VAL HA 109 -21.49 6.79 -41.03
N VAL HA 110 -21.92 5.68 -40.45
CA VAL HA 110 -21.94 4.41 -41.17
C VAL HA 110 -23.08 4.45 -42.18
N ARG HA 111 -22.75 4.26 -43.45
CA ARG HA 111 -23.73 4.36 -44.53
C ARG HA 111 -24.54 3.07 -44.56
N GLY HA 112 -25.56 3.03 -43.69
CA GLY HA 112 -26.41 1.86 -43.56
C GLY HA 112 -25.94 0.94 -42.45
N CYS HA 113 -26.88 0.45 -41.65
CA CYS HA 113 -26.54 -0.49 -40.59
C CYS HA 113 -26.44 -1.92 -41.09
N ASP HA 114 -26.72 -2.16 -42.37
CA ASP HA 114 -26.53 -3.49 -42.95
C ASP HA 114 -25.07 -3.85 -43.11
N ARG HA 115 -24.15 -2.89 -42.98
CA ARG HA 115 -22.73 -3.19 -43.00
C ARG HA 115 -22.25 -3.80 -41.70
N ILE HA 116 -23.03 -3.71 -40.64
CA ILE HA 116 -22.65 -4.21 -39.32
C ILE HA 116 -23.47 -5.44 -38.94
N VAL HA 117 -24.78 -5.39 -39.13
CA VAL HA 117 -25.66 -6.49 -38.76
C VAL HA 117 -26.55 -6.86 -39.94
N PRO HA 118 -26.97 -8.12 -40.08
CA PRO HA 118 -27.89 -8.48 -41.17
C PRO HA 118 -29.31 -8.03 -40.84
N VAL HA 119 -29.95 -7.37 -41.81
CA VAL HA 119 -31.23 -6.72 -41.61
C VAL HA 119 -32.31 -7.51 -42.34
N ASP HA 120 -33.43 -7.77 -41.66
CA ASP HA 120 -34.54 -8.51 -42.25
C ASP HA 120 -35.57 -7.58 -42.89
N ILE HA 121 -35.98 -6.52 -42.21
CA ILE HA 121 -37.02 -5.62 -42.68
C ILE HA 121 -36.46 -4.20 -42.71
N TYR HA 122 -36.61 -3.53 -43.86
CA TYR HA 122 -36.20 -2.14 -44.02
C TYR HA 122 -37.44 -1.27 -44.02
N VAL HA 123 -37.53 -0.36 -43.05
CA VAL HA 123 -38.67 0.55 -42.93
C VAL HA 123 -38.23 1.92 -43.44
N PRO HA 124 -38.79 2.39 -44.56
CA PRO HA 124 -38.36 3.68 -45.12
C PRO HA 124 -39.18 4.85 -44.60
N GLY HA 125 -38.51 5.97 -44.47
CA GLY HA 125 -39.13 7.19 -43.97
C GLY HA 125 -38.11 8.04 -43.24
N CYS HA 126 -38.53 9.27 -42.95
CA CYS HA 126 -37.67 10.15 -42.16
C CYS HA 126 -38.50 11.17 -41.39
N PRO HA 127 -39.07 10.81 -40.22
CA PRO HA 127 -39.17 9.44 -39.71
C PRO HA 127 -40.33 8.71 -40.36
N PRO HA 128 -40.23 7.40 -40.55
CA PRO HA 128 -41.41 6.64 -40.95
C PRO HA 128 -42.45 6.71 -39.85
N THR HA 129 -43.72 6.81 -40.24
CA THR HA 129 -44.77 7.01 -39.27
C THR HA 129 -44.93 5.77 -38.40
N ALA HA 130 -45.64 5.95 -37.28
CA ALA HA 130 -45.88 4.84 -36.36
C ALA HA 130 -46.68 3.73 -37.02
N GLU HA 131 -47.59 4.10 -37.94
CA GLU HA 131 -48.28 3.10 -38.74
C GLU HA 131 -47.30 2.35 -39.64
N ALA HA 132 -46.32 3.05 -40.19
CA ALA HA 132 -45.33 2.40 -41.05
C ALA HA 132 -44.46 1.42 -40.29
N LEU HA 133 -44.04 1.79 -39.08
CA LEU HA 133 -43.24 0.87 -38.27
C LEU HA 133 -44.07 -0.30 -37.78
N LEU HA 134 -45.35 -0.06 -37.45
CA LEU HA 134 -46.24 -1.16 -37.08
C LEU HA 134 -46.46 -2.10 -38.26
N TYR HA 135 -46.59 -1.55 -39.46
CA TYR HA 135 -46.71 -2.36 -40.67
C TYR HA 135 -45.45 -3.17 -40.91
N GLY HA 136 -44.28 -2.59 -40.65
CA GLY HA 136 -43.04 -3.35 -40.78
C GLY HA 136 -42.95 -4.48 -39.76
N ILE HA 137 -43.41 -4.24 -38.54
CA ILE HA 137 -43.43 -5.30 -37.53
C ILE HA 137 -44.39 -6.42 -37.95
N LEU HA 138 -45.55 -6.05 -38.49
CA LEU HA 138 -46.49 -7.06 -38.96
C LEU HA 138 -45.93 -7.84 -40.14
N GLN HA 139 -45.20 -7.16 -41.02
CA GLN HA 139 -44.55 -7.85 -42.14
C GLN HA 139 -43.46 -8.79 -41.66
N LEU HA 140 -42.75 -8.41 -40.61
CA LEU HA 140 -41.80 -9.32 -39.98
C LEU HA 140 -42.50 -10.53 -39.40
N GLN HA 141 -43.69 -10.33 -38.83
CA GLN HA 141 -44.49 -11.45 -38.32
C GLN HA 141 -44.91 -12.39 -39.46
N LYS HA 142 -45.28 -11.82 -40.61
CA LYS HA 142 -45.59 -12.65 -41.78
C LYS HA 142 -44.35 -13.41 -42.26
N LYS HA 143 -43.18 -12.77 -42.22
CA LYS HA 143 -41.95 -13.43 -42.63
C LYS HA 143 -41.60 -14.58 -41.71
N ILE HA 144 -41.81 -14.40 -40.40
CA ILE HA 144 -41.61 -15.49 -39.44
C ILE HA 144 -42.63 -16.60 -39.66
N LYS HA 145 -43.86 -16.23 -40.06
CA LYS HA 145 -44.94 -17.21 -40.21
C LYS HA 145 -44.62 -18.24 -41.30
N ARG HA 146 -44.01 -17.80 -42.40
CA ARG HA 146 -43.70 -18.70 -43.50
C ARG HA 146 -42.30 -19.32 -43.38
N GLU HA 147 -41.78 -19.46 -42.17
CA GLU HA 147 -40.53 -20.18 -41.96
C GLU HA 147 -40.75 -21.67 -42.14
N LYS HA 148 -39.70 -22.37 -42.54
CA LYS HA 148 -39.77 -23.79 -42.87
C LYS HA 148 -38.59 -24.56 -42.28
N ARG HA 149 -38.30 -24.31 -40.99
CA ARG HA 149 -37.12 -24.90 -40.37
C ARG HA 149 -37.24 -26.42 -40.24
N LEU HA 150 -38.37 -26.89 -39.71
CA LEU HA 150 -38.53 -28.33 -39.49
C LEU HA 150 -38.70 -29.09 -40.79
N ARG HA 151 -39.30 -28.47 -41.81
CA ARG HA 151 -39.39 -29.11 -43.12
C ARG HA 151 -38.01 -29.29 -43.74
N ILE HA 152 -37.13 -28.29 -43.60
CA ILE HA 152 -35.77 -28.41 -44.09
C ILE HA 152 -35.01 -29.46 -43.30
N TRP HA 153 -35.22 -29.52 -41.97
CA TRP HA 153 -34.55 -30.52 -41.16
C TRP HA 153 -34.97 -31.94 -41.54
N TYR HA 154 -36.27 -32.14 -41.78
CA TYR HA 154 -36.74 -33.46 -42.16
C TYR HA 154 -36.32 -33.83 -43.57
N ARG HA 155 -36.27 -32.84 -44.47
CA ARG HA 155 -35.91 -33.12 -45.86
C ARG HA 155 -34.42 -33.40 -46.00
N ARG HA 156 -33.59 -32.83 -45.13
CA ARG HA 156 -32.15 -33.05 -45.20
C ARG HA 156 -31.77 -34.36 -44.54
N THR IA 1 -45.16 40.05 -14.26
CA THR IA 1 -44.78 39.26 -15.42
C THR IA 1 -43.98 38.03 -15.02
N TYR IA 2 -43.95 37.75 -13.72
CA TYR IA 2 -43.33 36.53 -13.22
C TYR IA 2 -44.09 36.06 -11.99
N LYS IA 3 -44.06 34.75 -11.75
CA LYS IA 3 -44.74 34.15 -10.61
C LYS IA 3 -43.76 33.26 -9.85
N TYR IA 4 -44.03 33.10 -8.56
CA TYR IA 4 -43.11 32.45 -7.63
C TYR IA 4 -43.61 31.03 -7.34
N VAL IA 5 -43.21 30.08 -8.19
CA VAL IA 5 -43.55 28.70 -7.94
C VAL IA 5 -42.75 28.18 -6.75
N ASN IA 6 -43.44 27.48 -5.84
CA ASN IA 6 -42.86 26.88 -4.63
C ASN IA 6 -42.21 27.94 -3.74
N LEU IA 7 -43.02 28.92 -3.34
CA LEU IA 7 -42.65 29.90 -2.32
C LEU IA 7 -43.82 30.08 -1.37
N ARG IA 8 -44.37 28.97 -0.90
CA ARG IA 8 -45.54 28.99 -0.03
C ARG IA 8 -45.13 28.65 1.39
N GLU IA 9 -45.55 29.49 2.34
CA GLU IA 9 -45.28 29.27 3.75
C GLU IA 9 -46.48 28.54 4.35
N PRO IA 10 -46.34 27.28 4.77
CA PRO IA 10 -47.49 26.57 5.34
C PRO IA 10 -47.86 27.10 6.72
N SER IA 11 -49.15 26.97 7.04
CA SER IA 11 -49.66 27.43 8.32
C SER IA 11 -49.13 26.57 9.45
N MET IA 12 -48.88 27.20 10.60
CA MET IA 12 -48.34 26.51 11.76
C MET IA 12 -49.38 26.33 12.87
N ASP IA 13 -50.65 26.62 12.59
CA ASP IA 13 -51.68 26.39 13.59
C ASP IA 13 -51.98 24.90 13.73
N MET IA 14 -52.76 24.56 14.75
CA MET IA 14 -52.95 23.16 15.12
C MET IA 14 -53.76 22.40 14.07
N LYS IA 15 -54.73 23.06 13.44
CA LYS IA 15 -55.59 22.39 12.47
C LYS IA 15 -54.82 21.98 11.22
N SER IA 16 -54.03 22.89 10.67
CA SER IA 16 -53.28 22.57 9.45
C SER IA 16 -52.17 21.57 9.73
N VAL IA 17 -51.51 21.67 10.88
CA VAL IA 17 -50.44 20.72 11.18
C VAL IA 17 -51.02 19.34 11.50
N THR IA 18 -52.23 19.28 12.07
CA THR IA 18 -52.88 17.99 12.25
C THR IA 18 -53.34 17.41 10.93
N ASP IA 19 -53.76 18.26 9.99
CA ASP IA 19 -54.09 17.78 8.66
C ASP IA 19 -52.86 17.21 7.97
N ARG IA 20 -51.71 17.88 8.11
CA ARG IA 20 -50.48 17.37 7.52
C ARG IA 20 -50.06 16.06 8.17
N ALA IA 21 -50.18 15.95 9.50
CA ALA IA 21 -49.82 14.72 10.19
C ALA IA 21 -50.74 13.57 9.80
N ALA IA 22 -52.04 13.86 9.65
CA ALA IA 22 -52.96 12.83 9.15
C ALA IA 22 -52.65 12.46 7.71
N GLN IA 23 -52.18 13.41 6.91
CA GLN IA 23 -51.81 13.12 5.53
C GLN IA 23 -50.61 12.18 5.46
N THR IA 24 -49.59 12.41 6.28
CA THR IA 24 -48.42 11.53 6.27
C THR IA 24 -48.56 10.32 7.19
N LEU IA 25 -49.67 10.19 7.93
CA LEU IA 25 -49.93 8.99 8.69
C LEU IA 25 -50.99 8.09 8.09
N LEU IA 26 -51.81 8.60 7.18
CA LEU IA 26 -52.89 7.83 6.58
C LEU IA 26 -52.82 7.77 5.06
N TRP IA 27 -51.79 8.38 4.45
CA TRP IA 27 -51.48 8.28 3.02
C TRP IA 27 -52.61 8.81 2.15
N THR IA 28 -52.90 10.11 2.31
CA THR IA 28 -53.99 10.72 1.57
C THR IA 28 -53.66 10.87 0.09
N GLU IA 29 -52.47 11.39 -0.22
CA GLU IA 29 -52.12 11.66 -1.61
C GLU IA 29 -51.87 10.37 -2.39
N LEU IA 30 -51.45 9.31 -1.71
CA LEU IA 30 -51.32 8.02 -2.37
C LEU IA 30 -52.69 7.48 -2.76
N ILE IA 31 -53.70 7.68 -1.90
CA ILE IA 31 -55.07 7.34 -2.24
C ILE IA 31 -55.58 8.22 -3.38
N ARG IA 32 -55.14 9.49 -3.44
CA ARG IA 32 -55.51 10.35 -4.56
C ARG IA 32 -54.96 9.82 -5.88
N GLY IA 33 -53.69 9.39 -5.87
CA GLY IA 33 -53.11 8.81 -7.08
C GLY IA 33 -53.78 7.51 -7.48
N LEU IA 34 -54.11 6.67 -6.50
CA LEU IA 34 -54.85 5.45 -6.77
C LEU IA 34 -56.22 5.75 -7.38
N GLY IA 35 -56.91 6.76 -6.86
CA GLY IA 35 -58.20 7.14 -7.41
C GLY IA 35 -58.10 7.67 -8.82
N MET IA 36 -57.03 8.43 -9.11
CA MET IA 36 -56.79 8.90 -10.47
C MET IA 36 -56.61 7.74 -11.44
N THR IA 37 -55.78 6.76 -11.06
CA THR IA 37 -55.56 5.62 -11.94
C THR IA 37 -56.82 4.76 -12.09
N LEU IA 38 -57.58 4.59 -11.01
CA LEU IA 38 -58.81 3.81 -11.06
C LEU IA 38 -59.86 4.48 -11.93
N SER IA 39 -59.96 5.82 -11.84
CA SER IA 39 -60.86 6.54 -12.74
C SER IA 39 -60.40 6.46 -14.17
N TYR IA 40 -59.09 6.36 -14.39
CA TYR IA 40 -58.59 6.32 -15.76
C TYR IA 40 -58.70 4.91 -16.32
N LEU IA 41 -58.94 3.91 -15.46
CA LEU IA 41 -59.20 2.54 -15.91
C LEU IA 41 -60.54 2.43 -16.64
N PHE IA 42 -61.56 3.12 -16.16
CA PHE IA 42 -62.92 2.96 -16.68
C PHE IA 42 -63.21 3.85 -17.87
N ARG IA 43 -62.20 4.50 -18.45
CA ARG IA 43 -62.38 5.27 -19.67
C ARG IA 43 -62.14 4.37 -20.88
N GLU IA 44 -62.72 4.77 -22.01
CA GLU IA 44 -62.55 4.00 -23.23
C GLU IA 44 -61.16 4.25 -23.80
N PRO IA 45 -60.35 3.21 -24.01
CA PRO IA 45 -58.99 3.42 -24.53
C PRO IA 45 -59.01 3.93 -25.96
N ALA IA 46 -57.97 4.69 -26.31
CA ALA IA 46 -57.85 5.30 -27.62
C ALA IA 46 -57.15 4.41 -28.64
N THR IA 47 -57.17 3.10 -28.43
CA THR IA 47 -56.44 2.18 -29.29
C THR IA 47 -57.27 1.83 -30.52
N ILE IA 48 -56.72 2.08 -31.70
CA ILE IA 48 -57.37 1.75 -32.95
C ILE IA 48 -56.99 0.34 -33.37
N ASN IA 49 -57.77 -0.23 -34.28
CA ASN IA 49 -57.59 -1.61 -34.72
C ASN IA 49 -56.84 -1.62 -36.04
N TYR IA 50 -55.52 -1.46 -35.96
CA TYR IA 50 -54.69 -1.62 -37.14
C TYR IA 50 -54.58 -3.09 -37.51
N PRO IA 51 -54.59 -3.44 -38.80
CA PRO IA 51 -54.68 -2.63 -40.02
C PRO IA 51 -56.10 -2.37 -40.51
N PHE IA 52 -57.10 -2.77 -39.73
CA PHE IA 52 -58.48 -2.56 -40.13
C PHE IA 52 -58.90 -1.12 -39.97
N GLU IA 53 -58.20 -0.34 -39.16
CA GLU IA 53 -58.43 1.08 -39.01
C GLU IA 53 -57.11 1.83 -39.18
N LYS IA 54 -57.18 3.00 -39.78
CA LYS IA 54 -56.00 3.79 -40.09
C LYS IA 54 -56.09 5.16 -39.44
N GLY IA 55 -54.93 5.73 -39.12
CA GLY IA 55 -54.86 7.05 -38.55
C GLY IA 55 -55.25 8.12 -39.55
N PRO IA 56 -55.72 9.26 -39.05
CA PRO IA 56 -56.16 10.33 -39.95
C PRO IA 56 -54.99 11.02 -40.62
N LEU IA 57 -55.15 11.33 -41.90
CA LEU IA 57 -54.12 12.00 -42.68
C LEU IA 57 -54.74 13.12 -43.49
N SER IA 58 -53.90 14.09 -43.84
CA SER IA 58 -54.21 15.26 -44.65
C SER IA 58 -53.72 15.05 -46.08
N PRO IA 59 -54.34 15.71 -47.06
CA PRO IA 59 -53.85 15.60 -48.45
C PRO IA 59 -52.49 16.23 -48.71
N ARG IA 60 -51.84 16.83 -47.71
CA ARG IA 60 -50.48 17.31 -47.86
C ARG IA 60 -49.43 16.26 -47.51
N PHE IA 61 -49.86 15.05 -47.19
CA PHE IA 61 -48.96 14.03 -46.66
C PHE IA 61 -47.91 13.62 -47.67
N ARG IA 62 -46.68 13.44 -47.20
CA ARG IA 62 -45.53 13.12 -48.04
C ARG IA 62 -45.13 11.68 -47.77
N GLY IA 63 -45.45 10.79 -48.71
CA GLY IA 63 -45.10 9.39 -48.56
C GLY IA 63 -44.19 8.87 -49.65
N GLU IA 64 -44.68 7.92 -50.44
CA GLU IA 64 -43.88 7.31 -51.51
C GLU IA 64 -43.90 8.20 -52.74
N HIS IA 65 -42.76 8.25 -53.43
CA HIS IA 65 -42.62 9.10 -54.61
C HIS IA 65 -43.27 8.44 -55.82
N ALA IA 66 -43.71 9.29 -56.75
CA ALA IA 66 -44.33 8.81 -57.97
C ALA IA 66 -44.12 9.85 -59.07
N LEU IA 67 -44.17 9.37 -60.32
CA LEU IA 67 -44.05 10.21 -61.50
C LEU IA 67 -45.39 10.25 -62.20
N ARG IA 68 -45.92 11.46 -62.42
CA ARG IA 68 -47.25 11.63 -62.95
C ARG IA 68 -47.24 11.66 -64.48
N ARG IA 69 -48.44 11.77 -65.06
CA ARG IA 69 -48.61 11.87 -66.49
C ARG IA 69 -49.65 12.93 -66.81
N TYR IA 70 -49.60 13.44 -68.03
CA TYR IA 70 -50.66 14.28 -68.55
C TYR IA 70 -51.90 13.41 -68.80
N PRO IA 71 -53.11 14.02 -68.88
CA PRO IA 71 -54.31 13.25 -69.23
C PRO IA 71 -54.43 12.91 -70.72
N SER IA 72 -53.30 12.54 -71.32
CA SER IA 72 -53.26 12.00 -72.67
C SER IA 72 -52.30 10.83 -72.80
N GLY IA 73 -51.58 10.47 -71.74
CA GLY IA 73 -50.59 9.42 -71.76
C GLY IA 73 -49.16 9.92 -71.75
N GLU IA 74 -48.93 11.17 -72.15
CA GLU IA 74 -47.59 11.72 -72.16
C GLU IA 74 -47.11 12.03 -70.75
N GLU IA 75 -45.90 11.60 -70.43
CA GLU IA 75 -45.35 11.85 -69.09
C GLU IA 75 -45.02 13.32 -68.92
N ARG IA 76 -45.18 13.80 -67.68
CA ARG IA 76 -45.07 15.23 -67.42
C ARG IA 76 -43.62 15.72 -67.37
N CYS IA 77 -42.68 14.87 -66.98
CA CYS IA 77 -41.32 15.31 -66.76
C CYS IA 77 -40.62 15.66 -68.07
N ILE IA 78 -39.99 16.84 -68.10
CA ILE IA 78 -39.27 17.29 -69.29
C ILE IA 78 -37.79 17.49 -68.97
N ALA IA 79 -37.26 16.72 -68.01
CA ALA IA 79 -35.82 16.57 -67.77
C ALA IA 79 -35.15 17.89 -67.44
N CYS IA 80 -35.82 18.73 -66.64
CA CYS IA 80 -35.26 20.03 -66.33
C CYS IA 80 -34.27 20.02 -65.17
N LYS IA 81 -34.19 18.90 -64.43
CA LYS IA 81 -33.20 18.66 -63.37
C LYS IA 81 -33.28 19.68 -62.23
N LEU IA 82 -34.47 20.23 -61.98
CA LEU IA 82 -34.63 21.09 -60.82
C LEU IA 82 -34.72 20.29 -59.54
N CYS IA 83 -35.36 19.12 -59.59
CA CYS IA 83 -35.53 18.31 -58.38
C CYS IA 83 -34.20 17.76 -57.89
N GLU IA 84 -33.32 17.34 -58.80
CA GLU IA 84 -32.01 16.86 -58.39
C GLU IA 84 -31.08 18.00 -57.99
N ALA IA 85 -31.37 19.23 -58.41
CA ALA IA 85 -30.57 20.37 -57.96
C ALA IA 85 -31.03 20.89 -56.61
N VAL IA 86 -32.30 20.68 -56.26
CA VAL IA 86 -32.84 21.14 -54.99
C VAL IA 86 -32.85 20.05 -53.92
N CYS IA 87 -32.57 18.81 -54.28
CA CYS IA 87 -32.62 17.70 -53.33
C CYS IA 87 -31.52 17.85 -52.29
N PRO IA 88 -31.85 17.97 -51.01
CA PRO IA 88 -30.80 18.19 -50.00
C PRO IA 88 -29.96 16.97 -49.74
N ALA IA 89 -30.49 15.76 -49.94
CA ALA IA 89 -29.77 14.53 -49.67
C ALA IA 89 -29.12 13.94 -50.91
N GLN IA 90 -29.27 14.60 -52.06
CA GLN IA 90 -28.75 14.13 -53.35
C GLN IA 90 -29.25 12.72 -53.68
N ALA IA 91 -30.53 12.49 -53.43
CA ALA IA 91 -31.11 11.18 -53.69
C ALA IA 91 -31.54 10.99 -55.14
N ILE IA 92 -31.57 12.07 -55.93
CA ILE IA 92 -32.11 12.01 -57.28
C ILE IA 92 -30.96 12.04 -58.27
N THR IA 93 -30.97 11.09 -59.22
CA THR IA 93 -30.01 11.04 -60.31
C THR IA 93 -30.79 11.05 -61.62
N ILE IA 94 -30.47 11.99 -62.49
CA ILE IA 94 -31.20 12.21 -63.74
C ILE IA 94 -30.22 12.18 -64.90
N GLU IA 95 -30.53 11.40 -65.92
CA GLU IA 95 -29.81 11.40 -67.18
C GLU IA 95 -30.83 11.51 -68.31
N ALA IA 96 -30.56 12.38 -69.27
CA ALA IA 96 -31.55 12.73 -70.29
C ALA IA 96 -30.93 12.74 -71.67
N GLU IA 97 -31.78 12.51 -72.67
CA GLU IA 97 -31.42 12.62 -74.08
C GLU IA 97 -32.70 12.81 -74.87
N PRO IA 98 -32.65 13.44 -76.05
CA PRO IA 98 -33.85 13.53 -76.88
C PRO IA 98 -34.22 12.17 -77.45
N ARG IA 99 -35.51 11.88 -77.44
CA ARG IA 99 -36.00 10.60 -77.92
C ARG IA 99 -36.31 10.70 -79.41
N ALA IA 100 -37.02 9.70 -79.94
CA ALA IA 100 -37.18 9.56 -81.39
C ALA IA 100 -38.02 10.68 -81.99
N ASP IA 101 -39.02 11.18 -81.25
CA ASP IA 101 -39.85 12.26 -81.75
C ASP IA 101 -39.29 13.64 -81.42
N GLY IA 102 -38.12 13.71 -80.80
CA GLY IA 102 -37.47 14.98 -80.55
C GLY IA 102 -37.85 15.67 -79.26
N SER IA 103 -38.64 15.04 -78.41
CA SER IA 103 -39.03 15.66 -77.16
C SER IA 103 -37.90 15.54 -76.14
N ARG IA 104 -37.93 16.45 -75.16
CA ARG IA 104 -36.96 16.47 -74.07
C ARG IA 104 -37.48 15.56 -72.97
N ARG IA 105 -36.99 14.32 -72.94
CA ARG IA 105 -37.45 13.33 -71.97
C ARG IA 105 -36.24 12.68 -71.30
N THR IA 106 -36.49 12.15 -70.10
CA THR IA 106 -35.44 11.48 -69.34
C THR IA 106 -35.18 10.08 -69.87
N THR IA 107 -33.94 9.61 -69.69
CA THR IA 107 -33.59 8.22 -69.91
C THR IA 107 -33.25 7.49 -68.62
N ARG IA 108 -32.96 8.21 -67.55
CA ARG IA 108 -32.72 7.62 -66.24
C ARG IA 108 -33.21 8.57 -65.17
N TYR IA 109 -34.07 8.10 -64.28
CA TYR IA 109 -34.57 8.89 -63.16
C TYR IA 109 -34.58 7.97 -61.93
N ASP IA 110 -33.48 8.01 -61.17
CA ASP IA 110 -33.37 7.20 -59.97
C ASP IA 110 -33.56 8.05 -58.73
N ILE IA 111 -34.32 7.52 -57.77
CA ILE IA 111 -34.45 8.12 -56.45
C ILE IA 111 -33.99 7.09 -55.43
N ASP IA 112 -32.97 7.44 -54.65
CA ASP IA 112 -32.48 6.56 -53.60
C ASP IA 112 -33.35 6.77 -52.36
N MET IA 113 -34.26 5.83 -52.12
CA MET IA 113 -35.24 5.97 -51.04
C MET IA 113 -34.62 5.76 -49.67
N THR IA 114 -33.37 5.28 -49.60
CA THR IA 114 -32.65 5.21 -48.34
C THR IA 114 -31.86 6.48 -48.05
N LYS IA 115 -31.64 7.32 -49.05
CA LYS IA 115 -31.05 8.63 -48.84
C LYS IA 115 -32.08 9.71 -48.61
N CYS IA 116 -33.26 9.56 -49.21
CA CYS IA 116 -34.26 10.62 -49.23
C CYS IA 116 -34.80 10.87 -47.83
N ILE IA 117 -34.88 12.15 -47.45
CA ILE IA 117 -35.39 12.54 -46.15
C ILE IA 117 -36.87 12.88 -46.17
N TYR IA 118 -37.54 12.70 -47.32
CA TYR IA 118 -38.98 12.86 -47.48
C TYR IA 118 -39.43 14.28 -47.12
N CYS IA 119 -38.75 15.24 -47.75
CA CYS IA 119 -38.95 16.65 -47.42
C CYS IA 119 -39.85 17.37 -48.40
N GLY IA 120 -40.12 16.80 -49.57
CA GLY IA 120 -41.06 17.39 -50.49
C GLY IA 120 -40.54 18.60 -51.24
N PHE IA 121 -39.23 18.79 -51.31
CA PHE IA 121 -38.69 19.88 -52.10
C PHE IA 121 -38.79 19.60 -53.59
N CYS IA 122 -38.70 18.32 -53.98
CA CYS IA 122 -38.78 17.97 -55.38
C CYS IA 122 -40.16 18.23 -55.96
N GLN IA 123 -41.21 17.92 -55.20
CA GLN IA 123 -42.57 18.12 -55.68
C GLN IA 123 -42.99 19.59 -55.67
N GLU IA 124 -42.29 20.43 -54.91
CA GLU IA 124 -42.56 21.85 -54.90
C GLU IA 124 -41.65 22.64 -55.83
N ALA IA 125 -40.55 22.04 -56.29
CA ALA IA 125 -39.70 22.66 -57.28
C ALA IA 125 -40.02 22.24 -58.70
N CYS IA 126 -40.92 21.28 -58.89
CA CYS IA 126 -41.26 20.79 -60.21
C CYS IA 126 -42.18 21.80 -60.91
N PRO IA 127 -41.80 22.32 -62.08
CA PRO IA 127 -42.66 23.29 -62.77
C PRO IA 127 -43.84 22.67 -63.49
N VAL IA 128 -43.91 21.35 -63.61
CA VAL IA 128 -44.98 20.68 -64.34
C VAL IA 128 -45.74 19.68 -63.48
N ASP IA 129 -45.44 19.64 -62.17
CA ASP IA 129 -46.01 18.68 -61.23
C ASP IA 129 -45.80 17.24 -61.67
N ALA IA 130 -44.58 16.94 -62.16
CA ALA IA 130 -44.27 15.59 -62.59
C ALA IA 130 -44.01 14.67 -61.41
N ILE IA 131 -42.99 14.97 -60.62
CA ILE IA 131 -42.69 14.18 -59.43
C ILE IA 131 -43.58 14.64 -58.29
N VAL IA 132 -44.16 13.67 -57.58
CA VAL IA 132 -45.00 13.96 -56.42
C VAL IA 132 -44.66 12.97 -55.32
N GLU IA 133 -44.98 13.36 -54.10
CA GLU IA 133 -44.93 12.45 -52.95
C GLU IA 133 -46.35 11.97 -52.71
N GLY IA 134 -46.59 10.68 -52.96
CA GLY IA 134 -47.91 10.13 -52.84
C GLY IA 134 -48.31 9.92 -51.40
N PRO IA 135 -49.51 9.35 -51.20
CA PRO IA 135 -49.99 9.08 -49.84
C PRO IA 135 -49.58 7.73 -49.27
N ASN IA 136 -48.91 6.88 -50.05
CA ASN IA 136 -48.56 5.55 -49.58
C ASN IA 136 -47.41 5.62 -48.59
N PHE IA 137 -47.55 4.88 -47.49
CA PHE IA 137 -46.49 4.74 -46.51
C PHE IA 137 -46.22 3.30 -46.10
N GLU IA 138 -47.09 2.36 -46.46
CA GLU IA 138 -46.89 0.95 -46.15
C GLU IA 138 -46.21 0.27 -47.34
N PHE IA 139 -44.92 0.58 -47.49
CA PHE IA 139 -44.13 0.02 -48.59
C PHE IA 139 -42.77 -0.44 -48.11
N SER IA 140 -42.69 -0.95 -46.88
CA SER IA 140 -41.44 -1.49 -46.36
C SER IA 140 -41.06 -2.77 -47.08
N THR IA 141 -39.76 -2.91 -47.36
CA THR IA 141 -39.22 -4.02 -48.13
C THR IA 141 -38.42 -4.94 -47.21
N GLU IA 142 -37.93 -6.03 -47.79
CA GLU IA 142 -37.08 -6.98 -47.08
C GLU IA 142 -35.64 -6.96 -47.53
N THR IA 143 -35.31 -6.16 -48.56
CA THR IA 143 -33.96 -6.11 -49.10
C THR IA 143 -33.61 -4.65 -49.35
N HIS IA 144 -32.33 -4.32 -49.15
CA HIS IA 144 -31.89 -2.93 -49.31
C HIS IA 144 -32.03 -2.45 -50.75
N GLU IA 145 -31.69 -3.29 -51.72
CA GLU IA 145 -31.75 -2.85 -53.11
C GLU IA 145 -33.16 -2.68 -53.64
N GLU IA 146 -34.18 -3.18 -52.93
CA GLU IA 146 -35.55 -2.90 -53.35
C GLU IA 146 -35.95 -1.45 -53.09
N LEU IA 147 -35.20 -0.73 -52.25
CA LEU IA 147 -35.44 0.67 -51.98
C LEU IA 147 -34.64 1.59 -52.87
N LEU IA 148 -34.26 1.13 -54.05
CA LEU IA 148 -33.51 1.93 -55.03
C LEU IA 148 -34.38 2.01 -56.28
N TYR IA 149 -35.24 3.02 -56.33
CA TYR IA 149 -36.25 3.12 -57.37
C TYR IA 149 -35.63 3.69 -58.64
N ASN IA 150 -35.94 3.08 -59.78
CA ASN IA 150 -35.56 3.62 -61.07
C ASN IA 150 -36.78 4.31 -61.71
N LYS IA 151 -36.64 4.68 -62.99
CA LYS IA 151 -37.72 5.37 -63.68
C LYS IA 151 -38.94 4.48 -63.86
N GLU IA 152 -38.72 3.19 -64.14
CA GLU IA 152 -39.83 2.26 -64.37
C GLU IA 152 -40.66 2.08 -63.10
N LYS IA 153 -39.99 1.95 -61.95
CA LYS IA 153 -40.70 1.78 -60.69
C LYS IA 153 -41.52 3.01 -60.34
N LEU IA 154 -40.96 4.20 -60.56
CA LEU IA 154 -41.69 5.43 -60.27
C LEU IA 154 -42.87 5.62 -61.22
N LEU IA 155 -42.70 5.23 -62.49
CA LEU IA 155 -43.82 5.30 -63.43
C LEU IA 155 -44.92 4.33 -63.05
N ASN IA 156 -44.55 3.13 -62.60
CA ASN IA 156 -45.54 2.17 -62.12
C ASN IA 156 -46.26 2.68 -60.89
N ASN IA 157 -45.53 3.34 -59.98
CA ASN IA 157 -46.15 3.94 -58.80
C ASN IA 157 -47.11 5.05 -59.18
N GLY IA 158 -46.74 5.86 -60.17
CA GLY IA 158 -47.65 6.90 -60.64
C GLY IA 158 -48.91 6.35 -61.26
N ASP IA 159 -48.77 5.33 -62.11
CA ASP IA 159 -49.94 4.69 -62.71
C ASP IA 159 -50.78 3.95 -61.68
N LYS IA 160 -50.17 3.50 -60.59
CA LYS IA 160 -50.90 2.81 -59.53
C LYS IA 160 -51.66 3.78 -58.64
N TRP IA 161 -51.08 4.95 -58.34
CA TRP IA 161 -51.64 5.86 -57.35
C TRP IA 161 -52.17 7.16 -57.94
N GLU IA 162 -52.36 7.22 -59.27
CA GLU IA 162 -52.84 8.45 -59.90
C GLU IA 162 -54.24 8.82 -59.42
N ALA IA 163 -55.11 7.83 -59.23
CA ALA IA 163 -56.50 8.09 -58.86
C ALA IA 163 -56.64 8.76 -57.50
N GLU IA 164 -55.61 8.68 -56.66
CA GLU IA 164 -55.58 9.36 -55.37
C GLU IA 164 -54.70 10.60 -55.39
N ILE IA 165 -53.60 10.55 -56.14
CA ILE IA 165 -52.68 11.69 -56.22
C ILE IA 165 -53.35 12.87 -56.90
N ALA IA 166 -54.13 12.62 -57.95
CA ALA IA 166 -54.84 13.70 -58.65
C ALA IA 166 -55.86 14.36 -57.73
N ALA IA 167 -56.57 13.57 -56.93
CA ALA IA 167 -57.55 14.13 -56.00
C ALA IA 167 -56.87 14.94 -54.90
N ASN IA 168 -55.72 14.46 -54.40
CA ASN IA 168 -54.98 15.21 -53.39
C ASN IA 168 -54.46 16.53 -53.94
N ILE IA 169 -53.95 16.52 -55.17
CA ILE IA 169 -53.47 17.75 -55.80
C ILE IA 169 -54.63 18.71 -56.04
N GLN IA 170 -55.79 18.19 -56.47
CA GLN IA 170 -56.96 19.03 -56.67
C GLN IA 170 -57.43 19.67 -55.36
N ALA IA 171 -57.38 18.91 -54.27
CA ALA IA 171 -57.77 19.45 -52.98
C ALA IA 171 -56.75 20.40 -52.37
N ASP IA 172 -55.47 20.31 -52.77
CA ASP IA 172 -54.42 21.06 -52.10
C ASP IA 172 -53.86 22.24 -52.88
N TYR IA 173 -53.94 22.23 -54.22
CA TYR IA 173 -53.15 23.13 -55.05
C TYR IA 173 -53.53 24.61 -54.90
N LEU IA 174 -54.66 24.93 -54.29
CA LEU IA 174 -55.01 26.34 -54.10
C LEU IA 174 -54.20 26.99 -52.99
N TYR IA 175 -53.60 26.20 -52.10
CA TYR IA 175 -52.74 26.73 -51.06
C TYR IA 175 -51.31 26.95 -51.53
N ARG IA 176 -50.97 26.50 -52.73
CA ARG IA 176 -49.60 26.61 -53.23
C ARG IA 176 -49.43 27.84 -54.12
N PRO JA 1 -51.20 88.75 -119.09
CA PRO JA 1 -52.43 88.88 -118.30
C PRO JA 1 -52.37 88.11 -116.99
N PHE JA 2 -52.51 88.81 -115.87
CA PHE JA 2 -52.50 88.17 -114.57
C PHE JA 2 -53.78 87.36 -114.37
N ASP JA 3 -53.62 86.11 -113.95
CA ASP JA 3 -54.76 85.22 -113.75
C ASP JA 3 -54.49 84.37 -112.51
N ASN JA 4 -55.37 84.48 -111.51
CA ASN JA 4 -55.25 83.76 -110.26
C ASN JA 4 -56.30 82.67 -110.12
N THR JA 5 -56.93 82.26 -111.23
CA THR JA 5 -58.08 81.37 -111.18
C THR JA 5 -57.81 79.98 -111.71
N THR JA 6 -56.72 79.76 -112.45
CA THR JA 6 -56.44 78.47 -113.04
C THR JA 6 -55.29 77.78 -112.32
N TYR JA 7 -55.22 76.47 -112.50
CA TYR JA 7 -54.17 75.65 -111.91
C TYR JA 7 -53.12 75.34 -112.97
N LYS JA 8 -51.90 75.81 -112.75
CA LYS JA 8 -50.85 75.68 -113.74
C LYS JA 8 -50.03 74.42 -113.61
N ASN JA 9 -50.24 73.62 -112.56
CA ASN JA 9 -49.49 72.38 -112.36
C ASN JA 9 -50.28 71.22 -112.99
N LEU JA 10 -50.27 71.20 -114.32
CA LEU JA 10 -51.01 70.20 -115.08
C LEU JA 10 -50.11 69.21 -115.80
N GLN JA 11 -48.79 69.31 -115.63
CA GLN JA 11 -47.89 68.42 -116.36
C GLN JA 11 -47.90 67.01 -115.77
N HIS JA 12 -48.19 66.88 -114.47
CA HIS JA 12 -48.16 65.58 -113.82
C HIS JA 12 -49.27 64.65 -114.27
N HIS JA 13 -50.25 65.15 -115.03
CA HIS JA 13 -51.22 64.28 -115.67
C HIS JA 13 -50.61 63.46 -116.80
N ASP JA 14 -49.45 63.87 -117.32
CA ASP JA 14 -48.84 63.19 -118.47
C ASP JA 14 -47.55 62.47 -118.12
N TYR JA 15 -47.28 62.22 -116.84
CA TYR JA 15 -46.06 61.55 -116.44
C TYR JA 15 -46.24 60.04 -116.46
N SER JA 16 -45.24 59.34 -116.98
CA SER JA 16 -45.26 57.90 -117.11
C SER JA 16 -44.53 57.26 -115.92
N THR JA 17 -44.37 55.93 -115.97
CA THR JA 17 -43.69 55.23 -114.90
C THR JA 17 -42.19 55.43 -114.93
N TYR JA 18 -41.62 55.66 -116.11
CA TYR JA 18 -40.17 55.81 -116.26
C TYR JA 18 -39.74 57.26 -116.39
N THR JA 19 -40.61 58.22 -116.06
CA THR JA 19 -40.30 59.62 -116.24
C THR JA 19 -39.12 60.06 -115.37
N PHE JA 20 -39.11 59.63 -114.10
CA PHE JA 20 -38.04 59.99 -113.18
C PHE JA 20 -36.71 59.40 -113.63
N LEU JA 21 -36.71 58.15 -114.09
CA LEU JA 21 -35.46 57.50 -114.47
C LEU JA 21 -34.91 58.06 -115.78
N ASP JA 22 -35.78 58.37 -116.74
CA ASP JA 22 -35.32 59.02 -117.96
C ASP JA 22 -34.83 60.44 -117.69
N LEU JA 23 -35.46 61.15 -116.76
CA LEU JA 23 -34.97 62.46 -116.36
C LEU JA 23 -33.59 62.37 -115.73
N ASN JA 24 -33.37 61.35 -114.87
CA ASN JA 24 -32.05 61.15 -114.28
C ASN JA 24 -31.02 60.77 -115.34
N LEU JA 25 -31.41 59.95 -116.32
CA LEU JA 25 -30.51 59.58 -117.40
C LEU JA 25 -30.12 60.79 -118.24
N ASP JA 26 -31.06 61.70 -118.49
CA ASP JA 26 -30.74 62.91 -119.23
C ASP JA 26 -29.87 63.84 -118.39
N LEU JA 27 -30.10 63.87 -117.08
CA LEU JA 27 -29.30 64.72 -116.18
C LEU JA 27 -27.89 64.18 -115.97
N SER JA 28 -27.66 62.90 -116.26
CA SER JA 28 -26.36 62.28 -115.99
C SER JA 28 -25.22 62.93 -116.78
N LYS JA 29 -25.52 63.54 -117.93
CA LYS JA 29 -24.47 64.16 -118.73
C LYS JA 29 -24.01 65.50 -118.17
N PHE JA 30 -24.80 66.14 -117.32
CA PHE JA 30 -24.45 67.44 -116.78
C PHE JA 30 -23.67 67.38 -115.47
N ARG JA 31 -23.56 66.20 -114.87
CA ARG JA 31 -23.02 66.09 -113.52
C ARG JA 31 -21.50 66.20 -113.52
N MET JA 32 -20.96 66.67 -112.40
CA MET JA 32 -19.53 66.71 -112.16
C MET JA 32 -19.01 65.32 -111.79
N PRO JA 33 -17.71 65.07 -111.97
CA PRO JA 33 -17.15 63.77 -111.55
C PRO JA 33 -17.24 63.57 -110.05
N GLN JA 34 -17.53 62.33 -109.66
CA GLN JA 34 -17.71 61.95 -108.27
C GLN JA 34 -16.36 61.70 -107.60
N PRO JA 35 -16.27 61.93 -106.29
CA PRO JA 35 -15.05 61.57 -105.57
C PRO JA 35 -14.94 60.06 -105.38
N SER JA 36 -13.72 59.62 -105.08
CA SER JA 36 -13.42 58.21 -104.90
C SER JA 36 -12.87 57.98 -103.51
N SER JA 37 -13.25 56.84 -102.92
CA SER JA 37 -12.78 56.45 -101.60
C SER JA 37 -11.47 55.68 -101.65
N GLY JA 38 -10.94 55.43 -102.84
CA GLY JA 38 -9.68 54.72 -102.99
C GLY JA 38 -9.79 53.21 -103.11
N ARG JA 39 -10.99 52.65 -102.96
CA ARG JA 39 -11.18 51.21 -103.09
C ARG JA 39 -12.50 50.94 -103.79
N GLU JA 40 -12.61 49.74 -104.35
CA GLU JA 40 -13.82 49.36 -105.08
C GLU JA 40 -15.01 49.20 -104.15
N SER JA 41 -14.78 48.65 -102.96
CA SER JA 41 -15.84 48.40 -102.00
C SER JA 41 -15.21 48.28 -100.62
N PRO JA 42 -16.00 48.48 -99.55
CA PRO JA 42 -15.47 48.22 -98.20
C PRO JA 42 -15.13 46.76 -97.96
N ARG JA 43 -15.66 45.83 -98.75
CA ARG JA 43 -15.28 44.43 -98.68
C ARG JA 43 -14.12 44.07 -99.59
N HIS JA 44 -13.51 45.07 -100.23
CA HIS JA 44 -12.35 44.83 -101.08
C HIS JA 44 -11.05 44.99 -100.29
N GLY KA 1 -46.66 -0.53 -76.28
CA GLY KA 1 -45.96 -1.12 -77.41
C GLY KA 1 -44.61 -1.69 -77.05
N VAL KA 2 -44.61 -2.66 -76.14
CA VAL KA 2 -43.37 -3.28 -75.68
C VAL KA 2 -42.92 -4.32 -76.70
N ARG KA 3 -41.63 -4.63 -76.69
CA ARG KA 3 -41.05 -5.67 -77.53
C ARG KA 3 -40.21 -6.60 -76.67
N THR KA 4 -39.96 -7.80 -77.17
CA THR KA 4 -39.29 -8.85 -76.42
C THR KA 4 -37.97 -9.19 -77.11
N SER KA 5 -36.88 -9.12 -76.34
CA SER KA 5 -35.56 -9.47 -76.84
C SER KA 5 -35.47 -10.98 -77.11
N PRO KA 6 -34.59 -11.40 -78.02
CA PRO KA 6 -34.44 -12.84 -78.30
C PRO KA 6 -33.98 -13.66 -77.10
N THR KA 7 -33.38 -13.04 -76.09
CA THR KA 7 -33.05 -13.73 -74.85
C THR KA 7 -34.25 -13.90 -73.94
N GLY KA 8 -35.40 -13.33 -74.29
CA GLY KA 8 -36.58 -13.42 -73.46
C GLY KA 8 -36.80 -12.28 -72.50
N GLU KA 9 -36.08 -11.16 -72.68
CA GLU KA 9 -36.17 -10.02 -71.78
C GLU KA 9 -36.97 -8.91 -72.45
N LYS KA 10 -37.74 -8.19 -71.64
CA LYS KA 10 -38.54 -7.09 -72.16
C LYS KA 10 -37.71 -5.82 -72.30
N VAL KA 11 -37.91 -5.11 -73.38
CA VAL KA 11 -37.19 -3.87 -73.67
C VAL KA 11 -38.00 -2.69 -73.14
N THR KA 12 -37.36 -1.81 -72.39
CA THR KA 12 -38.03 -0.67 -71.80
C THR KA 12 -38.27 0.41 -72.85
N HIS KA 13 -38.91 1.50 -72.43
CA HIS KA 13 -39.17 2.61 -73.35
C HIS KA 13 -37.91 3.39 -73.67
N THR KA 14 -36.88 3.29 -72.84
CA THR KA 14 -35.61 3.94 -73.12
C THR KA 14 -34.71 3.11 -74.03
N GLY KA 15 -35.16 1.92 -74.44
CA GLY KA 15 -34.37 1.06 -75.29
C GLY KA 15 -33.36 0.19 -74.57
N GLN KA 16 -33.39 0.19 -73.24
CA GLN KA 16 -32.40 -0.58 -72.48
C GLN KA 16 -32.75 -2.05 -72.49
N VAL KA 17 -31.74 -2.89 -72.75
CA VAL KA 17 -31.87 -4.33 -72.64
C VAL KA 17 -30.48 -4.89 -72.32
N TYR KA 18 -30.46 -6.03 -71.65
CA TYR KA 18 -29.19 -6.67 -71.32
C TYR KA 18 -28.79 -7.64 -72.43
N ASP KA 19 -27.49 -7.66 -72.74
CA ASP KA 19 -26.99 -8.53 -73.78
C ASP KA 19 -27.01 -9.99 -73.30
N ASP KA 20 -26.84 -10.90 -74.26
CA ASP KA 20 -26.84 -12.32 -73.92
C ASP KA 20 -25.60 -12.71 -73.13
N GLU KA 21 -24.47 -12.05 -73.38
CA GLU KA 21 -23.23 -12.34 -72.67
C GLU KA 21 -23.09 -11.54 -71.39
N ASP KA 22 -24.05 -10.68 -71.06
CA ASP KA 22 -23.99 -9.87 -69.84
C ASP KA 22 -24.32 -10.74 -68.64
N TYR KA 23 -23.48 -10.67 -67.61
CA TYR KA 23 -23.70 -11.44 -66.39
C TYR KA 23 -24.77 -10.82 -65.51
N ARG KA 24 -25.07 -9.53 -65.70
CA ARG KA 24 -26.01 -8.83 -64.83
C ARG KA 24 -27.43 -9.37 -64.92
N ARG KA 25 -27.74 -10.14 -65.97
CA ARG KA 25 -29.03 -10.82 -66.07
C ARG KA 25 -29.26 -11.80 -64.93
N VAL KA 26 -28.19 -12.23 -64.24
CA VAL KA 26 -28.36 -13.10 -63.08
C VAL KA 26 -29.09 -12.40 -61.94
N ARG KA 27 -29.21 -11.07 -61.98
CA ARG KA 27 -30.03 -10.41 -60.97
C ARG KA 27 -31.52 -10.58 -61.22
N PHE KA 28 -31.92 -11.08 -62.39
CA PHE KA 28 -33.34 -11.30 -62.69
C PHE KA 28 -33.75 -12.76 -62.57
N VAL KA 29 -32.82 -13.65 -62.21
CA VAL KA 29 -33.12 -15.07 -62.12
C VAL KA 29 -33.89 -15.33 -60.83
N GLY KA 30 -35.06 -15.94 -60.95
CA GLY KA 30 -35.93 -16.17 -59.82
C GLY KA 30 -36.83 -15.00 -59.49
N ARG KA 31 -36.67 -13.87 -60.17
CA ARG KA 31 -37.49 -12.67 -59.97
C ARG KA 31 -37.92 -12.14 -61.33
N GLN KA 32 -38.46 -10.93 -61.37
CA GLN KA 32 -38.94 -10.36 -62.62
C GLN KA 32 -38.30 -9.00 -62.87
N LYS KA 33 -38.14 -8.67 -64.15
CA LYS KA 33 -37.67 -7.36 -64.55
C LYS KA 33 -38.87 -6.42 -64.63
N GLU KA 34 -38.80 -5.30 -63.91
CA GLU KA 34 -39.91 -4.38 -63.81
C GLU KA 34 -39.83 -3.36 -64.94
N VAL KA 35 -40.82 -3.39 -65.84
CA VAL KA 35 -40.91 -2.45 -66.94
C VAL KA 35 -42.29 -1.82 -66.94
N ASN KA 36 -42.39 -0.66 -67.57
CA ASN KA 36 -43.66 0.04 -67.72
C ASN KA 36 -44.21 -0.22 -69.12
N GLU KA 37 -45.43 -0.73 -69.19
CA GLU KA 37 -46.02 -1.14 -70.46
C GLU KA 37 -46.76 -0.01 -71.16
N ASN KA 38 -46.87 1.16 -70.54
CA ASN KA 38 -47.51 2.32 -71.15
C ASN KA 38 -46.41 3.24 -71.66
N PHE KA 39 -46.16 3.20 -72.97
CA PHE KA 39 -45.12 4.02 -73.56
C PHE KA 39 -45.66 5.41 -73.84
N ALA KA 40 -44.92 6.44 -73.42
CA ALA KA 40 -45.40 7.80 -73.55
C ALA KA 40 -45.43 8.26 -75.00
N ILE KA 41 -44.43 7.86 -75.80
CA ILE KA 41 -44.38 8.25 -77.20
C ILE KA 41 -45.52 7.61 -77.99
N ASP KA 42 -45.79 6.32 -77.72
CA ASP KA 42 -46.91 5.64 -78.36
C ASP KA 42 -48.23 6.28 -77.96
N LEU KA 43 -48.39 6.64 -76.68
CA LEU KA 43 -49.64 7.21 -76.21
C LEU KA 43 -49.86 8.62 -76.75
N ILE KA 44 -48.79 9.40 -76.90
CA ILE KA 44 -48.95 10.74 -77.47
C ILE KA 44 -49.05 10.70 -78.98
N ALA KA 45 -48.69 9.59 -79.62
CA ALA KA 45 -48.86 9.48 -81.06
C ALA KA 45 -50.32 9.37 -81.47
N GLU KA 46 -51.18 8.85 -80.59
CA GLU KA 46 -52.59 8.67 -80.93
C GLU KA 46 -53.41 9.94 -80.78
N GLN KA 47 -52.87 10.98 -80.19
CA GLN KA 47 -53.64 12.19 -79.96
C GLN KA 47 -53.84 12.93 -81.29
N PRO KA 48 -55.08 13.26 -81.66
CA PRO KA 48 -55.30 13.98 -82.92
C PRO KA 48 -54.78 15.40 -82.86
N VAL KA 49 -54.36 15.89 -84.02
CA VAL KA 49 -53.87 17.27 -84.13
C VAL KA 49 -55.06 18.21 -84.18
N SER KA 50 -55.05 19.21 -83.31
CA SER KA 50 -56.17 20.14 -83.21
C SER KA 50 -56.05 21.23 -84.26
N GLN KA 51 -57.15 21.52 -84.94
CA GLN KA 51 -57.20 22.53 -85.98
C GLN KA 51 -57.71 23.83 -85.39
N VAL KA 52 -56.96 24.92 -85.60
CA VAL KA 52 -57.31 26.23 -85.08
C VAL KA 52 -57.24 27.24 -86.21
N GLY KA 53 -57.90 28.38 -86.00
CA GLY KA 53 -57.99 29.40 -87.03
C GLY KA 53 -57.26 30.68 -86.70
N SER KA 54 -56.06 30.56 -86.14
CA SER KA 54 -55.28 31.72 -85.76
C SER KA 54 -53.82 31.49 -86.14
N ARG KA 55 -53.06 32.60 -86.19
CA ARG KA 55 -51.63 32.51 -86.50
C ARG KA 55 -50.86 31.84 -85.38
N VAL KA 56 -51.13 32.22 -84.13
CA VAL KA 56 -50.46 31.66 -82.97
C VAL KA 56 -51.50 31.02 -82.06
N ILE KA 57 -51.04 30.09 -81.23
CA ILE KA 57 -51.91 29.37 -80.30
C ILE KA 57 -51.20 29.34 -78.95
N SER KA 58 -51.99 29.24 -77.88
CA SER KA 58 -51.46 29.17 -76.53
C SER KA 58 -51.80 27.82 -75.91
N CYS KA 59 -50.80 27.18 -75.30
CA CYS KA 59 -50.98 25.89 -74.66
C CYS KA 59 -50.51 25.95 -73.22
N ASP KA 60 -51.30 25.37 -72.32
CA ASP KA 60 -50.92 25.21 -70.93
C ASP KA 60 -51.17 23.80 -70.40
N GLY KA 61 -51.50 22.85 -71.27
CA GLY KA 61 -51.69 21.48 -70.87
C GLY KA 61 -53.04 21.15 -70.28
N GLY KA 62 -53.94 22.12 -70.18
CA GLY KA 62 -55.24 21.88 -69.60
C GLY KA 62 -55.23 21.92 -68.08
N GLY KA 63 -56.33 22.37 -67.48
CA GLY KA 63 -56.43 22.48 -66.05
C GLY KA 63 -55.90 23.77 -65.45
N GLY KA 64 -55.38 24.67 -66.27
CA GLY KA 64 -54.89 25.94 -65.77
C GLY KA 64 -53.61 25.81 -64.98
N ALA KA 65 -53.68 26.00 -63.67
CA ALA KA 65 -52.51 25.88 -62.81
C ALA KA 65 -52.07 24.43 -62.61
N LEU KA 66 -52.88 23.46 -63.01
CA LEU KA 66 -52.53 22.06 -62.90
C LEU KA 66 -51.70 21.54 -64.06
N GLY KA 67 -51.47 22.37 -65.07
CA GLY KA 67 -50.69 21.98 -66.24
C GLY KA 67 -49.29 22.55 -66.20
N HIS KA 68 -48.71 22.69 -67.39
CA HIS KA 68 -47.37 23.23 -67.54
C HIS KA 68 -47.42 24.74 -67.69
N PRO KA 69 -46.29 25.42 -67.62
CA PRO KA 69 -46.27 26.87 -67.94
C PRO KA 69 -46.78 27.14 -69.35
N ARG KA 70 -47.50 28.25 -69.48
CA ARG KA 70 -48.16 28.58 -70.73
C ARG KA 70 -47.14 29.01 -71.78
N VAL KA 71 -47.27 28.45 -72.98
CA VAL KA 71 -46.37 28.74 -74.08
C VAL KA 71 -47.18 29.13 -75.30
N TYR KA 72 -46.52 29.83 -76.22
CA TYR KA 72 -47.15 30.30 -77.46
C TYR KA 72 -46.45 29.65 -78.64
N ILE KA 73 -47.24 29.07 -79.54
CA ILE KA 73 -46.74 28.29 -80.66
C ILE KA 73 -47.16 28.96 -81.95
N ASN KA 74 -46.19 29.14 -82.86
CA ASN KA 74 -46.44 29.70 -84.18
C ASN KA 74 -46.77 28.60 -85.16
N LEU KA 75 -47.75 28.85 -86.02
CA LEU KA 75 -48.26 27.86 -86.96
C LEU KA 75 -48.18 28.37 -88.39
N ASP KA 76 -47.10 29.09 -88.72
CA ASP KA 76 -46.95 29.61 -90.07
C ASP KA 76 -46.54 28.54 -91.07
N LYS KA 77 -45.76 27.56 -90.63
CA LYS KA 77 -45.33 26.49 -91.53
C LYS KA 77 -46.50 25.56 -91.83
N GLU KA 78 -46.89 25.48 -93.10
CA GLU KA 78 -47.98 24.61 -93.52
C GLU KA 78 -47.54 23.17 -93.69
N THR KA 79 -46.24 22.91 -93.75
CA THR KA 79 -45.76 21.55 -93.99
C THR KA 79 -45.92 20.68 -92.74
N LYS KA 80 -45.62 21.23 -91.57
CA LYS KA 80 -45.63 20.46 -90.33
C LYS KA 80 -46.47 21.18 -89.28
N THR KA 81 -46.94 20.39 -88.31
CA THR KA 81 -47.74 20.91 -87.22
C THR KA 81 -46.86 21.56 -86.16
N GLY KA 82 -47.48 22.40 -85.33
CA GLY KA 82 -46.78 23.04 -84.24
C GLY KA 82 -46.92 22.27 -82.94
N THR KA 83 -45.86 21.61 -82.51
CA THR KA 83 -45.89 20.77 -81.33
C THR KA 83 -45.55 21.58 -80.08
N CYS KA 84 -46.29 21.33 -79.00
CA CYS KA 84 -45.99 21.96 -77.73
C CYS KA 84 -44.72 21.35 -77.14
N GLY KA 85 -43.87 22.21 -76.57
CA GLY KA 85 -42.61 21.73 -76.04
C GLY KA 85 -42.74 20.94 -74.75
N TYR KA 86 -43.81 21.18 -74.00
CA TYR KA 86 -44.00 20.48 -72.73
C TYR KA 86 -44.87 19.24 -72.89
N CYS KA 87 -46.11 19.41 -73.35
CA CYS KA 87 -47.09 18.33 -73.37
C CYS KA 87 -47.05 17.50 -74.64
N GLY KA 88 -46.39 17.98 -75.69
CA GLY KA 88 -46.31 17.23 -76.93
C GLY KA 88 -47.53 17.32 -77.82
N LEU KA 89 -48.54 18.09 -77.45
CA LEU KA 89 -49.71 18.26 -78.30
C LEU KA 89 -49.35 19.11 -79.51
N GLN KA 90 -49.94 18.77 -80.66
CA GLN KA 90 -49.67 19.46 -81.90
C GLN KA 90 -50.92 20.17 -82.40
N PHE KA 91 -50.71 21.31 -83.05
CA PHE KA 91 -51.78 22.13 -83.58
C PHE KA 91 -51.51 22.44 -85.04
N ARG KA 92 -52.58 22.75 -85.78
CA ARG KA 92 -52.46 23.06 -87.20
C ARG KA 92 -53.45 24.16 -87.55
N GLN KA 93 -52.97 25.14 -88.33
CA GLN KA 93 -53.86 26.18 -88.84
C GLN KA 93 -54.69 25.64 -89.99
N GLN KA 94 -56.00 25.90 -89.96
CA GLN KA 94 -56.90 25.34 -90.95
C GLN KA 94 -56.92 26.10 -92.26
N HIS KA 95 -56.26 27.26 -92.34
CA HIS KA 95 -56.18 28.00 -93.59
C HIS KA 95 -54.85 27.73 -94.31
N THR LA 1 11.00 36.92 -22.06
CA THR LA 1 10.77 37.13 -23.47
C THR LA 1 9.76 36.13 -24.02
N GLN LA 2 9.82 34.90 -23.47
CA GLN LA 2 8.94 33.77 -23.76
C GLN LA 2 8.76 33.52 -25.26
N LEU LA 3 9.77 33.85 -26.06
CA LEU LA 3 9.73 33.66 -27.50
C LEU LA 3 10.98 32.91 -27.96
N ILE LA 4 10.79 31.99 -28.89
CA ILE LA 4 11.87 31.18 -29.41
C ILE LA 4 11.96 31.39 -30.92
N THR LA 5 13.13 31.11 -31.47
CA THR LA 5 13.40 31.31 -32.89
C THR LA 5 13.41 29.97 -33.60
N VAL LA 6 12.55 29.83 -34.60
CA VAL LA 6 12.52 28.65 -35.46
C VAL LA 6 12.66 29.13 -36.90
N ASP LA 7 13.76 28.76 -37.55
CA ASP LA 7 14.04 29.21 -38.91
C ASP LA 7 13.79 28.14 -39.96
N GLU LA 8 13.38 26.94 -39.55
CA GLU LA 8 13.06 25.90 -40.51
C GLU LA 8 11.74 26.20 -41.20
N LYS LA 9 11.58 25.64 -42.40
CA LYS LA 9 10.36 25.85 -43.16
C LYS LA 9 9.18 25.13 -42.50
N LEU LA 10 7.99 25.70 -42.70
CA LEU LA 10 6.79 25.12 -42.12
C LEU LA 10 6.45 23.79 -42.78
N ASP LA 11 6.11 22.80 -41.95
CA ASP LA 11 5.80 21.45 -42.45
C ASP LA 11 4.86 20.81 -41.44
N ILE LA 12 3.57 20.78 -41.78
CA ILE LA 12 2.53 20.32 -40.87
C ILE LA 12 1.91 19.00 -41.34
N THR LA 13 2.57 18.31 -42.29
CA THR LA 13 2.00 17.10 -42.89
C THR LA 13 1.84 15.97 -41.88
N THR LA 14 2.65 15.95 -40.82
CA THR LA 14 2.52 14.93 -39.80
C THR LA 14 1.34 15.18 -38.87
N LEU LA 15 0.80 16.40 -38.86
CA LEU LA 15 -0.30 16.75 -37.97
C LEU LA 15 -1.67 16.73 -38.63
N THR LA 16 -1.73 16.78 -39.97
CA THR LA 16 -3.00 16.89 -40.66
C THR LA 16 -3.78 15.58 -40.68
N GLY LA 17 -3.11 14.44 -40.49
CA GLY LA 17 -3.78 13.16 -40.45
C GLY LA 17 -4.11 12.56 -41.80
N VAL LA 18 -3.78 13.25 -42.89
CA VAL LA 18 -4.02 12.70 -44.22
C VAL LA 18 -3.01 11.59 -44.50
N PRO LA 19 -3.42 10.45 -45.08
CA PRO LA 19 -2.45 9.41 -45.42
C PRO LA 19 -1.47 9.88 -46.49
N GLU LA 20 -0.28 9.29 -46.47
CA GLU LA 20 0.82 9.74 -47.33
C GLU LA 20 0.54 9.51 -48.81
N GLU LA 21 -0.34 8.55 -49.13
CA GLU LA 21 -0.68 8.30 -50.54
C GLU LA 21 -1.29 9.53 -51.19
N HIS LA 22 -2.16 10.23 -50.45
CA HIS LA 22 -2.74 11.48 -50.91
C HIS LA 22 -1.90 12.70 -50.52
N ILE LA 23 -0.60 12.50 -50.27
CA ILE LA 23 0.32 13.59 -49.96
C ILE LA 23 1.42 13.70 -51.01
N LYS LA 24 2.03 12.58 -51.36
CA LYS LA 24 3.19 12.58 -52.25
C LYS LA 24 2.84 12.23 -53.70
N THR LA 25 1.67 11.68 -53.97
CA THR LA 25 1.28 11.28 -55.31
C THR LA 25 0.21 12.18 -55.91
N ARG LA 26 -0.06 13.33 -55.31
CA ARG LA 26 -1.06 14.26 -55.79
C ARG LA 26 -0.41 15.51 -56.35
N LYS LA 27 -1.02 16.06 -57.39
CA LYS LA 27 -0.55 17.30 -58.02
C LYS LA 27 -1.64 18.35 -57.85
N ALA LA 28 -1.31 19.42 -57.13
CA ALA LA 28 -2.27 20.48 -56.84
C ALA LA 28 -2.14 21.58 -57.88
N ARG LA 29 -3.25 21.89 -58.54
CA ARG LA 29 -3.29 22.91 -59.58
C ARG LA 29 -3.85 24.18 -58.97
N ILE LA 30 -3.06 25.26 -59.03
CA ILE LA 30 -3.44 26.57 -58.52
C ILE LA 30 -3.65 27.47 -59.73
N PHE LA 31 -4.84 28.07 -59.82
CA PHE LA 31 -5.20 28.76 -61.05
C PHE LA 31 -6.33 29.73 -60.77
N VAL LA 32 -6.47 30.72 -61.65
CA VAL LA 32 -7.67 31.55 -61.70
C VAL LA 32 -8.65 30.87 -62.66
N PRO LA 33 -9.87 30.56 -62.24
CA PRO LA 33 -10.80 29.84 -63.12
C PRO LA 33 -11.18 30.67 -64.33
N ALA LA 34 -11.31 30.00 -65.46
CA ALA LA 34 -11.63 30.67 -66.71
C ALA LA 34 -13.09 31.11 -66.73
N ARG LA 35 -13.35 32.21 -67.42
CA ARG LA 35 -14.71 32.69 -67.56
C ARG LA 35 -15.51 31.75 -68.44
N ASN LA 36 -16.73 31.44 -67.99
CA ASN LA 36 -17.64 30.63 -68.79
C ASN LA 36 -18.04 31.42 -70.04
N ASN LA 37 -17.88 30.80 -71.21
CA ASN LA 37 -18.09 31.53 -72.45
C ASN LA 37 -19.56 31.74 -72.78
N MET LA 38 -20.46 31.04 -72.10
CA MET LA 38 -21.90 31.25 -72.31
C MET LA 38 -22.42 32.48 -71.58
N GLN LA 39 -21.59 33.14 -70.77
CA GLN LA 39 -21.99 34.33 -70.04
C GLN LA 39 -20.90 35.38 -70.16
N SER LA 40 -21.28 36.64 -69.97
CA SER LA 40 -20.34 37.75 -70.04
C SER LA 40 -19.89 38.23 -68.66
N GLY LA 41 -20.36 37.59 -67.59
CA GLY LA 41 -19.98 38.00 -66.26
C GLY LA 41 -18.56 37.59 -65.90
N VAL LA 42 -17.94 38.38 -65.03
CA VAL LA 42 -16.54 38.15 -64.66
C VAL LA 42 -16.38 38.05 -63.15
N ASN LA 43 -17.48 37.87 -62.43
CA ASN LA 43 -17.40 37.81 -60.97
C ASN LA 43 -16.83 36.49 -60.46
N ASN LA 44 -16.81 35.45 -61.29
CA ASN LA 44 -16.26 34.17 -60.89
C ASN LA 44 -14.77 34.07 -61.12
N THR LA 45 -14.14 35.11 -61.67
CA THR LA 45 -12.71 35.12 -61.95
C THR LA 45 -11.96 36.10 -61.06
N LYS LA 46 -12.47 36.33 -59.85
CA LYS LA 46 -11.85 37.30 -58.94
C LYS LA 46 -10.95 36.66 -57.90
N LYS LA 47 -11.08 35.36 -57.65
CA LYS LA 47 -10.32 34.68 -56.61
C LYS LA 47 -9.58 33.49 -57.21
N TRP LA 48 -8.48 33.11 -56.57
CA TRP LA 48 -7.70 31.96 -57.02
C TRP LA 48 -8.29 30.68 -56.45
N LYS LA 49 -8.42 29.67 -57.29
CA LYS LA 49 -8.89 28.36 -56.89
C LYS LA 49 -7.74 27.37 -56.94
N MET LA 50 -7.65 26.54 -55.90
CA MET LA 50 -6.69 25.45 -55.84
C MET LA 50 -7.46 24.14 -55.79
N GLU LA 51 -7.13 23.23 -56.70
CA GLU LA 51 -7.82 21.95 -56.78
C GLU LA 51 -6.78 20.86 -57.03
N PHE LA 52 -7.23 19.63 -57.20
CA PHE LA 52 -6.35 18.49 -57.40
C PHE LA 52 -6.64 17.82 -58.73
N ASP LA 53 -5.82 16.84 -59.07
CA ASP LA 53 -6.03 16.07 -60.28
C ASP LA 53 -7.21 15.12 -60.12
N THR LA 54 -7.71 14.63 -61.25
CA THR LA 54 -8.89 13.77 -61.27
C THR LA 54 -8.47 12.33 -61.42
N ARG LA 55 -8.91 11.48 -60.50
CA ARG LA 55 -8.63 10.06 -60.52
C ARG LA 55 -9.81 9.31 -61.14
N GLU LA 56 -9.80 7.98 -61.01
CA GLU LA 56 -10.75 7.14 -61.72
C GLU LA 56 -12.14 7.20 -61.11
N ARG LA 57 -13.15 7.37 -61.96
CA ARG LA 57 -14.55 7.18 -61.60
C ARG LA 57 -15.11 6.08 -62.48
N TRP LA 58 -15.72 5.07 -61.87
CA TRP LA 58 -16.24 3.94 -62.62
C TRP LA 58 -17.73 3.78 -62.37
N GLU LA 59 -18.30 2.72 -62.93
CA GLU LA 59 -19.74 2.51 -62.94
C GLU LA 59 -20.14 1.50 -61.88
N ASN LA 60 -21.18 1.84 -61.12
CA ASN LA 60 -21.73 0.90 -60.15
C ASN LA 60 -22.42 -0.25 -60.88
N PRO LA 61 -22.14 -1.50 -60.52
CA PRO LA 61 -22.84 -2.62 -61.18
C PRO LA 61 -24.34 -2.64 -60.93
N LEU LA 62 -24.83 -2.04 -59.86
CA LEU LA 62 -26.25 -2.12 -59.55
C LEU LA 62 -27.06 -1.09 -60.33
N MET LA 63 -26.73 0.18 -60.18
CA MET LA 63 -27.51 1.25 -60.77
C MET LA 63 -26.77 2.08 -61.81
N GLY LA 64 -25.52 1.75 -62.13
CA GLY LA 64 -24.78 2.53 -63.09
C GLY LA 64 -24.31 3.88 -62.58
N TRP LA 65 -24.25 4.05 -61.27
CA TRP LA 65 -23.84 5.32 -60.68
C TRP LA 65 -22.33 5.50 -60.80
N ALA LA 66 -21.88 6.72 -60.50
CA ALA LA 66 -20.46 7.06 -60.58
C ALA LA 66 -19.83 6.80 -59.22
N SER LA 67 -19.06 5.72 -59.11
CA SER LA 67 -18.34 5.38 -57.91
C SER LA 67 -16.89 5.84 -58.03
N THR LA 68 -16.31 6.23 -56.89
CA THR LA 68 -14.94 6.71 -56.86
C THR LA 68 -14.23 6.17 -55.63
N ALA LA 69 -12.91 6.25 -55.66
CA ALA LA 69 -12.07 5.90 -54.51
C ALA LA 69 -11.12 7.03 -54.13
N ASP LA 70 -11.35 8.24 -54.64
CA ASP LA 70 -10.50 9.39 -54.37
C ASP LA 70 -11.24 10.29 -53.40
N PRO LA 71 -10.69 10.53 -52.20
CA PRO LA 71 -11.39 11.39 -51.23
C PRO LA 71 -11.29 12.88 -51.55
N LEU LA 72 -10.21 13.31 -52.21
CA LEU LA 72 -9.97 14.72 -52.48
C LEU LA 72 -10.56 15.17 -53.81
N SER LA 73 -11.60 14.48 -54.30
CA SER LA 73 -12.14 14.80 -55.62
C SER LA 73 -12.94 16.10 -55.62
N ASN LA 74 -13.67 16.36 -54.54
CA ASN LA 74 -14.53 17.54 -54.44
C ASN LA 74 -13.88 18.67 -53.66
N LEU LA 75 -12.58 18.60 -53.41
CA LEU LA 75 -11.90 19.63 -52.64
C LEU LA 75 -11.50 20.79 -53.55
N VAL LA 76 -12.07 21.95 -53.30
CA VAL LA 76 -11.72 23.19 -53.99
C VAL LA 76 -11.48 24.25 -52.93
N LEU LA 77 -10.30 24.87 -52.94
CA LEU LA 77 -9.94 25.86 -51.94
C LEU LA 77 -9.83 27.23 -52.59
N THR LA 78 -10.28 28.26 -51.87
CA THR LA 78 -10.32 29.63 -52.38
C THR LA 78 -9.28 30.47 -51.67
N PHE LA 79 -8.47 31.18 -52.45
CA PHE LA 79 -7.42 32.04 -51.91
C PHE LA 79 -7.50 33.41 -52.58
N SER LA 80 -7.18 34.44 -51.79
CA SER LA 80 -7.29 35.81 -52.30
C SER LA 80 -6.20 36.12 -53.31
N THR LA 81 -4.96 35.74 -53.03
CA THR LA 81 -3.83 35.97 -53.92
C THR LA 81 -3.13 34.65 -54.23
N LYS LA 82 -2.17 34.73 -55.15
CA LYS LA 82 -1.43 33.55 -55.56
C LYS LA 82 -0.48 33.08 -54.46
N GLU LA 83 0.13 34.03 -53.74
CA GLU LA 83 1.13 33.69 -52.73
C GLU LA 83 0.53 32.96 -51.55
N ASP LA 84 -0.72 33.28 -51.18
CA ASP LA 84 -1.39 32.54 -50.11
C ASP LA 84 -1.62 31.09 -50.52
N ALA LA 85 -2.03 30.86 -51.77
CA ALA LA 85 -2.21 29.50 -52.25
C ALA LA 85 -0.89 28.74 -52.31
N ILE LA 86 0.18 29.42 -52.72
CA ILE LA 86 1.50 28.79 -52.76
C ILE LA 86 1.98 28.42 -51.37
N ALA LA 87 1.78 29.32 -50.40
CA ALA LA 87 2.17 29.05 -49.02
C ALA LA 87 1.35 27.92 -48.43
N PHE LA 88 0.05 27.86 -48.74
CA PHE LA 88 -0.79 26.78 -48.24
C PHE LA 88 -0.41 25.44 -48.87
N ALA LA 89 -0.01 25.44 -50.14
CA ALA LA 89 0.40 24.20 -50.78
C ALA LA 89 1.74 23.71 -50.24
N GLU LA 90 2.68 24.64 -50.00
CA GLU LA 90 3.98 24.24 -49.46
C GLU LA 90 3.89 23.83 -48.01
N LYS LA 91 2.98 24.43 -47.23
CA LYS LA 91 2.81 24.08 -45.84
C LYS LA 91 2.28 22.66 -45.69
N ASN LA 92 1.32 22.27 -46.53
CA ASN LA 92 0.72 20.95 -46.47
C ASN LA 92 1.51 19.90 -47.23
N GLY LA 93 2.62 20.27 -47.86
CA GLY LA 93 3.48 19.31 -48.51
C GLY LA 93 2.96 18.76 -49.82
N TRP LA 94 2.05 19.46 -50.49
CA TRP LA 94 1.52 19.03 -51.77
C TRP LA 94 2.39 19.57 -52.89
N SER LA 95 2.82 18.67 -53.78
CA SER LA 95 3.49 19.11 -55.00
C SER LA 95 2.48 19.81 -55.89
N TYR LA 96 2.85 21.01 -56.36
CA TYR LA 96 1.88 21.89 -56.98
C TYR LA 96 2.43 22.48 -58.27
N ASP LA 97 1.51 22.90 -59.13
CA ASP LA 97 1.81 23.74 -60.27
C ASP LA 97 0.86 24.93 -60.28
N VAL LA 98 1.35 26.06 -60.77
CA VAL LA 98 0.63 27.33 -60.75
C VAL LA 98 0.72 27.96 -62.13
N GLU LA 99 -0.42 28.41 -62.65
CA GLU LA 99 -0.49 29.11 -63.92
C GLU LA 99 -0.92 30.55 -63.70
N GLU LA 100 -0.31 31.46 -64.45
CA GLU LA 100 -0.52 32.88 -64.25
C GLU LA 100 -1.92 33.32 -64.68
N ARG LA 101 -2.37 34.42 -64.12
CA ARG LA 101 -3.69 34.96 -64.43
C ARG LA 101 -3.71 35.60 -65.80
N LYS LA 102 -4.74 35.30 -66.58
CA LYS LA 102 -4.92 35.85 -67.92
C LYS LA 102 -6.01 36.92 -67.86
N VAL LA 103 -5.61 38.17 -68.00
CA VAL LA 103 -6.57 39.28 -68.04
C VAL LA 103 -6.79 39.65 -69.50
N PRO LA 104 -7.95 40.18 -69.88
CA PRO LA 104 -8.14 40.63 -71.26
C PRO LA 104 -7.37 41.92 -71.51
N LYS LA 105 -6.77 42.00 -72.69
CA LYS LA 105 -6.08 43.22 -73.08
C LYS LA 105 -7.12 44.32 -73.37
N PRO LA 106 -6.79 45.58 -73.08
CA PRO LA 106 -7.75 46.67 -73.33
C PRO LA 106 -7.92 46.91 -74.82
N LYS LA 107 -9.16 46.83 -75.28
CA LYS LA 107 -9.49 47.04 -76.68
C LYS LA 107 -9.72 48.52 -76.96
N SER LA 108 -9.81 48.85 -78.25
CA SER LA 108 -10.11 50.20 -78.70
C SER LA 108 -11.44 50.16 -79.44
N LYS LA 109 -12.48 50.71 -78.84
CA LYS LA 109 -13.83 50.66 -79.40
C LYS LA 109 -14.24 52.05 -79.87
N SER LA 110 -14.84 52.11 -81.05
CA SER LA 110 -15.31 53.36 -81.62
C SER LA 110 -16.58 53.08 -82.42
N TYR LA 111 -17.67 53.78 -82.08
CA TYR LA 111 -18.92 53.58 -82.81
C TYR LA 111 -18.86 54.18 -84.21
N GLY LA 112 -18.06 55.23 -84.40
CA GLY LA 112 -17.95 55.85 -85.71
C GLY LA 112 -17.21 55.02 -86.73
N ALA LA 113 -16.41 54.05 -86.28
CA ALA LA 113 -15.69 53.17 -87.19
C ALA LA 113 -16.61 52.29 -88.02
N ASN LA 114 -17.85 52.09 -87.57
CA ASN LA 114 -18.82 51.37 -88.38
C ASN LA 114 -19.26 52.17 -89.61
N PHE LA 115 -18.98 53.47 -89.64
CA PHE LA 115 -19.40 54.30 -90.76
C PHE LA 115 -18.19 55.02 -91.36
N SER LA 116 -17.12 54.28 -91.62
CA SER LA 116 -15.92 54.88 -92.16
C SER LA 116 -16.10 55.27 -93.63
N TRP LA 117 -15.20 56.12 -94.11
CA TRP LA 117 -15.24 56.62 -95.47
C TRP LA 117 -14.38 55.80 -96.43
N ASN LA 118 -13.23 55.31 -95.97
CA ASN LA 118 -12.34 54.55 -96.83
C ASN LA 118 -11.75 53.31 -96.19
N LYS LA 119 -12.16 52.96 -94.97
CA LYS LA 119 -11.61 51.81 -94.27
C LYS LA 119 -12.51 50.59 -94.45
N ARG LA 120 -11.92 49.42 -94.23
CA ARG LA 120 -12.62 48.16 -94.38
C ARG LA 120 -13.55 47.84 -93.22
N THR LA 121 -13.53 48.65 -92.16
CA THR LA 121 -14.35 48.42 -90.97
C THR LA 121 -15.78 48.95 -91.12
N ARG LA 122 -16.22 49.26 -92.33
CA ARG LA 122 -17.62 49.57 -92.56
C ARG LA 122 -18.47 48.33 -92.33
N VAL LA 123 -19.62 48.52 -91.70
CA VAL LA 123 -20.57 47.43 -91.49
C VAL LA 123 -21.47 47.33 -92.70
N SER LA 124 -21.71 46.10 -93.16
CA SER LA 124 -22.61 45.88 -94.29
C SER LA 124 -24.07 46.14 -93.91
N THR LA 125 -24.40 45.99 -92.63
CA THR LA 125 -25.75 46.25 -92.16
C THR LA 125 -25.70 46.62 -90.69
N LYS LA 126 -26.78 47.20 -90.19
CA LYS LA 126 -26.85 47.61 -88.80
C LYS LA 126 -28.12 47.07 -88.13
N LEU MA 36 -14.24 -10.93 -74.12
CA LEU MA 36 -14.34 -10.34 -72.79
C LEU MA 36 -15.31 -9.17 -72.78
N HIS MA 37 -16.35 -9.28 -71.96
CA HIS MA 37 -17.36 -8.24 -71.88
C HIS MA 37 -16.80 -7.00 -71.17
N HIS MA 38 -17.46 -5.86 -71.41
CA HIS MA 38 -17.00 -4.61 -70.81
C HIS MA 38 -17.33 -4.54 -69.33
N ALA MA 39 -18.39 -5.22 -68.89
CA ALA MA 39 -18.79 -5.20 -67.50
C ALA MA 39 -17.93 -6.09 -66.62
N VAL MA 40 -17.12 -6.97 -67.21
CA VAL MA 40 -16.24 -7.86 -66.46
C VAL MA 40 -14.80 -7.36 -66.41
N ILE MA 41 -14.52 -6.24 -67.04
CA ILE MA 41 -13.20 -5.59 -66.90
C ILE MA 41 -13.06 -5.09 -65.47
N PRO MA 42 -11.95 -5.38 -64.78
CA PRO MA 42 -11.79 -4.89 -63.40
C PRO MA 42 -11.69 -3.37 -63.33
N HIS MA 43 -12.20 -2.83 -62.24
CA HIS MA 43 -12.20 -1.39 -62.01
C HIS MA 43 -11.96 -1.12 -60.53
N GLY MA 44 -11.78 0.15 -60.20
CA GLY MA 44 -11.65 0.55 -58.81
C GLY MA 44 -10.28 0.21 -58.24
N LYS MA 45 -10.21 0.29 -56.91
CA LYS MA 45 -9.00 0.04 -56.16
C LYS MA 45 -9.08 -1.25 -55.34
N GLY MA 46 -9.93 -2.19 -55.74
CA GLY MA 46 -10.06 -3.43 -55.01
C GLY MA 46 -10.77 -3.32 -53.69
N GLY MA 47 -11.65 -2.32 -53.54
CA GLY MA 47 -12.38 -2.12 -52.31
C GLY MA 47 -13.71 -2.84 -52.29
N ARG MA 48 -14.60 -2.35 -51.42
CA ARG MA 48 -15.90 -2.99 -51.27
C ARG MA 48 -16.83 -2.70 -52.44
N SER MA 49 -16.82 -1.46 -52.94
CA SER MA 49 -17.70 -1.05 -54.01
C SER MA 49 -17.02 -1.06 -55.38
N SER MA 50 -15.82 -1.60 -55.46
CA SER MA 50 -15.11 -1.70 -56.74
C SER MA 50 -15.62 -2.91 -57.52
N VAL MA 51 -15.05 -3.12 -58.71
CA VAL MA 51 -15.39 -4.24 -59.57
C VAL MA 51 -14.14 -5.06 -59.80
N SER MA 52 -14.14 -6.30 -59.34
CA SER MA 52 -13.00 -7.18 -59.52
C SER MA 52 -13.09 -8.05 -60.76
N GLY MA 53 -14.24 -8.05 -61.44
CA GLY MA 53 -14.38 -8.84 -62.64
C GLY MA 53 -14.47 -10.33 -62.43
N ILE MA 54 -14.88 -10.77 -61.25
CA ILE MA 54 -15.02 -12.19 -60.94
C ILE MA 54 -16.49 -12.46 -60.68
N VAL MA 55 -17.05 -13.40 -61.44
CA VAL MA 55 -18.41 -13.89 -61.21
C VAL MA 55 -18.28 -15.35 -60.77
N ALA MA 56 -18.49 -15.58 -59.48
CA ALA MA 56 -18.23 -16.87 -58.86
C ALA MA 56 -19.53 -17.45 -58.33
N THR MA 57 -19.78 -18.72 -58.67
CA THR MA 57 -20.88 -19.48 -58.09
C THR MA 57 -20.28 -20.46 -57.09
N VAL MA 58 -20.57 -20.26 -55.82
CA VAL MA 58 -19.98 -21.03 -54.73
C VAL MA 58 -21.03 -22.01 -54.24
N PHE MA 59 -20.80 -23.30 -54.44
CA PHE MA 59 -21.73 -24.32 -53.98
C PHE MA 59 -21.35 -24.76 -52.58
N GLY MA 60 -22.34 -24.87 -51.71
CA GLY MA 60 -22.08 -25.08 -50.30
C GLY MA 60 -21.41 -23.90 -49.64
N ALA MA 61 -21.87 -22.68 -49.94
CA ALA MA 61 -21.30 -21.48 -49.36
C ALA MA 61 -21.82 -21.18 -47.97
N THR MA 62 -22.81 -21.93 -47.48
CA THR MA 62 -23.39 -21.71 -46.17
C THR MA 62 -22.61 -22.40 -45.06
N GLY MA 63 -21.55 -23.11 -45.39
CA GLY MA 63 -20.79 -23.82 -44.37
C GLY MA 63 -19.69 -22.99 -43.73
N PHE MA 64 -18.49 -23.54 -43.70
CA PHE MA 64 -17.34 -22.92 -43.04
C PHE MA 64 -16.34 -22.38 -44.05
N LEU MA 65 -15.82 -23.25 -44.92
CA LEU MA 65 -14.93 -22.82 -45.99
C LEU MA 65 -15.66 -21.90 -46.96
N GLY MA 66 -16.91 -22.21 -47.26
CA GLY MA 66 -17.70 -21.35 -48.12
C GLY MA 66 -17.95 -19.99 -47.51
N ARG MA 67 -18.15 -19.94 -46.19
CA ARG MA 67 -18.31 -18.66 -45.49
C ARG MA 67 -17.05 -17.81 -45.61
N TYR MA 68 -15.89 -18.42 -45.37
CA TYR MA 68 -14.65 -17.64 -45.46
C TYR MA 68 -14.35 -17.24 -46.90
N LEU MA 69 -14.68 -18.10 -47.87
CA LEU MA 69 -14.45 -17.78 -49.27
C LEU MA 69 -15.35 -16.64 -49.74
N VAL MA 70 -16.62 -16.65 -49.33
CA VAL MA 70 -17.53 -15.57 -49.70
C VAL MA 70 -17.11 -14.26 -49.03
N ASN MA 71 -16.61 -14.35 -47.78
CA ASN MA 71 -16.09 -13.16 -47.11
C ASN MA 71 -14.89 -12.58 -47.85
N HIS MA 72 -13.99 -13.43 -48.33
CA HIS MA 72 -12.82 -12.91 -49.05
C HIS MA 72 -13.18 -12.44 -50.45
N LEU MA 73 -14.22 -13.01 -51.06
CA LEU MA 73 -14.64 -12.58 -52.39
C LEU MA 73 -15.39 -11.26 -52.36
N GLY MA 74 -16.18 -11.02 -51.30
CA GLY MA 74 -16.99 -9.82 -51.24
C GLY MA 74 -16.24 -8.54 -50.95
N ARG MA 75 -15.05 -8.64 -50.36
CA ARG MA 75 -14.27 -7.45 -50.06
C ARG MA 75 -13.53 -6.90 -51.27
N MET MA 76 -13.52 -7.63 -52.38
CA MET MA 76 -12.97 -7.12 -53.64
C MET MA 76 -14.05 -6.59 -54.57
N GLY MA 77 -15.30 -6.57 -54.14
CA GLY MA 77 -16.40 -6.22 -55.02
C GLY MA 77 -16.67 -7.22 -56.11
N SER MA 78 -16.56 -8.51 -55.81
CA SER MA 78 -16.82 -9.56 -56.78
C SER MA 78 -18.28 -10.01 -56.69
N GLN MA 79 -18.87 -10.28 -57.84
CA GLN MA 79 -20.24 -10.77 -57.89
C GLN MA 79 -20.26 -12.24 -57.49
N VAL MA 80 -21.03 -12.57 -56.47
CA VAL MA 80 -21.11 -13.93 -55.92
C VAL MA 80 -22.54 -14.42 -56.06
N ILE MA 81 -22.71 -15.64 -56.55
CA ILE MA 81 -24.00 -16.30 -56.63
C ILE MA 81 -23.99 -17.45 -55.62
N VAL MA 82 -24.89 -17.40 -54.65
CA VAL MA 82 -24.93 -18.39 -53.58
C VAL MA 82 -26.20 -19.22 -53.72
N PRO MA 83 -26.10 -20.47 -54.17
CA PRO MA 83 -27.25 -21.37 -54.08
C PRO MA 83 -27.31 -22.04 -52.72
N TYR MA 84 -28.45 -21.93 -52.05
CA TYR MA 84 -28.63 -22.45 -50.71
C TYR MA 84 -29.72 -23.50 -50.69
N ARG MA 85 -29.46 -24.59 -49.98
CA ARG MA 85 -30.42 -25.68 -49.79
C ARG MA 85 -31.26 -25.46 -48.54
N CYS MA 86 -30.70 -24.81 -47.53
CA CYS MA 86 -31.30 -24.75 -46.21
C CYS MA 86 -32.26 -23.56 -46.10
N GLU MA 87 -32.66 -23.26 -44.87
CA GLU MA 87 -33.52 -22.11 -44.61
C GLU MA 87 -32.75 -20.82 -44.90
N PRO MA 88 -33.41 -19.80 -45.48
CA PRO MA 88 -32.71 -18.53 -45.76
C PRO MA 88 -32.18 -17.82 -44.51
N TYR MA 89 -32.77 -18.08 -43.34
CA TYR MA 89 -32.28 -17.47 -42.10
C TYR MA 89 -30.84 -17.87 -41.82
N ASP MA 90 -30.50 -19.13 -42.09
CA ASP MA 90 -29.13 -19.61 -41.93
C ASP MA 90 -28.16 -18.96 -42.91
N THR MA 91 -28.66 -18.30 -43.95
CA THR MA 91 -27.81 -17.55 -44.87
C THR MA 91 -27.68 -16.08 -44.50
N MET MA 92 -28.32 -15.65 -43.40
CA MET MA 92 -28.38 -14.22 -43.09
C MET MA 92 -27.00 -13.65 -42.80
N HIS MA 93 -26.13 -14.46 -42.18
CA HIS MA 93 -24.76 -14.02 -41.89
C HIS MA 93 -23.94 -13.83 -43.16
N LEU MA 94 -24.39 -14.36 -44.30
CA LEU MA 94 -23.70 -14.09 -45.57
C LEU MA 94 -24.10 -12.77 -46.18
N ARG MA 95 -25.07 -12.06 -45.60
CA ARG MA 95 -25.55 -10.83 -46.23
C ARG MA 95 -24.58 -9.65 -46.14
N PRO MA 96 -24.01 -9.30 -44.97
CA PRO MA 96 -23.14 -8.11 -44.94
C PRO MA 96 -21.75 -8.31 -45.51
N MET MA 97 -21.48 -9.40 -46.23
CA MET MA 97 -20.14 -9.71 -46.70
C MET MA 97 -19.78 -9.02 -48.01
N GLY MA 98 -20.73 -8.31 -48.62
CA GLY MA 98 -20.47 -7.63 -49.87
C GLY MA 98 -21.36 -6.41 -50.01
N ASP MA 99 -21.24 -5.73 -51.15
CA ASP MA 99 -21.99 -4.52 -51.42
C ASP MA 99 -23.41 -4.86 -51.86
N LEU MA 100 -24.14 -3.87 -52.35
CA LEU MA 100 -25.52 -4.06 -52.73
C LEU MA 100 -25.60 -4.78 -54.07
N GLY MA 101 -26.22 -5.96 -54.07
CA GLY MA 101 -26.37 -6.74 -55.27
C GLY MA 101 -25.16 -7.57 -55.65
N GLN MA 102 -24.10 -7.54 -54.86
CA GLN MA 102 -22.93 -8.35 -55.17
C GLN MA 102 -23.09 -9.80 -54.77
N ILE MA 103 -24.08 -10.13 -53.94
CA ILE MA 103 -24.39 -11.51 -53.58
C ILE MA 103 -25.84 -11.77 -53.96
N ILE MA 104 -26.06 -12.79 -54.77
CA ILE MA 104 -27.40 -13.18 -55.21
C ILE MA 104 -27.69 -14.55 -54.63
N PHE MA 105 -28.63 -14.61 -53.69
CA PHE MA 105 -29.06 -15.87 -53.10
C PHE MA 105 -30.13 -16.51 -53.97
N MET MA 106 -30.01 -17.82 -54.16
CA MET MA 106 -31.00 -18.53 -54.96
C MET MA 106 -31.10 -19.97 -54.51
N ASP MA 107 -32.25 -20.58 -54.80
CA ASP MA 107 -32.52 -21.96 -54.39
C ASP MA 107 -31.88 -22.94 -55.36
N TRP MA 108 -31.52 -24.11 -54.84
CA TRP MA 108 -30.98 -25.18 -55.67
C TRP MA 108 -31.24 -26.51 -55.00
N ASN MA 109 -31.16 -27.57 -55.80
CA ASN MA 109 -31.32 -28.93 -55.32
C ASN MA 109 -30.16 -29.77 -55.86
N GLY MA 110 -29.70 -30.72 -55.05
CA GLY MA 110 -28.56 -31.54 -55.43
C GLY MA 110 -28.85 -32.52 -56.54
N ARG MA 111 -30.11 -32.89 -56.73
CA ARG MA 111 -30.50 -33.84 -57.77
C ARG MA 111 -31.17 -33.19 -58.95
N ASP MA 112 -31.37 -31.87 -58.92
CA ASP MA 112 -32.05 -31.15 -59.99
C ASP MA 112 -31.02 -30.40 -60.81
N LYS MA 113 -30.84 -30.81 -62.07
CA LYS MA 113 -29.88 -30.16 -62.94
C LYS MA 113 -30.36 -28.81 -63.44
N ASP MA 114 -31.67 -28.55 -63.41
CA ASP MA 114 -32.18 -27.26 -63.87
C ASP MA 114 -31.78 -26.13 -62.94
N SER MA 115 -31.74 -26.40 -61.63
CA SER MA 115 -31.29 -25.39 -60.67
C SER MA 115 -29.81 -25.07 -60.86
N ILE MA 116 -28.99 -26.09 -61.13
CA ILE MA 116 -27.57 -25.87 -61.38
C ILE MA 116 -27.38 -25.10 -62.69
N ARG MA 117 -28.18 -25.41 -63.71
CA ARG MA 117 -28.13 -24.66 -64.96
C ARG MA 117 -28.52 -23.21 -64.75
N ARG MA 118 -29.52 -22.96 -63.91
CA ARG MA 118 -29.91 -21.59 -63.58
C ARG MA 118 -28.81 -20.88 -62.79
N ALA MA 119 -28.05 -21.61 -61.99
CA ALA MA 119 -27.08 -20.97 -61.12
C ALA MA 119 -25.76 -20.65 -61.83
N VAL MA 120 -25.28 -21.55 -62.69
CA VAL MA 120 -23.91 -21.44 -63.20
C VAL MA 120 -23.84 -20.82 -64.58
N GLU MA 121 -24.97 -20.48 -65.21
CA GLU MA 121 -24.92 -20.05 -66.60
C GLU MA 121 -24.41 -18.62 -66.78
N HIS MA 122 -24.38 -17.83 -65.72
CA HIS MA 122 -23.97 -16.43 -65.81
C HIS MA 122 -22.65 -16.13 -65.10
N SER MA 123 -21.91 -17.16 -64.70
CA SER MA 123 -20.68 -16.99 -63.94
C SER MA 123 -19.49 -17.52 -64.73
N ASN MA 124 -18.32 -16.91 -64.48
CA ASN MA 124 -17.10 -17.35 -65.14
C ASN MA 124 -16.22 -18.21 -64.24
N VAL MA 125 -16.61 -18.47 -63.00
CA VAL MA 125 -15.89 -19.44 -62.17
C VAL MA 125 -16.87 -20.10 -61.21
N VAL MA 126 -16.76 -21.42 -61.08
CA VAL MA 126 -17.62 -22.22 -60.21
C VAL MA 126 -16.75 -22.95 -59.20
N ILE MA 127 -17.06 -22.79 -57.91
CA ILE MA 127 -16.32 -23.41 -56.81
C ILE MA 127 -17.22 -24.45 -56.16
N ASN MA 128 -16.68 -25.64 -55.91
CA ASN MA 128 -17.41 -26.75 -55.33
C ASN MA 128 -16.85 -27.10 -53.97
N LEU MA 129 -17.68 -26.90 -52.93
CA LEU MA 129 -17.33 -27.12 -51.53
C LEU MA 129 -18.39 -27.97 -50.82
N VAL MA 130 -19.17 -28.76 -51.55
CA VAL MA 130 -20.25 -29.54 -50.95
C VAL MA 130 -19.65 -30.75 -50.23
N GLY MA 131 -20.05 -30.95 -48.98
CA GLY MA 131 -19.56 -32.07 -48.21
C GLY MA 131 -20.35 -32.27 -46.94
N ARG MA 132 -20.21 -33.48 -46.38
CA ARG MA 132 -20.85 -33.82 -45.11
C ARG MA 132 -19.94 -34.77 -44.36
N GLU MA 133 -19.74 -34.51 -43.06
CA GLU MA 133 -18.95 -35.42 -42.24
C GLU MA 133 -19.70 -36.72 -41.95
N TRP MA 134 -21.03 -36.71 -42.04
CA TRP MA 134 -21.86 -37.87 -41.74
C TRP MA 134 -22.87 -38.07 -42.87
N GLU MA 135 -23.36 -39.29 -42.99
CA GLU MA 135 -24.37 -39.61 -43.98
C GLU MA 135 -25.74 -39.63 -43.34
N THR MA 136 -26.72 -39.08 -44.04
CA THR MA 136 -28.10 -39.03 -43.58
C THR MA 136 -28.94 -40.04 -44.35
N LYS MA 137 -30.24 -40.04 -44.07
CA LYS MA 137 -31.15 -40.94 -44.77
C LYS MA 137 -31.32 -40.54 -46.22
N ASN MA 138 -31.48 -39.25 -46.49
CA ASN MA 138 -31.70 -38.79 -47.86
C ASN MA 138 -30.41 -38.85 -48.68
N PHE MA 139 -29.29 -38.46 -48.10
CA PHE MA 139 -28.02 -38.39 -48.80
C PHE MA 139 -26.98 -39.21 -48.06
N ASP MA 140 -26.33 -40.13 -48.78
CA ASP MA 140 -25.19 -40.87 -48.26
C ASP MA 140 -23.90 -40.20 -48.74
N PHE MA 141 -22.77 -40.86 -48.52
CA PHE MA 141 -21.49 -40.29 -48.91
C PHE MA 141 -21.33 -40.27 -50.43
N GLU MA 142 -21.84 -41.29 -51.10
CA GLU MA 142 -21.69 -41.39 -52.56
C GLU MA 142 -22.45 -40.29 -53.27
N ASP MA 143 -23.66 -39.97 -52.80
CA ASP MA 143 -24.43 -38.92 -53.43
C ASP MA 143 -23.79 -37.55 -53.21
N VAL MA 144 -23.25 -37.31 -52.03
CA VAL MA 144 -22.66 -36.01 -51.72
C VAL MA 144 -21.34 -35.82 -52.47
N PHE MA 145 -20.49 -36.85 -52.50
CA PHE MA 145 -19.12 -36.68 -52.98
C PHE MA 145 -18.91 -37.07 -54.44
N VAL MA 146 -19.82 -37.83 -55.06
CA VAL MA 146 -19.66 -38.28 -56.44
C VAL MA 146 -20.73 -37.71 -57.35
N LYS MA 147 -22.00 -37.89 -56.99
CA LYS MA 147 -23.10 -37.51 -57.87
C LYS MA 147 -23.20 -36.00 -58.03
N ILE MA 148 -23.22 -35.27 -56.91
CA ILE MA 148 -23.31 -33.81 -56.97
C ILE MA 148 -22.10 -33.15 -57.63
N PRO MA 149 -20.84 -33.49 -57.29
CA PRO MA 149 -19.72 -32.87 -58.01
C PRO MA 149 -19.67 -33.19 -59.50
N GLN MA 150 -20.01 -34.43 -59.88
CA GLN MA 150 -20.04 -34.77 -61.30
C GLN MA 150 -21.14 -34.02 -62.03
N ALA MA 151 -22.31 -33.87 -61.38
CA ALA MA 151 -23.40 -33.12 -61.99
C ALA MA 151 -23.04 -31.64 -62.17
N ILE MA 152 -22.41 -31.05 -61.15
CA ILE MA 152 -21.99 -29.65 -61.24
C ILE MA 152 -20.93 -29.47 -62.32
N ALA MA 153 -19.98 -30.39 -62.39
CA ALA MA 153 -18.93 -30.31 -63.41
C ALA MA 153 -19.50 -30.45 -64.82
N GLN MA 154 -20.43 -31.39 -65.01
CA GLN MA 154 -21.03 -31.59 -66.32
C GLN MA 154 -21.86 -30.38 -66.74
N VAL MA 155 -22.64 -29.82 -65.81
CA VAL MA 155 -23.47 -28.65 -66.13
C VAL MA 155 -22.59 -27.44 -66.42
N SER MA 156 -21.51 -27.26 -65.66
CA SER MA 156 -20.61 -26.14 -65.90
C SER MA 156 -19.86 -26.29 -67.22
N LYS MA 157 -19.51 -27.52 -67.58
CA LYS MA 157 -18.87 -27.77 -68.88
C LYS MA 157 -19.83 -27.50 -70.03
N GLU MA 158 -21.10 -27.87 -69.86
CA GLU MA 158 -22.08 -27.63 -70.92
C GLU MA 158 -22.64 -26.22 -70.90
N ALA MA 159 -22.25 -25.39 -69.93
CA ALA MA 159 -22.67 -23.99 -69.89
C ALA MA 159 -21.55 -23.03 -70.23
N GLY MA 160 -20.39 -23.53 -70.67
CA GLY MA 160 -19.28 -22.68 -71.01
C GLY MA 160 -18.65 -21.93 -69.86
N VAL MA 161 -18.42 -22.60 -68.74
CA VAL MA 161 -17.77 -22.00 -67.58
C VAL MA 161 -16.27 -22.15 -67.73
N GLU MA 162 -15.53 -21.05 -67.52
CA GLU MA 162 -14.09 -21.05 -67.74
C GLU MA 162 -13.36 -21.86 -66.68
N LYS MA 163 -13.54 -21.51 -65.41
CA LYS MA 163 -12.78 -22.10 -64.31
C LYS MA 163 -13.71 -22.89 -63.39
N PHE MA 164 -13.27 -24.09 -63.03
CA PHE MA 164 -13.97 -24.94 -62.06
C PHE MA 164 -12.98 -25.38 -61.01
N ILE MA 165 -13.33 -25.15 -59.74
CA ILE MA 165 -12.53 -25.55 -58.59
C ILE MA 165 -13.30 -26.60 -57.81
N HIS MA 166 -12.62 -27.66 -57.40
CA HIS MA 166 -13.24 -28.72 -56.63
C HIS MA 166 -12.40 -28.99 -55.39
N ILE MA 167 -13.02 -28.97 -54.22
CA ILE MA 167 -12.28 -29.15 -52.97
C ILE MA 167 -12.44 -30.59 -52.50
N SER MA 168 -11.38 -31.38 -52.66
CA SER MA 168 -11.29 -32.75 -52.19
C SER MA 168 -10.54 -32.80 -50.86
N HIS MA 169 -10.18 -33.99 -50.42
CA HIS MA 169 -9.37 -34.20 -49.22
C HIS MA 169 -7.98 -34.69 -49.60
N LEU MA 170 -7.02 -34.42 -48.71
CA LEU MA 170 -5.64 -34.83 -48.96
C LEU MA 170 -5.49 -36.34 -48.92
N ASN MA 171 -6.10 -37.00 -47.94
CA ASN MA 171 -5.96 -38.43 -47.74
C ASN MA 171 -6.96 -39.25 -48.56
N ALA MA 172 -7.48 -38.69 -49.64
CA ALA MA 172 -8.47 -39.38 -50.46
C ALA MA 172 -7.80 -40.51 -51.23
N ASP MA 173 -8.10 -41.74 -50.85
CA ASP MA 173 -7.56 -42.92 -51.50
C ASP MA 173 -8.70 -43.90 -51.78
N ILE MA 174 -8.65 -44.55 -52.95
CA ILE MA 174 -9.74 -45.43 -53.36
C ILE MA 174 -9.77 -46.70 -52.51
N LYS MA 175 -8.62 -47.17 -52.04
CA LYS MA 175 -8.54 -48.38 -51.22
C LYS MA 175 -8.48 -48.06 -49.73
N SER MA 176 -8.97 -46.89 -49.32
CA SER MA 176 -8.93 -46.50 -47.92
C SER MA 176 -9.96 -47.26 -47.12
N SER MA 177 -9.89 -47.11 -45.79
CA SER MA 177 -10.73 -47.85 -44.87
C SER MA 177 -11.95 -47.07 -44.41
N SER MA 178 -12.21 -45.91 -45.01
CA SER MA 178 -13.40 -45.13 -44.69
C SER MA 178 -14.16 -44.81 -45.98
N LYS MA 179 -15.50 -44.80 -45.87
CA LYS MA 179 -16.32 -44.48 -47.03
C LYS MA 179 -16.14 -43.03 -47.47
N TYR MA 180 -15.81 -42.14 -46.52
CA TYR MA 180 -15.56 -40.74 -46.83
C TYR MA 180 -14.43 -40.59 -47.83
N LEU MA 181 -13.27 -41.20 -47.54
CA LEU MA 181 -12.10 -41.03 -48.39
C LEU MA 181 -12.25 -41.78 -49.70
N ARG MA 182 -12.87 -42.97 -49.68
CA ARG MA 182 -13.09 -43.73 -50.90
C ARG MA 182 -14.01 -42.99 -51.86
N ASN MA 183 -15.14 -42.51 -51.36
CA ASN MA 183 -16.06 -41.78 -52.22
C ASN MA 183 -15.50 -40.44 -52.64
N LYS MA 184 -14.66 -39.82 -51.79
CA LYS MA 184 -14.02 -38.57 -52.19
C LYS MA 184 -13.02 -38.78 -53.31
N ALA MA 185 -12.25 -39.86 -53.26
CA ALA MA 185 -11.33 -40.17 -54.35
C ALA MA 185 -12.06 -40.49 -55.64
N VAL MA 186 -13.17 -41.24 -55.55
CA VAL MA 186 -13.97 -41.55 -56.73
C VAL MA 186 -14.56 -40.27 -57.34
N GLY MA 187 -15.07 -39.39 -56.49
CA GLY MA 187 -15.62 -38.14 -56.98
C GLY MA 187 -14.56 -37.21 -57.57
N GLU MA 188 -13.36 -37.22 -57.00
CA GLU MA 188 -12.26 -36.45 -57.56
C GLU MA 188 -11.87 -36.95 -58.95
N LYS MA 189 -11.82 -38.28 -59.12
CA LYS MA 189 -11.54 -38.84 -60.43
C LYS MA 189 -12.64 -38.50 -61.44
N GLU MA 190 -13.91 -38.58 -61.01
CA GLU MA 190 -15.00 -38.26 -61.92
C GLU MA 190 -15.00 -36.78 -62.31
N VAL MA 191 -14.65 -35.90 -61.37
CA VAL MA 191 -14.53 -34.48 -61.68
C VAL MA 191 -13.39 -34.24 -62.66
N ARG MA 192 -12.26 -34.95 -62.48
CA ARG MA 192 -11.13 -34.79 -63.39
C ARG MA 192 -11.47 -35.23 -64.81
N GLU MA 193 -12.18 -36.35 -64.97
CA GLU MA 193 -12.53 -36.77 -66.32
C GLU MA 193 -13.67 -35.94 -66.91
N THR MA 194 -14.60 -35.46 -66.08
CA THR MA 194 -15.70 -34.68 -66.62
C THR MA 194 -15.25 -33.27 -67.00
N PHE MA 195 -14.42 -32.64 -66.17
CA PHE MA 195 -13.90 -31.31 -66.40
C PHE MA 195 -12.38 -31.40 -66.46
N PRO MA 196 -11.79 -31.51 -67.66
CA PRO MA 196 -10.34 -31.73 -67.74
C PRO MA 196 -9.50 -30.53 -67.31
N GLU MA 197 -10.07 -29.34 -67.26
CA GLU MA 197 -9.35 -28.14 -66.83
C GLU MA 197 -9.74 -27.71 -65.42
N ALA MA 198 -10.16 -28.64 -64.58
CA ALA MA 198 -10.61 -28.33 -63.23
C ALA MA 198 -9.43 -28.34 -62.26
N THR MA 199 -9.40 -27.32 -61.40
CA THR MA 199 -8.40 -27.25 -60.34
C THR MA 199 -8.92 -27.99 -59.12
N ILE MA 200 -8.26 -29.08 -58.76
CA ILE MA 200 -8.65 -29.89 -57.61
C ILE MA 200 -7.70 -29.56 -56.47
N ILE MA 201 -8.26 -29.10 -55.35
CA ILE MA 201 -7.49 -28.66 -54.20
C ILE MA 201 -7.74 -29.62 -53.05
N LYS MA 202 -6.65 -30.10 -52.44
CA LYS MA 202 -6.73 -31.10 -51.37
C LYS MA 202 -6.16 -30.52 -50.08
N PRO MA 203 -6.98 -29.85 -49.27
CA PRO MA 203 -6.51 -29.45 -47.94
C PRO MA 203 -6.33 -30.66 -47.04
N ALA MA 204 -5.42 -30.51 -46.07
CA ALA MA 204 -5.11 -31.64 -45.19
C ALA MA 204 -6.15 -31.76 -44.07
N ASP MA 205 -6.18 -30.78 -43.19
CA ASP MA 205 -7.13 -30.77 -42.08
C ASP MA 205 -7.23 -29.33 -41.58
N ILE MA 206 -8.38 -28.71 -41.79
CA ILE MA 206 -8.50 -27.27 -41.60
C ILE MA 206 -8.96 -26.98 -40.18
N PHE MA 207 -8.24 -26.09 -39.49
CA PHE MA 207 -8.61 -25.61 -38.17
C PHE MA 207 -8.95 -24.13 -38.22
N GLY MA 208 -9.96 -23.74 -37.47
CA GLY MA 208 -10.40 -22.36 -37.47
C GLY MA 208 -11.35 -22.09 -36.33
N ARG MA 209 -12.08 -20.99 -36.45
CA ARG MA 209 -13.01 -20.60 -35.38
C ARG MA 209 -14.22 -21.53 -35.33
N GLU MA 210 -14.73 -21.95 -36.48
CA GLU MA 210 -15.93 -22.78 -36.56
C GLU MA 210 -15.62 -24.16 -37.13
N ASP MA 211 -14.40 -24.66 -36.91
CA ASP MA 211 -13.97 -25.91 -37.49
C ASP MA 211 -14.53 -27.09 -36.71
N ARG MA 212 -14.21 -28.29 -37.18
CA ARG MA 212 -14.56 -29.53 -36.49
C ARG MA 212 -13.31 -30.38 -36.26
N PHE MA 213 -12.16 -29.73 -36.09
CA PHE MA 213 -10.90 -30.41 -35.85
C PHE MA 213 -10.34 -30.09 -34.47
N LEU MA 214 -10.10 -28.81 -34.16
CA LEU MA 214 -9.67 -28.45 -32.82
C LEU MA 214 -10.84 -28.47 -31.85
N ASN MA 215 -12.02 -28.06 -32.32
CA ASN MA 215 -13.22 -28.11 -31.47
C ASN MA 215 -13.63 -29.54 -31.18
N TYR MA 216 -13.38 -30.47 -32.11
CA TYR MA 216 -13.66 -31.88 -31.85
C TYR MA 216 -12.77 -32.42 -30.74
N PHE MA 217 -11.49 -32.05 -30.74
CA PHE MA 217 -10.59 -32.52 -29.69
C PHE MA 217 -10.88 -31.84 -28.36
N ALA MA 218 -11.28 -30.56 -28.40
CA ALA MA 218 -11.52 -29.84 -27.15
C ALA MA 218 -12.82 -30.26 -26.49
N ASN MA 219 -13.81 -30.70 -27.27
CA ASN MA 219 -15.12 -31.03 -26.73
C ASN MA 219 -15.26 -32.47 -26.29
N ILE MA 220 -14.24 -33.31 -26.49
CA ILE MA 220 -14.35 -34.71 -26.10
C ILE MA 220 -14.06 -34.91 -24.61
N ARG MA 221 -13.41 -33.93 -23.97
CA ARG MA 221 -13.07 -33.95 -22.53
C ARG MA 221 -12.32 -35.21 -22.09
N SER MA 230 -10.17 -39.45 -29.12
CA SER MA 230 -10.65 -40.65 -28.44
C SER MA 230 -9.52 -41.34 -27.68
N LEU MA 231 -8.38 -41.50 -28.35
CA LEU MA 231 -7.23 -42.16 -27.76
C LEU MA 231 -5.96 -41.64 -28.44
N GLY MA 232 -4.82 -42.21 -28.06
CA GLY MA 232 -3.55 -41.78 -28.60
C GLY MA 232 -2.87 -42.82 -29.47
N LYS MA 233 -2.69 -42.51 -30.75
CA LYS MA 233 -2.02 -43.41 -31.69
C LYS MA 233 -0.78 -42.76 -32.27
N LYS MA 234 -0.18 -43.40 -33.27
CA LYS MA 234 1.02 -42.89 -33.93
C LYS MA 234 0.70 -42.12 -35.20
N THR MA 235 -0.46 -41.47 -35.25
CA THR MA 235 -0.86 -40.68 -36.41
C THR MA 235 -0.01 -39.42 -36.51
N VAL MA 236 0.34 -39.04 -37.73
CA VAL MA 236 1.05 -37.81 -38.01
C VAL MA 236 0.17 -36.95 -38.92
N LYS MA 237 -0.01 -35.69 -38.56
CA LYS MA 237 -0.91 -34.80 -39.27
C LYS MA 237 -0.28 -33.43 -39.45
N GLN MA 238 -0.73 -32.71 -40.48
CA GLN MA 238 -0.35 -31.31 -40.70
C GLN MA 238 -1.62 -30.49 -40.79
N PRO MA 239 -2.08 -29.90 -39.68
CA PRO MA 239 -3.21 -28.97 -39.75
C PRO MA 239 -2.85 -27.71 -40.53
N VAL MA 240 -3.84 -27.17 -41.23
CA VAL MA 240 -3.65 -26.00 -42.08
C VAL MA 240 -4.72 -24.97 -41.73
N TYR MA 241 -4.29 -23.71 -41.58
CA TYR MA 241 -5.20 -22.64 -41.20
C TYR MA 241 -6.18 -22.33 -42.33
N ILE MA 242 -7.37 -21.87 -41.93
CA ILE MA 242 -8.45 -21.64 -42.89
C ILE MA 242 -8.13 -20.43 -43.78
N VAL MA 243 -7.46 -19.42 -43.23
CA VAL MA 243 -7.21 -18.19 -43.98
C VAL MA 243 -6.22 -18.46 -45.12
N ASP MA 244 -5.20 -19.28 -44.89
CA ASP MA 244 -4.30 -19.64 -45.97
C ASP MA 244 -4.99 -20.49 -47.04
N VAL MA 245 -5.94 -21.34 -46.64
CA VAL MA 245 -6.72 -22.10 -47.61
C VAL MA 245 -7.54 -21.16 -48.48
N THR MA 246 -8.18 -20.16 -47.87
CA THR MA 246 -8.97 -19.19 -48.63
C THR MA 246 -8.09 -18.35 -49.55
N LYS MA 247 -6.92 -17.94 -49.06
CA LYS MA 247 -5.99 -17.19 -49.89
C LYS MA 247 -5.47 -18.01 -51.05
N GLY MA 248 -5.21 -19.30 -50.83
CA GLY MA 248 -4.80 -20.17 -51.91
C GLY MA 248 -5.89 -20.38 -52.94
N ILE MA 249 -7.14 -20.49 -52.49
CA ILE MA 249 -8.26 -20.60 -53.43
C ILE MA 249 -8.40 -19.33 -54.26
N ILE MA 250 -8.28 -18.17 -53.62
CA ILE MA 250 -8.37 -16.90 -54.34
C ILE MA 250 -7.23 -16.75 -55.35
N ASN MA 251 -6.01 -17.15 -54.95
CA ASN MA 251 -4.88 -17.11 -55.88
C ASN MA 251 -5.05 -18.10 -57.02
N ALA MA 252 -5.68 -19.25 -56.77
CA ALA MA 252 -5.99 -20.18 -57.85
C ALA MA 252 -7.04 -19.61 -58.79
N ILE MA 253 -7.96 -18.79 -58.27
CA ILE MA 253 -8.88 -18.07 -59.14
C ILE MA 253 -8.13 -17.09 -60.03
N LYS MA 254 -7.20 -16.34 -59.42
CA LYS MA 254 -6.50 -15.29 -60.16
C LYS MA 254 -5.49 -15.86 -61.15
N ASP MA 255 -4.70 -16.84 -60.72
CA ASP MA 255 -3.59 -17.33 -61.54
C ASP MA 255 -4.12 -18.23 -62.65
N PRO MA 256 -3.82 -17.93 -63.92
CA PRO MA 256 -4.29 -18.80 -65.01
C PRO MA 256 -3.48 -20.08 -65.18
N ASP MA 257 -2.32 -20.19 -64.53
CA ASP MA 257 -1.52 -21.40 -64.63
C ASP MA 257 -2.16 -22.57 -63.88
N ALA MA 258 -2.95 -22.28 -62.86
CA ALA MA 258 -3.50 -23.30 -61.96
C ALA MA 258 -4.57 -24.17 -62.63
N ARG MA 259 -5.01 -23.84 -63.84
CA ARG MA 259 -6.01 -24.66 -64.51
C ARG MA 259 -5.42 -26.01 -64.88
N GLY MA 260 -6.12 -27.08 -64.48
CA GLY MA 260 -5.69 -28.43 -64.76
C GLY MA 260 -4.74 -29.03 -63.72
N LYS MA 261 -4.30 -28.24 -62.76
CA LYS MA 261 -3.38 -28.74 -61.74
C LYS MA 261 -4.16 -29.42 -60.61
N THR MA 262 -3.42 -30.08 -59.72
CA THR MA 262 -3.98 -30.69 -58.53
C THR MA 262 -3.09 -30.29 -57.36
N PHE MA 263 -3.51 -29.28 -56.61
CA PHE MA 263 -2.74 -28.76 -55.50
C PHE MA 263 -2.96 -29.61 -54.25
N ALA MA 264 -2.08 -29.44 -53.27
CA ALA MA 264 -2.18 -30.12 -51.99
C ALA MA 264 -1.82 -29.12 -50.90
N PHE MA 265 -2.84 -28.65 -50.17
CA PHE MA 265 -2.64 -27.61 -49.17
C PHE MA 265 -2.36 -28.28 -47.82
N VAL MA 266 -1.17 -28.06 -47.29
CA VAL MA 266 -0.76 -28.64 -46.02
C VAL MA 266 -0.11 -27.55 -45.17
N GLY MA 267 -0.09 -27.79 -43.86
CA GLY MA 267 0.50 -26.85 -42.94
C GLY MA 267 2.01 -26.90 -42.95
N PRO MA 268 2.62 -26.01 -42.17
CA PRO MA 268 4.09 -25.95 -42.13
C PRO MA 268 4.73 -26.93 -41.15
N ASN MA 269 3.95 -27.56 -40.27
CA ASN MA 269 4.50 -28.43 -39.24
C ASN MA 269 3.75 -29.75 -39.22
N ARG MA 270 4.48 -30.82 -38.89
CA ARG MA 270 3.90 -32.15 -38.71
C ARG MA 270 3.85 -32.47 -37.23
N TYR MA 271 2.66 -32.83 -36.75
CA TYR MA 271 2.46 -33.13 -35.34
C TYR MA 271 2.03 -34.58 -35.19
N LEU MA 272 2.48 -35.21 -34.10
CA LEU MA 272 1.87 -36.46 -33.70
C LEU MA 272 0.49 -36.19 -33.10
N LEU MA 273 -0.39 -37.20 -33.18
CA LEU MA 273 -1.76 -37.01 -32.70
C LEU MA 273 -1.81 -36.83 -31.19
N PHE MA 274 -1.00 -37.59 -30.44
CA PHE MA 274 -0.98 -37.46 -28.99
C PHE MA 274 -0.48 -36.09 -28.56
N ASP MA 275 0.58 -35.59 -29.21
CA ASP MA 275 1.10 -34.27 -28.88
C ASP MA 275 0.13 -33.18 -29.27
N LEU MA 276 -0.58 -33.35 -30.38
CA LEU MA 276 -1.59 -32.37 -30.79
C LEU MA 276 -2.73 -32.31 -29.78
N VAL MA 277 -3.22 -33.47 -29.33
CA VAL MA 277 -4.29 -33.50 -28.34
C VAL MA 277 -3.82 -32.92 -27.02
N GLN MA 278 -2.58 -33.21 -26.62
CA GLN MA 278 -2.03 -32.64 -25.39
C GLN MA 278 -1.90 -31.13 -25.48
N TYR MA 279 -1.47 -30.62 -26.64
CA TYR MA 279 -1.37 -29.17 -26.81
C TYR MA 279 -2.74 -28.51 -26.80
N VAL MA 280 -3.75 -29.17 -27.40
CA VAL MA 280 -5.11 -28.62 -27.39
C VAL MA 280 -5.64 -28.58 -25.97
N PHE MA 281 -5.42 -29.63 -25.18
CA PHE MA 281 -5.86 -29.63 -23.79
C PHE MA 281 -5.10 -28.62 -22.95
N ALA MA 282 -3.82 -28.38 -23.28
CA ALA MA 282 -3.04 -27.40 -22.52
C ALA MA 282 -3.48 -25.98 -22.83
N VAL MA 283 -3.78 -25.68 -24.09
CA VAL MA 283 -4.19 -24.32 -24.44
C VAL MA 283 -5.63 -24.03 -24.04
N ALA MA 284 -6.44 -25.07 -23.81
CA ALA MA 284 -7.81 -24.90 -23.36
C ALA MA 284 -7.97 -25.07 -21.85
N HIS MA 285 -6.87 -25.33 -21.14
CA HIS MA 285 -6.85 -25.53 -19.68
C HIS MA 285 -7.81 -26.64 -19.25
N ARG MA 286 -7.85 -27.72 -20.03
CA ARG MA 286 -8.69 -28.87 -19.74
C ARG MA 286 -7.82 -30.05 -19.36
N PRO MA 287 -7.93 -30.59 -18.14
CA PRO MA 287 -7.10 -31.72 -17.70
C PRO MA 287 -7.45 -33.03 -18.42
N TRP MA 313 -21.77 -35.64 -30.61
CA TRP MA 313 -21.99 -36.00 -32.00
C TRP MA 313 -20.70 -36.52 -32.63
N THR MA 314 -20.64 -37.84 -32.81
CA THR MA 314 -19.48 -38.49 -33.42
C THR MA 314 -19.94 -39.77 -34.09
N THR MA 315 -19.03 -40.39 -34.82
CA THR MA 315 -19.33 -41.63 -35.53
C THR MA 315 -18.04 -42.42 -35.71
N ARG MA 316 -18.19 -43.63 -36.23
CA ARG MA 316 -17.05 -44.52 -36.44
C ARG MA 316 -16.15 -44.00 -37.56
N ASP MA 317 -16.76 -43.41 -38.60
CA ASP MA 317 -15.98 -42.95 -39.75
C ASP MA 317 -15.05 -41.79 -39.38
N LYS MA 318 -15.50 -40.90 -38.50
CA LYS MA 318 -14.62 -39.83 -38.02
C LYS MA 318 -13.44 -40.38 -37.24
N VAL MA 319 -13.68 -41.42 -36.43
CA VAL MA 319 -12.61 -42.05 -35.68
C VAL MA 319 -11.61 -42.71 -36.61
N GLU MA 320 -12.09 -43.34 -37.68
CA GLU MA 320 -11.18 -43.94 -38.65
C GLU MA 320 -10.45 -42.88 -39.46
N ARG MA 321 -11.08 -41.72 -39.67
CA ARG MA 321 -10.42 -40.66 -40.43
C ARG MA 321 -9.30 -40.01 -39.62
N ILE MA 322 -9.54 -39.74 -38.33
CA ILE MA 322 -8.51 -39.09 -37.52
C ILE MA 322 -7.37 -40.03 -37.15
N HIS MA 323 -7.52 -41.33 -37.41
CA HIS MA 323 -6.43 -42.28 -37.21
C HIS MA 323 -5.61 -42.49 -38.48
N THR MA 324 -5.92 -41.78 -39.55
CA THR MA 324 -5.22 -41.91 -40.83
C THR MA 324 -4.16 -40.82 -40.92
N THR MA 325 -2.90 -41.23 -41.12
CA THR MA 325 -1.82 -40.27 -41.19
C THR MA 325 -1.88 -39.46 -42.48
N ASP MA 326 -1.42 -38.22 -42.39
CA ASP MA 326 -1.42 -37.32 -43.54
C ASP MA 326 -0.30 -37.71 -44.48
N ARG MA 327 -0.66 -38.15 -45.68
CA ARG MA 327 0.33 -38.62 -46.64
C ARG MA 327 1.19 -37.47 -47.15
N THR MA 328 2.42 -37.78 -47.52
CA THR MA 328 3.36 -36.81 -48.05
C THR MA 328 3.31 -36.87 -49.58
N LEU MA 329 3.02 -35.74 -50.21
CA LEU MA 329 2.91 -35.65 -51.66
C LEU MA 329 3.81 -34.52 -52.14
N PRO MA 330 5.13 -34.77 -52.24
CA PRO MA 330 6.03 -33.73 -52.75
C PRO MA 330 5.83 -33.42 -54.22
N HIS MA 331 5.29 -34.37 -54.99
CA HIS MA 331 5.02 -34.12 -56.40
C HIS MA 331 3.90 -33.11 -56.60
N LEU MA 332 2.89 -33.13 -55.72
CA LEU MA 332 1.80 -32.17 -55.85
C LEU MA 332 2.23 -30.80 -55.37
N PRO MA 333 1.91 -29.74 -56.11
CA PRO MA 333 2.23 -28.38 -55.66
C PRO MA 333 1.42 -28.00 -54.43
N GLY MA 334 1.98 -27.06 -53.66
CA GLY MA 334 1.34 -26.65 -52.42
C GLY MA 334 1.01 -25.18 -52.34
N LEU MA 335 0.98 -24.64 -51.12
CA LEU MA 335 0.63 -23.24 -50.92
C LEU MA 335 1.77 -22.31 -51.32
N GLU MA 336 3.01 -22.80 -51.25
CA GLU MA 336 4.16 -21.96 -51.58
C GLU MA 336 4.23 -21.63 -53.06
N ASP MA 337 3.61 -22.45 -53.91
CA ASP MA 337 3.58 -22.20 -55.35
C ASP MA 337 2.41 -21.32 -55.75
N LEU MA 338 1.58 -20.88 -54.81
CA LEU MA 338 0.52 -19.92 -55.06
C LEU MA 338 0.75 -18.61 -54.32
N GLY MA 339 1.95 -18.40 -53.78
CA GLY MA 339 2.27 -17.16 -53.07
C GLY MA 339 1.52 -16.97 -51.77
N VAL MA 340 1.34 -18.02 -50.99
CA VAL MA 340 0.65 -17.96 -49.71
C VAL MA 340 1.57 -18.52 -48.64
N GLN MA 341 1.81 -17.75 -47.59
CA GLN MA 341 2.62 -18.20 -46.47
C GLN MA 341 1.76 -18.99 -45.49
N ALA MA 342 2.19 -20.21 -45.17
CA ALA MA 342 1.44 -21.07 -44.28
C ALA MA 342 1.61 -20.62 -42.83
N THR MA 343 0.50 -20.50 -42.12
CA THR MA 343 0.48 -20.07 -40.72
C THR MA 343 0.58 -21.26 -39.80
N PRO MA 344 1.50 -21.26 -38.84
CA PRO MA 344 1.59 -22.36 -37.88
C PRO MA 344 0.40 -22.38 -36.93
N LEU MA 345 0.22 -23.53 -36.28
CA LEU MA 345 -0.92 -23.72 -35.38
C LEU MA 345 -0.77 -22.92 -34.10
N GLU MA 346 0.47 -22.60 -33.70
CA GLU MA 346 0.69 -21.94 -32.41
C GLU MA 346 0.18 -20.50 -32.41
N LEU MA 347 0.25 -19.82 -33.55
CA LEU MA 347 -0.16 -18.42 -33.61
C LEU MA 347 -1.68 -18.27 -33.58
N LYS MA 348 -2.43 -19.28 -33.98
CA LYS MA 348 -3.88 -19.17 -34.10
C LYS MA 348 -4.66 -20.09 -33.18
N ALA MA 349 -4.00 -21.02 -32.48
CA ALA MA 349 -4.72 -21.91 -31.57
C ALA MA 349 -5.34 -21.13 -30.40
N ILE MA 350 -4.67 -20.07 -29.95
CA ILE MA 350 -5.22 -19.31 -28.84
C ILE MA 350 -6.48 -18.55 -29.24
N GLU MA 351 -6.52 -18.00 -30.47
CA GLU MA 351 -7.72 -17.32 -30.90
C GLU MA 351 -8.82 -18.31 -31.29
N VAL MA 352 -8.44 -19.54 -31.67
CA VAL MA 352 -9.44 -20.56 -31.94
C VAL MA 352 -10.10 -21.02 -30.64
N LEU MA 353 -9.30 -21.27 -29.61
CA LEU MA 353 -9.78 -21.93 -28.40
C LEU MA 353 -9.85 -20.99 -27.18
N ARG MA 354 -9.89 -19.68 -27.40
CA ARG MA 354 -10.18 -18.78 -26.29
C ARG MA 354 -11.58 -18.98 -25.74
N ARG MA 355 -12.53 -19.36 -26.58
CA ARG MA 355 -13.90 -19.53 -26.14
C ARG MA 355 -14.10 -20.77 -25.26
N HIS MA 356 -13.13 -21.68 -25.21
CA HIS MA 356 -13.24 -22.87 -24.37
C HIS MA 356 -12.66 -22.67 -22.97
N ARG MA 357 -11.97 -21.57 -22.72
CA ARG MA 357 -11.40 -21.33 -21.41
C ARG MA 357 -12.48 -20.97 -20.39
N THR MA 358 -12.21 -21.33 -19.14
CA THR MA 358 -13.15 -21.06 -18.06
C THR MA 358 -12.60 -20.03 -17.08
N VAL MA 369 2.20 -21.44 -22.24
CA VAL MA 369 1.86 -22.77 -22.71
C VAL MA 369 3.00 -23.33 -23.57
N GLN MA 370 3.48 -24.49 -23.18
CA GLN MA 370 4.60 -25.11 -23.89
C GLN MA 370 4.12 -25.65 -25.24
N PRO MA 371 4.75 -25.26 -26.35
CA PRO MA 371 4.29 -25.75 -27.65
C PRO MA 371 4.65 -27.21 -27.87
N ALA MA 372 3.83 -27.88 -28.68
CA ALA MA 372 4.03 -29.29 -28.96
C ALA MA 372 5.23 -29.50 -29.88
N LYS MA 373 5.95 -30.59 -29.63
CA LYS MA 373 7.11 -30.92 -30.45
C LYS MA 373 6.67 -31.52 -31.78
N THR MA 374 7.38 -31.17 -32.84
CA THR MA 374 7.10 -31.65 -34.18
C THR MA 374 7.98 -32.86 -34.51
N VAL MA 375 7.71 -33.46 -35.66
CA VAL MA 375 8.49 -34.60 -36.12
C VAL MA 375 9.27 -34.22 -37.38
N LEU NA 1 30.40 2.78 -79.66
CA LEU NA 1 30.57 2.33 -81.04
C LEU NA 1 30.65 3.56 -81.93
N GLY NA 2 30.07 4.67 -81.47
CA GLY NA 2 30.09 5.91 -82.21
C GLY NA 2 28.99 6.83 -81.75
N LEU NA 3 29.22 8.15 -81.82
CA LEU NA 3 28.21 9.10 -81.40
C LEU NA 3 27.09 9.19 -82.44
N ARG NA 4 25.88 9.41 -81.95
CA ARG NA 4 24.69 9.42 -82.78
C ARG NA 4 24.06 10.79 -82.94
N GLU NA 5 24.18 11.65 -81.94
CA GLU NA 5 23.66 13.01 -82.05
C GLU NA 5 24.43 13.91 -81.09
N ILE NA 6 24.35 15.21 -81.35
CA ILE NA 6 24.95 16.22 -80.49
C ILE NA 6 23.89 17.27 -80.23
N ARG NA 7 23.73 17.66 -78.96
CA ARG NA 7 22.78 18.69 -78.58
C ARG NA 7 23.51 19.82 -77.88
N ILE NA 8 23.24 21.06 -78.29
CA ILE NA 8 23.83 22.25 -77.70
C ILE NA 8 22.69 23.11 -77.16
N HIS NA 9 22.64 23.27 -75.84
CA HIS NA 9 21.64 24.10 -75.19
C HIS NA 9 22.26 25.43 -74.77
N LEU NA 10 21.51 26.51 -74.97
CA LEU NA 10 22.03 27.83 -74.67
C LEU NA 10 20.87 28.79 -74.43
N CYS NA 11 21.21 30.05 -74.18
CA CYS NA 11 20.24 31.11 -73.96
C CYS NA 11 20.50 32.27 -74.92
N GLN NA 12 19.41 32.95 -75.29
CA GLN NA 12 19.51 34.05 -76.25
C GLN NA 12 19.99 35.35 -75.60
N ARG NA 13 19.75 35.53 -74.30
CA ARG NA 13 20.02 36.80 -73.64
C ARG NA 13 21.07 36.72 -72.54
N SER NA 14 21.33 35.55 -71.98
CA SER NA 14 22.28 35.45 -70.88
C SER NA 14 23.71 35.66 -71.39
N PRO NA 15 24.56 36.36 -70.62
CA PRO NA 15 25.93 36.60 -71.10
C PRO NA 15 26.82 35.38 -71.04
N GLY NA 16 26.55 34.43 -70.14
CA GLY NA 16 27.38 33.24 -70.00
C GLY NA 16 27.36 32.33 -71.22
N SER NA 17 26.30 32.40 -72.01
CA SER NA 17 26.22 31.65 -73.27
C SER NA 17 26.85 32.39 -74.43
N GLN NA 18 27.41 33.58 -74.19
CA GLN NA 18 27.81 34.48 -75.27
C GLN NA 18 28.88 33.84 -76.16
N GLY NA 19 29.91 33.25 -75.54
CA GLY NA 19 30.91 32.55 -76.32
C GLY NA 19 30.33 31.39 -77.10
N VAL NA 20 29.38 30.66 -76.51
CA VAL NA 20 28.65 29.62 -77.22
C VAL NA 20 27.90 30.23 -78.41
N ARG NA 21 27.29 31.40 -78.19
CA ARG NA 21 26.66 32.13 -79.28
C ARG NA 21 27.70 32.53 -80.32
N ASP NA 22 28.90 32.92 -79.86
CA ASP NA 22 29.97 33.25 -80.79
C ASP NA 22 30.42 32.06 -81.62
N PHE NA 23 30.09 30.84 -81.19
CA PHE NA 23 30.34 29.68 -82.02
C PHE NA 23 29.33 29.61 -83.18
N ILE NA 24 28.05 29.85 -82.89
CA ILE NA 24 26.98 29.41 -83.79
C ILE NA 24 26.96 30.23 -85.08
N GLU NA 25 27.15 31.54 -84.99
CA GLU NA 25 27.22 32.30 -86.24
C GLU NA 25 28.59 32.28 -86.88
N LYS NA 26 29.58 31.61 -86.29
CA LYS NA 26 30.95 31.66 -86.83
C LYS NA 26 31.43 30.30 -87.36
N ARG NA 27 31.45 29.26 -86.53
CA ARG NA 27 32.00 27.98 -86.97
C ARG NA 27 30.96 26.86 -87.09
N TYR NA 28 29.67 27.16 -87.02
CA TYR NA 28 28.69 26.08 -87.08
C TYR NA 28 28.53 25.53 -88.49
N VAL NA 29 28.44 26.40 -89.49
CA VAL NA 29 28.02 25.99 -90.84
C VAL NA 29 29.03 25.02 -91.44
N GLU NA 30 30.31 25.35 -91.35
CA GLU NA 30 31.35 24.44 -91.82
C GLU NA 30 31.35 23.14 -91.03
N LEU NA 31 31.00 23.20 -89.75
CA LEU NA 31 30.80 21.98 -88.97
C LEU NA 31 29.67 21.15 -89.56
N LYS NA 32 28.57 21.81 -89.94
CA LYS NA 32 27.50 21.10 -90.65
C LYS NA 32 27.95 20.66 -92.04
N LYS NA 33 28.96 21.31 -92.60
CA LYS NA 33 29.55 20.86 -93.85
C LYS NA 33 30.57 19.75 -93.65
N ALA NA 34 30.89 19.41 -92.41
CA ALA NA 34 31.83 18.32 -92.14
C ALA NA 34 31.15 17.02 -91.73
N ASN NA 35 30.02 17.10 -91.03
CA ASN NA 35 29.27 15.93 -90.59
C ASN NA 35 27.82 16.09 -91.04
N PRO NA 36 27.54 15.86 -92.33
CA PRO NA 36 26.17 16.09 -92.82
C PRO NA 36 25.17 15.05 -92.34
N ASP NA 37 25.61 13.89 -91.87
CA ASP NA 37 24.72 12.85 -91.37
C ASP NA 37 24.63 12.82 -89.85
N LEU NA 38 25.17 13.83 -89.17
CA LEU NA 38 25.13 13.89 -87.72
C LEU NA 38 24.14 14.96 -87.29
N PRO NA 39 23.08 14.60 -86.56
CA PRO NA 39 22.15 15.63 -86.06
C PRO NA 39 22.75 16.47 -84.95
N ILE NA 40 22.95 17.75 -85.22
CA ILE NA 40 23.46 18.70 -84.24
C ILE NA 40 22.35 19.67 -83.88
N LEU NA 41 21.59 19.34 -82.84
CA LEU NA 41 20.41 20.11 -82.48
C LEU NA 41 20.80 21.26 -81.56
N ILE NA 42 20.53 22.48 -82.00
CA ILE NA 42 20.78 23.69 -81.21
C ILE NA 42 19.45 24.13 -80.62
N ARG NA 43 19.40 24.23 -79.29
CA ARG NA 43 18.17 24.60 -78.58
C ARG NA 43 18.46 25.77 -77.67
N GLU NA 44 17.58 26.77 -77.72
CA GLU NA 44 17.67 27.95 -76.89
C GLU NA 44 16.53 27.98 -75.89
N CYS NA 45 16.79 28.56 -74.73
CA CYS NA 45 15.76 28.73 -73.72
C CYS NA 45 16.01 30.03 -72.97
N SER NA 46 15.10 30.35 -72.05
CA SER NA 46 15.10 31.68 -71.45
C SER NA 46 16.23 31.84 -70.43
N ASP NA 47 16.49 30.83 -69.60
CA ASP NA 47 17.45 31.01 -68.53
C ASP NA 47 18.32 29.77 -68.29
N VAL NA 48 18.50 28.91 -69.28
CA VAL NA 48 19.28 27.69 -69.07
C VAL NA 48 20.76 28.02 -69.14
N GLN NA 49 21.56 27.27 -68.38
CA GLN NA 49 23.00 27.33 -68.49
C GLN NA 49 23.44 26.67 -69.79
N PRO NA 50 24.58 27.09 -70.34
CA PRO NA 50 25.12 26.41 -71.53
C PRO NA 50 25.45 24.96 -71.23
N LYS NA 51 25.22 24.10 -72.22
CA LYS NA 51 25.33 22.67 -72.01
C LYS NA 51 25.58 21.99 -73.35
N LEU NA 52 26.19 20.80 -73.28
CA LEU NA 52 26.48 20.02 -74.48
C LEU NA 52 26.19 18.56 -74.15
N TRP NA 53 25.17 18.00 -74.77
CA TRP NA 53 24.76 16.62 -74.56
C TRP NA 53 25.22 15.79 -75.74
N ALA NA 54 25.86 14.65 -75.47
CA ALA NA 54 26.36 13.76 -76.50
C ALA NA 54 25.79 12.38 -76.29
N ARG NA 55 24.97 11.92 -77.23
CA ARG NA 55 24.40 10.58 -77.18
C ARG NA 55 25.26 9.64 -77.99
N TYR NA 56 25.56 8.49 -77.42
CA TYR NA 56 26.38 7.46 -78.07
C TYR NA 56 25.51 6.26 -78.40
N ALA NA 57 26.14 5.20 -78.88
CA ALA NA 57 25.42 3.98 -79.23
C ALA NA 57 24.84 3.33 -77.98
N PHE NA 58 23.67 2.70 -78.17
CA PHE NA 58 22.93 2.00 -77.12
C PHE NA 58 22.57 2.92 -75.95
N GLY NA 59 22.26 4.18 -76.24
CA GLY NA 59 21.64 5.07 -75.29
C GLY NA 59 22.56 5.75 -74.29
N GLN NA 60 23.87 5.56 -74.40
CA GLN NA 60 24.79 6.22 -73.47
C GLN NA 60 24.89 7.70 -73.78
N GLU NA 61 24.74 8.54 -72.76
CA GLU NA 61 24.77 9.98 -72.91
C GLU NA 61 25.79 10.57 -71.95
N LYS NA 62 26.58 11.52 -72.45
CA LYS NA 62 27.51 12.27 -71.62
C LYS NA 62 27.20 13.76 -71.70
N ASN NA 63 27.57 14.47 -70.65
CA ASN NA 63 27.26 15.88 -70.48
C ASN NA 63 28.55 16.67 -70.30
N VAL NA 64 28.63 17.82 -70.98
CA VAL NA 64 29.74 18.74 -70.84
C VAL NA 64 29.17 20.14 -70.63
N SER NA 65 29.55 20.77 -69.52
CA SER NA 65 29.11 22.14 -69.25
C SER NA 65 29.90 23.12 -70.09
N LEU NA 66 29.21 24.06 -70.73
CA LEU NA 66 29.83 25.06 -71.59
C LEU NA 66 29.71 26.47 -71.01
N ASN NA 67 29.56 26.59 -69.69
CA ASN NA 67 29.28 27.88 -69.08
C ASN NA 67 30.53 28.75 -69.09
N ASN NA 68 30.35 30.01 -69.53
CA ASN NA 68 31.39 31.04 -69.58
C ASN NA 68 32.58 30.61 -70.44
N PHE NA 69 32.33 29.80 -71.46
CA PHE NA 69 33.37 29.34 -72.36
C PHE NA 69 33.54 30.32 -73.50
N SER NA 70 34.76 30.41 -74.02
CA SER NA 70 34.99 31.16 -75.24
C SER NA 70 34.63 30.31 -76.45
N ALA NA 71 34.66 30.92 -77.63
CA ALA NA 71 34.36 30.19 -78.86
C ALA NA 71 35.39 29.12 -79.13
N ASP NA 72 36.67 29.41 -78.89
CA ASP NA 72 37.73 28.43 -79.08
C ASP NA 72 37.60 27.27 -78.10
N GLN NA 73 37.22 27.55 -76.86
CA GLN NA 73 36.96 26.48 -75.90
C GLN NA 73 35.76 25.64 -76.32
N VAL NA 74 34.74 26.28 -76.91
CA VAL NA 74 33.57 25.56 -77.37
C VAL NA 74 33.92 24.59 -78.50
N THR NA 75 34.70 25.05 -79.48
CA THR NA 75 35.05 24.15 -80.56
C THR NA 75 36.09 23.12 -80.12
N ARG NA 76 36.90 23.42 -79.11
CA ARG NA 76 37.80 22.41 -78.56
C ARG NA 76 37.02 21.29 -77.89
N ALA NA 77 36.00 21.65 -77.10
CA ALA NA 77 35.14 20.63 -76.49
C ALA NA 77 34.38 19.85 -77.55
N LEU NA 78 33.90 20.53 -78.59
CA LEU NA 78 33.15 19.86 -79.64
C LEU NA 78 34.05 18.90 -80.44
N GLU NA 79 35.29 19.27 -80.68
CA GLU NA 79 36.23 18.34 -81.32
C GLU NA 79 36.60 17.19 -80.40
N ASN NA 80 36.61 17.42 -79.08
CA ASN NA 80 36.80 16.31 -78.15
C ASN NA 80 35.65 15.31 -78.26
N VAL NA 81 34.42 15.79 -78.35
CA VAL NA 81 33.28 14.90 -78.56
C VAL NA 81 33.37 14.19 -79.91
N LEU NA 82 33.74 14.92 -80.96
CA LEU NA 82 33.78 14.33 -82.29
C LEU NA 82 34.88 13.30 -82.44
N SER NA 83 35.99 13.48 -81.73
CA SER NA 83 37.11 12.55 -81.81
C SER NA 83 37.12 11.50 -80.72
N SER NA 84 36.20 11.57 -79.75
CA SER NA 84 36.15 10.54 -78.72
C SER NA 84 35.55 9.25 -79.27
N LYS NA 85 34.28 9.29 -79.68
CA LYS NA 85 33.51 8.13 -80.16
C LYS NA 85 33.54 6.97 -79.16
N ALA NA 86 33.38 7.31 -77.88
CA ALA NA 86 33.38 6.32 -76.81
C ALA NA 86 31.99 5.76 -76.58
N LEU OA 1 -36.22 46.29 7.61
CA LEU OA 1 -37.39 45.52 7.20
C LEU OA 1 -37.13 44.03 7.44
N LEU OA 2 -35.84 43.66 7.51
CA LEU OA 2 -35.37 42.30 7.72
C LEU OA 2 -35.91 41.36 6.63
N LYS OA 3 -35.40 41.60 5.41
CA LYS OA 3 -35.78 40.82 4.24
C LYS OA 3 -35.47 39.34 4.47
N LYS OA 4 -36.46 38.49 4.15
CA LYS OA 4 -36.34 37.07 4.45
C LYS OA 4 -35.35 36.37 3.53
N THR OA 5 -35.43 36.65 2.23
CA THR OA 5 -34.55 36.00 1.27
C THR OA 5 -34.35 36.93 0.07
N THR OA 6 -33.19 36.80 -0.57
CA THR OA 6 -32.90 37.56 -1.78
C THR OA 6 -33.51 36.95 -3.03
N GLY OA 7 -34.03 35.73 -2.95
CA GLY OA 7 -34.60 35.06 -4.09
C GLY OA 7 -33.61 34.38 -4.99
N LEU OA 8 -32.32 34.51 -4.73
CA LEU OA 8 -31.27 33.91 -5.53
C LEU OA 8 -30.62 32.79 -4.73
N VAL OA 9 -30.48 31.62 -5.35
CA VAL OA 9 -29.95 30.46 -4.66
C VAL OA 9 -28.45 30.62 -4.43
N GLY OA 10 -28.03 30.43 -3.18
CA GLY OA 10 -26.64 30.54 -2.82
C GLY OA 10 -26.17 31.94 -2.48
N LEU OA 11 -27.03 32.95 -2.64
CA LEU OA 11 -26.68 34.33 -2.33
C LEU OA 11 -27.43 34.71 -1.05
N ALA OA 12 -26.69 34.77 0.05
CA ALA OA 12 -27.29 35.05 1.35
C ALA OA 12 -27.63 36.53 1.47
N VAL OA 13 -28.56 36.82 2.38
CA VAL OA 13 -29.01 38.18 2.64
C VAL OA 13 -28.07 38.85 3.63
N CYS OA 14 -27.65 40.08 3.31
CA CYS OA 14 -26.72 40.82 4.14
C CYS OA 14 -27.48 41.65 5.18
N GLU OA 15 -27.02 41.59 6.43
CA GLU OA 15 -27.70 42.31 7.50
C GLU OA 15 -27.49 43.81 7.38
N THR OA 16 -26.25 44.25 7.16
CA THR OA 16 -25.94 45.67 6.99
C THR OA 16 -25.29 45.94 5.63
N PRO OA 17 -26.03 46.50 4.68
CA PRO OA 17 -25.46 46.72 3.34
C PRO OA 17 -24.72 48.05 3.19
N HIS OA 18 -25.10 49.05 3.99
CA HIS OA 18 -24.54 50.39 3.82
C HIS OA 18 -23.06 50.43 4.18
N GLU OA 19 -22.70 49.91 5.35
CA GLU OA 19 -21.31 49.92 5.79
C GLU OA 19 -20.46 49.02 4.91
N ARG OA 20 -21.01 47.88 4.48
CA ARG OA 20 -20.30 46.98 3.59
C ARG OA 20 -20.01 47.64 2.24
N LEU OA 21 -21.01 48.32 1.67
CA LEU OA 21 -20.81 48.98 0.39
C LEU OA 21 -19.83 50.15 0.50
N LYS OA 22 -19.88 50.90 1.60
CA LYS OA 22 -18.93 51.99 1.82
C LYS OA 22 -17.50 51.45 1.95
N ILE OA 23 -17.34 50.34 2.68
CA ILE OA 23 -16.02 49.73 2.84
C ILE OA 23 -15.49 49.24 1.49
N LEU OA 24 -16.33 48.58 0.71
CA LEU OA 24 -15.91 48.09 -0.61
C LEU OA 24 -15.53 49.23 -1.55
N TYR OA 25 -16.31 50.32 -1.55
CA TYR OA 25 -16.03 51.43 -2.45
C TYR OA 25 -14.75 52.16 -2.03
N THR OA 26 -14.53 52.32 -0.72
CA THR OA 26 -13.30 52.94 -0.27
C THR OA 26 -12.08 52.07 -0.59
N LYS OA 27 -12.22 50.75 -0.45
CA LYS OA 27 -11.14 49.84 -0.83
C LYS OA 27 -10.86 49.92 -2.32
N ILE OA 28 -11.91 50.03 -3.13
CA ILE OA 28 -11.74 50.15 -4.58
C ILE OA 28 -10.98 51.43 -4.94
N LEU OA 29 -11.34 52.54 -4.30
CA LEU OA 29 -10.64 53.80 -4.56
C LEU OA 29 -9.18 53.74 -4.09
N ASP OA 30 -8.93 53.08 -2.96
CA ASP OA 30 -7.57 52.93 -2.45
C ASP OA 30 -6.73 52.10 -3.43
N VAL OA 31 -7.32 51.03 -3.98
CA VAL OA 31 -6.61 50.22 -4.96
C VAL OA 31 -6.35 51.01 -6.25
N LEU OA 32 -7.35 51.77 -6.70
CA LEU OA 32 -7.20 52.56 -7.92
C LEU OA 32 -6.23 53.71 -7.77
N GLY OA 33 -5.87 54.08 -6.54
CA GLY OA 33 -4.86 55.11 -6.34
C GLY OA 33 -3.48 54.74 -6.86
N HIS OA 34 -3.23 53.46 -7.16
CA HIS OA 34 -1.93 53.02 -7.67
C HIS OA 34 -1.83 53.08 -9.18
N ILE OA 35 -2.95 53.01 -9.89
CA ILE OA 35 -2.96 53.09 -11.35
C ILE OA 35 -2.54 54.50 -11.77
N PRO OA 36 -1.75 54.66 -12.83
CA PRO OA 36 -1.44 56.02 -13.33
C PRO OA 36 -2.70 56.76 -13.76
N LYS OA 37 -2.66 58.09 -13.60
CA LYS OA 37 -3.86 58.90 -13.79
C LYS OA 37 -4.27 58.96 -15.25
N ASN OA 38 -3.30 58.95 -16.17
CA ASN OA 38 -3.60 59.08 -17.59
C ASN OA 38 -4.25 57.83 -18.17
N ALA OA 39 -4.28 56.72 -17.44
CA ALA OA 39 -5.01 55.56 -17.90
C ALA OA 39 -6.51 55.84 -17.85
N ALA OA 40 -7.21 55.51 -18.93
CA ALA OA 40 -8.63 55.83 -19.02
C ALA OA 40 -9.46 54.93 -18.11
N TYR OA 41 -8.98 53.71 -17.85
CA TYR OA 41 -9.71 52.79 -16.98
C TYR OA 41 -9.86 53.35 -15.59
N ARG OA 42 -8.78 53.93 -15.04
CA ARG OA 42 -8.83 54.51 -13.70
C ARG OA 42 -9.83 55.64 -13.63
N LYS OA 43 -9.82 56.53 -14.63
CA LYS OA 43 -10.75 57.66 -14.65
C LYS OA 43 -12.20 57.18 -14.71
N TYR OA 44 -12.49 56.22 -15.60
CA TYR OA 44 -13.86 55.77 -15.78
C TYR OA 44 -14.40 55.05 -14.55
N THR OA 45 -13.65 54.08 -14.03
CA THR OA 45 -14.17 53.35 -12.88
C THR OA 45 -14.09 54.17 -11.60
N GLU OA 46 -13.18 55.15 -11.51
CA GLU OA 46 -13.20 56.09 -10.39
C GLU OA 46 -14.46 56.95 -10.43
N GLN OA 47 -14.86 57.39 -11.63
CA GLN OA 47 -16.07 58.19 -11.75
C GLN OA 47 -17.31 57.40 -11.35
N ILE OA 48 -17.43 56.17 -11.85
CA ILE OA 48 -18.64 55.40 -11.53
C ILE OA 48 -18.64 54.96 -10.06
N THR OA 49 -17.46 54.67 -9.49
CA THR OA 49 -17.40 54.30 -8.08
C THR OA 49 -17.71 55.49 -7.18
N ASN OA 50 -17.25 56.69 -7.56
CA ASN OA 50 -17.58 57.88 -6.80
C ASN OA 50 -19.07 58.19 -6.86
N GLU OA 51 -19.68 57.99 -8.03
CA GLU OA 51 -21.13 58.19 -8.15
C GLU OA 51 -21.90 57.21 -7.26
N LYS OA 52 -21.53 55.92 -7.32
CA LYS OA 52 -22.21 54.93 -6.50
C LYS OA 52 -21.97 55.15 -5.02
N LEU OA 53 -20.79 55.62 -4.64
CA LEU OA 53 -20.52 55.93 -3.23
C LEU OA 53 -21.34 57.13 -2.76
N SER OA 54 -21.52 58.13 -3.62
CA SER OA 54 -22.36 59.26 -3.26
C SER OA 54 -23.82 58.84 -3.07
N ILE OA 55 -24.33 57.99 -3.95
CA ILE OA 55 -25.69 57.48 -3.80
C ILE OA 55 -25.82 56.65 -2.52
N VAL OA 56 -24.86 55.78 -2.25
CA VAL OA 56 -24.97 54.93 -1.06
C VAL OA 56 -24.69 55.70 0.23
N LYS OA 57 -24.07 56.88 0.13
CA LYS OA 57 -23.82 57.70 1.30
C LYS OA 57 -24.96 58.66 1.62
N ALA OA 58 -25.67 59.13 0.60
CA ALA OA 58 -26.77 60.07 0.81
C ALA OA 58 -28.13 59.39 0.91
N GLU OA 59 -28.18 58.13 1.32
CA GLU OA 59 -29.43 57.36 1.31
C GLU OA 59 -29.54 56.53 2.58
N PRO OA 60 -30.52 56.78 3.44
CA PRO OA 60 -30.65 55.98 4.66
C PRO OA 60 -31.39 54.66 4.45
N ASP OA 61 -32.29 54.62 3.47
CA ASP OA 61 -33.15 53.46 3.28
C ASP OA 61 -32.42 52.39 2.46
N VAL OA 62 -33.10 51.25 2.26
CA VAL OA 62 -32.55 50.10 1.57
C VAL OA 62 -33.32 49.79 0.30
N LYS OA 63 -34.66 49.78 0.37
CA LYS OA 63 -35.46 49.37 -0.78
C LYS OA 63 -35.39 50.39 -1.91
N LYS OA 64 -35.58 51.66 -1.60
CA LYS OA 64 -35.48 52.66 -2.67
C LYS OA 64 -34.03 52.96 -3.02
N LEU OA 65 -33.08 52.67 -2.13
CA LEU OA 65 -31.67 52.66 -2.52
C LEU OA 65 -31.41 51.60 -3.59
N GLU OA 66 -31.99 50.42 -3.43
CA GLU OA 66 -31.90 49.39 -4.45
C GLU OA 66 -32.58 49.83 -5.74
N GLU OA 67 -33.74 50.47 -5.62
CA GLU OA 67 -34.49 50.85 -6.82
C GLU OA 67 -33.85 52.03 -7.56
N GLN OA 68 -33.01 52.81 -6.90
CA GLN OA 68 -32.33 53.91 -7.59
C GLN OA 68 -30.88 53.62 -7.93
N LEU OA 69 -30.28 52.58 -7.35
CA LEU OA 69 -28.96 52.14 -7.79
C LEU OA 69 -29.03 51.36 -9.09
N GLN OA 70 -30.20 50.84 -9.45
CA GLN OA 70 -30.45 50.10 -10.70
C GLN OA 70 -29.52 48.89 -10.83
N GLY OA 71 -29.33 48.17 -9.73
CA GLY OA 71 -28.50 46.99 -9.75
C GLY OA 71 -29.17 45.77 -9.15
N GLY OA 72 -30.49 45.71 -9.23
CA GLY OA 72 -31.21 44.61 -8.62
C GLY OA 72 -31.23 44.73 -7.11
N GLN OA 73 -31.01 43.60 -6.43
CA GLN OA 73 -30.91 43.60 -4.98
C GLN OA 73 -29.61 44.27 -4.53
N ILE OA 74 -29.53 44.59 -3.24
CA ILE OA 74 -28.31 45.19 -2.71
C ILE OA 74 -27.20 44.16 -2.56
N GLU OA 75 -27.56 42.87 -2.46
CA GLU OA 75 -26.54 41.83 -2.28
C GLU OA 75 -25.75 41.61 -3.56
N GLU OA 76 -26.42 41.65 -4.72
CA GLU OA 76 -25.68 41.54 -5.97
C GLU OA 76 -24.89 42.82 -6.26
N VAL OA 77 -25.32 43.96 -5.72
CA VAL OA 77 -24.51 45.17 -5.78
C VAL OA 77 -23.22 44.99 -4.98
N ILE OA 78 -23.32 44.40 -3.79
CA ILE OA 78 -22.13 44.11 -2.98
C ILE OA 78 -21.22 43.12 -3.70
N LEU OA 79 -21.81 42.10 -4.33
CA LEU OA 79 -21.05 41.13 -5.10
C LEU OA 79 -20.33 41.79 -6.27
N GLN OA 80 -20.99 42.72 -6.96
CA GLN OA 80 -20.36 43.42 -8.06
C GLN OA 80 -19.25 44.36 -7.58
N ALA OA 81 -19.42 44.94 -6.38
CA ALA OA 81 -18.35 45.75 -5.81
C ALA OA 81 -17.11 44.90 -5.51
N GLU OA 82 -17.31 43.70 -4.96
CA GLU OA 82 -16.18 42.80 -4.73
C GLU OA 82 -15.53 42.37 -6.04
N ASN OA 83 -16.35 42.10 -7.06
CA ASN OA 83 -15.82 41.75 -8.37
C ASN OA 83 -15.01 42.89 -8.98
N GLU OA 84 -15.47 44.12 -8.79
CA GLU OA 84 -14.73 45.28 -9.29
C GLU OA 84 -13.42 45.46 -8.54
N LEU OA 85 -13.40 45.17 -7.24
CA LEU OA 85 -12.15 45.22 -6.48
C LEU OA 85 -11.14 44.20 -6.99
N SER OA 86 -11.59 42.97 -7.21
CA SER OA 86 -10.71 41.93 -7.75
C SER OA 86 -10.23 42.28 -9.15
N LEU OA 87 -11.12 42.85 -9.97
CA LEU OA 87 -10.74 43.28 -11.31
C LEU OA 87 -9.72 44.39 -11.26
N ALA OA 88 -9.85 45.34 -10.32
CA ALA OA 88 -8.89 46.42 -10.21
C ALA OA 88 -7.51 45.91 -9.82
N ARG OA 89 -7.47 44.93 -8.91
CA ARG OA 89 -6.19 44.31 -8.57
C ARG OA 89 -5.57 43.60 -9.77
N LYS OA 90 -6.38 42.86 -10.54
CA LYS OA 90 -5.86 42.21 -11.73
C LYS OA 90 -5.43 43.21 -12.79
N MET OA 91 -6.12 44.36 -12.88
CA MET OA 91 -5.77 45.40 -13.83
C MET OA 91 -4.43 46.03 -13.47
N ILE OA 92 -4.19 46.19 -12.17
CA ILE OA 92 -2.88 46.63 -11.69
C ILE OA 92 -1.81 45.61 -12.10
N GLN OA 93 -2.13 44.32 -11.96
CA GLN OA 93 -1.16 43.28 -12.31
C GLN OA 93 -0.85 43.25 -13.81
N TRP OA 94 -1.87 43.46 -14.65
CA TRP OA 94 -1.70 43.26 -16.09
C TRP OA 94 -1.07 44.45 -16.78
N LYS OA 95 -1.41 45.67 -16.33
CA LYS OA 95 -1.06 46.95 -16.95
C LYS OA 95 -1.46 46.99 -18.43
N PRO OA 96 -2.75 47.11 -18.75
CA PRO OA 96 -3.17 47.19 -20.16
C PRO OA 96 -3.32 48.60 -20.70
N TRP OA 97 -2.85 49.63 -20.00
CA TRP OA 97 -2.87 50.98 -20.54
C TRP OA 97 -1.71 51.24 -21.50
N GLU OA 98 -0.79 50.30 -21.63
CA GLU OA 98 0.34 50.42 -22.52
C GLU OA 98 -0.12 50.34 -23.98
N PRO OA 99 0.70 50.83 -24.94
CA PRO OA 99 0.31 50.74 -26.36
C PRO OA 99 0.20 49.31 -26.89
N LEU OA 100 -0.25 49.19 -28.13
CA LEU OA 100 -0.53 47.89 -28.73
C LEU OA 100 0.75 47.09 -28.89
N VAL OA 101 0.67 45.79 -28.56
CA VAL OA 101 1.87 44.97 -28.52
C VAL OA 101 2.28 44.50 -29.91
N GLU OA 102 1.33 44.35 -30.85
CA GLU OA 102 1.63 43.83 -32.17
C GLU OA 102 0.56 44.25 -33.15
N GLU OA 103 0.99 44.71 -34.32
CA GLU OA 103 0.07 44.95 -35.40
C GLU OA 103 -0.39 43.62 -36.01
N PRO OA 104 -1.64 43.55 -36.46
CA PRO OA 104 -2.09 42.36 -37.18
C PRO OA 104 -1.52 42.34 -38.59
N PRO OA 105 -1.63 41.22 -39.31
CA PRO OA 105 -1.26 41.22 -40.74
C PRO OA 105 -2.12 42.14 -41.59
N ALA OA 106 -1.77 42.26 -42.88
CA ALA OA 106 -2.40 43.25 -43.73
C ALA OA 106 -3.88 42.97 -43.95
N SER OA 107 -4.24 41.71 -44.14
CA SER OA 107 -5.62 41.32 -44.41
C SER OA 107 -6.12 40.36 -43.33
N GLN OA 108 -5.83 40.67 -42.07
CA GLN OA 108 -6.25 39.78 -40.98
C GLN OA 108 -7.74 39.90 -40.71
N TRP OA 109 -8.28 41.11 -40.70
CA TRP OA 109 -9.68 41.35 -40.38
C TRP OA 109 -10.46 41.78 -41.61
N LYS OA 110 -10.16 41.20 -42.76
CA LYS OA 110 -10.84 41.51 -44.01
C LYS OA 110 -11.88 40.43 -44.30
N TRP OA 111 -13.14 40.83 -44.41
CA TRP OA 111 -14.21 39.91 -44.75
C TRP OA 111 -15.16 40.63 -45.73
N PRO OA 112 -15.51 39.99 -46.85
CA PRO OA 112 -15.07 38.66 -47.29
C PRO OA 112 -13.69 38.68 -47.95
N ILE OA 113 -13.07 37.51 -48.05
CA ILE OA 113 -11.74 37.39 -48.62
C ILE OA 113 -11.76 37.63 -50.12
N THR PA 1 10.72 35.79 -37.33
CA THR PA 1 10.76 34.35 -37.23
C THR PA 1 10.75 33.91 -35.77
N SER PA 2 10.40 34.82 -34.88
CA SER PA 2 10.26 34.52 -33.46
C SER PA 2 8.82 34.10 -33.19
N VAL PA 3 8.64 32.91 -32.60
CA VAL PA 3 7.33 32.32 -32.42
C VAL PA 3 7.15 31.93 -30.96
N LYS PA 4 5.90 31.79 -30.55
CA LYS PA 4 5.58 31.38 -29.19
C LYS PA 4 5.71 29.88 -29.06
N PRO PA 5 6.57 29.37 -28.17
CA PRO PA 5 6.70 27.92 -28.02
C PRO PA 5 5.51 27.32 -27.30
N ILE PA 6 5.34 26.02 -27.49
CA ILE PA 6 4.26 25.30 -26.83
C ILE PA 6 4.76 24.79 -25.48
N PHE PA 7 5.75 23.91 -25.50
CA PHE PA 7 6.37 23.46 -24.25
C PHE PA 7 7.88 23.57 -24.24
N SER PA 8 8.54 23.30 -25.38
CA SER PA 8 10.00 23.18 -25.42
C SER PA 8 10.61 24.39 -26.10
N ARG PA 9 11.68 24.93 -25.50
CA ARG PA 9 12.36 26.06 -26.09
C ARG PA 9 13.23 25.65 -27.27
N ASP PA 10 13.75 24.42 -27.27
CA ASP PA 10 14.64 23.95 -28.33
C ASP PA 10 14.32 22.49 -28.61
N MET PA 11 15.20 21.83 -29.36
CA MET PA 11 15.00 20.44 -29.73
C MET PA 11 15.34 19.46 -28.62
N ASN PA 12 16.14 19.88 -27.63
CA ASN PA 12 16.58 18.96 -26.59
C ASN PA 12 15.44 18.56 -25.67
N GLU PA 13 14.63 19.53 -25.23
CA GLU PA 13 13.49 19.22 -24.39
C GLU PA 13 12.43 18.44 -25.16
N ALA PA 14 12.27 18.73 -26.44
CA ALA PA 14 11.35 17.96 -27.28
C ALA PA 14 11.79 16.51 -27.40
N LYS PA 15 13.09 16.28 -27.60
CA LYS PA 15 13.61 14.91 -27.65
C LYS PA 15 13.47 14.21 -26.30
N ARG PA 16 13.62 14.96 -25.21
CA ARG PA 16 13.37 14.40 -23.88
C ARG PA 16 11.93 13.95 -23.73
N ARG PA 17 10.98 14.77 -24.19
CA ARG PA 17 9.57 14.39 -24.12
C ARG PA 17 9.26 13.19 -24.99
N VAL PA 18 9.90 13.12 -26.17
CA VAL PA 18 9.76 11.95 -27.05
C VAL PA 18 10.26 10.70 -26.33
N ARG PA 19 11.39 10.83 -25.63
CA ARG PA 19 11.93 9.69 -24.89
C ARG PA 19 10.99 9.23 -23.79
N GLU PA 20 10.40 10.18 -23.04
CA GLU PA 20 9.42 9.80 -22.01
C GLU PA 20 8.21 9.12 -22.61
N LEU PA 21 7.71 9.63 -23.74
CA LEU PA 21 6.53 9.02 -24.37
C LEU PA 21 6.83 7.61 -24.86
N TYR PA 22 8.00 7.40 -25.44
CA TYR PA 22 8.38 6.06 -25.90
C TYR PA 22 8.54 5.11 -24.72
N ARG PA 23 9.11 5.60 -23.60
CA ARG PA 23 9.24 4.78 -22.41
C ARG PA 23 7.87 4.34 -21.89
N ALA PA 24 6.92 5.28 -21.85
CA ALA PA 24 5.59 4.99 -21.35
C ALA PA 24 4.85 4.00 -22.26
N TRP PA 25 4.98 4.16 -23.58
CA TRP PA 25 4.34 3.23 -24.50
C TRP PA 25 4.96 1.83 -24.41
N TYR PA 26 6.29 1.76 -24.27
CA TYR PA 26 6.96 0.47 -24.14
C TYR PA 26 6.55 -0.23 -22.86
N ARG PA 27 6.35 0.52 -21.78
CA ARG PA 27 5.83 -0.08 -20.56
C ARG PA 27 4.37 -0.49 -20.71
N GLU PA 28 3.62 0.24 -21.53
CA GLU PA 28 2.17 0.01 -21.61
C GLU PA 28 1.85 -1.24 -22.43
N VAL PA 29 2.64 -1.51 -23.48
CA VAL PA 29 2.26 -2.52 -24.49
C VAL PA 29 1.88 -3.91 -23.93
N PRO PA 30 2.65 -4.52 -22.98
CA PRO PA 30 2.19 -5.81 -22.44
C PRO PA 30 0.84 -5.76 -21.74
N ASN PA 31 0.55 -4.65 -21.04
CA ASN PA 31 -0.75 -4.52 -20.38
C ASN PA 31 -1.86 -4.41 -21.40
N THR PA 32 -1.61 -3.72 -22.51
CA THR PA 32 -2.59 -3.65 -23.60
C THR PA 32 -2.85 -5.03 -24.20
N VAL PA 33 -1.79 -5.81 -24.40
CA VAL PA 33 -1.93 -7.14 -24.99
C VAL PA 33 -2.70 -8.07 -24.06
N HIS PA 34 -2.40 -8.03 -22.75
CA HIS PA 34 -3.08 -8.92 -21.83
C HIS PA 34 -4.52 -8.50 -21.56
N LEU PA 35 -4.77 -7.19 -21.42
CA LEU PA 35 -6.08 -6.73 -20.99
C LEU PA 35 -7.11 -6.84 -22.11
N PHE PA 36 -6.73 -6.50 -23.33
CA PHE PA 36 -7.68 -6.49 -24.44
C PHE PA 36 -7.88 -7.86 -25.07
N GLN PA 37 -7.14 -8.88 -24.62
CA GLN PA 37 -7.16 -10.23 -25.18
C GLN PA 37 -6.88 -10.22 -26.69
N LEU PA 38 -5.87 -9.45 -27.09
CA LEU PA 38 -5.47 -9.41 -28.48
C LEU PA 38 -4.76 -10.70 -28.89
N ASP PA 39 -4.79 -10.97 -30.19
CA ASP PA 39 -4.13 -12.15 -30.75
C ASP PA 39 -2.69 -11.88 -31.16
N ILE PA 40 -2.17 -10.70 -30.87
CA ILE PA 40 -0.80 -10.35 -31.22
C ILE PA 40 0.09 -10.60 -30.01
N SER PA 41 1.39 -10.62 -30.24
CA SER PA 41 2.37 -10.79 -29.18
C SER PA 41 2.88 -9.43 -28.73
N VAL PA 42 3.64 -9.44 -27.63
CA VAL PA 42 4.24 -8.22 -27.10
C VAL PA 42 5.28 -7.68 -28.08
N LYS PA 43 6.00 -8.58 -28.74
CA LYS PA 43 7.00 -8.17 -29.72
C LYS PA 43 6.36 -7.44 -30.89
N GLN PA 44 5.21 -7.92 -31.36
CA GLN PA 44 4.52 -7.27 -32.47
C GLN PA 44 4.04 -5.87 -32.09
N GLY PA 45 3.48 -5.71 -30.88
CA GLY PA 45 3.03 -4.41 -30.44
C GLY PA 45 4.16 -3.41 -30.24
N ARG PA 46 5.27 -3.88 -29.66
CA ARG PA 46 6.42 -2.99 -29.47
C ARG PA 46 7.06 -2.63 -30.81
N ASP PA 47 7.09 -3.57 -31.75
CA ASP PA 47 7.57 -3.26 -33.10
C ASP PA 47 6.65 -2.28 -33.79
N LYS PA 48 5.34 -2.36 -33.56
CA LYS PA 48 4.41 -1.38 -34.12
C LYS PA 48 4.66 0.00 -33.54
N VAL PA 49 4.89 0.08 -32.22
CA VAL PA 49 5.17 1.37 -31.59
C VAL PA 49 6.45 1.97 -32.16
N ARG PA 50 7.49 1.15 -32.29
CA ARG PA 50 8.73 1.61 -32.91
C ARG PA 50 8.53 2.00 -34.37
N GLU PA 51 7.61 1.32 -35.07
CA GLU PA 51 7.33 1.63 -36.46
C GLU PA 51 6.71 3.02 -36.59
N MET PA 52 5.72 3.34 -35.75
CA MET PA 52 5.15 4.68 -35.78
C MET PA 52 6.18 5.74 -35.39
N PHE PA 53 7.00 5.46 -34.37
CA PHE PA 53 8.00 6.42 -33.92
C PHE PA 53 9.05 6.70 -34.99
N LYS PA 54 9.49 5.67 -35.72
CA LYS PA 54 10.43 5.88 -36.81
C LYS PA 54 9.77 6.47 -38.05
N LYS PA 55 8.48 6.18 -38.26
CA LYS PA 55 7.75 6.78 -39.37
C LYS PA 55 7.63 8.27 -39.20
N ASN PA 56 7.47 8.73 -37.97
CA ASN PA 56 7.21 10.13 -37.69
C ASN PA 56 8.49 10.78 -37.15
N ALA PA 57 9.64 10.44 -37.75
CA ALA PA 57 10.94 10.83 -37.20
C ALA PA 57 11.76 11.70 -38.14
N HIS PA 58 11.11 12.47 -39.02
CA HIS PA 58 11.83 13.34 -39.94
C HIS PA 58 11.55 14.81 -39.70
N VAL PA 59 10.93 15.16 -38.58
CA VAL PA 59 10.57 16.55 -38.32
C VAL PA 59 11.72 17.25 -37.60
N THR PA 60 11.71 18.58 -37.67
CA THR PA 60 12.76 19.37 -37.03
C THR PA 60 12.23 20.64 -36.36
N ASP PA 61 10.91 20.83 -36.28
CA ASP PA 61 10.33 22.02 -35.69
C ASP PA 61 9.87 21.67 -34.28
N PRO PA 62 10.30 22.41 -33.25
CA PRO PA 62 9.93 22.05 -31.88
C PRO PA 62 8.44 22.06 -31.59
N ARG PA 63 7.68 22.97 -32.22
CA ARG PA 63 6.24 23.01 -31.98
C ARG PA 63 5.54 21.80 -32.57
N VAL PA 64 6.00 21.33 -33.74
CA VAL PA 64 5.37 20.19 -34.39
C VAL PA 64 5.58 18.92 -33.57
N VAL PA 65 6.81 18.68 -33.12
CA VAL PA 65 7.09 17.50 -32.31
C VAL PA 65 6.42 17.64 -30.94
N ASP PA 66 6.27 18.86 -30.43
CA ASP PA 66 5.52 19.06 -29.19
C ASP PA 66 4.07 18.64 -29.34
N LEU PA 67 3.43 19.05 -30.45
CA LEU PA 67 2.05 18.65 -30.71
C LEU PA 67 1.93 17.15 -30.96
N LEU PA 68 2.93 16.55 -31.60
CA LEU PA 68 2.94 15.11 -31.82
C LEU PA 68 3.04 14.35 -30.51
N VAL PA 69 3.88 14.82 -29.59
CA VAL PA 69 3.99 14.21 -28.28
C VAL PA 69 2.68 14.38 -27.50
N ILE PA 70 2.02 15.53 -27.67
CA ILE PA 70 0.73 15.76 -27.02
C ILE PA 70 -0.31 14.76 -27.52
N LYS PA 71 -0.39 14.57 -28.84
CA LYS PA 71 -1.36 13.64 -29.40
C LYS PA 71 -1.05 12.20 -29.03
N GLY PA 72 0.24 11.84 -28.98
CA GLY PA 72 0.63 10.53 -28.51
C GLY PA 72 0.25 10.30 -27.06
N LYS PA 73 0.37 11.34 -26.23
CA LYS PA 73 -0.07 11.25 -24.85
C LYS PA 73 -1.58 11.06 -24.76
N MET PA 74 -2.35 11.74 -25.62
CA MET PA 74 -3.80 11.54 -25.63
C MET PA 74 -4.16 10.12 -26.01
N GLU PA 75 -3.48 9.56 -27.01
CA GLU PA 75 -3.71 8.16 -27.37
C GLU PA 75 -3.31 7.22 -26.23
N LEU PA 76 -2.24 7.57 -25.52
CA LEU PA 76 -1.80 6.75 -24.39
C LEU PA 76 -2.81 6.76 -23.26
N GLU PA 77 -3.42 7.92 -22.97
CA GLU PA 77 -4.47 7.95 -21.96
C GLU PA 77 -5.74 7.26 -22.42
N GLU PA 78 -6.04 7.33 -23.72
CA GLU PA 78 -7.18 6.56 -24.24
C GLU PA 78 -6.94 5.07 -24.18
N THR PA 79 -5.68 4.63 -24.18
CA THR PA 79 -5.37 3.20 -24.03
C THR PA 79 -5.20 2.78 -22.57
N ILE PA 80 -4.76 3.69 -21.70
CA ILE PA 80 -4.57 3.39 -20.28
C ILE PA 80 -5.91 3.07 -19.63
N ASN PA 81 -6.88 3.94 -19.83
CA ASN PA 81 -8.25 3.65 -19.44
C ASN PA 81 -8.90 2.86 -20.56
N VAL PA 82 -9.93 2.08 -20.22
CA VAL PA 82 -10.60 1.23 -21.21
C VAL PA 82 -11.66 2.12 -21.86
N TRP PA 83 -11.22 2.93 -22.82
CA TRP PA 83 -12.08 3.69 -23.69
C TRP PA 83 -12.06 3.18 -25.12
N LYS PA 84 -10.87 2.82 -25.61
CA LYS PA 84 -10.77 2.08 -26.86
C LYS PA 84 -11.28 0.67 -26.68
N GLN PA 85 -11.86 0.11 -27.74
CA GLN PA 85 -12.24 -1.29 -27.76
C GLN PA 85 -11.10 -2.11 -28.37
N ARG PA 86 -11.36 -3.38 -28.67
CA ARG PA 86 -10.39 -4.19 -29.40
C ARG PA 86 -10.16 -3.63 -30.80
N THR PA 87 -11.23 -3.13 -31.43
CA THR PA 87 -11.14 -2.62 -32.78
C THR PA 87 -10.24 -1.38 -32.87
N HIS PA 88 -10.34 -0.49 -31.88
CA HIS PA 88 -9.54 0.73 -31.93
C HIS PA 88 -8.06 0.45 -31.70
N VAL PA 89 -7.74 -0.56 -30.89
CA VAL PA 89 -6.35 -0.98 -30.73
C VAL PA 89 -5.85 -1.63 -32.01
N MET PA 90 -6.70 -2.43 -32.66
CA MET PA 90 -6.27 -3.12 -33.86
C MET PA 90 -6.38 -2.28 -35.13
N ARG PA 91 -6.80 -1.01 -35.02
CA ARG PA 91 -6.74 -0.11 -36.18
C ARG PA 91 -5.32 0.06 -36.69
N PHE PA 92 -4.32 0.02 -35.81
CA PHE PA 92 -2.93 0.18 -36.25
C PHE PA 92 -2.46 -1.01 -37.06
N PHE PA 93 -3.03 -2.19 -36.84
CA PHE PA 93 -2.68 -3.39 -37.58
C PHE PA 93 -3.71 -3.58 -38.68
N HIS PA 94 -3.35 -3.20 -39.91
CA HIS PA 94 -4.26 -3.28 -41.04
C HIS PA 94 -4.22 -4.71 -41.59
N GLU PA 95 -5.11 -5.55 -41.08
CA GLU PA 95 -5.13 -6.95 -41.48
C GLU PA 95 -6.12 -7.24 -42.60
N THR PA 96 -7.23 -6.52 -42.66
CA THR PA 96 -8.28 -6.86 -43.61
C THR PA 96 -7.95 -6.43 -45.03
N GLU PA 97 -7.27 -5.30 -45.19
CA GLU PA 97 -7.03 -4.77 -46.53
C GLU PA 97 -5.90 -5.53 -47.23
N ALA PA 98 -6.05 -5.69 -48.55
CA ALA PA 98 -5.05 -6.34 -49.36
C ALA PA 98 -3.79 -5.48 -49.44
N PRO PA 99 -2.61 -6.09 -49.55
CA PRO PA 99 -1.38 -5.28 -49.62
C PRO PA 99 -1.24 -4.60 -50.98
N ARG PA 100 -1.03 -3.30 -50.95
CA ARG PA 100 -0.99 -2.50 -52.16
C ARG PA 100 0.27 -2.78 -52.96
N PRO PA 101 0.20 -2.66 -54.29
CA PRO PA 101 1.41 -2.83 -55.11
C PRO PA 101 2.41 -1.73 -54.86
N LYS PA 102 3.69 -2.07 -55.04
CA LYS PA 102 4.77 -1.12 -54.82
C LYS PA 102 5.57 -0.81 -56.07
N ASP PA 103 5.91 -1.82 -56.87
CA ASP PA 103 6.68 -1.60 -58.08
C ASP PA 103 5.82 -1.00 -59.17
N PHE PA 104 6.47 -0.62 -60.27
CA PHE PA 104 5.77 0.02 -61.38
C PHE PA 104 4.84 -0.96 -62.09
N LEU PA 105 5.28 -2.20 -62.27
CA LEU PA 105 4.58 -3.13 -63.15
C LEU PA 105 3.22 -3.54 -62.57
N SER PA 106 3.17 -3.84 -61.27
CA SER PA 106 1.91 -4.25 -60.68
C SER PA 106 0.89 -3.11 -60.64
N LYS PA 107 1.36 -1.89 -60.35
CA LYS PA 107 0.48 -0.73 -60.42
C LYS PA 107 0.01 -0.45 -61.84
N PHE PA 108 0.85 -0.74 -62.82
CA PHE PA 108 0.44 -0.64 -64.22
C PHE PA 108 -0.62 -1.68 -64.55
N TYR PA 109 -0.51 -2.87 -63.97
CA TYR PA 109 -1.46 -3.93 -64.26
C TYR PA 109 -2.81 -3.67 -63.61
N VAL PA 110 -2.83 -3.13 -62.39
CA VAL PA 110 -4.09 -3.09 -61.64
C VAL PA 110 -4.95 -1.88 -62.03
N GLY PA 111 -4.35 -0.77 -62.46
CA GLY PA 111 -5.13 0.40 -62.76
C GLY PA 111 -4.29 1.58 -63.17
N HIS PA 112 -4.90 2.77 -63.12
CA HIS PA 112 -4.26 3.99 -63.58
C HIS PA 112 -3.63 4.79 -62.45
N ASP PA 113 -3.61 4.26 -61.24
CA ASP PA 113 -3.10 5.01 -60.10
C ASP PA 113 -1.58 5.05 -60.13
N PRO PA 114 -0.96 6.24 -60.05
CA PRO PA 114 0.50 6.37 -60.05
C PRO PA 114 1.12 5.92 -58.73
N SER QA 4 -69.98 6.80 -24.55
CA SER QA 4 -70.88 5.65 -24.64
C SER QA 4 -71.01 4.94 -23.32
N ALA QA 5 -70.36 5.48 -22.29
CA ALA QA 5 -70.38 4.86 -20.97
C ALA QA 5 -71.74 5.05 -20.30
N THR QA 6 -72.06 4.13 -19.38
CA THR QA 6 -73.28 4.25 -18.61
C THR QA 6 -73.15 5.35 -17.57
N ARG QA 7 -74.30 5.76 -17.02
CA ARG QA 7 -74.28 6.85 -16.04
C ARG QA 7 -73.66 6.42 -14.73
N LEU QA 8 -73.77 5.13 -14.37
CA LEU QA 8 -73.10 4.63 -13.17
C LEU QA 8 -71.59 4.67 -13.32
N ILE QA 9 -71.08 4.24 -14.47
CA ILE QA 9 -69.65 4.29 -14.73
C ILE QA 9 -69.16 5.73 -14.83
N GLN QA 10 -69.98 6.61 -15.41
CA GLN QA 10 -69.65 8.03 -15.47
C GLN QA 10 -69.55 8.63 -14.06
N GLY QA 11 -70.49 8.28 -13.19
CA GLY QA 11 -70.43 8.76 -11.82
C GLY QA 11 -69.24 8.22 -11.06
N LEU QA 12 -68.90 6.95 -11.28
CA LEU QA 12 -67.72 6.37 -10.65
C LEU QA 12 -66.44 7.06 -11.12
N ARG QA 13 -66.34 7.33 -12.42
CA ARG QA 13 -65.17 8.04 -12.95
C ARG QA 13 -65.09 9.46 -12.41
N ASN QA 14 -66.22 10.15 -12.32
CA ASN QA 14 -66.23 11.51 -11.80
C ASN QA 14 -65.85 11.54 -10.32
N TRP QA 15 -66.29 10.54 -9.55
CA TRP QA 15 -65.94 10.50 -8.13
C TRP QA 15 -64.46 10.19 -7.94
N ALA QA 16 -63.96 9.17 -8.64
CA ALA QA 16 -62.57 8.76 -8.42
C ALA QA 16 -61.58 9.75 -9.00
N SER QA 17 -61.91 10.40 -10.12
CA SER QA 17 -61.02 11.38 -10.71
C SER QA 17 -61.03 12.69 -9.92
N GLY QA 18 -62.19 13.12 -9.46
CA GLY QA 18 -62.34 14.39 -8.80
C GLY QA 18 -62.88 15.51 -9.66
N ARG QA 19 -62.95 15.32 -10.97
CA ARG QA 19 -63.46 16.33 -11.88
C ARG QA 19 -64.78 15.85 -12.49
N ASP QA 20 -65.33 16.67 -13.36
CA ASP QA 20 -66.41 16.27 -14.25
C ASP QA 20 -65.78 15.98 -15.60
N LEU QA 21 -65.53 14.70 -15.87
CA LEU QA 21 -64.80 14.30 -17.07
C LEU QA 21 -65.65 14.36 -18.34
N GLN QA 22 -66.97 14.39 -18.21
CA GLN QA 22 -67.83 14.39 -19.39
C GLN QA 22 -67.82 15.73 -20.13
N ALA QA 23 -67.48 16.82 -19.44
CA ALA QA 23 -67.39 18.11 -20.13
C ALA QA 23 -66.15 18.19 -21.01
N LYS QA 24 -65.05 17.58 -20.57
CA LYS QA 24 -63.77 17.66 -21.27
C LYS QA 24 -63.31 16.23 -21.57
N LEU QA 25 -63.73 15.71 -22.73
CA LEU QA 25 -63.34 14.38 -23.17
C LEU QA 25 -62.16 14.48 -24.13
N GLN QA 26 -61.14 13.67 -23.89
CA GLN QA 26 -59.95 13.73 -24.73
C GLN QA 26 -60.19 13.11 -26.10
N LEU QA 27 -61.05 12.10 -26.19
CA LEU QA 27 -61.39 11.51 -27.48
C LEU QA 27 -62.22 12.48 -28.29
N ARG QA 28 -61.85 12.65 -29.56
CA ARG QA 28 -62.55 13.59 -30.43
C ARG QA 28 -63.85 12.97 -30.93
N TYR QA 29 -64.75 13.83 -31.38
CA TYR QA 29 -66.08 13.43 -31.80
C TYR QA 29 -66.52 14.37 -32.92
N GLN QA 30 -67.83 14.46 -33.14
CA GLN QA 30 -68.39 15.23 -34.24
C GLN QA 30 -68.13 16.74 -34.13
N GLU QA 31 -67.57 17.22 -33.03
CA GLU QA 31 -67.29 18.65 -32.88
C GLU QA 31 -66.12 19.12 -33.72
N ILE QA 32 -65.31 18.21 -34.26
CA ILE QA 32 -64.12 18.60 -35.02
C ILE QA 32 -64.52 19.06 -36.42
N SER QA 33 -63.59 19.69 -37.12
CA SER QA 33 -63.85 20.20 -38.46
C SER QA 33 -63.99 19.06 -39.46
N LYS QA 34 -64.67 19.36 -40.57
CA LYS QA 34 -64.84 18.38 -41.63
C LYS QA 34 -63.51 18.11 -42.33
N ARG QA 35 -63.33 16.86 -42.75
CA ARG QA 35 -62.10 16.48 -43.44
C ARG QA 35 -62.03 17.04 -44.85
N THR QA 36 -63.17 17.42 -45.42
CA THR QA 36 -63.20 18.13 -46.70
C THR QA 36 -63.68 19.55 -46.46
N GLN QA 37 -63.09 20.50 -47.17
CA GLN QA 37 -63.33 21.92 -46.93
C GLN QA 37 -63.65 22.61 -48.24
N PRO QA 38 -64.37 23.73 -48.19
CA PRO QA 38 -64.59 24.52 -49.41
C PRO QA 38 -63.28 25.09 -49.91
N PRO QA 39 -63.16 25.33 -51.21
CA PRO QA 39 -61.90 25.88 -51.75
C PRO QA 39 -61.64 27.28 -51.26
N PRO QA 40 -60.38 27.62 -50.95
CA PRO QA 40 -60.08 28.95 -50.45
C PRO QA 40 -59.71 29.91 -51.58
N LYS QA 41 -59.58 31.18 -51.20
CA LYS QA 41 -59.12 32.25 -52.10
C LYS QA 41 -58.09 33.04 -51.31
N LEU QA 42 -56.82 32.76 -51.54
CA LEU QA 42 -55.76 33.35 -50.75
C LEU QA 42 -55.51 34.80 -51.16
N PRO QA 43 -55.19 35.67 -50.21
CA PRO QA 43 -54.90 37.07 -50.55
C PRO QA 43 -53.50 37.23 -51.12
N VAL QA 44 -53.27 38.41 -51.68
CA VAL QA 44 -51.99 38.76 -52.26
C VAL QA 44 -51.27 39.74 -51.36
N GLY QA 45 -49.96 39.87 -51.57
CA GLY QA 45 -49.14 40.73 -50.75
C GLY QA 45 -49.25 42.19 -51.15
N PRO QA 46 -48.52 43.04 -50.42
CA PRO QA 46 -48.61 44.49 -50.68
C PRO QA 46 -47.87 44.92 -51.94
N SER QA 47 -46.97 44.10 -52.48
CA SER QA 47 -46.23 44.44 -53.68
C SER QA 47 -46.91 43.97 -54.95
N HIS QA 48 -48.13 43.42 -54.85
CA HIS QA 48 -48.90 43.03 -56.01
C HIS QA 48 -49.68 44.24 -56.53
N ARG QA 49 -48.94 45.15 -57.17
CA ARG QA 49 -49.49 46.39 -57.69
C ARG QA 49 -48.99 46.62 -59.10
N LEU QA 50 -49.73 47.45 -59.84
CA LEU QA 50 -49.36 47.77 -61.21
C LEU QA 50 -48.62 49.08 -61.35
N SER QA 51 -48.76 50.00 -60.40
CA SER QA 51 -48.11 51.30 -60.48
C SER QA 51 -47.46 51.62 -59.13
N ASN QA 52 -46.40 52.43 -59.20
CA ASN QA 52 -45.61 52.86 -58.04
C ASN QA 52 -45.10 51.63 -57.26
N ASN QA 53 -44.53 50.69 -58.01
CA ASN QA 53 -44.09 49.41 -57.48
C ASN QA 53 -42.70 49.06 -58.00
N TYR QA 54 -41.83 50.06 -58.07
CA TYR QA 54 -40.47 49.82 -58.55
C TYR QA 54 -39.67 49.06 -57.51
N TYR QA 55 -38.89 48.07 -57.96
CA TYR QA 55 -38.17 47.20 -57.05
C TYR QA 55 -36.99 47.90 -56.38
N CYS QA 56 -36.44 48.94 -57.00
CA CYS QA 56 -35.30 49.64 -56.41
C CYS QA 56 -35.69 50.40 -55.15
N ALA QA 57 -36.96 50.69 -54.94
CA ALA QA 57 -37.43 51.40 -53.76
C ALA QA 57 -37.89 50.46 -52.65
N ARG QA 58 -37.80 49.13 -52.85
CA ARG QA 58 -38.21 48.20 -51.81
C ARG QA 58 -37.26 47.00 -51.71
N ASP QA 59 -36.01 47.15 -52.15
CA ASP QA 59 -35.04 46.07 -52.13
C ASP QA 59 -34.32 46.06 -50.80
N GLY QA 60 -34.64 45.09 -49.94
CA GLY QA 60 -34.01 45.02 -48.63
C GLY QA 60 -32.58 44.54 -48.65
N ARG QA 61 -32.24 43.63 -49.57
CA ARG QA 61 -30.89 43.07 -49.60
C ARG QA 61 -29.86 44.10 -50.02
N ARG QA 62 -30.23 45.03 -50.90
CA ARG QA 62 -29.28 46.02 -51.41
C ARG QA 62 -29.11 47.21 -50.47
N GLU QA 63 -29.86 47.27 -49.38
CA GLU QA 63 -29.68 48.30 -48.36
C GLU QA 63 -28.74 47.87 -47.24
N ALA QA 64 -28.20 46.66 -47.30
CA ALA QA 64 -27.27 46.20 -46.28
C ALA QA 64 -25.89 46.75 -46.56
N MET QA 65 -25.36 47.50 -45.60
CA MET QA 65 -24.05 48.11 -45.67
C MET QA 65 -23.00 47.23 -45.02
N PRO QA 66 -21.72 47.41 -45.37
CA PRO QA 66 -20.67 46.74 -44.62
C PRO QA 66 -20.59 47.27 -43.20
N PRO QA 67 -20.08 46.47 -42.26
CA PRO QA 67 -20.03 46.92 -40.86
C PRO QA 67 -19.15 48.15 -40.68
N SER QA 68 -19.70 49.17 -40.02
CA SER QA 68 -18.97 50.41 -39.83
C SER QA 68 -17.89 50.22 -38.77
N ILE QA 69 -16.67 50.64 -39.11
CA ILE QA 69 -15.53 50.47 -38.22
C ILE QA 69 -15.51 51.64 -37.24
N VAL QA 70 -15.54 51.33 -35.95
CA VAL QA 70 -15.54 52.35 -34.91
C VAL QA 70 -14.11 52.78 -34.57
N MET QA 71 -13.23 51.80 -34.34
CA MET QA 71 -11.82 52.07 -34.13
C MET QA 71 -11.03 51.08 -34.98
N SER QA 72 -9.87 51.53 -35.48
CA SER QA 72 -9.01 50.68 -36.27
C SER QA 72 -7.57 51.07 -36.03
N SER QA 73 -6.66 50.11 -36.23
CA SER QA 73 -5.23 50.33 -36.10
C SER QA 73 -4.56 50.63 -37.44
N GLN QA 74 -5.36 50.78 -38.50
CA GLN QA 74 -4.89 51.04 -39.87
C GLN QA 74 -3.92 49.97 -40.36
N SER QA 91 -11.64 64.02 -23.43
CA SER QA 91 -11.70 64.89 -22.26
C SER QA 91 -12.40 64.20 -21.10
N GLU QA 92 -13.29 64.93 -20.43
CA GLU QA 92 -14.02 64.41 -19.28
C GLU QA 92 -15.36 63.78 -19.68
N LYS QA 93 -15.32 62.85 -20.62
CA LYS QA 93 -16.54 62.18 -21.06
C LYS QA 93 -17.01 61.19 -20.02
N LYS QA 94 -18.33 61.04 -19.93
CA LYS QA 94 -18.92 60.12 -18.97
C LYS QA 94 -18.71 58.68 -19.41
N ALA QA 95 -18.56 57.80 -18.43
CA ALA QA 95 -18.48 56.36 -18.71
C ALA QA 95 -19.84 55.87 -19.18
N VAL QA 96 -19.83 54.94 -20.13
CA VAL QA 96 -21.06 54.49 -20.76
C VAL QA 96 -21.30 53.00 -20.51
N SER QA 97 -22.41 52.50 -21.01
CA SER QA 97 -22.83 51.11 -20.89
C SER QA 97 -23.34 50.67 -22.25
N PRO QA 98 -23.37 49.35 -22.51
CA PRO QA 98 -23.95 48.88 -23.79
C PRO QA 98 -25.42 49.25 -23.96
N ALA QA 99 -26.15 49.39 -22.86
CA ALA QA 99 -27.55 49.76 -22.86
C ALA QA 99 -27.89 50.33 -21.50
N PRO QA 100 -29.02 51.04 -21.37
CA PRO QA 100 -29.50 51.37 -20.03
C PRO QA 100 -29.80 50.11 -19.25
N PRO QA 101 -29.65 50.15 -17.92
CA PRO QA 101 -29.86 48.94 -17.11
C PRO QA 101 -31.29 48.44 -17.20
N ILE QA 102 -31.43 47.12 -17.11
CA ILE QA 102 -32.71 46.48 -17.36
C ILE QA 102 -33.70 46.83 -16.24
N LYS QA 103 -34.99 46.80 -16.58
CA LYS QA 103 -36.02 47.14 -15.62
C LYS QA 103 -36.35 45.93 -14.76
N ARG QA 104 -36.63 46.17 -13.49
CA ARG QA 104 -37.00 45.09 -12.58
C ARG QA 104 -38.35 44.52 -12.98
N TRP QA 105 -38.44 43.19 -13.01
CA TRP QA 105 -39.69 42.54 -13.40
C TRP QA 105 -40.75 42.73 -12.32
N GLU QA 106 -41.97 43.00 -12.75
CA GLU QA 106 -43.08 43.17 -11.84
C GLU QA 106 -43.75 41.84 -11.57
N LEU QA 107 -44.22 41.67 -10.33
CA LEU QA 107 -44.94 40.46 -9.96
C LEU QA 107 -46.26 40.37 -10.69
N SER QA 108 -46.65 39.15 -11.04
CA SER QA 108 -47.87 38.93 -11.81
C SER QA 108 -49.11 39.22 -10.97
N GLN QA 109 -50.00 40.05 -11.50
CA GLN QA 109 -51.27 40.31 -10.83
C GLN QA 109 -52.29 39.21 -11.06
N ASP QA 110 -52.05 38.33 -12.05
CA ASP QA 110 -53.00 37.28 -12.35
C ASP QA 110 -52.95 36.17 -11.30
N GLU QA 111 -51.79 35.53 -11.15
CA GLU QA 111 -51.60 34.51 -10.12
C GLU QA 111 -50.15 34.57 -9.67
N PRO QA 112 -49.86 35.36 -8.63
CA PRO QA 112 -48.47 35.50 -8.18
C PRO QA 112 -47.95 34.30 -7.39
N TYR QA 113 -48.80 33.31 -7.12
CA TYR QA 113 -48.45 32.10 -6.36
C TYR QA 113 -47.92 32.43 -4.97
N LEU QA 114 -48.46 33.48 -4.35
CA LEU QA 114 -48.02 33.92 -3.04
C LEU QA 114 -49.19 34.03 -2.07
N MET RA 1 -82.55 -0.24 -14.55
CA MET RA 1 -81.17 -0.64 -14.79
C MET RA 1 -80.78 -0.44 -16.24
N GLU RA 2 -79.62 0.15 -16.46
CA GLU RA 2 -79.08 0.36 -17.79
C GLU RA 2 -78.12 -0.74 -18.22
N LEU RA 3 -77.81 -1.69 -17.34
CA LEU RA 3 -77.02 -2.85 -17.74
C LEU RA 3 -77.79 -3.74 -18.71
N LEU RA 4 -79.13 -3.75 -18.59
CA LEU RA 4 -79.96 -4.47 -19.54
C LEU RA 4 -79.82 -3.89 -20.94
N GLN RA 5 -79.68 -2.56 -21.05
CA GLN RA 5 -79.43 -1.94 -22.34
C GLN RA 5 -78.08 -2.36 -22.92
N VAL RA 6 -77.07 -2.50 -22.06
CA VAL RA 6 -75.75 -2.93 -22.53
C VAL RA 6 -75.79 -4.37 -23.01
N LEU RA 7 -76.48 -5.25 -22.27
CA LEU RA 7 -76.62 -6.63 -22.71
C LEU RA 7 -77.43 -6.74 -23.99
N LYS RA 8 -78.47 -5.90 -24.14
CA LYS RA 8 -79.22 -5.87 -25.38
C LYS RA 8 -78.36 -5.39 -26.54
N ARG RA 9 -77.51 -4.39 -26.30
CA ARG RA 9 -76.60 -3.91 -27.35
C ARG RA 9 -75.63 -5.01 -27.77
N GLY RA 10 -75.12 -5.77 -26.80
CA GLY RA 10 -74.28 -6.92 -27.13
C GLY RA 10 -75.02 -7.98 -27.93
N LEU RA 11 -76.29 -8.21 -27.60
CA LEU RA 11 -77.07 -9.20 -28.34
C LEU RA 11 -77.35 -8.77 -29.77
N GLN RA 12 -77.65 -7.48 -29.99
CA GLN RA 12 -77.79 -7.01 -31.38
C GLN RA 12 -76.45 -6.96 -32.09
N GLN RA 13 -75.34 -6.79 -31.38
CA GLN RA 13 -74.04 -6.93 -32.01
C GLN RA 13 -73.79 -8.36 -32.47
N VAL RA 14 -74.24 -9.33 -31.68
CA VAL RA 14 -74.14 -10.73 -32.09
C VAL RA 14 -75.03 -11.00 -33.30
N SER RA 15 -76.28 -10.53 -33.25
CA SER RA 15 -77.23 -10.81 -34.31
C SER RA 15 -76.99 -9.99 -35.57
N GLY RA 16 -76.21 -8.92 -35.50
CA GLY RA 16 -75.96 -8.09 -36.66
C GLY RA 16 -74.93 -8.62 -37.62
N HIS RA 17 -74.16 -9.64 -37.22
CA HIS RA 17 -73.15 -10.23 -38.07
C HIS RA 17 -73.64 -11.50 -38.76
N GLY RA 18 -74.95 -11.64 -38.93
CA GLY RA 18 -75.52 -12.82 -39.56
C GLY RA 18 -75.40 -14.08 -38.74
N GLY RA 19 -75.54 -13.98 -37.42
CA GLY RA 19 -75.54 -15.14 -36.56
C GLY RA 19 -74.23 -15.36 -35.85
N LEU RA 20 -74.21 -16.45 -35.07
CA LEU RA 20 -73.06 -16.77 -34.23
C LEU RA 20 -71.84 -17.11 -35.08
N ARG RA 21 -72.05 -17.78 -36.21
CA ARG RA 21 -70.92 -18.14 -37.08
C ARG RA 21 -70.25 -16.90 -37.65
N GLY RA 22 -71.03 -15.94 -38.14
CA GLY RA 22 -70.45 -14.70 -38.64
C GLY RA 22 -69.82 -13.87 -37.54
N TYR RA 23 -70.44 -13.88 -36.36
CA TYR RA 23 -69.87 -13.15 -35.22
C TYR RA 23 -68.52 -13.72 -34.82
N LEU RA 24 -68.40 -15.05 -34.76
CA LEU RA 24 -67.11 -15.67 -34.45
C LEU RA 24 -66.10 -15.47 -35.55
N ARG RA 25 -66.55 -15.46 -36.81
CA ARG RA 25 -65.66 -15.21 -37.93
C ARG RA 25 -65.04 -13.82 -37.84
N VAL RA 26 -65.87 -12.80 -37.61
CA VAL RA 26 -65.34 -11.45 -37.51
C VAL RA 26 -64.55 -11.26 -36.22
N LEU RA 27 -64.87 -12.03 -35.17
CA LEU RA 27 -64.11 -11.95 -33.92
C LEU RA 27 -62.71 -12.51 -34.09
N PHE RA 28 -62.58 -13.63 -34.81
CA PHE RA 28 -61.27 -14.25 -34.99
C PHE RA 28 -60.50 -13.67 -36.17
N ARG RA 29 -61.13 -12.91 -37.05
CA ARG RA 29 -60.42 -12.27 -38.14
C ARG RA 29 -60.02 -10.84 -37.84
N ALA RA 30 -60.92 -10.04 -37.25
CA ALA RA 30 -60.66 -8.62 -37.05
C ALA RA 30 -60.41 -8.25 -35.60
N ASN RA 31 -60.61 -9.17 -34.65
CA ASN RA 31 -60.50 -8.92 -33.20
C ASN RA 31 -61.41 -7.77 -32.76
N ASP RA 32 -62.58 -7.67 -33.39
CA ASP RA 32 -63.51 -6.58 -33.18
C ASP RA 32 -64.85 -6.98 -33.76
N VAL RA 33 -65.94 -6.67 -33.05
CA VAL RA 33 -67.24 -7.23 -33.40
C VAL RA 33 -68.33 -6.17 -33.50
N ARG RA 34 -67.97 -4.89 -33.51
CA ARG RA 34 -69.01 -3.87 -33.59
C ARG RA 34 -69.54 -3.77 -35.02
N VAL RA 35 -70.83 -3.50 -35.14
CA VAL RA 35 -71.50 -3.38 -36.42
C VAL RA 35 -71.53 -1.91 -36.82
N GLY RA 36 -71.61 -1.67 -38.13
CA GLY RA 36 -71.64 -0.31 -38.64
C GLY RA 36 -72.38 -0.27 -39.97
N THR RA 37 -72.59 0.96 -40.44
CA THR RA 37 -73.26 1.15 -41.72
C THR RA 37 -72.32 0.79 -42.87
N LEU RA 38 -72.76 -0.13 -43.73
CA LEU RA 38 -71.95 -0.57 -44.85
C LEU RA 38 -71.84 0.56 -45.87
N VAL RA 39 -70.68 1.20 -45.95
CA VAL RA 39 -70.46 2.22 -46.97
C VAL RA 39 -70.41 1.59 -48.35
N GLY RA 40 -69.66 0.49 -48.49
CA GLY RA 40 -69.64 -0.18 -49.78
C GLY RA 40 -68.62 -1.29 -49.83
N GLU RA 41 -68.28 -1.69 -51.06
CA GLU RA 41 -67.27 -2.71 -51.29
C GLU RA 41 -66.69 -2.53 -52.68
N ASP RA 42 -65.44 -2.92 -52.84
CA ASP RA 42 -64.72 -2.76 -54.09
C ASP RA 42 -64.77 -4.07 -54.89
N LYS RA 43 -64.03 -4.12 -56.00
CA LYS RA 43 -64.01 -5.29 -56.85
C LYS RA 43 -63.24 -6.45 -56.26
N TYR RA 44 -62.39 -6.19 -55.26
CA TYR RA 44 -61.59 -7.26 -54.67
C TYR RA 44 -62.29 -7.95 -53.50
N GLY RA 45 -63.35 -7.35 -52.95
CA GLY RA 45 -64.10 -7.96 -51.89
C GLY RA 45 -63.97 -7.31 -50.53
N ASN RA 46 -63.17 -6.25 -50.41
CA ASN RA 46 -63.04 -5.56 -49.13
C ASN RA 46 -64.30 -4.76 -48.84
N LYS RA 47 -64.86 -4.93 -47.66
CA LYS RA 47 -66.09 -4.24 -47.28
C LYS RA 47 -65.77 -3.08 -46.35
N TYR RA 48 -66.23 -1.89 -46.71
CA TYR RA 48 -65.92 -0.66 -45.99
C TYR RA 48 -67.16 -0.21 -45.24
N TYR RA 49 -67.00 -0.03 -43.92
CA TYR RA 49 -68.07 0.30 -42.99
C TYR RA 49 -67.78 1.61 -42.28
N GLU RA 50 -68.86 2.27 -41.84
CA GLU RA 50 -68.79 3.52 -41.09
C GLU RA 50 -69.69 3.45 -39.87
N ASP RA 51 -69.29 4.15 -38.82
CA ASP RA 51 -70.11 4.27 -37.61
C ASP RA 51 -69.76 5.60 -36.96
N ASN RA 52 -70.61 6.61 -37.16
CA ASN RA 52 -70.31 7.96 -36.69
C ASN RA 52 -70.43 8.11 -35.17
N LYS RA 53 -71.02 7.14 -34.48
CA LYS RA 53 -71.12 7.22 -33.02
C LYS RA 53 -69.79 7.01 -32.32
N GLN RA 54 -68.85 6.31 -32.95
CA GLN RA 54 -67.55 6.07 -32.36
C GLN RA 54 -66.70 7.35 -32.43
N PHE RA 55 -65.58 7.34 -31.72
CA PHE RA 55 -64.72 8.51 -31.70
C PHE RA 55 -63.83 8.52 -32.95
N PHE RA 56 -63.05 9.58 -33.09
CA PHE RA 56 -62.29 9.80 -34.32
C PHE RA 56 -61.15 8.80 -34.44
N GLY RA 57 -61.18 8.01 -35.51
CA GLY RA 57 -60.21 6.96 -35.72
C GLY RA 57 -60.88 5.60 -35.85
N ARG RA 58 -61.90 5.37 -35.04
CA ARG RA 58 -62.68 4.13 -35.09
C ARG RA 58 -63.97 4.27 -35.87
N HIS RA 59 -64.26 5.46 -36.39
CA HIS RA 59 -65.53 5.69 -37.06
C HIS RA 59 -65.59 5.15 -38.48
N ARG RA 60 -64.46 4.75 -39.04
CA ARG RA 60 -64.42 4.13 -40.37
C ARG RA 60 -63.49 2.92 -40.31
N TRP RA 61 -63.92 1.81 -40.90
CA TRP RA 61 -63.06 0.63 -40.92
C TRP RA 61 -63.35 -0.22 -42.14
N VAL RA 62 -62.51 -1.24 -42.31
CA VAL RA 62 -62.55 -2.13 -43.47
C VAL RA 62 -62.41 -3.56 -42.98
N ILE RA 63 -63.24 -4.45 -43.52
CA ILE RA 63 -63.06 -5.89 -43.37
C ILE RA 63 -62.49 -6.41 -44.69
N TYR RA 64 -61.27 -6.92 -44.63
CA TYR RA 64 -60.56 -7.34 -45.84
C TYR RA 64 -61.18 -8.59 -46.43
N THR RA 65 -60.94 -8.78 -47.72
CA THR RA 65 -61.45 -9.95 -48.42
C THR RA 65 -60.65 -11.19 -48.04
N THR RA 66 -61.23 -12.35 -48.36
CA THR RA 66 -60.59 -13.62 -48.05
C THR RA 66 -59.64 -14.09 -49.15
N GLU RA 67 -59.83 -13.60 -50.38
CA GLU RA 67 -58.97 -13.96 -51.50
C GLU RA 67 -58.76 -12.74 -52.36
N MET RA 68 -57.50 -12.36 -52.55
CA MET RA 68 -57.15 -11.20 -53.36
C MET RA 68 -55.96 -11.55 -54.24
N ASN RA 69 -56.16 -11.45 -55.56
CA ASN RA 69 -55.14 -11.75 -56.57
C ASN RA 69 -54.58 -13.16 -56.42
N GLY RA 70 -55.46 -14.12 -56.11
CA GLY RA 70 -55.07 -15.50 -56.00
C GLY RA 70 -54.36 -15.88 -54.72
N LYS RA 71 -54.26 -14.97 -53.76
CA LYS RA 71 -53.58 -15.23 -52.49
C LYS RA 71 -54.62 -15.34 -51.39
N ASN RA 72 -54.57 -16.44 -50.64
CA ASN RA 72 -55.52 -16.68 -49.56
C ASN RA 72 -55.21 -15.75 -48.39
N THR RA 73 -56.03 -14.72 -48.22
CA THR RA 73 -55.83 -13.71 -47.19
C THR RA 73 -56.88 -13.81 -46.09
N PHE RA 74 -57.26 -15.04 -45.72
CA PHE RA 74 -58.19 -15.24 -44.61
C PHE RA 74 -57.57 -14.81 -43.29
N TRP RA 75 -56.32 -15.22 -43.06
CA TRP RA 75 -55.58 -14.81 -41.87
C TRP RA 75 -54.50 -13.78 -42.18
N ASP RA 76 -53.98 -13.75 -43.40
CA ASP RA 76 -52.87 -12.87 -43.75
C ASP RA 76 -53.40 -11.57 -44.36
N VAL RA 77 -54.11 -10.81 -43.51
CA VAL RA 77 -54.58 -9.50 -43.92
C VAL RA 77 -53.40 -8.54 -44.02
N ASP RA 78 -53.47 -7.62 -44.98
CA ASP RA 78 -52.39 -6.70 -45.26
C ASP RA 78 -52.92 -5.29 -45.33
N GLY RA 79 -52.11 -4.34 -44.87
CA GLY RA 79 -52.49 -2.94 -44.92
C GLY RA 79 -52.42 -2.31 -46.29
N SER RA 80 -51.76 -2.96 -47.24
CA SER RA 80 -51.60 -2.44 -48.59
C SER RA 80 -52.62 -3.01 -49.56
N MET RA 81 -53.58 -3.80 -49.08
CA MET RA 81 -54.61 -4.38 -49.94
C MET RA 81 -55.70 -3.39 -50.31
N VAL RA 82 -55.72 -2.21 -49.71
CA VAL RA 82 -56.76 -1.22 -49.98
C VAL RA 82 -56.43 -0.49 -51.27
N PRO RA 83 -57.35 -0.44 -52.23
CA PRO RA 83 -57.14 0.35 -53.45
C PRO RA 83 -57.08 1.84 -53.14
N PRO RA 84 -56.42 2.64 -53.99
CA PRO RA 84 -56.24 4.07 -53.69
C PRO RA 84 -57.54 4.86 -53.54
N GLU RA 85 -58.56 4.53 -54.33
CA GLU RA 85 -59.83 5.27 -54.27
C GLU RA 85 -60.52 5.08 -52.93
N TRP RA 86 -60.34 3.92 -52.29
CA TRP RA 86 -60.79 3.72 -50.92
C TRP RA 86 -59.72 4.08 -49.90
N HIS RA 87 -58.46 4.14 -50.32
CA HIS RA 87 -57.39 4.57 -49.43
C HIS RA 87 -57.53 6.04 -49.07
N ARG RA 88 -58.10 6.84 -49.97
CA ARG RA 88 -58.35 8.24 -49.62
C ARG RA 88 -59.46 8.38 -48.59
N TRP RA 89 -60.52 7.58 -48.70
CA TRP RA 89 -61.62 7.67 -47.77
C TRP RA 89 -61.28 7.06 -46.41
N LEU RA 90 -60.55 5.94 -46.41
CA LEU RA 90 -60.29 5.22 -45.17
C LEU RA 90 -59.34 5.98 -44.25
N HIS RA 91 -58.39 6.71 -44.80
CA HIS RA 91 -57.42 7.45 -44.02
C HIS RA 91 -57.88 8.85 -43.67
N CYS RA 92 -59.17 9.13 -43.84
CA CYS RA 92 -59.80 10.41 -43.49
C CYS RA 92 -59.15 11.58 -44.22
N MET RA 93 -58.88 11.40 -45.51
CA MET RA 93 -58.48 12.52 -46.35
C MET RA 93 -59.67 13.26 -46.94
N THR RA 94 -60.86 12.68 -46.86
CA THR RA 94 -62.08 13.29 -47.39
C THR RA 94 -63.26 12.63 -46.70
N ASP RA 95 -64.43 13.25 -46.87
CA ASP RA 95 -65.66 12.66 -46.36
C ASP RA 95 -66.37 11.80 -47.38
N ASP RA 96 -66.21 12.10 -48.67
CA ASP RA 96 -66.98 11.44 -49.70
C ASP RA 96 -66.34 10.11 -50.09
N PRO RA 97 -67.05 9.00 -49.99
CA PRO RA 97 -66.52 7.73 -50.48
C PRO RA 97 -66.49 7.70 -52.00
N PRO RA 98 -65.68 6.83 -52.60
CA PRO RA 98 -65.65 6.76 -54.07
C PRO RA 98 -66.96 6.30 -54.71
N THR RA 99 -67.87 5.68 -53.95
CA THR RA 99 -69.19 5.42 -54.48
C THR RA 99 -69.97 6.70 -54.72
N VAL RA 100 -69.74 7.72 -53.90
CA VAL RA 100 -70.41 9.00 -54.08
C VAL RA 100 -69.68 9.84 -55.12
N LYS RA 101 -68.37 10.00 -54.96
CA LYS RA 101 -67.53 10.78 -55.88
C LYS RA 101 -66.49 9.85 -56.49
N PRO RA 102 -66.77 9.30 -57.68
CA PRO RA 102 -65.80 8.40 -58.31
C PRO RA 102 -64.58 9.15 -58.78
N PRO RA 103 -63.42 8.50 -58.84
CA PRO RA 103 -62.22 9.17 -59.36
C PRO RA 103 -62.30 9.32 -60.87
N THR RA 104 -61.45 10.21 -61.38
CA THR RA 104 -61.42 10.46 -62.81
C THR RA 104 -60.83 9.28 -63.56
N ALA RA 105 -61.51 8.83 -64.60
CA ALA RA 105 -61.09 7.67 -65.36
C ALA RA 105 -59.97 8.04 -66.32
N ARG RA 106 -58.91 7.23 -66.33
CA ARG RA 106 -57.77 7.42 -67.21
C ARG RA 106 -57.42 6.09 -67.87
N LYS RA 107 -56.81 6.17 -69.05
CA LYS RA 107 -56.49 4.96 -69.81
C LYS RA 107 -55.27 4.24 -69.27
N PHE RA 108 -54.44 4.90 -68.47
CA PHE RA 108 -53.21 4.29 -67.96
C PHE RA 108 -53.28 3.92 -66.48
N ILE RA 109 -54.35 4.29 -65.79
CA ILE RA 109 -54.50 3.93 -64.38
C ILE RA 109 -54.74 2.44 -64.27
N TRP RA 110 -54.03 1.79 -63.34
CA TRP RA 110 -54.13 0.34 -63.16
C TRP RA 110 -55.55 -0.09 -62.82
N THR RA 111 -56.04 -1.08 -63.57
CA THR RA 111 -57.35 -1.65 -63.26
C THR RA 111 -57.28 -2.72 -62.18
N ASN RA 112 -56.09 -3.18 -61.82
CA ASN RA 112 -55.90 -4.24 -60.84
C ASN RA 112 -54.85 -3.78 -59.84
N HIS RA 113 -55.29 -3.32 -58.67
CA HIS RA 113 -54.37 -2.91 -57.62
C HIS RA 113 -53.66 -4.13 -57.04
N LYS RA 114 -52.37 -3.98 -56.75
CA LYS RA 114 -51.57 -5.04 -56.18
C LYS RA 114 -51.01 -4.60 -54.83
N PHE RA 115 -50.92 -5.54 -53.89
CA PHE RA 115 -50.39 -5.26 -52.56
C PHE RA 115 -48.87 -5.24 -52.61
N ASN RA 116 -48.22 -5.25 -51.45
CA ASN RA 116 -46.77 -5.26 -51.40
C ASN RA 116 -46.23 -6.62 -51.83
N LEU RA 117 -45.26 -6.61 -52.75
CA LEU RA 117 -44.72 -7.84 -53.32
C LEU RA 117 -43.34 -8.19 -52.77
N SER RA 118 -42.98 -7.65 -51.60
CA SER RA 118 -41.66 -7.93 -51.04
C SER RA 118 -41.58 -9.38 -50.56
N GLY RA 119 -40.48 -10.05 -50.91
CA GLY RA 119 -40.28 -11.44 -50.57
C GLY RA 119 -40.85 -12.43 -51.55
N THR RA 120 -41.56 -11.97 -52.57
CA THR RA 120 -42.19 -12.79 -53.58
C THR RA 120 -41.35 -12.80 -54.86
N PRO RA 121 -41.56 -13.75 -55.77
CA PRO RA 121 -40.90 -13.68 -57.07
C PRO RA 121 -41.30 -12.47 -57.91
N GLN RA 122 -42.41 -11.82 -57.61
CA GLN RA 122 -42.87 -10.65 -58.35
C GLN RA 122 -42.36 -9.34 -57.75
N GLN RA 123 -41.23 -9.37 -57.06
CA GLN RA 123 -40.70 -8.16 -56.44
C GLN RA 123 -39.99 -7.29 -57.47
N TYR RA 124 -39.45 -6.17 -57.02
CA TYR RA 124 -38.79 -5.20 -57.88
C TYR RA 124 -37.28 -5.33 -57.73
N VAL RA 125 -36.59 -5.43 -58.87
CA VAL RA 125 -35.14 -5.55 -58.91
C VAL RA 125 -34.59 -4.31 -59.60
N PRO RA 126 -33.70 -3.54 -58.97
CA PRO RA 126 -33.18 -2.34 -59.63
C PRO RA 126 -32.20 -2.67 -60.74
N TYR RA 127 -32.16 -1.78 -61.73
CA TYR RA 127 -31.21 -1.90 -62.82
C TYR RA 127 -31.03 -0.53 -63.46
N SER RA 128 -29.97 -0.40 -64.25
CA SER RA 128 -29.70 0.84 -64.96
C SER RA 128 -30.55 0.92 -66.22
N THR RA 129 -31.25 2.04 -66.39
CA THR RA 129 -32.11 2.23 -67.56
C THR RA 129 -31.37 2.88 -68.73
N THR RA 130 -30.13 3.29 -68.55
CA THR RA 130 -29.36 3.87 -69.63
C THR RA 130 -28.79 2.78 -70.53
N ARG RA 131 -28.31 3.19 -71.70
CA ARG RA 131 -27.71 2.29 -72.66
C ARG RA 131 -26.19 2.30 -72.48
N LYS RA 132 -25.49 1.65 -73.40
CA LYS RA 132 -24.03 1.61 -73.36
C LYS RA 132 -23.46 2.99 -73.67
N LYS RA 133 -22.35 3.33 -73.02
CA LYS RA 133 -21.73 4.64 -73.19
C LYS RA 133 -20.63 4.62 -74.25
N ILE RA 134 -19.61 3.79 -74.05
CA ILE RA 134 -18.45 3.73 -74.92
C ILE RA 134 -18.56 2.51 -75.81
N GLN RA 135 -18.54 2.72 -77.12
CA GLN RA 135 -18.57 1.62 -78.07
C GLN RA 135 -17.17 1.07 -78.28
N GLU RA 136 -17.07 -0.25 -78.35
CA GLU RA 136 -15.79 -0.93 -78.51
C GLU RA 136 -15.55 -1.28 -79.97
N TRP RA 137 -14.28 -1.24 -80.37
CA TRP RA 137 -13.90 -1.54 -81.74
C TRP RA 137 -13.99 -3.03 -81.99
N VAL RA 138 -14.64 -3.41 -83.08
CA VAL RA 138 -14.77 -4.81 -83.49
C VAL RA 138 -13.65 -5.11 -84.49
N PRO RA 139 -12.74 -6.05 -84.20
CA PRO RA 139 -11.69 -6.35 -85.15
C PRO RA 139 -12.24 -7.05 -86.38
N PRO RA 140 -11.58 -6.91 -87.53
CA PRO RA 140 -12.07 -7.60 -88.74
C PRO RA 140 -11.96 -9.10 -88.63
N SER RA 141 -12.88 -9.80 -89.30
CA SER RA 141 -12.97 -11.24 -89.25
C SER RA 141 -12.08 -11.93 -90.26
N THR RA 142 -11.33 -11.19 -91.07
CA THR RA 142 -10.46 -11.78 -92.06
C THR RA 142 -9.00 -11.59 -91.67
N PRO RA 143 -8.16 -12.59 -91.87
CA PRO RA 143 -6.73 -12.44 -91.56
C PRO RA 143 -6.05 -11.48 -92.52
N TYR RA 144 -4.92 -10.94 -92.07
CA TYR RA 144 -4.13 -10.03 -92.89
C TYR RA 144 -3.39 -10.73 -94.02
N LYS RA 145 -3.37 -12.06 -94.02
CA LYS RA 145 -2.69 -12.83 -95.07
C LYS RA 145 -3.38 -12.65 -96.42
N PRO SA 74 24.16 -6.21 -6.23
CA PRO SA 74 24.50 -4.90 -5.66
C PRO SA 74 25.61 -4.98 -4.62
N LEU SA 75 26.27 -6.14 -4.55
CA LEU SA 75 27.30 -6.37 -3.54
C LEU SA 75 28.68 -5.98 -4.04
N THR SA 76 29.13 -6.61 -5.12
CA THR SA 76 30.45 -6.37 -5.69
C THR SA 76 30.32 -5.74 -7.06
N LEU SA 77 31.40 -5.08 -7.50
CA LEU SA 77 31.39 -4.44 -8.80
C LEU SA 77 31.42 -5.46 -9.94
N GLU SA 78 32.11 -6.59 -9.74
CA GLU SA 78 32.08 -7.64 -10.75
C GLU SA 78 30.71 -8.30 -10.84
N GLY SA 79 29.97 -8.35 -9.73
CA GLY SA 79 28.60 -8.85 -9.77
C GLY SA 79 27.70 -7.96 -10.62
N ILE SA 80 27.79 -6.65 -10.41
CA ILE SA 80 27.01 -5.71 -11.21
C ILE SA 80 27.46 -5.76 -12.66
N LYS SA 81 28.77 -5.97 -12.89
CA LYS SA 81 29.30 -6.07 -14.25
C LYS SA 81 28.72 -7.27 -14.98
N ASP SA 82 28.68 -8.43 -14.32
CA ASP SA 82 28.17 -9.60 -15.02
C ASP SA 82 26.65 -9.57 -15.14
N ARG SA 83 25.95 -8.90 -14.22
CA ARG SA 83 24.52 -8.69 -14.41
C ARG SA 83 24.23 -7.79 -15.60
N VAL SA 84 25.01 -6.71 -15.76
CA VAL SA 84 24.85 -5.80 -16.90
C VAL SA 84 25.16 -6.53 -18.20
N LEU SA 85 26.24 -7.30 -18.22
CA LEU SA 85 26.58 -8.09 -19.40
C LEU SA 85 25.50 -9.13 -19.70
N TYR SA 86 24.90 -9.70 -18.65
CA TYR SA 86 23.84 -10.68 -18.83
C TYR SA 86 22.61 -10.06 -19.49
N VAL SA 87 22.18 -8.90 -18.98
CA VAL SA 87 21.01 -8.23 -19.56
C VAL SA 87 21.32 -7.75 -20.98
N LEU SA 88 22.60 -7.43 -21.26
CA LEU SA 88 23.00 -7.20 -22.64
C LEU SA 88 22.88 -8.48 -23.48
N LYS SA 89 23.15 -9.64 -22.87
CA LYS SA 89 23.06 -10.89 -23.62
C LYS SA 89 21.62 -11.25 -23.98
N LEU SA 90 20.67 -11.02 -23.06
CA LEU SA 90 19.27 -11.27 -23.43
C LEU SA 90 18.73 -10.32 -24.49
N TYR SA 91 19.34 -9.15 -24.70
CA TYR SA 91 18.88 -8.26 -25.76
C TYR SA 91 19.17 -8.88 -27.12
N ASP SA 92 18.19 -8.79 -28.01
CA ASP SA 92 18.21 -9.58 -29.24
C ASP SA 92 18.87 -8.86 -30.41
N LYS SA 93 18.68 -7.55 -30.53
CA LYS SA 93 19.19 -6.84 -31.69
C LYS SA 93 20.69 -6.57 -31.62
N ILE SA 94 21.33 -6.85 -30.50
CA ILE SA 94 22.78 -6.72 -30.39
C ILE SA 94 23.42 -8.06 -30.72
N ASP SA 95 24.42 -8.03 -31.58
CA ASP SA 95 25.16 -9.26 -31.88
C ASP SA 95 26.02 -9.64 -30.68
N PRO SA 96 26.03 -10.91 -30.29
CA PRO SA 96 26.93 -11.36 -29.21
C PRO SA 96 28.41 -11.25 -29.57
N GLU SA 97 28.75 -11.15 -30.85
CA GLU SA 97 30.13 -11.22 -31.29
C GLU SA 97 30.92 -9.99 -30.85
N LYS SA 98 30.48 -8.81 -31.28
CA LYS SA 98 31.25 -7.58 -31.04
C LYS SA 98 30.99 -6.95 -29.67
N LEU SA 99 30.12 -7.54 -28.85
CA LEU SA 99 29.82 -6.96 -27.55
C LEU SA 99 30.96 -7.24 -26.58
N SER SA 100 31.44 -6.17 -25.94
CA SER SA 100 32.44 -6.27 -24.89
C SER SA 100 32.04 -5.32 -23.77
N VAL SA 101 32.95 -5.11 -22.82
CA VAL SA 101 32.68 -4.17 -21.74
C VAL SA 101 32.69 -2.73 -22.26
N ASN SA 102 33.64 -2.40 -23.10
CA ASN SA 102 33.84 -1.04 -23.60
C ASN SA 102 33.35 -0.89 -25.03
N SER SA 103 32.24 -1.55 -25.37
CA SER SA 103 31.66 -1.43 -26.70
C SER SA 103 30.62 -0.33 -26.72
N HIS SA 104 30.78 0.62 -27.63
CA HIS SA 104 29.87 1.75 -27.74
C HIS SA 104 28.56 1.33 -28.41
N PHE SA 105 27.46 1.92 -27.96
CA PHE SA 105 26.14 1.55 -28.47
C PHE SA 105 25.88 2.10 -29.86
N MET SA 106 26.21 3.37 -30.11
CA MET SA 106 25.90 3.98 -31.40
C MET SA 106 26.95 3.67 -32.46
N LYS SA 107 28.18 4.14 -32.25
CA LYS SA 107 29.18 4.14 -33.30
C LYS SA 107 29.93 2.81 -33.43
N ASP SA 108 29.77 1.90 -32.49
CA ASP SA 108 30.42 0.60 -32.55
C ASP SA 108 29.44 -0.55 -32.76
N LEU SA 109 28.40 -0.63 -31.95
CA LEU SA 109 27.44 -1.73 -32.03
C LEU SA 109 26.31 -1.46 -33.01
N GLY SA 110 26.13 -0.22 -33.46
CA GLY SA 110 25.14 0.11 -34.45
C GLY SA 110 23.71 0.03 -33.96
N LEU SA 111 23.36 0.88 -33.00
CA LEU SA 111 22.00 0.93 -32.45
C LEU SA 111 21.46 2.35 -32.58
N ASP SA 112 20.14 2.46 -32.52
CA ASP SA 112 19.47 3.75 -32.54
C ASP SA 112 19.31 4.28 -31.12
N SER SA 113 18.63 5.42 -30.98
CA SER SA 113 18.39 5.99 -29.67
C SER SA 113 17.39 5.16 -28.88
N LEU SA 114 16.32 4.70 -29.54
CA LEU SA 114 15.28 3.92 -28.87
C LEU SA 114 15.80 2.57 -28.41
N ASP SA 115 16.79 2.01 -29.11
CA ASP SA 115 17.45 0.80 -28.64
C ASP SA 115 18.16 1.04 -27.32
N GLN SA 116 18.85 2.18 -27.20
CA GLN SA 116 19.46 2.55 -25.92
C GLN SA 116 18.40 2.80 -24.85
N VAL SA 117 17.24 3.33 -25.25
CA VAL SA 117 16.15 3.57 -24.31
C VAL SA 117 15.66 2.25 -23.73
N GLU SA 118 15.40 1.26 -24.59
CA GLU SA 118 14.91 -0.01 -24.08
C GLU SA 118 15.99 -0.81 -23.36
N ILE SA 119 17.27 -0.58 -23.69
CA ILE SA 119 18.34 -1.11 -22.86
C ILE SA 119 18.29 -0.51 -21.46
N ILE SA 120 18.05 0.80 -21.37
CA ILE SA 120 17.99 1.48 -20.08
C ILE SA 120 16.82 0.97 -19.23
N MET SA 121 15.64 0.83 -19.84
CA MET SA 121 14.56 0.27 -19.04
C MET SA 121 14.67 -1.25 -18.84
N ALA SA 122 15.46 -1.96 -19.63
CA ALA SA 122 15.81 -3.32 -19.26
C ALA SA 122 16.65 -3.34 -17.99
N MET SA 123 17.59 -2.39 -17.87
CA MET SA 123 18.34 -2.22 -16.63
C MET SA 123 17.42 -1.86 -15.47
N GLU SA 124 16.44 -0.99 -15.73
CA GLU SA 124 15.48 -0.61 -14.70
C GLU SA 124 14.64 -1.80 -14.23
N ASP SA 125 14.24 -2.66 -15.17
CA ASP SA 125 13.44 -3.83 -14.84
C ASP SA 125 14.26 -4.84 -14.03
N GLU SA 126 15.48 -5.13 -14.47
CA GLU SA 126 16.26 -6.17 -13.81
C GLU SA 126 16.83 -5.69 -12.47
N PHE SA 127 17.36 -4.47 -12.39
CA PHE SA 127 17.90 -3.98 -11.13
C PHE SA 127 16.79 -3.54 -10.17
N GLY SA 128 15.63 -3.15 -10.68
CA GLY SA 128 14.52 -2.81 -9.83
C GLY SA 128 14.55 -1.41 -9.25
N PHE SA 129 15.31 -0.49 -9.85
CA PHE SA 129 15.32 0.90 -9.41
C PHE SA 129 15.19 1.82 -10.62
N GLU SA 130 14.60 2.98 -10.39
CA GLU SA 130 14.26 3.90 -11.48
C GLU SA 130 15.47 4.73 -11.88
N ILE SA 131 15.59 4.97 -13.18
CA ILE SA 131 16.65 5.79 -13.75
C ILE SA 131 15.99 6.95 -14.49
N PRO SA 132 16.27 8.20 -14.13
CA PRO SA 132 15.72 9.33 -14.90
C PRO SA 132 16.46 9.54 -16.20
N ASP SA 133 15.83 10.30 -17.09
CA ASP SA 133 16.31 10.38 -18.47
C ASP SA 133 17.60 11.20 -18.58
N ILE SA 134 17.71 12.28 -17.81
CA ILE SA 134 18.91 13.12 -17.90
C ILE SA 134 20.13 12.41 -17.34
N ASP SA 135 19.95 11.38 -16.50
CA ASP SA 135 21.06 10.51 -16.14
C ASP SA 135 21.31 9.46 -17.21
N ALA SA 136 20.26 8.96 -17.85
CA ALA SA 136 20.37 7.83 -18.77
C ALA SA 136 20.89 8.23 -20.14
N GLU SA 137 21.00 9.52 -20.44
CA GLU SA 137 21.55 9.94 -21.73
C GLU SA 137 23.07 9.88 -21.78
N LYS SA 138 23.73 9.75 -20.63
CA LYS SA 138 25.18 9.67 -20.58
C LYS SA 138 25.70 8.25 -20.53
N LEU SA 139 24.83 7.26 -20.34
CA LEU SA 139 25.23 5.85 -20.23
C LEU SA 139 25.21 5.27 -21.63
N MET SA 140 26.34 5.37 -22.34
CA MET SA 140 26.36 5.03 -23.74
C MET SA 140 27.13 3.76 -24.04
N CYS SA 141 27.75 3.16 -23.04
CA CYS SA 141 28.39 1.85 -23.16
C CYS SA 141 28.27 1.18 -21.80
N PRO SA 142 28.53 -0.13 -21.71
CA PRO SA 142 28.37 -0.81 -20.41
C PRO SA 142 29.25 -0.27 -19.28
N GLN SA 143 30.34 0.43 -19.59
CA GLN SA 143 31.22 0.94 -18.54
C GLN SA 143 30.55 2.03 -17.72
N GLU SA 144 29.95 3.04 -18.38
CA GLU SA 144 29.25 4.03 -17.57
C GLU SA 144 27.95 3.48 -16.99
N ILE SA 145 27.40 2.42 -17.57
CA ILE SA 145 26.23 1.77 -16.96
C ILE SA 145 26.62 1.14 -15.63
N VAL SA 146 27.70 0.36 -15.60
CA VAL SA 146 28.11 -0.27 -14.35
C VAL SA 146 28.62 0.78 -13.36
N ASP SA 147 29.26 1.85 -13.84
CA ASP SA 147 29.64 2.94 -12.96
C ASP SA 147 28.42 3.65 -12.37
N TYR SA 148 27.35 3.78 -13.15
CA TYR SA 148 26.14 4.45 -12.68
C TYR SA 148 25.43 3.61 -11.63
N ILE SA 149 25.37 2.29 -11.83
CA ILE SA 149 24.79 1.44 -10.79
C ILE SA 149 25.67 1.44 -9.55
N ALA SA 150 26.98 1.50 -9.72
CA ALA SA 150 27.88 1.57 -8.56
C ALA SA 150 27.71 2.87 -7.79
N ASP SA 151 27.42 3.97 -8.50
CA ASP SA 151 27.32 5.27 -7.85
C ASP SA 151 26.03 5.39 -7.03
N LYS SA 152 24.90 4.99 -7.61
CA LYS SA 152 23.62 5.20 -6.94
C LYS SA 152 23.37 4.20 -5.81
N LYS SA 153 24.14 3.13 -5.74
CA LYS SA 153 24.08 2.20 -4.63
C LYS SA 153 25.35 2.32 -3.80
N ASP SA 154 25.37 1.61 -2.67
CA ASP SA 154 26.54 1.68 -1.78
C ASP SA 154 27.71 0.90 -2.34
N VAL SA 155 27.50 -0.40 -2.58
CA VAL SA 155 28.50 -1.32 -3.16
C VAL SA 155 29.81 -1.34 -2.37
#